data_6U0M
#
_entry.id   6U0M
#
_cell.length_a   1.00
_cell.length_b   1.00
_cell.length_c   1.00
_cell.angle_alpha   90.00
_cell.angle_beta   90.00
_cell.angle_gamma   90.00
#
_symmetry.space_group_name_H-M   'P 1'
#
loop_
_entity.id
_entity.type
_entity.pdbx_description
1 polymer 'DNA replication complex GINS protein PSF1'
2 polymer 'DNA replication complex GINS protein PSF2'
3 polymer 'DNA replication complex GINS protein PSF3'
4 polymer 'DNA replication complex GINS protein SLD5'
5 polymer 'Cell division control protein 45'
6 polymer 'DNA replication licensing factor MCM2'
7 polymer 'DNA replication licensing factor MCM3'
8 polymer 'DNA replication licensing factor MCM4'
9 polymer 'Minichromosome maintenance protein 5'
10 polymer 'DNA replication licensing factor MCM6'
11 polymer 'DNA replication licensing factor MCM7'
12 polymer 'DNA (26-MER)'
13 polymer 'DNA (15-MER)'
14 non-polymer "ADENOSINE-5'-TRIPHOSPHATE"
#
loop_
_entity_poly.entity_id
_entity_poly.type
_entity_poly.pdbx_seq_one_letter_code
_entity_poly.pdbx_strand_id
1 'polypeptide(L)'
;MYGDLGNKLVLEAKRTKQLYARSNQDVNLPMYHEDIIRNILKEVSNLRKNTEYLKEQQQLGMLDDKVAKCQYFVTLLCME
RNKRCLLAYQRLRTDILDSMAWNNNGLDLMSSITFSQQDTNNLSHQEQEYLKEYCDLITDLKSGDLVDIDLSGSLVPPSD
VFIDVRVLKDAGEIQTEYGVFNLIKDSQFFVRQSDVERLIQQGYLQKI
;
A
2 'polypeptide(L)'
;LPAHLQQTFSPEEIQFIVENEPIKIFPRITTRQKIRGDDRGTGNHTRWQLITTDDKALNNMVAMRSTEVVLWIALLLKQQ
SKCSIVAPQWLTTKELDRKIQYEKTHPDRFSELPWNWLVLARILFNKAKDDFHDPIHELRGKIQDLREIRQIKVLKGLKY
LNESHLQLDNLSLLEINELRPFITEIMDKLREIHTASL
;
B
3 'polypeptide(L)'
;YYDIDDVLADGTEFPCKFQYDIPGLGYLENNPGRPITKNTKLSLPLWLARILAIVGGDEALVDEEPVPFVELLPPDMFST
KVMNAIKTDPVALDLHSINSHFFSLAIKWIMLFSEKELANVVSELLLQRAQELNHHASSLSIDLNADSTGKNSANTNIAT
STFLLKLEEMEKEIYKKSHESYKDTKRWMFK
;
C
4 'polypeptide(L)'
;INIDDILAELDKETTAVDSTKITQGSSSTTHRDANTIVGSSLDLNDKTQIYVSPQQDFSDLMKSWKNERCSPELLPYPHQ
LMKRLLNRISMQSQLIENISMGFLDMQNASNANPPMPNESKLPLLCMETELERLKFVIRSYIRCRLSKIDKFSLYLRQLN
EDENSLISLTDLLSKDEIKYHDTHSLIWLKLVNDSILKYMPEELQAINDTEGSVNMIDEPDWNKFVFIHVNGPPDGKWNE
DPLLQENEFGKPCYTVTIPDLKEEVELTIGSIYVMRYEVIRDLLRDDKVAL
;
D
5 'polypeptide(L)'
;ISQFSEAYNKILRNSSSHSSCQLVIFVSCLNIDALCATKMLSLLFKKQLVQSQIVPIFGYSELRRHYSQLDDNINSLLLV
GFGGVIDLEAFLEIDPQEYVIDTDEKSGEQSFRRDIYVLDAHRPWNLDNIFGSQIIQCFDDGTVDDTLGEQKEAYYKLLE
LDEESGDDELSGDENDNNGGDDEATDADEVTDEDEEDEDETISNKRGNSSIGPNDLSKRKQRKKQIHEYEGVLEEYYSQG
TTVVNSISAQIYSLLSAIGETNLSNLWLNILGTTSLDIAYAQVYNRLYPLLQDEVKRLTPSSRNSVKTPDTLTLNIQPDY
YLFLLRHSSLYDSFYYSNYVNAKLSLWNENGKKRLHKMFARMGIPLSTAQETWLYMDHSIKRELGIIFDKNLDRYGLQDI
IRDGFVRTLGYRGSISASEFVEALTALLEVGNSTDKDSVKINNDNNDDTDGEEEEDNSAQKLTNLRKRWVSNFWLSWDAL
DDRKVELLNRGIQLAQDLQRAIFNTGVAILEKKLIKHLRIYRLCVLQDGPDLDLYRNPLTLLRLGNWLIECCAESEDKQL
LPMVLASIDENTDTYLVAGLTPRYPRGLDTIHTKKPILNNFSMAFQQITAETDAKVRIDNFESSIIEIRREDLSPFLEKL
TLSGLL
;
E
6 'polypeptide(L)'
;PNVSRTIARELKSFLLEYTDETGRSVYGARIRTLGEMNSESLEVNYRHLAESKAILALFLAKCPEEMLKIFDLVAMEATE
LHYPDYARIHSEIHVRISDFPTIYSLRELRESNLSSLVRVTGVVTRRTGVFPQLKYVKFNCLKCGSILGPFFQDSNEEIR
ISFCTNCKSKGPFRVNGEKTVYRNYQRVTLQEAPGTVPPGRLPRHREVILLADLVDVSKPGEEVEVTGIYKNNYDGNLNA
KNGFPVFATIIEANSIKRREGNTANEGEEGLDVFSWTEEEEREFRKISRDRGIIDKIISSMAPSIYGHRDIKTAVACSLF
GGVPKNVNGKHSIRGDINVLLLGDPGTAKSQILKYVEKTAHRAVFATGQGASAVGLTASVRKDPITKEWTLEGGALVLAD
KGVCLIDEFDKMNDQDRTSIHEAMEQQSISISKAGIVTTLQARCSIIAAANPNGGRYNSTLPLAQNVSLTEPILSRFDIL
CVVRDLVDEEADERLATFVVDSHVRSHPENDEDREGEELKNNGESAIEQGEDEINEQLNARQRRLQRQRKKEEEISPIPQ
ELLMKYIHYARTKIYPKLHQMDMDKVSRVYADLRRESISTGSFPITVRHLESILRIAESFAKMRLSEFVSSYDLDRAIKV
VVDSFVDAQKVSVRRQLRRSFAIY
;
2
7 'polypeptide(L)'
;PDAVFGDRVRRFQEFLDTFTSYRDSVRSIQVYNSNNAANYNDDQDDADERDLLGDDDGDDLEKEKKAASSTSLNILPHRI
IISLDDLREFDRSFWSGILVEPAYFIPPAEKALTDLADSMDDVPHPNASAVSSRHPWKLSFKGSFGAHALSPRTLTAQHL
NKLVSVEGIVTKTSLVRPKLIRSVHYAAKTGRFHYRDYTDATTTLTTRIPTPAIYPTEDTEGNKLTTEYGYSTFIDHQRI
TVQEMPEMAPAGQLPRSIDVILDDDLVDKTKPGDRVNVVGVFKSLGAGGMNQSNSNTLIGFKTLILGNTVYPLHARSTGV
AARQMLTDFDIRNINKLSKKKDIFDILSQSLAPSIYGHDHIKKAILLMLMGGVEKNLENGSHLRGDINILMVGDPSTAKS
QLLRFVLNTASLAIATTGRGSSGVGLTAAVTTDRETGERRLEAGAMVLADRGVVCIDEFDKMTDVDRVAIHEVMEQQTVT
IAKAGIHTTLNARCSVIAAANPVFGQYDVNRDPHQNIALPDSLLSRFDLLFVVTDDINEIRDRSISEHVLRTHRYLPPGY
LEGEPVRERLNLSLAVGEDADINPEEHSNSGAGVENEGEDDEDHVFEKFNPLLQAGAKLAKNKGNYNGTEIPKLVTIPFL
RKYVQYAKERVIPQLTQEAINVIVKNYTDLRNDDNTKKSPITARTLETLIRLATAHAKVRLSKTVNKVDAKVAANLLRFA
LL
;
3
8 'polypeptide(L)'
;LRIIWGTNVSIQECTTNFRNFLMSFKYKFRKILDEREEFINNTTDEELYYIKQLNEMRELGTSNLNLDARNLLAYKQTED
LYHQLLNYPQEVISIMDQTIKDCMVSLIVDNNLDYDLDEIETKFYKVRPYNVGSCKGMRELNPNDIDKLINLKGLVLRST
PVIPDMKVAFFKCNVCDHTMAVEIDRGVIQEPARCERIDCNEPNSMSLIHNRCSFADKQVIKLQETPDFVPDGQTPHSIS
LCVYDELVDSCRAGDRIEVTGTFRSIPIRANSRQRVLKSLYKTYVDVVHVKKVSDKRLDVDTSTIEQELMQNKVDHNEVE
EVRQITDQDLAKIREVAAREDLYSLLARSIAPSIYELEDVKKGILLQLFGGTNKTFTKGGRYRGDINILLCGDPSTSKSQ
ILQYVHKITPRGVYTSGKGSSAVGLTAYITRDVDTKQLVLESGALVLSDGGVCCIDEFDKMSDSTRSVLHEVMEQQTISI
AKAGIITTLNARSSILASANPIGSRYNPNLPVTENIDLPPPLLSRFDLVYLVLDKVDEKNDRELAKHLTNLYLEDKPEHI
SQDDVLPVEFLTMYISYAKEHIHPIITEAAKTELVRAYVGMRKMGDDSRSDEKRITATTRQLESMIRLAEAHAKMKLKNV
VELEDVQEAVRLIRSAIKDYATDPKTGKIDMNLVQTGKSVIQRKLQEDLSREIMNVLKDQASDSMSFNELIKQINEHSQD
RVESSDIQEALSRLQQEDKVIVLGEGVRRSVRL
;
4
9 'polypeptide(L)'
;NTEIIKSFKNFILEFRLDSQFIYRDQLRNNILVKNYSLTVNMEHLIGYNEDIYKKLSDEPSDIIPLFETAITQVAKRISI
LSRAQSANNNDKDPENTSMDTDSLLLNSLPTFQLILNSNANQIPLRDLDSEHVSKIVRLSGIIISTSVLSSRATYLSIMC
RNCRHTTSITINNFNSITGNTVSLPRSCLSTIESESSMANESNIGDESTKKNCGPDPYIIIHESSKFIDQQFLKLQEIPE
LVPVGEMPRNLTMTCDRYLTNKVIPGTRVTIVGIYSIYNSKNGAGSGRSGGGNGGSGVAIRTPYIKILGIQSDVETSSIW
NSVTMFTEEEEEEFLQLSRNPKLYEILTNSIAPSIFGNEDIKKAIVCLLMGGSKKILPDGMRLRGDINVLLLGDPGTAKS
QLLKFVEKVSPIAVYTSGKGSSAAGLTASVQRDPMTREFYLEGGAMVLADGGVVCIDEFDKMRDEDRVAIHEAMEQQTIS
IAKAGITTVLNSRTSVLAAANPIYGRYDDLKSPGDNIDFQTTILSRFDMIFIVKDDHNEERDISIANHVINIHTGNANAM
QNQQEENGSEISIEKMKRYITYCRLKCAPRLSPQAAEKLSSNFVTIRKQLLINELESTERSSIPITIRQLEAIIRITESL
AKLELSPIAQERHVDEAIRLFQASTMDAAS
;
5
10 'polypeptide(L)'
;VDDVTGEKVREAFEQFLEDFSVQSTDTGEVEKVYRAQIEFMKIYDLNTIYIDYQHLSMRENGALAMAISEQYYRFLPFLQ
KGLRRVVRKYAP(UNK)(UNK)(UNK)(UNK)(UNK)(UNK)(UNK)(UNK)(UNK)(UNK)(UNK)(UNK)(UNK)
(UNK)ERVFQISFFNLPTVHRIRDIRSEKIGSLLSISGTVTRTSEVRPELYKASFTCDMCRAIVDNVEQSFKYTEPTFCP
NPSCENRAFWTLNVTRSRFLDWQKVRIQENANEIPTGSMPRTLDVILRGDSVERAKPGDRCKFTGVEIVVPDVTQLGLPG
VKPSSTLDTRGISKTTEGLNSGVTGLRSLGVRDLTYKISFLACHVISIG(UNK)(UNK)(UNK)(UNK)(UNK)(UNK)
(UNK)(UNK)(UNK)(UNK)(UNK)(UNK)(UNK)(UNK)(UNK)(UNK)(UNK)(UNK)(UNK)(UNK)(UNK)(UNK)
(UNK)(UNK)(UNK)(UNK)SDEINELKEMVKDEHIYDKLVRSIAPAVFGHEAVKKGILLQMLGGVHKSTVEGIKLRGDI
NICVVGDPSTSKSQFLKYVVGFAPRSVYTSGKASSAAGLTAAVVRDEEGGDYTIEAGALMLADNGICCIDEFDKMDISDQ
VAIHEAMEQQTISIAKAGIHATLNARTSILAAANPVGGRYNRKLSLRGNLNMTAPIMSRFDLFFVILDDCNEKIDTELAS
HIVDLHMKRDEAIEPPFSAEQLRRYIKYARTFKPILTKEARSYLVEKYKELRKDDAQGFSRSSYRITVRQLESMIRLSEA
IARANCVDEITPSFIAEAYDLLRQSIIRVDV
;
6
11 'polypeptide(L)'
;MSAALPSIQLPVDYNNLFNEITDFLVTFKQDTLSSDATRNENEDENLDAENIEQHLLEKGPKYMAMLQKVANRELNSVII
DLDDILQYQNEKFLQGTQADDLVSAIQQNANHFTELFCRAIDNNMPLPTKEIDYKDDVLDVILNQRRLRNERMLSDRTNE
IRSENLMDTTMDPPSSMNDALREVVEDETELFPPNLTRRYFLYFKPLSQNCARRYRKKAISSKPLSVRQIKGDFLGQLIT
VRGIITRVSDVKPAVEVIAYTCDQCGYEVFQEVNSRTFTPLSECTSEECSQNQTKGQLFMSTRASKFSAFQECKIQELSQ
QVPVGHIPRSLNIHVNGTLVRSLSPGDIVDVTGIFLPAPYTGFKALKAGLLTETYLEAQFVRQHKKKFASFSLTSDVEER
VMELITSGDVYNRLAKSIAPEIYGNLDVKKALLLLLVGGVDKRVGDGMKIRGDINVCLMGDPGVAKSQLLKAICKISPRG
VYTTGKGSSGVGLTAAVMKDPVTDEMILEGGALVLADNGICCIDEFDKMDESDRTAIHEVMEQQTISISKAGINTTLNAR
TSILAAANPLYGRYNPRLSPLDNINLPAALLSRFDILFLMLDIPSRDDDEKLAEHVTYVHMHNKQPDLDFTPVEPSKMRE
YIAYAKTKRPVMSEAVNDYVVQAYIRLRQDSKREMDSKFSFGQATPRTLLGIIRLSQALAKLRLADMVDIDDVEEALRLV
RVSKESLYQ
;
7
12 'polydeoxyribonucleotide'
;(DG)(DA)(DT)(DC)(DG)(DA)(DT)(DC)(DG)(DA)(DT)(DA)(DA)(DA)(DG)(DT)(DT)(DT)(DT)(DT)
(DT)(DT)(DT)
;
F
13 'polydeoxyribonucleotide' (DA)(DA)(DT)(DC)(DG)(DA)(DT)(DC)(DG)(DA)(DT)(DC)(DG)(DA)(DT) G
#
loop_
_chem_comp.id
_chem_comp.type
_chem_comp.name
_chem_comp.formula
ATP non-polymer ADENOSINE-5'-TRIPHOSPHATE 'C10 H16 N5 O13 P3'
DA DNA linking 2'-DEOXYADENOSINE-5'-MONOPHOSPHATE 'C10 H14 N5 O6 P'
DC DNA linking 2'-DEOXYCYTIDINE-5'-MONOPHOSPHATE 'C9 H14 N3 O7 P'
DG DNA linking 2'-DEOXYGUANOSINE-5'-MONOPHOSPHATE 'C10 H14 N5 O7 P'
DT DNA linking THYMIDINE-5'-MONOPHOSPHATE 'C10 H15 N2 O8 P'
#
# COMPACT_ATOMS: atom_id res chain seq x y z
N MET A 1 -2.00 16.65 -53.80
CA MET A 1 -2.10 18.10 -53.91
C MET A 1 -3.10 18.48 -55.00
N TYR A 2 -3.18 17.66 -56.04
CA TYR A 2 -4.13 17.86 -57.12
C TYR A 2 -5.14 16.73 -57.22
N GLY A 3 -4.68 15.49 -57.33
CA GLY A 3 -5.58 14.35 -57.40
C GLY A 3 -5.70 13.66 -56.06
N ASP A 4 -5.81 14.46 -55.00
CA ASP A 4 -5.76 13.94 -53.64
C ASP A 4 -6.99 13.12 -53.30
N LEU A 5 -8.15 13.53 -53.79
CA LEU A 5 -9.39 12.85 -53.43
C LEU A 5 -9.49 11.48 -54.06
N GLY A 6 -8.80 11.25 -55.18
CA GLY A 6 -8.75 9.92 -55.75
C GLY A 6 -8.02 8.92 -54.86
N ASN A 7 -7.01 9.39 -54.13
CA ASN A 7 -6.35 8.54 -53.15
C ASN A 7 -7.30 8.20 -52.02
N LYS A 8 -8.14 9.16 -51.63
CA LYS A 8 -9.19 8.87 -50.66
C LYS A 8 -10.23 7.94 -51.24
N LEU A 9 -10.51 8.05 -52.54
CA LEU A 9 -11.50 7.19 -53.17
C LEU A 9 -10.98 5.75 -53.27
N VAL A 10 -9.74 5.59 -53.69
CA VAL A 10 -9.22 4.24 -53.87
C VAL A 10 -8.93 3.59 -52.52
N LEU A 11 -8.77 4.38 -51.46
CA LEU A 11 -8.56 3.81 -50.14
C LEU A 11 -9.83 3.17 -49.61
N GLU A 12 -10.96 3.88 -49.71
CA GLU A 12 -12.22 3.27 -49.31
C GLU A 12 -12.70 2.23 -50.31
N ALA A 13 -12.14 2.22 -51.52
CA ALA A 13 -12.38 1.12 -52.44
C ALA A 13 -11.76 -0.18 -51.94
N LYS A 14 -10.67 -0.08 -51.19
CA LYS A 14 -10.01 -1.28 -50.69
C LYS A 14 -10.86 -1.99 -49.64
N ARG A 15 -11.60 -1.23 -48.84
CA ARG A 15 -12.41 -1.81 -47.77
C ARG A 15 -13.60 -2.60 -48.31
N THR A 16 -14.06 -2.28 -49.52
CA THR A 16 -15.14 -3.04 -50.13
C THR A 16 -14.70 -4.45 -50.48
N LYS A 17 -13.44 -4.62 -50.85
CA LYS A 17 -12.93 -5.95 -51.14
C LYS A 17 -12.74 -6.74 -49.86
N GLN A 18 -12.14 -6.12 -48.84
CA GLN A 18 -11.79 -6.84 -47.62
C GLN A 18 -13.02 -7.17 -46.78
N LEU A 19 -14.10 -6.41 -46.91
CA LEU A 19 -15.34 -6.80 -46.26
C LEU A 19 -15.91 -8.05 -46.89
N TYR A 20 -16.00 -8.07 -48.21
CA TYR A 20 -16.62 -9.19 -48.89
C TYR A 20 -15.70 -10.40 -48.92
N ALA A 21 -14.53 -10.25 -49.55
CA ALA A 21 -13.73 -11.40 -49.94
C ALA A 21 -13.10 -12.13 -48.75
N ARG A 22 -12.92 -11.45 -47.63
CA ARG A 22 -12.36 -12.12 -46.46
C ARG A 22 -13.41 -12.83 -45.63
N SER A 23 -14.63 -12.29 -45.54
CA SER A 23 -15.61 -12.82 -44.59
C SER A 23 -16.34 -14.04 -45.15
N ASN A 24 -17.14 -13.84 -46.19
CA ASN A 24 -18.02 -14.88 -46.69
C ASN A 24 -18.41 -14.56 -48.12
N GLN A 25 -19.45 -15.24 -48.62
CA GLN A 25 -19.88 -15.14 -50.00
C GLN A 25 -21.09 -14.23 -50.20
N ASP A 26 -21.70 -13.75 -49.13
CA ASP A 26 -22.78 -12.77 -49.26
C ASP A 26 -22.17 -11.41 -49.60
N VAL A 27 -22.74 -10.73 -50.60
CA VAL A 27 -22.10 -9.52 -51.10
C VAL A 27 -22.36 -8.31 -50.20
N ASN A 28 -23.62 -7.87 -50.09
CA ASN A 28 -24.05 -6.66 -49.38
C ASN A 28 -23.18 -5.45 -49.74
N LEU A 29 -23.29 -5.04 -50.99
CA LEU A 29 -22.47 -3.98 -51.53
C LEU A 29 -22.83 -2.65 -50.86
N PRO A 30 -21.84 -1.85 -50.41
CA PRO A 30 -22.14 -0.68 -49.57
C PRO A 30 -22.96 0.44 -50.20
N MET A 31 -22.41 1.11 -51.22
CA MET A 31 -22.98 2.35 -51.75
C MET A 31 -22.14 2.79 -52.94
N TYR A 32 -22.77 3.54 -53.83
CA TYR A 32 -22.08 4.28 -54.89
C TYR A 32 -21.84 5.69 -54.38
N HIS A 33 -20.63 6.18 -54.57
CA HIS A 33 -20.24 7.46 -53.97
C HIS A 33 -20.39 8.61 -54.96
N GLU A 34 -21.66 8.93 -55.25
CA GLU A 34 -21.98 10.04 -56.13
C GLU A 34 -21.53 11.37 -55.55
N ASP A 35 -21.61 11.50 -54.22
CA ASP A 35 -21.12 12.70 -53.55
C ASP A 35 -19.61 12.83 -53.71
N ILE A 36 -18.88 11.72 -53.67
CA ILE A 36 -17.44 11.78 -53.78
C ILE A 36 -17.03 12.03 -55.23
N ILE A 37 -17.61 11.29 -56.17
CA ILE A 37 -17.19 11.43 -57.55
C ILE A 37 -17.67 12.72 -58.19
N ARG A 38 -18.61 13.43 -57.56
CA ARG A 38 -18.96 14.74 -58.09
C ARG A 38 -17.88 15.77 -57.81
N ASN A 39 -17.07 15.53 -56.78
CA ASN A 39 -16.00 16.47 -56.46
C ASN A 39 -14.88 16.39 -57.50
N ILE A 40 -14.49 15.18 -57.88
CA ILE A 40 -13.47 15.05 -58.91
C ILE A 40 -14.04 15.39 -60.27
N LEU A 41 -15.35 15.24 -60.45
CA LEU A 41 -15.96 15.76 -61.67
C LEU A 41 -16.02 17.28 -61.62
N LYS A 42 -16.07 17.87 -60.43
CA LYS A 42 -15.98 19.31 -60.32
C LYS A 42 -14.57 19.80 -60.60
N GLU A 43 -13.56 19.06 -60.16
CA GLU A 43 -12.18 19.52 -60.32
C GLU A 43 -11.72 19.33 -61.76
N VAL A 44 -12.18 18.28 -62.44
CA VAL A 44 -11.82 18.10 -63.84
C VAL A 44 -12.55 19.12 -64.71
N SER A 45 -13.68 19.65 -64.23
CA SER A 45 -14.39 20.67 -64.98
C SER A 45 -13.60 21.97 -65.06
N ASN A 46 -13.04 22.41 -63.95
CA ASN A 46 -12.21 23.60 -63.95
C ASN A 46 -10.90 23.37 -64.68
N LEU A 47 -10.39 22.13 -64.65
CA LEU A 47 -9.09 21.86 -65.25
C LEU A 47 -9.15 21.91 -66.77
N ARG A 48 -10.27 21.48 -67.35
CA ARG A 48 -10.37 21.51 -68.81
C ARG A 48 -10.58 22.93 -69.31
N LYS A 49 -11.24 23.77 -68.53
CA LYS A 49 -11.32 25.18 -68.91
C LYS A 49 -10.02 25.92 -68.64
N ASN A 50 -9.13 25.35 -67.84
CA ASN A 50 -7.84 25.99 -67.57
C ASN A 50 -6.93 25.90 -68.78
N THR A 51 -6.98 24.79 -69.52
CA THR A 51 -6.05 24.63 -70.62
C THR A 51 -6.49 25.37 -71.87
N GLU A 52 -7.79 25.58 -72.07
CA GLU A 52 -8.25 26.24 -73.28
C GLU A 52 -8.00 27.74 -73.24
N TYR A 53 -7.77 28.31 -72.06
CA TYR A 53 -7.19 29.64 -71.99
C TYR A 53 -5.77 29.61 -72.53
N LEU A 54 -4.96 28.67 -72.06
CA LEU A 54 -3.60 28.56 -72.55
C LEU A 54 -3.52 27.93 -73.93
N LYS A 55 -4.57 27.20 -74.36
CA LYS A 55 -4.66 26.83 -75.75
C LYS A 55 -4.94 28.04 -76.65
N GLU A 56 -5.48 29.11 -76.08
CA GLU A 56 -5.77 30.34 -76.79
C GLU A 56 -4.59 31.30 -76.81
N GLN A 57 -3.85 31.40 -75.69
CA GLN A 57 -2.72 32.31 -75.62
C GLN A 57 -1.49 31.79 -76.35
N GLN A 58 -1.45 30.50 -76.69
CA GLN A 58 -0.24 29.90 -77.25
C GLN A 58 0.08 30.39 -78.64
N GLN A 59 -0.90 30.94 -79.37
CA GLN A 59 -0.63 31.58 -80.64
C GLN A 59 -0.51 33.09 -80.52
N LEU A 60 -0.89 33.66 -79.39
CA LEU A 60 -0.96 35.10 -79.21
C LEU A 60 0.00 35.65 -78.18
N GLY A 61 0.35 34.88 -77.15
CA GLY A 61 1.16 35.39 -76.07
C GLY A 61 2.61 35.01 -76.16
N MET A 62 3.01 33.99 -75.40
CA MET A 62 4.40 33.54 -75.33
C MET A 62 4.86 32.83 -76.61
N LEU A 63 3.93 32.50 -77.52
CA LEU A 63 4.21 31.87 -78.81
C LEU A 63 4.86 30.50 -78.65
N ASP A 64 4.20 29.64 -77.86
CA ASP A 64 4.54 28.21 -77.69
C ASP A 64 5.94 28.02 -77.12
N ASP A 65 6.15 28.56 -75.92
CA ASP A 65 7.43 28.42 -75.25
C ASP A 65 7.66 26.98 -74.81
N LYS A 66 8.93 26.59 -74.79
CA LYS A 66 9.32 25.32 -74.17
C LYS A 66 8.98 25.32 -72.69
N VAL A 67 9.16 26.48 -72.03
CA VAL A 67 8.66 26.68 -70.68
C VAL A 67 7.15 26.52 -70.63
N ALA A 68 6.46 27.08 -71.61
CA ALA A 68 5.02 26.90 -71.66
C ALA A 68 4.62 25.51 -72.14
N LYS A 69 5.53 24.77 -72.77
CA LYS A 69 5.18 23.47 -73.34
C LYS A 69 4.90 22.46 -72.23
N CYS A 70 5.79 22.38 -71.23
CA CYS A 70 5.56 21.48 -70.11
C CYS A 70 4.44 21.94 -69.21
N GLN A 71 4.02 23.20 -69.30
CA GLN A 71 2.82 23.65 -68.61
C GLN A 71 1.57 22.96 -69.14
N TYR A 72 1.59 22.51 -70.39
CA TYR A 72 0.50 21.68 -70.87
C TYR A 72 0.61 20.26 -70.36
N PHE A 73 1.81 19.82 -69.97
CA PHE A 73 1.96 18.45 -69.49
C PHE A 73 1.37 18.29 -68.10
N VAL A 74 1.60 19.26 -67.20
CA VAL A 74 1.07 19.17 -65.85
C VAL A 74 -0.45 19.20 -65.87
N THR A 75 -1.04 19.95 -66.80
CA THR A 75 -2.47 19.84 -67.00
C THR A 75 -2.86 18.57 -67.73
N LEU A 76 -1.97 18.02 -68.56
CA LEU A 76 -2.28 16.75 -69.18
C LEU A 76 -2.16 15.62 -68.17
N LEU A 77 -1.04 15.58 -67.44
CA LEU A 77 -0.71 14.44 -66.57
C LEU A 77 -1.69 14.26 -65.44
N CYS A 78 -2.36 15.33 -65.01
CA CYS A 78 -3.33 15.20 -63.93
C CYS A 78 -4.60 14.49 -64.39
N MET A 79 -4.85 14.43 -65.69
CA MET A 79 -6.09 13.82 -66.18
C MET A 79 -6.06 12.31 -66.02
N GLU A 80 -5.04 11.65 -66.58
CA GLU A 80 -5.01 10.19 -66.53
C GLU A 80 -4.72 9.69 -65.12
N ARG A 81 -4.03 10.49 -64.30
CA ARG A 81 -3.88 10.15 -62.90
C ARG A 81 -5.24 10.17 -62.21
N ASN A 82 -6.09 11.10 -62.61
CA ASN A 82 -7.48 11.02 -62.17
C ASN A 82 -8.21 9.90 -62.89
N LYS A 83 -8.01 9.79 -64.21
CA LYS A 83 -8.74 8.82 -65.03
C LYS A 83 -8.41 7.38 -64.64
N ARG A 84 -7.22 7.16 -64.07
CA ARG A 84 -6.88 5.85 -63.54
C ARG A 84 -7.83 5.44 -62.43
N CYS A 85 -8.08 6.34 -61.48
CA CYS A 85 -8.85 5.95 -60.29
C CYS A 85 -10.33 5.80 -60.61
N LEU A 86 -10.91 6.79 -61.31
CA LEU A 86 -12.35 6.87 -61.49
C LEU A 86 -12.93 5.78 -62.39
N LEU A 87 -12.12 4.91 -62.99
CA LEU A 87 -12.64 3.68 -63.54
C LEU A 87 -12.21 2.45 -62.76
N ALA A 88 -11.10 2.52 -62.03
CA ALA A 88 -10.67 1.39 -61.23
C ALA A 88 -11.66 1.10 -60.13
N TYR A 89 -12.18 2.14 -59.50
CA TYR A 89 -13.28 1.98 -58.57
C TYR A 89 -14.54 1.54 -59.29
N GLN A 90 -14.69 1.93 -60.56
CA GLN A 90 -15.86 1.52 -61.32
C GLN A 90 -15.81 0.05 -61.70
N ARG A 91 -14.61 -0.48 -61.97
CA ARG A 91 -14.53 -1.88 -62.36
C ARG A 91 -14.73 -2.80 -61.16
N LEU A 92 -14.04 -2.49 -60.05
CA LEU A 92 -14.13 -3.33 -58.87
C LEU A 92 -15.51 -3.26 -58.23
N ARG A 93 -16.26 -2.20 -58.50
CA ARG A 93 -17.69 -2.20 -58.23
C ARG A 93 -18.39 -3.29 -59.04
N THR A 94 -18.30 -3.21 -60.37
CA THR A 94 -19.13 -4.06 -61.20
C THR A 94 -18.60 -5.47 -61.35
N ASP A 95 -17.34 -5.72 -60.98
CA ASP A 95 -16.83 -7.08 -61.05
C ASP A 95 -17.09 -7.87 -59.79
N ILE A 96 -17.98 -7.38 -58.91
CA ILE A 96 -18.41 -8.16 -57.77
C ILE A 96 -19.90 -8.44 -57.78
N LEU A 97 -20.71 -7.72 -58.53
CA LEU A 97 -22.12 -8.05 -58.68
C LEU A 97 -22.33 -9.19 -59.67
N ASP A 98 -21.32 -9.55 -60.45
CA ASP A 98 -21.38 -10.70 -61.34
C ASP A 98 -21.54 -12.01 -60.58
N SER A 99 -21.11 -12.01 -59.31
CA SER A 99 -21.49 -13.08 -58.38
C SER A 99 -22.98 -13.31 -58.39
N MET A 100 -23.76 -12.25 -58.15
CA MET A 100 -25.21 -12.33 -58.21
C MET A 100 -25.71 -12.69 -59.61
N ALA A 101 -24.93 -12.41 -60.65
CA ALA A 101 -25.21 -12.93 -61.98
C ALA A 101 -24.76 -14.37 -62.16
N TRP A 102 -24.21 -15.00 -61.14
CA TRP A 102 -23.82 -16.39 -61.34
C TRP A 102 -24.36 -17.33 -60.27
N ASN A 103 -24.40 -16.91 -59.00
CA ASN A 103 -24.86 -17.84 -57.98
C ASN A 103 -26.37 -17.95 -57.96
N ASN A 104 -27.07 -16.89 -58.34
CA ASN A 104 -28.51 -16.91 -58.47
C ASN A 104 -28.87 -16.47 -59.88
N ASN A 105 -28.24 -17.11 -60.87
CA ASN A 105 -28.43 -16.83 -62.28
C ASN A 105 -29.70 -17.46 -62.86
N GLY A 106 -30.66 -17.81 -62.01
CA GLY A 106 -31.90 -18.46 -62.41
C GLY A 106 -32.00 -19.86 -61.84
N LEU A 107 -32.69 -19.95 -60.72
CA LEU A 107 -33.05 -21.22 -60.10
C LEU A 107 -34.52 -21.26 -59.71
N ASP A 108 -35.06 -20.15 -59.21
CA ASP A 108 -36.45 -19.95 -58.83
C ASP A 108 -36.68 -18.46 -58.60
N LEU A 109 -37.73 -17.91 -59.22
CA LEU A 109 -38.06 -16.48 -59.26
C LEU A 109 -36.83 -15.62 -59.61
N MET A 110 -36.32 -15.85 -60.83
CA MET A 110 -35.07 -15.23 -61.25
C MET A 110 -35.26 -13.73 -61.49
N SER A 111 -36.31 -13.35 -62.21
CA SER A 111 -36.55 -11.94 -62.54
C SER A 111 -36.87 -11.11 -61.31
N SER A 112 -37.27 -11.74 -60.22
CA SER A 112 -37.36 -11.08 -58.93
C SER A 112 -35.97 -10.74 -58.42
N ILE A 113 -35.54 -9.48 -58.61
CA ILE A 113 -34.28 -9.00 -58.09
C ILE A 113 -34.61 -8.25 -56.80
N THR A 114 -35.90 -8.27 -56.43
CA THR A 114 -36.37 -7.60 -55.23
C THR A 114 -36.03 -8.44 -53.99
N PHE A 115 -36.51 -7.99 -52.83
CA PHE A 115 -36.10 -8.36 -51.46
C PHE A 115 -34.59 -8.51 -51.32
N SER A 116 -33.85 -7.60 -51.99
CA SER A 116 -32.39 -7.70 -52.03
C SER A 116 -31.87 -6.30 -52.36
N GLN A 117 -31.30 -5.64 -51.35
CA GLN A 117 -30.51 -4.41 -51.51
C GLN A 117 -31.33 -3.27 -52.11
N GLN A 118 -32.54 -3.08 -51.55
CA GLN A 118 -33.46 -2.09 -52.08
C GLN A 118 -32.99 -0.66 -51.80
N ASP A 119 -32.26 -0.46 -50.70
CA ASP A 119 -31.68 0.85 -50.44
C ASP A 119 -30.62 1.21 -51.47
N THR A 120 -29.85 0.22 -51.91
CA THR A 120 -28.94 0.39 -53.03
C THR A 120 -29.59 -0.03 -54.35
N ASN A 121 -30.92 -0.04 -54.41
CA ASN A 121 -31.63 -0.11 -55.68
C ASN A 121 -31.93 1.26 -56.25
N ASN A 122 -31.12 2.25 -55.90
CA ASN A 122 -30.85 3.41 -56.75
C ASN A 122 -29.47 3.36 -57.37
N LEU A 123 -28.53 2.70 -56.70
CA LEU A 123 -27.25 2.29 -57.26
C LEU A 123 -27.48 1.32 -58.41
N SER A 124 -27.98 0.14 -58.06
CA SER A 124 -27.93 -1.00 -58.97
C SER A 124 -29.07 -0.98 -59.98
N HIS A 125 -30.23 -0.41 -59.62
CA HIS A 125 -31.32 -0.29 -60.58
C HIS A 125 -30.97 0.71 -61.68
N GLN A 126 -30.16 1.71 -61.36
CA GLN A 126 -29.63 2.59 -62.39
C GLN A 126 -28.56 1.92 -63.23
N GLU A 127 -28.02 0.79 -62.78
CA GLU A 127 -27.11 -0.01 -63.58
C GLU A 127 -27.72 -1.38 -63.91
N GLN A 128 -29.03 -1.51 -63.73
CA GLN A 128 -29.72 -2.77 -63.97
C GLN A 128 -29.72 -3.15 -65.45
N GLU A 129 -29.63 -2.15 -66.32
CA GLU A 129 -29.51 -2.40 -67.76
C GLU A 129 -28.27 -3.24 -68.07
N TYR A 130 -27.20 -3.03 -67.31
CA TYR A 130 -26.06 -3.93 -67.39
C TYR A 130 -26.39 -5.25 -66.75
N LEU A 131 -27.02 -5.21 -65.57
CA LEU A 131 -27.38 -6.41 -64.84
C LEU A 131 -28.36 -7.28 -65.64
N LYS A 132 -29.33 -6.61 -66.25
CA LYS A 132 -30.33 -7.26 -67.08
C LYS A 132 -29.65 -7.81 -68.32
N GLU A 133 -28.70 -7.03 -68.84
CA GLU A 133 -27.97 -7.44 -70.02
C GLU A 133 -27.18 -8.71 -69.75
N TYR A 134 -26.57 -8.77 -68.57
CA TYR A 134 -25.80 -9.96 -68.20
C TYR A 134 -26.82 -11.08 -68.02
N CYS A 135 -27.94 -10.76 -67.37
CA CYS A 135 -28.99 -11.74 -67.18
C CYS A 135 -29.44 -12.34 -68.50
N ASP A 136 -29.87 -11.50 -69.43
CA ASP A 136 -30.35 -11.99 -70.72
C ASP A 136 -29.22 -12.64 -71.51
N LEU A 137 -28.01 -12.09 -71.39
CA LEU A 137 -26.86 -12.64 -72.07
C LEU A 137 -26.37 -13.94 -71.44
N ILE A 138 -26.86 -14.31 -70.26
CA ILE A 138 -26.58 -15.64 -69.74
C ILE A 138 -27.71 -16.62 -70.03
N THR A 139 -28.90 -16.12 -70.39
CA THR A 139 -30.01 -17.01 -70.70
C THR A 139 -29.78 -17.76 -72.01
N ASP A 140 -29.37 -17.03 -73.05
CA ASP A 140 -29.10 -17.67 -74.32
C ASP A 140 -27.85 -18.53 -74.24
N LEU A 141 -26.91 -18.20 -73.36
CA LEU A 141 -25.75 -19.06 -73.16
C LEU A 141 -26.11 -20.34 -72.43
N LYS A 142 -27.24 -20.37 -71.72
CA LYS A 142 -27.75 -21.64 -71.24
C LYS A 142 -28.34 -22.47 -72.37
N SER A 143 -28.71 -21.85 -73.48
CA SER A 143 -29.27 -22.54 -74.63
C SER A 143 -28.38 -22.51 -75.86
N GLY A 144 -27.32 -21.70 -75.87
CA GLY A 144 -26.43 -21.68 -77.02
C GLY A 144 -25.62 -22.95 -77.16
N ASP A 145 -25.33 -23.62 -76.06
CA ASP A 145 -24.84 -24.98 -76.12
C ASP A 145 -25.93 -25.88 -76.69
N LEU A 146 -25.58 -26.62 -77.74
CA LEU A 146 -26.56 -27.43 -78.45
C LEU A 146 -27.08 -28.58 -77.61
N VAL A 147 -26.31 -29.02 -76.62
CA VAL A 147 -26.79 -29.94 -75.61
C VAL A 147 -26.88 -29.16 -74.30
N ASP A 148 -27.88 -29.47 -73.50
CA ASP A 148 -28.15 -28.73 -72.26
C ASP A 148 -27.17 -29.19 -71.19
N ILE A 149 -26.11 -28.44 -71.00
CA ILE A 149 -25.25 -28.59 -69.84
C ILE A 149 -25.61 -27.50 -68.86
N ASP A 150 -25.73 -27.85 -67.58
CA ASP A 150 -26.07 -26.86 -66.57
C ASP A 150 -24.93 -25.89 -66.38
N LEU A 151 -25.27 -24.61 -66.25
CA LEU A 151 -24.31 -23.59 -65.89
C LEU A 151 -24.67 -22.89 -64.60
N SER A 152 -25.85 -23.17 -64.04
CA SER A 152 -26.31 -22.54 -62.81
C SER A 152 -25.73 -23.28 -61.60
N GLY A 153 -24.45 -23.05 -61.38
CA GLY A 153 -23.82 -23.60 -60.19
C GLY A 153 -23.40 -25.04 -60.36
N SER A 154 -23.51 -25.79 -59.25
CA SER A 154 -22.97 -27.13 -59.07
C SER A 154 -21.49 -27.18 -59.42
N LEU A 155 -20.71 -26.43 -58.64
CA LEU A 155 -19.27 -26.34 -58.85
C LEU A 155 -18.49 -27.32 -58.02
N VAL A 156 -18.99 -27.69 -56.84
CA VAL A 156 -18.34 -28.72 -56.02
C VAL A 156 -18.56 -30.09 -56.68
N PRO A 157 -17.54 -30.94 -56.75
CA PRO A 157 -17.72 -32.25 -57.37
C PRO A 157 -18.64 -33.12 -56.54
N PRO A 158 -19.32 -34.09 -57.16
CA PRO A 158 -20.17 -35.00 -56.39
C PRO A 158 -19.32 -36.03 -55.67
N SER A 159 -19.92 -36.63 -54.64
CA SER A 159 -19.25 -37.65 -53.84
C SER A 159 -19.92 -39.01 -53.99
N ASP A 160 -21.21 -39.11 -53.70
CA ASP A 160 -21.93 -40.37 -53.79
C ASP A 160 -23.36 -40.06 -54.17
N VAL A 161 -24.26 -41.03 -54.00
CA VAL A 161 -25.64 -40.88 -54.42
C VAL A 161 -26.54 -40.46 -53.27
N PHE A 162 -26.27 -40.88 -52.05
CA PHE A 162 -27.24 -40.79 -50.96
C PHE A 162 -26.75 -39.84 -49.88
N ILE A 163 -27.54 -38.80 -49.61
CA ILE A 163 -27.15 -37.73 -48.71
C ILE A 163 -28.33 -37.42 -47.79
N ASP A 164 -28.10 -37.51 -46.49
CA ASP A 164 -29.07 -37.08 -45.50
C ASP A 164 -29.24 -35.56 -45.54
N VAL A 165 -30.47 -35.09 -45.79
CA VAL A 165 -30.76 -33.67 -45.87
C VAL A 165 -31.94 -33.35 -44.96
N ARG A 166 -31.81 -32.28 -44.17
CA ARG A 166 -32.90 -31.75 -43.37
C ARG A 166 -33.49 -30.52 -44.06
N VAL A 167 -34.54 -29.97 -43.46
CA VAL A 167 -35.16 -28.76 -43.99
C VAL A 167 -35.72 -27.95 -42.83
N LEU A 168 -35.73 -26.63 -43.00
CA LEU A 168 -36.38 -25.70 -42.10
C LEU A 168 -36.66 -24.41 -42.88
N LYS A 169 -37.24 -23.42 -42.17
CA LYS A 169 -37.55 -22.05 -42.62
C LYS A 169 -38.30 -22.01 -43.96
N ASP A 170 -39.08 -23.05 -44.26
CA ASP A 170 -39.71 -23.15 -45.57
C ASP A 170 -41.05 -23.83 -45.44
N ALA A 171 -41.90 -23.60 -46.44
CA ALA A 171 -43.24 -24.17 -46.50
C ALA A 171 -43.67 -24.18 -47.96
N GLY A 172 -44.92 -24.59 -48.18
CA GLY A 172 -45.50 -24.63 -49.51
C GLY A 172 -45.02 -25.80 -50.33
N GLU A 173 -45.70 -26.02 -51.45
CA GLU A 173 -45.38 -27.11 -52.36
C GLU A 173 -44.55 -26.58 -53.52
N ILE A 174 -43.38 -27.16 -53.71
CA ILE A 174 -42.41 -26.75 -54.73
C ILE A 174 -42.14 -28.02 -55.52
N GLN A 175 -41.16 -27.98 -56.42
CA GLN A 175 -40.54 -29.13 -57.13
C GLN A 175 -41.60 -29.90 -57.94
N THR A 176 -42.13 -29.19 -58.93
CA THR A 176 -43.11 -29.79 -59.82
C THR A 176 -42.48 -30.82 -60.76
N GLU A 177 -41.17 -30.77 -60.97
CA GLU A 177 -40.47 -31.68 -61.87
C GLU A 177 -39.64 -32.68 -61.09
N TYR A 178 -39.24 -33.75 -61.78
CA TYR A 178 -38.46 -34.87 -61.24
C TYR A 178 -39.15 -35.53 -60.06
N GLY A 179 -40.47 -35.56 -60.08
CA GLY A 179 -41.22 -36.08 -58.95
C GLY A 179 -41.40 -35.04 -57.87
N VAL A 180 -42.64 -34.88 -57.40
CA VAL A 180 -42.91 -33.92 -56.34
C VAL A 180 -42.48 -34.53 -55.01
N PHE A 181 -41.69 -33.80 -54.24
CA PHE A 181 -41.12 -34.31 -53.02
C PHE A 181 -41.97 -34.01 -51.79
N ASN A 182 -43.07 -33.27 -51.94
CA ASN A 182 -44.03 -32.94 -50.89
C ASN A 182 -43.35 -32.24 -49.71
N LEU A 183 -42.78 -31.07 -50.00
CA LEU A 183 -41.94 -30.36 -49.05
C LEU A 183 -42.81 -29.75 -47.96
N ILE A 184 -42.83 -30.40 -46.80
CA ILE A 184 -43.54 -29.91 -45.63
C ILE A 184 -42.50 -29.62 -44.55
N LYS A 185 -42.93 -29.00 -43.46
CA LYS A 185 -42.04 -28.46 -42.43
C LYS A 185 -41.23 -29.56 -41.76
N ASP A 186 -39.98 -29.18 -41.40
CA ASP A 186 -39.00 -29.89 -40.55
C ASP A 186 -38.95 -31.40 -40.77
N SER A 187 -38.77 -31.77 -42.02
CA SER A 187 -38.84 -33.17 -42.45
C SER A 187 -37.48 -33.62 -42.95
N GLN A 188 -37.06 -34.80 -42.50
CA GLN A 188 -35.85 -35.40 -43.04
C GLN A 188 -36.08 -35.88 -44.46
N PHE A 189 -35.01 -35.83 -45.26
CA PHE A 189 -34.99 -36.45 -46.57
C PHE A 189 -33.78 -37.36 -46.66
N PHE A 190 -33.89 -38.39 -47.49
CA PHE A 190 -32.75 -39.29 -47.73
C PHE A 190 -32.89 -39.77 -49.18
N VAL A 191 -32.28 -39.02 -50.09
CA VAL A 191 -32.64 -39.08 -51.50
C VAL A 191 -31.39 -39.29 -52.35
N ARG A 192 -31.61 -39.31 -53.66
CA ARG A 192 -30.52 -39.29 -54.63
C ARG A 192 -29.89 -37.90 -54.66
N GLN A 193 -28.57 -37.88 -54.94
CA GLN A 193 -27.79 -36.65 -54.93
C GLN A 193 -28.26 -35.65 -55.99
N SER A 194 -28.51 -36.13 -57.20
CA SER A 194 -28.66 -35.26 -58.37
C SER A 194 -29.97 -34.47 -58.41
N ASP A 195 -30.81 -34.39 -57.38
CA ASP A 195 -32.03 -33.61 -57.45
C ASP A 195 -32.07 -32.41 -56.51
N VAL A 196 -31.03 -32.18 -55.72
CA VAL A 196 -31.09 -31.20 -54.65
C VAL A 196 -30.23 -29.98 -54.91
N GLU A 197 -29.50 -29.96 -56.03
CA GLU A 197 -28.58 -28.88 -56.31
C GLU A 197 -29.31 -27.58 -56.63
N ARG A 198 -30.50 -27.69 -57.20
CA ARG A 198 -31.32 -26.53 -57.51
C ARG A 198 -32.14 -26.06 -56.33
N LEU A 199 -31.90 -26.61 -55.15
CA LEU A 199 -32.55 -26.15 -53.93
C LEU A 199 -31.57 -25.76 -52.84
N ILE A 200 -30.37 -26.35 -52.84
CA ILE A 200 -29.35 -25.97 -51.86
C ILE A 200 -28.83 -24.58 -52.16
N GLN A 201 -28.53 -24.30 -53.43
CA GLN A 201 -28.17 -22.96 -53.85
C GLN A 201 -29.36 -22.01 -53.73
N GLN A 202 -30.58 -22.53 -53.84
CA GLN A 202 -31.76 -21.75 -53.51
C GLN A 202 -31.83 -21.47 -52.02
N GLY A 203 -31.26 -22.35 -51.19
CA GLY A 203 -31.25 -22.12 -49.76
C GLY A 203 -32.54 -22.52 -49.10
N TYR A 204 -33.17 -23.59 -49.58
CA TYR A 204 -34.38 -24.11 -48.96
C TYR A 204 -34.11 -25.37 -48.14
N LEU A 205 -33.40 -26.31 -48.72
CA LEU A 205 -32.83 -27.40 -47.94
C LEU A 205 -31.57 -26.89 -47.26
N GLN A 206 -31.34 -27.29 -46.01
CA GLN A 206 -30.36 -26.61 -45.19
C GLN A 206 -29.05 -27.35 -45.05
N LYS A 207 -29.05 -28.58 -44.55
CA LYS A 207 -27.81 -29.19 -44.11
C LYS A 207 -27.57 -30.49 -44.87
N ILE A 208 -26.32 -30.74 -45.20
CA ILE A 208 -25.90 -31.99 -45.79
C ILE A 208 -25.70 -33.04 -44.71
N LEU B 1 -17.54 -18.66 -63.52
CA LEU B 1 -16.91 -17.50 -62.88
C LEU B 1 -16.78 -17.65 -61.38
N PRO B 2 -15.84 -18.51 -60.93
CA PRO B 2 -15.73 -18.78 -59.50
C PRO B 2 -15.18 -17.60 -58.72
N ALA B 3 -14.04 -17.07 -59.16
CA ALA B 3 -13.29 -15.96 -58.56
C ALA B 3 -12.89 -16.22 -57.12
N HIS B 4 -12.89 -17.47 -56.69
CA HIS B 4 -12.62 -17.83 -55.30
C HIS B 4 -11.38 -18.71 -55.18
N LEU B 5 -11.35 -19.83 -55.88
CA LEU B 5 -10.21 -20.73 -55.93
C LEU B 5 -9.95 -20.99 -57.41
N GLN B 6 -9.12 -20.15 -58.02
CA GLN B 6 -8.86 -20.22 -59.45
C GLN B 6 -7.44 -20.62 -59.79
N GLN B 7 -6.45 -20.14 -59.05
CA GLN B 7 -5.06 -20.48 -59.32
C GLN B 7 -4.72 -21.91 -58.92
N THR B 8 -5.51 -22.52 -58.04
CA THR B 8 -5.13 -23.76 -57.39
C THR B 8 -6.30 -24.73 -57.49
N PHE B 9 -6.20 -25.82 -56.74
CA PHE B 9 -7.29 -26.77 -56.58
C PHE B 9 -7.69 -26.84 -55.12
N SER B 10 -8.99 -26.96 -54.90
CA SER B 10 -9.45 -27.25 -53.55
C SER B 10 -9.15 -28.71 -53.24
N PRO B 11 -9.14 -29.08 -51.97
CA PRO B 11 -8.94 -30.50 -51.65
C PRO B 11 -10.17 -31.38 -51.79
N GLU B 12 -11.19 -30.89 -52.49
CA GLU B 12 -12.37 -31.69 -52.78
C GLU B 12 -12.35 -32.30 -54.17
N GLU B 13 -11.34 -31.99 -54.97
CA GLU B 13 -11.28 -32.52 -56.32
C GLU B 13 -9.90 -33.03 -56.69
N ILE B 14 -8.91 -32.91 -55.82
CA ILE B 14 -7.67 -33.62 -56.06
C ILE B 14 -7.89 -35.11 -55.84
N GLN B 15 -8.86 -35.44 -54.99
CA GLN B 15 -9.30 -36.82 -54.90
C GLN B 15 -10.05 -37.26 -56.13
N PHE B 16 -10.59 -36.32 -56.91
CA PHE B 16 -11.38 -36.68 -58.07
C PHE B 16 -10.54 -37.24 -59.21
N ILE B 17 -9.26 -36.89 -59.28
CA ILE B 17 -8.46 -37.46 -60.36
C ILE B 17 -7.80 -38.77 -59.96
N VAL B 18 -7.79 -39.10 -58.68
CA VAL B 18 -7.18 -40.36 -58.24
C VAL B 18 -8.22 -41.46 -58.08
N GLU B 19 -9.50 -41.10 -57.92
CA GLU B 19 -10.55 -42.12 -57.85
C GLU B 19 -10.78 -42.80 -59.18
N ASN B 20 -10.34 -42.19 -60.28
CA ASN B 20 -10.49 -42.77 -61.61
C ASN B 20 -9.30 -43.60 -62.02
N GLU B 21 -8.62 -44.23 -61.07
CA GLU B 21 -7.60 -45.22 -61.33
C GLU B 21 -7.97 -46.54 -60.69
N PRO B 22 -7.70 -47.67 -61.33
CA PRO B 22 -8.22 -48.94 -60.85
C PRO B 22 -7.31 -49.68 -59.90
N ILE B 23 -7.93 -50.53 -59.07
CA ILE B 23 -7.26 -51.45 -58.18
C ILE B 23 -7.95 -52.81 -58.27
N LYS B 24 -7.53 -53.75 -57.43
CA LYS B 24 -8.05 -55.11 -57.48
C LYS B 24 -9.04 -55.35 -56.33
N ILE B 25 -9.99 -56.26 -56.58
CA ILE B 25 -11.09 -56.55 -55.67
C ILE B 25 -11.17 -58.05 -55.46
N PHE B 26 -12.05 -58.45 -54.55
CA PHE B 26 -12.55 -59.82 -54.45
C PHE B 26 -14.05 -59.80 -54.70
N PRO B 27 -14.50 -60.21 -55.87
CA PRO B 27 -15.94 -60.15 -56.16
C PRO B 27 -16.70 -61.25 -55.46
N ARG B 28 -18.00 -61.08 -55.40
CA ARG B 28 -18.85 -62.10 -54.81
C ARG B 28 -20.02 -62.51 -55.71
N ILE B 29 -20.62 -61.55 -56.41
CA ILE B 29 -21.89 -61.77 -57.08
C ILE B 29 -21.72 -62.32 -58.49
N THR B 30 -22.83 -62.77 -59.08
CA THR B 30 -22.92 -63.07 -60.50
C THR B 30 -22.61 -61.84 -61.35
N TRP B 48 -25.17 -55.10 -70.56
CA TRP B 48 -25.95 -55.83 -69.57
C TRP B 48 -26.05 -55.05 -68.28
N GLN B 49 -25.11 -55.31 -67.38
CA GLN B 49 -25.11 -54.67 -66.07
C GLN B 49 -24.24 -53.41 -66.06
N LEU B 50 -23.22 -53.37 -66.89
CA LEU B 50 -22.29 -52.24 -66.91
C LEU B 50 -22.07 -51.85 -68.36
N ILE B 51 -22.71 -50.77 -68.81
CA ILE B 51 -22.57 -50.27 -70.17
C ILE B 51 -22.10 -48.82 -70.07
N THR B 52 -21.28 -48.54 -69.07
CA THR B 52 -20.85 -47.19 -68.67
C THR B 52 -19.91 -46.49 -69.65
N THR B 53 -19.60 -47.05 -70.84
CA THR B 53 -18.66 -46.55 -71.86
C THR B 53 -17.19 -46.63 -71.43
N ASP B 54 -16.93 -47.01 -70.18
CA ASP B 54 -15.60 -47.35 -69.69
C ASP B 54 -15.73 -48.53 -68.73
N ASP B 55 -16.45 -49.56 -69.17
CA ASP B 55 -17.13 -50.48 -68.26
C ASP B 55 -16.28 -51.69 -67.87
N LYS B 56 -15.92 -52.52 -68.85
CA LYS B 56 -15.53 -53.91 -68.66
C LYS B 56 -16.53 -54.64 -67.75
N ALA B 57 -17.73 -54.77 -68.30
CA ALA B 57 -18.71 -55.67 -67.73
C ALA B 57 -18.29 -57.12 -67.93
N LEU B 58 -18.73 -57.97 -67.02
CA LEU B 58 -18.48 -59.39 -67.15
C LEU B 58 -19.81 -60.13 -67.11
N ASN B 59 -19.73 -61.45 -67.25
CA ASN B 59 -20.84 -62.37 -67.01
C ASN B 59 -20.93 -62.64 -65.51
N ASN B 60 -21.56 -63.76 -65.14
CA ASN B 60 -21.51 -64.27 -63.77
C ASN B 60 -20.08 -64.31 -63.26
N MET B 61 -19.77 -63.47 -62.26
CA MET B 61 -18.40 -63.23 -61.86
C MET B 61 -17.98 -64.25 -60.82
N VAL B 62 -16.80 -64.83 -61.00
CA VAL B 62 -16.31 -65.88 -60.13
C VAL B 62 -15.55 -65.25 -58.99
N ALA B 63 -15.86 -65.68 -57.77
CA ALA B 63 -15.15 -65.21 -56.60
C ALA B 63 -13.75 -65.80 -56.56
N MET B 64 -12.95 -65.29 -55.60
CA MET B 64 -11.54 -65.65 -55.41
C MET B 64 -10.72 -65.44 -56.68
N ARG B 65 -10.87 -64.25 -57.26
CA ARG B 65 -10.15 -63.93 -58.48
C ARG B 65 -9.93 -62.42 -58.54
N SER B 66 -8.68 -62.03 -58.76
CA SER B 66 -8.35 -60.63 -58.89
C SER B 66 -8.84 -60.07 -60.22
N THR B 67 -9.19 -58.79 -60.21
CA THR B 67 -9.64 -58.09 -61.40
C THR B 67 -9.43 -56.60 -61.18
N GLU B 68 -8.79 -55.94 -62.13
CA GLU B 68 -8.50 -54.51 -62.02
C GLU B 68 -9.76 -53.72 -62.35
N VAL B 69 -10.46 -53.26 -61.31
CA VAL B 69 -11.69 -52.50 -61.44
C VAL B 69 -11.44 -51.09 -60.92
N VAL B 70 -12.09 -50.10 -61.54
CA VAL B 70 -11.93 -48.71 -61.11
C VAL B 70 -12.56 -48.52 -59.73
N LEU B 71 -12.02 -47.57 -58.98
CA LEU B 71 -12.21 -47.55 -57.53
C LEU B 71 -13.59 -47.03 -57.15
N TRP B 72 -14.10 -46.04 -57.87
CA TRP B 72 -15.26 -45.29 -57.41
C TRP B 72 -16.53 -46.12 -57.46
N ILE B 73 -16.63 -47.03 -58.43
CA ILE B 73 -17.78 -47.92 -58.41
C ILE B 73 -17.61 -48.98 -57.33
N ALA B 74 -16.37 -49.31 -56.98
CA ALA B 74 -16.13 -50.30 -55.94
C ALA B 74 -16.41 -49.74 -54.57
N LEU B 75 -16.19 -48.44 -54.37
CA LEU B 75 -16.66 -47.78 -53.16
C LEU B 75 -18.18 -47.81 -53.08
N LEU B 76 -18.84 -47.56 -54.21
CA LEU B 76 -20.29 -47.70 -54.25
C LEU B 76 -20.71 -49.15 -54.10
N LEU B 77 -19.89 -50.08 -54.58
CA LEU B 77 -20.20 -51.49 -54.43
C LEU B 77 -20.06 -51.97 -53.00
N LYS B 78 -19.30 -51.25 -52.17
CA LYS B 78 -19.19 -51.62 -50.77
C LYS B 78 -20.33 -51.04 -49.94
N GLN B 79 -21.09 -50.09 -50.51
CA GLN B 79 -22.26 -49.57 -49.81
C GLN B 79 -23.36 -50.62 -49.72
N GLN B 80 -23.67 -51.25 -50.85
CA GLN B 80 -24.59 -52.38 -50.87
C GLN B 80 -24.00 -53.63 -50.26
N SER B 81 -22.68 -53.67 -50.07
CA SER B 81 -21.93 -54.70 -49.34
C SER B 81 -22.15 -56.09 -49.93
N LYS B 82 -21.70 -56.24 -51.17
CA LYS B 82 -21.69 -57.53 -51.83
C LYS B 82 -20.36 -57.77 -52.53
N CYS B 83 -19.28 -57.30 -51.92
CA CYS B 83 -17.93 -57.52 -52.41
C CYS B 83 -16.97 -57.36 -51.25
N SER B 84 -15.67 -57.36 -51.53
CA SER B 84 -14.65 -57.12 -50.54
C SER B 84 -13.38 -56.65 -51.24
N ILE B 85 -12.71 -55.71 -50.65
CA ILE B 85 -11.50 -55.16 -51.26
C ILE B 85 -10.31 -55.97 -50.78
N VAL B 86 -9.26 -55.98 -51.59
CA VAL B 86 -7.95 -56.46 -51.20
C VAL B 86 -7.04 -55.24 -51.11
N ALA B 87 -6.18 -55.23 -50.10
CA ALA B 87 -5.25 -54.14 -49.95
C ALA B 87 -4.17 -54.22 -51.04
N PRO B 88 -3.63 -53.08 -51.46
CA PRO B 88 -2.47 -53.11 -52.36
C PRO B 88 -1.23 -53.65 -51.65
N GLN B 89 -0.19 -53.85 -52.46
CA GLN B 89 0.94 -54.68 -52.08
C GLN B 89 1.83 -54.05 -51.02
N TRP B 90 1.68 -52.75 -50.74
CA TRP B 90 2.57 -52.08 -49.81
C TRP B 90 1.86 -51.65 -48.52
N LEU B 91 0.67 -52.16 -48.27
CA LEU B 91 -0.17 -51.66 -47.18
C LEU B 91 -0.06 -52.50 -45.91
N THR B 92 1.11 -53.02 -45.58
CA THR B 92 1.32 -53.59 -44.26
C THR B 92 2.46 -52.86 -43.57
N THR B 93 2.44 -52.91 -42.24
CA THR B 93 3.48 -52.26 -41.45
C THR B 93 4.82 -52.94 -41.56
N LYS B 94 4.84 -54.21 -42.00
CA LYS B 94 6.09 -54.93 -42.21
C LYS B 94 6.75 -54.57 -43.54
N GLU B 95 6.16 -53.64 -44.30
CA GLU B 95 6.67 -53.26 -45.60
C GLU B 95 7.17 -51.83 -45.65
N LEU B 96 6.57 -50.92 -44.89
CA LEU B 96 7.01 -49.52 -44.88
C LEU B 96 8.26 -49.32 -44.04
N ASP B 97 8.68 -50.34 -43.28
CA ASP B 97 9.88 -50.24 -42.47
C ASP B 97 11.13 -50.10 -43.32
N ARG B 98 11.14 -50.68 -44.52
CA ARG B 98 12.29 -50.48 -45.40
C ARG B 98 12.27 -49.09 -46.01
N LYS B 99 11.11 -48.42 -46.06
CA LYS B 99 11.08 -47.06 -46.57
C LYS B 99 11.67 -46.08 -45.57
N ILE B 100 11.46 -46.33 -44.28
CA ILE B 100 11.87 -45.37 -43.27
C ILE B 100 13.34 -45.50 -42.89
N GLN B 101 14.11 -46.33 -43.60
CA GLN B 101 15.54 -46.38 -43.40
C GLN B 101 16.33 -45.86 -44.59
N TYR B 102 15.78 -45.89 -45.80
CA TYR B 102 16.49 -45.31 -46.93
C TYR B 102 16.46 -43.79 -46.88
N GLU B 103 15.54 -43.22 -46.12
CA GLU B 103 15.46 -41.78 -45.94
C GLU B 103 16.25 -41.29 -44.73
N LYS B 104 16.33 -42.08 -43.67
CA LYS B 104 17.05 -41.63 -42.49
C LYS B 104 18.56 -41.66 -42.69
N THR B 105 19.04 -42.41 -43.69
CA THR B 105 20.43 -42.34 -44.10
C THR B 105 20.65 -41.37 -45.25
N HIS B 106 19.59 -40.81 -45.83
CA HIS B 106 19.69 -39.92 -46.97
C HIS B 106 18.89 -38.65 -46.71
N PRO B 107 19.54 -37.60 -46.23
CA PRO B 107 18.90 -36.28 -46.17
C PRO B 107 18.83 -35.56 -47.50
N ASP B 108 19.25 -36.21 -48.59
CA ASP B 108 19.25 -35.64 -49.92
C ASP B 108 17.85 -35.55 -50.51
N ARG B 109 17.09 -36.63 -50.46
CA ARG B 109 15.77 -36.70 -51.07
C ARG B 109 15.02 -37.84 -50.41
N PHE B 110 13.77 -38.05 -50.83
CA PHE B 110 13.04 -39.26 -50.51
C PHE B 110 13.02 -40.18 -51.71
N SER B 111 13.19 -41.49 -51.48
CA SER B 111 13.44 -42.42 -52.57
C SER B 111 12.17 -42.91 -53.26
N GLU B 112 11.33 -43.67 -52.55
CA GLU B 112 10.36 -44.57 -53.19
C GLU B 112 8.97 -44.32 -52.66
N LEU B 113 8.09 -43.76 -53.51
CA LEU B 113 6.77 -43.38 -53.08
C LEU B 113 5.71 -43.91 -54.04
N PRO B 114 4.56 -44.38 -53.52
CA PRO B 114 3.46 -44.77 -54.41
C PRO B 114 2.71 -43.62 -55.06
N TRP B 115 3.12 -42.36 -54.81
CA TRP B 115 2.78 -41.15 -55.58
C TRP B 115 1.35 -40.66 -55.35
N ASN B 116 0.51 -41.45 -54.71
CA ASN B 116 -0.84 -40.98 -54.39
C ASN B 116 -1.27 -41.48 -53.03
N TRP B 117 -0.31 -41.63 -52.11
CA TRP B 117 -0.51 -42.46 -50.93
C TRP B 117 -1.43 -41.81 -49.91
N LEU B 118 -1.31 -40.49 -49.71
CA LEU B 118 -1.97 -39.87 -48.58
C LEU B 118 -3.47 -39.75 -48.82
N VAL B 119 -3.85 -39.45 -50.06
CA VAL B 119 -5.27 -39.45 -50.39
C VAL B 119 -5.83 -40.85 -50.52
N LEU B 120 -4.96 -41.87 -50.62
CA LEU B 120 -5.47 -43.22 -50.77
C LEU B 120 -5.89 -43.82 -49.45
N ALA B 121 -5.14 -43.54 -48.38
CA ALA B 121 -5.46 -44.16 -47.09
C ALA B 121 -6.71 -43.57 -46.46
N ARG B 122 -6.99 -42.29 -46.73
CA ARG B 122 -8.15 -41.64 -46.12
C ARG B 122 -9.45 -42.20 -46.67
N ILE B 123 -9.48 -42.54 -47.96
CA ILE B 123 -10.62 -43.27 -48.50
C ILE B 123 -10.65 -44.68 -47.95
N LEU B 124 -9.47 -45.27 -47.75
CA LEU B 124 -9.38 -46.65 -47.31
C LEU B 124 -9.56 -46.82 -45.81
N PHE B 125 -9.87 -45.76 -45.07
CA PHE B 125 -10.24 -45.90 -43.66
C PHE B 125 -11.68 -45.56 -43.37
N ASN B 126 -12.27 -44.63 -44.11
CA ASN B 126 -13.70 -44.35 -44.02
C ASN B 126 -14.42 -45.42 -44.81
N LYS B 127 -15.15 -46.28 -44.10
CA LYS B 127 -16.01 -47.36 -44.59
C LYS B 127 -15.21 -48.54 -45.14
N ALA B 128 -13.89 -48.41 -45.22
CA ALA B 128 -13.02 -49.51 -45.57
C ALA B 128 -12.15 -49.92 -44.39
N LYS B 129 -12.72 -49.88 -43.18
CA LYS B 129 -11.99 -50.23 -41.98
C LYS B 129 -12.18 -51.67 -41.57
N ASP B 130 -13.32 -52.27 -41.92
CA ASP B 130 -13.70 -53.61 -41.48
C ASP B 130 -13.33 -54.68 -42.49
N ASP B 131 -12.21 -54.51 -43.19
CA ASP B 131 -11.82 -55.39 -44.28
C ASP B 131 -10.49 -56.08 -44.04
N PHE B 132 -9.48 -55.33 -43.62
CA PHE B 132 -8.13 -55.84 -43.52
C PHE B 132 -7.82 -56.29 -42.10
N HIS B 133 -6.81 -57.16 -41.97
CA HIS B 133 -6.41 -57.71 -40.69
C HIS B 133 -5.48 -56.73 -39.97
N ASP B 134 -5.97 -56.16 -38.87
CA ASP B 134 -5.35 -55.13 -38.04
C ASP B 134 -4.85 -53.91 -38.81
N PRO B 135 -5.72 -53.03 -39.30
CA PRO B 135 -5.24 -51.71 -39.72
C PRO B 135 -5.21 -50.74 -38.56
N ILE B 136 -6.10 -50.93 -37.59
CA ILE B 136 -6.27 -49.96 -36.53
C ILE B 136 -5.14 -50.15 -35.52
N HIS B 137 -4.81 -49.06 -34.83
CA HIS B 137 -3.79 -48.94 -33.78
C HIS B 137 -2.39 -49.34 -34.21
N GLU B 138 -2.18 -49.62 -35.48
CA GLU B 138 -0.85 -49.93 -36.00
C GLU B 138 -0.51 -49.14 -37.25
N LEU B 139 -1.45 -48.97 -38.16
CA LEU B 139 -1.10 -48.40 -39.46
C LEU B 139 -1.05 -46.89 -39.40
N ARG B 140 -1.93 -46.27 -38.62
CA ARG B 140 -1.93 -44.82 -38.50
C ARG B 140 -0.71 -44.31 -37.77
N GLY B 141 -0.08 -45.13 -36.94
CA GLY B 141 1.24 -44.81 -36.44
C GLY B 141 2.28 -44.80 -37.54
N LYS B 142 2.14 -45.72 -38.49
CA LYS B 142 3.06 -45.83 -39.60
C LYS B 142 2.64 -45.02 -40.81
N ILE B 143 1.86 -43.97 -40.60
CA ILE B 143 1.46 -43.11 -41.70
C ILE B 143 1.78 -41.67 -41.33
N GLN B 144 1.35 -41.25 -40.14
CA GLN B 144 1.51 -39.86 -39.73
C GLN B 144 2.96 -39.48 -39.51
N ASP B 145 3.81 -40.47 -39.21
CA ASP B 145 5.25 -40.23 -39.25
C ASP B 145 5.71 -39.86 -40.65
N LEU B 146 5.15 -40.52 -41.66
CA LEU B 146 5.54 -40.21 -43.02
C LEU B 146 4.90 -38.92 -43.50
N ARG B 147 3.82 -38.47 -42.84
CA ARG B 147 3.22 -37.20 -43.22
C ARG B 147 4.08 -36.02 -42.81
N GLU B 148 5.03 -36.22 -41.90
CA GLU B 148 5.85 -35.10 -41.47
C GLU B 148 7.31 -35.22 -41.89
N ILE B 149 7.86 -36.45 -41.94
CA ILE B 149 9.23 -36.65 -42.39
C ILE B 149 9.39 -36.20 -43.83
N ARG B 150 8.35 -36.38 -44.64
CA ARG B 150 8.29 -35.71 -45.93
C ARG B 150 8.34 -34.20 -45.78
N GLN B 151 7.51 -33.65 -44.89
CA GLN B 151 7.45 -32.21 -44.81
C GLN B 151 8.52 -31.61 -43.90
N ILE B 152 9.25 -32.42 -43.15
CA ILE B 152 10.48 -31.91 -42.56
C ILE B 152 11.51 -31.67 -43.64
N LYS B 153 11.53 -32.55 -44.64
CA LYS B 153 12.46 -32.42 -45.74
C LYS B 153 12.15 -31.21 -46.62
N VAL B 154 10.87 -30.83 -46.73
CA VAL B 154 10.54 -29.72 -47.61
C VAL B 154 10.91 -28.39 -46.98
N LEU B 155 11.08 -28.33 -45.66
CA LEU B 155 11.48 -27.08 -45.03
C LEU B 155 12.96 -26.81 -45.23
N LYS B 156 13.78 -27.85 -45.30
CA LYS B 156 15.16 -27.66 -45.71
C LYS B 156 15.28 -27.35 -47.19
N GLY B 157 14.29 -27.77 -47.99
CA GLY B 157 14.37 -27.61 -49.43
C GLY B 157 14.23 -26.19 -49.93
N LEU B 158 13.18 -25.50 -49.49
CA LEU B 158 12.88 -24.20 -50.06
C LEU B 158 13.82 -23.11 -49.56
N LYS B 159 14.55 -23.34 -48.47
CA LYS B 159 15.58 -22.40 -48.06
C LYS B 159 16.75 -22.42 -49.02
N TYR B 160 16.90 -23.50 -49.78
CA TYR B 160 17.94 -23.65 -50.80
C TYR B 160 17.47 -23.15 -52.16
N LEU B 161 16.56 -22.18 -52.20
CA LEU B 161 15.97 -21.73 -53.45
C LEU B 161 16.97 -20.95 -54.27
N ASN B 162 17.35 -21.52 -55.42
CA ASN B 162 18.17 -20.83 -56.41
C ASN B 162 17.25 -20.07 -57.36
N GLU B 163 17.75 -19.66 -58.51
CA GLU B 163 16.93 -18.96 -59.49
C GLU B 163 16.38 -19.95 -60.51
N SER B 164 15.05 -20.06 -60.55
CA SER B 164 14.28 -20.79 -61.57
C SER B 164 14.66 -22.26 -61.71
N HIS B 165 15.18 -22.87 -60.64
CA HIS B 165 15.59 -24.27 -60.72
C HIS B 165 15.39 -24.91 -59.36
N LEU B 166 14.47 -25.86 -59.27
CA LEU B 166 14.32 -26.70 -58.08
C LEU B 166 14.31 -28.16 -58.52
N GLN B 167 14.43 -29.05 -57.54
CA GLN B 167 14.47 -30.48 -57.82
C GLN B 167 13.58 -31.20 -56.81
N LEU B 168 12.36 -31.50 -57.22
CA LEU B 168 11.45 -32.33 -56.45
C LEU B 168 11.25 -33.63 -57.22
N ASP B 169 11.39 -34.75 -56.54
CA ASP B 169 11.35 -36.04 -57.21
C ASP B 169 10.14 -36.88 -56.83
N ASN B 170 9.90 -37.09 -55.54
CA ASN B 170 8.80 -37.92 -55.07
C ASN B 170 7.95 -37.04 -54.17
N LEU B 171 7.04 -36.30 -54.78
CA LEU B 171 6.13 -35.44 -54.04
C LEU B 171 4.71 -35.90 -54.30
N SER B 172 3.90 -35.87 -53.25
CA SER B 172 2.51 -36.28 -53.37
C SER B 172 1.72 -35.25 -54.15
N LEU B 173 0.51 -35.63 -54.53
CA LEU B 173 -0.39 -34.66 -55.11
C LEU B 173 -0.94 -33.70 -54.07
N LEU B 174 -0.92 -34.10 -52.79
CA LEU B 174 -1.45 -33.22 -51.77
C LEU B 174 -0.47 -32.10 -51.45
N GLU B 175 0.79 -32.45 -51.21
CA GLU B 175 1.80 -31.44 -50.87
C GLU B 175 2.09 -30.52 -52.03
N ILE B 176 1.96 -31.00 -53.26
CA ILE B 176 2.19 -30.13 -54.40
C ILE B 176 1.00 -29.20 -54.57
N ASN B 177 -0.15 -29.53 -53.99
CA ASN B 177 -1.25 -28.58 -53.94
C ASN B 177 -1.14 -27.64 -52.75
N GLU B 178 -0.14 -27.81 -51.90
CA GLU B 178 0.00 -26.95 -50.74
C GLU B 178 1.24 -26.10 -50.75
N LEU B 179 2.33 -26.55 -51.36
CA LEU B 179 3.44 -25.65 -51.59
C LEU B 179 3.10 -24.62 -52.66
N ARG B 180 2.24 -24.99 -53.61
CA ARG B 180 1.85 -24.22 -54.78
C ARG B 180 1.47 -22.75 -54.55
N PRO B 181 0.43 -22.41 -53.77
CA PRO B 181 -0.15 -21.08 -53.91
C PRO B 181 0.68 -19.95 -53.33
N PHE B 182 1.82 -20.23 -52.73
CA PHE B 182 2.73 -19.17 -52.34
C PHE B 182 4.06 -19.23 -53.07
N ILE B 183 4.54 -20.41 -53.44
CA ILE B 183 5.90 -20.54 -53.96
C ILE B 183 6.00 -19.97 -55.37
N THR B 184 4.86 -19.83 -56.05
CA THR B 184 4.83 -19.19 -57.36
C THR B 184 5.20 -17.72 -57.24
N GLU B 185 4.37 -16.96 -56.54
CA GLU B 185 4.55 -15.52 -56.53
C GLU B 185 5.66 -15.08 -55.59
N ILE B 186 6.13 -15.95 -54.70
CA ILE B 186 7.23 -15.54 -53.83
C ILE B 186 8.57 -15.63 -54.54
N MET B 187 8.64 -16.32 -55.68
CA MET B 187 9.80 -16.20 -56.53
C MET B 187 9.54 -15.39 -57.77
N ASP B 188 8.27 -15.29 -58.20
CA ASP B 188 7.92 -14.40 -59.30
C ASP B 188 8.17 -12.95 -58.93
N LYS B 189 7.90 -12.58 -57.67
CA LYS B 189 8.17 -11.22 -57.23
C LYS B 189 9.65 -10.94 -57.17
N LEU B 190 10.47 -11.95 -56.89
CA LEU B 190 11.89 -11.71 -56.98
C LEU B 190 12.41 -11.93 -58.38
N ARG B 191 11.57 -12.42 -59.30
CA ARG B 191 11.99 -12.46 -60.70
C ARG B 191 11.98 -11.08 -61.32
N GLU B 192 11.21 -10.15 -60.76
CA GLU B 192 11.23 -8.78 -61.24
C GLU B 192 12.58 -8.13 -60.98
N ILE B 193 13.00 -8.12 -59.71
CA ILE B 193 14.21 -7.40 -59.32
C ILE B 193 15.47 -8.00 -59.90
N HIS B 194 15.45 -9.28 -60.28
CA HIS B 194 16.59 -9.81 -61.00
C HIS B 194 16.58 -9.39 -62.45
N THR B 195 15.43 -9.50 -63.10
CA THR B 195 15.35 -9.21 -64.53
C THR B 195 15.28 -7.72 -64.81
N ALA B 196 14.36 -7.02 -64.13
CA ALA B 196 14.16 -5.60 -64.42
C ALA B 196 15.23 -4.72 -63.81
N SER B 197 16.24 -5.29 -63.16
CA SER B 197 17.42 -4.53 -62.79
C SER B 197 18.17 -4.03 -64.00
N LEU B 198 18.20 -4.80 -65.08
CA LEU B 198 18.88 -4.39 -66.31
C LEU B 198 17.89 -4.36 -67.47
N TYR C 1 -4.22 -5.01 -66.08
CA TYR C 1 -4.42 -4.74 -64.66
C TYR C 1 -4.98 -3.35 -64.48
N TYR C 2 -6.11 -3.26 -63.81
CA TYR C 2 -6.72 -1.97 -63.53
C TYR C 2 -6.18 -1.38 -62.24
N ASP C 3 -5.03 -1.90 -61.81
CA ASP C 3 -4.30 -1.43 -60.63
C ASP C 3 -5.12 -1.12 -59.37
N ILE C 4 -5.56 -2.17 -58.67
CA ILE C 4 -6.35 -2.02 -57.45
C ILE C 4 -5.54 -1.77 -56.20
N ASP C 5 -4.21 -1.85 -56.26
CA ASP C 5 -3.41 -1.85 -55.05
C ASP C 5 -2.23 -0.90 -55.13
N ASP C 6 -1.82 -0.57 -56.35
CA ASP C 6 -0.51 0.02 -56.56
C ASP C 6 -0.54 1.48 -56.95
N VAL C 7 -1.67 1.98 -57.43
CA VAL C 7 -1.72 3.40 -57.73
C VAL C 7 -1.81 4.20 -56.46
N LEU C 8 -2.41 3.64 -55.41
CA LEU C 8 -2.28 4.24 -54.09
C LEU C 8 -0.86 4.07 -53.56
N ALA C 9 -0.21 2.96 -53.91
CA ALA C 9 1.21 2.83 -53.63
C ALA C 9 2.05 3.77 -54.49
N ASP C 10 1.50 4.22 -55.62
CA ASP C 10 2.12 5.31 -56.35
C ASP C 10 1.54 6.67 -55.96
N GLY C 11 0.74 6.73 -54.91
CA GLY C 11 0.33 8.01 -54.36
C GLY C 11 1.29 8.59 -53.36
N THR C 12 2.44 7.96 -53.18
CA THR C 12 3.40 8.38 -52.17
C THR C 12 4.30 9.49 -52.73
N GLU C 13 5.39 9.77 -52.02
CA GLU C 13 6.11 11.02 -52.21
C GLU C 13 7.58 10.80 -52.52
N PHE C 14 8.23 11.92 -52.82
CA PHE C 14 9.65 12.11 -53.06
C PHE C 14 10.01 13.57 -52.82
N PRO C 15 11.09 13.83 -52.13
CA PRO C 15 11.65 15.19 -52.13
C PRO C 15 12.61 15.38 -53.28
N CYS C 16 12.39 16.41 -54.10
CA CYS C 16 13.19 16.67 -55.29
C CYS C 16 13.17 18.16 -55.59
N LYS C 17 13.88 18.56 -56.63
CA LYS C 17 14.04 19.97 -56.94
C LYS C 17 14.18 20.15 -58.46
N PHE C 18 14.54 21.36 -58.88
CA PHE C 18 14.47 21.79 -60.28
C PHE C 18 15.83 22.11 -60.87
N GLN C 19 15.78 22.44 -62.16
CA GLN C 19 16.90 23.00 -62.91
C GLN C 19 16.51 24.24 -63.71
N TYR C 20 15.22 24.51 -63.93
CA TYR C 20 14.75 25.70 -64.63
C TYR C 20 13.68 26.44 -63.83
N ASP C 21 13.01 27.39 -64.45
CA ASP C 21 12.02 28.22 -63.79
C ASP C 21 10.75 28.27 -64.62
N ILE C 22 9.65 27.78 -64.05
CA ILE C 22 8.38 27.68 -64.76
C ILE C 22 7.33 28.47 -63.99
N PRO C 23 6.46 29.24 -64.66
CA PRO C 23 5.31 29.85 -64.00
C PRO C 23 4.16 28.90 -63.68
N GLY C 24 4.31 27.59 -63.90
CA GLY C 24 3.22 26.68 -63.61
C GLY C 24 3.24 26.23 -62.16
N LEU C 25 2.46 26.88 -61.33
CA LEU C 25 2.46 26.65 -59.89
C LEU C 25 1.05 26.22 -59.48
N GLY C 26 0.97 25.13 -58.72
CA GLY C 26 -0.30 24.71 -58.16
C GLY C 26 -0.13 24.22 -56.75
N TYR C 27 0.86 24.76 -56.05
CA TYR C 27 1.35 24.18 -54.82
C TYR C 27 1.33 25.18 -53.66
N ASN C 31 1.80 30.11 -52.76
CA ASN C 31 0.98 29.79 -53.93
C ASN C 31 0.88 30.89 -55.02
N PRO C 32 0.87 32.20 -54.70
CA PRO C 32 1.15 33.19 -55.74
C PRO C 32 2.65 33.33 -55.96
N GLY C 33 3.01 34.24 -56.85
CA GLY C 33 4.38 34.30 -57.32
C GLY C 33 4.64 33.09 -58.19
N ARG C 34 3.99 33.07 -59.35
CA ARG C 34 3.86 31.84 -60.14
C ARG C 34 5.17 31.27 -60.68
N PRO C 35 6.19 32.07 -61.15
CA PRO C 35 7.48 31.44 -61.45
C PRO C 35 8.18 30.91 -60.21
N ILE C 36 8.28 29.58 -60.13
CA ILE C 36 9.03 28.96 -59.05
C ILE C 36 10.52 29.18 -59.30
N THR C 37 11.22 29.68 -58.30
CA THR C 37 12.67 29.84 -58.41
C THR C 37 13.34 28.47 -58.45
N LYS C 38 14.42 28.39 -59.22
CA LYS C 38 15.04 27.10 -59.44
C LYS C 38 15.85 26.66 -58.24
N ASN C 39 16.21 25.36 -58.26
CA ASN C 39 16.93 24.68 -57.18
C ASN C 39 16.17 24.75 -55.86
N THR C 40 14.85 24.67 -55.94
CA THR C 40 13.98 24.72 -54.77
C THR C 40 13.41 23.34 -54.51
N LYS C 41 13.55 22.88 -53.28
CA LYS C 41 13.11 21.53 -52.90
C LYS C 41 11.59 21.46 -52.91
N LEU C 42 11.04 20.52 -53.67
CA LEU C 42 9.60 20.36 -53.81
C LEU C 42 9.21 18.91 -53.60
N SER C 43 8.16 18.70 -52.80
CA SER C 43 7.58 17.38 -52.63
C SER C 43 6.87 16.95 -53.91
N LEU C 44 7.23 15.78 -54.44
CA LEU C 44 6.69 15.34 -55.72
C LEU C 44 5.98 14.00 -55.58
N PRO C 45 4.75 13.87 -56.05
CA PRO C 45 4.14 12.55 -56.19
C PRO C 45 4.79 11.75 -57.29
N LEU C 46 4.54 10.44 -57.27
CA LEU C 46 5.21 9.50 -58.17
C LEU C 46 4.84 9.69 -59.62
N TRP C 47 3.58 10.03 -59.92
CA TRP C 47 3.07 9.86 -61.27
C TRP C 47 3.67 10.86 -62.24
N LEU C 48 3.71 12.13 -61.86
CA LEU C 48 4.34 13.11 -62.73
C LEU C 48 5.85 12.97 -62.68
N ALA C 49 6.42 12.75 -61.49
CA ALA C 49 7.86 12.82 -61.32
C ALA C 49 8.58 11.62 -61.91
N ARG C 50 7.88 10.53 -62.16
CA ARG C 50 8.52 9.39 -62.81
C ARG C 50 8.87 9.72 -64.25
N ILE C 51 8.01 10.47 -64.94
CA ILE C 51 8.29 10.83 -66.32
C ILE C 51 8.85 12.24 -66.45
N LEU C 52 8.73 13.09 -65.42
CA LEU C 52 9.28 14.42 -65.52
C LEU C 52 10.79 14.44 -65.38
N ALA C 53 11.38 13.36 -64.86
CA ALA C 53 12.82 13.18 -64.87
C ALA C 53 13.30 12.52 -66.15
N ILE C 54 12.45 12.43 -67.16
CA ILE C 54 12.79 11.81 -68.44
C ILE C 54 12.76 12.85 -69.56
N VAL C 55 11.70 13.64 -69.64
CA VAL C 55 11.54 14.59 -70.72
C VAL C 55 12.42 15.79 -70.47
N GLY C 56 13.25 16.13 -71.46
CA GLY C 56 14.10 17.31 -71.38
C GLY C 56 13.42 18.56 -71.90
N PRO C 66 16.80 16.05 -73.39
CA PRO C 66 18.17 16.00 -72.89
C PRO C 66 18.25 16.26 -71.39
N VAL C 67 18.62 17.48 -71.02
CA VAL C 67 18.64 17.88 -69.62
C VAL C 67 17.21 18.06 -69.16
N PRO C 68 16.72 17.24 -68.22
CA PRO C 68 15.32 17.33 -67.82
C PRO C 68 15.06 18.53 -66.93
N PHE C 69 13.78 18.76 -66.65
CA PHE C 69 13.40 19.87 -65.80
C PHE C 69 13.78 19.59 -64.35
N VAL C 70 13.24 18.52 -63.79
CA VAL C 70 13.41 18.26 -62.37
C VAL C 70 14.77 17.66 -62.09
N GLU C 71 15.14 17.63 -60.82
CA GLU C 71 16.37 17.03 -60.35
C GLU C 71 15.99 15.91 -59.39
N LEU C 72 16.46 14.70 -59.67
CA LEU C 72 16.16 13.57 -58.80
C LEU C 72 17.00 13.67 -57.53
N LEU C 73 16.37 14.05 -56.43
CA LEU C 73 17.06 14.06 -55.16
C LEU C 73 16.72 12.78 -54.43
N PRO C 74 17.67 11.87 -54.24
CA PRO C 74 17.35 10.56 -53.66
C PRO C 74 17.07 10.65 -52.17
N PRO C 75 15.95 10.10 -51.72
CA PRO C 75 15.71 10.02 -50.27
C PRO C 75 16.63 8.98 -49.65
N ASP C 76 17.89 9.39 -49.42
CA ASP C 76 19.00 8.48 -49.14
C ASP C 76 18.89 7.79 -47.77
N MET C 77 17.92 8.17 -46.95
CA MET C 77 17.52 7.32 -45.84
C MET C 77 16.92 6.00 -46.32
N PHE C 78 16.40 5.94 -47.54
CA PHE C 78 16.14 4.67 -48.21
C PHE C 78 17.36 4.14 -48.95
N SER C 79 18.54 4.68 -48.69
CA SER C 79 19.74 4.22 -49.38
C SER C 79 20.96 4.01 -48.50
N THR C 80 21.08 4.63 -47.33
CA THR C 80 22.21 4.31 -46.47
C THR C 80 21.84 3.98 -45.03
N LYS C 81 20.80 4.61 -44.49
CA LYS C 81 20.51 4.46 -43.08
C LYS C 81 19.81 3.15 -42.77
N VAL C 82 19.06 2.62 -43.73
CA VAL C 82 18.36 1.37 -43.52
C VAL C 82 18.96 0.23 -44.33
N MET C 83 19.85 0.51 -45.27
CA MET C 83 20.42 -0.57 -46.07
C MET C 83 21.35 -1.44 -45.25
N ASN C 84 21.95 -0.87 -44.21
CA ASN C 84 22.72 -1.67 -43.28
C ASN C 84 21.82 -2.31 -42.24
N ALA C 85 20.71 -1.65 -41.90
CA ALA C 85 19.77 -2.23 -40.94
C ALA C 85 19.08 -3.45 -41.53
N ILE C 86 18.76 -3.41 -42.82
CA ILE C 86 18.25 -4.62 -43.47
C ILE C 86 19.36 -5.61 -43.78
N LYS C 87 20.62 -5.18 -43.72
CA LYS C 87 21.71 -6.12 -43.89
C LYS C 87 21.93 -6.94 -42.64
N THR C 88 21.46 -6.47 -41.48
CA THR C 88 21.83 -7.10 -40.22
C THR C 88 21.02 -8.37 -39.96
N ASP C 89 19.73 -8.22 -39.68
CA ASP C 89 18.91 -9.32 -39.14
C ASP C 89 17.50 -9.19 -39.69
N PRO C 90 17.19 -9.88 -40.77
CA PRO C 90 15.87 -9.72 -41.37
C PRO C 90 14.82 -10.62 -40.74
N VAL C 91 14.79 -10.71 -39.41
CA VAL C 91 13.77 -11.48 -38.72
C VAL C 91 12.80 -10.60 -37.96
N ALA C 92 13.18 -9.36 -37.65
CA ALA C 92 12.28 -8.38 -37.04
C ALA C 92 12.85 -7.03 -37.39
N LEU C 93 12.20 -6.31 -38.30
CA LEU C 93 12.78 -5.08 -38.82
C LEU C 93 11.68 -4.14 -39.27
N ASP C 94 11.99 -2.86 -39.28
CA ASP C 94 11.08 -1.88 -39.86
C ASP C 94 11.17 -1.96 -41.37
N LEU C 95 10.29 -2.76 -41.98
CA LEU C 95 10.03 -2.63 -43.39
C LEU C 95 8.88 -1.68 -43.66
N HIS C 96 8.29 -1.13 -42.61
CA HIS C 96 6.92 -0.65 -42.65
C HIS C 96 6.77 0.82 -42.34
N SER C 97 7.37 1.32 -41.27
CA SER C 97 7.17 2.71 -40.91
C SER C 97 7.93 3.65 -41.82
N ILE C 98 8.91 3.13 -42.56
CA ILE C 98 9.59 3.95 -43.55
C ILE C 98 8.90 3.87 -44.91
N ASN C 99 8.27 2.74 -45.23
CA ASN C 99 7.52 2.60 -46.47
C ASN C 99 6.28 1.78 -46.18
N SER C 100 5.10 2.37 -46.41
CA SER C 100 3.88 1.59 -46.31
C SER C 100 3.80 0.56 -47.44
N HIS C 101 4.53 0.77 -48.52
CA HIS C 101 4.80 -0.27 -49.51
C HIS C 101 6.28 -0.21 -49.80
N PHE C 102 7.01 -1.22 -49.33
CA PHE C 102 8.43 -1.25 -49.67
C PHE C 102 8.64 -1.70 -51.10
N PHE C 103 7.71 -2.48 -51.64
CA PHE C 103 8.05 -3.38 -52.74
C PHE C 103 8.06 -2.65 -54.09
N SER C 104 6.90 -2.13 -54.50
CA SER C 104 6.81 -1.49 -55.79
C SER C 104 7.55 -0.16 -55.80
N LEU C 105 7.69 0.46 -54.64
CA LEU C 105 8.56 1.63 -54.53
C LEU C 105 10.00 1.24 -54.78
N ALA C 106 10.40 0.05 -54.37
CA ALA C 106 11.73 -0.42 -54.74
C ALA C 106 11.80 -0.81 -56.20
N ILE C 107 10.68 -1.23 -56.78
CA ILE C 107 10.66 -1.62 -58.19
C ILE C 107 10.79 -0.39 -59.08
N LYS C 108 9.91 0.59 -58.89
CA LYS C 108 9.90 1.73 -59.79
C LYS C 108 11.04 2.70 -59.52
N TRP C 109 11.72 2.57 -58.39
CA TRP C 109 12.99 3.26 -58.22
C TRP C 109 14.03 2.70 -59.17
N ILE C 110 14.14 1.38 -59.22
CA ILE C 110 15.27 0.75 -59.89
C ILE C 110 15.14 0.74 -61.40
N MET C 111 13.98 1.12 -61.93
CA MET C 111 13.87 1.23 -63.38
C MET C 111 14.58 2.48 -63.88
N LEU C 112 14.27 3.63 -63.28
CA LEU C 112 14.83 4.89 -63.78
C LEU C 112 16.29 5.03 -63.41
N PHE C 113 16.71 4.52 -62.26
CA PHE C 113 18.05 4.77 -61.76
C PHE C 113 19.02 3.66 -62.11
N SER C 114 18.55 2.41 -62.07
CA SER C 114 19.28 1.19 -62.48
C SER C 114 20.61 1.05 -61.75
N GLU C 115 20.53 0.88 -60.44
CA GLU C 115 21.71 0.64 -59.61
C GLU C 115 21.74 -0.82 -59.19
N LYS C 116 22.78 -1.53 -59.63
CA LYS C 116 22.90 -2.95 -59.32
C LYS C 116 23.39 -3.22 -57.91
N GLU C 117 23.74 -2.19 -57.14
CA GLU C 117 24.21 -2.41 -55.77
C GLU C 117 23.09 -2.88 -54.87
N LEU C 118 22.04 -2.09 -54.74
CA LEU C 118 20.91 -2.50 -53.91
C LEU C 118 20.00 -3.49 -54.61
N ALA C 119 20.25 -3.80 -55.88
CA ALA C 119 19.53 -4.89 -56.53
C ALA C 119 19.89 -6.24 -55.93
N ASN C 120 21.06 -6.36 -55.33
CA ASN C 120 21.39 -7.58 -54.60
C ASN C 120 20.75 -7.58 -53.21
N VAL C 121 20.67 -6.44 -52.55
CA VAL C 121 20.40 -6.42 -51.11
C VAL C 121 18.96 -6.68 -50.75
N VAL C 122 18.03 -6.62 -51.70
CA VAL C 122 16.68 -7.08 -51.43
C VAL C 122 16.45 -8.49 -51.92
N SER C 123 17.33 -9.00 -52.80
CA SER C 123 17.23 -10.39 -53.20
C SER C 123 17.63 -11.32 -52.07
N GLU C 124 18.46 -10.84 -51.14
CA GLU C 124 18.70 -11.60 -49.94
C GLU C 124 17.56 -11.44 -48.95
N LEU C 125 16.88 -10.30 -48.97
CA LEU C 125 15.88 -9.99 -47.96
C LEU C 125 14.65 -10.86 -48.12
N LEU C 126 14.16 -11.01 -49.34
CA LEU C 126 12.81 -11.54 -49.55
C LEU C 126 12.73 -13.03 -49.28
N LEU C 127 13.78 -13.78 -49.62
CA LEU C 127 13.78 -15.19 -49.26
C LEU C 127 13.89 -15.38 -47.75
N GLN C 128 14.64 -14.51 -47.08
CA GLN C 128 14.78 -14.62 -45.64
C GLN C 128 13.50 -14.22 -44.93
N ARG C 129 12.82 -13.20 -45.44
CA ARG C 129 11.56 -12.79 -44.84
C ARG C 129 10.49 -13.82 -45.09
N ALA C 130 10.46 -14.41 -46.29
CA ALA C 130 9.51 -15.48 -46.55
C ALA C 130 9.87 -16.76 -45.83
N GLN C 131 11.13 -16.90 -45.39
CA GLN C 131 11.51 -18.07 -44.62
C GLN C 131 10.79 -18.13 -43.29
N GLU C 132 10.43 -16.98 -42.73
CA GLU C 132 9.46 -16.97 -41.65
C GLU C 132 8.12 -17.48 -42.14
N LEU C 133 7.59 -16.85 -43.19
CA LEU C 133 6.17 -16.87 -43.48
C LEU C 133 5.66 -18.22 -43.92
N ASN C 134 6.52 -19.09 -44.43
CA ASN C 134 6.11 -20.47 -44.62
C ASN C 134 5.97 -21.17 -43.28
N HIS C 135 7.07 -21.24 -42.54
CA HIS C 135 7.10 -22.04 -41.33
C HIS C 135 6.51 -21.32 -40.12
N HIS C 136 5.93 -20.14 -40.33
CA HIS C 136 5.09 -19.47 -39.36
C HIS C 136 3.62 -19.58 -39.69
N ALA C 137 3.25 -20.47 -40.61
CA ALA C 137 1.90 -20.53 -41.14
C ALA C 137 1.33 -21.92 -40.99
N SER C 138 1.43 -22.49 -39.80
CA SER C 138 0.78 -23.76 -39.52
C SER C 138 -0.11 -23.60 -38.29
N SER C 139 -1.31 -24.15 -38.39
CA SER C 139 -2.31 -24.01 -37.33
C SER C 139 -3.04 -25.32 -37.08
N THR C 160 0.06 -3.09 -31.17
CA THR C 160 -1.13 -3.23 -30.34
C THR C 160 -1.36 -2.01 -29.46
N SER C 161 -0.55 -0.97 -29.65
CA SER C 161 -0.67 0.26 -28.87
C SER C 161 -1.13 1.44 -29.72
N THR C 162 -0.38 1.80 -30.75
CA THR C 162 -0.88 2.77 -31.73
C THR C 162 -0.68 2.23 -33.13
N PHE C 163 0.47 1.60 -33.37
CA PHE C 163 0.84 1.14 -34.69
C PHE C 163 1.48 -0.25 -34.67
N LEU C 164 1.78 -0.78 -33.49
CA LEU C 164 2.81 -1.80 -33.30
C LEU C 164 2.52 -3.20 -33.85
N LEU C 165 1.43 -3.38 -34.59
CA LEU C 165 1.28 -4.60 -35.40
C LEU C 165 2.14 -4.54 -36.65
N LYS C 166 2.62 -3.35 -37.01
CA LYS C 166 3.16 -3.00 -38.33
C LYS C 166 4.36 -3.85 -38.76
N LEU C 167 4.99 -4.58 -37.84
CA LEU C 167 5.93 -5.64 -38.21
C LEU C 167 5.29 -6.67 -39.14
N GLU C 168 3.99 -6.90 -38.97
CA GLU C 168 3.21 -7.75 -39.86
C GLU C 168 2.31 -6.96 -40.79
N GLU C 169 2.79 -5.85 -41.36
CA GLU C 169 1.92 -4.98 -42.18
C GLU C 169 2.06 -5.21 -43.68
N MET C 170 3.28 -5.33 -44.21
CA MET C 170 3.46 -5.45 -45.66
C MET C 170 3.65 -6.92 -46.05
N GLU C 171 2.87 -7.76 -45.40
CA GLU C 171 2.87 -9.20 -45.62
C GLU C 171 1.47 -9.73 -45.90
N LYS C 172 0.48 -8.84 -46.03
CA LYS C 172 -0.92 -9.25 -45.92
C LYS C 172 -1.39 -10.03 -47.16
N GLU C 173 -1.15 -9.49 -48.35
CA GLU C 173 -1.43 -10.25 -49.56
C GLU C 173 -0.47 -11.41 -49.74
N ILE C 174 0.70 -11.34 -49.10
CA ILE C 174 1.79 -12.26 -49.38
C ILE C 174 1.48 -13.66 -48.88
N TYR C 175 0.91 -13.79 -47.68
CA TYR C 175 0.76 -15.10 -47.08
C TYR C 175 -0.67 -15.51 -46.78
N LYS C 176 -1.60 -14.56 -46.74
CA LYS C 176 -2.92 -14.87 -46.21
C LYS C 176 -3.70 -15.79 -47.13
N LYS C 177 -3.48 -15.70 -48.44
CA LYS C 177 -4.12 -16.68 -49.31
C LYS C 177 -3.45 -18.04 -49.22
N SER C 178 -2.18 -18.10 -48.81
CA SER C 178 -1.59 -19.38 -48.49
C SER C 178 -2.09 -19.92 -47.17
N HIS C 179 -2.59 -19.04 -46.30
CA HIS C 179 -3.12 -19.50 -45.01
C HIS C 179 -4.42 -20.25 -45.19
N GLU C 180 -5.21 -19.88 -46.19
CA GLU C 180 -6.45 -20.60 -46.43
C GLU C 180 -6.21 -21.92 -47.13
N SER C 181 -5.02 -22.11 -47.71
CA SER C 181 -4.69 -23.40 -48.28
C SER C 181 -4.52 -24.44 -47.19
N TYR C 182 -3.71 -24.14 -46.17
CA TYR C 182 -3.47 -25.10 -45.11
C TYR C 182 -4.68 -25.27 -44.21
N LYS C 183 -5.58 -24.28 -44.17
CA LYS C 183 -6.76 -24.40 -43.33
C LYS C 183 -7.71 -25.46 -43.87
N ASP C 184 -8.11 -25.35 -45.13
CA ASP C 184 -9.10 -26.26 -45.66
C ASP C 184 -8.53 -27.64 -45.93
N THR C 185 -7.23 -27.75 -46.16
CA THR C 185 -6.63 -29.04 -46.46
C THR C 185 -6.63 -29.95 -45.25
N LYS C 186 -6.60 -29.38 -44.06
CA LYS C 186 -6.83 -30.20 -42.88
C LYS C 186 -8.29 -30.64 -42.81
N ARG C 187 -9.21 -29.75 -43.21
CA ARG C 187 -10.62 -30.00 -42.97
C ARG C 187 -11.16 -31.10 -43.87
N TRP C 188 -10.57 -31.29 -45.05
CA TRP C 188 -10.91 -32.48 -45.79
C TRP C 188 -10.20 -33.70 -45.21
N MET C 189 -8.96 -33.51 -44.73
CA MET C 189 -8.16 -34.64 -44.29
C MET C 189 -8.70 -35.24 -43.00
N PHE C 190 -9.36 -34.45 -42.17
CA PHE C 190 -10.04 -35.01 -41.02
C PHE C 190 -11.49 -35.29 -41.39
N LYS C 191 -12.33 -35.53 -40.40
CA LYS C 191 -13.73 -35.89 -40.62
C LYS C 191 -14.54 -34.78 -41.27
N VAL D 52 -9.41 -44.74 -80.81
CA VAL D 52 -10.62 -43.93 -80.66
C VAL D 52 -11.61 -44.60 -79.71
N SER D 53 -11.07 -45.41 -78.81
CA SER D 53 -11.90 -46.05 -77.79
C SER D 53 -12.36 -45.01 -76.77
N PRO D 54 -13.55 -45.19 -76.19
CA PRO D 54 -14.09 -44.16 -75.27
C PRO D 54 -13.28 -43.96 -73.99
N GLN D 55 -12.53 -44.98 -73.55
CA GLN D 55 -11.56 -44.74 -72.48
C GLN D 55 -10.43 -43.86 -72.97
N GLN D 56 -9.93 -44.11 -74.18
CA GLN D 56 -8.93 -43.22 -74.77
C GLN D 56 -9.52 -41.86 -75.09
N ASP D 57 -10.80 -41.80 -75.46
CA ASP D 57 -11.48 -40.56 -75.77
C ASP D 57 -11.95 -39.81 -74.52
N PHE D 58 -11.48 -40.18 -73.35
CA PHE D 58 -11.78 -39.46 -72.12
C PHE D 58 -10.54 -39.07 -71.34
N SER D 59 -9.51 -39.92 -71.33
CA SER D 59 -8.30 -39.62 -70.57
C SER D 59 -7.53 -38.46 -71.18
N ASP D 60 -7.68 -38.28 -72.50
CA ASP D 60 -7.12 -37.10 -73.15
C ASP D 60 -7.85 -35.84 -72.72
N LEU D 61 -9.16 -35.94 -72.48
CA LEU D 61 -9.94 -34.79 -72.05
C LEU D 61 -9.52 -34.31 -70.67
N MET D 62 -9.31 -35.25 -69.74
CA MET D 62 -8.89 -34.92 -68.39
C MET D 62 -7.52 -34.27 -68.38
N LYS D 63 -6.61 -34.78 -69.21
CA LYS D 63 -5.30 -34.15 -69.35
C LYS D 63 -5.40 -32.77 -69.96
N SER D 64 -6.31 -32.59 -70.91
CA SER D 64 -6.54 -31.29 -71.53
C SER D 64 -7.56 -30.45 -70.78
N TRP D 65 -7.73 -30.70 -69.49
CA TRP D 65 -8.46 -29.81 -68.59
C TRP D 65 -7.61 -29.29 -67.46
N LYS D 66 -6.83 -30.18 -66.85
CA LYS D 66 -5.97 -29.81 -65.73
C LYS D 66 -4.87 -28.84 -66.15
N ASN D 67 -4.37 -28.99 -67.38
CA ASN D 67 -3.32 -28.12 -67.89
C ASN D 67 -3.79 -26.68 -68.03
N GLU D 68 -5.07 -26.47 -68.27
CA GLU D 68 -5.60 -25.12 -68.37
C GLU D 68 -5.63 -24.44 -67.01
N ARG D 69 -5.89 -25.21 -65.96
CA ARG D 69 -6.32 -24.65 -64.68
C ARG D 69 -5.22 -23.92 -63.93
N CYS D 70 -4.00 -23.88 -64.44
CA CYS D 70 -2.96 -23.01 -63.92
C CYS D 70 -2.22 -22.33 -65.06
N SER D 71 -2.87 -22.18 -66.19
CA SER D 71 -2.20 -21.57 -67.33
C SER D 71 -2.23 -20.05 -67.22
N PRO D 72 -1.18 -19.36 -67.65
CA PRO D 72 -1.21 -17.90 -67.66
C PRO D 72 -1.99 -17.35 -68.83
N GLU D 73 -1.96 -18.04 -69.97
CA GLU D 73 -2.60 -17.54 -71.18
C GLU D 73 -3.36 -18.67 -71.86
N LEU D 74 -4.16 -18.30 -72.84
CA LEU D 74 -5.11 -19.21 -73.45
C LEU D 74 -4.42 -20.25 -74.31
N LEU D 75 -5.12 -21.35 -74.54
CA LEU D 75 -4.69 -22.46 -75.39
C LEU D 75 -5.76 -22.69 -76.44
N PRO D 76 -5.39 -23.30 -77.57
CA PRO D 76 -6.39 -23.63 -78.60
C PRO D 76 -7.42 -24.64 -78.10
N TYR D 77 -8.67 -24.21 -78.11
CA TYR D 77 -9.80 -25.01 -77.68
C TYR D 77 -10.03 -26.18 -78.63
N PRO D 78 -9.73 -27.40 -78.23
CA PRO D 78 -9.81 -28.54 -79.16
C PRO D 78 -11.25 -28.99 -79.40
N HIS D 79 -11.90 -28.27 -80.31
CA HIS D 79 -13.31 -28.47 -80.61
C HIS D 79 -13.59 -29.79 -81.32
N GLN D 80 -12.58 -30.36 -81.99
CA GLN D 80 -12.81 -31.53 -82.83
C GLN D 80 -13.12 -32.76 -81.98
N LEU D 81 -12.35 -32.98 -80.93
CA LEU D 81 -12.61 -34.08 -80.02
C LEU D 81 -13.87 -33.88 -79.20
N MET D 82 -14.29 -32.63 -79.00
CA MET D 82 -15.50 -32.35 -78.23
C MET D 82 -16.74 -32.81 -78.99
N LYS D 83 -16.78 -32.54 -80.29
CA LYS D 83 -17.91 -32.97 -81.11
C LYS D 83 -17.96 -34.48 -81.27
N ARG D 84 -16.84 -35.18 -81.06
CA ARG D 84 -16.88 -36.63 -81.08
C ARG D 84 -17.59 -37.19 -79.85
N LEU D 85 -17.67 -36.40 -78.78
CA LEU D 85 -18.36 -36.81 -77.57
C LEU D 85 -19.57 -35.96 -77.24
N LEU D 86 -19.79 -34.86 -77.95
CA LEU D 86 -21.01 -34.08 -77.78
C LEU D 86 -22.24 -34.87 -78.22
N ASN D 87 -22.06 -35.78 -79.17
CA ASN D 87 -23.12 -36.72 -79.51
C ASN D 87 -23.29 -37.77 -78.42
N ARG D 88 -22.19 -38.16 -77.77
CA ARG D 88 -22.21 -39.31 -76.86
C ARG D 88 -22.98 -39.00 -75.59
N ILE D 89 -22.87 -37.78 -75.09
CA ILE D 89 -23.60 -37.40 -73.89
C ILE D 89 -25.10 -37.32 -74.14
N SER D 90 -25.50 -37.03 -75.37
CA SER D 90 -26.92 -37.11 -75.71
C SER D 90 -27.38 -38.56 -75.86
N MET D 91 -26.52 -39.43 -76.36
CA MET D 91 -26.94 -40.79 -76.70
C MET D 91 -27.15 -41.63 -75.46
N GLN D 92 -26.19 -41.59 -74.53
CA GLN D 92 -26.27 -42.46 -73.37
C GLN D 92 -27.33 -41.99 -72.38
N SER D 93 -27.67 -40.70 -72.41
CA SER D 93 -28.85 -40.24 -71.71
C SER D 93 -30.10 -40.83 -72.34
N GLN D 94 -30.14 -40.90 -73.67
CA GLN D 94 -31.27 -41.49 -74.36
C GLN D 94 -31.28 -43.00 -74.22
N LEU D 95 -30.11 -43.61 -74.03
CA LEU D 95 -30.04 -45.06 -73.82
C LEU D 95 -30.67 -45.43 -72.49
N ILE D 96 -30.32 -44.70 -71.43
CA ILE D 96 -30.93 -44.95 -70.12
C ILE D 96 -32.31 -44.33 -69.98
N GLU D 97 -32.75 -43.56 -70.98
CA GLU D 97 -34.07 -42.97 -70.93
C GLU D 97 -35.15 -44.04 -71.03
N ASN D 98 -35.09 -44.85 -72.09
CA ASN D 98 -36.14 -45.84 -72.31
C ASN D 98 -35.87 -47.15 -71.59
N ILE D 99 -34.60 -47.45 -71.29
CA ILE D 99 -34.29 -48.74 -70.69
C ILE D 99 -34.67 -48.77 -69.22
N SER D 100 -34.87 -47.60 -68.60
CA SER D 100 -35.50 -47.58 -67.30
C SER D 100 -37.00 -47.85 -67.41
N MET D 101 -37.61 -47.42 -68.51
CA MET D 101 -39.05 -47.57 -68.68
C MET D 101 -39.46 -49.02 -68.89
N GLY D 102 -38.55 -49.85 -69.42
CA GLY D 102 -38.81 -51.27 -69.46
C GLY D 102 -38.82 -51.90 -68.09
N PHE D 103 -38.03 -51.35 -67.15
CA PHE D 103 -38.07 -51.81 -65.77
C PHE D 103 -39.31 -51.33 -65.03
N LEU D 104 -39.92 -50.23 -65.49
CA LEU D 104 -41.20 -49.82 -64.93
C LEU D 104 -42.32 -50.76 -65.35
N ASP D 105 -42.30 -51.22 -66.60
CA ASP D 105 -43.39 -52.04 -67.13
C ASP D 105 -43.25 -53.52 -66.81
N MET D 106 -42.18 -53.94 -66.14
CA MET D 106 -42.09 -55.32 -65.70
C MET D 106 -42.83 -55.56 -64.39
N GLN D 107 -43.20 -54.50 -63.67
CA GLN D 107 -43.94 -54.63 -62.42
C GLN D 107 -45.42 -54.32 -62.65
N ASN D 108 -46.10 -55.31 -63.25
CA ASN D 108 -47.53 -55.30 -63.55
C ASN D 108 -47.97 -54.10 -64.38
N GLU D 119 -36.24 -56.31 -59.80
CA GLU D 119 -35.22 -57.10 -59.13
C GLU D 119 -33.92 -56.31 -58.99
N SER D 120 -33.28 -56.07 -60.13
CA SER D 120 -31.94 -55.51 -60.14
C SER D 120 -31.97 -54.01 -59.86
N LYS D 121 -31.19 -53.58 -58.88
CA LYS D 121 -31.02 -52.18 -58.58
C LYS D 121 -29.63 -51.67 -58.89
N LEU D 122 -28.65 -52.57 -59.08
CA LEU D 122 -27.31 -52.18 -59.51
C LEU D 122 -27.26 -51.46 -60.86
N PRO D 123 -27.69 -52.06 -61.99
CA PRO D 123 -27.23 -51.53 -63.29
C PRO D 123 -27.87 -50.21 -63.69
N LEU D 124 -28.86 -49.73 -62.95
CA LEU D 124 -29.38 -48.40 -63.20
C LEU D 124 -28.55 -47.34 -62.49
N LEU D 125 -28.10 -47.63 -61.27
CA LEU D 125 -27.47 -46.60 -60.45
C LEU D 125 -26.08 -46.23 -60.97
N CYS D 126 -25.34 -47.21 -61.48
CA CYS D 126 -24.01 -46.94 -61.99
C CYS D 126 -24.05 -46.13 -63.26
N MET D 127 -25.09 -46.31 -64.08
CA MET D 127 -25.20 -45.54 -65.31
C MET D 127 -25.55 -44.09 -65.03
N GLU D 128 -26.41 -43.85 -64.03
CA GLU D 128 -26.93 -42.51 -63.80
C GLU D 128 -25.86 -41.58 -63.23
N THR D 129 -25.05 -42.07 -62.31
CA THR D 129 -24.04 -41.22 -61.70
C THR D 129 -22.84 -41.00 -62.61
N GLU D 130 -22.60 -41.90 -63.56
CA GLU D 130 -21.36 -41.84 -64.33
C GLU D 130 -21.37 -40.70 -65.31
N LEU D 131 -22.41 -40.61 -66.14
CA LEU D 131 -22.39 -39.66 -67.25
C LEU D 131 -22.55 -38.23 -66.76
N GLU D 132 -23.21 -38.03 -65.62
CA GLU D 132 -23.28 -36.69 -65.06
C GLU D 132 -21.95 -36.29 -64.43
N ARG D 133 -21.19 -37.27 -63.94
CA ARG D 133 -19.86 -36.98 -63.44
C ARG D 133 -18.95 -36.55 -64.58
N LEU D 134 -19.07 -37.20 -65.74
CA LEU D 134 -18.37 -36.74 -66.92
C LEU D 134 -18.93 -35.42 -67.40
N LYS D 135 -20.22 -35.19 -67.18
CA LYS D 135 -20.82 -33.90 -67.51
C LYS D 135 -20.31 -32.81 -66.59
N PHE D 136 -19.90 -33.17 -65.37
CA PHE D 136 -19.39 -32.18 -64.42
C PHE D 136 -18.06 -31.61 -64.89
N VAL D 137 -17.25 -32.40 -65.59
CA VAL D 137 -15.91 -31.96 -65.98
C VAL D 137 -16.00 -30.84 -67.01
N ILE D 138 -16.86 -31.00 -68.03
CA ILE D 138 -17.02 -29.94 -69.00
C ILE D 138 -17.83 -28.78 -68.47
N ARG D 139 -18.50 -28.94 -67.33
CA ARG D 139 -19.16 -27.81 -66.70
C ARG D 139 -18.13 -26.81 -66.18
N SER D 140 -17.08 -27.31 -65.55
CA SER D 140 -16.01 -26.42 -65.13
C SER D 140 -15.16 -25.96 -66.31
N TYR D 141 -15.03 -26.81 -67.33
CA TYR D 141 -14.05 -26.57 -68.39
C TYR D 141 -14.45 -25.41 -69.28
N ILE D 142 -15.74 -25.13 -69.41
CA ILE D 142 -16.13 -24.00 -70.22
C ILE D 142 -16.34 -22.73 -69.41
N ARG D 143 -16.47 -22.84 -68.09
CA ARG D 143 -16.61 -21.64 -67.29
C ARG D 143 -15.27 -20.95 -67.11
N CYS D 144 -14.19 -21.71 -67.03
CA CYS D 144 -12.88 -21.11 -66.87
C CYS D 144 -12.41 -20.43 -68.15
N ARG D 145 -12.95 -20.84 -69.30
CA ARG D 145 -12.75 -20.06 -70.52
C ARG D 145 -13.35 -18.68 -70.36
N LEU D 146 -14.60 -18.63 -69.87
CA LEU D 146 -15.23 -17.35 -69.58
C LEU D 146 -14.51 -16.61 -68.47
N SER D 147 -13.92 -17.34 -67.53
CA SER D 147 -13.16 -16.72 -66.46
C SER D 147 -11.82 -16.22 -66.93
N LYS D 148 -11.38 -16.62 -68.12
CA LYS D 148 -10.12 -16.14 -68.68
C LYS D 148 -10.33 -15.14 -69.80
N ILE D 149 -11.36 -15.33 -70.61
CA ILE D 149 -11.60 -14.47 -71.76
C ILE D 149 -12.10 -13.10 -71.35
N ASP D 150 -12.53 -12.94 -70.11
CA ASP D 150 -13.06 -11.67 -69.63
C ASP D 150 -11.96 -10.63 -69.50
N LYS D 151 -10.88 -10.95 -68.78
CA LYS D 151 -9.81 -9.99 -68.56
C LYS D 151 -9.01 -9.73 -69.81
N PHE D 152 -8.83 -10.74 -70.64
CA PHE D 152 -7.91 -10.70 -71.75
C PHE D 152 -8.48 -10.00 -72.98
N SER D 153 -9.66 -9.38 -72.83
CA SER D 153 -10.46 -8.97 -73.98
C SER D 153 -9.78 -7.90 -74.81
N LEU D 154 -9.21 -6.90 -74.16
CA LEU D 154 -8.55 -5.81 -74.89
C LEU D 154 -7.28 -6.29 -75.56
N TYR D 155 -6.64 -7.32 -75.01
CA TYR D 155 -5.45 -7.85 -75.66
C TYR D 155 -5.82 -8.65 -76.89
N LEU D 156 -6.83 -9.51 -76.79
CA LEU D 156 -7.12 -10.44 -77.88
C LEU D 156 -7.74 -9.72 -79.07
N ARG D 157 -8.52 -8.66 -78.84
CA ARG D 157 -9.01 -7.87 -79.95
C ARG D 157 -7.87 -7.14 -80.62
N GLN D 158 -6.86 -6.75 -79.84
CA GLN D 158 -5.67 -6.15 -80.42
C GLN D 158 -4.85 -7.18 -81.18
N LEU D 159 -4.97 -8.44 -80.80
CA LEU D 159 -4.42 -9.50 -81.63
C LEU D 159 -5.32 -9.77 -82.83
N ASN D 160 -6.59 -9.39 -82.73
CA ASN D 160 -7.53 -9.68 -83.81
C ASN D 160 -7.84 -8.47 -84.69
N GLU D 161 -7.49 -7.25 -84.26
CA GLU D 161 -7.79 -6.09 -85.09
C GLU D 161 -6.88 -6.03 -86.31
N ASP D 162 -5.57 -5.87 -86.09
CA ASP D 162 -4.66 -5.88 -87.22
C ASP D 162 -4.26 -7.32 -87.55
N GLU D 163 -3.93 -7.52 -88.82
CA GLU D 163 -3.61 -8.85 -89.31
C GLU D 163 -2.23 -9.25 -88.83
N ASN D 164 -2.11 -10.48 -88.34
CA ASN D 164 -0.91 -10.92 -87.66
C ASN D 164 -0.83 -12.45 -87.73
N SER D 165 0.03 -13.04 -86.91
CA SER D 165 0.35 -14.45 -87.02
C SER D 165 -0.78 -15.37 -86.55
N LEU D 166 -1.73 -14.86 -85.75
CA LEU D 166 -2.80 -15.69 -85.21
C LEU D 166 -4.14 -15.01 -85.41
N ILE D 167 -5.14 -15.80 -85.75
CA ILE D 167 -6.52 -15.35 -85.89
C ILE D 167 -7.34 -16.05 -84.82
N SER D 168 -8.40 -15.40 -84.33
CA SER D 168 -9.31 -16.04 -83.39
C SER D 168 -10.14 -17.07 -84.13
N LEU D 169 -9.59 -18.26 -84.30
CA LEU D 169 -10.11 -19.25 -85.23
C LEU D 169 -11.10 -20.16 -84.53
N THR D 170 -11.64 -21.12 -85.30
CA THR D 170 -12.57 -22.09 -84.77
C THR D 170 -11.90 -23.02 -83.76
N ASP D 171 -10.66 -23.41 -84.02
CA ASP D 171 -9.91 -24.24 -83.08
C ASP D 171 -9.35 -23.42 -81.93
N LEU D 172 -9.47 -22.09 -81.99
CA LEU D 172 -9.13 -21.22 -80.87
C LEU D 172 -10.32 -20.94 -79.97
N LEU D 173 -11.47 -20.58 -80.55
CA LEU D 173 -12.70 -20.32 -79.82
C LEU D 173 -13.88 -20.81 -80.63
N SER D 174 -14.87 -21.36 -79.94
CA SER D 174 -16.10 -21.83 -80.58
C SER D 174 -17.07 -20.68 -80.86
N LYS D 175 -18.32 -21.05 -81.13
CA LYS D 175 -19.32 -20.08 -81.58
C LYS D 175 -19.74 -19.12 -80.48
N ASP D 176 -20.15 -19.65 -79.33
CA ASP D 176 -20.92 -18.83 -78.40
C ASP D 176 -20.08 -17.86 -77.61
N GLU D 177 -18.80 -18.17 -77.37
CA GLU D 177 -18.01 -17.27 -76.53
C GLU D 177 -17.56 -16.03 -77.28
N ILE D 178 -17.34 -16.12 -78.59
CA ILE D 178 -17.07 -14.89 -79.34
C ILE D 178 -18.37 -14.16 -79.60
N LYS D 179 -19.50 -14.86 -79.58
CA LYS D 179 -20.78 -14.17 -79.46
C LYS D 179 -20.92 -13.52 -78.10
N TYR D 180 -20.38 -14.16 -77.07
CA TYR D 180 -20.38 -13.55 -75.75
C TYR D 180 -19.43 -12.36 -75.70
N HIS D 181 -18.22 -12.53 -76.26
CA HIS D 181 -17.14 -11.58 -76.05
C HIS D 181 -17.43 -10.23 -76.69
N ASP D 182 -17.91 -10.24 -77.94
CA ASP D 182 -18.17 -8.98 -78.62
C ASP D 182 -19.36 -8.26 -78.01
N THR D 183 -20.33 -9.00 -77.50
CA THR D 183 -21.48 -8.36 -76.86
C THR D 183 -21.13 -7.83 -75.47
N HIS D 184 -20.35 -8.58 -74.70
CA HIS D 184 -20.05 -8.15 -73.34
C HIS D 184 -19.08 -6.98 -73.33
N SER D 185 -18.10 -6.99 -74.25
CA SER D 185 -17.19 -5.87 -74.38
C SER D 185 -17.89 -4.62 -74.90
N LEU D 186 -19.00 -4.80 -75.62
CA LEU D 186 -19.82 -3.66 -76.03
C LEU D 186 -20.50 -3.04 -74.81
N ILE D 187 -21.19 -3.86 -74.02
CA ILE D 187 -22.00 -3.32 -72.92
C ILE D 187 -21.09 -2.85 -71.79
N TRP D 188 -19.87 -3.38 -71.70
CA TRP D 188 -18.87 -2.79 -70.82
C TRP D 188 -18.54 -1.38 -71.26
N LEU D 189 -18.43 -1.14 -72.56
CA LEU D 189 -18.08 0.18 -73.05
C LEU D 189 -19.22 1.16 -72.88
N LYS D 190 -20.45 0.67 -72.75
CA LYS D 190 -21.58 1.54 -72.56
C LYS D 190 -21.88 1.77 -71.08
N LEU D 191 -21.01 1.29 -70.19
CA LEU D 191 -21.03 1.69 -68.80
C LEU D 191 -20.06 2.81 -68.51
N VAL D 192 -18.85 2.72 -69.06
CA VAL D 192 -17.86 3.75 -68.82
C VAL D 192 -18.17 5.02 -69.60
N ASN D 193 -19.01 4.95 -70.64
CA ASN D 193 -19.16 6.09 -71.52
C ASN D 193 -20.12 7.13 -70.96
N ASP D 194 -21.38 6.74 -70.78
CA ASP D 194 -22.42 7.72 -70.46
C ASP D 194 -22.49 8.06 -68.98
N SER D 195 -21.97 7.21 -68.11
CA SER D 195 -22.00 7.48 -66.67
C SER D 195 -20.70 8.05 -66.15
N ILE D 196 -19.60 7.94 -66.89
CA ILE D 196 -18.31 8.37 -66.39
C ILE D 196 -17.65 9.33 -67.38
N LEU D 197 -17.56 8.92 -68.64
CA LEU D 197 -16.76 9.63 -69.63
C LEU D 197 -17.55 10.72 -70.37
N LYS D 198 -18.54 11.32 -69.70
CA LYS D 198 -19.16 12.52 -70.24
C LYS D 198 -18.16 13.65 -70.34
N TYR D 199 -17.32 13.81 -69.33
CA TYR D 199 -16.30 14.86 -69.33
C TYR D 199 -14.94 14.33 -69.76
N MET D 200 -14.92 13.40 -70.70
CA MET D 200 -13.67 12.86 -71.22
C MET D 200 -13.17 13.73 -72.35
N PRO D 201 -12.00 14.37 -72.21
CA PRO D 201 -11.49 15.23 -73.30
C PRO D 201 -10.93 14.41 -74.46
N GLU D 202 -10.37 15.09 -75.47
CA GLU D 202 -10.19 14.47 -76.77
C GLU D 202 -8.82 13.83 -76.97
N GLU D 203 -8.25 13.23 -75.92
CA GLU D 203 -7.12 12.35 -76.10
C GLU D 203 -7.31 11.02 -75.41
N LEU D 204 -8.43 10.83 -74.71
CA LEU D 204 -8.68 9.63 -73.92
C LEU D 204 -9.93 8.91 -74.41
N GLN D 205 -10.09 8.85 -75.73
CA GLN D 205 -11.31 8.29 -76.30
C GLN D 205 -11.27 6.76 -76.32
N ALA D 206 -10.32 6.19 -77.07
CA ALA D 206 -10.18 4.75 -77.15
C ALA D 206 -9.44 4.23 -75.93
N ILE D 207 -10.00 3.21 -75.31
CA ILE D 207 -9.41 2.68 -74.09
C ILE D 207 -8.30 1.71 -74.46
N ASN D 208 -7.10 2.25 -74.66
CA ASN D 208 -5.88 1.50 -74.89
C ASN D 208 -4.71 2.44 -74.65
N ASP D 209 -3.62 1.89 -74.15
CA ASP D 209 -2.50 2.72 -73.71
C ASP D 209 -1.72 3.27 -74.90
N THR D 210 -1.50 4.59 -74.87
CA THR D 210 -0.47 5.17 -75.73
C THR D 210 0.90 5.05 -75.05
N GLU D 211 1.06 5.69 -73.91
CA GLU D 211 2.31 5.71 -73.16
C GLU D 211 2.00 6.14 -71.74
N GLY D 212 3.04 6.19 -70.91
CA GLY D 212 2.86 6.52 -69.51
C GLY D 212 2.68 5.28 -68.66
N SER D 213 1.43 4.96 -68.34
CA SER D 213 1.11 3.77 -67.56
C SER D 213 0.58 2.72 -68.53
N VAL D 214 1.41 1.75 -68.87
CA VAL D 214 1.03 0.72 -69.85
C VAL D 214 0.42 -0.43 -69.05
N ASN D 215 -0.88 -0.31 -68.78
CA ASN D 215 -1.62 -1.41 -68.19
C ASN D 215 -2.99 -1.62 -68.83
N MET D 216 -3.36 -0.83 -69.83
CA MET D 216 -4.59 -1.06 -70.58
C MET D 216 -4.36 -1.91 -71.83
N ILE D 217 -3.37 -2.79 -71.81
CA ILE D 217 -2.92 -3.49 -73.01
C ILE D 217 -3.07 -5.00 -72.86
N ASP D 218 -2.34 -5.61 -71.93
CA ASP D 218 -2.01 -7.02 -72.01
C ASP D 218 -2.16 -7.67 -70.64
N GLU D 219 -1.96 -8.99 -70.64
CA GLU D 219 -1.54 -9.75 -69.47
C GLU D 219 -0.17 -10.31 -69.81
N PRO D 220 0.90 -9.56 -69.61
CA PRO D 220 2.25 -10.10 -69.83
C PRO D 220 2.81 -10.76 -68.57
N ASP D 221 2.12 -11.79 -68.09
CA ASP D 221 2.53 -12.58 -66.95
C ASP D 221 3.41 -13.75 -67.36
N TRP D 222 4.17 -13.58 -68.44
CA TRP D 222 4.64 -14.67 -69.28
C TRP D 222 5.84 -15.41 -68.70
N ASN D 223 6.17 -15.19 -67.44
CA ASN D 223 7.18 -15.99 -66.77
C ASN D 223 6.69 -16.43 -65.39
N LYS D 224 5.38 -16.55 -65.24
CA LYS D 224 4.80 -17.18 -64.06
C LYS D 224 5.24 -18.64 -64.02
N PHE D 225 5.55 -19.13 -62.83
CA PHE D 225 6.09 -20.46 -62.67
C PHE D 225 4.97 -21.47 -62.45
N VAL D 226 5.15 -22.65 -63.03
CA VAL D 226 4.16 -23.73 -62.97
C VAL D 226 4.93 -25.03 -62.78
N PHE D 227 4.46 -25.88 -61.87
CA PHE D 227 5.06 -27.20 -61.69
C PHE D 227 4.85 -28.05 -62.93
N ILE D 228 5.89 -28.79 -63.31
CA ILE D 228 5.86 -29.58 -64.52
C ILE D 228 6.09 -31.04 -64.17
N HIS D 229 5.36 -31.92 -64.83
CA HIS D 229 5.64 -33.35 -64.81
C HIS D 229 6.05 -33.78 -66.20
N VAL D 230 7.20 -34.43 -66.31
CA VAL D 230 7.76 -34.86 -67.58
C VAL D 230 7.30 -36.29 -67.86
N ASN D 231 6.64 -36.49 -68.99
CA ASN D 231 6.02 -37.76 -69.35
C ASN D 231 6.33 -38.11 -70.80
N GLY D 232 7.62 -38.03 -71.17
CA GLY D 232 8.03 -38.33 -72.51
C GLY D 232 7.84 -39.80 -72.87
N PRO D 233 7.25 -40.07 -74.02
CA PRO D 233 7.01 -41.46 -74.43
C PRO D 233 8.31 -42.15 -74.80
N PRO D 234 8.70 -43.19 -74.06
CA PRO D 234 10.00 -43.82 -74.31
C PRO D 234 10.01 -44.70 -75.56
N ASP D 235 10.65 -44.20 -76.62
CA ASP D 235 10.84 -44.94 -77.85
C ASP D 235 12.29 -44.93 -78.30
N GLY D 236 13.22 -44.68 -77.38
CA GLY D 236 14.62 -44.65 -77.71
C GLY D 236 15.49 -44.16 -76.56
N GLU D 246 14.80 -43.00 -80.69
CA GLU D 246 13.91 -42.30 -81.61
C GLU D 246 14.49 -40.95 -81.99
N ASN D 247 14.72 -40.11 -80.98
CA ASN D 247 15.35 -38.81 -81.17
C ASN D 247 16.33 -38.53 -80.04
N GLU D 248 17.06 -39.58 -79.61
CA GLU D 248 17.75 -39.55 -78.32
C GLU D 248 18.99 -38.67 -78.36
N PHE D 249 19.04 -37.70 -77.43
CA PHE D 249 20.17 -36.80 -77.31
C PHE D 249 20.92 -36.96 -75.99
N GLY D 250 20.23 -36.84 -74.86
CA GLY D 250 20.88 -36.80 -73.57
C GLY D 250 21.38 -38.15 -73.09
N LYS D 251 21.99 -38.13 -71.90
CA LYS D 251 22.53 -39.38 -71.36
C LYS D 251 21.44 -40.26 -70.72
N PRO D 252 20.59 -39.79 -69.74
CA PRO D 252 19.53 -40.70 -69.28
C PRO D 252 18.44 -40.88 -70.31
N CYS D 253 17.87 -39.77 -70.77
CA CYS D 253 16.83 -39.75 -71.78
C CYS D 253 17.01 -38.51 -72.64
N TYR D 254 16.09 -38.32 -73.60
CA TYR D 254 16.12 -37.19 -74.51
C TYR D 254 15.27 -36.06 -73.92
N THR D 255 15.95 -35.09 -73.29
CA THR D 255 15.35 -33.82 -72.91
C THR D 255 16.27 -32.72 -73.38
N VAL D 256 15.70 -31.52 -73.56
CA VAL D 256 16.45 -30.33 -73.99
C VAL D 256 15.93 -29.18 -73.14
N THR D 257 16.75 -28.15 -72.98
CA THR D 257 16.26 -26.86 -72.53
C THR D 257 17.12 -25.75 -73.12
N ILE D 258 16.61 -24.52 -73.02
CA ILE D 258 17.35 -23.30 -73.34
C ILE D 258 16.75 -22.12 -72.59
N PRO D 259 17.51 -21.47 -71.72
CA PRO D 259 17.01 -20.25 -71.09
C PRO D 259 17.18 -19.04 -71.97
N ASP D 260 16.83 -17.87 -71.45
CA ASP D 260 17.19 -16.63 -72.12
C ASP D 260 18.59 -16.18 -71.74
N LEU D 261 19.04 -16.50 -70.54
CA LEU D 261 20.35 -16.05 -70.07
C LEU D 261 21.22 -17.17 -69.52
N LYS D 262 20.65 -18.11 -68.79
CA LYS D 262 21.43 -18.98 -67.93
C LYS D 262 21.89 -20.24 -68.66
N GLU D 263 22.52 -21.13 -67.90
CA GLU D 263 23.03 -22.39 -68.43
C GLU D 263 21.89 -23.34 -68.74
N GLU D 264 22.15 -24.24 -69.68
CA GLU D 264 21.11 -25.13 -70.20
C GLU D 264 21.02 -26.43 -69.41
N VAL D 265 20.93 -26.35 -68.09
CA VAL D 265 20.70 -27.53 -67.28
C VAL D 265 19.22 -27.89 -67.36
N GLU D 266 18.94 -29.18 -67.50
CA GLU D 266 17.64 -29.58 -68.01
C GLU D 266 16.94 -30.70 -67.24
N LEU D 267 15.87 -31.20 -67.83
CA LEU D 267 15.06 -32.28 -67.31
C LEU D 267 15.73 -33.61 -67.64
N THR D 268 15.30 -34.68 -66.97
CA THR D 268 15.78 -36.01 -67.35
C THR D 268 14.67 -36.96 -67.80
N ILE D 269 13.76 -37.39 -66.92
CA ILE D 269 12.71 -38.32 -67.34
C ILE D 269 11.34 -37.95 -66.80
N GLY D 270 11.21 -37.85 -65.48
CA GLY D 270 9.94 -37.60 -64.84
C GLY D 270 10.06 -36.74 -63.59
N SER D 271 11.23 -36.10 -63.45
CA SER D 271 11.50 -35.30 -62.27
C SER D 271 10.74 -33.98 -62.30
N ILE D 272 10.06 -33.67 -61.20
CA ILE D 272 9.20 -32.50 -61.13
C ILE D 272 10.08 -31.27 -60.98
N TYR D 273 9.86 -30.28 -61.84
CA TYR D 273 10.66 -29.08 -61.87
C TYR D 273 9.77 -27.85 -61.85
N VAL D 274 10.40 -26.67 -61.86
CA VAL D 274 9.70 -25.40 -61.97
C VAL D 274 10.43 -24.56 -63.01
N MET D 275 9.66 -23.87 -63.84
CA MET D 275 10.23 -23.11 -64.96
C MET D 275 9.34 -21.92 -65.26
N ARG D 276 9.82 -21.06 -66.15
CA ARG D 276 9.01 -19.99 -66.73
C ARG D 276 8.17 -20.56 -67.86
N TYR D 277 7.56 -19.70 -68.66
CA TYR D 277 6.57 -20.19 -69.62
C TYR D 277 7.09 -20.34 -71.04
N GLU D 278 7.82 -19.36 -71.57
CA GLU D 278 8.28 -19.49 -72.95
C GLU D 278 9.48 -20.41 -73.09
N VAL D 279 10.07 -20.85 -71.98
CA VAL D 279 11.01 -21.97 -72.05
C VAL D 279 10.30 -23.31 -72.16
N ILE D 280 8.97 -23.31 -72.08
CA ILE D 280 8.21 -24.56 -72.11
C ILE D 280 7.03 -24.47 -73.06
N ARG D 281 6.76 -23.27 -73.59
CA ARG D 281 5.65 -23.09 -74.51
C ARG D 281 5.83 -23.87 -75.81
N ASP D 282 7.08 -24.11 -76.21
CA ASP D 282 7.33 -24.88 -77.42
C ASP D 282 6.98 -26.35 -77.22
N LEU D 283 7.27 -26.91 -76.05
CA LEU D 283 7.16 -28.34 -75.84
C LEU D 283 5.78 -28.78 -75.39
N LEU D 284 4.80 -27.89 -75.45
CA LEU D 284 3.44 -28.27 -75.09
C LEU D 284 2.51 -28.33 -76.29
N ARG D 285 2.97 -27.89 -77.47
CA ARG D 285 2.22 -28.16 -78.69
C ARG D 285 2.21 -29.65 -78.99
N ASP D 286 3.32 -30.32 -78.69
CA ASP D 286 3.40 -31.77 -78.71
C ASP D 286 3.34 -32.26 -77.27
N ASP D 287 2.29 -33.01 -76.93
CA ASP D 287 2.04 -33.41 -75.55
C ASP D 287 2.99 -34.54 -75.18
N LYS D 288 4.25 -34.18 -74.97
CA LYS D 288 5.25 -35.08 -74.44
C LYS D 288 5.56 -34.79 -72.98
N VAL D 289 4.94 -33.78 -72.40
CA VAL D 289 5.27 -33.36 -71.06
C VAL D 289 4.04 -32.69 -70.43
N ALA D 290 3.65 -33.15 -69.26
CA ALA D 290 2.38 -32.76 -68.68
C ALA D 290 2.57 -31.68 -67.63
N LEU D 291 1.50 -31.36 -66.91
CA LEU D 291 1.52 -30.33 -65.90
C LEU D 291 1.22 -30.89 -64.51
N ILE E 1 -51.12 -62.83 -38.24
CA ILE E 1 -51.31 -63.30 -39.60
C ILE E 1 -50.09 -62.94 -40.44
N SER E 2 -49.24 -62.06 -39.89
CA SER E 2 -48.08 -61.54 -40.60
C SER E 2 -46.82 -62.02 -39.89
N GLN E 3 -46.19 -63.06 -40.42
CA GLN E 3 -44.89 -63.49 -39.93
C GLN E 3 -43.85 -62.41 -40.24
N PHE E 4 -42.85 -62.31 -39.36
CA PHE E 4 -41.97 -61.15 -39.34
C PHE E 4 -41.09 -61.06 -40.58
N SER E 5 -40.66 -62.19 -41.11
CA SER E 5 -39.83 -62.16 -42.31
C SER E 5 -40.62 -61.80 -43.55
N GLU E 6 -41.95 -62.00 -43.52
CA GLU E 6 -42.75 -61.87 -44.73
C GLU E 6 -42.96 -60.41 -45.12
N ALA E 7 -43.29 -59.57 -44.14
CA ALA E 7 -43.62 -58.18 -44.44
C ALA E 7 -42.43 -57.37 -44.89
N TYR E 8 -41.21 -57.81 -44.57
CA TYR E 8 -40.02 -57.11 -45.02
C TYR E 8 -39.84 -57.24 -46.52
N ASN E 9 -39.91 -58.48 -47.02
CA ASN E 9 -39.85 -58.68 -48.47
C ASN E 9 -41.11 -58.17 -49.15
N LYS E 10 -42.23 -58.17 -48.44
CA LYS E 10 -43.47 -57.65 -49.01
C LYS E 10 -43.40 -56.14 -49.21
N ILE E 11 -42.83 -55.43 -48.24
CA ILE E 11 -42.67 -53.99 -48.38
C ILE E 11 -41.45 -53.63 -49.22
N LEU E 12 -40.61 -54.61 -49.53
CA LEU E 12 -39.46 -54.36 -50.39
C LEU E 12 -39.90 -54.04 -51.81
N ARG E 13 -40.66 -54.95 -52.43
CA ARG E 13 -41.02 -54.81 -53.84
C ARG E 13 -42.01 -53.69 -54.09
N ASN E 14 -42.77 -53.28 -53.07
CA ASN E 14 -43.79 -52.28 -53.28
C ASN E 14 -43.23 -50.87 -53.43
N SER E 15 -42.01 -50.63 -52.96
CA SER E 15 -41.35 -49.34 -53.19
C SER E 15 -39.85 -49.59 -53.18
N SER E 16 -39.28 -49.80 -54.37
CA SER E 16 -37.85 -50.00 -54.49
C SER E 16 -37.23 -49.34 -55.71
N SER E 17 -38.00 -48.60 -56.50
CA SER E 17 -37.47 -48.04 -57.73
C SER E 17 -36.60 -46.82 -57.42
N HIS E 18 -35.87 -46.38 -58.44
CA HIS E 18 -35.00 -45.21 -58.32
C HIS E 18 -35.69 -43.98 -58.89
N SER E 19 -36.82 -43.65 -58.27
CA SER E 19 -37.65 -42.53 -58.68
C SER E 19 -38.33 -41.99 -57.42
N SER E 20 -39.42 -41.24 -57.61
CA SER E 20 -40.19 -40.73 -56.47
C SER E 20 -41.27 -41.72 -56.06
N CYS E 21 -40.90 -42.97 -55.83
CA CYS E 21 -41.81 -44.00 -55.32
C CYS E 21 -41.76 -44.07 -53.80
N GLN E 22 -41.96 -42.93 -53.17
CA GLN E 22 -41.55 -42.73 -51.79
C GLN E 22 -42.46 -43.45 -50.81
N LEU E 23 -41.85 -44.00 -49.78
CA LEU E 23 -42.57 -44.45 -48.59
C LEU E 23 -42.21 -43.53 -47.43
N VAL E 24 -43.18 -43.25 -46.59
CA VAL E 24 -43.01 -42.27 -45.52
C VAL E 24 -43.39 -42.95 -44.21
N ILE E 25 -42.69 -42.60 -43.14
CA ILE E 25 -43.05 -43.08 -41.82
C ILE E 25 -43.38 -41.88 -40.94
N PHE E 26 -44.24 -42.11 -39.95
CA PHE E 26 -44.59 -41.12 -38.95
C PHE E 26 -44.13 -41.62 -37.59
N VAL E 27 -43.78 -40.70 -36.70
CA VAL E 27 -43.30 -41.10 -35.37
C VAL E 27 -43.73 -40.07 -34.33
N SER E 28 -44.28 -40.56 -33.22
CA SER E 28 -44.49 -39.73 -32.05
C SER E 28 -43.16 -39.42 -31.40
N CYS E 29 -42.92 -38.14 -31.11
CA CYS E 29 -41.66 -37.74 -30.53
C CYS E 29 -41.65 -37.77 -29.02
N LEU E 30 -42.82 -37.77 -28.38
CA LEU E 30 -42.89 -37.54 -26.94
C LEU E 30 -42.46 -38.74 -26.12
N ASN E 31 -42.31 -39.91 -26.74
CA ASN E 31 -41.86 -41.10 -26.04
C ASN E 31 -40.44 -41.45 -26.51
N ILE E 32 -39.60 -41.79 -25.55
CA ILE E 32 -38.19 -42.02 -25.85
C ILE E 32 -38.01 -43.37 -26.52
N ASP E 33 -38.77 -44.38 -26.08
CA ASP E 33 -38.74 -45.68 -26.73
C ASP E 33 -39.30 -45.63 -28.13
N ALA E 34 -40.19 -44.68 -28.40
CA ALA E 34 -40.69 -44.49 -29.75
C ALA E 34 -39.61 -44.02 -30.69
N LEU E 35 -38.62 -43.27 -30.18
CA LEU E 35 -37.58 -42.72 -31.05
C LEU E 35 -36.61 -43.81 -31.48
N CYS E 36 -36.00 -44.50 -30.51
CA CYS E 36 -34.85 -45.34 -30.76
C CYS E 36 -35.18 -46.55 -31.61
N ALA E 37 -36.44 -46.98 -31.62
CA ALA E 37 -36.83 -48.04 -32.53
C ALA E 37 -36.76 -47.58 -33.97
N THR E 38 -37.14 -46.33 -34.23
CA THR E 38 -37.18 -45.84 -35.59
C THR E 38 -35.80 -45.62 -36.18
N LYS E 39 -34.82 -45.30 -35.33
CA LYS E 39 -33.49 -44.95 -35.83
C LYS E 39 -32.80 -46.15 -36.46
N MET E 40 -32.92 -47.32 -35.84
CA MET E 40 -32.26 -48.50 -36.40
C MET E 40 -32.97 -49.00 -37.64
N LEU E 41 -34.26 -48.67 -37.79
CA LEU E 41 -34.97 -49.08 -38.99
C LEU E 41 -34.53 -48.25 -40.19
N SER E 42 -34.15 -47.00 -39.96
CA SER E 42 -33.73 -46.14 -41.06
C SER E 42 -32.40 -46.59 -41.63
N LEU E 43 -31.45 -46.96 -40.76
CA LEU E 43 -30.11 -47.25 -41.23
C LEU E 43 -30.02 -48.58 -41.97
N LEU E 44 -30.90 -49.53 -41.66
CA LEU E 44 -30.91 -50.75 -42.46
C LEU E 44 -31.52 -50.51 -43.82
N PHE E 45 -32.41 -49.52 -43.93
CA PHE E 45 -32.89 -49.11 -45.23
C PHE E 45 -31.82 -48.42 -46.05
N LYS E 46 -30.80 -47.85 -45.39
CA LYS E 46 -29.69 -47.27 -46.12
C LYS E 46 -28.87 -48.35 -46.82
N LYS E 47 -28.60 -49.46 -46.13
CA LYS E 47 -28.00 -50.61 -46.79
C LYS E 47 -29.05 -51.56 -47.36
N GLN E 48 -30.29 -51.10 -47.50
CA GLN E 48 -31.23 -51.67 -48.44
C GLN E 48 -31.40 -50.78 -49.65
N LEU E 49 -30.83 -49.57 -49.59
CA LEU E 49 -30.60 -48.67 -50.72
C LEU E 49 -31.93 -48.18 -51.30
N VAL E 50 -32.76 -47.64 -50.42
CA VAL E 50 -34.09 -47.18 -50.80
C VAL E 50 -34.26 -45.73 -50.35
N GLN E 51 -35.07 -44.99 -51.08
CA GLN E 51 -35.41 -43.64 -50.67
C GLN E 51 -36.44 -43.68 -49.55
N SER E 52 -36.58 -42.56 -48.85
CA SER E 52 -37.44 -42.52 -47.67
C SER E 52 -37.86 -41.09 -47.39
N GLN E 53 -38.62 -40.92 -46.32
CA GLN E 53 -39.15 -39.62 -45.91
C GLN E 53 -39.56 -39.76 -44.45
N ILE E 54 -38.92 -38.99 -43.57
CA ILE E 54 -39.15 -39.11 -42.14
C ILE E 54 -39.83 -37.84 -41.66
N VAL E 55 -41.05 -37.96 -41.14
CA VAL E 55 -41.81 -36.83 -40.67
C VAL E 55 -42.29 -37.13 -39.26
N PRO E 56 -41.97 -36.32 -38.27
CA PRO E 56 -42.52 -36.52 -36.94
C PRO E 56 -43.91 -35.91 -36.82
N ILE E 57 -44.64 -36.37 -35.82
CA ILE E 57 -45.99 -35.90 -35.55
C ILE E 57 -46.25 -36.07 -34.06
N PHE E 58 -46.89 -35.07 -33.47
CA PHE E 58 -47.02 -35.04 -32.02
C PHE E 58 -48.48 -34.92 -31.61
N GLY E 59 -49.30 -34.31 -32.46
CA GLY E 59 -50.68 -34.01 -32.14
C GLY E 59 -51.62 -35.02 -32.74
N TYR E 60 -52.46 -35.61 -31.89
CA TYR E 60 -53.44 -36.58 -32.36
C TYR E 60 -54.53 -35.93 -33.19
N SER E 61 -54.79 -34.64 -32.97
CA SER E 61 -55.63 -33.88 -33.88
C SER E 61 -54.87 -33.38 -35.10
N GLU E 62 -53.53 -33.44 -35.08
CA GLU E 62 -52.71 -32.98 -36.18
C GLU E 62 -52.43 -34.08 -37.20
N LEU E 63 -52.87 -35.31 -36.91
CA LEU E 63 -52.65 -36.42 -37.82
C LEU E 63 -53.42 -36.25 -39.12
N ARG E 64 -54.54 -35.52 -39.08
CA ARG E 64 -55.33 -35.31 -40.30
C ARG E 64 -54.62 -34.36 -41.25
N ARG E 65 -54.12 -33.24 -40.74
CA ARG E 65 -53.54 -32.21 -41.59
C ARG E 65 -52.07 -32.45 -41.91
N HIS E 66 -51.59 -33.69 -41.81
CA HIS E 66 -50.32 -34.07 -42.40
C HIS E 66 -50.48 -35.14 -43.47
N TYR E 67 -51.18 -36.24 -43.15
CA TYR E 67 -51.42 -37.25 -44.17
C TYR E 67 -52.52 -36.84 -45.13
N SER E 68 -53.72 -36.59 -44.60
CA SER E 68 -54.96 -36.70 -45.37
C SER E 68 -55.22 -35.53 -46.32
N GLN E 69 -54.18 -34.77 -46.63
CA GLN E 69 -54.27 -33.65 -47.56
C GLN E 69 -53.12 -33.58 -48.55
N LEU E 70 -52.00 -34.27 -48.31
CA LEU E 70 -50.83 -34.18 -49.20
C LEU E 70 -50.35 -35.60 -49.52
N ASP E 71 -51.00 -36.22 -50.50
CA ASP E 71 -50.68 -37.57 -50.95
C ASP E 71 -50.76 -37.60 -52.46
N ASP E 72 -49.76 -38.18 -53.12
CA ASP E 72 -49.82 -38.35 -54.57
C ASP E 72 -49.79 -39.81 -54.99
N ASN E 73 -48.72 -40.55 -54.67
CA ASN E 73 -48.61 -41.96 -55.01
C ASN E 73 -47.96 -42.75 -53.88
N ILE E 74 -48.13 -42.27 -52.66
CA ILE E 74 -47.45 -42.86 -51.51
C ILE E 74 -48.14 -44.17 -51.14
N ASN E 75 -47.53 -45.28 -51.55
CA ASN E 75 -48.15 -46.58 -51.39
C ASN E 75 -47.90 -47.21 -50.03
N SER E 76 -46.82 -46.82 -49.34
CA SER E 76 -46.38 -47.51 -48.14
C SER E 76 -46.22 -46.53 -46.98
N LEU E 77 -47.30 -46.31 -46.26
CA LEU E 77 -47.25 -45.53 -45.03
C LEU E 77 -46.87 -46.46 -43.88
N LEU E 78 -46.32 -45.87 -42.82
CA LEU E 78 -45.85 -46.64 -41.68
C LEU E 78 -45.96 -45.80 -40.42
N LEU E 79 -46.45 -46.43 -39.35
CA LEU E 79 -46.61 -45.77 -38.07
C LEU E 79 -45.79 -46.52 -37.02
N VAL E 80 -45.58 -45.85 -35.89
CA VAL E 80 -45.04 -46.51 -34.70
C VAL E 80 -45.84 -46.10 -33.45
N GLY E 81 -46.73 -46.99 -33.02
CA GLY E 81 -47.49 -46.75 -31.80
C GLY E 81 -48.53 -45.65 -31.91
N PHE E 82 -49.57 -45.87 -32.70
CA PHE E 82 -50.52 -44.79 -32.86
C PHE E 82 -51.97 -45.18 -32.66
N GLY E 83 -52.39 -46.35 -33.12
CA GLY E 83 -53.80 -46.64 -33.21
C GLY E 83 -54.24 -47.90 -32.50
N GLY E 84 -53.69 -48.14 -31.31
CA GLY E 84 -54.05 -49.34 -30.57
C GLY E 84 -55.48 -49.31 -30.07
N VAL E 85 -56.00 -48.14 -29.74
CA VAL E 85 -57.33 -48.04 -29.15
C VAL E 85 -58.32 -47.36 -30.09
N ILE E 86 -58.05 -46.11 -30.47
CA ILE E 86 -58.98 -45.39 -31.33
C ILE E 86 -58.80 -45.86 -32.76
N ASP E 87 -59.90 -46.22 -33.42
CA ASP E 87 -59.84 -46.72 -34.78
C ASP E 87 -59.56 -45.57 -35.74
N LEU E 88 -58.43 -45.66 -36.45
CA LEU E 88 -58.07 -44.62 -37.40
C LEU E 88 -58.92 -44.68 -38.66
N GLU E 89 -59.53 -45.82 -38.96
CA GLU E 89 -60.30 -45.95 -40.19
C GLU E 89 -61.62 -45.21 -40.10
N ALA E 90 -62.22 -45.17 -38.91
CA ALA E 90 -63.33 -44.25 -38.69
C ALA E 90 -62.84 -42.82 -38.58
N PHE E 91 -61.61 -42.63 -38.13
CA PHE E 91 -61.04 -41.29 -38.06
C PHE E 91 -60.64 -40.79 -39.44
N LEU E 92 -59.98 -41.64 -40.22
CA LEU E 92 -59.65 -41.35 -41.61
C LEU E 92 -60.31 -42.40 -42.48
N GLU E 93 -61.36 -42.00 -43.20
CA GLU E 93 -62.05 -42.95 -44.06
C GLU E 93 -61.20 -43.27 -45.28
N ILE E 94 -61.24 -44.54 -45.67
CA ILE E 94 -60.72 -44.99 -46.96
C ILE E 94 -61.78 -45.87 -47.60
N ASP E 95 -62.32 -45.42 -48.73
CA ASP E 95 -63.27 -46.21 -49.50
C ASP E 95 -62.55 -47.43 -50.09
N PRO E 96 -63.27 -48.56 -50.24
CA PRO E 96 -62.72 -49.68 -51.01
C PRO E 96 -62.40 -49.32 -52.45
N GLN E 97 -61.11 -49.33 -52.79
CA GLN E 97 -60.63 -48.93 -54.10
C GLN E 97 -59.65 -49.97 -54.61
N GLU E 98 -59.80 -50.34 -55.88
CA GLU E 98 -58.98 -51.34 -56.58
C GLU E 98 -58.92 -52.69 -55.88
N GLN E 110 -59.74 -56.53 -51.19
CA GLN E 110 -59.08 -57.56 -51.98
C GLN E 110 -57.97 -56.97 -52.86
N SER E 111 -56.73 -57.15 -52.41
CA SER E 111 -55.50 -56.73 -53.11
C SER E 111 -55.51 -55.23 -53.37
N PHE E 112 -55.46 -54.47 -52.28
CA PHE E 112 -55.66 -53.03 -52.33
C PHE E 112 -54.43 -52.33 -52.92
N ARG E 113 -54.53 -51.01 -53.07
CA ARG E 113 -53.52 -50.22 -53.74
C ARG E 113 -52.64 -49.40 -52.80
N ARG E 114 -53.14 -49.04 -51.62
CA ARG E 114 -52.37 -48.29 -50.64
C ARG E 114 -52.32 -49.11 -49.36
N ASP E 115 -51.12 -49.38 -48.88
CA ASP E 115 -50.94 -50.31 -47.77
C ASP E 115 -50.18 -49.65 -46.63
N ILE E 116 -50.68 -49.81 -45.42
CA ILE E 116 -49.96 -49.36 -44.25
C ILE E 116 -49.65 -50.57 -43.39
N TYR E 117 -48.70 -50.39 -42.49
CA TYR E 117 -48.55 -51.24 -41.33
C TYR E 117 -48.82 -50.39 -40.10
N VAL E 118 -48.66 -51.00 -38.92
CA VAL E 118 -48.68 -50.26 -37.67
C VAL E 118 -47.83 -51.03 -36.68
N LEU E 119 -47.25 -50.30 -35.74
CA LEU E 119 -46.35 -50.85 -34.74
C LEU E 119 -46.77 -50.42 -33.35
N ASP E 120 -48.06 -50.58 -33.07
CA ASP E 120 -48.60 -50.29 -31.75
C ASP E 120 -48.00 -51.22 -30.71
N ALA E 121 -47.98 -50.77 -29.45
CA ALA E 121 -47.36 -51.52 -28.38
C ALA E 121 -48.27 -51.63 -27.18
N HIS E 122 -49.57 -51.45 -27.35
CA HIS E 122 -50.49 -51.31 -26.23
C HIS E 122 -51.38 -52.54 -26.11
N ARG E 123 -51.76 -52.85 -24.87
CA ARG E 123 -52.54 -54.06 -24.62
C ARG E 123 -53.99 -53.94 -25.09
N PRO E 124 -54.76 -52.84 -24.80
CA PRO E 124 -56.11 -52.79 -25.40
C PRO E 124 -56.04 -52.57 -26.90
N TRP E 125 -56.28 -53.64 -27.65
CA TRP E 125 -56.21 -53.59 -29.09
C TRP E 125 -57.57 -53.20 -29.64
N ASN E 126 -57.73 -53.32 -30.95
CA ASN E 126 -59.03 -53.11 -31.58
C ASN E 126 -59.17 -54.10 -32.72
N LEU E 127 -60.17 -54.98 -32.60
CA LEU E 127 -60.29 -56.17 -33.44
C LEU E 127 -60.52 -55.85 -34.90
N ASP E 128 -61.08 -54.68 -35.21
CA ASP E 128 -61.31 -54.28 -36.58
C ASP E 128 -59.99 -54.08 -37.33
N ASN E 129 -58.94 -53.71 -36.61
CA ASN E 129 -57.64 -53.49 -37.25
C ASN E 129 -56.96 -54.78 -37.63
N ILE E 130 -57.09 -55.84 -36.84
CA ILE E 130 -56.49 -57.12 -37.16
C ILE E 130 -57.42 -57.98 -38.00
N PHE E 131 -58.72 -57.99 -37.68
CA PHE E 131 -59.72 -58.70 -38.44
C PHE E 131 -60.59 -57.69 -39.16
N GLY E 132 -60.54 -57.70 -40.49
CA GLY E 132 -60.92 -56.53 -41.25
C GLY E 132 -59.65 -55.90 -41.77
N SER E 133 -58.73 -56.74 -42.22
CA SER E 133 -57.41 -56.32 -42.69
C SER E 133 -57.41 -56.15 -44.21
N GLN E 134 -58.28 -55.28 -44.70
CA GLN E 134 -58.22 -54.93 -46.10
C GLN E 134 -57.01 -54.04 -46.40
N ILE E 135 -56.69 -53.12 -45.50
CA ILE E 135 -55.53 -52.25 -45.66
C ILE E 135 -54.68 -52.24 -44.41
N ILE E 136 -55.29 -52.55 -43.27
CA ILE E 136 -54.59 -52.41 -41.97
C ILE E 136 -53.85 -53.72 -41.75
N GLN E 137 -52.67 -53.81 -42.34
CA GLN E 137 -51.80 -54.97 -42.16
C GLN E 137 -50.93 -54.72 -40.93
N CYS E 138 -51.52 -54.98 -39.76
CA CYS E 138 -50.81 -54.80 -38.50
C CYS E 138 -49.77 -55.91 -38.32
N PHE E 139 -48.89 -55.70 -37.34
CA PHE E 139 -47.92 -56.73 -36.95
C PHE E 139 -48.62 -57.73 -36.03
N ASP E 140 -49.26 -58.70 -36.66
CA ASP E 140 -49.83 -59.85 -35.96
C ASP E 140 -48.96 -61.07 -36.30
N ASP E 141 -47.92 -61.23 -35.48
CA ASP E 141 -47.03 -62.39 -35.41
C ASP E 141 -47.14 -62.82 -33.96
N GLY E 142 -46.21 -63.61 -33.44
CA GLY E 142 -46.29 -64.07 -32.05
C GLY E 142 -46.10 -63.00 -31.00
N THR E 143 -46.96 -61.97 -31.04
CA THR E 143 -47.05 -60.93 -30.02
C THR E 143 -47.99 -61.37 -28.90
N VAL E 144 -49.25 -61.59 -29.24
CA VAL E 144 -50.23 -62.22 -28.36
C VAL E 144 -50.88 -63.33 -29.16
N ASP E 145 -50.57 -64.58 -28.81
CA ASP E 145 -51.20 -65.72 -29.45
C ASP E 145 -52.61 -65.99 -28.93
N ASP E 146 -52.97 -65.37 -27.81
CA ASP E 146 -54.25 -65.56 -27.15
C ASP E 146 -55.03 -64.26 -27.29
N THR E 147 -55.06 -63.73 -28.52
CA THR E 147 -55.48 -62.36 -28.80
C THR E 147 -56.99 -62.27 -28.56
N LEU E 148 -57.34 -62.10 -27.28
CA LEU E 148 -58.70 -61.89 -26.79
C LEU E 148 -59.63 -63.05 -27.18
N GLY E 149 -59.33 -64.20 -26.60
CA GLY E 149 -59.92 -65.50 -26.96
C GLY E 149 -61.43 -65.63 -27.01
N GLU E 150 -62.16 -64.65 -26.49
CA GLU E 150 -63.60 -64.58 -26.67
C GLU E 150 -64.01 -64.04 -28.03
N GLN E 151 -63.07 -63.59 -28.86
CA GLN E 151 -63.41 -63.03 -30.17
C GLN E 151 -63.96 -64.07 -31.13
N LYS E 152 -63.66 -65.34 -30.90
CA LYS E 152 -63.92 -66.40 -31.86
C LYS E 152 -65.40 -66.71 -32.04
N GLU E 153 -66.27 -66.18 -31.18
CA GLU E 153 -67.69 -66.24 -31.44
C GLU E 153 -68.43 -64.95 -31.13
N ALA E 154 -67.77 -63.91 -30.62
CA ALA E 154 -68.51 -62.75 -30.14
C ALA E 154 -69.01 -61.88 -31.28
N TYR E 155 -68.09 -61.29 -32.05
CA TYR E 155 -68.48 -60.49 -33.20
C TYR E 155 -68.52 -61.31 -34.48
N TYR E 156 -68.05 -62.55 -34.44
CA TYR E 156 -68.22 -63.46 -35.56
C TYR E 156 -69.66 -63.88 -35.75
N LYS E 157 -70.51 -63.69 -34.74
CA LYS E 157 -71.95 -63.74 -34.92
C LYS E 157 -72.55 -62.38 -35.16
N LEU E 158 -71.79 -61.30 -34.94
CA LEU E 158 -72.28 -59.96 -35.24
C LEU E 158 -72.12 -59.61 -36.71
N LEU E 159 -71.24 -60.30 -37.43
CA LEU E 159 -71.03 -59.98 -38.84
C LEU E 159 -72.22 -60.39 -39.70
N GLU E 160 -72.90 -61.47 -39.35
CA GLU E 160 -74.09 -61.89 -40.08
C GLU E 160 -75.38 -61.55 -39.34
N LEU E 161 -75.27 -61.16 -38.06
CA LEU E 161 -76.38 -60.93 -37.11
C LEU E 161 -77.48 -61.98 -37.16
N ASN E 214 -92.67 -66.70 -34.86
CA ASN E 214 -92.11 -68.02 -34.62
C ASN E 214 -90.67 -67.93 -34.13
N ASP E 215 -89.81 -67.35 -34.95
CA ASP E 215 -88.40 -67.20 -34.58
C ASP E 215 -88.16 -66.05 -33.61
N LEU E 216 -89.18 -65.27 -33.26
CA LEU E 216 -89.03 -64.19 -32.30
C LEU E 216 -88.87 -64.69 -30.87
N SER E 217 -89.04 -65.99 -30.62
CA SER E 217 -88.56 -66.63 -29.41
C SER E 217 -87.17 -67.23 -29.57
N LYS E 218 -86.70 -67.37 -30.82
CA LYS E 218 -85.37 -67.89 -31.11
C LYS E 218 -84.37 -66.78 -31.43
N ARG E 219 -84.78 -65.78 -32.22
CA ARG E 219 -83.93 -64.64 -32.51
C ARG E 219 -83.70 -63.79 -31.26
N LYS E 220 -84.70 -63.72 -30.38
CA LYS E 220 -84.54 -63.01 -29.11
C LYS E 220 -83.50 -63.69 -28.23
N GLN E 221 -83.51 -65.01 -28.20
CA GLN E 221 -82.41 -65.75 -27.57
C GLN E 221 -81.11 -65.55 -28.32
N ARG E 222 -81.19 -65.49 -29.66
CA ARG E 222 -80.01 -65.21 -30.46
C ARG E 222 -79.53 -63.77 -30.27
N LYS E 223 -80.46 -62.83 -30.05
CA LYS E 223 -80.07 -61.47 -29.68
C LYS E 223 -79.57 -61.42 -28.24
N LYS E 224 -80.06 -62.31 -27.37
CA LYS E 224 -79.53 -62.41 -26.02
C LYS E 224 -78.12 -62.98 -26.05
N GLN E 225 -77.85 -63.93 -26.95
CA GLN E 225 -76.49 -64.38 -27.18
C GLN E 225 -75.62 -63.25 -27.70
N ILE E 226 -76.17 -62.45 -28.62
CA ILE E 226 -75.52 -61.22 -29.05
C ILE E 226 -75.39 -60.25 -27.89
N HIS E 227 -76.39 -60.19 -27.02
CA HIS E 227 -76.27 -59.40 -25.79
C HIS E 227 -75.28 -60.04 -24.82
N GLU E 228 -75.17 -61.36 -24.83
CA GLU E 228 -74.07 -62.00 -24.11
C GLU E 228 -72.75 -61.69 -24.79
N TYR E 229 -72.74 -61.64 -26.13
CA TYR E 229 -71.56 -61.17 -26.84
C TYR E 229 -71.34 -59.68 -26.69
N GLU E 230 -72.39 -58.94 -26.31
CA GLU E 230 -72.23 -57.50 -26.14
C GLU E 230 -71.46 -57.18 -24.88
N GLY E 231 -71.77 -57.85 -23.78
CA GLY E 231 -71.10 -57.57 -22.51
C GLY E 231 -69.65 -57.98 -22.51
N VAL E 232 -69.31 -59.06 -23.21
CA VAL E 232 -67.93 -59.48 -23.33
C VAL E 232 -67.16 -58.56 -24.28
N LEU E 233 -67.88 -57.79 -25.10
CA LEU E 233 -67.30 -56.66 -25.81
C LEU E 233 -67.57 -55.35 -25.12
N GLU E 234 -68.30 -55.36 -24.01
CA GLU E 234 -68.45 -54.16 -23.18
C GLU E 234 -67.42 -54.15 -22.06
N GLU E 235 -67.09 -55.31 -21.51
CA GLU E 235 -65.97 -55.39 -20.58
C GLU E 235 -64.66 -55.09 -21.30
N TYR E 236 -64.49 -55.64 -22.50
CA TYR E 236 -63.42 -55.14 -23.34
C TYR E 236 -63.79 -53.75 -23.85
N TYR E 237 -62.75 -53.00 -24.24
CA TYR E 237 -62.80 -51.53 -24.43
C TYR E 237 -63.27 -50.82 -23.17
N SER E 238 -63.00 -51.42 -22.01
CA SER E 238 -63.24 -50.80 -20.71
C SER E 238 -62.10 -51.17 -19.77
N GLN E 239 -60.87 -51.14 -20.26
CA GLN E 239 -59.68 -51.41 -19.47
C GLN E 239 -58.69 -50.28 -19.65
N GLY E 240 -57.79 -50.12 -18.69
CA GLY E 240 -56.69 -49.19 -18.83
C GLY E 240 -55.69 -49.66 -19.86
N THR E 241 -54.68 -48.84 -20.09
CA THR E 241 -53.64 -49.19 -21.05
C THR E 241 -52.27 -49.08 -20.42
N THR E 242 -51.31 -49.69 -21.10
CA THR E 242 -49.88 -49.57 -20.83
C THR E 242 -49.16 -49.96 -22.11
N VAL E 243 -47.87 -50.25 -21.99
CA VAL E 243 -47.16 -51.01 -23.01
C VAL E 243 -46.71 -52.30 -22.37
N VAL E 244 -47.15 -53.42 -22.94
CA VAL E 244 -46.75 -54.71 -22.41
C VAL E 244 -45.34 -55.07 -22.87
N ASN E 245 -45.06 -54.93 -24.16
CA ASN E 245 -43.75 -55.21 -24.70
C ASN E 245 -43.29 -54.02 -25.51
N SER E 246 -42.10 -53.51 -25.19
CA SER E 246 -41.59 -52.34 -25.88
C SER E 246 -41.21 -52.67 -27.31
N ILE E 247 -41.29 -51.65 -28.18
CA ILE E 247 -41.07 -51.84 -29.61
C ILE E 247 -39.62 -52.12 -29.96
N SER E 248 -38.71 -51.98 -28.99
CA SER E 248 -37.37 -52.51 -29.15
C SER E 248 -37.37 -54.02 -29.33
N ALA E 249 -38.31 -54.72 -28.69
CA ALA E 249 -38.29 -56.18 -28.69
C ALA E 249 -38.65 -56.74 -30.05
N GLN E 250 -39.57 -56.10 -30.76
CA GLN E 250 -40.09 -56.66 -32.00
C GLN E 250 -39.06 -56.56 -33.12
N ILE E 251 -38.60 -55.35 -33.41
CA ILE E 251 -37.81 -55.15 -34.61
C ILE E 251 -36.41 -55.71 -34.47
N TYR E 252 -35.91 -55.78 -33.24
CA TYR E 252 -34.61 -56.41 -33.04
C TYR E 252 -34.71 -57.91 -33.23
N SER E 253 -35.82 -58.50 -32.81
CA SER E 253 -36.05 -59.91 -33.08
C SER E 253 -36.26 -60.15 -34.57
N LEU E 254 -36.84 -59.18 -35.27
CA LEU E 254 -37.01 -59.30 -36.71
C LEU E 254 -35.68 -59.24 -37.44
N LEU E 255 -34.77 -58.39 -36.97
CA LEU E 255 -33.46 -58.30 -37.61
C LEU E 255 -32.63 -59.54 -37.36
N SER E 256 -32.83 -60.21 -36.23
CA SER E 256 -32.10 -61.45 -35.97
C SER E 256 -32.57 -62.57 -36.87
N ALA E 257 -33.83 -62.52 -37.32
CA ALA E 257 -34.28 -63.44 -38.34
C ALA E 257 -33.64 -63.15 -39.69
N ILE E 258 -33.18 -61.92 -39.90
CA ILE E 258 -32.38 -61.61 -41.07
C ILE E 258 -30.89 -61.80 -40.77
N GLY E 259 -30.46 -61.51 -39.55
CA GLY E 259 -29.10 -61.84 -39.14
C GLY E 259 -28.04 -60.82 -39.46
N GLU E 260 -28.16 -59.60 -38.93
CA GLU E 260 -27.16 -58.56 -39.13
C GLU E 260 -26.44 -58.30 -37.81
N THR E 261 -25.15 -58.55 -37.79
CA THR E 261 -24.35 -58.54 -36.58
C THR E 261 -23.62 -57.21 -36.47
N ASN E 262 -24.20 -56.28 -35.73
CA ASN E 262 -23.49 -55.07 -35.34
C ASN E 262 -23.86 -54.74 -33.91
N LEU E 263 -22.85 -54.44 -33.10
CA LEU E 263 -23.05 -54.15 -31.69
C LEU E 263 -23.71 -52.80 -31.49
N SER E 264 -23.68 -51.92 -32.50
CA SER E 264 -24.44 -50.68 -32.44
C SER E 264 -25.93 -50.95 -32.33
N ASN E 265 -26.42 -51.95 -33.06
CA ASN E 265 -27.79 -52.40 -32.87
C ASN E 265 -27.99 -52.92 -31.46
N LEU E 266 -27.04 -53.71 -30.97
CA LEU E 266 -27.09 -54.19 -29.61
C LEU E 266 -26.91 -53.06 -28.61
N TRP E 267 -26.27 -51.96 -29.00
CA TRP E 267 -26.28 -50.80 -28.13
C TRP E 267 -27.60 -50.06 -28.22
N LEU E 268 -28.23 -50.06 -29.40
CA LEU E 268 -29.42 -49.25 -29.58
C LEU E 268 -30.64 -49.87 -28.93
N ASN E 269 -30.83 -51.18 -29.07
CA ASN E 269 -32.09 -51.80 -28.69
C ASN E 269 -32.31 -51.83 -27.20
N ILE E 270 -31.22 -51.81 -26.43
CA ILE E 270 -31.34 -51.86 -24.98
C ILE E 270 -31.74 -50.52 -24.38
N LEU E 271 -31.69 -49.44 -25.17
CA LEU E 271 -32.05 -48.14 -24.63
C LEU E 271 -33.56 -48.02 -24.44
N GLY E 272 -34.32 -48.60 -25.37
CA GLY E 272 -35.77 -48.45 -25.32
C GLY E 272 -36.39 -49.18 -24.14
N THR E 273 -35.91 -50.39 -23.86
CA THR E 273 -36.39 -51.09 -22.69
C THR E 273 -35.87 -50.46 -21.41
N THR E 274 -34.77 -49.72 -21.47
CA THR E 274 -34.29 -48.99 -20.31
C THR E 274 -35.17 -47.78 -20.02
N SER E 275 -35.90 -47.29 -21.03
CA SER E 275 -36.76 -46.15 -20.80
C SER E 275 -37.98 -46.50 -19.95
N LEU E 276 -38.39 -47.76 -19.95
CA LEU E 276 -39.55 -48.17 -19.18
C LEU E 276 -39.16 -48.67 -17.78
N ASP E 277 -38.07 -48.18 -17.23
CA ASP E 277 -37.72 -48.50 -15.85
C ASP E 277 -38.39 -47.57 -14.85
N ILE E 278 -39.34 -46.75 -15.31
CA ILE E 278 -40.06 -45.82 -14.45
C ILE E 278 -41.57 -45.93 -14.61
N ALA E 279 -42.06 -46.69 -15.59
CA ALA E 279 -43.48 -46.90 -15.76
C ALA E 279 -43.90 -48.33 -15.52
N TYR E 280 -42.96 -49.24 -15.27
CA TYR E 280 -43.26 -50.62 -14.91
C TYR E 280 -42.05 -51.19 -14.19
N ALA E 281 -42.22 -52.38 -13.64
CA ALA E 281 -41.18 -53.06 -12.88
C ALA E 281 -40.55 -54.23 -13.62
N GLN E 282 -41.34 -55.19 -14.13
CA GLN E 282 -40.78 -56.49 -14.43
C GLN E 282 -40.77 -56.86 -15.91
N VAL E 283 -41.23 -56.00 -16.81
CA VAL E 283 -41.15 -56.32 -18.23
C VAL E 283 -39.71 -56.37 -18.69
N TYR E 284 -38.86 -55.54 -18.12
CA TYR E 284 -37.44 -55.65 -18.39
C TYR E 284 -36.76 -56.62 -17.45
N ASN E 285 -37.42 -57.02 -16.37
CA ASN E 285 -36.98 -58.21 -15.67
C ASN E 285 -37.29 -59.46 -16.47
N ARG E 286 -38.28 -59.41 -17.35
CA ARG E 286 -38.46 -60.49 -18.31
C ARG E 286 -37.37 -60.49 -19.37
N LEU E 287 -36.68 -59.38 -19.57
CA LEU E 287 -35.71 -59.27 -20.64
C LEU E 287 -34.28 -59.17 -20.16
N TYR E 288 -34.06 -58.98 -18.86
CA TYR E 288 -32.73 -59.16 -18.31
C TYR E 288 -32.13 -60.55 -18.56
N PRO E 289 -32.89 -61.64 -18.65
CA PRO E 289 -32.32 -62.83 -19.30
C PRO E 289 -32.03 -62.65 -20.78
N LEU E 290 -32.96 -62.04 -21.51
CA LEU E 290 -32.85 -61.99 -22.97
C LEU E 290 -31.84 -60.97 -23.48
N LEU E 291 -31.10 -60.31 -22.59
CA LEU E 291 -29.90 -59.61 -23.00
C LEU E 291 -28.64 -60.34 -22.58
N GLN E 292 -28.73 -61.19 -21.56
CA GLN E 292 -27.56 -61.90 -21.03
C GLN E 292 -27.01 -62.89 -22.05
N ASP E 293 -27.90 -63.51 -22.82
CA ASP E 293 -27.45 -64.38 -23.91
C ASP E 293 -26.80 -63.57 -25.03
N GLU E 294 -27.38 -62.42 -25.34
CA GLU E 294 -26.95 -61.67 -26.51
C GLU E 294 -25.61 -60.98 -26.29
N VAL E 295 -25.31 -60.57 -25.05
CA VAL E 295 -23.99 -60.03 -24.79
C VAL E 295 -22.93 -61.13 -24.79
N LYS E 296 -23.34 -62.38 -24.63
CA LYS E 296 -22.42 -63.51 -24.68
C LYS E 296 -22.37 -64.14 -26.06
N ARG E 297 -23.49 -64.20 -26.77
CA ARG E 297 -23.48 -64.76 -28.12
C ARG E 297 -22.77 -63.82 -29.09
N LEU E 298 -22.86 -62.52 -28.85
CA LEU E 298 -22.17 -61.53 -29.67
C LEU E 298 -20.89 -61.08 -29.01
N THR E 299 -20.19 -62.02 -28.37
CA THR E 299 -18.90 -61.78 -27.74
C THR E 299 -17.87 -61.32 -28.76
N PRO E 300 -17.32 -60.13 -28.63
CA PRO E 300 -16.33 -59.67 -29.60
C PRO E 300 -14.93 -60.21 -29.33
N SER E 301 -14.65 -60.54 -28.07
CA SER E 301 -13.29 -60.91 -27.70
C SER E 301 -13.31 -61.68 -26.38
N SER E 302 -12.37 -62.60 -26.25
CA SER E 302 -12.13 -63.28 -24.99
C SER E 302 -11.07 -62.59 -24.16
N ARG E 303 -9.99 -62.14 -24.79
CA ARG E 303 -8.98 -61.34 -24.12
C ARG E 303 -9.48 -59.90 -23.97
N ASN E 304 -8.75 -59.11 -23.19
CA ASN E 304 -9.01 -57.67 -23.14
C ASN E 304 -8.64 -57.01 -24.45
N SER E 305 -7.45 -57.35 -24.99
CA SER E 305 -6.89 -56.80 -26.22
C SER E 305 -6.81 -55.28 -26.17
N VAL E 306 -5.97 -54.82 -25.24
CA VAL E 306 -5.91 -53.42 -24.82
C VAL E 306 -5.38 -52.50 -25.90
N LYS E 307 -5.47 -51.19 -25.66
CA LYS E 307 -4.83 -50.09 -26.39
C LYS E 307 -5.51 -49.81 -27.74
N THR E 308 -6.47 -50.61 -28.15
CA THR E 308 -7.25 -50.28 -29.33
C THR E 308 -8.17 -49.11 -29.02
N PRO E 309 -8.07 -47.99 -29.73
CA PRO E 309 -8.97 -46.86 -29.47
C PRO E 309 -10.39 -47.12 -29.91
N ASP E 310 -10.58 -48.09 -30.80
CA ASP E 310 -11.86 -48.50 -31.33
C ASP E 310 -12.43 -49.66 -30.53
N THR E 311 -13.33 -50.42 -31.16
CA THR E 311 -13.90 -51.73 -30.88
C THR E 311 -15.04 -51.74 -29.87
N LEU E 312 -15.31 -50.63 -29.17
CA LEU E 312 -16.60 -50.31 -28.53
C LEU E 312 -17.11 -51.44 -27.63
N THR E 313 -16.28 -51.82 -26.67
CA THR E 313 -16.50 -53.09 -26.00
C THR E 313 -17.66 -53.01 -25.01
N LEU E 314 -18.17 -54.19 -24.64
CA LEU E 314 -19.32 -54.30 -23.77
C LEU E 314 -18.96 -55.12 -22.55
N ASN E 315 -19.38 -54.64 -21.37
CA ASN E 315 -19.10 -55.29 -20.10
C ASN E 315 -20.33 -55.14 -19.22
N ILE E 316 -20.24 -55.68 -18.00
CA ILE E 316 -21.33 -55.60 -17.02
C ILE E 316 -20.73 -55.28 -15.66
N GLN E 317 -21.16 -54.17 -15.06
CA GLN E 317 -20.77 -53.79 -13.71
C GLN E 317 -21.99 -53.36 -12.93
N PRO E 318 -22.04 -53.64 -11.62
CA PRO E 318 -23.24 -53.31 -10.85
C PRO E 318 -23.38 -51.80 -10.65
N ASP E 319 -24.51 -51.27 -11.09
CA ASP E 319 -24.75 -49.85 -11.10
C ASP E 319 -25.95 -49.53 -10.21
N TYR E 320 -26.15 -48.24 -9.97
CA TYR E 320 -26.97 -47.79 -8.86
C TYR E 320 -27.96 -46.74 -9.33
N TYR E 321 -28.96 -46.49 -8.49
CA TYR E 321 -29.98 -45.49 -8.76
C TYR E 321 -29.55 -44.09 -8.37
N LEU E 322 -28.29 -43.91 -7.97
CA LEU E 322 -27.71 -42.58 -7.82
C LEU E 322 -27.17 -42.22 -9.20
N PHE E 323 -28.06 -41.70 -10.03
CA PHE E 323 -27.80 -41.58 -11.45
C PHE E 323 -26.80 -40.46 -11.74
N LEU E 324 -26.39 -40.38 -13.02
CA LEU E 324 -25.42 -39.42 -13.58
C LEU E 324 -24.14 -39.34 -12.75
N LEU E 325 -23.75 -40.46 -12.15
CA LEU E 325 -22.66 -40.50 -11.19
C LEU E 325 -21.32 -40.45 -11.88
N ARG E 326 -21.10 -41.35 -12.85
CA ARG E 326 -19.84 -41.39 -13.58
C ARG E 326 -19.66 -40.20 -14.50
N HIS E 327 -20.70 -39.41 -14.73
CA HIS E 327 -20.51 -38.13 -15.39
C HIS E 327 -20.18 -37.05 -14.39
N SER E 328 -20.92 -37.01 -13.30
CA SER E 328 -20.82 -35.91 -12.36
C SER E 328 -20.18 -36.16 -11.01
N SER E 329 -20.73 -35.50 -10.00
CA SER E 329 -20.17 -35.57 -8.66
C SER E 329 -20.96 -36.27 -7.58
N LEU E 330 -20.43 -37.44 -7.21
CA LEU E 330 -20.87 -38.25 -6.06
C LEU E 330 -21.32 -37.40 -4.88
N TYR E 331 -20.75 -36.19 -4.75
CA TYR E 331 -21.39 -35.08 -4.04
C TYR E 331 -22.89 -34.98 -4.34
N ASP E 332 -23.24 -34.36 -5.45
CA ASP E 332 -24.62 -34.14 -5.88
C ASP E 332 -25.68 -35.18 -5.49
N SER E 333 -25.25 -36.38 -5.10
CA SER E 333 -26.18 -37.40 -4.64
C SER E 333 -26.91 -36.77 -3.47
N PHE E 334 -26.26 -35.74 -2.92
CA PHE E 334 -26.80 -34.95 -1.81
C PHE E 334 -28.24 -34.48 -2.04
N TYR E 335 -28.57 -34.10 -3.27
CA TYR E 335 -29.98 -33.89 -3.50
C TYR E 335 -30.72 -35.22 -3.53
N TYR E 336 -30.48 -36.07 -4.52
CA TYR E 336 -31.40 -37.17 -4.73
C TYR E 336 -30.96 -38.44 -4.03
N SER E 337 -30.23 -38.30 -2.93
CA SER E 337 -30.27 -39.31 -1.88
C SER E 337 -31.41 -39.05 -0.90
N ASN E 338 -31.84 -37.80 -0.77
CA ASN E 338 -33.07 -37.51 -0.03
C ASN E 338 -34.31 -37.93 -0.83
N TYR E 339 -34.19 -38.03 -2.15
CA TYR E 339 -35.17 -38.76 -2.94
C TYR E 339 -35.19 -40.24 -2.55
N VAL E 340 -34.01 -40.82 -2.30
CA VAL E 340 -33.96 -42.16 -1.77
C VAL E 340 -34.40 -42.18 -0.31
N ASN E 341 -34.29 -41.05 0.39
CA ASN E 341 -34.95 -40.97 1.68
C ASN E 341 -36.39 -40.51 1.56
N ALA E 342 -36.76 -39.88 0.44
CA ALA E 342 -38.18 -39.83 0.10
C ALA E 342 -38.65 -41.21 -0.29
N LYS E 343 -37.77 -42.02 -0.87
CA LYS E 343 -38.04 -43.44 -0.99
C LYS E 343 -37.97 -44.13 0.36
N LEU E 344 -37.37 -43.51 1.38
CA LEU E 344 -37.58 -44.05 2.71
C LEU E 344 -38.69 -43.33 3.48
N SER E 345 -38.42 -42.11 3.99
CA SER E 345 -39.46 -41.42 4.76
C SER E 345 -39.42 -39.90 4.76
N LEU E 346 -38.46 -39.24 4.13
CA LEU E 346 -38.30 -37.82 4.43
C LEU E 346 -37.65 -37.06 3.29
N TRP E 347 -37.95 -35.77 3.24
CA TRP E 347 -37.59 -34.92 2.11
C TRP E 347 -36.90 -33.62 2.50
N ASN E 348 -37.33 -32.98 3.59
CA ASN E 348 -36.76 -31.68 3.95
C ASN E 348 -36.45 -31.49 5.41
N GLU E 349 -37.05 -32.27 6.32
CA GLU E 349 -36.98 -31.94 7.73
C GLU E 349 -35.63 -32.29 8.33
N ASN E 350 -35.29 -33.56 8.31
CA ASN E 350 -34.19 -34.08 9.11
C ASN E 350 -33.04 -34.61 8.27
N GLY E 351 -33.11 -34.48 6.95
CA GLY E 351 -32.20 -35.21 6.08
C GLY E 351 -30.76 -34.73 6.19
N LYS E 352 -30.56 -33.42 6.14
CA LYS E 352 -29.21 -32.88 6.32
C LYS E 352 -28.70 -33.10 7.74
N LYS E 353 -29.60 -33.33 8.69
CA LYS E 353 -29.18 -33.87 9.99
C LYS E 353 -28.95 -35.37 9.90
N ARG E 354 -29.63 -36.06 8.98
CA ARG E 354 -29.54 -37.51 8.94
C ARG E 354 -28.41 -37.99 8.05
N LEU E 355 -28.27 -37.40 6.86
CA LEU E 355 -27.47 -37.95 5.79
C LEU E 355 -25.97 -37.90 6.07
N HIS E 356 -25.53 -37.20 7.10
CA HIS E 356 -24.12 -36.88 7.26
C HIS E 356 -23.33 -37.95 8.00
N LYS E 357 -23.76 -39.22 7.94
CA LYS E 357 -22.88 -40.31 8.31
C LYS E 357 -22.63 -41.28 7.17
N MET E 358 -23.71 -41.70 6.49
CA MET E 358 -23.59 -42.78 5.52
C MET E 358 -22.90 -42.30 4.25
N PHE E 359 -23.42 -41.22 3.67
CA PHE E 359 -22.85 -40.67 2.45
C PHE E 359 -21.76 -39.65 2.73
N ALA E 360 -21.12 -39.76 3.90
CA ALA E 360 -20.13 -38.81 4.37
C ALA E 360 -18.92 -39.53 4.99
N ARG E 361 -18.35 -40.49 4.26
CA ARG E 361 -17.17 -41.19 4.76
C ARG E 361 -15.97 -40.26 4.87
N MET E 362 -15.96 -39.19 4.10
CA MET E 362 -15.25 -37.98 4.44
C MET E 362 -16.22 -36.82 4.33
N GLY E 363 -15.89 -35.71 4.97
CA GLY E 363 -16.35 -34.45 4.41
C GLY E 363 -15.60 -34.43 3.11
N ILE E 364 -16.30 -34.60 1.99
CA ILE E 364 -15.72 -35.18 0.76
C ILE E 364 -14.65 -34.25 0.22
N PRO E 365 -13.43 -34.75 -0.01
CA PRO E 365 -12.35 -33.87 -0.44
C PRO E 365 -12.51 -33.46 -1.90
N LEU E 366 -12.34 -32.16 -2.15
CA LEU E 366 -12.44 -31.60 -3.50
C LEU E 366 -11.07 -31.21 -4.05
N SER E 367 -10.03 -31.98 -3.70
CA SER E 367 -8.68 -31.76 -4.23
C SER E 367 -8.51 -32.43 -5.58
N THR E 368 -8.79 -33.74 -5.66
CA THR E 368 -8.84 -34.47 -6.92
C THR E 368 -10.21 -35.12 -7.14
N ALA E 369 -11.29 -34.47 -6.67
CA ALA E 369 -12.63 -35.07 -6.62
C ALA E 369 -13.15 -35.46 -8.00
N GLN E 370 -12.72 -34.76 -9.05
CA GLN E 370 -13.08 -35.11 -10.42
C GLN E 370 -12.56 -36.48 -10.81
N GLU E 371 -11.53 -36.97 -10.10
CA GLU E 371 -11.08 -38.34 -10.24
C GLU E 371 -11.08 -39.07 -8.90
N THR E 372 -11.96 -38.67 -7.98
CA THR E 372 -12.44 -39.56 -6.93
C THR E 372 -13.88 -40.01 -7.16
N TRP E 373 -14.55 -39.49 -8.20
CA TRP E 373 -15.67 -40.19 -8.80
C TRP E 373 -15.33 -40.73 -10.18
N LEU E 374 -14.14 -40.43 -10.70
CA LEU E 374 -13.58 -41.12 -11.86
C LEU E 374 -12.57 -42.20 -11.46
N TYR E 375 -11.51 -41.83 -10.73
CA TYR E 375 -10.34 -42.69 -10.62
C TYR E 375 -10.04 -43.17 -9.20
N MET E 376 -10.00 -42.29 -8.19
CA MET E 376 -9.65 -42.70 -6.83
C MET E 376 -10.69 -43.62 -6.20
N ASP E 377 -11.91 -43.65 -6.77
CA ASP E 377 -12.95 -44.59 -6.37
C ASP E 377 -12.63 -46.05 -6.70
N HIS E 378 -11.47 -46.31 -7.31
CA HIS E 378 -10.92 -47.67 -7.34
C HIS E 378 -10.84 -48.27 -5.95
N SER E 379 -10.54 -47.46 -4.93
CA SER E 379 -10.46 -47.88 -3.54
C SER E 379 -11.67 -47.44 -2.73
N ILE E 380 -12.34 -46.39 -3.17
CA ILE E 380 -13.38 -45.77 -2.36
C ILE E 380 -14.74 -46.31 -2.78
N LYS E 381 -14.96 -46.51 -4.07
CA LYS E 381 -16.18 -47.20 -4.47
C LYS E 381 -16.05 -48.70 -4.37
N ARG E 382 -14.83 -49.23 -4.24
CA ARG E 382 -14.73 -50.61 -3.78
C ARG E 382 -14.92 -50.71 -2.28
N GLU E 383 -14.67 -49.62 -1.54
CA GLU E 383 -15.14 -49.57 -0.16
C GLU E 383 -16.66 -49.45 -0.13
N LEU E 384 -17.23 -48.77 -1.12
CA LEU E 384 -18.67 -48.83 -1.32
C LEU E 384 -19.11 -50.24 -1.70
N GLY E 385 -18.24 -50.97 -2.40
CA GLY E 385 -18.45 -52.39 -2.61
C GLY E 385 -18.45 -53.19 -1.32
N ILE E 386 -17.81 -52.69 -0.27
CA ILE E 386 -17.91 -53.30 1.06
C ILE E 386 -18.67 -52.43 2.04
N ILE E 387 -19.14 -51.25 1.63
CA ILE E 387 -20.15 -50.55 2.41
C ILE E 387 -21.54 -51.08 2.10
N PHE E 388 -21.82 -51.35 0.83
CA PHE E 388 -23.17 -51.68 0.40
C PHE E 388 -23.56 -53.13 0.70
N ASP E 389 -22.79 -53.83 1.53
CA ASP E 389 -23.28 -55.01 2.22
C ASP E 389 -23.29 -54.84 3.72
N LYS E 390 -22.70 -53.76 4.26
CA LYS E 390 -22.95 -53.37 5.64
C LYS E 390 -23.86 -52.15 5.74
N ASN E 391 -24.26 -51.58 4.61
CA ASN E 391 -25.45 -50.74 4.55
C ASN E 391 -26.67 -51.52 4.10
N LEU E 392 -26.51 -52.84 3.98
CA LEU E 392 -27.64 -53.75 3.84
C LEU E 392 -28.62 -53.59 4.99
N ASP E 393 -28.12 -53.73 6.22
CA ASP E 393 -28.93 -53.66 7.42
C ASP E 393 -29.18 -52.25 7.92
N ARG E 394 -28.36 -51.29 7.48
CA ARG E 394 -28.28 -49.99 8.16
C ARG E 394 -29.57 -49.21 8.03
N TYR E 395 -30.23 -49.31 6.87
CA TYR E 395 -31.58 -48.78 6.72
C TYR E 395 -32.46 -49.69 5.88
N GLY E 396 -31.99 -50.87 5.48
CA GLY E 396 -32.75 -51.72 4.57
C GLY E 396 -32.87 -51.18 3.18
N LEU E 397 -32.03 -50.20 2.81
CA LEU E 397 -32.20 -49.40 1.62
C LEU E 397 -31.60 -50.14 0.43
N GLN E 398 -32.37 -51.07 -0.13
CA GLN E 398 -31.85 -51.95 -1.17
C GLN E 398 -32.54 -51.76 -2.52
N ASP E 399 -32.95 -50.53 -2.81
CA ASP E 399 -33.25 -50.12 -4.17
C ASP E 399 -32.05 -49.45 -4.83
N ILE E 400 -30.85 -49.83 -4.41
CA ILE E 400 -29.61 -49.27 -4.92
C ILE E 400 -28.80 -50.30 -5.66
N ILE E 401 -28.77 -51.53 -5.17
CA ILE E 401 -28.05 -52.60 -5.85
C ILE E 401 -28.84 -52.98 -7.10
N ARG E 402 -28.18 -52.87 -8.25
CA ARG E 402 -28.78 -53.27 -9.51
C ARG E 402 -27.67 -53.79 -10.40
N ASP E 403 -28.03 -54.72 -11.29
CA ASP E 403 -27.07 -55.43 -12.12
C ASP E 403 -26.37 -54.49 -13.10
N GLY E 404 -27.13 -53.62 -13.74
CA GLY E 404 -26.57 -52.58 -14.58
C GLY E 404 -25.99 -53.06 -15.90
N PHE E 405 -25.72 -52.09 -16.75
CA PHE E 405 -25.05 -52.35 -18.02
C PHE E 405 -24.28 -51.11 -18.42
N VAL E 406 -23.23 -51.32 -19.23
CA VAL E 406 -22.30 -50.24 -19.54
C VAL E 406 -21.80 -50.41 -20.97
N ARG E 407 -21.35 -49.31 -21.55
CA ARG E 407 -20.61 -49.27 -22.79
C ARG E 407 -19.34 -48.48 -22.56
N THR E 408 -18.39 -48.59 -23.48
CA THR E 408 -17.22 -47.74 -23.45
C THR E 408 -16.98 -47.22 -24.87
N LEU E 409 -15.82 -46.60 -25.07
CA LEU E 409 -15.45 -46.07 -26.37
C LEU E 409 -14.08 -46.50 -26.85
N GLY E 410 -13.23 -47.03 -25.97
CA GLY E 410 -11.83 -47.23 -26.27
C GLY E 410 -11.02 -46.20 -25.52
N TYR E 411 -11.59 -45.01 -25.39
CA TYR E 411 -11.02 -43.91 -24.64
C TYR E 411 -12.18 -43.09 -24.09
N ARG E 412 -11.88 -41.87 -23.65
CA ARG E 412 -12.86 -40.81 -23.37
C ARG E 412 -13.79 -41.14 -22.21
N GLY E 413 -13.46 -42.10 -21.37
CA GLY E 413 -14.29 -42.39 -20.22
C GLY E 413 -15.53 -43.21 -20.52
N SER E 414 -15.91 -44.05 -19.57
CA SER E 414 -17.07 -44.91 -19.74
C SER E 414 -18.36 -44.10 -19.63
N ILE E 415 -19.41 -44.61 -20.28
CA ILE E 415 -20.76 -44.08 -20.17
C ILE E 415 -21.70 -45.28 -20.09
N SER E 416 -22.47 -45.37 -19.01
CA SER E 416 -23.41 -46.46 -18.91
C SER E 416 -24.75 -46.06 -19.52
N ALA E 417 -25.71 -46.97 -19.50
CA ALA E 417 -26.99 -46.73 -20.13
C ALA E 417 -28.06 -46.27 -19.15
N SER E 418 -27.77 -46.26 -17.85
CA SER E 418 -28.74 -45.77 -16.89
C SER E 418 -28.87 -44.26 -16.96
N GLU E 419 -27.73 -43.57 -16.89
CA GLU E 419 -27.72 -42.12 -16.99
C GLU E 419 -27.96 -41.64 -18.41
N PHE E 420 -27.78 -42.51 -19.40
CA PHE E 420 -27.82 -42.08 -20.78
C PHE E 420 -29.23 -41.76 -21.23
N VAL E 421 -30.22 -42.46 -20.68
CA VAL E 421 -31.60 -42.14 -20.98
C VAL E 421 -32.02 -40.87 -20.25
N GLU E 422 -31.29 -40.49 -19.20
CA GLU E 422 -31.63 -39.27 -18.47
C GLU E 422 -31.26 -38.04 -19.28
N ALA E 423 -30.15 -38.10 -20.02
CA ALA E 423 -29.76 -36.96 -20.84
C ALA E 423 -30.72 -36.77 -22.01
N LEU E 424 -31.26 -37.86 -22.55
CA LEU E 424 -32.14 -37.74 -23.71
C LEU E 424 -33.48 -37.12 -23.33
N THR E 425 -33.97 -37.40 -22.12
CA THR E 425 -35.25 -36.82 -21.70
C THR E 425 -35.11 -35.33 -21.46
N ALA E 426 -34.04 -34.91 -20.79
CA ALA E 426 -33.87 -33.50 -20.48
C ALA E 426 -33.53 -32.69 -21.72
N LEU E 427 -32.76 -33.27 -22.64
CA LEU E 427 -32.41 -32.54 -23.85
C LEU E 427 -33.60 -32.42 -24.79
N LEU E 428 -34.59 -33.29 -24.66
CA LEU E 428 -35.83 -33.13 -25.40
C LEU E 428 -36.63 -31.93 -24.93
N GLU E 429 -36.40 -31.47 -23.71
CA GLU E 429 -37.13 -30.34 -23.15
C GLU E 429 -36.56 -29.02 -23.62
N VAL E 430 -35.31 -28.75 -23.27
CA VAL E 430 -34.71 -27.45 -23.52
C VAL E 430 -33.69 -27.62 -24.64
N GLY E 431 -33.39 -26.50 -25.31
CA GLY E 431 -32.53 -26.54 -26.48
C GLY E 431 -33.10 -25.71 -27.60
N ASN E 432 -34.11 -24.88 -27.28
CA ASN E 432 -34.72 -23.97 -28.23
C ASN E 432 -33.75 -22.91 -28.73
N SER E 458 -58.55 -15.46 -31.50
CA SER E 458 -57.77 -15.91 -30.34
C SER E 458 -57.12 -17.26 -30.60
N ALA E 459 -56.35 -17.72 -29.61
CA ALA E 459 -55.62 -19.00 -29.64
C ALA E 459 -54.69 -19.10 -30.84
N GLN E 460 -53.95 -18.02 -31.10
CA GLN E 460 -52.98 -18.00 -32.18
C GLN E 460 -51.55 -18.24 -31.71
N LYS E 461 -51.31 -18.13 -30.39
CA LYS E 461 -49.98 -18.34 -29.84
C LYS E 461 -49.59 -19.81 -29.82
N LEU E 462 -50.56 -20.73 -29.93
CA LEU E 462 -50.25 -22.14 -29.79
C LEU E 462 -49.47 -22.69 -30.97
N THR E 463 -49.62 -22.08 -32.16
CA THR E 463 -48.92 -22.58 -33.33
C THR E 463 -47.42 -22.35 -33.22
N ASN E 464 -47.01 -21.21 -32.67
CA ASN E 464 -45.60 -20.98 -32.41
C ASN E 464 -45.10 -21.75 -31.19
N LEU E 465 -46.00 -22.33 -30.39
CA LEU E 465 -45.59 -23.21 -29.32
C LEU E 465 -45.65 -24.68 -29.71
N ARG E 466 -46.61 -25.05 -30.56
CA ARG E 466 -46.67 -26.43 -31.02
C ARG E 466 -45.54 -26.75 -31.99
N LYS E 467 -44.93 -25.75 -32.61
CA LYS E 467 -43.83 -25.98 -33.53
C LYS E 467 -42.48 -25.95 -32.84
N ARG E 468 -42.45 -25.70 -31.54
CA ARG E 468 -41.18 -25.67 -30.86
C ARG E 468 -40.70 -27.06 -30.50
N TRP E 469 -41.60 -27.90 -29.98
CA TRP E 469 -41.20 -29.21 -29.49
C TRP E 469 -40.79 -30.14 -30.61
N VAL E 470 -41.37 -29.97 -31.80
CA VAL E 470 -40.93 -30.76 -32.94
C VAL E 470 -39.53 -30.34 -33.37
N SER E 471 -39.19 -29.05 -33.22
CA SER E 471 -37.89 -28.59 -33.68
C SER E 471 -36.79 -29.03 -32.74
N ASN E 472 -36.99 -28.87 -31.44
CA ASN E 472 -35.97 -29.29 -30.49
C ASN E 472 -35.93 -30.80 -30.32
N PHE E 473 -36.93 -31.52 -30.83
CA PHE E 473 -36.82 -32.97 -30.94
C PHE E 473 -35.67 -33.33 -31.87
N TRP E 474 -35.47 -32.53 -32.91
CA TRP E 474 -34.58 -32.93 -33.99
C TRP E 474 -33.12 -32.85 -33.59
N LEU E 475 -32.80 -32.08 -32.56
CA LEU E 475 -31.43 -32.00 -32.07
C LEU E 475 -31.13 -33.06 -31.00
N SER E 476 -31.90 -34.14 -30.98
CA SER E 476 -31.62 -35.27 -30.13
C SER E 476 -31.45 -36.57 -30.88
N TRP E 477 -32.14 -36.74 -32.01
CA TRP E 477 -32.05 -37.97 -32.78
C TRP E 477 -30.66 -38.16 -33.35
N ASP E 478 -30.00 -37.07 -33.70
CA ASP E 478 -28.64 -37.08 -34.19
C ASP E 478 -27.61 -37.42 -33.13
N ALA E 479 -28.00 -37.44 -31.86
CA ALA E 479 -27.05 -37.60 -30.77
C ALA E 479 -26.76 -39.06 -30.45
N LEU E 480 -26.94 -39.97 -31.39
CA LEU E 480 -26.72 -41.38 -31.12
C LEU E 480 -25.50 -41.92 -31.84
N ASP E 481 -24.71 -41.08 -32.49
CA ASP E 481 -23.51 -41.49 -33.20
C ASP E 481 -22.33 -40.67 -32.69
N ASP E 482 -21.13 -41.11 -33.05
CA ASP E 482 -19.92 -40.39 -32.70
C ASP E 482 -19.64 -39.20 -33.61
N ARG E 483 -20.50 -38.97 -34.61
CA ARG E 483 -20.35 -37.79 -35.46
C ARG E 483 -20.63 -36.51 -34.68
N LYS E 484 -21.41 -36.60 -33.61
CA LYS E 484 -21.52 -35.54 -32.64
C LYS E 484 -21.08 -36.08 -31.29
N VAL E 485 -20.31 -35.28 -30.55
CA VAL E 485 -19.95 -35.60 -29.19
C VAL E 485 -20.30 -34.42 -28.30
N GLU E 486 -19.87 -33.23 -28.71
CA GLU E 486 -19.78 -32.09 -27.83
C GLU E 486 -21.11 -31.39 -27.55
N LEU E 487 -22.25 -32.02 -27.83
CA LEU E 487 -23.52 -31.56 -27.28
C LEU E 487 -24.17 -32.61 -26.40
N LEU E 488 -23.62 -33.83 -26.37
CA LEU E 488 -24.07 -34.82 -25.40
C LEU E 488 -23.79 -34.36 -23.98
N ASN E 489 -22.66 -33.69 -23.78
CA ASN E 489 -22.35 -33.11 -22.49
C ASN E 489 -23.26 -31.94 -22.14
N ARG E 490 -23.90 -31.31 -23.12
CA ARG E 490 -24.79 -30.18 -22.82
C ARG E 490 -26.04 -30.65 -22.11
N GLY E 491 -26.54 -31.83 -22.46
CA GLY E 491 -27.64 -32.40 -21.72
C GLY E 491 -27.22 -32.85 -20.33
N ILE E 492 -25.95 -33.21 -20.17
CA ILE E 492 -25.44 -33.62 -18.87
C ILE E 492 -25.46 -32.45 -17.91
N GLN E 493 -24.98 -31.29 -18.34
CA GLN E 493 -25.03 -30.11 -17.49
C GLN E 493 -26.42 -29.51 -17.40
N LEU E 494 -27.32 -29.84 -18.32
CA LEU E 494 -28.71 -29.44 -18.18
C LEU E 494 -29.52 -30.49 -17.43
N ALA E 495 -28.93 -31.63 -17.13
CA ALA E 495 -29.62 -32.59 -16.27
C ALA E 495 -29.63 -32.13 -14.83
N GLN E 496 -28.46 -31.83 -14.28
CA GLN E 496 -28.31 -31.66 -12.83
C GLN E 496 -28.64 -30.26 -12.36
N ASP E 497 -29.45 -29.50 -13.08
CA ASP E 497 -29.97 -28.25 -12.56
C ASP E 497 -31.49 -28.21 -12.70
N LEU E 498 -32.01 -28.84 -13.76
CA LEU E 498 -33.45 -28.92 -13.92
C LEU E 498 -34.06 -29.80 -12.85
N GLN E 499 -33.34 -30.84 -12.44
CA GLN E 499 -33.78 -31.61 -11.29
C GLN E 499 -33.75 -30.77 -10.03
N ARG E 500 -32.74 -29.91 -9.90
CA ARG E 500 -32.75 -28.93 -8.83
C ARG E 500 -33.84 -27.91 -9.04
N ALA E 501 -34.20 -27.64 -10.29
CA ALA E 501 -35.28 -26.70 -10.55
C ALA E 501 -36.63 -27.33 -10.28
N ILE E 502 -36.83 -28.60 -10.67
CA ILE E 502 -38.14 -29.23 -10.47
C ILE E 502 -38.38 -29.52 -9.00
N PHE E 503 -37.30 -29.66 -8.23
CA PHE E 503 -37.43 -29.89 -6.80
C PHE E 503 -37.80 -28.61 -6.07
N ASN E 504 -37.40 -27.47 -6.64
CA ASN E 504 -37.50 -26.19 -5.94
C ASN E 504 -38.94 -25.76 -5.71
N THR E 505 -39.90 -26.32 -6.44
CA THR E 505 -41.31 -26.14 -6.12
C THR E 505 -41.95 -27.39 -5.53
N GLY E 506 -41.33 -28.55 -5.69
CA GLY E 506 -41.87 -29.75 -5.08
C GLY E 506 -41.75 -29.72 -3.57
N VAL E 507 -40.65 -29.15 -3.07
CA VAL E 507 -40.54 -28.93 -1.64
C VAL E 507 -41.48 -27.83 -1.18
N ALA E 508 -41.87 -26.93 -2.09
CA ALA E 508 -42.79 -25.87 -1.71
C ALA E 508 -44.21 -26.41 -1.55
N ILE E 509 -44.69 -27.18 -2.52
CA ILE E 509 -46.04 -27.69 -2.48
C ILE E 509 -46.20 -28.76 -1.41
N LEU E 510 -45.11 -29.43 -1.03
CA LEU E 510 -45.19 -30.42 0.03
C LEU E 510 -45.30 -29.78 1.40
N GLU E 511 -44.67 -28.63 1.59
CA GLU E 511 -44.82 -27.91 2.85
C GLU E 511 -45.91 -26.86 2.80
N LYS E 512 -46.49 -26.61 1.63
CA LYS E 512 -47.73 -25.84 1.56
C LYS E 512 -48.87 -26.60 2.22
N LYS E 513 -48.81 -27.93 2.20
CA LYS E 513 -49.84 -28.84 2.71
C LYS E 513 -51.19 -28.56 2.07
N LEU E 514 -51.20 -28.63 0.74
CA LEU E 514 -52.40 -28.43 -0.06
C LEU E 514 -52.81 -29.70 -0.80
N ILE E 515 -52.37 -30.85 -0.33
CA ILE E 515 -52.81 -32.13 -0.88
C ILE E 515 -54.01 -32.61 -0.07
N LYS E 516 -55.20 -32.53 -0.68
CA LYS E 516 -56.44 -32.79 0.03
C LYS E 516 -56.93 -34.19 -0.34
N HIS E 517 -56.98 -35.07 0.66
CA HIS E 517 -57.52 -36.41 0.49
C HIS E 517 -59.03 -36.31 0.57
N LEU E 518 -59.69 -36.34 -0.60
CA LEU E 518 -61.14 -36.10 -0.61
C LEU E 518 -61.92 -37.35 -0.23
N ARG E 519 -61.94 -38.34 -1.12
CA ARG E 519 -62.45 -39.65 -0.71
C ARG E 519 -61.56 -40.77 -1.22
N ILE E 520 -61.07 -40.65 -2.44
CA ILE E 520 -60.35 -41.74 -3.08
C ILE E 520 -58.97 -41.29 -3.55
N TYR E 521 -58.92 -40.22 -4.33
CA TYR E 521 -57.67 -39.69 -4.84
C TYR E 521 -57.19 -38.59 -3.90
N ARG E 522 -56.17 -37.86 -4.30
CA ARG E 522 -55.78 -36.64 -3.63
C ARG E 522 -55.66 -35.56 -4.69
N LEU E 523 -56.27 -34.41 -4.43
CA LEU E 523 -56.30 -33.31 -5.39
C LEU E 523 -55.27 -32.25 -4.99
N CYS E 524 -54.49 -31.81 -5.97
CA CYS E 524 -53.55 -30.73 -5.78
C CYS E 524 -53.63 -29.80 -6.98
N VAL E 525 -53.86 -28.52 -6.72
CA VAL E 525 -53.97 -27.52 -7.78
C VAL E 525 -52.84 -26.54 -7.56
N LEU E 526 -51.77 -26.66 -8.35
CA LEU E 526 -50.70 -25.70 -8.31
C LEU E 526 -51.17 -24.43 -9.03
N GLN E 527 -51.75 -23.50 -8.27
CA GLN E 527 -52.33 -22.30 -8.85
C GLN E 527 -51.26 -21.37 -9.43
N ASP E 528 -50.40 -20.82 -8.58
CA ASP E 528 -49.19 -20.12 -9.04
C ASP E 528 -48.20 -20.05 -7.90
N GLY E 529 -47.11 -20.79 -8.01
CA GLY E 529 -45.94 -20.53 -7.21
C GLY E 529 -44.95 -19.74 -8.06
N PRO E 530 -43.66 -19.97 -7.86
CA PRO E 530 -42.66 -19.47 -8.82
C PRO E 530 -42.33 -20.50 -9.88
N ASP E 531 -41.71 -20.00 -10.96
CA ASP E 531 -41.10 -20.83 -12.02
C ASP E 531 -42.15 -21.69 -12.73
N LEU E 532 -43.26 -21.07 -13.11
CA LEU E 532 -44.39 -21.79 -13.68
C LEU E 532 -44.19 -22.17 -15.14
N ASP E 533 -43.19 -21.61 -15.80
CA ASP E 533 -43.10 -21.69 -17.26
C ASP E 533 -42.61 -23.03 -17.77
N LEU E 534 -42.01 -23.87 -16.92
CA LEU E 534 -41.43 -25.13 -17.37
C LEU E 534 -42.44 -26.27 -17.34
N TYR E 535 -43.74 -25.97 -17.45
CA TYR E 535 -44.76 -27.00 -17.37
C TYR E 535 -45.74 -26.93 -18.53
N ARG E 536 -45.37 -26.26 -19.61
CA ARG E 536 -46.16 -26.36 -20.83
C ARG E 536 -45.95 -27.71 -21.49
N ASN E 537 -44.72 -28.17 -21.57
CA ASN E 537 -44.44 -29.45 -22.19
C ASN E 537 -44.76 -30.58 -21.21
N PRO E 538 -45.45 -31.63 -21.67
CA PRO E 538 -45.95 -32.63 -20.73
C PRO E 538 -44.90 -33.56 -20.18
N LEU E 539 -43.73 -33.67 -20.81
CA LEU E 539 -42.75 -34.66 -20.39
C LEU E 539 -42.10 -34.33 -19.05
N THR E 540 -42.09 -33.05 -18.66
CA THR E 540 -41.65 -32.73 -17.31
C THR E 540 -42.69 -33.12 -16.27
N LEU E 541 -43.96 -33.19 -16.68
CA LEU E 541 -45.02 -33.34 -15.69
C LEU E 541 -45.09 -34.77 -15.16
N LEU E 542 -44.81 -35.75 -16.01
CA LEU E 542 -44.77 -37.13 -15.55
C LEU E 542 -43.58 -37.37 -14.62
N ARG E 543 -42.48 -36.65 -14.82
CA ARG E 543 -41.36 -36.74 -13.90
C ARG E 543 -41.69 -36.06 -12.57
N LEU E 544 -42.40 -34.93 -12.65
CA LEU E 544 -42.85 -34.23 -11.45
C LEU E 544 -43.79 -35.12 -10.64
N GLY E 545 -44.69 -35.81 -11.32
CA GLY E 545 -45.50 -36.80 -10.64
C GLY E 545 -44.68 -37.98 -10.17
N ASN E 546 -43.62 -38.35 -10.93
CA ASN E 546 -42.78 -39.46 -10.53
C ASN E 546 -42.02 -39.15 -9.24
N TRP E 547 -41.71 -37.89 -9.02
CA TRP E 547 -41.23 -37.49 -7.70
C TRP E 547 -42.37 -37.37 -6.71
N LEU E 548 -43.55 -36.96 -7.17
CA LEU E 548 -44.69 -36.78 -6.27
C LEU E 548 -45.40 -38.07 -5.92
N ILE E 549 -45.28 -39.12 -6.74
CA ILE E 549 -45.81 -40.41 -6.32
C ILE E 549 -44.93 -41.02 -5.24
N GLU E 550 -43.68 -40.59 -5.13
CA GLU E 550 -42.77 -41.17 -4.16
C GLU E 550 -42.81 -40.50 -2.80
N CYS E 551 -43.37 -39.29 -2.69
CA CYS E 551 -43.52 -38.70 -1.37
C CYS E 551 -44.62 -39.41 -0.60
N CYS E 552 -45.62 -39.92 -1.30
CA CYS E 552 -46.65 -40.76 -0.72
C CYS E 552 -46.33 -42.23 -0.82
N ALA E 553 -45.07 -42.57 -1.08
CA ALA E 553 -44.64 -43.97 -1.06
C ALA E 553 -44.12 -44.39 0.30
N GLU E 554 -44.89 -44.06 1.34
CA GLU E 554 -44.74 -44.62 2.67
C GLU E 554 -45.59 -45.89 2.71
N SER E 555 -45.93 -46.38 3.90
CA SER E 555 -46.74 -47.60 4.06
C SER E 555 -48.05 -47.52 3.30
N GLU E 556 -48.95 -46.62 3.74
CA GLU E 556 -50.26 -46.35 3.12
C GLU E 556 -51.03 -47.64 2.80
N ASP E 557 -51.29 -48.41 3.87
CA ASP E 557 -51.89 -49.72 3.72
C ASP E 557 -53.31 -49.65 3.17
N LYS E 558 -54.01 -48.54 3.40
CA LYS E 558 -55.23 -48.21 2.69
C LYS E 558 -54.96 -47.05 1.75
N GLN E 559 -55.88 -46.87 0.79
CA GLN E 559 -55.91 -45.73 -0.14
C GLN E 559 -54.62 -45.61 -0.97
N LEU E 560 -54.41 -46.61 -1.82
CA LEU E 560 -53.28 -46.61 -2.74
C LEU E 560 -53.70 -46.07 -4.11
N LEU E 561 -54.17 -44.83 -4.11
CA LEU E 561 -54.60 -44.19 -5.34
C LEU E 561 -53.65 -43.06 -5.71
N PRO E 562 -53.23 -42.96 -6.97
CA PRO E 562 -52.42 -41.82 -7.40
C PRO E 562 -53.26 -40.56 -7.53
N MET E 563 -52.58 -39.47 -7.84
CA MET E 563 -53.16 -38.13 -7.73
C MET E 563 -53.47 -37.57 -9.10
N VAL E 564 -54.02 -36.36 -9.09
CA VAL E 564 -54.22 -35.56 -10.29
C VAL E 564 -53.81 -34.13 -9.96
N LEU E 565 -52.91 -33.57 -10.76
CA LEU E 565 -52.38 -32.24 -10.52
C LEU E 565 -53.04 -31.24 -11.47
N ALA E 566 -52.61 -29.97 -11.35
CA ALA E 566 -53.17 -28.89 -12.14
C ALA E 566 -52.20 -27.72 -12.14
N SER E 567 -52.01 -27.10 -13.31
CA SER E 567 -51.17 -25.93 -13.43
C SER E 567 -51.61 -25.11 -14.63
N ILE E 568 -51.09 -23.90 -14.72
CA ILE E 568 -51.47 -22.95 -15.77
C ILE E 568 -50.34 -21.95 -15.96
N ASP E 569 -50.07 -21.60 -17.22
CA ASP E 569 -49.07 -20.59 -17.52
C ASP E 569 -49.60 -19.55 -18.50
N GLU E 570 -50.51 -19.94 -19.38
CA GLU E 570 -50.90 -19.10 -20.51
C GLU E 570 -52.40 -18.80 -20.46
N ASN E 571 -52.89 -18.19 -21.53
CA ASN E 571 -54.24 -17.66 -21.63
C ASN E 571 -55.29 -18.78 -21.66
N THR E 572 -56.55 -18.34 -21.49
CA THR E 572 -57.81 -19.10 -21.58
C THR E 572 -57.85 -20.42 -20.79
N ASP E 573 -56.97 -20.55 -19.78
CA ASP E 573 -56.94 -21.66 -18.82
C ASP E 573 -56.83 -23.02 -19.53
N THR E 574 -55.65 -23.22 -20.13
CA THR E 574 -55.35 -24.47 -20.82
C THR E 574 -55.44 -25.67 -19.89
N TYR E 575 -54.63 -25.65 -18.82
CA TYR E 575 -54.69 -26.58 -17.68
C TYR E 575 -54.50 -28.04 -18.12
N LEU E 576 -53.27 -28.34 -18.54
CA LEU E 576 -52.92 -29.69 -18.98
C LEU E 576 -52.90 -30.60 -17.76
N VAL E 577 -54.09 -31.04 -17.38
CA VAL E 577 -54.25 -31.91 -16.22
C VAL E 577 -53.90 -33.33 -16.62
N ALA E 578 -53.42 -34.10 -15.65
CA ALA E 578 -53.00 -35.46 -15.93
C ALA E 578 -53.21 -36.32 -14.71
N GLY E 579 -53.16 -37.63 -14.93
CA GLY E 579 -53.23 -38.61 -13.87
C GLY E 579 -51.97 -39.46 -13.83
N LEU E 580 -51.85 -40.23 -12.77
CA LEU E 580 -50.69 -41.08 -12.57
C LEU E 580 -51.15 -42.52 -12.38
N THR E 581 -50.19 -43.38 -12.07
CA THR E 581 -50.42 -44.75 -11.70
C THR E 581 -50.01 -44.96 -10.25
N PRO E 582 -50.66 -45.84 -9.51
CA PRO E 582 -50.12 -46.21 -8.20
C PRO E 582 -48.90 -47.10 -8.38
N ARG E 583 -48.08 -47.16 -7.35
CA ARG E 583 -46.81 -47.85 -7.45
C ARG E 583 -46.66 -48.85 -6.32
N TYR E 584 -46.15 -50.03 -6.66
CA TYR E 584 -45.84 -51.05 -5.66
C TYR E 584 -44.44 -50.82 -5.10
N PRO E 585 -44.23 -51.04 -3.80
CA PRO E 585 -42.89 -50.93 -3.22
C PRO E 585 -42.08 -52.23 -3.32
N ARG E 586 -42.13 -52.86 -4.50
CA ARG E 586 -41.31 -54.02 -4.89
C ARG E 586 -41.48 -55.20 -3.93
N GLY E 587 -42.71 -55.69 -3.84
CA GLY E 587 -43.02 -56.82 -2.99
C GLY E 587 -43.60 -58.02 -3.73
N THR E 593 -45.96 -57.47 -10.49
CA THR E 593 -47.28 -57.02 -10.06
C THR E 593 -48.18 -58.20 -9.77
N LYS E 594 -48.66 -58.28 -8.52
CA LYS E 594 -49.64 -59.31 -8.20
C LYS E 594 -51.02 -58.91 -8.71
N LYS E 595 -51.34 -57.63 -8.67
CA LYS E 595 -52.54 -57.08 -9.30
C LYS E 595 -52.13 -55.95 -10.24
N PRO E 596 -52.03 -56.20 -11.54
CA PRO E 596 -51.51 -55.17 -12.46
C PRO E 596 -52.50 -54.05 -12.74
N ILE E 597 -52.53 -53.04 -11.87
CA ILE E 597 -53.42 -51.90 -12.05
C ILE E 597 -52.93 -51.07 -13.23
N LEU E 598 -53.80 -50.87 -14.23
CA LEU E 598 -53.44 -50.09 -15.41
C LEU E 598 -53.89 -48.63 -15.28
N ASN E 599 -55.21 -48.41 -15.24
CA ASN E 599 -55.83 -47.09 -15.27
C ASN E 599 -57.32 -47.25 -15.01
N ASN E 600 -57.91 -46.22 -14.40
CA ASN E 600 -59.36 -46.10 -14.29
C ASN E 600 -59.87 -44.79 -14.87
N PHE E 601 -58.98 -43.90 -15.27
CA PHE E 601 -59.35 -42.53 -15.61
C PHE E 601 -59.84 -42.38 -17.05
N SER E 602 -59.22 -43.11 -17.99
CA SER E 602 -59.56 -42.95 -19.40
C SER E 602 -60.97 -43.45 -19.70
N MET E 603 -61.47 -44.39 -18.89
CA MET E 603 -62.88 -44.75 -18.97
C MET E 603 -63.77 -43.57 -18.60
N ALA E 604 -63.44 -42.89 -17.51
CA ALA E 604 -64.19 -41.71 -17.11
C ALA E 604 -63.87 -40.50 -17.97
N PHE E 605 -62.75 -40.52 -18.69
CA PHE E 605 -62.41 -39.40 -19.55
C PHE E 605 -63.30 -39.35 -20.77
N GLN E 606 -63.85 -40.50 -21.19
CA GLN E 606 -64.82 -40.50 -22.27
C GLN E 606 -66.15 -39.90 -21.83
N GLN E 607 -66.47 -39.99 -20.53
CA GLN E 607 -67.74 -39.51 -20.04
C GLN E 607 -67.80 -37.99 -20.03
N ILE E 608 -66.79 -37.35 -19.44
CA ILE E 608 -66.85 -35.91 -19.25
C ILE E 608 -66.55 -35.19 -20.56
N THR E 609 -65.91 -35.86 -21.51
CA THR E 609 -65.81 -35.32 -22.86
C THR E 609 -67.08 -35.50 -23.66
N ALA E 610 -68.11 -36.13 -23.09
CA ALA E 610 -69.40 -36.30 -23.76
C ALA E 610 -70.54 -35.57 -23.07
N GLU E 611 -70.40 -35.21 -21.81
CA GLU E 611 -71.52 -34.70 -21.03
C GLU E 611 -71.57 -33.18 -20.99
N THR E 612 -70.48 -32.54 -20.56
CA THR E 612 -70.49 -31.08 -20.42
C THR E 612 -70.38 -30.40 -21.78
N ASP E 613 -69.32 -30.74 -22.54
CA ASP E 613 -69.08 -30.26 -23.91
C ASP E 613 -68.99 -28.73 -23.97
N ALA E 614 -68.16 -28.16 -23.10
CA ALA E 614 -67.89 -26.73 -23.08
C ALA E 614 -66.39 -26.55 -22.82
N LYS E 615 -65.61 -26.52 -23.91
CA LYS E 615 -64.14 -26.41 -23.91
C LYS E 615 -63.51 -27.54 -23.08
N VAL E 616 -63.74 -28.76 -23.57
CA VAL E 616 -62.99 -29.93 -23.15
C VAL E 616 -62.30 -30.51 -24.39
N ARG E 617 -61.08 -30.99 -24.24
CA ARG E 617 -60.27 -31.38 -25.38
C ARG E 617 -59.52 -32.67 -25.11
N ILE E 618 -59.29 -33.43 -26.18
CA ILE E 618 -58.43 -34.62 -26.13
C ILE E 618 -57.38 -34.48 -27.22
N ASP E 619 -57.06 -33.23 -27.59
CA ASP E 619 -56.18 -32.97 -28.73
C ASP E 619 -54.74 -33.37 -28.43
N ASN E 620 -54.32 -33.31 -27.18
CA ASN E 620 -53.02 -33.84 -26.81
C ASN E 620 -53.02 -35.36 -26.94
N PHE E 621 -51.85 -35.92 -27.22
CA PHE E 621 -51.78 -37.25 -27.80
C PHE E 621 -52.08 -38.33 -26.79
N GLU E 622 -51.31 -38.37 -25.69
CA GLU E 622 -51.48 -39.41 -24.70
C GLU E 622 -52.79 -39.24 -23.95
N SER E 623 -53.52 -40.34 -23.76
CA SER E 623 -54.83 -40.30 -23.12
C SER E 623 -54.74 -39.96 -21.63
N SER E 624 -53.57 -40.13 -21.01
CA SER E 624 -53.40 -39.76 -19.61
C SER E 624 -53.36 -38.26 -19.38
N ILE E 625 -53.29 -37.46 -20.43
CA ILE E 625 -53.23 -36.00 -20.32
C ILE E 625 -54.35 -35.42 -21.17
N ILE E 626 -55.15 -34.53 -20.58
CA ILE E 626 -56.20 -33.81 -21.30
C ILE E 626 -56.10 -32.33 -20.96
N GLU E 627 -57.04 -31.54 -21.46
CA GLU E 627 -57.15 -30.13 -21.11
C GLU E 627 -58.51 -29.86 -20.50
N ILE E 628 -58.60 -28.76 -19.76
CA ILE E 628 -59.82 -28.41 -19.04
C ILE E 628 -59.83 -26.91 -18.80
N ARG E 629 -61.03 -26.33 -18.76
CA ARG E 629 -61.26 -24.94 -18.44
C ARG E 629 -61.38 -24.76 -16.93
N ARG E 630 -61.12 -23.53 -16.45
CA ARG E 630 -61.06 -23.26 -15.02
C ARG E 630 -62.42 -23.40 -14.35
N GLU E 631 -63.48 -22.88 -14.97
CA GLU E 631 -64.80 -23.02 -14.40
C GLU E 631 -65.42 -24.39 -14.67
N ASP E 632 -64.72 -25.28 -15.38
CA ASP E 632 -65.18 -26.64 -15.57
C ASP E 632 -64.31 -27.68 -14.87
N LEU E 633 -63.13 -27.30 -14.37
CA LEU E 633 -62.33 -28.26 -13.61
C LEU E 633 -62.86 -28.47 -12.20
N SER E 634 -63.60 -27.51 -11.65
CA SER E 634 -64.24 -27.73 -10.36
C SER E 634 -65.49 -28.60 -10.44
N PRO E 635 -66.36 -28.52 -11.48
CA PRO E 635 -67.34 -29.60 -11.64
C PRO E 635 -66.82 -30.83 -12.36
N PHE E 636 -65.55 -30.83 -12.78
CA PHE E 636 -64.94 -32.03 -13.33
C PHE E 636 -64.87 -33.12 -12.27
N LEU E 637 -64.38 -32.77 -11.09
CA LEU E 637 -64.24 -33.72 -10.00
C LEU E 637 -65.58 -34.11 -9.39
N GLU E 638 -66.58 -33.24 -9.51
CA GLU E 638 -67.89 -33.51 -8.92
C GLU E 638 -68.60 -34.65 -9.63
N LYS E 639 -68.35 -34.81 -10.94
CA LYS E 639 -68.79 -36.01 -11.63
C LYS E 639 -67.84 -37.18 -11.40
N LEU E 640 -66.65 -36.91 -10.85
CA LEU E 640 -65.68 -37.96 -10.60
C LEU E 640 -65.75 -38.51 -9.19
N THR E 641 -66.19 -37.71 -8.22
CA THR E 641 -66.26 -38.18 -6.84
C THR E 641 -67.41 -39.15 -6.62
N LEU E 642 -68.38 -39.20 -7.53
CA LEU E 642 -69.48 -40.14 -7.43
C LEU E 642 -69.33 -41.32 -8.37
N SER E 643 -68.73 -41.13 -9.54
CA SER E 643 -68.56 -42.20 -10.52
C SER E 643 -67.37 -43.06 -10.12
N GLY E 644 -67.63 -44.10 -9.35
CA GLY E 644 -66.59 -45.01 -8.92
C GLY E 644 -66.30 -46.07 -9.97
N LEU E 645 -65.23 -45.87 -10.74
CA LEU E 645 -64.99 -46.72 -11.89
C LEU E 645 -63.64 -47.43 -11.78
N LEU E 646 -63.34 -47.99 -10.62
CA LEU E 646 -62.13 -48.78 -10.45
C LEU E 646 -62.44 -50.26 -10.64
N PRO F 1 3.59 -45.90 34.61
CA PRO F 1 3.54 -47.25 35.18
C PRO F 1 2.54 -48.15 34.48
N ASN F 2 1.73 -48.88 35.24
CA ASN F 2 0.75 -49.80 34.69
C ASN F 2 -0.65 -49.64 35.23
N VAL F 3 -0.83 -49.01 36.38
CA VAL F 3 -2.18 -48.84 36.93
C VAL F 3 -2.95 -47.77 36.17
N SER F 4 -2.26 -46.89 35.44
CA SER F 4 -2.93 -45.93 34.59
C SER F 4 -3.60 -46.59 33.39
N ARG F 5 -3.20 -47.81 33.03
CA ARG F 5 -3.93 -48.57 32.03
C ARG F 5 -5.34 -48.89 32.54
N THR F 6 -5.47 -49.17 33.83
CA THR F 6 -6.78 -49.42 34.41
C THR F 6 -7.57 -48.12 34.59
N ILE F 7 -6.89 -46.97 34.63
CA ILE F 7 -7.56 -45.68 34.79
C ILE F 7 -8.50 -45.42 33.63
N ALA F 8 -8.08 -45.79 32.42
CA ALA F 8 -8.94 -45.64 31.25
C ALA F 8 -10.19 -46.49 31.36
N ARG F 9 -10.06 -47.69 31.91
CA ARG F 9 -11.24 -48.48 32.22
C ARG F 9 -12.04 -47.85 33.35
N GLU F 10 -11.38 -47.17 34.28
CA GLU F 10 -12.05 -46.66 35.46
C GLU F 10 -12.82 -45.37 35.19
N LEU F 11 -12.67 -44.75 34.03
CA LEU F 11 -13.40 -43.54 33.72
C LEU F 11 -14.36 -43.70 32.55
N LYS F 12 -14.04 -44.54 31.56
CA LYS F 12 -14.97 -44.85 30.49
C LYS F 12 -16.24 -45.48 31.05
N SER F 13 -16.09 -46.31 32.07
CA SER F 13 -17.21 -46.64 32.94
C SER F 13 -17.81 -45.39 33.56
N PHE F 14 -17.00 -44.63 34.30
CA PHE F 14 -17.49 -43.54 35.14
C PHE F 14 -18.07 -42.38 34.33
N LEU F 15 -17.75 -42.28 33.04
CA LEU F 15 -18.35 -41.26 32.20
C LEU F 15 -19.55 -41.81 31.43
N LEU F 16 -19.33 -42.84 30.61
CA LEU F 16 -20.29 -43.20 29.58
C LEU F 16 -21.49 -43.97 30.11
N GLU F 17 -21.42 -44.50 31.33
CA GLU F 17 -22.50 -45.35 31.81
C GLU F 17 -23.73 -44.56 32.19
N TYR F 18 -23.59 -43.27 32.49
CA TYR F 18 -24.70 -42.48 32.99
C TYR F 18 -24.36 -41.01 32.85
N THR F 19 -25.35 -40.24 32.41
CA THR F 19 -25.30 -38.79 32.41
C THR F 19 -26.43 -38.27 33.28
N ASP F 20 -26.18 -37.16 33.97
CA ASP F 20 -27.05 -36.69 35.04
C ASP F 20 -28.34 -36.08 34.46
N GLU F 21 -29.18 -35.54 35.37
CA GLU F 21 -30.46 -34.88 35.08
C GLU F 21 -31.43 -35.83 34.38
N THR F 22 -31.87 -36.82 35.16
CA THR F 22 -32.88 -37.83 34.77
C THR F 22 -32.41 -38.65 33.57
N GLY F 23 -31.14 -39.02 33.58
CA GLY F 23 -30.60 -39.87 32.54
C GLY F 23 -30.47 -39.17 31.21
N ARG F 24 -31.21 -39.69 30.22
CA ARG F 24 -31.32 -39.24 28.82
C ARG F 24 -30.05 -39.43 28.00
N SER F 25 -28.94 -39.86 28.61
CA SER F 25 -27.63 -40.06 27.98
C SER F 25 -27.16 -38.80 27.24
N VAL F 26 -26.97 -37.73 28.03
CA VAL F 26 -26.64 -36.42 27.48
C VAL F 26 -25.26 -36.45 26.83
N TYR F 27 -24.24 -36.81 27.62
CA TYR F 27 -22.89 -36.93 27.10
C TYR F 27 -22.76 -38.08 26.12
N GLY F 28 -23.59 -39.10 26.26
CA GLY F 28 -23.67 -40.16 25.27
C GLY F 28 -24.38 -39.79 23.99
N ALA F 29 -24.99 -38.61 23.94
CA ALA F 29 -25.63 -38.12 22.72
C ALA F 29 -24.78 -37.10 21.98
N ARG F 30 -24.06 -36.23 22.69
CA ARG F 30 -23.26 -35.22 22.01
C ARG F 30 -21.98 -35.79 21.42
N ILE F 31 -21.64 -37.06 21.72
CA ILE F 31 -20.49 -37.66 21.09
C ILE F 31 -20.75 -37.96 19.61
N ARG F 32 -21.89 -38.60 19.32
CA ARG F 32 -22.15 -39.03 17.95
C ARG F 32 -22.51 -37.85 17.06
N THR F 33 -23.03 -36.78 17.66
CA THR F 33 -23.43 -35.62 16.89
C THR F 33 -22.22 -34.86 16.36
N LEU F 34 -21.19 -34.71 17.19
CA LEU F 34 -19.95 -34.10 16.71
C LEU F 34 -19.11 -35.09 15.93
N GLY F 35 -19.49 -36.36 15.98
CA GLY F 35 -18.97 -37.29 15.00
C GLY F 35 -19.62 -37.10 13.64
N GLU F 36 -20.88 -36.66 13.62
CA GLU F 36 -21.59 -36.51 12.35
C GLU F 36 -21.08 -35.31 11.57
N MET F 37 -20.76 -34.22 12.27
CA MET F 37 -20.26 -33.02 11.58
C MET F 37 -18.79 -33.17 11.20
N ASN F 38 -18.08 -34.14 11.80
CA ASN F 38 -16.66 -34.41 11.58
C ASN F 38 -15.81 -33.17 11.91
N SER F 39 -15.80 -32.85 13.20
CA SER F 39 -15.20 -31.60 13.65
C SER F 39 -14.23 -31.73 14.81
N GLU F 40 -14.01 -32.94 15.34
CA GLU F 40 -12.92 -33.28 16.25
C GLU F 40 -12.96 -32.47 17.55
N SER F 41 -14.02 -32.68 18.33
CA SER F 41 -14.16 -31.97 19.60
C SER F 41 -15.09 -32.72 20.53
N LEU F 42 -14.89 -32.51 21.83
CA LEU F 42 -15.80 -33.00 22.85
C LEU F 42 -15.90 -31.97 23.97
N GLU F 43 -16.84 -32.19 24.89
CA GLU F 43 -17.02 -31.33 26.04
C GLU F 43 -16.95 -32.19 27.31
N VAL F 44 -16.88 -31.51 28.45
CA VAL F 44 -17.11 -32.13 29.75
C VAL F 44 -18.02 -31.19 30.55
N ASN F 45 -19.08 -31.76 31.12
CA ASN F 45 -19.99 -31.00 31.96
C ASN F 45 -19.32 -30.69 33.28
N TYR F 46 -19.55 -29.47 33.79
CA TYR F 46 -18.97 -29.05 35.05
C TYR F 46 -19.48 -29.90 36.22
N ARG F 47 -20.77 -30.19 36.24
CA ARG F 47 -21.29 -31.06 37.29
C ARG F 47 -20.75 -32.47 37.15
N HIS F 48 -20.54 -32.92 35.91
CA HIS F 48 -19.77 -34.14 35.71
C HIS F 48 -18.32 -33.93 36.09
N LEU F 49 -17.75 -32.76 35.75
CA LEU F 49 -16.40 -32.41 36.20
C LEU F 49 -16.34 -32.32 37.72
N ALA F 50 -17.43 -31.90 38.36
CA ALA F 50 -17.47 -31.89 39.82
C ALA F 50 -17.52 -33.30 40.37
N GLU F 51 -18.06 -34.24 39.58
CA GLU F 51 -18.17 -35.61 40.07
C GLU F 51 -17.03 -36.47 39.56
N SER F 52 -16.44 -36.10 38.41
CA SER F 52 -15.28 -36.81 37.88
C SER F 52 -13.96 -36.18 38.31
N LYS F 53 -13.94 -35.48 39.45
CA LYS F 53 -12.70 -34.99 40.03
C LYS F 53 -12.49 -35.51 41.45
N ALA F 54 -13.42 -36.32 41.97
CA ALA F 54 -13.32 -36.82 43.33
C ALA F 54 -12.10 -37.70 43.52
N ILE F 55 -11.83 -38.57 42.54
CA ILE F 55 -10.56 -39.27 42.50
C ILE F 55 -9.59 -38.61 41.53
N LEU F 56 -9.93 -37.44 41.00
CA LEU F 56 -9.15 -36.84 39.94
C LEU F 56 -8.72 -35.41 40.23
N ALA F 57 -9.04 -34.87 41.41
CA ALA F 57 -8.47 -33.57 41.80
C ALA F 57 -6.97 -33.68 42.02
N LEU F 58 -6.52 -34.81 42.56
CA LEU F 58 -5.10 -35.14 42.60
C LEU F 58 -4.61 -35.76 41.31
N PHE F 59 -5.41 -35.69 40.24
CA PHE F 59 -4.95 -36.01 38.90
C PHE F 59 -5.37 -34.95 37.89
N LEU F 60 -5.83 -33.80 38.37
CA LEU F 60 -5.97 -32.63 37.52
C LEU F 60 -5.04 -31.51 37.94
N ALA F 61 -5.11 -31.08 39.21
CA ALA F 61 -4.23 -30.01 39.68
C ALA F 61 -2.85 -30.51 40.06
N LYS F 62 -2.61 -31.82 40.03
CA LYS F 62 -1.28 -32.35 40.26
C LYS F 62 -0.57 -32.62 38.94
N CYS F 63 -1.25 -33.28 38.00
CA CYS F 63 -0.67 -33.62 36.70
C CYS F 63 -1.73 -33.34 35.65
N PRO F 64 -1.66 -32.20 34.97
CA PRO F 64 -2.74 -31.85 34.04
C PRO F 64 -2.58 -32.41 32.63
N GLU F 65 -1.37 -32.65 32.14
CA GLU F 65 -1.21 -32.90 30.72
C GLU F 65 -1.01 -34.37 30.37
N GLU F 66 -0.26 -35.13 31.15
CA GLU F 66 -0.08 -36.54 30.83
C GLU F 66 -1.28 -37.36 31.27
N MET F 67 -2.09 -36.82 32.17
CA MET F 67 -3.40 -37.39 32.43
C MET F 67 -4.28 -37.27 31.21
N LEU F 68 -4.13 -36.20 30.44
CA LEU F 68 -4.97 -35.99 29.27
C LEU F 68 -4.55 -36.87 28.10
N LYS F 69 -3.25 -37.19 28.01
CA LYS F 69 -2.78 -38.02 26.91
C LYS F 69 -3.31 -39.44 27.03
N ILE F 70 -3.45 -39.95 28.25
CA ILE F 70 -4.09 -41.24 28.43
C ILE F 70 -5.61 -41.07 28.45
N PHE F 71 -6.07 -39.84 28.70
CA PHE F 71 -7.50 -39.56 28.58
C PHE F 71 -7.90 -39.48 27.11
N ASP F 72 -6.94 -39.26 26.22
CA ASP F 72 -7.29 -39.07 24.83
C ASP F 72 -7.56 -40.40 24.13
N LEU F 73 -6.84 -41.45 24.51
CA LEU F 73 -6.92 -42.68 23.75
C LEU F 73 -8.15 -43.49 24.13
N VAL F 74 -8.85 -43.11 25.19
CA VAL F 74 -10.06 -43.84 25.55
C VAL F 74 -11.25 -43.29 24.78
N ALA F 75 -11.15 -42.04 24.31
CA ALA F 75 -12.27 -41.44 23.57
C ALA F 75 -12.38 -42.00 22.16
N MET F 76 -11.30 -42.53 21.62
CA MET F 76 -11.38 -43.29 20.37
C MET F 76 -12.27 -44.52 20.54
N GLU F 77 -11.96 -45.34 21.54
CA GLU F 77 -12.74 -46.52 21.84
C GLU F 77 -14.12 -46.17 22.40
N ALA F 78 -14.31 -44.95 22.90
CA ALA F 78 -15.64 -44.50 23.27
C ALA F 78 -16.52 -44.24 22.06
N THR F 79 -15.93 -44.11 20.86
CA THR F 79 -16.72 -43.93 19.65
C THR F 79 -16.37 -44.90 18.54
N GLU F 80 -15.33 -45.72 18.70
CA GLU F 80 -14.99 -46.71 17.69
C GLU F 80 -16.08 -47.76 17.55
N LEU F 81 -16.66 -48.17 18.69
CA LEU F 81 -17.82 -49.06 18.64
C LEU F 81 -19.04 -48.36 18.07
N HIS F 82 -19.15 -47.05 18.27
CA HIS F 82 -20.30 -46.33 17.75
C HIS F 82 -20.14 -46.05 16.27
N TYR F 83 -19.09 -45.35 15.89
CA TYR F 83 -18.78 -45.14 14.48
C TYR F 83 -17.57 -45.98 14.12
N PRO F 84 -17.77 -47.12 13.45
CA PRO F 84 -16.62 -47.91 13.03
C PRO F 84 -15.86 -47.21 11.91
N ASP F 85 -14.56 -47.46 11.86
CA ASP F 85 -13.63 -46.97 10.85
C ASP F 85 -13.56 -45.45 10.79
N TYR F 86 -13.93 -44.76 11.87
CA TYR F 86 -13.79 -43.32 11.90
C TYR F 86 -12.34 -42.90 12.00
N ALA F 87 -11.47 -43.77 12.46
CA ALA F 87 -10.05 -43.47 12.49
C ALA F 87 -9.40 -43.49 11.11
N ARG F 88 -10.08 -44.01 10.08
CA ARG F 88 -9.49 -43.99 8.75
C ARG F 88 -9.50 -42.60 8.14
N ILE F 89 -10.40 -41.73 8.59
CA ILE F 89 -10.32 -40.31 8.29
C ILE F 89 -9.69 -39.61 9.49
N HIS F 90 -8.59 -38.89 9.23
CA HIS F 90 -7.89 -37.92 10.09
C HIS F 90 -7.32 -38.48 11.39
N SER F 91 -7.64 -39.72 11.75
CA SER F 91 -6.93 -40.58 12.72
C SER F 91 -6.74 -39.94 14.10
N GLU F 92 -7.50 -38.93 14.47
CA GLU F 92 -7.11 -38.19 15.66
C GLU F 92 -8.30 -37.51 16.30
N ILE F 93 -8.24 -37.44 17.63
CA ILE F 93 -9.21 -36.72 18.45
C ILE F 93 -8.46 -36.17 19.64
N HIS F 94 -8.91 -35.02 20.15
CA HIS F 94 -8.44 -34.53 21.44
C HIS F 94 -9.56 -33.75 22.11
N VAL F 95 -9.60 -33.84 23.44
CA VAL F 95 -10.73 -33.33 24.18
C VAL F 95 -10.56 -31.85 24.49
N ARG F 96 -11.65 -31.22 24.93
CA ARG F 96 -11.63 -29.85 25.43
C ARG F 96 -12.35 -29.82 26.77
N ILE F 97 -12.01 -28.84 27.60
CA ILE F 97 -12.54 -28.74 28.96
C ILE F 97 -13.37 -27.47 29.07
N SER F 98 -14.52 -27.57 29.73
CA SER F 98 -15.42 -26.45 29.95
C SER F 98 -14.96 -25.58 31.10
N ASP F 99 -15.88 -24.75 31.61
CA ASP F 99 -15.61 -23.74 32.62
C ASP F 99 -15.08 -24.31 33.93
N PHE F 100 -14.63 -23.41 34.79
CA PHE F 100 -13.85 -23.75 35.96
C PHE F 100 -14.14 -22.71 37.04
N PRO F 101 -14.11 -23.11 38.30
CA PRO F 101 -14.48 -22.14 39.36
C PRO F 101 -13.32 -21.29 39.85
N THR F 102 -12.63 -20.62 38.94
CA THR F 102 -11.60 -19.64 39.29
C THR F 102 -11.86 -18.36 38.52
N ILE F 103 -11.33 -17.25 39.03
CA ILE F 103 -11.60 -15.93 38.46
C ILE F 103 -10.30 -15.15 38.28
N TYR F 104 -9.21 -15.85 37.95
CA TYR F 104 -7.88 -15.26 37.93
C TYR F 104 -7.74 -14.19 36.85
N SER F 105 -7.24 -13.03 37.25
CA SER F 105 -6.81 -12.03 36.29
C SER F 105 -5.38 -12.33 35.85
N LEU F 106 -4.80 -11.39 35.12
CA LEU F 106 -3.47 -11.60 34.59
C LEU F 106 -2.40 -11.38 35.65
N ARG F 107 -2.72 -10.56 36.65
CA ARG F 107 -1.71 -10.15 37.62
C ARG F 107 -1.37 -11.28 38.58
N GLU F 108 -2.35 -12.13 38.87
CA GLU F 108 -2.28 -13.00 40.04
C GLU F 108 -1.77 -14.36 39.62
N LEU F 109 -0.48 -14.43 39.30
CA LEU F 109 0.16 -15.69 38.98
C LEU F 109 1.45 -15.79 39.78
N ARG F 110 1.69 -16.99 40.33
CA ARG F 110 2.87 -17.21 41.14
C ARG F 110 3.45 -18.56 40.78
N GLU F 111 4.40 -19.03 41.60
CA GLU F 111 5.03 -20.31 41.34
C GLU F 111 4.08 -21.48 41.58
N SER F 112 3.13 -21.31 42.49
CA SER F 112 2.22 -22.41 42.83
C SER F 112 1.26 -22.74 41.70
N ASN F 113 1.09 -21.84 40.74
CA ASN F 113 0.16 -22.05 39.66
C ASN F 113 0.75 -22.88 38.52
N LEU F 114 2.06 -23.03 38.46
CA LEU F 114 2.64 -23.62 37.26
C LEU F 114 2.42 -25.12 37.21
N SER F 115 2.50 -25.64 35.99
CA SER F 115 2.25 -27.05 35.65
C SER F 115 0.89 -27.51 36.17
N SER F 116 -0.13 -26.69 35.93
CA SER F 116 -1.46 -26.98 36.39
C SER F 116 -2.46 -26.29 35.47
N LEU F 117 -3.74 -26.48 35.78
CA LEU F 117 -4.80 -25.84 35.02
C LEU F 117 -4.90 -24.39 35.44
N VAL F 118 -5.15 -23.52 34.46
CA VAL F 118 -5.29 -22.09 34.69
C VAL F 118 -6.45 -21.58 33.86
N ARG F 119 -6.98 -20.43 34.24
CA ARG F 119 -8.02 -19.76 33.47
C ARG F 119 -7.83 -18.27 33.60
N VAL F 120 -7.84 -17.55 32.48
CA VAL F 120 -7.55 -16.13 32.48
C VAL F 120 -8.26 -15.50 31.29
N THR F 121 -8.49 -14.20 31.36
CA THR F 121 -9.10 -13.42 30.29
C THR F 121 -8.09 -12.45 29.69
N GLY F 122 -8.58 -11.57 28.82
CA GLY F 122 -7.75 -10.54 28.24
C GLY F 122 -8.31 -10.03 26.93
N VAL F 123 -7.43 -9.54 26.06
CA VAL F 123 -7.83 -9.16 24.71
C VAL F 123 -6.69 -9.51 23.76
N VAL F 124 -7.02 -9.78 22.51
CA VAL F 124 -6.05 -10.20 21.52
C VAL F 124 -5.52 -8.98 20.78
N THR F 125 -4.22 -8.79 20.86
CA THR F 125 -3.51 -7.75 20.12
C THR F 125 -3.02 -8.31 18.80
N ARG F 126 -1.99 -7.67 18.23
CA ARG F 126 -1.22 -8.14 17.07
C ARG F 126 -1.01 -9.65 17.05
N ARG F 127 -1.33 -10.26 15.92
CA ARG F 127 -1.29 -11.71 15.79
C ARG F 127 -0.67 -12.08 14.46
N THR F 128 -0.16 -13.29 14.40
CA THR F 128 0.42 -13.83 13.19
C THR F 128 -0.62 -14.64 12.44
N GLY F 129 -0.17 -15.32 11.39
CA GLY F 129 -1.04 -16.16 10.59
C GLY F 129 -0.98 -17.60 11.00
N VAL F 130 -1.03 -18.49 10.01
CA VAL F 130 -1.04 -19.93 10.22
C VAL F 130 0.18 -20.50 9.53
N PHE F 131 0.97 -21.25 10.27
CA PHE F 131 2.09 -21.97 9.68
C PHE F 131 1.81 -23.45 9.84
N PRO F 132 2.50 -24.32 9.12
CA PRO F 132 2.50 -25.73 9.50
C PRO F 132 3.64 -26.06 10.45
N GLN F 133 3.41 -27.04 11.30
CA GLN F 133 4.38 -27.50 12.28
C GLN F 133 4.70 -28.97 12.01
N LEU F 134 5.98 -29.33 12.18
CA LEU F 134 6.47 -30.63 11.76
C LEU F 134 5.83 -31.77 12.54
N LYS F 135 5.81 -31.66 13.87
CA LYS F 135 5.00 -32.45 14.81
C LYS F 135 5.42 -33.92 14.93
N TYR F 136 6.27 -34.39 14.03
CA TYR F 136 6.71 -35.78 14.04
C TYR F 136 8.12 -35.80 13.43
N VAL F 137 9.13 -35.65 14.29
CA VAL F 137 10.48 -35.45 13.80
C VAL F 137 11.06 -36.81 13.46
N LYS F 138 10.94 -37.21 12.20
CA LYS F 138 11.68 -38.35 11.70
C LYS F 138 13.15 -37.94 11.63
N PHE F 139 13.93 -38.36 12.62
CA PHE F 139 15.33 -37.97 12.68
C PHE F 139 16.12 -38.69 11.58
N ASN F 140 17.24 -38.11 11.20
CA ASN F 140 18.03 -38.61 10.07
C ASN F 140 19.51 -38.52 10.38
N CYS F 141 20.16 -39.68 10.41
CA CYS F 141 21.62 -39.75 10.43
C CYS F 141 22.13 -39.69 8.99
N LEU F 142 23.41 -39.98 8.79
CA LEU F 142 23.98 -39.94 7.45
C LEU F 142 24.45 -41.32 6.97
N LYS F 143 25.15 -42.07 7.83
CA LYS F 143 25.73 -43.35 7.46
C LYS F 143 25.08 -44.54 8.15
N CYS F 144 24.57 -44.35 9.37
CA CYS F 144 23.86 -45.39 10.10
C CYS F 144 22.37 -45.27 9.77
N GLY F 145 21.51 -45.87 10.59
CA GLY F 145 20.07 -45.77 10.43
C GLY F 145 19.53 -44.35 10.46
N SER F 146 19.13 -43.88 9.28
CA SER F 146 18.70 -42.51 9.08
C SER F 146 17.20 -42.34 9.28
N ILE F 147 16.54 -43.30 9.91
CA ILE F 147 15.14 -43.18 10.31
C ILE F 147 15.10 -43.57 11.78
N LEU F 148 14.98 -42.58 12.66
CA LEU F 148 14.83 -42.82 14.08
C LEU F 148 13.39 -42.69 14.54
N GLY F 149 12.44 -42.86 13.62
CA GLY F 149 11.03 -42.78 13.94
C GLY F 149 10.54 -41.35 14.03
N PRO F 150 9.26 -41.14 13.73
CA PRO F 150 8.64 -39.81 13.93
C PRO F 150 8.56 -39.48 15.41
N PHE F 151 9.23 -38.41 15.81
CA PHE F 151 9.32 -38.04 17.21
C PHE F 151 8.06 -37.31 17.65
N PHE F 152 8.10 -36.72 18.84
CA PHE F 152 7.03 -35.87 19.36
C PHE F 152 7.67 -34.56 19.79
N GLN F 153 7.75 -33.62 18.85
CA GLN F 153 8.38 -32.33 19.13
C GLN F 153 7.56 -31.53 20.12
N ASP F 154 8.26 -30.79 20.97
CA ASP F 154 7.68 -30.01 22.03
C ASP F 154 7.42 -28.59 21.54
N SER F 155 7.24 -27.66 22.47
CA SER F 155 7.19 -26.23 22.21
C SER F 155 8.58 -25.69 21.96
N ASN F 156 8.78 -24.37 22.12
CA ASN F 156 9.98 -23.68 21.66
C ASN F 156 11.19 -24.10 22.50
N GLU F 157 11.68 -25.30 22.20
CA GLU F 157 12.88 -25.87 22.80
C GLU F 157 13.82 -26.52 21.80
N GLU F 158 13.35 -26.92 20.62
CA GLU F 158 14.11 -27.57 19.55
C GLU F 158 14.79 -28.85 20.06
N ILE F 159 13.93 -29.82 20.40
CA ILE F 159 14.36 -31.05 21.05
C ILE F 159 15.13 -31.89 20.04
N ARG F 160 16.44 -31.97 20.21
CA ARG F 160 17.30 -32.81 19.39
C ARG F 160 18.52 -33.18 20.23
N ILE F 161 19.40 -33.97 19.62
CA ILE F 161 20.63 -34.42 20.27
C ILE F 161 21.72 -34.51 19.21
N SER F 162 22.92 -34.86 19.65
CA SER F 162 24.07 -35.01 18.76
C SER F 162 24.19 -36.45 18.26
N PHE F 163 24.30 -37.41 19.19
CA PHE F 163 24.41 -38.80 18.81
C PHE F 163 23.86 -39.66 19.94
N CYS F 164 23.01 -40.62 19.58
CA CYS F 164 22.44 -41.57 20.52
C CYS F 164 21.97 -42.79 19.74
N THR F 165 22.32 -43.97 20.24
CA THR F 165 21.94 -45.30 19.75
C THR F 165 22.48 -45.64 18.36
N ASN F 166 23.30 -44.78 17.76
CA ASN F 166 23.98 -45.09 16.51
C ASN F 166 25.49 -45.01 16.64
N CYS F 167 26.00 -43.92 17.22
CA CYS F 167 27.43 -43.72 17.45
C CYS F 167 27.56 -42.69 18.56
N LYS F 168 28.76 -42.14 18.71
CA LYS F 168 29.01 -41.05 19.65
C LYS F 168 29.73 -39.89 18.98
N SER F 169 29.67 -39.81 17.65
CA SER F 169 30.39 -38.79 16.90
C SER F 169 29.55 -37.52 16.77
N LYS F 170 30.15 -36.49 16.16
CA LYS F 170 29.50 -35.19 15.98
C LYS F 170 28.74 -35.10 14.65
N GLY F 171 28.28 -36.22 14.12
CA GLY F 171 27.44 -36.22 12.95
C GLY F 171 26.08 -35.62 13.24
N PRO F 172 25.76 -34.53 12.56
CA PRO F 172 24.50 -33.82 12.87
C PRO F 172 23.29 -34.55 12.32
N PHE F 173 22.12 -34.12 12.78
CA PHE F 173 20.86 -34.72 12.37
C PHE F 173 20.18 -33.86 11.33
N ARG F 174 19.60 -34.52 10.33
CA ARG F 174 19.01 -33.90 9.15
C ARG F 174 17.56 -34.35 9.01
N VAL F 175 16.98 -34.07 7.86
CA VAL F 175 15.59 -34.40 7.57
C VAL F 175 15.50 -35.23 6.30
N ASN F 176 14.32 -35.81 6.09
CA ASN F 176 13.89 -36.30 4.78
C ASN F 176 12.38 -36.16 4.70
N GLY F 177 11.80 -36.67 3.61
CA GLY F 177 10.43 -36.33 3.28
C GLY F 177 9.41 -37.45 3.10
N GLU F 178 9.39 -38.46 3.98
CA GLU F 178 8.39 -39.52 3.89
C GLU F 178 7.44 -39.46 5.08
N LYS F 179 6.17 -39.14 4.80
CA LYS F 179 5.01 -39.39 5.67
C LYS F 179 5.14 -38.70 7.03
N THR F 180 5.38 -37.41 7.00
CA THR F 180 5.40 -36.59 8.21
C THR F 180 4.22 -35.64 8.12
N VAL F 181 3.18 -35.92 8.89
CA VAL F 181 1.98 -35.10 8.89
C VAL F 181 2.26 -33.79 9.60
N TYR F 182 1.37 -32.82 9.45
CA TYR F 182 1.58 -31.52 10.05
C TYR F 182 0.33 -31.05 10.75
N ARG F 183 0.49 -30.58 11.99
CA ARG F 183 -0.51 -29.75 12.62
C ARG F 183 -0.08 -28.30 12.49
N ASN F 184 -1.01 -27.39 12.74
CA ASN F 184 -0.72 -25.97 12.59
C ASN F 184 -0.52 -25.31 13.94
N TYR F 185 -0.28 -24.00 13.91
CA TYR F 185 0.37 -23.31 15.00
C TYR F 185 0.20 -21.81 14.80
N GLN F 186 -0.25 -21.09 15.82
CA GLN F 186 -0.68 -19.71 15.62
C GLN F 186 -0.49 -18.97 16.93
N ARG F 187 0.54 -18.13 17.01
CA ARG F 187 0.93 -17.54 18.29
C ARG F 187 0.29 -16.16 18.44
N VAL F 188 -0.96 -16.17 18.87
CA VAL F 188 -1.60 -14.98 19.40
C VAL F 188 -0.90 -14.57 20.69
N THR F 189 -0.44 -13.33 20.75
CA THR F 189 -0.03 -12.79 22.04
C THR F 189 -1.20 -12.03 22.66
N LEU F 190 -1.25 -12.04 23.99
CA LEU F 190 -2.43 -11.59 24.71
C LEU F 190 -2.11 -10.34 25.51
N GLN F 191 -3.03 -9.39 25.49
CA GLN F 191 -2.98 -8.22 26.36
C GLN F 191 -4.17 -8.22 27.29
N GLU F 192 -3.95 -7.76 28.52
CA GLU F 192 -5.02 -7.73 29.50
C GLU F 192 -6.04 -6.66 29.14
N ALA F 193 -7.29 -7.08 28.99
CA ALA F 193 -8.34 -6.16 28.62
C ALA F 193 -8.67 -5.23 29.79
N PRO F 194 -8.85 -3.94 29.55
CA PRO F 194 -9.02 -2.98 30.66
C PRO F 194 -10.44 -2.98 31.22
N GLY F 195 -10.88 -4.14 31.73
CA GLY F 195 -12.16 -4.26 32.37
C GLY F 195 -12.00 -4.27 33.87
N THR F 196 -12.00 -5.46 34.47
CA THR F 196 -11.77 -5.62 35.90
C THR F 196 -10.29 -5.43 36.20
N VAL F 197 -9.88 -4.18 36.43
CA VAL F 197 -8.49 -3.83 36.70
C VAL F 197 -8.48 -2.52 37.48
N PRO F 198 -7.68 -2.40 38.53
CA PRO F 198 -7.54 -1.11 39.21
C PRO F 198 -6.85 -0.11 38.30
N PRO F 199 -7.57 0.93 37.87
CA PRO F 199 -7.19 1.66 36.66
C PRO F 199 -6.03 2.61 36.83
N GLY F 200 -5.77 3.38 35.79
CA GLY F 200 -4.68 4.35 35.81
C GLY F 200 -3.31 3.73 35.68
N ARG F 201 -3.22 2.51 35.17
CA ARG F 201 -1.93 1.83 35.08
C ARG F 201 -1.80 1.17 33.72
N LEU F 202 -0.79 0.33 33.59
CA LEU F 202 -0.35 -0.21 32.32
C LEU F 202 -1.03 -1.55 32.02
N PRO F 203 -1.01 -1.99 30.77
CA PRO F 203 -1.36 -3.37 30.47
C PRO F 203 -0.18 -4.30 30.70
N ARG F 204 -0.45 -5.59 30.68
CA ARG F 204 0.56 -6.61 30.90
C ARG F 204 0.45 -7.68 29.81
N HIS F 205 1.57 -8.32 29.51
CA HIS F 205 1.69 -9.16 28.34
C HIS F 205 1.82 -10.63 28.73
N ARG F 206 1.39 -11.51 27.82
CA ARG F 206 1.65 -12.94 27.93
C ARG F 206 1.92 -13.46 26.52
N GLU F 207 1.98 -14.78 26.37
CA GLU F 207 1.97 -15.42 25.06
C GLU F 207 1.06 -16.63 25.10
N VAL F 208 0.38 -16.89 24.00
CA VAL F 208 -0.53 -18.03 23.88
C VAL F 208 -0.15 -18.80 22.62
N ILE F 209 0.07 -20.09 22.78
CA ILE F 209 0.33 -20.99 21.66
C ILE F 209 -0.92 -21.83 21.46
N LEU F 210 -1.59 -21.64 20.33
CA LEU F 210 -2.79 -22.41 20.04
C LEU F 210 -2.39 -23.80 19.55
N LEU F 211 -3.37 -24.58 19.09
CA LEU F 211 -3.09 -25.92 18.63
C LEU F 211 -3.94 -26.22 17.40
N ALA F 212 -4.01 -27.50 17.05
CA ALA F 212 -4.41 -27.98 15.73
C ALA F 212 -5.80 -27.54 15.28
N ASP F 213 -6.84 -28.03 15.93
CA ASP F 213 -8.19 -27.71 15.54
C ASP F 213 -8.75 -26.49 16.26
N LEU F 214 -7.87 -25.63 16.78
CA LEU F 214 -8.31 -24.42 17.44
C LEU F 214 -7.73 -23.18 16.78
N VAL F 215 -7.33 -23.28 15.52
CA VAL F 215 -6.76 -22.14 14.80
C VAL F 215 -7.86 -21.18 14.42
N ASP F 216 -7.47 -19.90 14.31
CA ASP F 216 -8.22 -18.69 13.93
C ASP F 216 -9.68 -18.64 14.39
N VAL F 217 -9.94 -19.13 15.61
CA VAL F 217 -11.28 -18.98 16.16
C VAL F 217 -11.49 -17.55 16.60
N SER F 218 -10.43 -16.89 17.07
CA SER F 218 -10.52 -15.52 17.49
C SER F 218 -10.23 -14.58 16.33
N LYS F 219 -10.66 -13.34 16.49
CA LYS F 219 -10.42 -12.24 15.57
C LYS F 219 -9.67 -11.16 16.32
N PRO F 220 -8.80 -10.40 15.65
CA PRO F 220 -8.06 -9.36 16.38
C PRO F 220 -8.97 -8.24 16.86
N GLY F 221 -8.75 -7.85 18.11
CA GLY F 221 -9.55 -6.82 18.74
C GLY F 221 -10.62 -7.31 19.69
N GLU F 222 -11.14 -8.52 19.51
CA GLU F 222 -12.32 -8.97 20.24
C GLU F 222 -11.91 -9.53 21.59
N GLU F 223 -12.80 -9.42 22.57
CA GLU F 223 -12.50 -9.90 23.90
C GLU F 223 -12.67 -11.42 23.99
N VAL F 224 -11.67 -12.09 24.54
CA VAL F 224 -11.72 -13.54 24.73
C VAL F 224 -11.28 -13.87 26.14
N GLU F 225 -11.49 -15.12 26.54
CA GLU F 225 -10.95 -15.67 27.77
C GLU F 225 -10.61 -17.13 27.51
N VAL F 226 -9.49 -17.59 28.06
CA VAL F 226 -8.89 -18.84 27.63
C VAL F 226 -8.77 -19.76 28.84
N THR F 227 -8.95 -21.06 28.61
CA THR F 227 -8.77 -22.08 29.62
C THR F 227 -7.75 -23.10 29.13
N GLY F 228 -6.64 -23.20 29.84
CA GLY F 228 -5.63 -24.14 29.44
C GLY F 228 -4.69 -24.51 30.57
N ILE F 229 -3.47 -24.90 30.22
CA ILE F 229 -2.47 -25.29 31.18
C ILE F 229 -1.44 -24.18 31.25
N TYR F 230 -0.54 -24.29 32.21
CA TYR F 230 0.59 -23.38 32.35
C TYR F 230 1.83 -24.19 32.05
N LYS F 231 2.84 -23.55 31.48
CA LYS F 231 4.08 -24.26 31.16
C LYS F 231 5.25 -23.30 31.31
N ASN F 232 6.45 -23.85 31.30
CA ASN F 232 7.67 -23.07 31.38
C ASN F 232 8.61 -23.52 30.28
N ASN F 233 9.44 -22.60 29.82
CA ASN F 233 10.52 -22.90 28.89
C ASN F 233 11.75 -22.11 29.29
N TYR F 234 12.58 -22.68 30.14
CA TYR F 234 13.82 -22.05 30.58
C TYR F 234 14.81 -22.18 29.43
N ASP F 235 14.76 -21.23 28.50
CA ASP F 235 15.61 -21.24 27.33
C ASP F 235 17.05 -20.87 27.65
N GLY F 236 17.29 -20.20 28.77
CA GLY F 236 18.62 -19.79 29.16
C GLY F 236 19.19 -18.69 28.28
N ASN F 237 18.31 -17.92 27.64
CA ASN F 237 18.72 -16.85 26.75
C ASN F 237 17.59 -15.83 26.65
N LEU F 238 17.88 -14.61 27.07
CA LEU F 238 16.96 -13.48 26.91
C LEU F 238 17.79 -12.23 26.70
N ASN F 239 17.27 -11.33 25.86
CA ASN F 239 18.08 -10.23 25.36
C ASN F 239 17.39 -8.88 25.47
N ALA F 240 16.33 -8.76 26.29
CA ALA F 240 15.84 -7.45 26.69
C ALA F 240 16.46 -7.06 28.02
N LYS F 241 16.23 -7.86 29.05
CA LYS F 241 17.06 -7.87 30.24
C LYS F 241 18.36 -8.63 29.93
N ASN F 242 19.30 -8.58 30.87
CA ASN F 242 20.48 -9.41 30.77
C ASN F 242 20.12 -10.88 30.95
N GLY F 243 21.07 -11.74 30.58
CA GLY F 243 20.95 -13.15 30.93
C GLY F 243 21.04 -13.33 32.43
N PHE F 244 20.11 -14.10 32.98
CA PHE F 244 19.93 -14.21 34.43
C PHE F 244 19.27 -15.56 34.71
N PRO F 245 19.35 -16.04 35.95
CA PRO F 245 18.58 -17.24 36.30
C PRO F 245 17.08 -17.01 36.31
N VAL F 246 16.49 -16.88 35.14
CA VAL F 246 15.06 -16.67 34.98
C VAL F 246 14.56 -17.62 33.91
N PHE F 247 13.25 -17.55 33.64
CA PHE F 247 12.63 -18.41 32.66
C PHE F 247 11.36 -17.74 32.16
N ALA F 248 11.01 -18.02 30.91
CA ALA F 248 9.90 -17.34 30.25
C ALA F 248 8.56 -17.96 30.65
N THR F 249 7.52 -17.60 29.90
CA THR F 249 6.16 -18.07 30.16
C THR F 249 5.48 -18.41 28.85
N ILE F 250 4.89 -19.60 28.79
CA ILE F 250 4.12 -20.05 27.65
C ILE F 250 2.83 -20.66 28.16
N ILE F 251 1.70 -20.17 27.68
CA ILE F 251 0.39 -20.71 28.06
C ILE F 251 -0.15 -21.45 26.84
N GLU F 252 -0.13 -22.77 26.89
CA GLU F 252 -0.84 -23.55 25.88
C GLU F 252 -2.30 -23.65 26.27
N ALA F 253 -3.15 -23.85 25.26
CA ALA F 253 -4.59 -23.77 25.46
C ALA F 253 -5.26 -25.08 25.06
N ASN F 254 -6.39 -25.33 25.70
CA ASN F 254 -7.23 -26.47 25.35
C ASN F 254 -8.58 -26.07 24.81
N SER F 255 -9.02 -24.84 25.07
CA SER F 255 -10.33 -24.38 24.64
C SER F 255 -10.30 -22.86 24.57
N ILE F 256 -11.32 -22.32 23.91
CA ILE F 256 -11.45 -20.88 23.76
C ILE F 256 -12.92 -20.58 23.49
N LYS F 257 -13.44 -19.53 24.10
CA LYS F 257 -14.82 -19.14 23.88
C LYS F 257 -14.90 -17.62 23.72
N ARG F 258 -16.07 -17.16 23.29
CA ARG F 258 -16.29 -15.78 22.95
C ARG F 258 -16.47 -14.95 24.23
N ARG F 259 -16.50 -13.62 24.08
CA ARG F 259 -16.94 -12.70 25.14
C ARG F 259 -18.26 -13.15 25.76
N GLU F 260 -18.35 -13.00 27.07
CA GLU F 260 -19.57 -13.30 27.80
C GLU F 260 -20.15 -12.00 28.35
N GLY F 261 -21.41 -12.07 28.76
CA GLY F 261 -22.10 -10.88 29.23
C GLY F 261 -22.95 -11.19 30.43
N ASN F 262 -23.10 -10.16 31.27
CA ASN F 262 -23.84 -10.20 32.54
C ASN F 262 -23.31 -11.31 33.45
N THR F 263 -22.04 -11.13 33.87
CA THR F 263 -21.32 -12.14 34.64
C THR F 263 -21.86 -12.15 36.06
N ALA F 264 -23.03 -12.79 36.22
CA ALA F 264 -23.64 -12.95 37.53
C ALA F 264 -24.26 -14.32 37.69
N ASN F 265 -24.00 -15.24 36.76
CA ASN F 265 -24.68 -16.53 36.74
C ASN F 265 -24.10 -17.47 37.79
N GLU F 266 -24.68 -18.67 37.87
CA GLU F 266 -24.16 -19.69 38.77
C GLU F 266 -23.99 -21.03 38.06
N GLY F 267 -24.80 -21.30 37.03
CA GLY F 267 -24.69 -22.59 36.36
C GLY F 267 -24.94 -22.61 34.87
N GLU F 268 -25.12 -21.44 34.25
CA GLU F 268 -25.43 -21.37 32.84
C GLU F 268 -24.91 -20.04 32.29
N GLU F 269 -25.22 -19.79 31.01
CA GLU F 269 -24.93 -18.57 30.23
C GLU F 269 -23.48 -18.07 30.34
N GLY F 270 -22.55 -18.96 30.67
CA GLY F 270 -21.14 -18.64 30.58
C GLY F 270 -20.48 -19.57 29.59
N LEU F 271 -21.00 -20.79 29.50
CA LEU F 271 -20.58 -21.78 28.52
C LEU F 271 -21.46 -21.63 27.28
N ASP F 272 -20.84 -21.36 26.15
CA ASP F 272 -21.58 -21.24 24.90
C ASP F 272 -22.00 -22.63 24.43
N VAL F 273 -23.15 -23.10 24.90
CA VAL F 273 -23.59 -24.44 24.51
C VAL F 273 -24.08 -24.35 23.08
N PHE F 274 -25.21 -23.65 22.89
CA PHE F 274 -25.79 -23.30 21.59
C PHE F 274 -25.91 -24.52 20.68
N SER F 275 -26.34 -25.63 21.27
CA SER F 275 -26.19 -26.96 20.68
C SER F 275 -27.54 -27.65 20.81
N TRP F 276 -28.39 -27.43 19.81
CA TRP F 276 -29.82 -27.68 19.89
C TRP F 276 -30.16 -29.12 19.51
N THR F 277 -29.56 -30.08 20.24
CA THR F 277 -29.45 -31.45 19.71
C THR F 277 -30.75 -32.25 19.79
N GLU F 278 -31.20 -32.60 20.99
CA GLU F 278 -32.34 -33.50 21.11
C GLU F 278 -33.48 -32.89 21.89
N GLU F 279 -33.23 -32.43 23.13
CA GLU F 279 -34.30 -31.94 23.99
C GLU F 279 -34.85 -30.60 23.51
N GLU F 280 -34.13 -29.92 22.63
CA GLU F 280 -34.52 -28.63 22.10
C GLU F 280 -35.22 -28.79 20.76
N GLU F 281 -34.56 -29.44 19.80
CA GLU F 281 -35.06 -29.48 18.43
C GLU F 281 -36.31 -30.32 18.30
N ARG F 282 -36.42 -31.40 19.09
CA ARG F 282 -37.68 -32.14 19.15
C ARG F 282 -38.77 -31.29 19.80
N GLU F 283 -38.39 -30.40 20.73
CA GLU F 283 -39.37 -29.56 21.38
C GLU F 283 -39.77 -28.38 20.52
N PHE F 284 -38.81 -27.78 19.80
CA PHE F 284 -39.01 -26.47 19.20
C PHE F 284 -39.95 -26.43 18.01
N ARG F 285 -40.59 -27.54 17.65
CA ARG F 285 -41.55 -27.48 16.56
C ARG F 285 -42.95 -27.11 17.05
N LYS F 286 -43.39 -27.72 18.16
CA LYS F 286 -44.72 -27.44 18.68
C LYS F 286 -44.84 -26.03 19.24
N ILE F 287 -43.72 -25.40 19.62
CA ILE F 287 -43.74 -23.99 19.98
C ILE F 287 -43.85 -23.11 18.75
N SER F 288 -43.69 -23.67 17.55
CA SER F 288 -43.81 -22.91 16.33
C SER F 288 -45.13 -23.10 15.61
N ARG F 289 -45.92 -24.10 15.99
CA ARG F 289 -47.21 -24.36 15.35
C ARG F 289 -48.38 -23.93 16.22
N ASP F 290 -48.23 -22.82 16.93
CA ASP F 290 -49.31 -22.22 17.69
C ASP F 290 -49.82 -21.00 16.93
N ARG F 291 -50.91 -20.41 17.42
CA ARG F 291 -51.63 -19.42 16.62
C ARG F 291 -51.37 -17.98 17.02
N GLY F 292 -50.86 -17.74 18.22
CA GLY F 292 -50.62 -16.37 18.63
C GLY F 292 -49.20 -16.10 19.07
N ILE F 293 -48.24 -16.76 18.43
CA ILE F 293 -46.85 -16.70 18.88
C ILE F 293 -46.27 -15.32 18.66
N ILE F 294 -46.58 -14.72 17.50
CA ILE F 294 -46.05 -13.39 17.21
C ILE F 294 -46.76 -12.34 18.04
N ASP F 295 -47.96 -12.66 18.54
CA ASP F 295 -48.56 -11.84 19.58
C ASP F 295 -48.09 -12.22 20.97
N LYS F 296 -47.28 -13.27 21.10
CA LYS F 296 -46.76 -13.69 22.39
C LYS F 296 -45.27 -13.42 22.56
N ILE F 297 -44.49 -13.57 21.48
CA ILE F 297 -43.04 -13.44 21.58
C ILE F 297 -42.66 -11.98 21.84
N ILE F 298 -43.20 -11.07 21.05
CA ILE F 298 -42.81 -9.67 21.16
C ILE F 298 -43.36 -9.03 22.42
N SER F 299 -44.41 -9.60 23.01
CA SER F 299 -44.86 -9.12 24.31
C SER F 299 -43.92 -9.60 25.41
N SER F 300 -43.35 -10.78 25.24
CA SER F 300 -42.53 -11.41 26.25
C SER F 300 -41.03 -11.24 25.99
N MET F 301 -40.66 -10.35 25.08
CA MET F 301 -39.26 -10.24 24.69
C MET F 301 -38.44 -9.46 25.71
N ALA F 302 -38.79 -8.19 25.92
CA ALA F 302 -38.11 -7.37 26.92
C ALA F 302 -38.99 -7.33 28.17
N PRO F 303 -38.72 -8.15 29.19
CA PRO F 303 -39.68 -8.29 30.27
C PRO F 303 -39.66 -7.16 31.28
N SER F 304 -38.55 -6.43 31.40
CA SER F 304 -38.42 -5.47 32.49
C SER F 304 -39.20 -4.20 32.23
N ILE F 305 -39.57 -3.91 30.98
CA ILE F 305 -40.14 -2.63 30.63
C ILE F 305 -41.55 -2.85 30.10
N TYR F 306 -42.54 -2.40 30.86
CA TYR F 306 -43.83 -2.11 30.27
C TYR F 306 -43.74 -0.79 29.52
N GLY F 307 -44.27 -0.79 28.30
CA GLY F 307 -44.36 0.45 27.55
C GLY F 307 -45.32 0.29 26.40
N HIS F 308 -45.27 1.27 25.50
CA HIS F 308 -46.08 1.21 24.29
C HIS F 308 -45.58 0.12 23.38
N ARG F 309 -46.51 -0.46 22.62
CA ARG F 309 -46.29 -1.75 21.99
C ARG F 309 -45.36 -1.68 20.79
N ASP F 310 -45.46 -0.62 20.00
CA ASP F 310 -44.95 -0.65 18.62
C ASP F 310 -43.43 -0.68 18.56
N ILE F 311 -42.75 -0.21 19.59
CA ILE F 311 -41.30 -0.30 19.58
C ILE F 311 -40.84 -1.74 19.72
N LYS F 312 -41.49 -2.50 20.60
CA LYS F 312 -41.15 -3.90 20.77
C LYS F 312 -41.55 -4.73 19.57
N THR F 313 -42.52 -4.25 18.78
CA THR F 313 -42.73 -4.86 17.48
C THR F 313 -41.55 -4.61 16.56
N ALA F 314 -41.01 -3.39 16.58
CA ALA F 314 -39.96 -3.03 15.65
C ALA F 314 -38.62 -3.61 16.07
N VAL F 315 -38.28 -3.48 17.36
CA VAL F 315 -36.93 -3.85 17.78
C VAL F 315 -36.78 -5.36 17.82
N ALA F 316 -37.86 -6.10 17.98
CA ALA F 316 -37.77 -7.54 17.80
C ALA F 316 -37.61 -7.88 16.34
N CYS F 317 -38.24 -7.09 15.45
CA CYS F 317 -38.13 -7.34 14.03
C CYS F 317 -36.73 -7.03 13.51
N SER F 318 -36.01 -6.13 14.19
CA SER F 318 -34.70 -5.69 13.71
C SER F 318 -33.66 -6.80 13.79
N LEU F 319 -33.58 -7.48 14.93
CA LEU F 319 -32.55 -8.51 15.04
C LEU F 319 -33.00 -9.83 14.45
N PHE F 320 -34.24 -9.94 13.99
CA PHE F 320 -34.64 -11.15 13.27
C PHE F 320 -34.16 -11.14 11.83
N GLY F 321 -34.12 -9.97 11.21
CA GLY F 321 -33.46 -9.83 9.92
C GLY F 321 -34.28 -10.35 8.76
N GLY F 322 -33.76 -10.10 7.57
CA GLY F 322 -34.39 -10.55 6.35
C GLY F 322 -33.56 -11.56 5.60
N VAL F 323 -33.21 -11.26 4.36
CA VAL F 323 -32.42 -12.18 3.53
C VAL F 323 -31.54 -11.38 2.58
N PRO F 324 -30.24 -11.70 2.50
CA PRO F 324 -29.40 -11.09 1.45
C PRO F 324 -29.53 -11.88 0.16
N LYS F 325 -30.67 -11.67 -0.51
CA LYS F 325 -30.98 -12.43 -1.72
C LYS F 325 -30.10 -11.95 -2.86
N ASN F 326 -29.17 -12.80 -3.26
CA ASN F 326 -28.36 -12.51 -4.42
C ASN F 326 -29.19 -12.71 -5.69
N VAL F 327 -28.57 -12.37 -6.82
CA VAL F 327 -29.26 -12.26 -8.09
C VAL F 327 -28.22 -12.67 -9.14
N ASN F 328 -28.57 -12.59 -10.42
CA ASN F 328 -27.64 -12.87 -11.51
C ASN F 328 -26.67 -11.70 -11.68
N GLY F 329 -25.97 -11.61 -12.81
CA GLY F 329 -24.92 -10.62 -12.96
C GLY F 329 -25.45 -9.20 -13.07
N LYS F 330 -25.96 -8.71 -11.94
CA LYS F 330 -26.64 -7.42 -11.83
C LYS F 330 -26.58 -7.01 -10.37
N HIS F 331 -27.32 -5.96 -10.02
CA HIS F 331 -27.12 -5.30 -8.74
C HIS F 331 -27.69 -6.11 -7.58
N SER F 332 -26.95 -6.13 -6.48
CA SER F 332 -27.35 -6.89 -5.31
C SER F 332 -28.45 -6.17 -4.54
N ILE F 333 -28.97 -6.85 -3.54
CA ILE F 333 -30.14 -6.41 -2.78
C ILE F 333 -29.76 -6.38 -1.32
N ARG F 334 -30.06 -5.26 -0.66
CA ARG F 334 -29.81 -5.14 0.77
C ARG F 334 -30.65 -6.13 1.56
N GLY F 335 -30.00 -6.85 2.47
CA GLY F 335 -30.69 -7.78 3.32
C GLY F 335 -30.69 -7.38 4.78
N ASP F 336 -30.92 -6.10 5.05
CA ASP F 336 -30.83 -5.58 6.41
C ASP F 336 -32.03 -4.68 6.69
N ILE F 337 -32.31 -4.49 7.97
CA ILE F 337 -33.41 -3.68 8.46
C ILE F 337 -32.85 -2.78 9.55
N ASN F 338 -33.04 -1.47 9.41
CA ASN F 338 -32.34 -0.50 10.27
C ASN F 338 -33.35 0.44 10.90
N VAL F 339 -33.68 0.18 12.15
CA VAL F 339 -34.67 0.97 12.88
C VAL F 339 -33.99 2.24 13.37
N LEU F 340 -34.79 3.21 13.80
CA LEU F 340 -34.29 4.42 14.44
C LEU F 340 -35.30 4.85 15.48
N LEU F 341 -34.88 4.96 16.72
CA LEU F 341 -35.76 5.38 17.80
C LEU F 341 -35.70 6.89 17.98
N LEU F 342 -36.77 7.44 18.52
CA LEU F 342 -36.80 8.83 18.93
C LEU F 342 -37.60 8.92 20.22
N GLY F 343 -36.99 9.49 21.26
CA GLY F 343 -37.61 9.44 22.57
C GLY F 343 -37.40 10.74 23.33
N ASP F 344 -38.30 10.95 24.28
CA ASP F 344 -38.18 12.00 25.27
C ASP F 344 -37.06 11.64 26.25
N PRO F 345 -36.37 12.63 26.78
CA PRO F 345 -35.32 12.34 27.76
C PRO F 345 -35.88 11.89 29.10
N GLY F 346 -36.10 10.59 29.24
CA GLY F 346 -36.62 10.06 30.48
C GLY F 346 -37.50 8.85 30.31
N THR F 347 -37.85 8.53 29.07
CA THR F 347 -38.54 7.28 28.81
C THR F 347 -37.45 6.19 28.68
N ALA F 348 -37.86 4.94 28.47
CA ALA F 348 -36.97 3.78 28.62
C ALA F 348 -36.15 3.50 27.37
N LYS F 349 -35.87 4.50 26.55
CA LYS F 349 -35.24 4.23 25.26
C LYS F 349 -33.79 3.81 25.41
N SER F 350 -33.12 4.19 26.50
CA SER F 350 -31.72 3.78 26.66
C SER F 350 -31.58 2.36 27.16
N GLN F 351 -32.67 1.68 27.50
CA GLN F 351 -32.57 0.37 28.10
C GLN F 351 -32.82 -0.77 27.12
N ILE F 352 -33.73 -0.56 26.17
CA ILE F 352 -34.04 -1.60 25.20
C ILE F 352 -32.84 -1.86 24.32
N LEU F 353 -32.11 -0.80 23.95
CA LEU F 353 -30.85 -0.98 23.25
C LEU F 353 -29.81 -1.63 24.14
N LYS F 354 -29.85 -1.36 25.45
CA LYS F 354 -28.91 -2.01 26.34
C LYS F 354 -29.24 -3.48 26.52
N TYR F 355 -30.53 -3.80 26.59
CA TYR F 355 -30.94 -5.17 26.83
C TYR F 355 -30.72 -6.03 25.58
N VAL F 356 -30.91 -5.46 24.40
CA VAL F 356 -30.77 -6.23 23.18
C VAL F 356 -29.31 -6.54 22.87
N GLU F 357 -28.37 -5.85 23.53
CA GLU F 357 -26.96 -6.18 23.37
C GLU F 357 -26.65 -7.55 23.96
N LYS F 358 -27.28 -7.90 25.08
CA LYS F 358 -27.07 -9.23 25.64
C LYS F 358 -27.73 -10.29 24.79
N THR F 359 -28.99 -10.09 24.42
CA THR F 359 -29.76 -11.14 23.77
C THR F 359 -29.34 -11.40 22.33
N ALA F 360 -28.47 -10.57 21.75
CA ALA F 360 -27.92 -10.90 20.46
C ALA F 360 -26.79 -11.92 20.63
N HIS F 361 -26.17 -12.30 19.52
CA HIS F 361 -25.02 -13.18 19.63
C HIS F 361 -23.71 -12.43 19.63
N ARG F 362 -23.61 -11.38 18.81
CA ARG F 362 -22.44 -10.53 18.78
C ARG F 362 -22.92 -9.09 18.68
N ALA F 363 -22.12 -8.16 19.22
CA ALA F 363 -22.58 -6.78 19.35
C ALA F 363 -21.40 -5.84 19.47
N VAL F 364 -21.72 -4.55 19.56
CA VAL F 364 -20.77 -3.50 19.88
C VAL F 364 -21.57 -2.34 20.42
N PHE F 365 -20.94 -1.46 21.19
CA PHE F 365 -21.66 -0.41 21.89
C PHE F 365 -20.92 0.92 21.79
N ALA F 366 -20.52 1.30 20.58
CA ALA F 366 -19.87 2.59 20.36
C ALA F 366 -20.90 3.70 20.51
N THR F 367 -20.83 4.44 21.61
CA THR F 367 -21.84 5.43 21.94
C THR F 367 -21.23 6.82 22.16
N GLY F 368 -21.97 7.83 21.72
CA GLY F 368 -21.74 9.21 22.14
C GLY F 368 -20.48 9.82 21.55
N GLN F 369 -19.91 10.73 22.33
CA GLN F 369 -18.65 11.37 21.98
C GLN F 369 -17.51 10.36 22.03
N GLY F 370 -16.43 10.70 21.33
CA GLY F 370 -15.29 9.83 21.27
C GLY F 370 -15.37 8.76 20.21
N ALA F 371 -16.50 8.62 19.54
CA ALA F 371 -16.58 7.75 18.36
C ALA F 371 -15.86 8.44 17.22
N SER F 372 -14.74 7.89 16.81
CA SER F 372 -13.93 8.47 15.74
C SER F 372 -14.64 8.36 14.40
N ALA F 373 -14.32 9.29 13.50
CA ALA F 373 -14.89 9.25 12.17
C ALA F 373 -14.38 8.09 11.33
N VAL F 374 -13.26 7.50 11.72
CA VAL F 374 -12.71 6.35 11.01
C VAL F 374 -12.75 5.09 11.86
N GLY F 375 -12.63 5.21 13.19
CA GLY F 375 -12.49 4.07 14.09
C GLY F 375 -13.67 3.13 14.12
N LEU F 376 -14.85 3.57 13.68
CA LEU F 376 -15.95 2.65 13.47
C LEU F 376 -15.62 1.65 12.39
N THR F 377 -15.33 2.13 11.19
CA THR F 377 -14.97 1.25 10.08
C THR F 377 -13.49 0.89 10.14
N ALA F 378 -12.98 0.32 9.07
CA ALA F 378 -11.59 -0.12 9.05
C ALA F 378 -10.64 1.06 9.02
N SER F 379 -9.46 0.86 9.61
CA SER F 379 -8.40 1.83 9.58
C SER F 379 -7.07 1.10 9.42
N VAL F 380 -6.07 1.82 8.94
CA VAL F 380 -4.73 1.27 8.79
C VAL F 380 -3.89 1.67 9.99
N ARG F 381 -3.40 0.68 10.72
CA ARG F 381 -2.41 0.91 11.76
C ARG F 381 -1.04 0.78 11.13
N LYS F 382 -0.14 1.69 11.48
CA LYS F 382 1.15 1.74 10.82
C LYS F 382 2.01 0.56 11.26
N ASP F 383 3.09 0.40 10.57
CA ASP F 383 3.89 -0.79 10.79
C ASP F 383 4.75 -0.65 12.05
N PRO F 384 5.07 -1.77 12.69
CA PRO F 384 6.23 -1.78 13.59
C PRO F 384 7.55 -1.76 12.82
N ILE F 385 8.66 -1.94 13.53
CA ILE F 385 9.98 -1.53 13.08
C ILE F 385 10.49 -2.23 11.82
N THR F 386 9.87 -3.33 11.40
CA THR F 386 10.32 -4.00 10.17
C THR F 386 9.16 -4.52 9.34
N LYS F 387 7.99 -3.90 9.45
CA LYS F 387 6.77 -4.48 8.93
C LYS F 387 6.20 -3.61 7.81
N GLU F 388 4.97 -3.94 7.41
CA GLU F 388 4.27 -3.31 6.30
C GLU F 388 2.99 -2.67 6.81
N TRP F 389 2.47 -1.70 6.06
CA TRP F 389 1.22 -1.03 6.44
C TRP F 389 0.05 -1.98 6.25
N THR F 390 -0.41 -2.56 7.35
CA THR F 390 -1.46 -3.56 7.36
C THR F 390 -2.81 -2.94 7.73
N LEU F 391 -3.85 -3.75 7.62
CA LEU F 391 -5.23 -3.30 7.76
C LEU F 391 -5.80 -3.88 9.05
N GLU F 392 -6.12 -3.01 10.00
CA GLU F 392 -6.67 -3.43 11.29
C GLU F 392 -7.99 -2.71 11.50
N GLY F 393 -9.08 -3.40 11.22
CA GLY F 393 -10.39 -2.81 11.36
C GLY F 393 -10.81 -2.60 12.80
N GLY F 394 -11.89 -1.85 12.97
CA GLY F 394 -12.36 -1.50 14.29
C GLY F 394 -13.72 -2.07 14.64
N ALA F 395 -14.73 -1.22 14.68
CA ALA F 395 -16.05 -1.63 15.18
C ALA F 395 -16.85 -2.40 14.14
N LEU F 396 -17.11 -1.77 12.99
CA LEU F 396 -18.16 -2.25 12.11
C LEU F 396 -17.76 -3.52 11.38
N VAL F 397 -16.48 -3.77 11.18
CA VAL F 397 -16.09 -5.03 10.55
C VAL F 397 -16.23 -6.18 11.52
N LEU F 398 -16.07 -5.92 12.81
CA LEU F 398 -16.27 -6.95 13.81
C LEU F 398 -17.76 -7.24 14.00
N ALA F 399 -18.55 -6.19 14.17
CA ALA F 399 -19.94 -6.35 14.51
C ALA F 399 -20.77 -6.63 13.26
N ASP F 400 -21.50 -7.73 13.28
CA ASP F 400 -22.46 -8.00 12.23
C ASP F 400 -23.85 -7.45 12.54
N LYS F 401 -24.11 -7.10 13.82
CA LYS F 401 -25.44 -6.66 14.26
C LYS F 401 -25.29 -5.48 15.22
N GLY F 402 -24.44 -4.52 14.85
CA GLY F 402 -23.91 -3.57 15.82
C GLY F 402 -24.90 -2.51 16.25
N VAL F 403 -24.58 -1.88 17.39
CA VAL F 403 -25.44 -0.89 18.02
C VAL F 403 -24.62 0.36 18.27
N CYS F 404 -25.01 1.46 17.63
CA CYS F 404 -24.42 2.76 17.86
C CYS F 404 -25.44 3.66 18.52
N LEU F 405 -24.97 4.81 18.99
CA LEU F 405 -25.84 5.79 19.62
C LEU F 405 -25.54 7.14 18.97
N ILE F 406 -26.16 7.38 17.82
CA ILE F 406 -25.97 8.65 17.07
C ILE F 406 -27.10 9.58 17.50
N ASP F 407 -26.88 10.27 18.61
CA ASP F 407 -27.95 11.16 19.00
C ASP F 407 -27.71 12.57 18.48
N GLU F 408 -26.80 13.32 19.11
CA GLU F 408 -26.50 14.66 18.63
C GLU F 408 -25.08 15.09 19.00
N PHE F 409 -24.09 14.25 18.76
CA PHE F 409 -22.71 14.69 18.96
C PHE F 409 -22.33 15.63 17.81
N ASP F 410 -22.76 16.89 17.97
CA ASP F 410 -22.83 17.83 16.84
C ASP F 410 -21.46 18.30 16.38
N LYS F 411 -20.48 18.37 17.29
CA LYS F 411 -19.14 18.78 16.88
C LYS F 411 -18.48 17.74 16.01
N MET F 412 -18.84 16.47 16.18
CA MET F 412 -18.31 15.38 15.36
C MET F 412 -19.36 14.80 14.43
N ASN F 413 -20.57 15.38 14.42
CA ASN F 413 -21.61 14.95 13.49
C ASN F 413 -21.23 15.25 12.05
N ASP F 414 -20.48 16.33 11.82
CA ASP F 414 -19.98 16.63 10.49
C ASP F 414 -18.72 15.87 10.15
N GLN F 415 -18.23 15.01 11.03
CA GLN F 415 -17.07 14.19 10.77
C GLN F 415 -17.43 12.75 10.40
N ASP F 416 -18.18 12.07 11.26
CA ASP F 416 -18.37 10.63 11.10
C ASP F 416 -19.54 10.27 10.21
N ARG F 417 -20.53 11.15 10.08
CA ARG F 417 -21.77 10.78 9.40
C ARG F 417 -21.62 10.70 7.89
N THR F 418 -20.46 11.08 7.35
CA THR F 418 -20.11 10.78 5.98
C THR F 418 -19.48 9.40 5.83
N SER F 419 -19.43 8.63 6.91
CA SER F 419 -18.82 7.30 6.88
C SER F 419 -19.73 6.23 7.43
N ILE F 420 -21.01 6.50 7.64
CA ILE F 420 -21.93 5.49 8.12
C ILE F 420 -23.11 5.35 7.18
N HIS F 421 -23.43 6.41 6.45
CA HIS F 421 -24.57 6.38 5.53
C HIS F 421 -24.20 5.84 4.17
N GLU F 422 -22.99 5.31 4.03
CA GLU F 422 -22.61 4.50 2.88
C GLU F 422 -22.31 3.08 3.29
N ALA F 423 -22.48 2.74 4.57
CA ALA F 423 -22.54 1.36 4.98
C ALA F 423 -23.86 0.72 4.59
N MET F 424 -24.89 1.53 4.35
CA MET F 424 -26.20 1.08 3.92
C MET F 424 -26.40 1.23 2.42
N GLU F 425 -26.16 2.43 1.89
CA GLU F 425 -26.40 2.76 0.49
C GLU F 425 -25.53 1.92 -0.42
N GLN F 426 -24.22 2.13 -0.38
CA GLN F 426 -23.27 1.29 -1.12
C GLN F 426 -22.72 0.26 -0.14
N GLN F 427 -23.60 -0.66 0.22
CA GLN F 427 -23.36 -1.64 1.27
C GLN F 427 -22.17 -2.51 0.91
N SER F 428 -21.48 -3.01 1.94
CA SER F 428 -20.11 -3.53 1.87
C SER F 428 -19.14 -2.47 1.34
N ILE F 429 -18.98 -1.42 2.17
CA ILE F 429 -18.06 -0.33 1.87
C ILE F 429 -16.70 -0.63 2.51
N SER F 430 -15.64 -0.43 1.72
CA SER F 430 -14.30 -0.37 2.27
C SER F 430 -13.51 0.66 1.46
N ILE F 431 -12.31 0.94 1.94
CA ILE F 431 -11.62 2.18 1.62
C ILE F 431 -10.16 1.85 1.32
N SER F 432 -9.48 2.81 0.70
CA SER F 432 -8.09 2.65 0.31
C SER F 432 -7.24 3.88 0.65
N LYS F 433 -7.26 4.28 1.92
CA LYS F 433 -6.43 5.41 2.34
C LYS F 433 -4.98 4.95 2.48
N ALA F 434 -4.16 5.32 1.48
CA ALA F 434 -2.71 5.16 1.47
C ALA F 434 -2.25 3.71 1.61
N GLY F 435 -3.10 2.78 1.20
CA GLY F 435 -2.81 1.38 1.39
C GLY F 435 -3.09 0.54 0.18
N ILE F 436 -3.98 -0.43 0.35
CA ILE F 436 -4.37 -1.36 -0.69
C ILE F 436 -5.82 -1.07 -1.03
N VAL F 437 -6.17 -1.18 -2.31
CA VAL F 437 -7.58 -1.07 -2.70
C VAL F 437 -8.21 -2.43 -2.46
N THR F 438 -9.01 -2.54 -1.42
CA THR F 438 -9.72 -3.78 -1.11
C THR F 438 -11.18 -3.45 -0.81
N THR F 439 -11.98 -4.49 -0.60
CA THR F 439 -13.38 -4.32 -0.25
C THR F 439 -13.76 -5.44 0.72
N LEU F 440 -13.79 -5.12 2.01
CA LEU F 440 -14.28 -6.08 2.98
C LEU F 440 -15.80 -6.19 2.86
N GLN F 441 -16.36 -7.24 3.45
CA GLN F 441 -17.79 -7.47 3.37
C GLN F 441 -18.38 -7.51 4.77
N ALA F 442 -19.23 -6.53 5.06
CA ALA F 442 -19.83 -6.36 6.38
C ALA F 442 -21.31 -6.07 6.20
N ARG F 443 -22.15 -7.08 6.39
CA ARG F 443 -23.60 -6.92 6.28
C ARG F 443 -24.18 -6.56 7.65
N CYS F 444 -23.83 -5.37 8.08
CA CYS F 444 -24.13 -4.94 9.44
C CYS F 444 -25.54 -4.34 9.53
N SER F 445 -26.07 -4.33 10.75
CA SER F 445 -27.33 -3.68 11.07
C SER F 445 -27.08 -2.50 11.99
N ILE F 446 -27.95 -1.50 11.89
CA ILE F 446 -27.77 -0.25 12.62
C ILE F 446 -29.06 0.10 13.32
N ILE F 447 -29.00 0.29 14.63
CA ILE F 447 -30.06 0.93 15.38
C ILE F 447 -29.53 2.27 15.89
N ALA F 448 -30.43 3.09 16.43
CA ALA F 448 -30.04 4.43 16.81
C ALA F 448 -30.90 4.91 17.97
N ALA F 449 -30.42 5.97 18.61
CA ALA F 449 -30.98 6.51 19.84
C ALA F 449 -31.09 8.02 19.78
N ALA F 450 -31.75 8.51 18.74
CA ALA F 450 -31.84 9.94 18.45
C ALA F 450 -32.52 10.71 19.58
N ASN F 451 -32.26 12.00 19.62
CA ASN F 451 -32.61 12.84 20.74
C ASN F 451 -32.87 14.25 20.24
N PRO F 452 -34.09 14.76 20.37
CA PRO F 452 -34.39 16.11 19.88
C PRO F 452 -33.80 17.16 20.80
N ASN F 453 -33.85 18.41 20.34
CA ASN F 453 -33.26 19.53 21.07
C ASN F 453 -34.23 19.99 22.14
N GLY F 454 -34.30 19.21 23.23
CA GLY F 454 -35.21 19.49 24.31
C GLY F 454 -36.37 18.52 24.36
N GLY F 455 -37.59 19.05 24.40
CA GLY F 455 -38.76 18.21 24.47
C GLY F 455 -39.06 17.51 23.15
N ARG F 456 -40.02 16.58 23.22
CA ARG F 456 -40.35 15.78 22.05
C ARG F 456 -41.11 16.60 21.01
N TYR F 457 -41.97 17.50 21.45
CA TYR F 457 -42.70 18.41 20.57
C TYR F 457 -42.06 19.79 20.61
N ASN F 458 -40.81 19.84 20.16
CA ASN F 458 -40.08 21.11 20.10
C ASN F 458 -40.65 22.05 19.05
N SER F 459 -41.48 21.55 18.13
CA SER F 459 -42.23 22.38 17.21
C SER F 459 -43.48 21.65 16.76
N THR F 460 -44.40 22.40 16.20
CA THR F 460 -45.50 21.78 15.45
C THR F 460 -45.07 21.39 14.05
N LEU F 461 -44.01 22.03 13.55
CA LEU F 461 -43.60 21.89 12.17
C LEU F 461 -42.94 20.53 11.97
N PRO F 462 -42.74 20.10 10.69
CA PRO F 462 -42.11 18.80 10.43
C PRO F 462 -40.73 18.55 10.99
N LEU F 463 -40.26 17.32 10.81
CA LEU F 463 -39.10 16.81 11.52
C LEU F 463 -37.79 17.41 11.05
N ALA F 464 -37.77 18.08 9.90
CA ALA F 464 -36.59 18.85 9.52
C ALA F 464 -36.42 20.06 10.42
N GLN F 465 -37.52 20.59 10.96
CA GLN F 465 -37.44 21.63 11.97
C GLN F 465 -37.14 21.08 13.35
N ASN F 466 -37.32 19.79 13.56
CA ASN F 466 -37.20 19.20 14.89
C ASN F 466 -35.79 18.71 15.17
N VAL F 467 -35.30 17.80 14.35
CA VAL F 467 -33.97 17.23 14.52
C VAL F 467 -32.99 18.07 13.71
N SER F 468 -31.72 18.08 14.14
CA SER F 468 -30.68 18.73 13.37
C SER F 468 -30.18 17.87 12.22
N LEU F 469 -30.51 16.58 12.20
CA LEU F 469 -30.11 15.73 11.10
C LEU F 469 -30.90 16.09 9.85
N THR F 470 -30.22 16.22 8.73
CA THR F 470 -30.85 16.68 7.50
C THR F 470 -31.60 15.54 6.82
N GLU F 471 -32.00 15.78 5.56
CA GLU F 471 -32.86 14.83 4.86
C GLU F 471 -32.17 13.52 4.45
N PRO F 472 -31.10 13.52 3.64
CA PRO F 472 -30.78 12.28 2.89
C PRO F 472 -30.22 11.17 3.75
N ILE F 473 -29.47 11.49 4.79
CA ILE F 473 -28.99 10.45 5.71
C ILE F 473 -30.16 9.88 6.50
N LEU F 474 -31.14 10.73 6.85
CA LEU F 474 -32.34 10.28 7.54
C LEU F 474 -33.17 9.35 6.67
N SER F 475 -33.11 9.51 5.36
CA SER F 475 -33.90 8.64 4.49
C SER F 475 -33.26 7.28 4.30
N ARG F 476 -32.06 7.05 4.81
CA ARG F 476 -31.45 5.72 4.74
C ARG F 476 -31.94 4.78 5.82
N PHE F 477 -32.96 5.17 6.59
CA PHE F 477 -33.58 4.30 7.58
C PHE F 477 -34.96 3.89 7.10
N ASP F 478 -35.63 3.04 7.87
CA ASP F 478 -36.92 2.52 7.45
C ASP F 478 -38.09 3.13 8.22
N ILE F 479 -37.95 3.42 9.51
CA ILE F 479 -39.09 3.77 10.32
C ILE F 479 -38.64 4.67 11.46
N LEU F 480 -39.57 5.46 11.98
CA LEU F 480 -39.30 6.49 12.98
C LEU F 480 -40.20 6.25 14.17
N CYS F 481 -39.71 5.53 15.16
CA CYS F 481 -40.48 5.32 16.37
C CYS F 481 -40.42 6.57 17.25
N VAL F 482 -41.59 7.13 17.55
CA VAL F 482 -41.71 8.37 18.30
C VAL F 482 -42.62 8.12 19.50
N VAL F 483 -42.28 8.74 20.63
CA VAL F 483 -43.00 8.52 21.88
C VAL F 483 -43.82 9.75 22.24
N ARG F 484 -44.83 9.54 23.10
CA ARG F 484 -45.73 10.60 23.55
C ARG F 484 -46.13 10.33 25.00
N ASP F 485 -46.10 11.36 25.84
CA ASP F 485 -46.57 11.25 27.22
C ASP F 485 -46.90 12.65 27.73
N LEU F 486 -48.20 12.98 27.82
CA LEU F 486 -48.53 14.29 28.36
C LEU F 486 -49.05 14.24 29.80
N VAL F 487 -50.25 13.69 29.99
CA VAL F 487 -50.99 13.72 31.26
C VAL F 487 -51.92 12.51 31.28
N ASP F 488 -51.81 11.69 32.32
CA ASP F 488 -52.75 10.59 32.51
C ASP F 488 -52.74 10.18 33.98
N GLU F 489 -53.74 9.41 34.37
CA GLU F 489 -53.78 8.77 35.67
C GLU F 489 -53.71 7.26 35.57
N GLU F 490 -54.64 6.65 34.81
CA GLU F 490 -54.72 5.19 34.79
C GLU F 490 -53.64 4.59 33.90
N ALA F 491 -53.18 5.33 32.90
CA ALA F 491 -52.00 4.88 32.18
C ALA F 491 -50.73 5.21 32.94
N ASP F 492 -50.78 6.23 33.80
CA ASP F 492 -49.62 6.59 34.59
C ASP F 492 -49.35 5.55 35.68
N GLU F 493 -50.41 5.07 36.33
CA GLU F 493 -50.23 4.04 37.35
C GLU F 493 -49.79 2.73 36.72
N ARG F 494 -50.20 2.47 35.47
CA ARG F 494 -49.86 1.24 34.77
C ARG F 494 -48.37 1.12 34.55
N LEU F 495 -47.64 2.23 34.56
CA LEU F 495 -46.21 2.18 34.77
C LEU F 495 -45.87 2.24 36.26
N ALA F 496 -46.60 3.06 37.03
CA ALA F 496 -46.17 3.37 38.39
C ALA F 496 -46.36 2.18 39.32
N THR F 497 -47.50 1.49 39.24
CA THR F 497 -47.62 0.29 40.05
C THR F 497 -46.82 -0.87 39.47
N PHE F 498 -46.36 -0.75 38.24
CA PHE F 498 -45.56 -1.81 37.65
C PHE F 498 -44.11 -1.74 38.12
N VAL F 499 -43.52 -0.55 38.05
CA VAL F 499 -42.08 -0.44 38.28
C VAL F 499 -41.72 -0.57 39.74
N VAL F 500 -42.67 -0.42 40.64
CA VAL F 500 -42.35 -0.57 42.06
C VAL F 500 -42.12 -2.04 42.40
N ASP F 501 -42.83 -2.94 41.72
CA ASP F 501 -42.65 -4.36 41.99
C ASP F 501 -41.34 -4.90 41.42
N SER F 502 -40.76 -4.22 40.43
CA SER F 502 -39.49 -4.65 39.87
C SER F 502 -38.36 -4.48 40.86
N HIS F 503 -38.43 -3.45 41.71
CA HIS F 503 -37.43 -3.28 42.75
C HIS F 503 -37.56 -4.30 43.87
N VAL F 504 -38.68 -5.00 43.97
CA VAL F 504 -38.80 -6.10 44.92
C VAL F 504 -38.04 -7.33 44.42
N ARG F 505 -37.61 -7.34 43.17
CA ARG F 505 -36.78 -8.41 42.65
C ARG F 505 -35.30 -8.15 42.89
N SER F 506 -34.95 -7.91 44.15
CA SER F 506 -33.57 -7.67 44.53
C SER F 506 -32.98 -8.92 45.17
N GLN F 537 -24.76 -29.24 48.26
CA GLN F 537 -25.65 -28.18 47.83
C GLN F 537 -26.12 -28.44 46.41
N LEU F 538 -26.21 -29.73 46.06
CA LEU F 538 -26.58 -30.13 44.72
C LEU F 538 -28.03 -29.79 44.43
N ASN F 539 -28.93 -30.10 45.36
CA ASN F 539 -30.30 -29.66 45.23
C ASN F 539 -30.40 -28.14 45.33
N ALA F 540 -29.64 -27.54 46.26
CA ALA F 540 -29.71 -26.10 46.49
C ALA F 540 -29.16 -25.30 45.33
N ARG F 541 -28.25 -25.88 44.55
CA ARG F 541 -27.83 -25.26 43.29
C ARG F 541 -29.00 -25.22 42.31
N GLN F 542 -29.79 -26.29 42.27
CA GLN F 542 -30.96 -26.31 41.41
C GLN F 542 -32.17 -25.68 42.08
N ARG F 543 -32.20 -25.63 43.41
CA ARG F 543 -33.27 -24.90 44.10
C ARG F 543 -33.11 -23.41 43.92
N ARG F 544 -31.87 -22.92 43.90
CA ARG F 544 -31.61 -21.55 43.46
C ARG F 544 -31.97 -21.40 41.98
N LEU F 545 -31.73 -22.43 41.18
CA LEU F 545 -32.17 -22.40 39.79
C LEU F 545 -33.69 -22.46 39.69
N GLN F 546 -34.35 -23.18 40.60
CA GLN F 546 -35.80 -23.13 40.66
C GLN F 546 -36.29 -21.80 41.21
N ARG F 547 -35.50 -21.18 42.09
CA ARG F 547 -35.78 -19.81 42.49
C ARG F 547 -35.63 -18.86 41.31
N GLN F 548 -34.73 -19.17 40.38
CA GLN F 548 -34.59 -18.37 39.17
C GLN F 548 -35.78 -18.48 38.24
N ARG F 549 -36.60 -19.52 38.38
CA ARG F 549 -37.77 -19.62 37.51
C ARG F 549 -38.87 -18.67 37.97
N LYS F 550 -39.24 -18.76 39.25
CA LYS F 550 -40.38 -18.00 39.76
C LYS F 550 -40.10 -16.51 39.85
N LYS F 551 -38.83 -16.10 39.90
CA LYS F 551 -38.53 -14.68 39.99
C LYS F 551 -38.77 -13.95 38.68
N GLU F 552 -38.80 -14.67 37.56
CA GLU F 552 -39.18 -14.10 36.28
C GLU F 552 -40.52 -14.60 35.79
N GLU F 553 -41.21 -15.42 36.58
CA GLU F 553 -42.49 -15.96 36.15
C GLU F 553 -43.60 -15.56 37.12
N GLU F 554 -43.66 -14.27 37.46
CA GLU F 554 -44.78 -13.75 38.23
C GLU F 554 -46.08 -13.90 37.46
N ILE F 555 -46.19 -13.24 36.31
CA ILE F 555 -47.29 -13.46 35.39
C ILE F 555 -46.93 -14.49 34.33
N SER F 556 -45.72 -15.07 34.42
CA SER F 556 -45.11 -16.07 33.53
C SER F 556 -45.09 -15.64 32.07
N PRO F 557 -44.31 -14.62 31.70
CA PRO F 557 -44.25 -14.24 30.28
C PRO F 557 -43.09 -14.90 29.54
N ILE F 558 -43.18 -16.23 29.35
CA ILE F 558 -42.36 -17.04 28.43
C ILE F 558 -40.86 -16.83 28.60
N PRO F 559 -40.21 -17.46 29.58
CA PRO F 559 -38.92 -16.97 30.09
C PRO F 559 -37.77 -17.11 29.10
N GLN F 560 -36.74 -16.29 29.34
CA GLN F 560 -35.59 -16.13 28.47
C GLN F 560 -34.52 -17.18 28.70
N GLU F 561 -34.85 -18.30 29.33
CA GLU F 561 -33.87 -19.37 29.48
C GLU F 561 -33.60 -20.04 28.14
N LEU F 562 -34.58 -20.03 27.24
CA LEU F 562 -34.49 -20.74 25.99
C LEU F 562 -34.87 -19.89 24.78
N LEU F 563 -35.50 -18.73 25.00
CA LEU F 563 -36.00 -17.96 23.87
C LEU F 563 -34.87 -17.35 23.07
N MET F 564 -33.78 -16.99 23.73
CA MET F 564 -32.62 -16.59 22.96
C MET F 564 -31.90 -17.78 22.35
N LYS F 565 -32.13 -18.98 22.88
CA LYS F 565 -31.36 -20.14 22.44
C LYS F 565 -31.78 -20.65 21.07
N TYR F 566 -32.85 -20.13 20.48
CA TYR F 566 -33.25 -20.56 19.16
C TYR F 566 -33.21 -19.45 18.13
N ILE F 567 -32.89 -18.22 18.52
CA ILE F 567 -32.71 -17.15 17.56
C ILE F 567 -31.48 -17.41 16.72
N HIS F 568 -30.48 -18.08 17.29
CA HIS F 568 -29.22 -18.33 16.60
C HIS F 568 -29.40 -19.28 15.42
N TYR F 569 -30.40 -20.17 15.47
CA TYR F 569 -30.74 -20.92 14.27
C TYR F 569 -32.08 -20.50 13.70
N ALA F 570 -32.70 -19.46 14.25
CA ALA F 570 -33.72 -18.76 13.51
C ALA F 570 -33.13 -17.84 12.45
N ARG F 571 -31.82 -17.65 12.45
CA ARG F 571 -31.14 -16.73 11.55
C ARG F 571 -30.19 -17.41 10.60
N THR F 572 -29.75 -18.64 10.88
CA THR F 572 -28.76 -19.30 10.03
C THR F 572 -29.26 -20.64 9.50
N LYS F 573 -30.57 -20.88 9.52
CA LYS F 573 -31.07 -22.15 9.00
C LYS F 573 -32.29 -22.03 8.10
N ILE F 574 -33.07 -20.96 8.17
CA ILE F 574 -34.36 -20.87 7.47
C ILE F 574 -34.33 -19.67 6.54
N TYR F 575 -34.79 -19.86 5.31
CA TYR F 575 -34.86 -18.78 4.33
C TYR F 575 -36.27 -18.71 3.75
N PRO F 576 -36.89 -17.54 3.69
CA PRO F 576 -38.27 -17.43 3.25
C PRO F 576 -38.38 -17.12 1.75
N LYS F 577 -39.60 -17.31 1.23
CA LYS F 577 -39.94 -16.96 -0.14
C LYS F 577 -41.33 -16.33 -0.17
N LEU F 578 -41.72 -15.86 -1.35
CA LEU F 578 -42.97 -15.12 -1.50
C LEU F 578 -43.87 -15.81 -2.52
N HIS F 579 -45.01 -15.18 -2.75
CA HIS F 579 -45.99 -15.56 -3.76
C HIS F 579 -46.28 -14.36 -4.65
N GLN F 580 -47.27 -14.50 -5.52
CA GLN F 580 -47.52 -13.49 -6.54
C GLN F 580 -48.98 -13.05 -6.56
N MET F 581 -49.87 -13.90 -6.05
CA MET F 581 -51.31 -13.58 -6.04
C MET F 581 -51.69 -12.60 -4.95
N ASP F 582 -50.78 -12.32 -4.02
CA ASP F 582 -51.06 -11.49 -2.85
C ASP F 582 -50.23 -10.21 -2.87
N MET F 583 -50.13 -9.57 -4.04
CA MET F 583 -49.17 -8.50 -4.23
C MET F 583 -49.82 -7.14 -4.43
N ASP F 584 -50.70 -7.01 -5.42
CA ASP F 584 -51.02 -5.70 -5.99
C ASP F 584 -51.94 -4.86 -5.11
N LYS F 585 -52.29 -5.30 -3.92
CA LYS F 585 -52.92 -4.42 -2.95
C LYS F 585 -51.97 -3.32 -2.49
N VAL F 586 -50.66 -3.59 -2.49
CA VAL F 586 -49.68 -2.63 -2.02
C VAL F 586 -49.35 -1.56 -3.05
N SER F 587 -49.84 -1.70 -4.28
CA SER F 587 -49.45 -0.81 -5.37
C SER F 587 -50.01 0.59 -5.15
N ARG F 588 -51.30 0.67 -4.80
CA ARG F 588 -51.89 1.95 -4.46
C ARG F 588 -51.41 2.48 -3.12
N VAL F 589 -50.88 1.60 -2.26
CA VAL F 589 -50.42 2.04 -0.96
C VAL F 589 -49.20 2.92 -1.09
N TYR F 590 -48.22 2.50 -1.89
CA TYR F 590 -47.04 3.32 -2.11
C TYR F 590 -47.36 4.56 -2.92
N ALA F 591 -48.23 4.42 -3.92
CA ALA F 591 -48.46 5.51 -4.87
C ALA F 591 -49.27 6.64 -4.24
N ASP F 592 -50.36 6.29 -3.54
CA ASP F 592 -51.23 7.33 -3.01
C ASP F 592 -50.61 8.02 -1.81
N LEU F 593 -49.87 7.29 -0.98
CA LEU F 593 -49.30 7.90 0.21
C LEU F 593 -48.11 8.79 -0.14
N ARG F 594 -47.35 8.44 -1.16
CA ARG F 594 -46.34 9.36 -1.68
C ARG F 594 -47.01 10.59 -2.29
N ARG F 595 -48.13 10.37 -2.97
CA ARG F 595 -48.91 11.49 -3.52
C ARG F 595 -49.49 12.35 -2.40
N GLU F 596 -49.90 11.72 -1.30
CA GLU F 596 -50.50 12.47 -0.20
C GLU F 596 -49.46 13.21 0.63
N SER F 597 -48.17 12.96 0.42
CA SER F 597 -47.13 13.59 1.22
C SER F 597 -46.14 14.41 0.42
N ILE F 598 -46.43 14.69 -0.86
CA ILE F 598 -45.63 15.63 -1.63
C ILE F 598 -46.27 17.02 -1.63
N SER F 599 -47.59 17.07 -1.83
CA SER F 599 -48.33 18.30 -1.63
C SER F 599 -48.29 18.75 -0.18
N THR F 600 -48.23 17.80 0.75
CA THR F 600 -47.97 18.06 2.16
C THR F 600 -46.61 17.45 2.47
N GLY F 601 -45.55 18.21 2.21
CA GLY F 601 -44.20 17.68 2.30
C GLY F 601 -43.50 17.85 3.63
N SER F 602 -43.49 16.79 4.44
CA SER F 602 -42.71 16.79 5.68
C SER F 602 -41.34 16.15 5.45
N PHE F 603 -41.33 14.87 5.10
CA PHE F 603 -40.13 14.16 4.64
C PHE F 603 -40.67 13.09 3.71
N PRO F 604 -39.98 12.80 2.61
CA PRO F 604 -40.59 11.98 1.57
C PRO F 604 -40.32 10.48 1.75
N ILE F 605 -40.97 9.70 0.89
CA ILE F 605 -40.69 8.29 0.74
C ILE F 605 -40.29 8.07 -0.71
N THR F 606 -39.53 7.01 -0.94
CA THR F 606 -38.91 6.77 -2.24
C THR F 606 -39.10 5.30 -2.59
N VAL F 607 -38.29 4.83 -3.53
CA VAL F 607 -38.31 3.43 -3.95
C VAL F 607 -37.88 2.48 -2.84
N ARG F 608 -37.22 2.97 -1.79
CA ARG F 608 -36.66 2.08 -0.79
C ARG F 608 -37.62 1.81 0.35
N HIS F 609 -38.63 2.65 0.54
CA HIS F 609 -39.61 2.40 1.58
C HIS F 609 -40.43 1.14 1.27
N LEU F 610 -40.88 1.01 0.02
CA LEU F 610 -41.59 -0.19 -0.38
C LEU F 610 -40.69 -1.42 -0.37
N GLU F 611 -39.39 -1.23 -0.60
CA GLU F 611 -38.45 -2.33 -0.43
C GLU F 611 -38.37 -2.75 1.03
N SER F 612 -38.46 -1.79 1.94
CA SER F 612 -38.55 -2.13 3.36
C SER F 612 -39.92 -2.67 3.74
N ILE F 613 -40.94 -2.41 2.92
CA ILE F 613 -42.28 -2.91 3.23
C ILE F 613 -42.32 -4.43 3.11
N LEU F 614 -41.83 -4.96 1.99
CA LEU F 614 -41.80 -6.40 1.83
C LEU F 614 -40.73 -7.04 2.69
N ARG F 615 -39.72 -6.28 3.11
CA ARG F 615 -38.62 -6.87 3.86
C ARG F 615 -39.04 -7.22 5.27
N ILE F 616 -39.66 -6.28 6.00
CA ILE F 616 -40.15 -6.61 7.32
C ILE F 616 -41.38 -7.49 7.28
N ALA F 617 -42.02 -7.63 6.11
CA ALA F 617 -43.10 -8.59 5.98
C ALA F 617 -42.58 -10.00 6.14
N GLU F 618 -41.50 -10.34 5.43
CA GLU F 618 -40.97 -11.68 5.55
C GLU F 618 -40.14 -11.87 6.81
N SER F 619 -39.90 -10.81 7.57
CA SER F 619 -39.25 -10.97 8.87
C SER F 619 -40.17 -11.71 9.83
N PHE F 620 -41.45 -11.35 9.84
CA PHE F 620 -42.40 -12.01 10.74
C PHE F 620 -42.57 -13.47 10.37
N ALA F 621 -42.61 -13.78 9.08
CA ALA F 621 -42.85 -15.15 8.64
C ALA F 621 -41.66 -16.06 8.92
N LYS F 622 -40.48 -15.50 9.13
CA LYS F 622 -39.34 -16.30 9.56
C LYS F 622 -39.51 -16.81 10.98
N MET F 623 -40.35 -16.17 11.78
CA MET F 623 -40.61 -16.61 13.13
C MET F 623 -41.71 -17.65 13.22
N ARG F 624 -42.41 -17.91 12.12
CA ARG F 624 -43.23 -19.10 12.07
C ARG F 624 -42.44 -20.34 11.69
N LEU F 625 -41.17 -20.16 11.29
CA LEU F 625 -40.27 -21.21 10.82
C LEU F 625 -40.89 -21.94 9.62
N SER F 626 -41.22 -21.15 8.60
CA SER F 626 -42.24 -21.55 7.65
C SER F 626 -41.87 -21.42 6.19
N GLU F 627 -40.95 -20.52 5.81
CA GLU F 627 -40.39 -20.31 4.47
C GLU F 627 -41.40 -19.65 3.51
N PHE F 628 -42.66 -19.53 3.91
CA PHE F 628 -43.70 -18.95 3.06
C PHE F 628 -44.00 -17.52 3.51
N VAL F 629 -44.97 -16.92 2.84
CA VAL F 629 -45.55 -15.65 3.26
C VAL F 629 -47.07 -15.79 3.15
N SER F 630 -47.77 -15.56 4.26
CA SER F 630 -49.22 -15.72 4.29
C SER F 630 -49.92 -14.49 3.73
N SER F 631 -51.21 -14.38 4.00
CA SER F 631 -51.90 -13.11 3.82
C SER F 631 -51.94 -12.32 5.12
N TYR F 632 -51.91 -13.01 6.26
CA TYR F 632 -52.04 -12.35 7.55
C TYR F 632 -50.83 -11.52 7.91
N ASP F 633 -49.67 -11.83 7.35
CA ASP F 633 -48.45 -11.13 7.69
C ASP F 633 -48.27 -9.83 6.91
N LEU F 634 -48.88 -9.70 5.74
CA LEU F 634 -48.69 -8.51 4.94
C LEU F 634 -49.40 -7.31 5.55
N ASP F 635 -50.71 -7.43 5.77
CA ASP F 635 -51.47 -6.36 6.38
C ASP F 635 -51.06 -6.10 7.82
N ARG F 636 -50.54 -7.11 8.50
CA ARG F 636 -49.85 -6.88 9.77
C ARG F 636 -48.67 -5.94 9.56
N ALA F 637 -47.82 -6.25 8.59
CA ALA F 637 -46.63 -5.45 8.34
C ALA F 637 -46.96 -4.10 7.71
N ILE F 638 -48.10 -4.01 7.01
CA ILE F 638 -48.53 -2.72 6.51
C ILE F 638 -48.95 -1.83 7.67
N LYS F 639 -49.79 -2.35 8.56
CA LYS F 639 -50.35 -1.56 9.65
C LYS F 639 -49.39 -1.35 10.81
N VAL F 640 -48.10 -1.61 10.62
CA VAL F 640 -47.07 -1.15 11.54
C VAL F 640 -46.23 -0.03 10.94
N VAL F 641 -46.31 0.18 9.63
CA VAL F 641 -45.53 1.22 8.96
C VAL F 641 -46.38 2.44 8.65
N VAL F 642 -47.62 2.23 8.20
CA VAL F 642 -48.44 3.35 7.74
C VAL F 642 -48.87 4.23 8.90
N ASP F 643 -49.18 3.64 10.04
CA ASP F 643 -49.56 4.45 11.20
C ASP F 643 -48.34 5.13 11.81
N SER F 644 -47.22 4.42 11.84
CA SER F 644 -45.98 4.96 12.39
C SER F 644 -45.32 5.99 11.49
N PHE F 645 -45.78 6.11 10.24
CA PHE F 645 -45.35 7.25 9.45
C PHE F 645 -46.23 8.47 9.70
N VAL F 646 -47.55 8.28 9.68
CA VAL F 646 -48.46 9.43 9.67
C VAL F 646 -48.57 10.11 11.01
N ASP F 647 -48.21 9.44 12.11
CA ASP F 647 -48.53 9.95 13.44
C ASP F 647 -47.51 10.97 13.95
N ALA F 648 -46.73 11.58 13.05
CA ALA F 648 -45.77 12.61 13.45
C ALA F 648 -45.88 13.86 12.60
N GLN F 649 -47.05 14.09 11.99
CA GLN F 649 -47.13 15.11 10.95
C GLN F 649 -47.31 16.52 11.51
N LYS F 650 -48.44 16.76 12.17
CA LYS F 650 -48.94 18.12 12.36
C LYS F 650 -50.10 18.04 13.36
N VAL F 651 -50.78 19.18 13.58
CA VAL F 651 -52.14 19.17 14.10
C VAL F 651 -53.04 18.33 13.21
N SER F 652 -52.81 18.39 11.89
CA SER F 652 -53.62 17.63 10.94
C SER F 652 -53.16 16.18 10.82
N VAL F 653 -53.00 15.51 11.96
CA VAL F 653 -52.93 14.06 12.02
C VAL F 653 -54.34 13.49 12.14
N ARG F 654 -55.29 14.29 12.65
CA ARG F 654 -56.67 13.86 12.83
C ARG F 654 -57.36 13.64 11.49
N ARG F 655 -57.04 14.47 10.50
CA ARG F 655 -57.60 14.30 9.18
C ARG F 655 -57.05 13.07 8.48
N GLN F 656 -55.77 12.76 8.72
CA GLN F 656 -55.15 11.60 8.10
C GLN F 656 -55.69 10.30 8.69
N LEU F 657 -56.08 10.31 9.96
CA LEU F 657 -56.67 9.13 10.57
C LEU F 657 -58.05 8.81 10.03
N ARG F 658 -58.70 9.77 9.38
CA ARG F 658 -59.95 9.49 8.67
C ARG F 658 -59.71 8.69 7.41
N ARG F 659 -58.48 8.68 6.89
CA ARG F 659 -58.10 7.80 5.79
C ARG F 659 -57.61 6.45 6.27
N SER F 660 -57.30 6.33 7.57
CA SER F 660 -56.46 5.24 8.07
C SER F 660 -57.16 3.89 8.00
N PHE F 661 -58.43 3.83 8.39
CA PHE F 661 -59.13 2.54 8.41
C PHE F 661 -59.53 2.05 7.04
N ALA F 662 -59.31 2.82 5.97
CA ALA F 662 -59.45 2.28 4.62
C ALA F 662 -58.38 1.23 4.35
N ILE F 663 -57.22 1.33 5.00
CA ILE F 663 -56.22 0.29 4.90
C ILE F 663 -56.69 -0.98 5.60
N TYR F 664 -57.38 -0.82 6.73
CA TYR F 664 -57.98 -1.96 7.41
C TYR F 664 -59.42 -2.15 6.93
N PRO G 1 46.96 -22.11 -24.51
CA PRO G 1 45.95 -21.67 -25.49
C PRO G 1 46.38 -21.91 -26.92
N ASP G 2 46.22 -23.14 -27.42
CA ASP G 2 46.60 -23.42 -28.80
C ASP G 2 45.40 -23.31 -29.73
N ALA G 3 44.38 -24.14 -29.51
CA ALA G 3 43.24 -24.17 -30.41
C ALA G 3 42.26 -23.03 -30.18
N VAL G 4 42.33 -22.39 -29.02
CA VAL G 4 41.42 -21.29 -28.69
C VAL G 4 42.04 -19.97 -29.10
N PHE G 5 43.16 -20.05 -29.84
CA PHE G 5 43.91 -18.88 -30.23
C PHE G 5 44.07 -18.72 -31.73
N GLY G 6 43.85 -19.79 -32.52
CA GLY G 6 44.08 -19.69 -33.95
C GLY G 6 43.06 -18.81 -34.65
N ASP G 7 41.80 -18.91 -34.25
CA ASP G 7 40.80 -17.97 -34.76
C ASP G 7 41.01 -16.58 -34.18
N ARG G 8 41.58 -16.49 -32.98
CA ARG G 8 42.06 -15.22 -32.50
C ARG G 8 43.23 -14.75 -33.35
N VAL G 9 44.13 -15.67 -33.72
CA VAL G 9 45.25 -15.33 -34.59
C VAL G 9 44.75 -14.92 -35.97
N ARG G 10 43.78 -15.65 -36.52
CA ARG G 10 43.26 -15.36 -37.85
C ARG G 10 42.54 -14.01 -37.90
N ARG G 11 41.97 -13.58 -36.78
CA ARG G 11 41.39 -12.25 -36.72
C ARG G 11 42.48 -11.17 -36.75
N PHE G 12 43.65 -11.48 -36.19
CA PHE G 12 44.72 -10.49 -36.09
C PHE G 12 45.26 -10.10 -37.46
N GLN G 13 45.23 -11.03 -38.41
CA GLN G 13 45.55 -10.69 -39.78
C GLN G 13 44.33 -10.22 -40.57
N GLU G 14 43.13 -10.45 -40.04
CA GLU G 14 41.93 -10.10 -40.80
C GLU G 14 41.61 -8.61 -40.69
N PHE G 15 41.39 -8.13 -39.46
CA PHE G 15 40.80 -6.81 -39.31
C PHE G 15 41.77 -5.66 -39.54
N LEU G 16 42.99 -5.93 -39.98
CA LEU G 16 43.92 -4.84 -40.30
C LEU G 16 43.46 -4.02 -41.49
N ASP G 17 42.63 -4.58 -42.36
CA ASP G 17 41.98 -3.77 -43.37
C ASP G 17 40.77 -3.01 -42.81
N THR G 18 40.15 -3.49 -41.72
CA THR G 18 39.08 -2.74 -41.09
C THR G 18 39.57 -1.45 -40.45
N PHE G 19 40.82 -1.39 -40.00
CA PHE G 19 41.39 -0.13 -39.57
C PHE G 19 42.47 0.33 -40.52
N THR G 20 42.23 0.15 -41.82
CA THR G 20 42.90 0.97 -42.81
C THR G 20 42.53 2.44 -42.64
N SER G 21 41.30 2.71 -42.24
CA SER G 21 40.84 4.07 -42.02
C SER G 21 41.01 4.54 -40.58
N TYR G 22 41.46 3.67 -39.66
CA TYR G 22 41.65 4.07 -38.28
C TYR G 22 43.08 4.00 -37.81
N ARG G 23 43.99 3.41 -38.59
CA ARG G 23 45.38 3.33 -38.18
C ARG G 23 46.05 4.70 -38.19
N ASP G 24 45.51 5.65 -38.96
CA ASP G 24 45.86 7.04 -38.77
C ASP G 24 45.27 7.57 -37.48
N SER G 25 44.02 7.21 -37.19
CA SER G 25 43.29 7.81 -36.09
C SER G 25 43.82 7.34 -34.74
N VAL G 26 44.39 6.14 -34.69
CA VAL G 26 44.91 5.66 -33.42
C VAL G 26 46.22 6.37 -33.08
N ARG G 27 47.02 6.74 -34.07
CA ARG G 27 48.29 7.36 -33.77
C ARG G 27 48.22 8.88 -33.76
N SER G 28 47.30 9.47 -34.50
CA SER G 28 47.24 10.93 -34.57
C SER G 28 46.70 11.53 -33.28
N ILE G 29 45.92 10.76 -32.52
CA ILE G 29 45.38 11.27 -31.27
C ILE G 29 46.42 11.29 -30.16
N GLN G 30 47.49 10.50 -30.28
CA GLN G 30 48.47 10.41 -29.22
C GLN G 30 49.78 11.10 -29.53
N VAL G 31 50.01 11.50 -30.78
CA VAL G 31 51.23 12.25 -31.07
C VAL G 31 51.15 13.67 -30.52
N TYR G 32 49.94 14.23 -30.41
CA TYR G 32 49.84 15.53 -29.78
C TYR G 32 49.75 15.43 -28.27
N ASN G 33 49.35 14.27 -27.74
CA ASN G 33 49.52 14.02 -26.32
C ASN G 33 51.00 13.89 -25.96
N SER G 34 51.81 13.39 -26.90
CA SER G 34 53.26 13.44 -26.77
C SER G 34 53.83 14.80 -27.14
N ASN G 35 52.99 15.75 -27.54
CA ASN G 35 53.42 17.10 -27.87
C ASN G 35 52.77 18.18 -27.03
N ASN G 36 51.55 17.97 -26.52
CA ASN G 36 51.02 18.89 -25.53
C ASN G 36 51.78 18.74 -24.21
N ALA G 37 51.99 17.50 -23.77
CA ALA G 37 52.61 17.26 -22.47
C ALA G 37 54.10 17.54 -22.49
N ALA G 38 54.77 17.29 -23.60
CA ALA G 38 56.19 17.60 -23.70
C ALA G 38 56.45 19.08 -23.86
N ASN G 39 55.44 19.86 -24.24
CA ASN G 39 55.54 21.30 -24.43
C ASN G 39 54.35 22.00 -23.80
N TYR G 40 54.09 21.69 -22.52
CA TYR G 40 53.07 22.38 -21.74
C TYR G 40 53.28 23.88 -21.71
N ASN G 41 54.52 24.32 -21.49
CA ASN G 41 54.84 25.75 -21.45
C ASN G 41 54.76 26.37 -22.83
N ILE G 75 46.03 13.68 -22.96
CA ILE G 75 44.89 14.41 -22.43
C ILE G 75 43.60 13.75 -22.89
N LEU G 76 43.73 12.81 -23.83
CA LEU G 76 42.58 12.05 -24.28
C LEU G 76 42.69 10.60 -23.83
N PRO G 77 41.57 9.94 -23.58
CA PRO G 77 41.64 8.50 -23.27
C PRO G 77 41.86 7.67 -24.52
N HIS G 78 41.87 6.35 -24.36
CA HIS G 78 42.21 5.44 -25.45
C HIS G 78 40.92 4.87 -26.02
N ARG G 79 40.38 5.57 -27.02
CA ARG G 79 39.07 5.26 -27.56
C ARG G 79 39.19 5.02 -29.05
N ILE G 80 38.75 3.85 -29.49
CA ILE G 80 39.00 3.34 -30.83
C ILE G 80 37.66 2.88 -31.37
N ILE G 81 36.97 3.74 -32.09
CA ILE G 81 35.60 3.43 -32.47
C ILE G 81 35.58 2.52 -33.69
N ILE G 82 35.50 1.21 -33.44
CA ILE G 82 35.29 0.25 -34.52
C ILE G 82 33.83 0.33 -34.92
N SER G 83 33.58 0.69 -36.17
CA SER G 83 32.23 0.59 -36.70
C SER G 83 31.87 -0.85 -36.91
N LEU G 84 30.61 -1.20 -36.63
CA LEU G 84 30.17 -2.56 -36.87
C LEU G 84 30.05 -2.89 -38.34
N ASP G 85 29.90 -1.88 -39.19
CA ASP G 85 29.77 -2.12 -40.62
C ASP G 85 31.04 -2.71 -41.21
N ASP G 86 32.19 -2.08 -40.94
CA ASP G 86 33.46 -2.50 -41.51
C ASP G 86 33.86 -3.90 -41.06
N LEU G 87 33.39 -4.36 -39.91
CA LEU G 87 33.61 -5.74 -39.55
C LEU G 87 32.57 -6.66 -40.16
N ARG G 88 31.34 -6.17 -40.33
CA ARG G 88 30.30 -6.98 -40.95
C ARG G 88 30.49 -7.10 -42.45
N GLU G 89 31.17 -6.15 -43.08
CA GLU G 89 31.16 -6.04 -44.53
C GLU G 89 31.89 -7.19 -45.22
N PHE G 90 32.89 -7.78 -44.56
CA PHE G 90 33.58 -8.88 -45.21
C PHE G 90 33.98 -10.00 -44.25
N ASP G 91 33.29 -10.13 -43.12
CA ASP G 91 33.53 -11.26 -42.23
C ASP G 91 32.20 -11.71 -41.67
N ARG G 92 32.02 -13.03 -41.59
CA ARG G 92 30.79 -13.57 -41.02
C ARG G 92 31.03 -14.33 -39.73
N SER G 93 31.94 -15.32 -39.76
CA SER G 93 32.23 -16.09 -38.56
C SER G 93 32.91 -15.23 -37.51
N PHE G 94 33.76 -14.30 -37.94
CA PHE G 94 34.34 -13.35 -37.01
C PHE G 94 33.32 -12.33 -36.51
N TRP G 95 32.22 -12.16 -37.25
CA TRP G 95 31.17 -11.23 -36.89
C TRP G 95 30.09 -11.88 -36.05
N SER G 96 29.75 -13.12 -36.35
CA SER G 96 28.61 -13.76 -35.69
C SER G 96 28.89 -14.02 -34.22
N GLY G 97 30.15 -14.27 -33.86
CA GLY G 97 30.48 -14.52 -32.48
C GLY G 97 30.35 -13.31 -31.57
N ILE G 98 30.39 -12.10 -32.15
CA ILE G 98 30.31 -10.92 -31.30
C ILE G 98 28.88 -10.64 -30.84
N LEU G 99 27.88 -11.27 -31.45
CA LEU G 99 26.51 -11.13 -31.00
C LEU G 99 25.90 -12.44 -30.54
N VAL G 100 26.71 -13.48 -30.36
CA VAL G 100 26.23 -14.73 -29.77
C VAL G 100 27.00 -15.02 -28.50
N GLU G 101 28.31 -15.20 -28.62
CA GLU G 101 29.17 -15.46 -27.47
C GLU G 101 30.22 -14.36 -27.39
N PRO G 102 29.91 -13.24 -26.78
CA PRO G 102 30.88 -12.16 -26.64
C PRO G 102 31.71 -12.28 -25.37
N ALA G 103 32.19 -13.48 -25.09
CA ALA G 103 32.98 -13.73 -23.90
C ALA G 103 34.35 -14.32 -24.20
N TYR G 104 34.60 -14.73 -25.44
CA TYR G 104 35.92 -15.18 -25.85
C TYR G 104 36.56 -14.21 -26.82
N PHE G 105 35.87 -13.14 -27.20
CA PHE G 105 36.26 -12.44 -28.41
C PHE G 105 36.73 -11.01 -28.22
N ILE G 106 36.53 -10.42 -27.05
CA ILE G 106 36.99 -9.04 -26.86
C ILE G 106 38.48 -8.95 -26.53
N PRO G 107 39.07 -9.72 -25.59
CA PRO G 107 40.54 -9.62 -25.40
C PRO G 107 41.37 -10.13 -26.57
N PRO G 108 40.80 -10.85 -27.57
CA PRO G 108 41.44 -10.84 -28.89
C PRO G 108 41.69 -9.46 -29.45
N ALA G 109 40.63 -8.68 -29.62
CA ALA G 109 40.75 -7.40 -30.31
C ALA G 109 41.53 -6.37 -29.51
N GLU G 110 41.63 -6.56 -28.20
CA GLU G 110 42.58 -5.77 -27.42
C GLU G 110 44.01 -6.15 -27.78
N LYS G 111 44.28 -7.46 -27.90
CA LYS G 111 45.64 -7.95 -27.99
C LYS G 111 46.30 -7.56 -29.29
N ALA G 112 45.54 -7.52 -30.38
CA ALA G 112 46.06 -6.94 -31.61
C ALA G 112 46.22 -5.45 -31.50
N LEU G 113 45.38 -4.80 -30.71
CA LEU G 113 45.38 -3.34 -30.69
C LEU G 113 46.54 -2.78 -29.91
N THR G 114 46.97 -3.48 -28.86
CA THR G 114 48.08 -2.94 -28.07
C THR G 114 49.41 -3.08 -28.77
N ASP G 115 49.62 -4.12 -29.58
CA ASP G 115 50.89 -4.24 -30.27
C ASP G 115 50.92 -3.44 -31.55
N LEU G 116 49.79 -2.88 -31.97
CA LEU G 116 49.78 -1.94 -33.07
C LEU G 116 49.75 -0.49 -32.59
N ALA G 117 50.23 -0.25 -31.37
CA ALA G 117 50.48 1.09 -30.88
C ALA G 117 51.97 1.36 -30.70
N ASP G 118 52.69 0.40 -30.11
CA ASP G 118 54.14 0.55 -29.99
C ASP G 118 54.84 0.35 -31.33
N SER G 119 54.36 -0.61 -32.14
CA SER G 119 54.94 -0.81 -33.46
C SER G 119 54.66 0.35 -34.39
N MET G 120 53.62 1.13 -34.12
CA MET G 120 53.49 2.43 -34.75
C MET G 120 54.45 3.43 -34.08
N ASP G 121 54.29 3.65 -32.78
CA ASP G 121 55.04 4.68 -32.06
C ASP G 121 55.56 4.12 -30.76
N ASP G 122 56.90 3.99 -30.66
CA ASP G 122 57.53 3.59 -29.41
C ASP G 122 58.73 4.44 -29.01
N VAL G 123 59.36 5.15 -29.96
CA VAL G 123 60.62 5.85 -29.75
C VAL G 123 60.55 6.96 -28.69
N PRO G 124 59.46 7.73 -28.52
CA PRO G 124 59.35 8.53 -27.30
C PRO G 124 59.18 7.64 -26.08
N HIS G 125 59.94 7.94 -25.04
CA HIS G 125 59.91 7.17 -23.80
C HIS G 125 59.33 8.00 -22.65
N HIS G 135 46.64 0.74 -19.08
CA HIS G 135 46.38 1.49 -20.30
C HIS G 135 46.43 0.61 -21.54
N PRO G 136 45.43 -0.27 -21.72
CA PRO G 136 45.50 -1.29 -22.78
C PRO G 136 44.77 -0.95 -24.08
N TRP G 137 44.27 0.28 -24.23
CA TRP G 137 43.49 0.72 -25.40
C TRP G 137 42.25 -0.15 -25.64
N LYS G 138 41.36 -0.16 -24.66
CA LYS G 138 40.15 -0.95 -24.80
C LYS G 138 39.15 -0.26 -25.73
N LEU G 139 38.11 -0.99 -26.11
CA LEU G 139 37.28 -0.62 -27.24
C LEU G 139 36.11 0.28 -26.83
N SER G 140 35.37 0.75 -27.82
CA SER G 140 34.12 1.49 -27.65
C SER G 140 32.95 0.82 -28.35
N PHE G 141 33.17 0.30 -29.56
CA PHE G 141 32.27 -0.65 -30.24
C PHE G 141 30.90 -0.04 -30.55
N LYS G 142 30.91 0.94 -31.46
CA LYS G 142 29.70 1.60 -31.94
C LYS G 142 29.28 1.06 -33.30
N GLY G 143 27.97 1.04 -33.54
CA GLY G 143 27.43 0.74 -34.86
C GLY G 143 25.93 0.62 -34.83
N SER G 144 25.38 -0.31 -35.61
CA SER G 144 24.00 -0.71 -35.46
C SER G 144 23.95 -2.11 -34.85
N PHE G 145 22.75 -2.59 -34.56
CA PHE G 145 22.67 -3.89 -33.89
C PHE G 145 21.62 -4.86 -34.42
N GLY G 146 20.57 -4.40 -35.10
CA GLY G 146 19.59 -5.35 -35.59
C GLY G 146 18.72 -5.96 -34.51
N ALA G 147 17.82 -5.14 -33.95
CA ALA G 147 16.81 -5.56 -32.97
C ALA G 147 17.44 -6.12 -31.69
N HIS G 148 18.19 -5.25 -31.03
CA HIS G 148 18.59 -5.48 -29.65
C HIS G 148 18.35 -4.22 -28.84
N ALA G 149 17.25 -3.54 -29.11
CA ALA G 149 16.83 -2.38 -28.35
C ALA G 149 15.87 -2.80 -27.25
N LEU G 150 16.36 -3.69 -26.41
CA LEU G 150 15.60 -4.23 -25.29
C LEU G 150 15.34 -3.12 -24.29
N SER G 151 14.10 -2.66 -24.22
CA SER G 151 13.69 -1.78 -23.14
C SER G 151 13.70 -2.58 -21.86
N PRO G 152 14.37 -2.13 -20.79
CA PRO G 152 14.56 -2.99 -19.61
C PRO G 152 13.31 -3.26 -18.78
N ARG G 153 12.15 -2.78 -19.20
CA ARG G 153 10.91 -3.37 -18.74
C ARG G 153 10.83 -4.83 -19.17
N THR G 154 11.27 -5.11 -20.38
CA THR G 154 11.45 -6.47 -20.85
C THR G 154 12.85 -6.95 -20.51
N LEU G 155 12.97 -8.23 -20.19
CA LEU G 155 14.24 -8.88 -20.00
C LEU G 155 14.52 -9.77 -21.21
N THR G 156 15.69 -10.38 -21.22
CA THR G 156 15.98 -11.43 -22.18
C THR G 156 15.79 -12.80 -21.55
N ALA G 157 15.35 -13.73 -22.38
CA ALA G 157 15.40 -15.15 -22.06
C ALA G 157 16.41 -15.89 -22.90
N GLN G 158 16.80 -15.32 -24.05
CA GLN G 158 17.70 -16.00 -24.98
C GLN G 158 19.06 -15.31 -25.05
N HIS G 159 19.11 -13.99 -25.11
CA HIS G 159 20.39 -13.29 -25.16
C HIS G 159 20.82 -12.81 -23.79
N LEU G 160 20.80 -13.73 -22.83
CA LEU G 160 21.60 -13.55 -21.63
C LEU G 160 23.06 -13.66 -22.02
N ASN G 161 23.89 -12.85 -21.37
CA ASN G 161 25.35 -12.79 -21.60
C ASN G 161 25.67 -12.45 -23.05
N LYS G 162 24.96 -11.47 -23.60
CA LYS G 162 25.18 -11.07 -24.98
C LYS G 162 25.28 -9.55 -25.09
N LEU G 163 25.32 -9.03 -26.30
CA LEU G 163 25.28 -7.59 -26.50
C LEU G 163 23.86 -7.07 -26.41
N VAL G 164 23.72 -5.85 -25.92
CA VAL G 164 22.41 -5.28 -25.67
C VAL G 164 22.46 -3.76 -25.66
N SER G 165 21.56 -3.13 -26.39
CA SER G 165 21.45 -1.68 -26.41
C SER G 165 20.28 -1.25 -25.53
N VAL G 166 20.54 -0.30 -24.64
CA VAL G 166 19.61 0.07 -23.59
C VAL G 166 19.55 1.59 -23.54
N GLU G 167 18.34 2.14 -23.51
CA GLU G 167 18.13 3.57 -23.35
C GLU G 167 17.32 3.82 -22.09
N GLY G 168 17.18 5.08 -21.73
CA GLY G 168 16.38 5.45 -20.59
C GLY G 168 16.94 6.69 -19.92
N ILE G 169 16.52 6.90 -18.68
CA ILE G 169 16.95 8.04 -17.87
C ILE G 169 17.60 7.49 -16.60
N VAL G 170 18.63 8.18 -16.12
CA VAL G 170 19.30 7.81 -14.88
C VAL G 170 18.85 8.73 -13.76
N THR G 171 18.71 8.17 -12.55
CA THR G 171 18.28 8.95 -11.38
C THR G 171 19.01 8.55 -10.11
N LYS G 172 20.15 7.85 -10.19
CA LYS G 172 20.80 7.36 -8.98
C LYS G 172 22.09 8.09 -8.69
N THR G 173 23.07 8.02 -9.59
CA THR G 173 24.31 8.79 -9.59
C THR G 173 25.08 8.64 -8.27
N SER G 174 25.56 7.43 -8.02
CA SER G 174 26.27 7.13 -6.78
C SER G 174 27.70 7.65 -6.84
N LEU G 175 28.53 7.18 -5.90
CA LEU G 175 29.82 7.81 -5.60
C LEU G 175 30.84 7.55 -6.70
N VAL G 176 32.03 8.08 -6.47
CA VAL G 176 33.22 7.76 -7.26
C VAL G 176 34.32 7.35 -6.29
N ARG G 177 35.04 6.30 -6.64
CA ARG G 177 36.01 5.76 -5.72
C ARG G 177 37.06 4.96 -6.48
N PRO G 178 38.34 5.18 -6.22
CA PRO G 178 39.38 4.44 -6.94
C PRO G 178 39.46 2.99 -6.49
N LYS G 179 40.21 2.21 -7.27
CA LYS G 179 40.36 0.78 -7.05
C LYS G 179 41.59 0.31 -7.82
N LEU G 180 42.42 -0.49 -7.16
CA LEU G 180 43.66 -0.97 -7.77
C LEU G 180 43.38 -2.03 -8.82
N ILE G 181 44.39 -2.29 -9.64
CA ILE G 181 44.41 -3.47 -10.47
C ILE G 181 45.73 -4.20 -10.25
N ARG G 182 46.79 -3.44 -9.94
CA ARG G 182 48.13 -4.02 -9.88
C ARG G 182 49.04 -3.11 -9.06
N SER G 183 49.71 -3.67 -8.07
CA SER G 183 50.75 -2.98 -7.33
C SER G 183 52.10 -3.60 -7.64
N VAL G 184 53.16 -2.89 -7.24
CA VAL G 184 54.53 -3.26 -7.56
C VAL G 184 55.34 -3.32 -6.27
N HIS G 185 55.51 -4.53 -5.75
CA HIS G 185 56.27 -4.71 -4.53
C HIS G 185 57.75 -4.49 -4.78
N TYR G 186 58.49 -4.31 -3.68
CA TYR G 186 59.90 -3.94 -3.77
C TYR G 186 60.61 -4.40 -2.51
N ALA G 187 61.74 -5.06 -2.69
CA ALA G 187 62.60 -5.43 -1.57
C ALA G 187 63.70 -4.38 -1.44
N ALA G 188 63.77 -3.73 -0.28
CA ALA G 188 64.81 -2.74 -0.03
C ALA G 188 66.17 -3.41 0.03
N LYS G 189 66.28 -4.50 0.79
CA LYS G 189 67.48 -5.32 0.73
C LYS G 189 67.52 -6.03 -0.61
N THR G 190 68.73 -6.07 -1.20
CA THR G 190 69.09 -6.53 -2.55
C THR G 190 68.49 -5.68 -3.67
N GLY G 191 67.72 -4.65 -3.34
CA GLY G 191 67.32 -3.58 -4.24
C GLY G 191 66.55 -3.98 -5.48
N ARG G 192 65.65 -4.95 -5.38
CA ARG G 192 64.95 -5.46 -6.55
C ARG G 192 63.45 -5.48 -6.29
N PHE G 193 62.68 -5.20 -7.34
CA PHE G 193 61.24 -5.02 -7.24
C PHE G 193 60.50 -6.34 -7.41
N HIS G 194 59.18 -6.29 -7.24
CA HIS G 194 58.30 -7.39 -7.57
C HIS G 194 57.06 -6.84 -8.22
N TYR G 195 56.15 -7.74 -8.58
CA TYR G 195 55.12 -7.41 -9.57
C TYR G 195 53.95 -8.34 -9.34
N ARG G 196 52.77 -7.77 -9.11
CA ARG G 196 51.62 -8.62 -8.81
C ARG G 196 50.34 -7.93 -9.24
N ASP G 197 49.45 -8.69 -9.88
CA ASP G 197 48.16 -8.22 -10.34
C ASP G 197 47.06 -8.83 -9.48
N TYR G 198 46.05 -8.04 -9.17
CA TYR G 198 44.91 -8.50 -8.39
C TYR G 198 43.64 -8.27 -9.21
N THR G 199 42.98 -9.36 -9.56
CA THR G 199 41.85 -9.33 -10.48
C THR G 199 40.55 -9.22 -9.67
N ASP G 200 39.51 -8.74 -10.33
CA ASP G 200 38.22 -8.49 -9.69
C ASP G 200 37.13 -8.77 -10.71
N ALA G 201 35.92 -8.28 -10.43
CA ALA G 201 34.81 -8.36 -11.39
C ALA G 201 34.80 -7.17 -12.33
N THR G 202 35.95 -6.91 -12.96
CA THR G 202 36.12 -5.78 -13.85
C THR G 202 36.81 -6.20 -15.15
N THR G 203 37.39 -7.40 -15.22
CA THR G 203 37.93 -7.95 -16.45
C THR G 203 36.84 -8.33 -17.44
N THR G 204 35.59 -8.40 -16.98
CA THR G 204 34.34 -8.52 -17.70
C THR G 204 34.11 -9.87 -18.36
N LEU G 205 35.14 -10.66 -18.61
CA LEU G 205 34.82 -11.85 -19.40
C LEU G 205 35.38 -13.14 -18.82
N THR G 206 36.59 -13.13 -18.29
CA THR G 206 37.15 -14.37 -17.78
C THR G 206 36.71 -14.58 -16.34
N THR G 207 36.59 -15.86 -15.98
CA THR G 207 36.13 -16.24 -14.65
C THR G 207 37.34 -16.54 -13.75
N ARG G 208 37.99 -15.46 -13.34
CA ARG G 208 39.24 -15.60 -12.61
C ARG G 208 39.01 -16.05 -11.18
N ILE G 209 39.94 -16.87 -10.70
CA ILE G 209 40.03 -17.22 -9.28
C ILE G 209 40.31 -15.93 -8.54
N PRO G 210 39.46 -15.54 -7.60
CA PRO G 210 39.65 -14.23 -6.96
C PRO G 210 40.86 -14.20 -6.05
N THR G 211 41.40 -13.00 -5.86
CA THR G 211 42.56 -12.75 -5.03
C THR G 211 42.17 -11.76 -3.95
N PRO G 212 41.59 -12.23 -2.83
CA PRO G 212 41.06 -11.28 -1.84
C PRO G 212 42.12 -10.81 -0.86
N ALA G 213 43.30 -10.46 -1.36
CA ALA G 213 44.41 -10.00 -0.55
C ALA G 213 44.57 -8.51 -0.78
N ILE G 214 44.97 -7.79 0.26
CA ILE G 214 45.09 -6.34 0.14
C ILE G 214 46.54 -5.95 -0.10
N TYR G 215 47.45 -6.47 0.71
CA TYR G 215 48.88 -6.26 0.50
C TYR G 215 49.59 -7.52 0.96
N PRO G 216 49.85 -8.46 0.04
CA PRO G 216 50.66 -9.63 0.39
C PRO G 216 52.09 -9.20 0.66
N THR G 217 52.47 -9.21 1.93
CA THR G 217 53.80 -8.82 2.37
C THR G 217 54.60 -10.06 2.72
N GLU G 218 55.93 -9.87 2.80
CA GLU G 218 56.90 -10.90 3.16
C GLU G 218 56.83 -12.09 2.20
N ASP G 219 57.24 -11.82 0.96
CA ASP G 219 57.46 -12.84 -0.05
C ASP G 219 58.61 -13.76 0.37
N THR G 220 58.84 -14.83 -0.42
CA THR G 220 59.71 -15.92 0.01
C THR G 220 61.17 -15.51 0.03
N GLU G 221 61.51 -14.72 1.04
CA GLU G 221 62.82 -14.12 1.27
C GLU G 221 62.81 -13.61 2.71
N GLY G 222 63.84 -12.87 3.08
CA GLY G 222 63.87 -12.26 4.40
C GLY G 222 63.85 -10.75 4.33
N ASN G 223 63.15 -10.21 3.34
CA ASN G 223 63.16 -8.79 3.06
C ASN G 223 61.84 -8.16 3.47
N LYS G 224 61.92 -7.10 4.28
CA LYS G 224 60.74 -6.34 4.66
C LYS G 224 60.28 -5.55 3.45
N LEU G 225 59.14 -5.94 2.87
CA LEU G 225 58.77 -5.50 1.55
C LEU G 225 58.29 -4.05 1.53
N THR G 226 58.57 -3.37 0.43
CA THR G 226 58.07 -2.04 0.15
C THR G 226 57.32 -2.08 -1.17
N THR G 227 56.66 -0.98 -1.49
CA THR G 227 55.85 -0.91 -2.71
C THR G 227 55.76 0.55 -3.16
N GLU G 228 56.21 0.82 -4.38
CA GLU G 228 56.16 2.17 -4.94
C GLU G 228 54.76 2.42 -5.48
N TYR G 229 53.91 3.07 -4.68
CA TYR G 229 52.52 3.29 -5.06
C TYR G 229 52.36 4.30 -6.18
N GLY G 230 53.35 5.18 -6.37
CA GLY G 230 53.36 6.01 -7.56
C GLY G 230 53.57 5.18 -8.82
N TYR G 231 54.32 4.10 -8.72
CA TYR G 231 54.47 3.17 -9.82
C TYR G 231 53.35 2.16 -9.88
N SER G 232 52.39 2.22 -8.96
CA SER G 232 51.21 1.38 -9.04
C SER G 232 50.20 1.99 -10.00
N THR G 233 49.05 1.34 -10.12
CA THR G 233 48.04 1.76 -11.07
C THR G 233 46.65 1.51 -10.51
N PHE G 234 45.72 2.40 -10.86
CA PHE G 234 44.43 2.46 -10.22
C PHE G 234 43.35 2.78 -11.24
N ILE G 235 42.09 2.56 -10.84
CA ILE G 235 40.95 2.72 -11.72
C ILE G 235 39.75 2.95 -10.82
N ASP G 236 38.66 3.47 -11.37
CA ASP G 236 37.53 3.84 -10.54
C ASP G 236 36.24 3.16 -10.99
N HIS G 237 35.24 3.23 -10.13
CA HIS G 237 33.94 2.63 -10.35
C HIS G 237 32.84 3.65 -10.10
N GLN G 238 31.68 3.41 -10.71
CA GLN G 238 30.52 4.26 -10.49
C GLN G 238 29.27 3.46 -10.78
N ARG G 239 28.43 3.28 -9.77
CA ARG G 239 27.18 2.56 -9.92
C ARG G 239 26.06 3.55 -10.23
N ILE G 240 25.32 3.29 -11.30
CA ILE G 240 24.21 4.14 -11.71
C ILE G 240 23.06 3.28 -12.16
N THR G 241 21.85 3.59 -11.69
CA THR G 241 20.65 2.88 -12.07
C THR G 241 19.86 3.69 -13.08
N VAL G 242 19.30 3.00 -14.06
CA VAL G 242 18.57 3.62 -15.16
C VAL G 242 17.10 3.23 -15.07
N GLN G 243 16.22 4.22 -15.18
CA GLN G 243 14.78 3.98 -15.17
C GLN G 243 14.31 3.57 -16.55
N GLU G 244 13.00 3.56 -16.74
CA GLU G 244 12.40 3.39 -18.06
C GLU G 244 11.87 4.73 -18.53
N MET G 245 12.03 4.99 -19.82
CA MET G 245 11.45 6.18 -20.43
C MET G 245 9.94 6.03 -20.38
N PRO G 246 9.25 6.77 -19.53
CA PRO G 246 7.88 6.37 -19.16
C PRO G 246 6.81 6.81 -20.14
N GLU G 247 7.05 6.61 -21.41
CA GLU G 247 6.09 6.96 -22.45
C GLU G 247 5.84 5.81 -23.42
N MET G 248 6.87 5.03 -23.75
CA MET G 248 6.73 3.86 -24.60
C MET G 248 6.57 2.60 -23.75
N ALA G 249 6.45 2.75 -22.43
CA ALA G 249 6.10 1.63 -21.58
C ALA G 249 4.62 1.71 -21.28
N PRO G 250 3.80 0.79 -21.79
CA PRO G 250 2.34 0.89 -21.58
C PRO G 250 1.96 0.65 -20.13
N ALA G 251 0.99 1.45 -19.67
CA ALA G 251 0.70 1.56 -18.25
C ALA G 251 0.00 0.31 -17.72
N GLY G 252 0.79 -0.62 -17.21
CA GLY G 252 0.28 -1.73 -16.45
C GLY G 252 1.22 -1.99 -15.30
N GLN G 253 2.23 -1.14 -15.21
CA GLN G 253 3.27 -1.30 -14.20
C GLN G 253 3.96 0.04 -13.99
N LEU G 254 4.60 0.17 -12.84
CA LEU G 254 5.48 1.28 -12.57
C LEU G 254 6.77 1.10 -13.36
N PRO G 255 7.57 2.15 -13.52
CA PRO G 255 8.87 1.97 -14.19
C PRO G 255 9.83 1.10 -13.37
N ARG G 256 10.43 0.12 -14.05
CA ARG G 256 11.43 -0.74 -13.44
C ARG G 256 12.82 -0.14 -13.63
N SER G 257 13.84 -0.85 -13.15
CA SER G 257 15.19 -0.32 -13.24
C SER G 257 16.22 -1.44 -13.17
N ILE G 258 17.30 -1.26 -13.92
CA ILE G 258 18.52 -2.03 -13.76
C ILE G 258 19.68 -1.05 -13.64
N ASP G 259 20.89 -1.59 -13.57
CA ASP G 259 22.05 -0.79 -13.20
C ASP G 259 23.24 -1.20 -14.03
N VAL G 260 24.25 -0.33 -14.04
CA VAL G 260 25.39 -0.48 -14.93
C VAL G 260 26.65 0.02 -14.24
N ILE G 261 27.72 -0.75 -14.36
CA ILE G 261 29.03 -0.39 -13.83
C ILE G 261 29.91 0.00 -15.01
N LEU G 262 30.39 1.23 -15.01
CA LEU G 262 31.23 1.73 -16.09
C LEU G 262 32.63 2.00 -15.56
N ASP G 263 33.48 2.52 -16.44
CA ASP G 263 34.88 2.76 -16.08
C ASP G 263 35.32 4.19 -16.34
N ASP G 264 36.63 4.41 -16.26
CA ASP G 264 37.24 5.73 -16.08
C ASP G 264 36.96 6.71 -17.21
N ASP G 265 36.74 6.21 -18.43
CA ASP G 265 36.68 7.09 -19.58
C ASP G 265 35.41 7.95 -19.56
N LEU G 266 34.32 7.38 -19.04
CA LEU G 266 33.01 8.02 -19.16
C LEU G 266 32.42 8.37 -17.80
N VAL G 267 33.25 8.42 -16.75
CA VAL G 267 32.76 8.93 -15.46
C VAL G 267 32.50 10.43 -15.57
N ASP G 268 31.72 10.94 -14.60
CA ASP G 268 31.23 12.34 -14.49
C ASP G 268 30.65 12.90 -15.79
N LYS G 269 30.13 12.03 -16.64
CA LYS G 269 29.58 12.42 -17.93
C LYS G 269 28.08 12.57 -17.89
N THR G 270 27.41 11.82 -17.02
CA THR G 270 25.97 11.71 -17.01
C THR G 270 25.40 12.51 -15.85
N LYS G 271 24.70 13.57 -16.16
CA LYS G 271 23.95 14.25 -15.13
C LYS G 271 22.65 13.48 -14.87
N PRO G 272 22.13 13.55 -13.65
CA PRO G 272 20.82 12.93 -13.40
C PRO G 272 19.70 13.64 -14.13
N GLY G 273 19.15 13.00 -15.16
CA GLY G 273 18.09 13.60 -15.93
C GLY G 273 18.38 13.69 -17.42
N ASP G 274 19.32 12.88 -17.91
CA ASP G 274 19.71 12.89 -19.30
C ASP G 274 19.16 11.65 -20.01
N ARG G 275 18.71 11.84 -21.25
CA ARG G 275 18.28 10.71 -22.06
C ARG G 275 19.53 10.02 -22.57
N VAL G 276 19.96 9.01 -21.84
CA VAL G 276 21.23 8.36 -22.13
C VAL G 276 20.98 7.11 -22.95
N ASN G 277 22.02 6.69 -23.67
CA ASN G 277 21.99 5.46 -24.45
C ASN G 277 23.31 4.76 -24.22
N VAL G 278 23.25 3.52 -23.75
CA VAL G 278 24.44 2.77 -23.40
C VAL G 278 24.31 1.39 -24.02
N VAL G 279 25.45 0.75 -24.25
CA VAL G 279 25.49 -0.61 -24.75
C VAL G 279 26.75 -1.28 -24.24
N GLY G 280 26.58 -2.43 -23.60
CA GLY G 280 27.69 -3.21 -23.11
C GLY G 280 27.32 -4.67 -23.06
N VAL G 281 28.11 -5.47 -22.37
CA VAL G 281 27.83 -6.89 -22.27
C VAL G 281 26.79 -7.11 -21.19
N PHE G 282 26.19 -8.28 -21.18
CA PHE G 282 25.31 -8.70 -20.11
C PHE G 282 26.08 -9.66 -19.23
N LYS G 283 25.89 -9.57 -17.91
CA LYS G 283 26.74 -10.34 -17.03
C LYS G 283 26.04 -10.58 -15.71
N SER G 284 26.12 -11.81 -15.22
CA SER G 284 25.73 -12.16 -13.87
C SER G 284 26.98 -12.43 -13.05
N LEU G 285 26.89 -12.17 -11.74
CA LEU G 285 28.00 -12.45 -10.86
C LEU G 285 27.45 -12.98 -9.55
N GLY G 286 28.35 -13.21 -8.60
CA GLY G 286 27.97 -13.67 -7.28
C GLY G 286 27.63 -15.16 -7.25
N ALA G 287 27.67 -15.71 -6.05
CA ALA G 287 27.29 -17.09 -5.82
C ALA G 287 25.90 -17.09 -5.20
N GLY G 288 25.04 -17.98 -5.66
CA GLY G 288 23.67 -18.01 -5.17
C GLY G 288 22.95 -19.31 -5.37
N GLY G 289 22.17 -19.71 -4.37
CA GLY G 289 21.43 -20.94 -4.41
C GLY G 289 22.19 -22.15 -3.90
N MET G 290 23.47 -22.27 -4.23
CA MET G 290 24.28 -23.37 -3.75
C MET G 290 25.39 -22.95 -2.80
N ASN G 291 25.25 -21.82 -2.13
CA ASN G 291 26.17 -21.47 -1.05
C ASN G 291 25.93 -22.40 0.13
N GLN G 292 26.84 -22.35 1.12
CA GLN G 292 27.18 -23.40 2.11
C GLN G 292 25.94 -24.03 2.73
N SER G 293 24.89 -23.27 3.07
CA SER G 293 23.68 -23.80 3.67
C SER G 293 22.57 -22.78 3.63
N ASN G 294 21.33 -23.29 3.57
CA ASN G 294 20.11 -22.58 3.97
C ASN G 294 19.85 -21.33 3.12
N SER G 295 20.19 -21.39 1.84
CA SER G 295 19.89 -20.31 0.92
C SER G 295 18.60 -20.63 0.14
N ASN G 296 17.51 -20.75 0.88
CA ASN G 296 16.23 -21.11 0.27
C ASN G 296 15.43 -19.88 -0.12
N THR G 297 14.92 -19.89 -1.36
CA THR G 297 14.06 -18.88 -1.97
C THR G 297 14.73 -17.52 -1.93
N LEU G 298 16.01 -17.49 -2.31
CA LEU G 298 16.82 -16.28 -2.31
C LEU G 298 17.54 -16.23 -3.65
N ILE G 299 17.31 -15.16 -4.41
CA ILE G 299 17.94 -15.06 -5.71
C ILE G 299 19.42 -14.77 -5.54
N GLY G 300 20.22 -15.27 -6.47
CA GLY G 300 21.65 -15.22 -6.30
C GLY G 300 22.37 -14.89 -7.58
N PHE G 301 21.73 -14.10 -8.43
CA PHE G 301 22.33 -13.72 -9.70
C PHE G 301 22.02 -12.24 -9.93
N LYS G 302 22.90 -11.39 -9.43
CA LYS G 302 22.78 -9.96 -9.65
C LYS G 302 23.09 -9.66 -11.11
N THR G 303 22.08 -9.24 -11.85
CA THR G 303 22.27 -8.83 -13.23
C THR G 303 23.01 -7.49 -13.28
N LEU G 304 24.11 -7.47 -14.02
CA LEU G 304 24.88 -6.24 -14.17
C LEU G 304 25.18 -6.00 -15.63
N ILE G 305 25.68 -4.80 -15.91
CA ILE G 305 26.14 -4.44 -17.24
C ILE G 305 27.50 -3.77 -17.09
N LEU G 306 28.52 -4.35 -17.73
CA LEU G 306 29.83 -3.73 -17.85
C LEU G 306 29.92 -3.21 -19.27
N GLY G 307 29.97 -1.90 -19.44
CA GLY G 307 29.66 -1.29 -20.71
C GLY G 307 30.63 -0.19 -21.09
N ASN G 308 30.34 0.39 -22.26
CA ASN G 308 31.12 1.43 -22.89
C ASN G 308 30.17 2.50 -23.41
N THR G 309 30.72 3.39 -24.26
CA THR G 309 30.06 4.37 -25.15
C THR G 309 28.75 5.00 -24.69
N VAL G 310 28.77 5.69 -23.55
CA VAL G 310 27.57 6.37 -23.09
C VAL G 310 27.24 7.53 -24.02
N TYR G 311 26.07 7.49 -24.64
CA TYR G 311 25.65 8.48 -25.60
C TYR G 311 24.49 9.30 -25.06
N PRO G 312 24.62 10.61 -24.96
CA PRO G 312 23.44 11.46 -24.79
C PRO G 312 22.69 11.55 -26.11
N LEU G 313 21.40 11.90 -25.99
CA LEU G 313 20.58 12.10 -27.16
C LEU G 313 19.59 13.22 -26.88
N HIS G 314 18.75 13.52 -27.88
CA HIS G 314 17.87 14.69 -27.84
C HIS G 314 16.61 14.32 -28.62
N ALA G 315 15.60 13.84 -27.90
CA ALA G 315 14.34 13.44 -28.50
C ALA G 315 13.21 13.49 -27.48
N ALA G 322 22.95 19.81 -26.64
CA ALA G 322 24.35 20.22 -26.65
C ALA G 322 25.07 19.62 -27.85
N ARG G 323 24.50 18.56 -28.40
CA ARG G 323 25.11 17.79 -29.48
C ARG G 323 24.86 18.39 -30.85
N GLN G 324 24.19 19.55 -30.94
CA GLN G 324 23.75 20.05 -32.22
C GLN G 324 24.88 20.65 -33.04
N MET G 325 25.47 19.85 -33.91
CA MET G 325 26.45 20.34 -34.86
C MET G 325 25.74 21.02 -36.04
N LEU G 326 26.46 21.93 -36.69
CA LEU G 326 25.89 22.65 -37.81
C LEU G 326 27.02 23.11 -38.72
N THR G 327 26.77 23.09 -40.02
CA THR G 327 27.79 23.36 -41.03
C THR G 327 27.87 24.87 -41.30
N ASP G 328 28.55 25.23 -42.38
CA ASP G 328 28.58 26.64 -42.80
C ASP G 328 27.24 27.05 -43.39
N PHE G 329 26.51 26.08 -43.97
CA PHE G 329 25.28 26.37 -44.68
C PHE G 329 24.19 26.87 -43.72
N ASP G 330 23.84 26.05 -42.73
CA ASP G 330 22.75 26.40 -41.83
C ASP G 330 23.13 27.52 -40.87
N ILE G 331 24.42 27.68 -40.59
CA ILE G 331 24.85 28.81 -39.77
C ILE G 331 24.80 30.11 -40.54
N ARG G 332 24.80 30.05 -41.88
CA ARG G 332 24.68 31.26 -42.67
C ARG G 332 23.23 31.60 -42.95
N ASN G 333 22.36 30.60 -42.95
CA ASN G 333 20.94 30.85 -43.12
C ASN G 333 20.38 31.62 -41.94
N ILE G 334 20.83 31.31 -40.74
CA ILE G 334 20.36 32.05 -39.57
C ILE G 334 20.97 33.44 -39.53
N ASN G 335 22.12 33.63 -40.18
CA ASN G 335 22.59 34.98 -40.42
C ASN G 335 21.71 35.69 -41.44
N LYS G 336 21.28 34.96 -42.47
CA LYS G 336 20.30 35.51 -43.41
C LYS G 336 18.93 35.62 -42.75
N LEU G 337 18.65 34.76 -41.78
CA LEU G 337 17.43 34.90 -40.99
C LEU G 337 17.63 35.75 -39.75
N SER G 338 18.75 36.47 -39.66
CA SER G 338 18.86 37.56 -38.69
C SER G 338 18.68 38.92 -39.36
N LYS G 339 18.28 38.94 -40.62
CA LYS G 339 18.40 40.16 -41.42
C LYS G 339 17.17 41.04 -41.36
N LYS G 340 15.97 40.43 -41.33
CA LYS G 340 14.73 41.19 -41.45
C LYS G 340 14.48 42.02 -40.19
N LYS G 341 13.60 43.01 -40.32
CA LYS G 341 13.16 43.83 -39.21
C LYS G 341 11.83 43.36 -38.64
N ASP G 342 11.54 42.06 -38.74
CA ASP G 342 10.27 41.52 -38.31
C ASP G 342 10.39 40.22 -37.53
N ILE G 343 11.62 39.74 -37.31
CA ILE G 343 11.84 38.36 -36.86
C ILE G 343 11.39 38.15 -35.42
N PHE G 344 11.33 39.20 -34.62
CA PHE G 344 10.72 39.08 -33.31
C PHE G 344 9.21 38.84 -33.42
N ASP G 345 8.58 39.33 -34.47
CA ASP G 345 7.15 39.11 -34.62
C ASP G 345 6.83 37.80 -35.31
N ILE G 346 7.71 37.35 -36.22
CA ILE G 346 7.48 36.07 -36.90
C ILE G 346 7.69 34.92 -35.93
N LEU G 347 8.71 35.03 -35.06
CA LEU G 347 9.02 33.96 -34.13
C LEU G 347 7.96 33.83 -33.05
N SER G 348 7.21 34.90 -32.78
CA SER G 348 6.18 34.84 -31.76
C SER G 348 5.04 33.93 -32.18
N GLN G 349 4.45 34.19 -33.34
CA GLN G 349 3.29 33.41 -33.77
C GLN G 349 3.67 32.05 -34.34
N SER G 350 4.97 31.78 -34.52
CA SER G 350 5.43 30.49 -34.99
C SER G 350 5.74 29.53 -33.87
N LEU G 351 5.24 29.79 -32.66
CA LEU G 351 5.57 28.97 -31.50
C LEU G 351 4.47 27.97 -31.14
N ALA G 352 3.27 28.46 -30.85
CA ALA G 352 2.16 27.60 -30.42
C ALA G 352 1.09 27.60 -31.49
N PRO G 353 1.11 26.66 -32.42
CA PRO G 353 0.18 26.68 -33.56
C PRO G 353 -1.16 26.04 -33.25
N SER G 354 -1.72 26.36 -32.10
CA SER G 354 -3.06 25.89 -31.75
C SER G 354 -3.95 26.93 -31.13
N ILE G 355 -3.40 27.99 -30.53
CA ILE G 355 -4.16 28.93 -29.72
C ILE G 355 -4.12 30.30 -30.38
N TYR G 356 -5.23 31.02 -30.33
CA TYR G 356 -5.28 32.37 -30.87
C TYR G 356 -4.65 33.38 -29.93
N GLY G 357 -4.00 34.38 -30.53
CA GLY G 357 -3.72 35.64 -29.87
C GLY G 357 -2.70 35.55 -28.75
N HIS G 358 -2.89 36.42 -27.76
CA HIS G 358 -2.02 36.58 -26.60
C HIS G 358 -0.58 36.84 -27.02
N ASP G 359 -0.41 37.76 -27.98
CA ASP G 359 0.92 38.06 -28.49
C ASP G 359 1.79 38.77 -27.46
N HIS G 360 1.18 39.39 -26.45
CA HIS G 360 1.96 39.83 -25.31
C HIS G 360 2.51 38.64 -24.54
N ILE G 361 1.72 37.57 -24.43
CA ILE G 361 2.20 36.36 -23.77
C ILE G 361 3.18 35.63 -24.67
N LYS G 362 2.84 35.49 -25.96
CA LYS G 362 3.64 34.71 -26.89
C LYS G 362 5.01 35.34 -27.13
N LYS G 363 5.13 36.65 -26.98
CA LYS G 363 6.47 37.24 -27.00
C LYS G 363 7.19 37.06 -25.68
N ALA G 364 6.45 36.96 -24.58
CA ALA G 364 7.07 36.92 -23.26
C ALA G 364 7.78 35.59 -23.03
N ILE G 365 7.21 34.50 -23.56
CA ILE G 365 7.77 33.18 -23.32
C ILE G 365 9.12 33.03 -24.00
N LEU G 366 9.18 33.43 -25.28
CA LEU G 366 10.44 33.35 -26.01
C LEU G 366 11.44 34.36 -25.48
N LEU G 367 10.96 35.48 -24.94
CA LEU G 367 11.87 36.42 -24.30
C LEU G 367 12.43 35.85 -23.01
N MET G 368 11.63 35.07 -22.30
CA MET G 368 12.08 34.51 -21.04
C MET G 368 12.97 33.29 -21.26
N LEU G 369 12.59 32.43 -22.22
CA LEU G 369 13.23 31.12 -22.37
C LEU G 369 14.68 31.26 -22.79
N MET G 370 14.98 32.24 -23.65
CA MET G 370 16.37 32.46 -24.04
C MET G 370 17.15 33.08 -22.91
N GLY G 371 16.53 33.98 -22.15
CA GLY G 371 17.11 34.43 -20.90
C GLY G 371 18.07 35.58 -21.05
N GLY G 372 18.37 36.23 -19.93
CA GLY G 372 19.27 37.36 -19.89
C GLY G 372 20.52 37.09 -19.05
N VAL G 373 21.53 37.94 -19.23
CA VAL G 373 22.84 37.70 -18.61
C VAL G 373 22.84 38.27 -17.20
N GLU G 374 23.78 37.79 -16.39
CA GLU G 374 24.01 38.31 -15.05
C GLU G 374 25.50 38.62 -14.91
N LYS G 375 25.85 39.90 -14.96
CA LYS G 375 27.22 40.32 -14.73
C LYS G 375 27.48 40.29 -13.24
N ASN G 376 28.21 39.28 -12.78
CA ASN G 376 28.50 39.14 -11.35
C ASN G 376 29.44 40.24 -10.89
N LEU G 377 29.10 40.87 -9.77
CA LEU G 377 29.92 41.96 -9.25
C LEU G 377 31.21 41.42 -8.66
N GLU G 378 32.33 42.03 -9.06
CA GLU G 378 33.62 41.68 -8.49
C GLU G 378 33.67 42.13 -7.04
N ASN G 379 33.81 41.15 -6.13
CA ASN G 379 33.73 41.34 -4.68
C ASN G 379 32.43 42.04 -4.30
N GLY G 380 31.34 41.60 -4.93
CA GLY G 380 30.02 42.15 -4.64
C GLY G 380 28.96 41.16 -5.03
N SER G 381 27.78 41.34 -4.44
CA SER G 381 26.66 40.45 -4.71
C SER G 381 26.12 40.69 -6.12
N HIS G 382 26.05 39.64 -6.91
CA HIS G 382 25.35 39.71 -8.19
C HIS G 382 23.86 39.88 -7.95
N LEU G 383 23.19 40.47 -8.93
CA LEU G 383 21.76 40.70 -8.84
C LEU G 383 21.01 39.57 -9.55
N ARG G 384 19.70 39.73 -9.69
CA ARG G 384 18.85 38.68 -10.24
C ARG G 384 18.90 38.75 -11.75
N GLY G 385 19.90 38.09 -12.34
CA GLY G 385 19.98 38.00 -13.79
C GLY G 385 19.05 37.03 -14.44
N ASP G 386 18.27 36.31 -13.65
CA ASP G 386 17.20 35.46 -14.15
C ASP G 386 15.94 36.30 -14.38
N ILE G 387 14.89 35.66 -14.83
CA ILE G 387 13.61 36.32 -15.06
C ILE G 387 12.49 35.32 -14.73
N ASN G 388 11.47 35.80 -14.02
CA ASN G 388 10.48 34.91 -13.42
C ASN G 388 9.09 35.50 -13.62
N ILE G 389 8.36 34.97 -14.59
CA ILE G 389 7.07 35.49 -14.95
C ILE G 389 5.99 34.67 -14.25
N LEU G 390 4.77 35.19 -14.23
CA LEU G 390 3.66 34.58 -13.54
C LEU G 390 2.39 34.78 -14.36
N MET G 391 1.47 33.82 -14.25
CA MET G 391 0.17 33.93 -14.89
C MET G 391 -0.92 33.66 -13.88
N VAL G 392 -2.10 34.21 -14.16
CA VAL G 392 -3.32 33.87 -13.44
C VAL G 392 -4.48 34.12 -14.40
N GLY G 393 -5.53 33.32 -14.28
CA GLY G 393 -6.64 33.42 -15.21
C GLY G 393 -7.87 32.71 -14.68
N ASP G 394 -9.03 33.21 -15.08
CA ASP G 394 -10.27 32.51 -14.85
C ASP G 394 -10.25 31.18 -15.62
N PRO G 395 -10.83 30.11 -15.07
CA PRO G 395 -10.41 28.75 -15.47
C PRO G 395 -10.82 28.38 -16.90
N SER G 396 -10.15 27.33 -17.38
CA SER G 396 -10.29 26.77 -18.73
C SER G 396 -10.10 27.81 -19.83
N THR G 397 -8.98 28.52 -19.77
CA THR G 397 -8.62 29.47 -20.80
C THR G 397 -7.20 29.24 -21.29
N ALA G 398 -6.82 27.95 -21.36
CA ALA G 398 -5.51 27.49 -21.84
C ALA G 398 -4.34 28.07 -21.06
N LYS G 399 -4.56 28.38 -19.79
CA LYS G 399 -3.48 28.90 -18.95
C LYS G 399 -2.50 27.81 -18.58
N SER G 400 -2.91 26.54 -18.64
CA SER G 400 -2.04 25.42 -18.36
C SER G 400 -1.63 24.66 -19.61
N GLN G 401 -2.17 25.04 -20.78
CA GLN G 401 -1.83 24.35 -22.02
C GLN G 401 -0.40 24.65 -22.42
N LEU G 402 -0.04 25.93 -22.46
CA LEU G 402 1.26 26.35 -22.95
C LEU G 402 2.39 26.13 -21.96
N LEU G 403 2.10 25.64 -20.76
CA LEU G 403 3.16 25.44 -19.79
C LEU G 403 3.93 24.15 -20.01
N ARG G 404 3.38 23.20 -20.76
CA ARG G 404 4.02 21.90 -20.91
C ARG G 404 4.61 21.67 -22.28
N PHE G 405 4.28 22.49 -23.28
CA PHE G 405 4.94 22.32 -24.56
C PHE G 405 6.27 23.06 -24.61
N VAL G 406 6.60 23.85 -23.60
CA VAL G 406 7.95 24.35 -23.45
C VAL G 406 8.90 23.23 -23.04
N LEU G 407 8.37 22.14 -22.48
CA LEU G 407 9.19 21.03 -22.05
C LEU G 407 9.69 20.18 -23.21
N ASN G 408 9.05 20.24 -24.37
CA ASN G 408 9.55 19.47 -25.50
C ASN G 408 10.76 20.13 -26.12
N THR G 409 10.79 21.45 -26.15
CA THR G 409 11.93 22.23 -26.65
C THR G 409 12.76 22.78 -25.50
N ALA G 410 12.89 21.99 -24.42
CA ALA G 410 13.39 22.52 -23.16
C ALA G 410 14.89 22.79 -23.20
N SER G 411 15.63 22.06 -24.02
CA SER G 411 17.11 22.05 -24.05
C SER G 411 17.69 21.80 -22.66
N LEU G 412 17.40 20.58 -22.16
CA LEU G 412 17.81 20.09 -20.84
C LEU G 412 17.28 20.99 -19.72
N ALA G 413 15.96 21.14 -19.70
CA ALA G 413 15.25 21.83 -18.63
C ALA G 413 14.05 20.97 -18.26
N ILE G 414 14.27 20.01 -17.37
CA ILE G 414 13.22 19.11 -16.94
C ILE G 414 12.57 19.67 -15.69
N ALA G 415 11.27 19.93 -15.77
CA ALA G 415 10.54 20.54 -14.68
C ALA G 415 9.75 19.51 -13.90
N THR G 416 9.24 19.93 -12.74
CA THR G 416 8.40 19.12 -11.89
C THR G 416 6.93 19.53 -12.12
N THR G 417 6.05 19.04 -11.27
CA THR G 417 4.64 19.41 -11.32
C THR G 417 4.14 20.07 -10.05
N GLY G 418 4.99 20.23 -9.04
CA GLY G 418 4.58 20.95 -7.84
C GLY G 418 3.69 20.14 -6.93
N ARG G 419 4.22 19.03 -6.41
CA ARG G 419 3.50 18.22 -5.44
C ARG G 419 4.02 18.54 -4.05
N GLY G 420 3.11 18.56 -3.08
CA GLY G 420 3.34 19.17 -1.78
C GLY G 420 4.31 18.41 -0.90
N SER G 421 5.57 18.48 -1.28
CA SER G 421 6.63 17.72 -0.63
C SER G 421 7.86 18.60 -0.48
N SER G 422 8.60 18.39 0.61
CA SER G 422 9.85 19.09 0.84
C SER G 422 10.97 18.35 0.14
N GLY G 423 11.71 19.04 -0.72
CA GLY G 423 12.54 18.37 -1.69
C GLY G 423 12.54 19.11 -3.00
N VAL G 424 11.84 20.25 -3.03
CA VAL G 424 11.80 21.09 -4.22
C VAL G 424 13.18 21.67 -4.51
N GLY G 425 13.93 22.00 -3.47
CA GLY G 425 15.26 22.52 -3.66
C GLY G 425 16.25 22.04 -2.63
N LEU G 426 16.02 20.86 -2.09
CA LEU G 426 16.81 20.37 -0.97
C LEU G 426 17.05 18.88 -1.14
N THR G 427 17.52 18.27 -0.08
CA THR G 427 17.80 16.85 0.02
C THR G 427 17.15 16.18 1.23
N ALA G 428 17.16 16.87 2.37
CA ALA G 428 16.75 16.32 3.68
C ALA G 428 17.52 15.05 4.01
N ALA G 429 18.83 15.06 3.73
CA ALA G 429 19.82 14.08 4.21
C ALA G 429 19.50 12.65 3.79
N VAL G 430 18.97 12.47 2.57
CA VAL G 430 18.76 11.12 2.07
C VAL G 430 20.10 10.54 1.64
N THR G 431 20.53 9.50 2.33
CA THR G 431 21.84 8.91 2.06
C THR G 431 21.76 7.47 1.58
N THR G 432 20.88 6.65 2.19
CA THR G 432 20.77 5.20 1.96
C THR G 432 22.10 4.47 2.17
N ASP G 433 22.92 5.00 3.07
CA ASP G 433 24.19 4.48 3.60
C ASP G 433 25.33 4.48 2.58
N ARG G 434 25.02 4.76 1.31
CA ARG G 434 25.96 4.88 0.19
C ARG G 434 26.94 3.72 0.12
N GLU G 435 26.35 2.51 0.15
CA GLU G 435 27.04 1.23 0.30
C GLU G 435 27.85 1.20 1.60
N THR G 436 27.08 1.19 2.70
CA THR G 436 27.50 0.79 4.04
C THR G 436 28.60 1.70 4.61
N GLY G 437 28.19 2.94 4.90
CA GLY G 437 28.95 3.75 5.83
C GLY G 437 29.33 5.14 5.39
N GLU G 438 28.63 5.64 4.36
CA GLU G 438 28.91 6.96 3.80
C GLU G 438 27.62 7.75 3.73
N ARG G 439 27.71 9.06 3.93
CA ARG G 439 26.54 9.94 3.97
C ARG G 439 26.65 10.96 2.86
N ARG G 440 25.64 11.01 1.99
CA ARG G 440 25.64 11.92 0.86
C ARG G 440 24.37 12.73 0.82
N LEU G 441 24.50 13.97 0.32
CA LEU G 441 23.38 14.90 0.20
C LEU G 441 22.89 14.85 -1.25
N GLU G 442 22.00 13.90 -1.52
CA GLU G 442 21.52 13.66 -2.88
C GLU G 442 20.48 14.71 -3.27
N ALA G 443 20.77 15.46 -4.33
CA ALA G 443 19.99 16.66 -4.65
C ALA G 443 18.61 16.31 -5.19
N GLY G 444 17.59 17.01 -4.68
CA GLY G 444 16.24 16.79 -5.14
C GLY G 444 15.92 17.30 -6.53
N ALA G 445 15.84 18.63 -6.68
CA ALA G 445 15.41 19.21 -7.95
C ALA G 445 16.15 20.49 -8.31
N MET G 446 17.34 20.72 -7.78
CA MET G 446 18.12 21.87 -8.17
C MET G 446 19.42 21.52 -8.87
N VAL G 447 19.79 20.24 -8.92
CA VAL G 447 20.89 19.81 -9.77
C VAL G 447 20.49 19.77 -11.24
N LEU G 448 19.19 19.85 -11.52
CA LEU G 448 18.65 19.81 -12.87
C LEU G 448 18.22 21.17 -13.39
N ALA G 449 17.86 22.09 -12.50
CA ALA G 449 17.34 23.40 -12.89
C ALA G 449 18.43 24.41 -13.21
N ASP G 450 19.70 24.02 -13.13
CA ASP G 450 20.79 24.97 -13.29
C ASP G 450 20.95 25.33 -14.77
N ARG G 451 20.86 26.63 -15.06
CA ARG G 451 20.81 27.18 -16.42
C ARG G 451 19.69 26.56 -17.25
N GLY G 452 18.56 26.31 -16.59
CA GLY G 452 17.38 25.78 -17.24
C GLY G 452 16.14 26.48 -16.73
N VAL G 453 14.97 25.94 -17.03
CA VAL G 453 13.72 26.51 -16.57
C VAL G 453 12.88 25.41 -15.92
N VAL G 454 12.04 25.82 -14.96
CA VAL G 454 11.10 24.92 -14.32
C VAL G 454 9.71 25.52 -14.43
N CYS G 455 8.71 24.71 -14.10
CA CYS G 455 7.33 25.18 -14.05
C CYS G 455 6.57 24.33 -13.06
N ILE G 456 5.76 24.98 -12.23
CA ILE G 456 4.98 24.32 -11.21
C ILE G 456 3.58 24.92 -11.19
N ASP G 457 2.62 24.13 -10.72
CA ASP G 457 1.22 24.50 -10.73
C ASP G 457 0.67 24.57 -9.32
N GLU G 458 -0.50 25.22 -9.22
CA GLU G 458 -1.33 25.30 -8.01
C GLU G 458 -0.56 25.93 -6.85
N PHE G 459 -0.23 27.20 -7.04
CA PHE G 459 0.54 27.92 -6.02
C PHE G 459 -0.26 28.14 -4.75
N ASP G 460 -1.49 28.64 -4.88
CA ASP G 460 -2.33 28.85 -3.71
C ASP G 460 -2.79 27.54 -3.08
N LYS G 461 -2.80 26.45 -3.84
CA LYS G 461 -3.27 25.17 -3.34
C LYS G 461 -2.12 24.32 -2.78
N MET G 462 -1.34 24.94 -1.90
CA MET G 462 -0.22 24.26 -1.24
C MET G 462 -0.32 24.49 0.26
N THR G 463 0.49 23.76 0.99
CA THR G 463 0.62 23.96 2.43
C THR G 463 1.69 25.02 2.69
N ASP G 464 2.07 25.20 3.94
CA ASP G 464 3.00 26.27 4.29
C ASP G 464 4.45 25.94 3.99
N VAL G 465 4.77 24.69 3.66
CA VAL G 465 6.16 24.26 3.57
C VAL G 465 6.83 24.85 2.33
N ASP G 466 6.11 24.90 1.20
CA ASP G 466 6.71 25.44 0.00
C ASP G 466 6.77 26.95 0.02
N ARG G 467 5.92 27.59 0.83
CA ARG G 467 5.91 29.05 0.90
C ARG G 467 7.20 29.60 1.49
N VAL G 468 7.72 28.93 2.52
CA VAL G 468 9.03 29.30 3.02
C VAL G 468 10.15 28.74 2.15
N ALA G 469 9.85 27.78 1.29
CA ALA G 469 10.87 27.18 0.45
C ALA G 469 11.22 28.07 -0.72
N ILE G 470 10.22 28.67 -1.37
CA ILE G 470 10.47 29.55 -2.50
C ILE G 470 10.84 30.95 -2.03
N HIS G 471 10.79 31.19 -0.72
CA HIS G 471 11.21 32.49 -0.17
C HIS G 471 12.70 32.72 -0.36
N GLU G 472 13.52 31.81 0.17
CA GLU G 472 14.97 32.01 0.15
C GLU G 472 15.54 31.85 -1.26
N VAL G 473 15.11 30.80 -1.98
CA VAL G 473 15.73 30.43 -3.23
C VAL G 473 15.42 31.37 -4.38
N MET G 474 14.59 32.40 -4.15
CA MET G 474 14.35 33.43 -5.14
C MET G 474 15.20 34.67 -4.90
N GLU G 475 15.22 35.19 -3.67
CA GLU G 475 16.09 36.32 -3.36
C GLU G 475 17.56 35.92 -3.34
N GLN G 476 17.85 34.65 -3.12
CA GLN G 476 19.20 34.12 -3.07
C GLN G 476 19.33 33.08 -4.17
N GLN G 477 20.45 33.11 -4.87
CA GLN G 477 20.66 32.18 -5.98
C GLN G 477 20.87 30.75 -5.51
N THR G 478 21.25 30.55 -4.25
CA THR G 478 21.69 29.25 -3.79
C THR G 478 20.92 28.84 -2.54
N VAL G 479 21.23 27.64 -2.07
CA VAL G 479 20.67 27.09 -0.84
C VAL G 479 21.79 26.43 -0.07
N THR G 480 21.67 26.44 1.25
CA THR G 480 22.65 25.84 2.14
C THR G 480 21.92 25.23 3.32
N ILE G 481 22.29 24.00 3.69
CA ILE G 481 21.59 23.28 4.74
C ILE G 481 22.55 22.28 5.37
N ALA G 482 22.46 22.14 6.69
CA ALA G 482 23.02 21.02 7.43
C ALA G 482 21.85 20.31 8.09
N LYS G 483 21.22 19.41 7.34
CA LYS G 483 20.05 18.70 7.85
C LYS G 483 20.45 17.72 8.94
N ALA G 484 21.29 16.74 8.60
CA ALA G 484 21.95 15.89 9.58
C ALA G 484 23.44 15.86 9.34
N GLY G 485 23.93 16.63 8.37
CA GLY G 485 25.33 16.61 8.00
C GLY G 485 25.94 17.98 8.01
N ILE G 486 26.48 18.40 6.88
CA ILE G 486 27.35 19.55 6.78
C ILE G 486 26.68 20.62 5.94
N HIS G 487 26.88 21.88 6.31
CA HIS G 487 26.47 23.00 5.47
C HIS G 487 27.21 22.94 4.14
N THR G 488 26.50 23.20 3.06
CA THR G 488 27.12 23.21 1.74
C THR G 488 26.36 24.20 0.85
N THR G 489 27.10 25.16 0.29
CA THR G 489 26.51 26.21 -0.53
C THR G 489 26.63 25.80 -2.00
N LEU G 490 25.70 24.97 -2.45
CA LEU G 490 25.65 24.57 -3.85
C LEU G 490 24.80 25.58 -4.62
N ASN G 491 25.26 25.91 -5.82
CA ASN G 491 24.68 27.00 -6.59
C ASN G 491 23.71 26.48 -7.64
N ALA G 492 22.83 27.36 -8.10
CA ALA G 492 21.81 27.00 -9.07
C ALA G 492 21.29 28.26 -9.75
N ARG G 493 21.33 28.28 -11.07
CA ARG G 493 20.79 29.39 -11.86
C ARG G 493 19.49 28.89 -12.49
N CYS G 494 18.37 29.28 -11.89
CA CYS G 494 17.07 28.74 -12.26
C CYS G 494 16.05 29.88 -12.36
N SER G 495 14.90 29.55 -12.93
CA SER G 495 13.84 30.54 -13.16
C SER G 495 12.51 29.81 -13.21
N VAL G 496 11.54 30.29 -12.44
CA VAL G 496 10.27 29.59 -12.29
C VAL G 496 9.30 30.03 -13.37
N ILE G 497 8.25 29.24 -13.54
CA ILE G 497 7.10 29.59 -14.35
C ILE G 497 5.87 29.22 -13.52
N ALA G 498 5.03 30.19 -13.24
CA ALA G 498 3.98 29.99 -12.26
C ALA G 498 2.61 29.83 -12.92
N ALA G 499 1.67 29.33 -12.14
CA ALA G 499 0.28 29.19 -12.54
C ALA G 499 -0.56 29.07 -11.28
N ALA G 500 -1.66 29.82 -11.24
CA ALA G 500 -2.58 29.75 -10.12
C ALA G 500 -3.95 30.21 -10.59
N ASN G 501 -4.95 29.98 -9.76
CA ASN G 501 -6.30 30.33 -10.10
C ASN G 501 -6.93 31.20 -9.02
N PRO G 502 -7.75 32.17 -9.38
CA PRO G 502 -8.45 32.95 -8.37
C PRO G 502 -9.55 32.12 -7.72
N VAL G 503 -9.82 32.43 -6.45
CA VAL G 503 -10.71 31.59 -5.66
C VAL G 503 -12.17 31.95 -5.87
N PHE G 504 -12.50 33.23 -5.90
CA PHE G 504 -13.89 33.67 -5.81
C PHE G 504 -14.53 33.84 -7.20
N GLY G 505 -14.37 32.84 -8.05
CA GLY G 505 -15.10 32.77 -9.31
C GLY G 505 -14.74 33.89 -10.28
N GLN G 506 -15.76 34.61 -10.73
CA GLN G 506 -15.61 35.72 -11.66
C GLN G 506 -15.66 37.07 -10.93
N TYR G 507 -14.62 37.33 -10.13
CA TYR G 507 -14.59 38.50 -9.26
C TYR G 507 -13.42 39.43 -9.52
N ASP G 508 -12.69 39.23 -10.62
CA ASP G 508 -11.47 40.01 -10.89
C ASP G 508 -11.74 41.44 -11.34
N VAL G 509 -12.99 41.91 -11.36
CA VAL G 509 -13.32 43.25 -11.84
C VAL G 509 -14.08 44.05 -10.80
N ASN G 510 -14.75 43.35 -9.88
CA ASN G 510 -15.65 43.99 -8.92
C ASN G 510 -14.99 44.27 -7.57
N ARG G 511 -13.72 43.90 -7.40
CA ARG G 511 -13.06 43.99 -6.11
C ARG G 511 -11.70 44.63 -6.34
N ASP G 512 -10.83 44.51 -5.34
CA ASP G 512 -9.46 44.99 -5.49
C ASP G 512 -8.74 44.16 -6.53
N PRO G 513 -8.09 44.78 -7.52
CA PRO G 513 -7.24 44.01 -8.43
C PRO G 513 -6.03 43.41 -7.73
N HIS G 514 -5.46 44.13 -6.77
CA HIS G 514 -4.47 43.55 -5.87
C HIS G 514 -5.17 42.78 -4.76
N GLN G 515 -4.37 42.28 -3.81
CA GLN G 515 -4.72 41.35 -2.72
C GLN G 515 -5.66 40.22 -3.16
N ASN G 516 -5.47 39.77 -4.40
CA ASN G 516 -6.56 39.07 -5.09
C ASN G 516 -6.58 37.58 -4.76
N ILE G 517 -5.41 37.00 -4.49
CA ILE G 517 -5.32 35.60 -4.12
C ILE G 517 -4.69 35.41 -2.75
N ALA G 518 -4.04 36.45 -2.20
CA ALA G 518 -3.55 36.55 -0.82
C ALA G 518 -2.51 35.49 -0.47
N LEU G 519 -1.83 34.91 -1.46
CA LEU G 519 -0.56 34.28 -1.18
C LEU G 519 0.46 35.40 -0.91
N PRO G 520 1.48 35.15 -0.08
CA PRO G 520 2.29 36.26 0.47
C PRO G 520 3.01 37.09 -0.59
N ASP G 521 2.82 38.41 -0.46
CA ASP G 521 3.25 39.37 -1.48
C ASP G 521 4.75 39.56 -1.55
N SER G 522 5.50 38.93 -0.65
CA SER G 522 6.95 38.80 -0.83
C SER G 522 7.27 38.14 -2.15
N LEU G 523 6.52 37.09 -2.51
CA LEU G 523 6.70 36.47 -3.83
C LEU G 523 6.16 37.37 -4.93
N LEU G 524 5.04 38.06 -4.67
CA LEU G 524 4.51 39.02 -5.63
C LEU G 524 5.49 40.18 -5.84
N SER G 525 6.18 40.59 -4.79
CA SER G 525 7.21 41.61 -4.95
C SER G 525 8.43 41.03 -5.65
N ARG G 526 8.72 39.74 -5.45
CA ARG G 526 9.87 39.14 -6.10
C ARG G 526 9.58 38.67 -7.52
N PHE G 527 8.32 38.76 -7.96
CA PHE G 527 7.98 38.57 -9.36
C PHE G 527 7.59 39.90 -9.96
N ASP G 528 7.51 39.95 -11.28
CA ASP G 528 7.22 41.21 -11.95
C ASP G 528 5.89 41.19 -12.69
N LEU G 529 5.70 40.26 -13.62
CA LEU G 529 4.59 40.33 -14.55
C LEU G 529 3.45 39.46 -14.04
N LEU G 530 2.29 40.07 -13.82
CA LEU G 530 1.11 39.37 -13.32
C LEU G 530 0.01 39.56 -14.35
N PHE G 531 -0.01 38.69 -15.35
CA PHE G 531 -1.00 38.79 -16.40
C PHE G 531 -2.35 38.28 -15.90
N VAL G 532 -3.40 39.03 -16.19
CA VAL G 532 -4.75 38.63 -15.86
C VAL G 532 -5.45 38.32 -17.17
N VAL G 533 -5.68 37.03 -17.43
CA VAL G 533 -6.20 36.59 -18.72
C VAL G 533 -7.70 36.90 -18.79
N THR G 534 -8.10 37.68 -19.78
CA THR G 534 -9.49 38.01 -19.99
C THR G 534 -10.13 37.05 -20.99
N ASP G 535 -11.42 36.80 -20.80
CA ASP G 535 -12.15 35.85 -21.62
C ASP G 535 -13.53 36.40 -21.97
N ASP G 536 -13.60 37.67 -22.33
CA ASP G 536 -14.88 38.28 -22.63
C ASP G 536 -15.40 37.81 -23.99
N ILE G 537 -16.70 38.00 -24.20
CA ILE G 537 -17.41 37.38 -25.31
C ILE G 537 -17.47 38.38 -26.46
N ASN G 538 -16.82 38.04 -27.56
CA ASN G 538 -16.94 38.77 -28.82
C ASN G 538 -17.40 37.77 -29.89
N GLU G 539 -18.43 38.17 -30.65
CA GLU G 539 -19.12 37.24 -31.53
C GLU G 539 -18.29 36.85 -32.74
N ILE G 540 -17.26 37.62 -33.09
CA ILE G 540 -16.32 37.19 -34.11
C ILE G 540 -15.17 36.40 -33.50
N ARG G 541 -14.88 36.59 -32.21
CA ARG G 541 -13.78 35.88 -31.56
C ARG G 541 -14.11 34.41 -31.41
N ASP G 542 -15.26 34.09 -30.80
CA ASP G 542 -15.64 32.70 -30.58
C ASP G 542 -15.99 31.99 -31.88
N ARG G 543 -16.49 32.74 -32.86
CA ARG G 543 -16.74 32.17 -34.19
C ARG G 543 -15.43 31.74 -34.84
N SER G 544 -14.39 32.55 -34.71
CA SER G 544 -13.08 32.16 -35.18
C SER G 544 -12.49 31.04 -34.34
N ILE G 545 -12.84 31.00 -33.05
CA ILE G 545 -12.39 29.92 -32.18
C ILE G 545 -12.98 28.59 -32.62
N SER G 546 -14.24 28.61 -33.08
CA SER G 546 -14.97 27.39 -33.35
C SER G 546 -14.41 26.61 -34.54
N GLU G 547 -13.71 27.28 -35.45
CA GLU G 547 -13.10 26.54 -36.55
C GLU G 547 -11.69 26.10 -36.24
N HIS G 548 -10.97 26.84 -35.40
CA HIS G 548 -9.58 26.48 -35.14
C HIS G 548 -9.47 25.31 -34.19
N VAL G 549 -10.56 24.93 -33.51
CA VAL G 549 -10.59 23.68 -32.78
C VAL G 549 -10.99 22.54 -33.70
N LEU G 550 -11.48 22.85 -34.90
CA LEU G 550 -11.83 21.82 -35.86
C LEU G 550 -10.70 21.49 -36.82
N ARG G 551 -9.82 22.46 -37.09
CA ARG G 551 -8.72 22.25 -38.02
C ARG G 551 -7.46 21.77 -37.31
N THR G 552 -7.59 21.02 -36.22
CA THR G 552 -6.46 20.53 -35.46
C THR G 552 -6.62 19.06 -35.10
N HIS G 553 -7.06 18.25 -36.07
CA HIS G 553 -7.28 16.83 -35.85
C HIS G 553 -6.66 16.02 -36.97
N ARG G 554 -5.43 16.34 -37.32
CA ARG G 554 -4.78 15.72 -38.46
C ARG G 554 -3.30 15.47 -38.17
N VAL G 635 10.65 28.81 -39.15
CA VAL G 635 9.20 28.84 -38.98
C VAL G 635 8.77 27.54 -38.31
N THR G 636 9.69 26.59 -38.22
CA THR G 636 9.42 25.28 -37.68
C THR G 636 10.13 25.07 -36.34
N ILE G 637 9.77 23.97 -35.68
CA ILE G 637 10.22 23.68 -34.33
C ILE G 637 11.71 23.35 -34.22
N PRO G 638 12.32 22.41 -34.97
CA PRO G 638 13.75 22.14 -34.74
C PRO G 638 14.66 23.25 -35.20
N PHE G 639 14.22 24.07 -36.16
CA PHE G 639 14.97 25.28 -36.46
C PHE G 639 14.85 26.30 -35.35
N LEU G 640 13.73 26.29 -34.63
CA LEU G 640 13.52 27.24 -33.55
C LEU G 640 14.44 26.94 -32.37
N ARG G 641 14.56 25.66 -32.00
CA ARG G 641 15.39 25.33 -30.86
C ARG G 641 16.87 25.51 -31.17
N LYS G 642 17.26 25.33 -32.43
CA LYS G 642 18.65 25.58 -32.82
C LYS G 642 19.00 27.05 -32.75
N TYR G 643 18.02 27.92 -32.97
CA TYR G 643 18.27 29.35 -33.00
C TYR G 643 18.60 29.88 -31.62
N VAL G 644 17.85 29.44 -30.60
CA VAL G 644 18.07 29.94 -29.25
C VAL G 644 19.33 29.32 -28.65
N GLN G 645 19.58 28.04 -28.92
CA GLN G 645 20.77 27.39 -28.37
C GLN G 645 22.03 27.75 -29.13
N TYR G 646 21.92 28.54 -30.19
CA TYR G 646 23.06 29.23 -30.77
C TYR G 646 23.18 30.65 -30.25
N ALA G 647 22.06 31.30 -29.99
CA ALA G 647 22.04 32.67 -29.50
C ALA G 647 22.20 32.75 -27.98
N LYS G 648 22.49 31.64 -27.32
CA LYS G 648 22.84 31.64 -25.91
C LYS G 648 24.33 31.76 -25.67
N GLU G 649 25.12 31.88 -26.75
CA GLU G 649 26.58 31.77 -26.66
C GLU G 649 27.27 32.92 -27.36
N ARG G 650 26.55 34.00 -27.64
CA ARG G 650 27.12 35.13 -28.35
C ARG G 650 27.12 36.35 -27.44
N VAL G 651 27.42 37.50 -28.04
CA VAL G 651 27.90 38.64 -27.27
C VAL G 651 26.74 39.34 -26.57
N ILE G 652 27.10 40.25 -25.67
CA ILE G 652 26.18 40.96 -24.81
C ILE G 652 26.56 42.44 -24.77
N PRO G 653 25.78 43.32 -25.44
CA PRO G 653 26.17 44.74 -25.53
C PRO G 653 26.13 45.54 -24.24
N GLN G 654 24.95 45.61 -23.61
CA GLN G 654 24.62 46.30 -22.35
C GLN G 654 24.72 47.82 -22.38
N LEU G 655 25.19 48.42 -23.47
CA LEU G 655 25.65 49.81 -23.43
C LEU G 655 25.10 50.61 -24.60
N THR G 656 24.30 51.63 -24.28
CA THR G 656 24.02 52.75 -25.18
C THR G 656 23.62 53.91 -24.30
N GLN G 657 24.35 55.02 -24.39
CA GLN G 657 24.18 56.13 -23.45
C GLN G 657 22.90 56.91 -23.65
N GLU G 658 22.14 56.66 -24.71
CA GLU G 658 20.88 57.36 -24.93
C GLU G 658 19.67 56.44 -24.86
N ALA G 659 19.85 55.14 -25.12
CA ALA G 659 18.78 54.19 -24.84
C ALA G 659 18.54 54.06 -23.35
N ILE G 660 19.57 54.32 -22.54
CA ILE G 660 19.35 54.43 -21.11
C ILE G 660 18.72 55.76 -20.73
N ASN G 661 18.73 56.75 -21.63
CA ASN G 661 18.12 58.04 -21.30
C ASN G 661 16.62 58.02 -21.51
N VAL G 662 16.16 57.29 -22.53
CA VAL G 662 14.73 57.32 -22.85
C VAL G 662 13.94 56.50 -21.83
N ILE G 663 14.56 55.48 -21.23
CA ILE G 663 13.81 54.60 -20.35
C ILE G 663 13.55 55.24 -18.99
N VAL G 664 14.42 56.15 -18.56
CA VAL G 664 14.20 56.79 -17.28
C VAL G 664 13.13 57.87 -17.39
N LYS G 665 12.97 58.47 -18.58
CA LYS G 665 11.78 59.26 -18.86
C LYS G 665 10.57 58.35 -18.96
N ASN G 666 10.77 57.13 -19.44
CA ASN G 666 9.69 56.16 -19.62
C ASN G 666 9.30 55.48 -18.31
N TYR G 667 9.92 55.84 -17.21
CA TYR G 667 9.61 55.27 -15.90
C TYR G 667 9.13 56.31 -14.91
N THR G 668 9.75 57.50 -14.91
CA THR G 668 9.48 58.50 -13.88
C THR G 668 8.09 59.08 -14.00
N ASP G 669 7.53 59.08 -15.21
CA ASP G 669 6.15 59.47 -15.40
C ASP G 669 5.22 58.49 -14.70
N LEU G 670 5.38 57.19 -14.98
CA LEU G 670 4.58 56.18 -14.30
C LEU G 670 5.04 55.94 -12.88
N ARG G 671 6.23 56.41 -12.51
CA ARG G 671 6.57 56.49 -11.10
C ARG G 671 5.76 57.56 -10.39
N ASN G 672 5.32 58.59 -11.12
CA ASN G 672 4.34 59.54 -10.62
C ASN G 672 2.93 59.18 -11.05
N ASP G 673 2.77 58.12 -11.84
CA ASP G 673 1.47 57.62 -12.25
C ASP G 673 1.31 56.16 -11.87
N ASP G 674 1.71 55.82 -10.65
CA ASP G 674 1.56 54.48 -10.10
C ASP G 674 0.42 54.40 -9.09
N ASN G 675 0.29 55.39 -8.21
CA ASN G 675 -0.80 55.40 -7.25
C ASN G 675 -2.08 55.97 -7.84
N THR G 676 -1.97 56.80 -8.88
CA THR G 676 -3.12 57.31 -9.62
C THR G 676 -3.62 56.32 -10.68
N LYS G 677 -3.14 55.09 -10.63
CA LYS G 677 -3.54 54.02 -11.54
C LYS G 677 -3.73 52.78 -10.68
N LYS G 678 -3.79 51.61 -11.31
CA LYS G 678 -4.16 50.40 -10.57
C LYS G 678 -3.02 49.86 -9.71
N SER G 679 -1.82 49.68 -10.28
CA SER G 679 -0.79 48.95 -9.58
C SER G 679 0.34 49.85 -9.13
N PRO G 680 0.80 49.73 -7.89
CA PRO G 680 2.05 50.40 -7.48
C PRO G 680 3.26 49.57 -7.87
N ILE G 681 4.34 50.26 -8.23
CA ILE G 681 5.57 49.61 -8.64
C ILE G 681 6.65 49.90 -7.60
N THR G 682 7.80 49.26 -7.78
CA THR G 682 8.93 49.40 -6.87
C THR G 682 10.18 49.76 -7.65
N ALA G 683 11.29 49.91 -6.93
CA ALA G 683 12.55 50.30 -7.55
C ALA G 683 13.18 49.17 -8.33
N ARG G 684 12.97 47.92 -7.91
CA ARG G 684 13.54 46.78 -8.60
C ARG G 684 12.91 46.55 -9.98
N THR G 685 11.74 47.14 -10.23
CA THR G 685 11.12 47.09 -11.54
C THR G 685 11.95 47.79 -12.60
N LEU G 686 12.82 48.72 -12.20
CA LEU G 686 13.78 49.30 -13.13
C LEU G 686 14.77 48.27 -13.65
N GLU G 687 15.13 47.29 -12.82
CA GLU G 687 16.04 46.26 -13.28
C GLU G 687 15.37 45.29 -14.24
N THR G 688 14.04 45.23 -14.24
CA THR G 688 13.35 44.55 -15.32
C THR G 688 13.54 45.29 -16.63
N LEU G 689 13.38 46.62 -16.60
CA LEU G 689 13.32 47.43 -17.81
C LEU G 689 14.64 47.46 -18.57
N ILE G 690 15.75 47.15 -17.92
CA ILE G 690 16.97 46.88 -18.66
C ILE G 690 16.98 45.43 -19.14
N ARG G 691 16.50 44.51 -18.31
CA ARG G 691 16.70 43.09 -18.54
C ARG G 691 15.87 42.57 -19.71
N LEU G 692 14.66 43.12 -19.90
CA LEU G 692 13.86 42.74 -21.05
C LEU G 692 14.52 43.20 -22.34
N ALA G 693 14.96 44.45 -22.38
CA ALA G 693 15.62 44.97 -23.57
C ALA G 693 16.99 44.35 -23.78
N THR G 694 17.61 43.84 -22.71
CA THR G 694 18.90 43.18 -22.85
C THR G 694 18.78 41.90 -23.66
N ALA G 695 17.79 41.07 -23.33
CA ALA G 695 17.56 39.87 -24.12
C ALA G 695 16.89 40.18 -25.45
N HIS G 696 16.21 41.32 -25.56
CA HIS G 696 15.59 41.68 -26.83
C HIS G 696 16.64 41.99 -27.88
N ALA G 697 17.78 42.52 -27.47
CA ALA G 697 18.90 42.66 -28.39
C ALA G 697 19.58 41.33 -28.67
N LYS G 698 19.40 40.34 -27.80
CA LYS G 698 19.95 39.02 -28.08
C LYS G 698 19.17 38.33 -29.19
N VAL G 699 17.90 38.68 -29.36
CA VAL G 699 17.14 38.21 -30.51
C VAL G 699 17.70 38.82 -31.79
N ARG G 700 18.19 40.05 -31.71
CA ARG G 700 18.78 40.70 -32.88
C ARG G 700 20.14 40.14 -33.24
N LEU G 701 20.83 39.52 -32.27
CA LEU G 701 22.20 39.02 -32.40
C LEU G 701 23.15 40.15 -32.83
N SER G 702 23.20 41.18 -32.00
CA SER G 702 24.04 42.34 -32.28
C SER G 702 24.75 42.76 -31.02
N LYS G 703 25.95 43.33 -31.20
CA LYS G 703 26.77 43.77 -30.08
C LYS G 703 26.47 45.22 -29.69
N THR G 704 25.34 45.78 -30.13
CA THR G 704 24.96 47.14 -29.79
C THR G 704 23.56 47.16 -29.21
N VAL G 705 23.39 47.85 -28.10
CA VAL G 705 22.05 48.15 -27.60
C VAL G 705 21.44 49.23 -28.50
N ASN G 706 20.37 48.90 -29.19
CA ASN G 706 19.78 49.79 -30.18
C ASN G 706 18.79 50.73 -29.48
N LYS G 707 17.96 51.41 -30.27
CA LYS G 707 16.88 52.24 -29.75
C LYS G 707 15.53 51.55 -29.77
N VAL G 708 15.30 50.67 -30.75
CA VAL G 708 13.99 50.05 -30.95
C VAL G 708 13.61 49.10 -29.81
N ASP G 709 14.60 48.64 -29.04
CA ASP G 709 14.33 47.78 -27.89
C ASP G 709 13.59 48.51 -26.77
N ALA G 710 13.71 49.83 -26.69
CA ALA G 710 13.03 50.60 -25.66
C ALA G 710 11.61 51.00 -26.05
N LYS G 711 11.03 50.32 -27.03
CA LYS G 711 9.62 50.50 -27.36
C LYS G 711 8.81 49.24 -27.10
N VAL G 712 9.39 48.07 -27.32
CA VAL G 712 8.71 46.82 -26.99
C VAL G 712 8.66 46.63 -25.48
N ALA G 713 9.71 47.07 -24.78
CA ALA G 713 9.73 46.94 -23.33
C ALA G 713 8.74 47.88 -22.65
N ALA G 714 8.43 49.00 -23.32
CA ALA G 714 7.44 49.93 -22.79
C ALA G 714 6.05 49.32 -22.81
N ASN G 715 5.55 49.01 -24.01
CA ASN G 715 4.16 48.63 -24.18
C ASN G 715 3.85 47.24 -23.66
N LEU G 716 4.86 46.39 -23.47
CA LEU G 716 4.63 45.11 -22.84
C LEU G 716 4.27 45.29 -21.37
N LEU G 717 4.94 46.22 -20.70
CA LEU G 717 4.56 46.57 -19.35
C LEU G 717 3.24 47.33 -19.32
N ARG G 718 2.97 48.12 -20.37
CA ARG G 718 1.73 48.90 -20.42
C ARG G 718 0.51 48.01 -20.59
N PHE G 719 0.67 46.83 -21.15
CA PHE G 719 -0.43 45.86 -21.13
C PHE G 719 -0.50 45.12 -19.81
N ALA G 720 0.66 44.86 -19.18
CA ALA G 720 0.67 44.21 -17.88
C ALA G 720 0.19 45.14 -16.78
N LEU G 721 0.18 46.45 -17.01
CA LEU G 721 -0.26 47.41 -16.00
C LEU G 721 -1.48 48.20 -16.42
N LEU G 722 -1.91 48.12 -17.67
CA LEU G 722 -3.18 48.71 -18.09
C LEU G 722 -3.87 47.80 -19.09
N LEU H 1 71.69 8.24 47.40
CA LEU H 1 70.25 8.16 47.22
C LEU H 1 69.87 7.11 46.16
N ARG H 2 68.63 6.63 46.24
CA ARG H 2 68.15 5.59 45.35
C ARG H 2 67.93 6.15 43.94
N ILE H 3 67.86 5.23 42.98
CA ILE H 3 67.61 5.59 41.58
C ILE H 3 66.64 4.59 40.98
N ILE H 4 65.58 5.11 40.37
CA ILE H 4 64.50 4.32 39.77
C ILE H 4 64.78 4.28 38.27
N TRP H 5 64.37 3.17 37.64
CA TRP H 5 64.40 3.08 36.17
C TRP H 5 63.55 4.17 35.53
N GLY H 6 62.40 4.48 36.13
CA GLY H 6 61.52 5.51 35.59
C GLY H 6 61.96 6.93 35.90
N THR H 7 62.02 7.28 37.18
CA THR H 7 62.27 8.63 37.62
C THR H 7 63.75 8.84 37.90
N ASN H 8 64.08 9.99 38.51
CA ASN H 8 65.40 10.24 39.07
C ASN H 8 65.28 10.81 40.48
N VAL H 9 64.20 10.50 41.18
CA VAL H 9 63.91 11.17 42.44
C VAL H 9 64.80 10.61 43.55
N SER H 10 64.91 11.39 44.62
CA SER H 10 65.89 11.18 45.66
C SER H 10 65.32 10.31 46.78
N ILE H 11 65.98 10.33 47.93
CA ILE H 11 65.53 9.68 49.14
C ILE H 11 65.06 10.80 50.05
N GLN H 12 64.67 10.47 51.27
CA GLN H 12 63.89 11.39 52.10
C GLN H 12 64.69 12.55 52.67
N GLU H 13 65.40 13.28 51.80
CA GLU H 13 65.89 14.60 52.14
C GLU H 13 64.78 15.63 52.01
N CYS H 14 64.08 15.60 50.89
CA CYS H 14 63.05 16.59 50.58
C CYS H 14 61.87 16.49 51.54
N THR H 15 61.62 15.31 52.10
CA THR H 15 60.68 15.18 53.19
C THR H 15 61.16 15.95 54.41
N THR H 16 62.42 15.71 54.81
CA THR H 16 63.01 16.47 55.89
C THR H 16 63.21 17.93 55.50
N ASN H 17 63.54 18.19 54.24
CA ASN H 17 63.64 19.57 53.74
C ASN H 17 62.28 20.25 53.76
N PHE H 18 61.20 19.50 53.57
CA PHE H 18 59.88 20.08 53.79
C PHE H 18 59.62 20.28 55.28
N ARG H 19 60.01 19.29 56.10
CA ARG H 19 59.59 19.28 57.50
C ARG H 19 60.24 20.40 58.31
N ASN H 20 61.48 20.76 58.00
CA ASN H 20 62.04 21.95 58.60
C ASN H 20 61.42 23.21 58.00
N PHE H 21 61.16 23.19 56.70
CA PHE H 21 60.45 24.30 56.05
C PHE H 21 59.04 24.45 56.60
N LEU H 22 58.36 23.33 56.86
CA LEU H 22 57.02 23.38 57.41
C LEU H 22 57.02 23.94 58.82
N MET H 23 57.87 23.38 59.68
CA MET H 23 57.85 23.75 61.09
C MET H 23 58.49 25.12 61.32
N SER H 24 59.67 25.35 60.74
CA SER H 24 60.36 26.62 60.91
C SER H 24 60.07 27.54 59.73
N PHE H 25 58.81 28.01 59.67
CA PHE H 25 58.39 28.94 58.65
C PHE H 25 58.02 30.29 59.26
N LYS H 26 56.90 30.35 59.99
CA LYS H 26 56.31 31.48 60.72
C LYS H 26 55.90 32.68 59.87
N TYR H 27 56.50 32.83 58.69
CA TYR H 27 56.22 33.79 57.62
C TYR H 27 57.19 33.50 56.49
N LYS H 28 56.75 33.69 55.25
CA LYS H 28 57.62 33.86 54.09
C LYS H 28 56.85 34.72 53.11
N PHE H 29 57.24 34.69 51.84
CA PHE H 29 56.58 35.28 50.68
C PHE H 29 56.31 36.79 50.81
N ARG H 30 56.94 37.48 51.77
CA ARG H 30 56.68 38.90 51.97
C ARG H 30 57.27 39.77 50.88
N LYS H 31 58.11 39.21 50.00
CA LYS H 31 58.89 39.95 49.03
C LYS H 31 58.31 39.88 47.63
N ILE H 32 57.73 38.73 47.27
CA ILE H 32 57.12 38.59 45.95
C ILE H 32 55.84 39.41 45.87
N LEU H 33 55.15 39.56 47.01
CA LEU H 33 53.94 40.36 47.09
C LEU H 33 54.15 41.55 48.04
N ASP H 34 55.26 42.27 47.84
CA ASP H 34 55.73 43.36 48.69
C ASP H 34 54.68 44.46 48.91
N GLU H 35 54.18 44.53 50.15
CA GLU H 35 53.22 45.54 50.56
C GLU H 35 53.81 46.44 51.64
N ARG H 36 54.33 45.86 52.72
CA ARG H 36 54.92 46.61 53.81
C ARG H 36 56.43 46.59 53.71
N ASP H 45 50.70 37.59 60.05
CA ASP H 45 51.88 37.01 59.43
C ASP H 45 52.87 36.53 60.48
N GLU H 46 52.45 36.56 61.75
CA GLU H 46 53.31 36.15 62.84
C GLU H 46 53.46 34.63 62.92
N GLU H 47 52.50 33.89 62.37
CA GLU H 47 52.57 32.43 62.37
C GLU H 47 51.88 31.90 61.12
N LEU H 48 52.41 30.80 60.60
CA LEU H 48 51.93 30.19 59.37
C LEU H 48 50.52 29.62 59.56
N TYR H 49 49.74 29.66 58.47
CA TYR H 49 48.42 29.02 58.44
C TYR H 49 48.53 27.52 58.72
N TYR H 50 49.50 26.86 58.07
CA TYR H 50 49.66 25.41 58.15
C TYR H 50 50.08 24.97 59.55
N ILE H 51 50.83 25.81 60.26
CA ILE H 51 51.31 25.49 61.60
C ILE H 51 50.15 25.31 62.57
N LYS H 52 49.18 26.21 62.53
CA LYS H 52 47.96 25.99 63.29
C LYS H 52 47.11 24.89 62.68
N GLN H 53 47.12 24.76 61.35
CA GLN H 53 46.28 23.78 60.69
C GLN H 53 46.81 22.36 60.85
N LEU H 54 48.12 22.18 61.00
CA LEU H 54 48.64 20.84 61.23
C LEU H 54 48.27 20.33 62.61
N ASN H 55 48.16 21.24 63.59
CA ASN H 55 47.51 20.87 64.84
C ASN H 55 46.03 20.63 64.65
N GLU H 56 45.42 21.32 63.69
CA GLU H 56 43.98 21.21 63.48
C GLU H 56 43.58 19.93 62.76
N MET H 57 44.53 19.20 62.18
CA MET H 57 44.19 17.96 61.49
C MET H 57 43.82 16.86 62.48
N ARG H 58 44.54 16.77 63.59
CA ARG H 58 44.32 15.68 64.54
C ARG H 58 43.02 15.89 65.32
N GLU H 59 42.79 17.11 65.80
CA GLU H 59 41.65 17.40 66.67
C GLU H 59 40.30 17.37 65.94
N LEU H 60 40.29 17.29 64.61
CA LEU H 60 39.10 16.87 63.88
C LEU H 60 39.23 15.50 63.24
N GLY H 61 40.45 14.99 63.05
CA GLY H 61 40.64 13.66 62.52
C GLY H 61 40.45 13.53 61.03
N THR H 62 40.45 14.63 60.29
CA THR H 62 40.25 14.58 58.85
C THR H 62 41.50 14.06 58.16
N SER H 63 41.36 13.81 56.86
CA SER H 63 42.43 13.20 56.07
C SER H 63 42.98 14.10 54.97
N ASN H 64 42.54 15.35 54.89
CA ASN H 64 42.83 16.19 53.75
C ASN H 64 43.55 17.46 54.17
N LEU H 65 44.67 17.75 53.51
CA LEU H 65 45.41 18.98 53.70
C LEU H 65 45.50 19.68 52.35
N ASN H 66 44.76 20.77 52.21
CA ASN H 66 44.70 21.49 50.94
C ASN H 66 45.93 22.38 50.86
N LEU H 67 47.01 21.83 50.30
CA LEU H 67 48.26 22.56 50.20
C LEU H 67 48.20 23.57 49.06
N ASP H 68 48.54 24.83 49.37
CA ASP H 68 48.65 25.86 48.34
C ASP H 68 49.76 25.53 47.37
N ALA H 69 50.88 24.99 47.88
CA ALA H 69 52.01 24.45 47.12
C ALA H 69 52.71 25.47 46.24
N ARG H 70 52.42 26.76 46.42
CA ARG H 70 53.27 27.84 45.91
C ARG H 70 54.17 28.38 47.00
N ASN H 71 54.52 27.51 47.95
CA ASN H 71 55.44 27.86 49.01
C ASN H 71 56.87 27.42 48.71
N LEU H 72 57.04 26.38 47.90
CA LEU H 72 58.38 25.96 47.53
C LEU H 72 59.03 26.96 46.58
N LEU H 73 58.23 27.67 45.80
CA LEU H 73 58.77 28.74 44.98
C LEU H 73 59.15 29.95 45.82
N ALA H 74 58.48 30.15 46.96
CA ALA H 74 58.87 31.23 47.86
C ALA H 74 60.09 30.88 48.69
N TYR H 75 60.25 29.60 49.02
CA TYR H 75 61.38 29.14 49.82
C TYR H 75 62.66 29.13 48.98
N LYS H 76 63.80 29.32 49.66
CA LYS H 76 65.09 29.34 48.97
C LYS H 76 65.45 27.95 48.45
N GLN H 77 65.39 26.94 49.31
CA GLN H 77 65.61 25.57 48.88
C GLN H 77 64.29 24.98 48.38
N THR H 78 64.28 23.65 48.22
CA THR H 78 63.14 22.84 47.78
C THR H 78 62.60 23.24 46.41
N GLU H 79 63.43 23.91 45.59
CA GLU H 79 63.06 24.14 44.20
C GLU H 79 63.17 22.84 43.41
N ASP H 80 64.17 22.02 43.74
CA ASP H 80 64.34 20.71 43.11
C ASP H 80 63.15 19.81 43.40
N LEU H 81 62.65 19.84 44.64
CA LEU H 81 61.39 19.18 44.95
C LEU H 81 60.24 19.81 44.20
N TYR H 82 60.24 21.14 44.10
CA TYR H 82 59.18 21.86 43.39
C TYR H 82 59.17 21.52 41.91
N HIS H 83 60.34 21.45 41.29
CA HIS H 83 60.42 21.11 39.88
C HIS H 83 60.61 19.62 39.67
N GLN H 84 60.30 18.81 40.68
CA GLN H 84 60.04 17.39 40.47
C GLN H 84 58.57 17.03 40.68
N LEU H 85 57.81 17.89 41.37
CA LEU H 85 56.36 17.75 41.43
C LEU H 85 55.74 17.83 40.05
N LEU H 86 56.13 18.85 39.28
CA LEU H 86 55.55 19.05 37.97
C LEU H 86 56.20 18.18 36.90
N ASN H 87 56.96 17.17 37.27
CA ASN H 87 57.59 16.29 36.28
C ASN H 87 57.46 14.81 36.58
N TYR H 88 57.20 14.39 37.81
CA TYR H 88 56.88 13.00 38.10
C TYR H 88 55.70 12.95 39.08
N PRO H 89 54.53 13.42 38.66
CA PRO H 89 53.48 13.73 39.63
C PRO H 89 52.65 12.52 40.06
N GLN H 90 53.30 11.42 40.33
CA GLN H 90 52.62 10.33 41.01
C GLN H 90 53.39 9.82 42.21
N GLU H 91 54.72 9.72 42.10
CA GLU H 91 55.52 9.26 43.22
C GLU H 91 55.65 10.33 44.30
N VAL H 92 55.59 11.60 43.91
CA VAL H 92 55.84 12.68 44.87
C VAL H 92 54.68 12.81 45.85
N ILE H 93 53.44 12.60 45.39
CA ILE H 93 52.35 12.55 46.35
C ILE H 93 52.35 11.21 47.05
N SER H 94 52.93 10.18 46.43
CA SER H 94 53.05 8.89 47.10
C SER H 94 54.13 8.92 48.17
N ILE H 95 55.10 9.83 48.05
CA ILE H 95 56.07 10.02 49.11
C ILE H 95 55.46 10.80 50.26
N MET H 96 54.80 11.91 49.95
CA MET H 96 54.34 12.84 50.97
C MET H 96 53.17 12.33 51.79
N ASP H 97 52.48 11.27 51.34
CA ASP H 97 51.46 10.68 52.19
C ASP H 97 52.08 9.89 53.35
N GLN H 98 53.30 9.38 53.15
CA GLN H 98 54.01 8.74 54.25
C GLN H 98 54.54 9.75 55.24
N THR H 99 54.98 10.92 54.77
CA THR H 99 55.61 11.90 55.65
C THR H 99 54.59 12.58 56.55
N ILE H 100 53.41 12.90 56.01
CA ILE H 100 52.39 13.59 56.78
C ILE H 100 51.83 12.68 57.88
N LYS H 101 51.90 11.37 57.69
CA LYS H 101 51.60 10.45 58.78
C LYS H 101 52.68 10.54 59.85
N ASP H 102 53.95 10.62 59.43
CA ASP H 102 55.04 10.71 60.40
C ASP H 102 55.15 12.11 60.99
N CYS H 103 54.85 13.14 60.19
CA CYS H 103 54.91 14.50 60.71
C CYS H 103 53.76 14.76 61.68
N MET H 104 52.64 14.05 61.51
CA MET H 104 51.63 14.06 62.56
C MET H 104 52.14 13.34 63.80
N VAL H 105 52.78 12.18 63.61
CA VAL H 105 53.42 11.43 64.70
C VAL H 105 54.53 12.25 65.35
N SER H 106 55.17 13.14 64.57
CA SER H 106 56.14 14.09 65.12
C SER H 106 55.51 15.07 66.11
N LEU H 107 54.19 15.23 66.11
CA LEU H 107 53.50 15.95 67.17
C LEU H 107 53.00 15.03 68.28
N ILE H 108 52.71 13.76 67.98
CA ILE H 108 52.22 12.86 69.03
C ILE H 108 53.38 12.39 69.91
N VAL H 109 54.62 12.43 69.40
CA VAL H 109 55.75 12.05 70.23
C VAL H 109 56.04 13.12 71.29
N ASP H 110 55.61 14.36 71.06
CA ASP H 110 55.70 15.38 72.10
C ASP H 110 54.62 15.16 73.16
N ASN H 111 53.36 15.17 72.74
CA ASN H 111 52.23 14.96 73.64
C ASN H 111 51.69 13.55 73.40
N ASN H 112 52.01 12.64 74.32
CA ASN H 112 51.59 11.25 74.18
C ASN H 112 50.11 11.04 74.52
N LEU H 113 49.42 12.07 75.01
CA LEU H 113 48.00 11.98 75.30
C LEU H 113 47.12 12.27 74.08
N ASP H 114 47.69 12.25 72.88
CA ASP H 114 46.99 12.61 71.66
C ASP H 114 46.50 11.34 70.98
N TYR H 115 45.30 10.89 71.39
CA TYR H 115 44.53 9.84 70.73
C TYR H 115 45.24 8.49 70.73
N ASP H 116 46.01 8.26 71.80
CA ASP H 116 46.52 6.95 72.23
C ASP H 116 47.48 6.29 71.22
N LEU H 117 48.00 7.05 70.26
CA LEU H 117 49.03 6.69 69.29
C LEU H 117 48.65 5.52 68.38
N ASP H 118 47.39 5.08 68.35
CA ASP H 118 47.02 3.91 67.57
C ASP H 118 45.97 4.17 66.51
N GLU H 119 44.81 4.74 66.89
CA GLU H 119 43.64 4.64 66.04
C GLU H 119 43.64 5.70 64.93
N ILE H 120 44.05 6.92 65.24
CA ILE H 120 44.19 7.91 64.17
C ILE H 120 45.46 7.68 63.37
N GLU H 121 46.38 6.86 63.89
CA GLU H 121 47.56 6.44 63.16
C GLU H 121 47.33 5.16 62.35
N THR H 122 46.09 4.94 61.91
CA THR H 122 45.76 3.87 60.98
C THR H 122 45.16 4.40 59.70
N LYS H 123 44.21 5.33 59.78
CA LYS H 123 43.62 5.92 58.59
C LYS H 123 44.62 6.88 57.94
N PHE H 124 44.91 6.64 56.66
CA PHE H 124 45.95 7.37 55.95
C PHE H 124 45.43 8.72 55.50
N TYR H 125 46.04 9.78 56.00
CA TYR H 125 45.71 11.12 55.54
C TYR H 125 46.28 11.34 54.15
N LYS H 126 45.88 12.43 53.52
CA LYS H 126 46.40 12.76 52.20
C LYS H 126 46.45 14.27 52.04
N VAL H 127 46.96 14.71 50.90
CA VAL H 127 47.24 16.12 50.63
C VAL H 127 46.62 16.51 49.29
N ARG H 128 46.63 17.81 49.02
CA ARG H 128 46.02 18.34 47.81
C ARG H 128 46.76 19.59 47.37
N PRO H 129 47.72 19.46 46.46
CA PRO H 129 48.39 20.63 45.90
C PRO H 129 47.51 21.31 44.86
N TYR H 130 46.98 22.47 45.20
CA TYR H 130 46.04 23.14 44.31
C TYR H 130 46.59 24.50 43.90
N ASN H 131 45.83 25.16 43.02
CA ASN H 131 46.07 26.46 42.39
C ASN H 131 47.52 26.72 41.94
N VAL H 132 48.19 25.69 41.45
CA VAL H 132 49.59 25.79 41.07
C VAL H 132 49.70 26.03 39.57
N GLY H 133 50.63 26.90 39.19
CA GLY H 133 50.88 27.22 37.79
C GLY H 133 49.72 27.96 37.17
N SER H 134 49.64 27.90 35.84
CA SER H 134 48.53 28.47 35.10
C SER H 134 48.39 27.75 33.78
N CYS H 135 47.17 27.68 33.27
CA CYS H 135 46.86 27.04 32.00
C CYS H 135 45.73 27.82 31.35
N LYS H 136 45.44 27.50 30.08
CA LYS H 136 44.58 28.38 29.30
C LYS H 136 43.55 27.64 28.45
N GLY H 137 43.19 26.41 28.81
CA GLY H 137 42.10 25.75 28.13
C GLY H 137 42.46 24.45 27.45
N MET H 138 42.08 24.30 26.19
CA MET H 138 42.29 23.05 25.47
C MET H 138 43.13 23.18 24.21
N ARG H 139 43.19 24.34 23.57
CA ARG H 139 43.99 24.46 22.35
C ARG H 139 45.43 24.84 22.65
N GLU H 140 46.01 24.18 23.63
CA GLU H 140 47.43 24.26 23.90
C GLU H 140 47.99 22.94 24.43
N LEU H 141 47.17 21.90 24.55
CA LEU H 141 47.55 20.66 25.22
C LEU H 141 48.30 19.79 24.24
N ASN H 142 49.61 19.97 24.20
CA ASN H 142 50.46 19.28 23.26
C ASN H 142 50.62 17.80 23.65
N PRO H 143 51.04 16.95 22.72
CA PRO H 143 51.31 15.55 23.09
C PRO H 143 52.47 15.37 24.06
N ASN H 144 53.35 16.37 24.21
CA ASN H 144 54.44 16.25 25.18
C ASN H 144 53.95 16.29 26.61
N ASP H 145 52.79 16.88 26.86
CA ASP H 145 52.24 16.93 28.20
C ASP H 145 51.69 15.56 28.60
N ILE H 146 52.55 14.71 29.12
CA ILE H 146 52.19 13.32 29.42
C ILE H 146 51.91 13.13 30.90
N ASP H 147 52.81 13.60 31.78
CA ASP H 147 52.61 13.50 33.22
C ASP H 147 52.92 14.85 33.83
N LYS H 148 51.91 15.73 33.86
CA LYS H 148 52.09 17.07 34.38
C LYS H 148 50.83 17.49 35.12
N LEU H 149 50.92 18.60 35.82
CA LEU H 149 49.75 19.22 36.42
C LEU H 149 49.12 20.17 35.41
N ILE H 150 47.79 20.15 35.33
CA ILE H 150 47.07 20.99 34.39
C ILE H 150 46.02 21.74 35.19
N ASN H 151 45.68 22.95 34.76
CA ASN H 151 44.77 23.82 35.48
C ASN H 151 43.63 24.24 34.55
N LEU H 152 42.58 23.43 34.51
CA LEU H 152 41.51 23.68 33.55
C LEU H 152 40.51 24.69 34.09
N LYS H 153 39.93 25.45 33.19
CA LYS H 153 38.86 26.38 33.50
C LYS H 153 37.71 26.07 32.56
N GLY H 154 36.60 25.60 33.10
CA GLY H 154 35.48 25.19 32.28
C GLY H 154 34.21 24.94 33.05
N LEU H 155 33.42 23.99 32.53
CA LEU H 155 32.06 23.76 33.00
C LEU H 155 31.74 22.28 32.86
N VAL H 156 31.26 21.65 33.93
CA VAL H 156 30.84 20.26 33.84
C VAL H 156 29.40 20.19 33.35
N LEU H 157 29.05 19.06 32.76
CA LEU H 157 27.76 18.94 32.08
C LEU H 157 26.84 17.93 32.70
N ARG H 158 27.27 16.68 32.87
CA ARG H 158 26.38 15.62 33.30
C ARG H 158 27.18 14.50 33.95
N SER H 159 26.55 13.81 34.89
CA SER H 159 27.24 12.83 35.71
C SER H 159 26.52 11.48 35.67
N THR H 160 27.30 10.44 35.89
CA THR H 160 26.79 9.08 36.10
C THR H 160 27.05 8.68 37.54
N PRO H 161 26.22 7.79 38.09
CA PRO H 161 26.50 7.27 39.42
C PRO H 161 27.78 6.43 39.47
N VAL H 162 28.18 6.15 40.70
CA VAL H 162 29.46 5.50 40.99
C VAL H 162 29.41 4.04 40.58
N ILE H 163 30.44 3.60 39.88
CA ILE H 163 30.62 2.18 39.60
C ILE H 163 31.76 1.70 40.49
N PRO H 164 31.88 0.41 40.81
CA PRO H 164 32.94 -0.01 41.72
C PRO H 164 34.26 -0.28 41.02
N ASP H 165 35.28 -0.64 41.79
CA ASP H 165 36.63 -0.82 41.27
C ASP H 165 37.34 -1.95 42.00
N MET H 166 38.11 -2.72 41.24
CA MET H 166 38.81 -3.88 41.79
C MET H 166 40.01 -3.41 42.59
N LYS H 167 39.81 -3.23 43.90
CA LYS H 167 40.91 -2.91 44.80
C LYS H 167 41.40 -4.12 45.58
N VAL H 168 40.58 -5.16 45.70
CA VAL H 168 40.97 -6.42 46.35
C VAL H 168 40.13 -7.52 45.72
N ALA H 169 40.69 -8.70 45.61
CA ALA H 169 40.02 -9.82 44.98
C ALA H 169 39.74 -10.91 46.01
N PHE H 170 39.10 -11.98 45.55
CA PHE H 170 38.81 -13.12 46.41
C PHE H 170 38.74 -14.37 45.57
N PHE H 171 39.02 -15.51 46.20
CA PHE H 171 38.96 -16.79 45.51
C PHE H 171 38.50 -17.86 46.47
N LYS H 172 37.85 -18.88 45.92
CA LYS H 172 37.53 -20.11 46.63
C LYS H 172 37.23 -21.19 45.61
N CYS H 173 37.92 -22.31 45.70
CA CYS H 173 37.69 -23.43 44.81
C CYS H 173 36.68 -24.38 45.45
N ASN H 174 36.55 -25.58 44.89
CA ASN H 174 35.64 -26.58 45.43
C ASN H 174 36.42 -27.59 46.28
N VAL H 175 36.86 -27.10 47.44
CA VAL H 175 37.29 -27.94 48.54
C VAL H 175 36.40 -27.53 49.71
N CYS H 176 36.66 -28.07 50.90
CA CYS H 176 35.82 -27.75 52.07
C CYS H 176 35.91 -26.27 52.42
N ASP H 177 37.09 -25.79 52.80
CA ASP H 177 37.24 -24.42 53.27
C ASP H 177 38.60 -23.88 52.81
N HIS H 178 38.57 -22.96 51.86
CA HIS H 178 39.78 -22.32 51.36
C HIS H 178 39.38 -20.95 50.85
N THR H 179 39.73 -19.92 51.61
CA THR H 179 39.20 -18.56 51.45
C THR H 179 40.34 -17.56 51.27
N MET H 180 41.23 -17.84 50.31
CA MET H 180 42.31 -16.92 50.04
C MET H 180 41.79 -15.62 49.42
N ALA H 181 42.60 -14.57 49.54
CA ALA H 181 42.23 -13.23 49.06
C ALA H 181 43.45 -12.63 48.37
N VAL H 182 43.55 -12.83 47.06
CA VAL H 182 44.66 -12.29 46.30
C VAL H 182 44.45 -10.80 46.05
N GLU H 183 45.54 -10.12 45.73
CA GLU H 183 45.51 -8.72 45.38
C GLU H 183 45.66 -8.56 43.88
N ILE H 184 45.44 -7.34 43.40
CA ILE H 184 45.56 -7.09 41.97
C ILE H 184 46.68 -6.10 41.71
N ASP H 185 46.48 -4.86 42.19
CA ASP H 185 47.46 -3.77 42.18
C ASP H 185 47.99 -3.41 40.78
N ARG H 186 47.29 -3.81 39.73
CA ARG H 186 47.72 -3.64 38.35
C ARG H 186 46.48 -3.55 37.49
N GLY H 187 46.62 -3.79 36.20
CA GLY H 187 45.50 -4.18 35.39
C GLY H 187 45.37 -5.67 35.21
N VAL H 188 46.10 -6.45 35.99
CA VAL H 188 46.28 -7.89 35.79
C VAL H 188 45.87 -8.63 37.05
N ILE H 189 44.94 -9.57 36.90
CA ILE H 189 44.54 -10.47 37.98
C ILE H 189 45.28 -11.78 37.80
N GLN H 190 45.98 -12.22 38.83
CA GLN H 190 46.77 -13.45 38.76
C GLN H 190 46.05 -14.57 39.50
N GLU H 191 46.09 -15.76 38.92
CA GLU H 191 45.35 -16.92 39.36
C GLU H 191 46.29 -18.09 39.57
N PRO H 192 45.91 -19.07 40.40
CA PRO H 192 46.67 -20.32 40.44
C PRO H 192 46.12 -21.34 39.47
N ALA H 193 47.03 -22.15 38.94
CA ALA H 193 46.68 -23.22 38.01
C ALA H 193 46.62 -24.57 38.69
N ARG H 194 46.82 -24.62 40.00
CA ARG H 194 46.72 -25.85 40.78
C ARG H 194 46.35 -25.45 42.20
N CYS H 195 45.63 -26.33 42.88
CA CYS H 195 45.05 -25.97 44.17
C CYS H 195 46.11 -25.98 45.27
N GLU H 196 45.65 -25.70 46.47
CA GLU H 196 46.48 -25.54 47.66
C GLU H 196 45.66 -26.04 48.84
N ARG H 197 46.06 -25.63 50.06
CA ARG H 197 45.30 -25.78 51.31
C ARG H 197 45.29 -27.23 51.80
N ILE H 198 45.82 -28.15 50.99
CA ILE H 198 45.87 -29.57 51.32
C ILE H 198 46.96 -30.18 50.45
N ASP H 199 47.42 -31.37 50.83
CA ASP H 199 48.38 -32.07 50.00
C ASP H 199 47.76 -32.55 48.70
N CYS H 200 46.71 -33.40 48.80
CA CYS H 200 46.06 -33.96 47.63
C CYS H 200 44.95 -33.01 47.18
N ASN H 201 45.36 -31.87 46.64
CA ASN H 201 44.45 -30.90 46.05
C ASN H 201 45.04 -30.52 44.70
N GLU H 202 44.63 -31.24 43.66
CA GLU H 202 45.22 -31.13 42.34
C GLU H 202 44.64 -29.92 41.61
N PRO H 203 45.05 -29.72 40.34
CA PRO H 203 44.47 -28.63 39.54
C PRO H 203 42.99 -28.83 39.28
N ASN H 204 42.16 -27.94 39.82
CA ASN H 204 40.72 -28.14 39.81
C ASN H 204 39.98 -26.82 39.59
N SER H 205 38.67 -26.84 39.83
CA SER H 205 37.79 -25.71 39.54
C SER H 205 38.00 -24.63 40.58
N MET H 206 38.94 -23.74 40.30
CA MET H 206 39.09 -22.52 41.08
C MET H 206 38.02 -21.53 40.64
N SER H 207 37.15 -21.15 41.57
CA SER H 207 36.01 -20.29 41.25
C SER H 207 36.23 -18.88 41.79
N LEU H 208 35.48 -17.94 41.23
CA LEU H 208 35.64 -16.52 41.50
C LEU H 208 34.38 -16.02 42.21
N ILE H 209 34.40 -16.04 43.53
CA ILE H 209 33.31 -15.42 44.28
C ILE H 209 33.51 -13.91 44.18
N HIS H 210 32.63 -13.25 43.43
CA HIS H 210 32.83 -11.85 43.13
C HIS H 210 32.23 -10.92 44.18
N ASN H 211 31.06 -11.24 44.71
CA ASN H 211 30.39 -10.34 45.64
C ASN H 211 30.83 -10.53 47.08
N ARG H 212 32.11 -10.55 47.31
CA ARG H 212 32.61 -10.69 48.66
C ARG H 212 33.73 -9.71 48.97
N CYS H 213 34.61 -9.46 48.01
CA CYS H 213 35.72 -8.53 48.22
C CYS H 213 35.26 -7.10 48.03
N SER H 214 35.81 -6.20 48.84
CA SER H 214 35.30 -4.84 48.90
C SER H 214 35.83 -4.00 47.75
N PHE H 215 35.08 -2.95 47.43
CA PHE H 215 35.44 -1.99 46.39
C PHE H 215 35.29 -0.57 46.91
N ALA H 216 36.04 0.33 46.29
CA ALA H 216 36.00 1.75 46.58
C ALA H 216 35.00 2.43 45.63
N ASP H 217 35.06 3.75 45.54
CA ASP H 217 34.24 4.52 44.62
C ASP H 217 35.04 4.99 43.42
N LYS H 218 34.34 5.43 42.39
CA LYS H 218 34.91 5.98 41.17
C LYS H 218 33.78 6.65 40.38
N GLN H 219 34.09 7.76 39.72
CA GLN H 219 33.06 8.49 38.99
C GLN H 219 33.68 9.28 37.86
N VAL H 220 33.02 9.25 36.70
CA VAL H 220 33.44 9.98 35.51
C VAL H 220 32.45 11.10 35.23
N ILE H 221 32.99 12.30 35.02
CA ILE H 221 32.19 13.50 34.75
C ILE H 221 32.64 14.06 33.41
N LYS H 222 31.69 14.55 32.62
CA LYS H 222 32.01 15.16 31.34
C LYS H 222 32.07 16.68 31.49
N LEU H 223 33.10 17.28 30.88
CA LEU H 223 33.32 18.70 30.95
C LEU H 223 33.36 19.29 29.56
N GLN H 224 32.85 20.51 29.43
CA GLN H 224 33.00 21.32 28.23
C GLN H 224 33.39 22.73 28.68
N GLU H 225 34.45 23.26 28.08
CA GLU H 225 34.97 24.55 28.50
C GLU H 225 33.99 25.68 28.19
N THR H 226 34.01 26.69 29.03
CA THR H 226 33.27 27.92 28.77
C THR H 226 33.86 28.61 27.54
N PRO H 227 33.05 29.28 26.72
CA PRO H 227 33.61 30.11 25.66
C PRO H 227 34.36 31.32 26.19
N ASP H 228 35.59 31.11 26.67
CA ASP H 228 36.39 32.17 27.27
C ASP H 228 37.29 32.77 26.20
N PHE H 229 36.89 33.96 25.71
CA PHE H 229 37.46 34.69 24.56
C PHE H 229 37.85 33.76 23.41
N VAL H 230 36.93 32.87 23.06
CA VAL H 230 37.11 32.00 21.90
C VAL H 230 36.99 32.87 20.66
N PRO H 231 37.71 32.57 19.55
CA PRO H 231 37.74 33.49 18.40
C PRO H 231 36.51 33.39 17.48
N ASP H 232 35.32 33.35 18.09
CA ASP H 232 33.99 33.49 17.49
C ASP H 232 33.67 32.59 16.30
N GLY H 233 34.48 31.58 16.04
CA GLY H 233 34.16 30.61 15.01
C GLY H 233 34.32 29.17 15.48
N GLN H 234 35.10 28.98 16.55
CA GLN H 234 35.49 27.65 16.98
C GLN H 234 34.45 27.07 17.93
N THR H 235 34.06 25.83 17.70
CA THR H 235 33.10 25.18 18.55
C THR H 235 33.75 24.78 19.87
N PRO H 236 33.13 25.09 21.02
CA PRO H 236 33.70 24.67 22.32
C PRO H 236 33.64 23.15 22.51
N HIS H 237 34.79 22.52 22.64
CA HIS H 237 34.89 21.07 22.65
C HIS H 237 34.81 20.53 24.08
N SER H 238 35.12 19.24 24.25
CA SER H 238 34.83 18.56 25.51
C SER H 238 35.99 17.67 25.92
N ILE H 239 36.02 17.36 27.23
CA ILE H 239 36.96 16.42 27.79
C ILE H 239 36.32 15.86 29.06
N SER H 240 36.73 14.66 29.45
CA SER H 240 36.11 13.96 30.56
C SER H 240 36.93 14.11 31.83
N LEU H 241 36.35 13.68 32.94
CA LEU H 241 36.98 13.72 34.24
C LEU H 241 36.97 12.32 34.86
N CYS H 242 37.67 12.19 35.99
CA CYS H 242 37.72 10.94 36.74
C CYS H 242 38.18 11.27 38.14
N VAL H 243 37.62 10.58 39.14
CA VAL H 243 37.88 10.88 40.53
C VAL H 243 37.96 9.56 41.31
N TYR H 244 38.66 9.60 42.43
CA TYR H 244 38.87 8.41 43.25
C TYR H 244 38.51 8.62 44.71
N ASP H 245 38.80 9.79 45.26
CA ASP H 245 38.66 10.01 46.70
C ASP H 245 37.23 10.34 47.08
N GLU H 246 37.05 10.88 48.29
CA GLU H 246 35.73 11.21 48.80
C GLU H 246 35.23 12.55 48.26
N LEU H 247 35.27 12.71 46.95
CA LEU H 247 34.72 13.87 46.26
C LEU H 247 33.60 13.47 45.31
N VAL H 248 33.19 12.21 45.34
CA VAL H 248 32.07 11.76 44.53
C VAL H 248 30.79 12.42 45.03
N ASP H 249 30.01 12.94 44.07
CA ASP H 249 28.71 13.59 44.31
C ASP H 249 28.80 14.78 45.25
N SER H 250 29.96 15.44 45.28
CA SER H 250 30.10 16.72 45.95
C SER H 250 30.21 17.86 44.94
N CYS H 251 30.25 17.54 43.65
CA CYS H 251 30.33 18.53 42.59
C CYS H 251 29.16 18.25 41.64
N ARG H 252 28.07 18.99 41.83
CA ARG H 252 26.91 18.80 40.97
C ARG H 252 27.19 19.33 39.57
N ALA H 253 26.42 18.83 38.62
CA ALA H 253 26.62 19.19 37.22
C ALA H 253 26.06 20.58 36.94
N GLY H 254 26.84 21.38 36.21
CA GLY H 254 26.36 22.68 35.76
C GLY H 254 26.84 23.87 36.55
N ASP H 255 28.13 23.92 36.87
CA ASP H 255 28.68 25.04 37.60
C ASP H 255 30.04 25.40 37.01
N ARG H 256 30.44 26.65 37.22
CA ARG H 256 31.80 27.07 36.88
C ARG H 256 32.78 26.32 37.76
N ILE H 257 33.90 25.90 37.18
CA ILE H 257 34.76 24.93 37.84
C ILE H 257 36.21 25.19 37.51
N GLU H 258 37.08 24.77 38.44
CA GLU H 258 38.52 24.72 38.24
C GLU H 258 39.02 23.42 38.86
N VAL H 259 39.90 22.73 38.15
CA VAL H 259 40.42 21.46 38.63
C VAL H 259 41.94 21.54 38.66
N THR H 260 42.53 20.73 39.53
CA THR H 260 43.97 20.57 39.65
C THR H 260 44.27 19.12 39.28
N GLY H 261 44.41 18.87 37.99
CA GLY H 261 44.45 17.52 37.47
C GLY H 261 45.82 17.12 36.98
N THR H 262 46.12 15.83 37.11
CA THR H 262 47.26 15.24 36.43
C THR H 262 46.82 14.75 35.05
N PHE H 263 47.70 14.06 34.35
CA PHE H 263 47.46 13.67 32.98
C PHE H 263 47.69 12.17 32.84
N ARG H 264 46.90 11.54 31.98
CA ARG H 264 47.03 10.11 31.71
C ARG H 264 46.50 9.84 30.32
N SER H 265 46.65 8.59 29.87
CA SER H 265 46.15 8.16 28.58
C SER H 265 45.94 6.66 28.62
N ILE H 266 44.88 6.20 27.95
CA ILE H 266 44.49 4.80 28.01
C ILE H 266 44.38 4.26 26.59
N PRO H 267 44.54 2.95 26.42
CA PRO H 267 44.25 2.32 25.14
C PRO H 267 42.79 1.88 25.04
N ILE H 268 42.35 1.67 23.80
CA ILE H 268 40.99 1.22 23.52
C ILE H 268 41.05 0.06 22.53
N ARG H 269 40.11 -0.88 22.68
CA ARG H 269 39.97 -1.98 21.74
C ARG H 269 39.06 -1.57 20.60
N ALA H 270 39.53 -1.78 19.36
CA ALA H 270 38.74 -1.41 18.20
C ALA H 270 37.55 -2.34 18.03
N ASN H 271 37.81 -3.63 17.84
CA ASN H 271 36.73 -4.61 17.84
C ASN H 271 36.37 -4.97 19.27
N SER H 272 35.09 -5.22 19.48
CA SER H 272 34.58 -5.41 20.84
C SER H 272 34.91 -6.79 21.40
N ARG H 273 35.40 -7.70 20.57
CA ARG H 273 35.62 -9.08 20.99
C ARG H 273 37.02 -9.60 20.70
N GLN H 274 37.94 -8.75 20.30
CA GLN H 274 39.33 -9.15 20.10
C GLN H 274 40.23 -8.37 21.05
N ARG H 275 41.50 -8.76 21.07
CA ARG H 275 42.51 -8.03 21.80
C ARG H 275 43.20 -6.98 20.94
N VAL H 276 42.68 -6.71 19.75
CA VAL H 276 43.28 -5.71 18.90
C VAL H 276 42.99 -4.32 19.43
N LEU H 277 43.85 -3.36 19.08
CA LEU H 277 43.72 -2.02 19.63
C LEU H 277 43.53 -0.97 18.54
N SER H 279 44.04 2.49 17.38
CA SER H 279 45.32 2.85 17.98
C SER H 279 45.40 4.34 18.27
N LEU H 280 44.49 5.11 17.69
CA LEU H 280 44.32 6.50 18.09
C LEU H 280 43.78 6.54 19.51
N TYR H 281 44.63 6.93 20.47
CA TYR H 281 44.29 6.84 21.88
C TYR H 281 43.23 7.86 22.28
N LYS H 282 42.79 7.74 23.53
CA LYS H 282 41.91 8.72 24.16
C LYS H 282 42.53 9.12 25.47
N THR H 283 42.64 10.42 25.71
CA THR H 283 43.15 10.93 26.96
C THR H 283 42.01 11.24 27.92
N TYR H 284 42.39 11.42 29.18
CA TYR H 284 41.50 11.81 30.26
C TYR H 284 42.36 12.30 31.40
N VAL H 285 41.80 13.18 32.21
CA VAL H 285 42.53 13.74 33.33
C VAL H 285 42.06 13.06 34.61
N ASP H 286 42.91 13.14 35.63
CA ASP H 286 42.61 12.60 36.94
C ASP H 286 42.77 13.73 37.95
N VAL H 287 41.69 14.06 38.64
CA VAL H 287 41.70 15.24 39.50
C VAL H 287 42.26 14.86 40.87
N VAL H 288 43.03 15.77 41.45
CA VAL H 288 43.45 15.66 42.83
C VAL H 288 42.66 16.62 43.72
N HIS H 289 42.34 17.80 43.21
CA HIS H 289 41.56 18.77 43.95
C HIS H 289 40.72 19.57 42.97
N VAL H 290 39.50 19.88 43.39
CA VAL H 290 38.55 20.58 42.55
C VAL H 290 38.15 21.86 43.27
N LYS H 291 37.78 22.88 42.51
CA LYS H 291 37.33 24.14 43.08
C LYS H 291 36.30 24.78 42.16
N LYS H 292 35.25 25.34 42.75
CA LYS H 292 34.21 25.99 41.96
C LYS H 292 34.72 27.30 41.38
N VAL H 293 35.09 28.24 42.24
CA VAL H 293 35.58 29.53 41.78
C VAL H 293 36.69 30.04 42.68
N VAL H 322 20.04 24.25 57.86
CA VAL H 322 20.52 24.69 59.17
C VAL H 322 21.83 25.46 59.03
N ARG H 323 21.73 26.79 59.06
CA ARG H 323 22.93 27.62 59.10
C ARG H 323 23.60 27.51 60.47
N GLN H 324 24.90 27.76 60.50
CA GLN H 324 25.60 27.84 61.78
C GLN H 324 25.16 29.14 62.47
N ILE H 325 24.13 29.05 63.30
CA ILE H 325 23.56 30.24 63.93
C ILE H 325 24.43 30.64 65.11
N THR H 326 24.98 31.85 65.05
CA THR H 326 25.78 32.38 66.14
C THR H 326 24.85 33.13 67.10
N ASP H 327 25.43 33.86 68.04
CA ASP H 327 24.65 34.65 68.99
C ASP H 327 24.89 36.15 68.89
N GLN H 328 25.96 36.58 68.22
CA GLN H 328 26.18 38.01 68.06
C GLN H 328 25.20 38.61 67.06
N ASP H 329 24.75 37.82 66.09
CA ASP H 329 23.73 38.30 65.15
C ASP H 329 22.38 38.45 65.82
N LEU H 330 22.01 37.50 66.68
CA LEU H 330 20.79 37.61 67.46
C LEU H 330 20.85 38.78 68.43
N ALA H 331 22.04 39.05 68.97
CA ALA H 331 22.21 40.24 69.79
C ALA H 331 22.19 41.50 68.94
N LYS H 332 22.64 41.42 67.69
CA LYS H 332 22.66 42.60 66.84
C LYS H 332 21.26 42.96 66.36
N ILE H 333 20.45 41.95 66.00
CA ILE H 333 19.11 42.24 65.54
C ILE H 333 18.19 42.65 66.67
N ARG H 334 18.52 42.30 67.91
CA ARG H 334 17.69 42.70 69.04
C ARG H 334 17.89 44.17 69.37
N GLU H 335 19.06 44.73 69.03
CA GLU H 335 19.20 46.17 68.98
C GLU H 335 18.27 46.77 67.93
N VAL H 336 18.21 46.14 66.75
CA VAL H 336 17.29 46.60 65.71
C VAL H 336 15.86 46.31 66.12
N ALA H 337 15.62 45.19 66.81
CA ALA H 337 14.29 44.90 67.33
C ALA H 337 13.91 45.83 68.47
N ALA H 338 14.88 46.42 69.16
CA ALA H 338 14.57 47.47 70.12
C ALA H 338 14.11 48.73 69.41
N ARG H 339 14.60 48.98 68.20
CA ARG H 339 14.15 50.14 67.44
C ARG H 339 12.74 49.90 66.92
N GLU H 340 11.84 50.83 67.22
CA GLU H 340 10.43 50.70 66.85
C GLU H 340 10.21 50.89 65.35
N ASP H 341 11.12 51.56 64.66
CA ASP H 341 10.96 51.90 63.26
C ASP H 341 11.51 50.82 62.33
N LEU H 342 11.53 49.56 62.77
CA LEU H 342 12.03 48.45 61.95
C LEU H 342 11.19 48.27 60.70
N TYR H 343 9.88 48.54 60.78
CA TYR H 343 9.04 48.57 59.59
C TYR H 343 9.50 49.64 58.62
N SER H 344 9.77 50.84 59.14
CA SER H 344 10.33 51.90 58.31
C SER H 344 11.79 51.62 57.95
N LEU H 345 12.52 50.96 58.85
CA LEU H 345 13.91 50.61 58.52
C LEU H 345 13.97 49.53 57.44
N LEU H 346 13.01 48.60 57.45
CA LEU H 346 12.93 47.66 56.34
C LEU H 346 12.22 48.27 55.13
N ALA H 347 11.54 49.40 55.30
CA ALA H 347 10.99 50.09 54.16
C ALA H 347 12.09 50.74 53.33
N ARG H 348 13.09 51.32 53.98
CA ARG H 348 14.16 52.00 53.27
C ARG H 348 15.25 51.05 52.80
N SER H 349 15.38 49.87 53.40
CA SER H 349 16.48 48.99 53.03
C SER H 349 16.21 48.24 51.75
N ILE H 350 14.94 48.01 51.42
CA ILE H 350 14.59 47.22 50.23
C ILE H 350 14.84 47.97 48.93
N ALA H 351 15.04 49.29 48.99
CA ALA H 351 15.24 50.09 47.79
C ALA H 351 16.62 50.71 47.79
N PRO H 352 17.60 50.11 47.11
CA PRO H 352 18.88 50.78 46.93
C PRO H 352 18.86 51.82 45.83
N SER H 353 17.93 51.71 44.89
CA SER H 353 17.79 52.70 43.81
C SER H 353 16.36 53.06 43.50
N ILE H 354 15.38 52.32 44.00
CA ILE H 354 13.99 52.47 43.58
C ILE H 354 13.42 53.72 44.24
N TYR H 355 12.55 54.43 43.51
CA TYR H 355 11.73 55.49 44.07
C TYR H 355 10.85 54.95 45.21
N GLU H 356 10.39 55.88 46.06
CA GLU H 356 9.98 55.58 47.43
C GLU H 356 8.80 54.61 47.52
N LEU H 357 7.60 55.05 47.14
CA LEU H 357 6.41 54.21 46.86
C LEU H 357 6.10 53.22 48.00
N GLU H 358 5.74 53.80 49.15
CA GLU H 358 5.71 53.05 50.41
C GLU H 358 4.70 51.89 50.39
N ASP H 359 3.66 51.99 49.59
CA ASP H 359 2.56 51.04 49.66
C ASP H 359 2.94 49.67 49.11
N VAL H 360 3.74 49.64 48.04
CA VAL H 360 4.13 48.36 47.46
C VAL H 360 5.15 47.66 48.35
N LYS H 361 5.93 48.42 49.11
CA LYS H 361 6.96 47.84 49.96
C LYS H 361 6.40 47.15 51.19
N LYS H 362 5.11 47.34 51.49
CA LYS H 362 4.52 46.72 52.68
C LYS H 362 4.42 45.22 52.53
N GLY H 363 3.67 44.76 51.53
CA GLY H 363 3.39 43.35 51.41
C GLY H 363 4.54 42.49 50.94
N ILE H 364 5.55 43.11 50.31
CA ILE H 364 6.64 42.34 49.72
C ILE H 364 7.50 41.70 50.80
N LEU H 365 7.92 42.49 51.79
CA LEU H 365 8.59 41.93 52.94
C LEU H 365 7.63 41.09 53.78
N LEU H 366 6.34 41.45 53.76
CA LEU H 366 5.35 40.67 54.50
C LEU H 366 5.15 39.30 53.86
N GLN H 367 5.14 39.23 52.53
CA GLN H 367 5.08 37.93 51.88
C GLN H 367 6.38 37.16 52.06
N LEU H 368 7.51 37.87 52.09
CA LEU H 368 8.78 37.23 52.41
C LEU H 368 8.79 36.73 53.84
N PHE H 369 8.13 37.44 54.74
CA PHE H 369 7.88 36.96 56.10
C PHE H 369 6.63 36.08 56.08
N GLY H 370 6.75 34.94 55.40
CA GLY H 370 5.60 34.20 54.92
C GLY H 370 4.85 33.33 55.91
N GLY H 371 4.62 33.83 57.12
CA GLY H 371 3.81 33.15 58.13
C GLY H 371 4.43 31.84 58.57
N THR H 372 3.56 30.90 58.95
CA THR H 372 3.97 29.54 59.25
C THR H 372 2.81 28.61 58.91
N ASN H 373 3.01 27.32 59.16
CA ASN H 373 2.00 26.31 58.88
C ASN H 373 1.25 26.01 60.17
N LYS H 374 0.28 26.88 60.48
CA LYS H 374 -0.58 26.71 61.64
C LYS H 374 -1.59 25.61 61.32
N THR H 375 -1.16 24.37 61.56
CA THR H 375 -1.89 23.19 61.14
C THR H 375 -2.48 22.50 62.35
N PHE H 376 -3.76 22.17 62.29
CA PHE H 376 -4.41 21.43 63.35
C PHE H 376 -4.22 19.93 63.15
N THR H 377 -4.49 19.17 64.21
CA THR H 377 -4.42 17.72 64.11
C THR H 377 -5.58 17.18 63.27
N LYS H 378 -6.81 17.54 63.64
CA LYS H 378 -7.99 17.15 62.88
C LYS H 378 -8.72 18.41 62.44
N GLY H 379 -9.10 18.45 61.16
CA GLY H 379 -9.82 19.58 60.62
C GLY H 379 -8.93 20.75 60.27
N GLY H 380 -9.31 21.52 59.26
CA GLY H 380 -8.56 22.72 58.92
C GLY H 380 -7.48 22.51 57.89
N ARG H 381 -6.25 22.29 58.38
CA ARG H 381 -5.02 22.27 57.57
C ARG H 381 -4.84 23.56 56.78
N TYR H 382 -5.11 24.68 57.45
CA TYR H 382 -4.87 25.99 56.88
C TYR H 382 -3.41 26.36 57.03
N ARG H 383 -2.93 27.15 56.08
CA ARG H 383 -1.59 27.70 56.13
C ARG H 383 -1.68 29.20 55.93
N GLY H 384 -0.84 29.94 56.66
CA GLY H 384 -0.90 31.38 56.67
C GLY H 384 -0.35 32.09 55.46
N ASP H 385 0.02 31.36 54.41
CA ASP H 385 0.58 31.98 53.23
C ASP H 385 -0.50 32.71 52.45
N ILE H 386 -0.15 33.90 51.95
CA ILE H 386 -1.07 34.74 51.21
C ILE H 386 -0.47 35.01 49.83
N ASN H 387 -1.15 35.83 49.03
CA ASN H 387 -0.70 36.06 47.66
C ASN H 387 -1.00 37.49 47.24
N ILE H 388 0.05 38.26 47.02
CA ILE H 388 -0.08 39.62 46.53
C ILE H 388 0.08 39.61 45.01
N LEU H 389 -0.37 40.69 44.36
CA LEU H 389 -0.08 40.88 42.95
C LEU H 389 0.10 42.36 42.68
N LEU H 390 0.54 42.64 41.46
CA LEU H 390 0.66 44.02 41.00
C LEU H 390 0.52 44.04 39.49
N CYS H 391 0.01 45.17 38.98
CA CYS H 391 -0.11 45.43 37.56
C CYS H 391 -0.25 46.93 37.38
N GLY H 392 -0.06 47.39 36.16
CA GLY H 392 -0.16 48.81 35.89
C GLY H 392 0.80 49.36 34.86
N ASP H 393 1.58 50.35 35.25
CA ASP H 393 2.44 51.07 34.32
C ASP H 393 3.59 50.18 33.85
N PRO H 394 3.86 50.14 32.55
CA PRO H 394 4.87 49.21 32.04
C PRO H 394 6.29 49.67 32.36
N SER H 395 7.10 48.70 32.79
CA SER H 395 8.53 48.87 33.08
C SER H 395 8.77 49.94 34.14
N THR H 396 8.32 49.65 35.35
CA THR H 396 8.59 50.51 36.50
C THR H 396 9.41 49.71 37.49
N SER H 397 10.46 49.08 36.98
CA SER H 397 11.24 48.03 37.67
C SER H 397 10.33 46.92 38.14
N LYS H 398 9.38 46.56 37.28
CA LYS H 398 8.50 45.42 37.56
C LYS H 398 9.29 44.12 37.61
N SER H 399 10.33 44.02 36.79
CA SER H 399 11.17 42.83 36.75
C SER H 399 12.32 42.92 37.74
N GLN H 400 12.92 44.11 37.90
CA GLN H 400 14.10 44.24 38.76
C GLN H 400 13.75 44.09 40.22
N ILE H 401 12.53 44.49 40.63
CA ILE H 401 12.04 44.19 41.96
C ILE H 401 11.92 42.68 42.13
N LEU H 402 11.38 42.00 41.11
CA LEU H 402 11.30 40.55 41.13
C LEU H 402 12.70 39.93 41.08
N GLN H 403 13.63 40.59 40.41
CA GLN H 403 15.03 40.17 40.48
C GLN H 403 15.58 40.44 41.88
N TYR H 404 15.13 41.52 42.51
CA TYR H 404 15.63 41.87 43.84
C TYR H 404 15.10 40.89 44.88
N VAL H 405 13.88 40.40 44.69
CA VAL H 405 13.34 39.35 45.55
C VAL H 405 14.08 38.04 45.31
N HIS H 406 14.54 37.80 44.08
CA HIS H 406 15.34 36.62 43.79
C HIS H 406 16.69 36.68 44.48
N LYS H 407 17.19 37.88 44.78
CA LYS H 407 18.42 38.00 45.54
C LYS H 407 18.23 37.56 46.98
N ILE H 408 17.12 37.98 47.60
CA ILE H 408 16.98 37.87 49.04
C ILE H 408 16.61 36.46 49.50
N THR H 409 16.21 35.59 48.57
CA THR H 409 15.90 34.21 48.92
C THR H 409 16.87 33.28 48.20
N PRO H 410 17.58 32.41 48.93
CA PRO H 410 18.57 31.55 48.26
C PRO H 410 17.95 30.42 47.46
N ARG H 411 16.88 29.80 47.97
CA ARG H 411 16.25 28.66 47.31
C ARG H 411 14.88 29.11 46.82
N GLY H 412 14.82 29.48 45.54
CA GLY H 412 13.58 29.92 44.92
C GLY H 412 13.46 29.47 43.48
N VAL H 413 12.61 30.14 42.71
CA VAL H 413 12.40 29.84 41.30
C VAL H 413 12.70 31.07 40.47
N TYR H 414 12.52 30.96 39.15
CA TYR H 414 12.49 32.12 38.25
C TYR H 414 11.74 31.71 37.00
N THR H 415 10.63 32.40 36.71
CA THR H 415 9.85 32.02 35.53
C THR H 415 10.55 32.47 34.25
N SER H 416 10.07 31.94 33.14
CA SER H 416 10.66 32.20 31.83
C SER H 416 9.57 32.54 30.83
N GLY H 417 10.02 32.95 29.65
CA GLY H 417 9.11 33.09 28.54
C GLY H 417 9.02 31.78 27.79
N LYS H 418 7.98 31.00 28.13
CA LYS H 418 7.73 29.65 27.61
C LYS H 418 8.95 28.73 27.80
N GLY H 419 9.60 28.86 28.95
CA GLY H 419 10.58 27.88 29.37
C GLY H 419 9.85 26.70 29.99
N SER H 420 8.78 26.99 30.70
CA SER H 420 7.83 25.99 31.16
C SER H 420 6.50 26.24 30.47
N SER H 421 5.66 25.22 30.45
CA SER H 421 4.39 25.26 29.72
C SER H 421 3.38 24.43 30.50
N ALA H 422 2.28 24.04 29.83
CA ALA H 422 1.29 23.16 30.46
C ALA H 422 1.87 21.77 30.69
N VAL H 423 2.32 21.11 29.63
CA VAL H 423 2.94 19.80 29.76
C VAL H 423 4.44 19.93 30.05
N GLY H 424 5.02 21.09 29.75
CA GLY H 424 6.42 21.31 30.03
C GLY H 424 6.77 21.63 31.46
N LEU H 425 5.77 21.77 32.34
CA LEU H 425 6.07 22.09 33.74
C LEU H 425 6.45 20.83 34.51
N THR H 426 5.55 19.86 34.56
CA THR H 426 5.80 18.61 35.25
C THR H 426 5.29 17.52 34.30
N ALA H 427 5.14 16.28 34.77
CA ALA H 427 4.50 15.16 34.06
C ALA H 427 5.24 14.84 32.75
N TYR H 428 6.45 14.34 32.93
CA TYR H 428 7.36 14.14 31.82
C TYR H 428 7.41 12.67 31.41
N ILE H 429 7.86 12.44 30.17
CA ILE H 429 7.91 11.12 29.55
C ILE H 429 9.28 10.99 28.91
N THR H 430 10.09 12.05 29.05
CA THR H 430 11.12 12.40 28.08
C THR H 430 12.18 11.32 27.90
N ARG H 431 12.56 11.13 26.64
CA ARG H 431 13.48 10.07 26.22
C ARG H 431 14.91 10.61 26.32
N ASP H 432 15.47 10.49 27.52
CA ASP H 432 16.77 11.08 27.82
C ASP H 432 17.89 10.33 27.10
N VAL H 433 18.99 11.05 26.87
CA VAL H 433 20.07 10.54 26.02
C VAL H 433 20.96 9.52 26.71
N ASP H 434 20.77 9.28 28.01
CA ASP H 434 21.60 8.32 28.73
C ASP H 434 20.98 6.94 28.81
N THR H 435 19.66 6.82 29.04
CA THR H 435 19.03 5.52 29.18
C THR H 435 17.74 5.34 28.39
N LYS H 436 17.19 6.42 27.80
CA LYS H 436 15.93 6.40 27.02
C LYS H 436 14.77 5.86 27.83
N GLN H 437 14.70 6.25 29.11
CA GLN H 437 13.64 5.77 29.98
C GLN H 437 12.88 6.92 30.63
N LEU H 438 12.04 6.59 31.60
CA LEU H 438 11.15 7.56 32.21
C LEU H 438 11.87 8.37 33.29
N VAL H 439 11.51 9.63 33.41
CA VAL H 439 12.00 10.51 34.46
C VAL H 439 10.90 11.52 34.81
N LEU H 440 10.64 11.68 36.10
CA LEU H 440 9.60 12.57 36.58
C LEU H 440 10.28 13.70 37.32
N GLU H 441 10.55 14.80 36.62
CA GLU H 441 11.13 15.97 37.26
C GLU H 441 10.01 16.91 37.68
N SER H 442 10.20 17.52 38.84
CA SER H 442 9.15 18.35 39.42
C SER H 442 9.08 19.69 38.71
N GLY H 443 7.89 20.28 38.73
CA GLY H 443 7.73 21.63 38.22
C GLY H 443 8.25 22.66 39.19
N ALA H 444 8.26 23.91 38.73
CA ALA H 444 8.78 25.01 39.53
C ALA H 444 7.93 25.28 40.77
N LEU H 445 6.63 25.02 40.68
CA LEU H 445 5.75 25.27 41.81
C LEU H 445 6.00 24.29 42.95
N VAL H 446 6.39 23.05 42.60
CA VAL H 446 6.82 22.12 43.64
C VAL H 446 8.26 22.44 44.03
N LEU H 447 9.06 22.97 43.10
CA LEU H 447 10.47 23.25 43.34
C LEU H 447 10.71 24.39 44.34
N SER H 448 9.68 25.14 44.71
CA SER H 448 9.83 26.26 45.64
C SER H 448 9.48 25.85 47.06
N ASP H 449 9.82 24.62 47.44
CA ASP H 449 9.61 24.11 48.79
C ASP H 449 10.60 24.78 49.75
N GLY H 450 10.25 26.00 50.15
CA GLY H 450 11.15 26.80 50.96
C GLY H 450 11.53 28.10 50.28
N GLY H 451 10.64 28.61 49.44
CA GLY H 451 10.89 29.86 48.75
C GLY H 451 9.62 30.62 48.40
N VAL H 452 9.69 31.46 47.38
CA VAL H 452 8.55 32.24 46.92
C VAL H 452 8.49 32.13 45.40
N CYS H 453 7.34 31.68 44.89
CA CYS H 453 7.16 31.51 43.45
C CYS H 453 7.02 32.87 42.78
N CYS H 454 8.04 33.27 42.04
CA CYS H 454 8.00 34.50 41.26
C CYS H 454 7.65 34.15 39.82
N ILE H 455 6.51 34.67 39.35
CA ILE H 455 5.94 34.27 38.07
C ILE H 455 5.29 35.48 37.42
N ASP H 456 5.29 35.49 36.09
CA ASP H 456 4.96 36.67 35.30
C ASP H 456 4.02 36.28 34.17
N GLU H 457 3.88 37.19 33.21
CA GLU H 457 3.13 37.08 31.94
C GLU H 457 1.74 36.45 32.13
N PHE H 458 1.01 36.97 33.11
CA PHE H 458 -0.30 36.43 33.44
C PHE H 458 -1.42 37.11 32.68
N ASP H 459 -1.13 37.66 31.51
CA ASP H 459 -2.15 38.00 30.53
C ASP H 459 -1.83 37.42 29.17
N LYS H 460 -0.64 36.84 28.98
CA LYS H 460 -0.27 36.16 27.74
C LYS H 460 -0.04 34.68 27.97
N MET H 461 -0.30 34.18 29.17
CA MET H 461 -0.21 32.76 29.44
C MET H 461 -1.35 32.02 28.77
N SER H 462 -1.04 30.85 28.22
CA SER H 462 -2.03 30.08 27.48
C SER H 462 -3.09 29.50 28.41
N ASP H 463 -4.27 29.27 27.87
CA ASP H 463 -5.39 28.76 28.65
C ASP H 463 -5.46 27.25 28.68
N SER H 464 -4.50 26.56 28.08
CA SER H 464 -4.30 25.15 28.39
C SER H 464 -3.73 24.99 29.78
N THR H 465 -2.73 25.81 30.11
CA THR H 465 -2.33 26.05 31.49
C THR H 465 -3.16 27.21 32.03
N ARG H 466 -2.73 27.82 33.14
CA ARG H 466 -3.53 28.75 33.95
C ARG H 466 -4.82 28.07 34.40
N SER H 467 -4.70 26.76 34.65
CA SER H 467 -5.79 25.93 35.11
C SER H 467 -5.39 24.99 36.23
N VAL H 468 -4.10 24.81 36.47
CA VAL H 468 -3.63 23.94 37.55
C VAL H 468 -3.11 24.76 38.74
N LEU H 469 -2.89 26.05 38.56
CA LEU H 469 -2.47 26.88 39.68
C LEU H 469 -3.61 27.14 40.66
N HIS H 470 -4.85 26.94 40.22
CA HIS H 470 -5.98 27.01 41.13
C HIS H 470 -5.94 25.88 42.15
N GLU H 471 -5.39 24.74 41.75
CA GLU H 471 -5.30 23.60 42.67
C GLU H 471 -4.21 23.85 43.71
N VAL H 472 -3.06 24.37 43.28
CA VAL H 472 -2.03 24.74 44.24
C VAL H 472 -2.43 25.99 45.01
N MET H 473 -3.39 26.77 44.49
CA MET H 473 -4.01 27.80 45.31
C MET H 473 -4.90 27.20 46.37
N GLU H 474 -5.48 26.02 46.12
CA GLU H 474 -6.53 25.51 46.98
C GLU H 474 -6.11 24.25 47.75
N GLN H 475 -5.71 23.19 47.07
CA GLN H 475 -5.29 21.98 47.76
C GLN H 475 -3.78 21.87 47.93
N GLN H 476 -3.04 22.91 47.52
CA GLN H 476 -1.58 23.03 47.70
C GLN H 476 -0.82 21.88 47.03
N THR H 477 -1.38 21.29 45.98
CA THR H 477 -0.82 20.07 45.40
C THR H 477 -0.85 20.17 43.89
N ILE H 478 -0.26 19.15 43.26
CA ILE H 478 -0.35 18.94 41.82
C ILE H 478 -0.82 17.51 41.60
N SER H 479 -1.95 17.35 40.93
CA SER H 479 -2.43 16.04 40.54
C SER H 479 -1.89 15.72 39.16
N ILE H 480 -1.21 14.59 39.04
CA ILE H 480 -0.56 14.20 37.79
C ILE H 480 -1.36 13.07 37.16
N ALA H 481 -1.84 13.29 35.95
CA ALA H 481 -2.49 12.24 35.17
C ALA H 481 -1.63 11.98 33.93
N LYS H 482 -0.64 11.10 34.12
CA LYS H 482 0.32 10.76 33.09
C LYS H 482 0.33 9.24 32.93
N ALA H 483 0.83 8.78 31.78
CA ALA H 483 0.90 7.36 31.47
C ALA H 483 1.78 6.57 32.42
N GLY H 484 2.69 7.23 33.12
CA GLY H 484 3.51 6.54 34.10
C GLY H 484 2.74 6.11 35.32
N ILE H 485 2.31 7.07 36.14
CA ILE H 485 1.80 6.76 37.47
C ILE H 485 0.96 7.93 37.96
N ILE H 486 0.14 7.68 38.99
CA ILE H 486 -0.64 8.70 39.67
C ILE H 486 0.03 9.06 40.98
N THR H 487 -0.09 10.32 41.39
CA THR H 487 0.53 10.82 42.62
C THR H 487 -0.12 12.12 43.02
N THR H 488 -0.60 12.20 44.26
CA THR H 488 -1.09 13.45 44.83
C THR H 488 -0.01 14.12 45.69
N LEU H 489 1.10 14.51 45.06
CA LEU H 489 2.18 15.13 45.80
C LEU H 489 1.84 16.58 46.10
N ASN H 490 2.19 17.02 47.31
CA ASN H 490 1.87 18.37 47.74
C ASN H 490 2.88 19.37 47.20
N ALA H 491 2.67 20.65 47.51
CA ALA H 491 3.59 21.69 47.10
C ALA H 491 3.50 22.82 48.12
N ARG H 492 4.45 22.85 49.05
CA ARG H 492 4.55 23.95 50.01
C ARG H 492 5.04 25.20 49.28
N SER H 493 4.10 26.08 48.92
CA SER H 493 4.37 27.12 47.94
C SER H 493 3.87 28.47 48.43
N SER H 494 4.28 29.51 47.71
CA SER H 494 3.95 30.89 48.03
C SER H 494 4.19 31.74 46.79
N ILE H 495 3.17 32.49 46.36
CA ILE H 495 3.14 33.06 45.03
C ILE H 495 2.95 34.57 45.07
N LEU H 496 3.45 35.24 44.03
CA LEU H 496 3.11 36.61 43.71
C LEU H 496 2.97 36.71 42.19
N ALA H 497 2.18 37.68 41.73
CA ALA H 497 1.84 37.79 40.32
C ALA H 497 2.17 39.17 39.78
N SER H 498 2.87 39.21 38.64
CA SER H 498 3.27 40.45 38.00
C SER H 498 2.61 40.50 36.62
N ALA H 499 1.42 41.08 36.56
CA ALA H 499 0.65 41.10 35.33
C ALA H 499 1.12 42.24 34.43
N ASN H 500 0.37 42.51 33.37
CA ASN H 500 0.69 43.53 32.39
C ASN H 500 -0.59 44.08 31.83
N PRO H 501 -0.63 45.35 31.44
CA PRO H 501 -1.81 45.88 30.76
C PRO H 501 -1.90 45.38 29.32
N ILE H 502 -2.99 45.73 28.67
CA ILE H 502 -3.31 45.24 27.33
C ILE H 502 -3.29 46.36 26.30
N GLY H 503 -4.18 47.35 26.46
CA GLY H 503 -4.19 48.45 25.50
C GLY H 503 -3.04 49.41 25.62
N SER H 504 -3.08 50.27 26.63
CA SER H 504 -1.93 51.13 26.93
C SER H 504 -1.67 51.34 28.42
N ARG H 505 -2.66 51.19 29.28
CA ARG H 505 -2.62 51.78 30.61
C ARG H 505 -3.57 51.00 31.51
N TYR H 506 -3.88 51.57 32.68
CA TYR H 506 -4.87 51.00 33.56
C TYR H 506 -6.23 51.67 33.43
N ASN H 507 -6.48 52.37 32.31
CA ASN H 507 -7.68 52.99 31.77
C ASN H 507 -8.65 53.55 32.81
N PRO H 508 -8.30 54.65 33.49
CA PRO H 508 -9.14 55.17 34.56
C PRO H 508 -10.46 55.73 34.04
N ASN H 509 -11.37 55.96 35.01
CA ASN H 509 -12.79 56.24 34.78
C ASN H 509 -13.42 55.12 33.94
N LEU H 510 -13.01 53.90 34.22
CA LEU H 510 -13.59 52.68 33.69
C LEU H 510 -13.54 51.64 34.80
N PRO H 511 -14.31 50.56 34.67
CA PRO H 511 -13.97 49.37 35.47
C PRO H 511 -12.61 48.85 35.05
N VAL H 512 -11.70 48.75 36.04
CA VAL H 512 -10.35 48.32 35.73
C VAL H 512 -10.25 46.81 35.54
N THR H 513 -11.29 46.07 35.95
CA THR H 513 -11.23 44.61 35.88
C THR H 513 -11.39 44.11 34.45
N GLU H 514 -12.16 44.82 33.62
CA GLU H 514 -12.42 44.33 32.26
C GLU H 514 -11.22 44.50 31.35
N ASN H 515 -10.24 45.32 31.73
CA ASN H 515 -8.98 45.35 30.99
C ASN H 515 -8.28 44.01 31.08
N ILE H 516 -7.92 43.60 32.29
CA ILE H 516 -7.25 42.33 32.53
C ILE H 516 -8.26 41.20 32.38
N ASP H 517 -8.24 40.53 31.22
CA ASP H 517 -9.14 39.41 30.99
C ASP H 517 -8.73 38.23 31.86
N LEU H 518 -9.65 37.81 32.74
CA LEU H 518 -9.27 36.95 33.84
C LEU H 518 -10.48 36.27 34.43
N PRO H 519 -10.40 35.01 34.82
CA PRO H 519 -11.51 34.34 35.51
C PRO H 519 -11.82 35.00 36.84
N PRO H 520 -13.07 35.39 37.05
CA PRO H 520 -13.47 36.04 38.32
C PRO H 520 -13.38 35.16 39.55
N PRO H 521 -13.40 33.81 39.45
CA PRO H 521 -12.95 33.02 40.61
C PRO H 521 -11.55 33.36 41.14
N LEU H 522 -10.56 33.56 40.27
CA LEU H 522 -9.22 33.72 40.80
C LEU H 522 -8.96 35.12 41.32
N LEU H 523 -9.86 36.07 41.04
CA LEU H 523 -9.84 37.34 41.77
C LEU H 523 -10.07 37.10 43.25
N SER H 524 -10.96 36.17 43.60
CA SER H 524 -11.15 35.77 44.99
C SER H 524 -10.00 34.95 45.53
N ARG H 525 -9.09 34.49 44.67
CA ARG H 525 -7.90 33.79 45.11
C ARG H 525 -6.71 34.73 45.27
N PHE H 526 -6.99 36.00 45.57
CA PHE H 526 -6.00 36.97 46.03
C PHE H 526 -6.67 37.82 47.07
N ASP H 527 -6.00 38.02 48.22
CA ASP H 527 -6.63 38.72 49.32
C ASP H 527 -6.75 40.21 49.03
N LEU H 528 -5.62 40.87 48.80
CA LEU H 528 -5.61 42.29 48.51
C LEU H 528 -4.74 42.55 47.29
N VAL H 529 -5.24 43.38 46.39
CA VAL H 529 -4.51 43.77 45.20
C VAL H 529 -4.26 45.26 45.28
N TYR H 530 -3.28 45.71 44.50
CA TYR H 530 -3.11 47.14 44.30
C TYR H 530 -2.42 47.41 42.97
N LEU H 531 -2.83 48.51 42.36
CA LEU H 531 -2.32 48.99 41.09
C LEU H 531 -1.15 49.94 41.39
N VAL H 532 -0.67 50.64 40.37
CA VAL H 532 0.13 51.82 40.56
C VAL H 532 -0.61 53.00 39.95
N LEU H 533 -0.16 54.20 40.26
CA LEU H 533 -0.80 55.42 39.80
C LEU H 533 0.07 56.11 38.75
N ASP H 534 -0.57 56.96 37.95
CA ASP H 534 0.15 57.74 36.95
C ASP H 534 -0.65 59.00 36.64
N LYS H 535 0.09 60.07 36.36
CA LYS H 535 -0.46 61.38 36.08
C LYS H 535 0.66 62.19 35.41
N VAL H 536 0.33 63.40 34.95
CA VAL H 536 1.36 64.36 34.55
C VAL H 536 2.27 64.67 35.73
N ASP H 537 1.66 65.13 36.84
CA ASP H 537 2.24 65.11 38.19
C ASP H 537 3.54 65.91 38.27
N GLU H 538 3.40 67.23 38.06
CA GLU H 538 4.57 68.07 37.88
C GLU H 538 5.36 68.32 39.16
N LYS H 539 4.80 68.00 40.32
CA LYS H 539 5.57 68.12 41.55
C LYS H 539 6.31 66.84 41.91
N ASN H 540 5.98 65.71 41.28
CA ASN H 540 6.56 64.42 41.62
C ASN H 540 7.43 63.83 40.52
N ASP H 541 7.02 63.94 39.26
CA ASP H 541 7.88 63.46 38.18
C ASP H 541 9.10 64.36 38.01
N ARG H 542 8.96 65.64 38.32
CA ARG H 542 10.13 66.50 38.46
C ARG H 542 11.02 66.00 39.59
N GLU H 543 10.41 65.60 40.71
CA GLU H 543 11.19 65.04 41.82
C GLU H 543 11.75 63.67 41.46
N LEU H 544 10.99 62.88 40.70
CA LEU H 544 11.49 61.57 40.28
C LEU H 544 12.62 61.71 39.27
N ALA H 545 12.64 62.81 38.52
CA ALA H 545 13.79 63.08 37.67
C ALA H 545 15.02 63.42 38.49
N LYS H 546 14.83 64.01 39.68
CA LYS H 546 15.96 64.33 40.54
C LYS H 546 16.60 63.07 41.12
N HIS H 547 15.84 61.99 41.21
CA HIS H 547 16.41 60.72 41.64
C HIS H 547 17.36 60.17 40.59
N LEU H 548 16.90 60.13 39.34
CA LEU H 548 17.73 59.67 38.24
C LEU H 548 18.76 60.71 37.80
N THR H 549 18.58 61.97 38.23
CA THR H 549 19.69 62.92 38.19
C THR H 549 20.86 62.40 39.00
N ASN H 550 20.58 61.90 40.20
CA ASN H 550 21.57 61.21 41.01
C ASN H 550 21.67 59.75 40.60
N LEU H 551 22.31 58.94 41.45
CA LEU H 551 22.55 57.50 41.29
C LEU H 551 23.26 57.13 39.98
N TYR H 552 23.92 58.08 39.37
CA TYR H 552 24.74 57.79 38.20
C TYR H 552 26.14 58.36 38.33
N LEU H 553 26.29 59.52 38.96
CA LEU H 553 27.57 60.21 39.01
C LEU H 553 28.52 59.53 40.00
N GLU H 554 29.75 60.03 40.01
CA GLU H 554 30.89 59.49 40.78
C GLU H 554 31.14 58.01 40.52
N VAL H 565 21.57 50.60 59.28
CA VAL H 565 22.19 49.44 58.64
C VAL H 565 21.34 48.99 57.46
N LEU H 566 21.97 48.89 56.29
CA LEU H 566 21.33 48.44 55.06
C LEU H 566 22.10 47.23 54.54
N PRO H 567 21.93 46.07 55.15
CA PRO H 567 22.73 44.90 54.78
C PRO H 567 22.13 44.20 53.58
N VAL H 568 22.72 43.06 53.22
CA VAL H 568 22.28 42.27 52.09
C VAL H 568 21.93 40.83 52.50
N GLU H 569 22.75 40.19 53.35
CA GLU H 569 22.39 38.88 53.88
C GLU H 569 22.15 38.88 55.38
N PHE H 570 22.55 39.94 56.10
CA PHE H 570 22.40 39.96 57.55
C PHE H 570 20.93 40.07 57.95
N LEU H 571 20.10 40.71 57.13
CA LEU H 571 18.67 40.67 57.36
C LEU H 571 18.05 39.36 56.94
N THR H 572 18.70 38.61 56.05
CA THR H 572 18.13 37.35 55.59
C THR H 572 18.23 36.26 56.64
N MET H 573 19.34 36.23 57.38
CA MET H 573 19.42 35.34 58.52
C MET H 573 18.55 35.81 59.67
N TYR H 574 18.18 37.10 59.68
CA TYR H 574 17.31 37.62 60.72
C TYR H 574 15.87 37.13 60.54
N ILE H 575 15.42 36.96 59.31
CA ILE H 575 14.07 36.45 59.08
C ILE H 575 14.05 34.93 59.00
N SER H 576 15.07 34.31 58.40
CA SER H 576 15.07 32.86 58.27
C SER H 576 15.39 32.14 59.56
N TYR H 577 15.78 32.87 60.61
CA TYR H 577 15.69 32.32 61.95
C TYR H 577 14.26 32.39 62.49
N ALA H 578 13.61 33.53 62.27
CA ALA H 578 12.35 33.82 62.95
C ALA H 578 11.15 33.11 62.33
N LYS H 579 11.23 32.72 61.07
CA LYS H 579 10.05 32.20 60.38
C LYS H 579 9.75 30.74 60.72
N GLU H 580 10.48 30.14 61.65
CA GLU H 580 10.18 28.79 62.09
C GLU H 580 10.27 28.61 63.60
N HIS H 581 10.87 29.54 64.33
CA HIS H 581 11.03 29.41 65.77
C HIS H 581 9.79 29.92 66.51
N ILE H 582 9.38 31.13 66.21
CA ILE H 582 8.27 31.77 66.93
C ILE H 582 6.98 31.47 66.18
N HIS H 583 6.01 30.92 66.91
CA HIS H 583 4.67 30.67 66.39
C HIS H 583 3.70 31.35 67.36
N PRO H 584 3.34 32.60 67.12
CA PRO H 584 2.66 33.39 68.16
C PRO H 584 1.17 33.11 68.26
N ILE H 585 0.66 33.33 69.47
CA ILE H 585 -0.74 33.11 69.79
C ILE H 585 -1.48 34.44 69.71
N ILE H 586 -2.80 34.38 69.62
CA ILE H 586 -3.64 35.56 69.51
C ILE H 586 -4.43 35.70 70.82
N THR H 587 -4.52 36.92 71.33
CA THR H 587 -5.30 37.24 72.50
C THR H 587 -6.66 37.79 72.09
N GLU H 588 -7.51 38.04 73.09
CA GLU H 588 -8.83 38.60 72.84
C GLU H 588 -8.75 40.06 72.41
N ALA H 589 -7.64 40.75 72.72
CA ALA H 589 -7.48 42.17 72.46
C ALA H 589 -7.48 42.53 70.98
N ALA H 590 -7.32 41.57 70.08
CA ALA H 590 -7.43 41.81 68.66
C ALA H 590 -8.83 41.55 68.12
N LYS H 591 -9.55 40.59 68.69
CA LYS H 591 -10.81 40.14 68.10
C LYS H 591 -11.93 41.14 68.34
N THR H 592 -11.80 42.00 69.36
CA THR H 592 -12.81 43.01 69.60
C THR H 592 -12.79 44.08 68.53
N GLU H 593 -11.60 44.56 68.16
CA GLU H 593 -11.49 45.49 67.05
C GLU H 593 -11.72 44.80 65.71
N LEU H 594 -11.46 43.50 65.65
CA LEU H 594 -11.59 42.76 64.41
C LEU H 594 -13.04 42.65 63.98
N VAL H 595 -13.95 42.36 64.92
CA VAL H 595 -15.35 42.32 64.58
C VAL H 595 -15.91 43.72 64.36
N ARG H 596 -15.25 44.75 64.88
CA ARG H 596 -15.68 46.11 64.63
C ARG H 596 -15.42 46.53 63.19
N ALA H 597 -14.42 45.95 62.55
CA ALA H 597 -14.16 46.26 61.15
C ALA H 597 -15.25 45.68 60.25
N TYR H 598 -15.63 44.43 60.49
CA TYR H 598 -16.59 43.77 59.62
C TYR H 598 -18.00 44.33 59.80
N VAL H 599 -18.36 44.73 61.02
CA VAL H 599 -19.66 45.35 61.22
C VAL H 599 -19.72 46.74 60.58
N GLY H 600 -18.56 47.35 60.32
CA GLY H 600 -18.51 48.55 59.53
C GLY H 600 -18.31 48.24 58.06
N MET H 601 -17.84 47.03 57.77
CA MET H 601 -17.59 46.65 56.38
C MET H 601 -18.90 46.45 55.63
N ARG H 602 -19.87 45.79 56.25
CA ARG H 602 -21.14 45.52 55.60
C ARG H 602 -22.06 46.73 55.52
N LYS H 603 -21.65 47.87 56.04
CA LYS H 603 -22.45 49.08 55.95
C LYS H 603 -22.32 49.72 54.57
N ALA H 617 -16.57 41.75 49.31
CA ALA H 617 -16.93 40.37 49.59
C ALA H 617 -17.23 40.17 51.07
N THR H 618 -17.56 38.94 51.46
CA THR H 618 -18.04 38.66 52.80
C THR H 618 -16.94 38.21 53.75
N THR H 619 -16.33 37.06 53.47
CA THR H 619 -15.43 36.41 54.42
C THR H 619 -14.04 36.18 53.90
N ARG H 620 -13.86 36.02 52.59
CA ARG H 620 -12.55 35.73 52.02
C ARG H 620 -11.60 36.89 52.23
N GLN H 621 -12.06 38.11 51.98
CA GLN H 621 -11.30 39.29 52.34
C GLN H 621 -11.14 39.41 53.85
N LEU H 622 -12.14 38.98 54.61
CA LEU H 622 -12.12 39.13 56.05
C LEU H 622 -11.34 38.04 56.75
N GLU H 623 -10.97 36.98 56.04
CA GLU H 623 -10.21 35.91 56.67
C GLU H 623 -8.71 36.19 56.61
N SER H 624 -8.18 36.40 55.40
CA SER H 624 -6.75 36.46 55.17
C SER H 624 -6.10 37.70 55.73
N MET H 625 -6.87 38.67 56.20
CA MET H 625 -6.29 39.82 56.88
C MET H 625 -5.63 39.42 58.18
N ILE H 626 -6.17 38.39 58.85
CA ILE H 626 -5.54 37.89 60.06
C ILE H 626 -4.26 37.14 59.71
N ARG H 627 -4.25 36.48 58.55
CA ARG H 627 -3.06 35.79 58.07
C ARG H 627 -1.92 36.75 57.76
N LEU H 628 -2.20 38.02 57.52
CA LEU H 628 -1.15 39.02 57.43
C LEU H 628 -1.01 39.87 58.68
N ALA H 629 -2.05 39.98 59.50
CA ALA H 629 -1.91 40.68 60.77
C ALA H 629 -1.07 39.87 61.75
N GLU H 630 -1.04 38.56 61.57
CA GLU H 630 -0.17 37.73 62.39
C GLU H 630 1.29 38.00 62.10
N ALA H 631 1.64 38.13 60.81
CA ALA H 631 3.04 38.23 60.42
C ALA H 631 3.65 39.57 60.80
N HIS H 632 2.83 40.64 60.83
CA HIS H 632 3.33 41.93 61.29
C HIS H 632 3.64 41.89 62.78
N ALA H 633 2.80 41.21 63.56
CA ALA H 633 3.13 40.97 64.96
C ALA H 633 4.28 39.98 65.08
N LYS H 634 4.35 39.01 64.18
CA LYS H 634 5.45 38.04 64.17
C LYS H 634 6.76 38.68 63.75
N MET H 635 6.71 39.83 63.08
CA MET H 635 7.91 40.51 62.62
C MET H 635 8.71 41.09 63.79
N LYS H 636 8.07 41.92 64.61
CA LYS H 636 8.80 42.59 65.69
C LYS H 636 8.57 41.93 67.05
N LEU H 637 7.31 41.83 67.49
CA LEU H 637 6.98 41.33 68.83
C LEU H 637 6.78 39.83 68.73
N LYS H 638 7.90 39.10 68.72
CA LYS H 638 7.87 37.69 68.40
C LYS H 638 7.50 36.83 69.61
N ASN H 639 6.41 37.18 70.30
CA ASN H 639 5.79 36.31 71.28
C ASN H 639 4.32 36.04 70.99
N VAL H 640 3.52 37.09 70.82
CA VAL H 640 2.06 37.02 70.76
C VAL H 640 1.57 38.00 69.70
N VAL H 641 0.25 38.12 69.58
CA VAL H 641 -0.34 39.12 68.69
C VAL H 641 -0.20 40.50 69.30
N GLU H 642 -0.39 41.52 68.48
CA GLU H 642 -0.42 42.90 68.92
C GLU H 642 -1.82 43.46 68.71
N LEU H 643 -2.32 44.23 69.69
CA LEU H 643 -3.69 44.71 69.62
C LEU H 643 -3.87 45.89 68.67
N GLU H 644 -2.79 46.55 68.26
CA GLU H 644 -2.90 47.76 67.46
C GLU H 644 -2.15 47.71 66.13
N ASP H 645 -1.40 46.64 65.86
CA ASP H 645 -0.81 46.51 64.53
C ASP H 645 -1.83 46.10 63.49
N VAL H 646 -3.02 45.67 63.92
CA VAL H 646 -4.12 45.46 63.01
C VAL H 646 -4.65 46.79 62.49
N GLN H 647 -4.43 47.89 63.21
CA GLN H 647 -5.00 49.18 62.83
C GLN H 647 -4.31 49.79 61.62
N GLU H 648 -3.13 49.30 61.25
CA GLU H 648 -2.55 49.61 59.94
C GLU H 648 -2.58 48.42 59.00
N ALA H 649 -2.82 47.21 59.52
CA ALA H 649 -3.14 46.10 58.64
C ALA H 649 -4.46 46.32 57.94
N VAL H 650 -5.41 46.96 58.62
CA VAL H 650 -6.64 47.38 57.96
C VAL H 650 -6.43 48.55 57.02
N ARG H 651 -5.32 49.28 57.18
CA ARG H 651 -5.02 50.37 56.26
C ARG H 651 -4.57 49.85 54.91
N LEU H 652 -3.83 48.74 54.90
CA LEU H 652 -3.34 48.19 53.63
C LEU H 652 -4.48 47.61 52.80
N ILE H 653 -5.40 46.88 53.43
CA ILE H 653 -6.56 46.39 52.69
C ILE H 653 -7.57 47.50 52.43
N ARG H 654 -7.50 48.61 53.16
CA ARG H 654 -8.29 49.78 52.79
C ARG H 654 -7.84 50.33 51.45
N SER H 655 -6.54 50.24 51.16
CA SER H 655 -6.04 50.64 49.85
C SER H 655 -6.50 49.70 48.75
N ALA H 656 -6.82 48.45 49.09
CA ALA H 656 -7.34 47.52 48.09
C ALA H 656 -8.74 47.91 47.66
N ILE H 657 -9.59 48.33 48.60
CA ILE H 657 -10.96 48.71 48.28
C ILE H 657 -11.07 50.18 47.88
N LYS H 658 -9.95 50.89 47.79
CA LYS H 658 -9.95 52.18 47.12
C LYS H 658 -9.80 52.04 45.63
N ASP H 659 -9.46 50.85 45.14
CA ASP H 659 -9.18 50.61 43.73
C ASP H 659 -10.39 50.12 42.95
N TYR H 660 -11.57 50.08 43.57
CA TYR H 660 -12.77 49.57 42.90
C TYR H 660 -13.96 50.47 43.17
N ALA H 661 -13.76 51.78 43.02
CA ALA H 661 -14.85 52.74 43.14
C ALA H 661 -15.57 52.97 41.82
N THR H 662 -14.82 52.98 40.71
CA THR H 662 -15.30 53.22 39.34
C THR H 662 -16.12 54.51 39.19
N GLN H 675 -20.38 40.53 35.77
CA GLN H 675 -18.99 40.67 35.35
C GLN H 675 -18.07 39.84 36.24
N THR H 676 -17.30 40.51 37.09
CA THR H 676 -16.39 39.81 38.00
C THR H 676 -17.04 39.59 39.36
N GLY H 677 -17.43 40.67 40.03
CA GLY H 677 -18.14 40.59 41.30
C GLY H 677 -19.19 41.68 41.38
N LYS H 678 -19.68 42.11 40.23
CA LYS H 678 -20.54 43.27 40.14
C LYS H 678 -21.81 42.93 39.37
N SER H 679 -22.95 43.40 39.88
CA SER H 679 -24.23 43.06 39.24
C SER H 679 -25.13 44.20 38.78
N VAL H 680 -24.59 45.41 38.69
CA VAL H 680 -25.38 46.57 38.26
C VAL H 680 -25.71 46.47 36.78
N ILE H 681 -24.68 46.17 35.97
CA ILE H 681 -24.85 46.05 34.53
C ILE H 681 -25.83 44.93 34.19
N GLN H 682 -25.74 43.81 34.90
CA GLN H 682 -26.63 42.71 34.63
C GLN H 682 -28.07 43.15 34.87
N ARG H 683 -28.30 43.86 35.97
CA ARG H 683 -29.64 44.31 36.29
C ARG H 683 -30.15 45.28 35.22
N LYS H 684 -29.30 46.23 34.80
CA LYS H 684 -29.78 47.17 33.78
C LYS H 684 -30.09 46.48 32.45
N LEU H 685 -29.31 45.47 32.08
CA LEU H 685 -29.49 44.79 30.80
C LEU H 685 -30.65 43.80 30.62
N GLN H 686 -30.78 42.85 31.53
CA GLN H 686 -31.81 41.82 31.40
C GLN H 686 -33.25 42.36 31.40
N GLU H 687 -33.52 43.34 32.25
CA GLU H 687 -34.86 43.91 32.29
C GLU H 687 -35.20 44.55 30.95
N ASP H 688 -34.24 45.28 30.38
CA ASP H 688 -34.43 45.94 29.11
C ASP H 688 -34.65 44.89 28.01
N LEU H 689 -33.89 43.81 28.07
CA LEU H 689 -34.03 42.74 27.09
C LEU H 689 -35.41 42.10 27.15
N SER H 690 -35.94 41.93 28.35
CA SER H 690 -37.26 41.30 28.50
C SER H 690 -38.40 42.06 27.82
N ARG H 691 -38.47 43.38 27.91
CA ARG H 691 -39.57 44.12 27.23
C ARG H 691 -39.79 43.87 25.71
N GLU H 692 -38.72 44.09 24.93
CA GLU H 692 -38.77 43.95 23.48
C GLU H 692 -39.12 42.55 23.00
N ILE H 693 -38.59 41.53 23.64
CA ILE H 693 -38.89 40.16 23.22
C ILE H 693 -40.39 39.90 23.37
N MET H 694 -40.96 40.34 24.49
CA MET H 694 -42.38 40.15 24.73
C MET H 694 -43.18 40.89 23.67
N ASN H 695 -42.78 42.12 23.35
CA ASN H 695 -43.56 42.83 22.32
C ASN H 695 -43.49 42.12 20.96
N VAL H 696 -42.31 41.60 20.61
CA VAL H 696 -42.14 40.91 19.35
C VAL H 696 -43.02 39.67 19.31
N LEU H 697 -43.07 38.94 20.42
CA LEU H 697 -43.88 37.74 20.50
C LEU H 697 -45.35 38.08 20.33
N LYS H 698 -45.78 39.18 20.94
CA LYS H 698 -47.17 39.63 20.81
C LYS H 698 -47.54 40.02 19.37
N ASP H 699 -46.62 40.66 18.65
CA ASP H 699 -46.91 41.15 17.29
C ASP H 699 -47.30 40.23 16.08
N GLN H 700 -47.03 38.93 16.14
CA GLN H 700 -47.33 38.01 14.95
C GLN H 700 -48.25 36.72 15.04
N ALA H 701 -48.98 36.30 13.96
CA ALA H 701 -49.69 35.04 14.16
C ALA H 701 -48.72 33.88 14.34
N SER H 702 -47.62 33.90 13.60
CA SER H 702 -46.56 32.91 13.72
C SER H 702 -45.50 33.40 14.70
N ASP H 703 -44.34 32.74 14.69
CA ASP H 703 -43.19 33.11 15.51
C ASP H 703 -42.01 33.50 14.64
N SER H 704 -42.28 34.26 13.58
CA SER H 704 -41.27 34.60 12.59
C SER H 704 -40.56 35.89 13.00
N MET H 705 -39.36 35.76 13.54
CA MET H 705 -38.51 36.89 13.89
C MET H 705 -37.19 36.73 13.13
N SER H 706 -37.12 37.29 11.94
CA SER H 706 -35.95 37.14 11.09
C SER H 706 -34.85 38.12 11.52
N PHE H 707 -33.67 37.94 10.93
CA PHE H 707 -32.50 38.72 11.35
C PHE H 707 -32.57 40.17 10.90
N ASN H 708 -33.14 40.42 9.72
CA ASN H 708 -33.21 41.80 9.22
C ASN H 708 -34.20 42.64 10.02
N GLU H 709 -35.16 42.02 10.71
CA GLU H 709 -36.04 42.77 11.59
C GLU H 709 -35.31 43.19 12.86
N LEU H 710 -34.61 42.26 13.51
CA LEU H 710 -34.05 42.52 14.83
C LEU H 710 -32.84 43.46 14.80
N ILE H 711 -32.13 43.53 13.67
CA ILE H 711 -31.08 44.55 13.56
C ILE H 711 -31.73 45.92 13.41
N LYS H 712 -32.94 46.01 12.92
CA LYS H 712 -33.57 47.34 12.80
C LYS H 712 -34.10 48.01 14.09
N GLN H 713 -35.33 47.65 14.45
CA GLN H 713 -36.01 48.26 15.59
C GLN H 713 -35.30 48.10 16.94
N ILE H 714 -34.74 46.93 17.20
CA ILE H 714 -34.07 46.74 18.47
C ILE H 714 -32.91 47.72 18.61
N ASN H 715 -32.11 47.86 17.56
CA ASN H 715 -30.98 48.78 17.58
C ASN H 715 -31.48 50.21 17.71
N GLU H 716 -32.56 50.52 17.01
CA GLU H 716 -33.13 51.86 17.08
C GLU H 716 -33.59 52.26 18.49
N HIS H 717 -34.18 51.32 19.23
CA HIS H 717 -34.71 51.58 20.59
C HIS H 717 -34.03 52.61 21.54
N SER H 718 -32.96 52.20 22.21
CA SER H 718 -32.22 53.05 23.12
C SER H 718 -30.74 52.93 22.80
N GLN H 719 -30.03 54.06 22.82
CA GLN H 719 -28.60 54.07 22.52
C GLN H 719 -27.74 53.94 23.78
N ASP H 720 -28.28 53.36 24.85
CA ASP H 720 -27.49 53.07 26.04
C ASP H 720 -26.68 51.79 25.89
N ARG H 721 -27.23 50.79 25.19
CA ARG H 721 -26.51 49.56 24.93
C ARG H 721 -25.67 49.69 23.66
N VAL H 722 -24.70 48.79 23.53
CA VAL H 722 -23.76 48.80 22.41
C VAL H 722 -24.44 48.39 21.12
N GLU H 723 -23.77 48.60 19.99
CA GLU H 723 -24.37 48.35 18.69
C GLU H 723 -24.46 46.86 18.37
N SER H 724 -23.31 46.18 18.29
CA SER H 724 -23.27 44.80 17.86
C SER H 724 -22.78 43.83 18.93
N SER H 725 -22.26 44.31 20.05
CA SER H 725 -21.78 43.43 21.11
C SER H 725 -22.87 43.03 22.08
N ASP H 726 -24.14 43.31 21.76
CA ASP H 726 -25.27 42.83 22.55
C ASP H 726 -26.26 42.06 21.67
N ILE H 727 -25.90 41.81 20.41
CA ILE H 727 -26.75 41.07 19.48
C ILE H 727 -26.43 39.58 19.45
N GLN H 728 -25.29 39.17 20.00
CA GLN H 728 -24.96 37.75 20.08
C GLN H 728 -25.43 37.13 21.38
N GLU H 729 -24.98 37.66 22.51
CA GLU H 729 -25.20 37.04 23.82
C GLU H 729 -26.60 37.27 24.37
N ALA H 730 -27.46 38.02 23.67
CA ALA H 730 -28.81 38.25 24.15
C ALA H 730 -29.71 37.03 23.99
N LEU H 731 -29.30 36.05 23.18
CA LEU H 731 -30.14 34.89 22.89
C LEU H 731 -29.66 33.60 23.53
N SER H 732 -28.37 33.48 23.85
CA SER H 732 -27.83 32.22 24.36
C SER H 732 -28.30 31.95 25.79
N ARG H 733 -28.40 32.99 26.62
CA ARG H 733 -29.04 32.82 27.92
C ARG H 733 -30.54 32.67 27.79
N LEU H 734 -31.12 33.24 26.74
CA LEU H 734 -32.54 33.11 26.46
C LEU H 734 -32.84 31.86 25.63
N GLN H 735 -31.81 31.16 25.17
CA GLN H 735 -31.99 29.86 24.53
C GLN H 735 -32.57 28.83 25.50
N GLN H 736 -32.08 28.84 26.73
CA GLN H 736 -32.42 27.83 27.73
C GLN H 736 -33.73 28.11 28.44
N GLU H 737 -34.40 29.22 28.13
CA GLU H 737 -35.61 29.65 28.82
C GLU H 737 -36.82 29.65 27.89
N ASP H 738 -36.92 28.58 27.10
CA ASP H 738 -37.99 28.25 26.13
C ASP H 738 -38.51 29.44 25.32
N LYS H 739 -37.57 30.15 24.70
CA LYS H 739 -37.94 31.30 23.88
C LYS H 739 -37.65 31.09 22.39
N VAL H 740 -36.41 30.81 22.01
CA VAL H 740 -35.96 30.93 20.63
C VAL H 740 -35.11 29.72 20.24
N ILE H 741 -34.59 29.74 19.01
CA ILE H 741 -33.70 28.72 18.48
C ILE H 741 -32.73 29.41 17.54
N VAL H 742 -31.61 28.75 17.24
CA VAL H 742 -30.57 29.29 16.38
C VAL H 742 -30.61 28.54 15.05
N LEU H 743 -30.70 29.28 13.95
CA LEU H 743 -30.64 28.72 12.60
C LEU H 743 -29.66 29.52 11.74
N GLY H 744 -28.47 29.76 12.27
CA GLY H 744 -27.45 30.49 11.55
C GLY H 744 -27.61 31.98 11.67
N GLU H 745 -26.70 32.69 11.01
CA GLU H 745 -26.75 34.16 10.95
C GLU H 745 -27.84 34.58 9.97
N GLY H 746 -29.08 34.55 10.46
CA GLY H 746 -30.25 34.72 9.62
C GLY H 746 -31.55 34.39 10.33
N VAL H 747 -32.35 33.51 9.71
CA VAL H 747 -33.70 33.23 10.19
C VAL H 747 -33.66 32.50 11.53
N ARG H 748 -34.79 32.58 12.25
CA ARG H 748 -34.92 32.02 13.60
C ARG H 748 -36.32 31.43 13.73
N ARG H 749 -36.70 31.14 14.98
CA ARG H 749 -38.01 30.60 15.33
C ARG H 749 -38.24 30.85 16.81
N SER H 750 -39.41 31.38 17.17
CA SER H 750 -39.64 31.97 18.48
C SER H 750 -40.73 31.18 19.24
N VAL H 751 -41.15 31.75 20.40
CA VAL H 751 -41.98 31.06 21.38
C VAL H 751 -43.45 31.13 20.98
N ARG H 752 -44.15 30.00 21.13
CA ARG H 752 -45.57 29.89 20.83
C ARG H 752 -46.36 29.76 22.13
N LEU H 753 -47.65 30.06 22.03
CA LEU H 753 -48.57 29.91 23.16
C LEU H 753 -49.95 29.45 22.71
N ASN I 1 11.40 -42.80 -12.71
CA ASN I 1 12.28 -43.92 -13.00
C ASN I 1 12.34 -44.16 -14.50
N THR I 2 13.37 -44.90 -14.94
CA THR I 2 13.54 -45.20 -16.35
C THR I 2 12.37 -46.00 -16.88
N GLU I 3 11.89 -46.95 -16.08
CA GLU I 3 10.75 -47.78 -16.48
C GLU I 3 9.52 -46.91 -16.67
N ILE I 4 9.32 -45.96 -15.76
CA ILE I 4 8.21 -45.02 -15.83
C ILE I 4 8.32 -44.18 -17.09
N ILE I 5 9.54 -43.76 -17.42
CA ILE I 5 9.78 -42.97 -18.62
C ILE I 5 9.42 -43.78 -19.86
N LYS I 6 9.78 -45.06 -19.86
CA LYS I 6 9.46 -45.92 -20.99
C LYS I 6 7.96 -45.93 -21.21
N SER I 7 7.24 -45.54 -20.16
CA SER I 7 5.78 -45.48 -20.17
C SER I 7 5.28 -44.07 -20.37
N PHE I 8 6.07 -43.19 -20.96
CA PHE I 8 5.53 -41.92 -21.43
C PHE I 8 6.01 -41.51 -22.82
N LYS I 9 7.19 -41.91 -23.25
CA LYS I 9 7.54 -41.72 -24.65
C LYS I 9 6.69 -42.60 -25.54
N ASN I 10 6.26 -43.74 -25.03
CA ASN I 10 5.32 -44.62 -25.70
C ASN I 10 3.89 -44.25 -25.42
N PHE I 11 3.58 -43.02 -25.07
CA PHE I 11 2.19 -42.68 -24.83
C PHE I 11 1.78 -41.33 -25.39
N ILE I 12 2.74 -40.44 -25.60
CA ILE I 12 2.40 -39.09 -26.06
C ILE I 12 2.88 -38.98 -27.50
N LEU I 13 2.86 -40.10 -28.21
CA LEU I 13 2.96 -40.05 -29.67
C LEU I 13 1.93 -40.94 -30.35
N GLU I 14 1.04 -41.60 -29.60
CA GLU I 14 -0.04 -42.31 -30.25
C GLU I 14 -1.36 -42.20 -29.51
N PHE I 15 -1.46 -41.32 -28.52
CA PHE I 15 -2.75 -41.07 -27.92
C PHE I 15 -3.60 -40.23 -28.85
N ARG I 16 -4.86 -40.63 -29.00
CA ARG I 16 -5.76 -39.95 -29.91
C ARG I 16 -7.19 -40.25 -29.49
N LEU I 17 -8.09 -39.36 -29.87
CA LEU I 17 -9.47 -39.74 -30.05
C LEU I 17 -9.62 -40.08 -31.53
N ASP I 18 -10.86 -40.23 -32.02
CA ASP I 18 -11.10 -40.97 -33.24
C ASP I 18 -10.59 -40.29 -34.51
N SER I 19 -9.35 -40.63 -34.87
CA SER I 19 -8.63 -40.17 -36.06
C SER I 19 -8.48 -38.64 -36.08
N GLN I 20 -7.79 -38.13 -35.06
CA GLN I 20 -7.33 -36.75 -35.10
C GLN I 20 -5.87 -36.65 -34.73
N PHE I 21 -5.40 -37.55 -33.84
CA PHE I 21 -3.99 -37.81 -33.57
C PHE I 21 -3.29 -36.58 -33.00
N ILE I 22 -3.85 -36.04 -31.91
CA ILE I 22 -3.71 -34.61 -31.67
C ILE I 22 -2.35 -34.24 -31.08
N TYR I 23 -1.78 -35.06 -30.21
CA TYR I 23 -0.66 -34.55 -29.44
C TYR I 23 0.64 -34.50 -30.22
N ARG I 24 0.79 -35.30 -31.27
CA ARG I 24 1.87 -35.02 -32.20
C ARG I 24 1.54 -33.79 -33.03
N ASP I 25 0.26 -33.58 -33.32
CA ASP I 25 -0.18 -32.51 -34.21
C ASP I 25 -0.33 -31.17 -33.51
N GLN I 26 0.25 -31.00 -32.33
CA GLN I 26 0.37 -29.66 -31.79
C GLN I 26 1.77 -29.45 -31.26
N LEU I 27 2.46 -30.55 -30.94
CA LEU I 27 3.86 -30.45 -30.52
C LEU I 27 4.73 -30.00 -31.68
N ARG I 28 4.52 -30.59 -32.85
CA ARG I 28 5.09 -30.05 -34.08
C ARG I 28 4.64 -28.62 -34.29
N ASN I 29 3.35 -28.35 -34.08
CA ASN I 29 2.84 -27.00 -34.24
C ASN I 29 3.27 -26.05 -33.13
N ASN I 30 3.98 -26.52 -32.11
CA ASN I 30 4.57 -25.64 -31.12
C ASN I 30 6.08 -25.64 -31.16
N ILE I 31 6.70 -26.40 -32.07
CA ILE I 31 8.14 -26.29 -32.25
C ILE I 31 8.50 -25.34 -33.38
N LEU I 32 7.55 -24.99 -34.24
CA LEU I 32 7.85 -24.04 -35.31
C LEU I 32 7.94 -22.63 -34.74
N VAL I 33 6.83 -22.12 -34.23
CA VAL I 33 6.88 -20.92 -33.43
C VAL I 33 7.43 -21.28 -32.06
N LYS I 34 8.38 -20.50 -31.56
CA LYS I 34 9.16 -20.89 -30.39
C LYS I 34 8.30 -20.69 -29.14
N ASN I 35 7.80 -21.78 -28.61
CA ASN I 35 7.15 -21.70 -27.31
C ASN I 35 7.63 -22.75 -26.34
N TYR I 36 7.89 -23.98 -26.82
CA TYR I 36 8.44 -25.09 -26.03
C TYR I 36 7.56 -25.43 -24.83
N SER I 37 6.30 -25.76 -25.08
CA SER I 37 5.36 -25.95 -23.99
C SER I 37 4.27 -26.94 -24.37
N LEU I 38 3.66 -27.52 -23.36
CA LEU I 38 2.57 -28.46 -23.51
C LEU I 38 1.35 -28.00 -22.72
N THR I 39 0.19 -28.52 -23.09
CA THR I 39 -1.02 -28.43 -22.30
C THR I 39 -1.59 -29.83 -22.21
N VAL I 40 -1.37 -30.49 -21.08
CA VAL I 40 -1.71 -31.91 -20.99
C VAL I 40 -3.21 -32.11 -20.83
N ASN I 41 -3.86 -31.25 -20.03
CA ASN I 41 -5.28 -31.34 -19.69
C ASN I 41 -5.60 -32.68 -19.01
N MET I 42 -5.13 -32.77 -17.77
CA MET I 42 -5.08 -34.00 -16.96
C MET I 42 -6.38 -34.80 -16.93
N GLU I 43 -7.53 -34.14 -16.99
CA GLU I 43 -8.79 -34.88 -17.01
C GLU I 43 -8.97 -35.64 -18.32
N HIS I 44 -8.34 -35.19 -19.39
CA HIS I 44 -8.29 -35.90 -20.65
C HIS I 44 -7.17 -36.92 -20.69
N LEU I 45 -6.27 -36.92 -19.71
CA LEU I 45 -5.15 -37.84 -19.69
C LEU I 45 -5.56 -39.23 -19.25
N ILE I 46 -6.62 -39.32 -18.42
CA ILE I 46 -6.96 -40.50 -17.63
C ILE I 46 -7.26 -41.75 -18.46
N GLY I 47 -7.39 -41.62 -19.78
CA GLY I 47 -7.74 -42.73 -20.67
C GLY I 47 -6.72 -43.84 -20.74
N TYR I 48 -5.45 -43.58 -20.40
CA TYR I 48 -4.51 -44.69 -20.36
C TYR I 48 -4.80 -45.58 -19.17
N ASN I 49 -4.65 -45.02 -17.99
CA ASN I 49 -4.42 -45.80 -16.80
C ASN I 49 -4.62 -44.94 -15.56
N GLU I 50 -5.39 -45.45 -14.61
CA GLU I 50 -5.55 -44.76 -13.34
C GLU I 50 -4.33 -44.92 -12.45
N ASP I 51 -3.52 -45.96 -12.67
CA ASP I 51 -2.34 -46.17 -11.86
C ASP I 51 -1.29 -45.10 -12.12
N ILE I 52 -1.03 -44.78 -13.39
CA ILE I 52 0.00 -43.82 -13.74
C ILE I 52 -0.43 -42.41 -13.36
N TYR I 53 -1.74 -42.15 -13.25
CA TYR I 53 -2.17 -40.94 -12.59
C TYR I 53 -1.88 -41.01 -11.09
N LYS I 54 -2.06 -42.18 -10.50
CA LYS I 54 -1.99 -42.26 -9.05
C LYS I 54 -0.55 -42.30 -8.55
N LYS I 55 0.40 -42.65 -9.42
CA LYS I 55 1.78 -42.42 -9.07
C LYS I 55 2.15 -40.93 -9.16
N LEU I 56 1.31 -40.13 -9.79
CA LEU I 56 1.50 -38.68 -9.89
C LEU I 56 0.79 -37.93 -8.76
N SER I 57 -0.51 -38.19 -8.60
CA SER I 57 -1.32 -37.42 -7.67
C SER I 57 -1.05 -37.72 -6.20
N ASP I 58 -0.20 -38.71 -5.90
CA ASP I 58 0.16 -38.97 -4.52
C ASP I 58 1.58 -38.54 -4.18
N GLU I 59 2.42 -38.37 -5.20
CA GLU I 59 3.80 -38.00 -4.98
C GLU I 59 4.23 -36.91 -5.93
N PRO I 60 4.99 -35.94 -5.42
CA PRO I 60 5.40 -34.87 -6.31
C PRO I 60 6.89 -34.79 -6.60
N SER I 61 7.15 -33.74 -7.35
CA SER I 61 8.40 -33.25 -7.90
C SER I 61 9.03 -34.29 -8.82
N ASP I 62 9.08 -35.54 -8.37
CA ASP I 62 9.69 -36.56 -9.20
C ASP I 62 8.91 -36.71 -10.49
N ILE I 63 7.59 -36.76 -10.34
CA ILE I 63 6.80 -36.93 -11.55
C ILE I 63 6.99 -35.79 -12.59
N ILE I 64 7.05 -34.53 -12.13
CA ILE I 64 7.19 -33.44 -13.10
C ILE I 64 8.51 -33.55 -13.85
N PRO I 65 9.64 -33.66 -13.12
CA PRO I 65 10.81 -33.88 -13.94
C PRO I 65 10.87 -35.11 -14.85
N LEU I 66 10.38 -36.27 -14.44
CA LEU I 66 10.44 -37.38 -15.38
C LEU I 66 9.61 -37.08 -16.65
N PHE I 67 8.43 -36.50 -16.45
CA PHE I 67 7.59 -36.19 -17.59
C PHE I 67 8.28 -35.18 -18.52
N GLU I 68 8.92 -34.18 -17.92
CA GLU I 68 9.60 -33.18 -18.74
C GLU I 68 10.71 -33.80 -19.57
N THR I 69 11.50 -34.68 -18.96
CA THR I 69 12.56 -35.29 -19.78
C THR I 69 11.98 -36.12 -20.93
N ALA I 70 10.89 -36.85 -20.67
CA ALA I 70 10.32 -37.63 -21.77
C ALA I 70 9.86 -36.71 -22.91
N ILE I 71 9.19 -35.61 -22.56
CA ILE I 71 8.74 -34.71 -23.62
C ILE I 71 9.92 -34.12 -24.39
N THR I 72 10.99 -33.78 -23.70
CA THR I 72 12.14 -33.22 -24.40
C THR I 72 12.68 -34.25 -25.38
N GLN I 73 12.78 -35.51 -24.98
CA GLN I 73 13.27 -36.50 -25.92
C GLN I 73 12.35 -36.64 -27.15
N VAL I 74 11.04 -36.65 -26.95
CA VAL I 74 10.16 -36.77 -28.13
C VAL I 74 10.29 -35.56 -29.08
N ALA I 75 10.46 -34.38 -28.48
CA ALA I 75 10.62 -33.14 -29.24
C ALA I 75 11.90 -33.24 -30.06
N LYS I 76 12.96 -33.77 -29.46
CA LYS I 76 14.23 -33.95 -30.11
C LYS I 76 14.07 -34.89 -31.30
N ARG I 77 13.29 -35.96 -31.11
CA ARG I 77 13.04 -36.89 -32.20
C ARG I 77 12.32 -36.25 -33.39
N ILE I 78 11.36 -35.36 -33.13
CA ILE I 78 10.65 -34.71 -34.23
C ILE I 78 11.43 -33.54 -34.83
N SER I 79 12.63 -33.83 -35.33
CA SER I 79 13.48 -32.79 -35.93
C SER I 79 14.22 -33.29 -37.16
N ILE I 80 15.25 -34.11 -36.93
CA ILE I 80 16.06 -34.67 -38.01
C ILE I 80 15.34 -35.84 -38.65
N ASN I 107 23.72 -28.38 -31.71
CA ASN I 107 22.37 -28.57 -31.23
C ASN I 107 21.91 -27.41 -30.35
N SER I 108 20.73 -26.87 -30.67
CA SER I 108 20.10 -25.79 -29.90
C SER I 108 18.74 -26.30 -29.47
N LEU I 109 18.69 -26.98 -28.34
CA LEU I 109 17.43 -27.51 -27.86
C LEU I 109 17.29 -27.24 -26.37
N PRO I 110 16.36 -26.38 -25.98
CA PRO I 110 16.14 -26.11 -24.57
C PRO I 110 15.17 -27.13 -23.98
N THR I 111 15.14 -27.16 -22.65
CA THR I 111 14.15 -27.97 -21.97
C THR I 111 12.79 -27.30 -22.07
N PHE I 112 11.74 -28.08 -21.82
CA PHE I 112 10.38 -27.61 -21.97
C PHE I 112 9.82 -27.19 -20.63
N GLN I 113 8.54 -26.86 -20.61
CA GLN I 113 7.81 -26.65 -19.37
C GLN I 113 6.41 -27.23 -19.56
N LEU I 114 5.80 -27.61 -18.45
CA LEU I 114 4.48 -28.21 -18.48
C LEU I 114 3.44 -27.19 -18.05
N ILE I 115 2.21 -27.40 -18.52
CA ILE I 115 1.05 -26.64 -18.06
C ILE I 115 -0.07 -27.63 -17.85
N LEU I 116 -0.51 -27.80 -16.61
CA LEU I 116 -1.60 -28.70 -16.29
C LEU I 116 -2.84 -27.87 -16.00
N ASN I 117 -4.01 -28.49 -16.18
CA ASN I 117 -5.26 -27.81 -15.87
C ASN I 117 -6.35 -28.82 -15.64
N SER I 118 -7.18 -28.55 -14.64
CA SER I 118 -8.37 -29.34 -14.36
C SER I 118 -9.41 -28.40 -13.78
N ASN I 119 -10.61 -28.93 -13.55
CA ASN I 119 -11.64 -28.17 -12.85
C ASN I 119 -12.41 -29.14 -11.96
N ALA I 120 -11.96 -29.28 -10.72
CA ALA I 120 -12.67 -30.14 -9.77
C ALA I 120 -13.63 -29.30 -8.93
N ASN I 121 -13.07 -28.44 -8.08
CA ASN I 121 -13.72 -27.44 -7.25
C ASN I 121 -12.64 -26.70 -6.50
N GLN I 122 -12.94 -25.48 -6.08
CA GLN I 122 -11.95 -24.60 -5.46
C GLN I 122 -12.33 -24.40 -4.00
N ILE I 123 -11.71 -25.16 -3.11
CA ILE I 123 -11.75 -24.81 -1.69
C ILE I 123 -10.94 -23.53 -1.54
N PRO I 124 -11.58 -22.39 -1.18
CA PRO I 124 -10.97 -21.08 -1.42
C PRO I 124 -9.67 -20.78 -0.68
N LEU I 125 -9.69 -20.67 0.64
CA LEU I 125 -8.45 -20.52 1.39
C LEU I 125 -8.54 -21.24 2.73
N ARG I 126 -9.19 -22.40 2.76
CA ARG I 126 -9.51 -23.00 4.04
C ARG I 126 -8.62 -24.17 4.41
N ASP I 127 -8.30 -25.05 3.47
CA ASP I 127 -7.37 -26.13 3.80
C ASP I 127 -5.97 -25.53 3.87
N LEU I 128 -5.34 -25.66 5.02
CA LEU I 128 -4.08 -25.00 5.29
C LEU I 128 -2.95 -25.95 5.60
N ASP I 129 -3.18 -26.95 6.45
CA ASP I 129 -2.11 -27.86 6.85
C ASP I 129 -2.52 -29.31 6.94
N SER I 130 -3.81 -29.64 6.83
CA SER I 130 -4.31 -30.93 7.31
C SER I 130 -3.83 -32.08 6.42
N GLU I 131 -4.24 -32.07 5.17
CA GLU I 131 -3.81 -33.09 4.23
C GLU I 131 -3.29 -32.51 2.93
N HIS I 132 -3.41 -31.20 2.73
CA HIS I 132 -3.16 -30.59 1.42
C HIS I 132 -1.74 -30.09 1.31
N VAL I 133 -0.81 -30.76 1.94
CA VAL I 133 0.61 -30.45 1.80
C VAL I 133 1.16 -31.35 0.71
N SER I 134 1.74 -30.74 -0.31
CA SER I 134 2.21 -31.40 -1.54
C SER I 134 1.13 -32.27 -2.16
N LYS I 135 -0.02 -31.66 -2.44
CA LYS I 135 -1.10 -32.30 -3.19
C LYS I 135 -1.63 -31.31 -4.21
N ILE I 136 -2.15 -31.85 -5.31
CA ILE I 136 -2.63 -31.01 -6.40
C ILE I 136 -3.90 -30.29 -5.99
N VAL I 137 -3.97 -29.00 -6.29
CA VAL I 137 -5.02 -28.16 -5.74
C VAL I 137 -5.37 -27.08 -6.75
N ARG I 138 -6.61 -26.59 -6.69
CA ARG I 138 -7.12 -25.59 -7.61
C ARG I 138 -7.81 -24.48 -6.83
N LEU I 139 -7.46 -23.23 -7.13
CA LEU I 139 -7.91 -22.11 -6.32
C LEU I 139 -8.56 -21.01 -7.16
N SER I 140 -8.85 -19.88 -6.51
CA SER I 140 -9.42 -18.72 -7.19
C SER I 140 -9.11 -17.50 -6.35
N GLY I 141 -8.51 -16.48 -6.96
CA GLY I 141 -8.18 -15.27 -6.23
C GLY I 141 -8.05 -14.05 -7.11
N ILE I 142 -7.57 -12.95 -6.54
CA ILE I 142 -7.37 -11.71 -7.27
C ILE I 142 -5.94 -11.23 -7.00
N ILE I 143 -5.12 -11.20 -8.04
CA ILE I 143 -3.73 -10.82 -7.87
C ILE I 143 -3.61 -9.31 -7.82
N ILE I 144 -2.82 -8.81 -6.87
CA ILE I 144 -2.78 -7.37 -6.63
C ILE I 144 -1.39 -6.79 -6.81
N SER I 145 -0.35 -7.59 -6.59
CA SER I 145 0.99 -7.02 -6.44
C SER I 145 2.00 -7.86 -7.20
N THR I 146 2.57 -7.28 -8.25
CA THR I 146 3.63 -7.89 -9.03
C THR I 146 4.97 -7.44 -8.43
N SER I 147 6.03 -8.17 -8.77
CA SER I 147 7.39 -7.77 -8.41
C SER I 147 8.27 -7.78 -9.65
N VAL I 148 9.47 -7.23 -9.49
CA VAL I 148 10.42 -7.22 -10.59
C VAL I 148 10.99 -8.62 -10.79
N LEU I 149 11.58 -8.82 -11.97
CA LEU I 149 12.03 -10.15 -12.36
C LEU I 149 13.33 -10.50 -11.64
N SER I 150 13.80 -11.72 -11.84
CA SER I 150 15.01 -12.20 -11.19
C SER I 150 15.64 -13.25 -12.08
N SER I 151 16.54 -14.06 -11.52
CA SER I 151 17.15 -15.14 -12.27
C SER I 151 17.59 -16.26 -11.34
N ARG I 152 17.22 -17.48 -11.69
CA ARG I 152 17.86 -18.68 -11.15
C ARG I 152 18.41 -19.49 -12.31
N ALA I 153 19.39 -20.33 -12.01
CA ALA I 153 20.06 -21.08 -13.06
C ALA I 153 19.43 -22.44 -13.24
N THR I 154 19.70 -23.04 -14.40
CA THR I 154 19.26 -24.39 -14.68
C THR I 154 20.31 -25.26 -15.33
N TYR I 155 21.40 -24.71 -15.85
CA TYR I 155 22.48 -25.51 -16.40
C TYR I 155 23.80 -24.82 -16.09
N LEU I 156 24.71 -25.55 -15.48
CA LEU I 156 25.92 -24.94 -14.94
C LEU I 156 27.16 -25.62 -15.51
N SER I 157 28.30 -25.02 -15.19
CA SER I 157 29.61 -25.55 -15.54
C SER I 157 30.57 -25.10 -14.45
N ILE I 158 31.12 -26.07 -13.72
CA ILE I 158 31.75 -25.82 -12.43
C ILE I 158 33.21 -26.21 -12.50
N MET I 159 34.08 -25.34 -11.98
CA MET I 159 35.51 -25.56 -11.98
C MET I 159 36.04 -25.67 -10.56
N CYS I 160 37.07 -26.50 -10.39
CA CYS I 160 37.75 -26.63 -9.11
C CYS I 160 39.00 -25.78 -9.08
N ARG I 161 39.44 -25.46 -7.86
CA ARG I 161 40.64 -24.65 -7.71
C ARG I 161 41.90 -25.47 -7.92
N ASN I 162 41.94 -26.69 -7.40
CA ASN I 162 43.21 -27.42 -7.28
C ASN I 162 43.64 -28.13 -8.57
N CYS I 163 42.71 -28.72 -9.32
CA CYS I 163 43.08 -29.57 -10.44
C CYS I 163 42.41 -29.18 -11.75
N ARG I 164 41.63 -28.09 -11.75
CA ARG I 164 40.86 -27.61 -12.91
C ARG I 164 39.93 -28.68 -13.46
N HIS I 165 39.22 -29.34 -12.54
CA HIS I 165 38.15 -30.25 -12.91
C HIS I 165 37.00 -29.48 -13.57
N THR I 166 36.22 -30.19 -14.37
CA THR I 166 35.10 -29.57 -15.09
C THR I 166 33.93 -30.52 -15.11
N THR I 167 32.81 -30.08 -14.54
CA THR I 167 31.58 -30.86 -14.57
C THR I 167 30.42 -30.00 -15.07
N SER I 168 29.21 -30.55 -15.02
CA SER I 168 28.01 -29.82 -15.37
C SER I 168 26.85 -30.42 -14.62
N ILE I 169 26.10 -29.58 -13.90
CA ILE I 169 25.01 -30.02 -13.06
C ILE I 169 23.77 -29.21 -13.41
N THR I 170 22.67 -29.91 -13.69
CA THR I 170 21.39 -29.29 -13.99
C THR I 170 20.49 -29.32 -12.76
N ILE I 171 19.82 -28.20 -12.51
CA ILE I 171 18.91 -28.04 -11.38
C ILE I 171 17.55 -27.71 -11.97
N ASN I 172 16.67 -28.71 -12.04
CA ASN I 172 15.40 -28.47 -12.71
C ASN I 172 14.27 -28.13 -11.76
N ASN I 173 13.91 -29.06 -10.90
CA ASN I 173 12.75 -28.91 -10.03
C ASN I 173 13.21 -28.89 -8.58
N PHE I 174 12.27 -28.55 -7.71
CA PHE I 174 12.59 -28.05 -6.39
C PHE I 174 11.79 -28.83 -5.37
N ASN I 175 12.26 -28.80 -4.13
CA ASN I 175 11.70 -29.59 -3.04
C ASN I 175 10.28 -29.18 -2.66
N THR I 178 13.81 -22.48 -5.45
CA THR I 178 14.15 -21.92 -4.15
C THR I 178 15.63 -22.04 -3.82
N GLY I 179 16.29 -23.04 -4.40
CA GLY I 179 17.68 -23.29 -4.14
C GLY I 179 17.90 -24.38 -3.10
N ASN I 180 19.17 -24.80 -3.01
CA ASN I 180 19.64 -25.82 -2.06
C ASN I 180 18.91 -27.15 -2.23
N THR I 181 18.63 -27.51 -3.49
CA THR I 181 18.19 -28.87 -3.78
C THR I 181 19.35 -29.84 -3.62
N VAL I 182 20.41 -29.64 -4.39
CA VAL I 182 21.71 -30.26 -4.16
C VAL I 182 22.74 -29.14 -4.19
N SER I 183 23.79 -29.28 -3.40
CA SER I 183 24.84 -28.29 -3.33
C SER I 183 26.05 -28.76 -4.12
N LEU I 184 27.04 -27.90 -4.21
CA LEU I 184 28.26 -28.21 -4.94
C LEU I 184 29.11 -29.19 -4.13
N PRO I 185 29.54 -30.30 -4.72
CA PRO I 185 30.21 -31.36 -3.95
C PRO I 185 31.64 -31.04 -3.55
N ARG I 186 32.35 -32.03 -3.01
CA ARG I 186 33.72 -31.87 -2.52
C ARG I 186 34.76 -32.64 -3.32
N SER I 187 34.35 -33.41 -4.32
CA SER I 187 35.21 -34.39 -4.96
C SER I 187 35.71 -33.88 -6.30
N CYS I 188 36.93 -34.29 -6.65
CA CYS I 188 37.50 -33.98 -7.96
C CYS I 188 38.40 -35.12 -8.41
N ASN I 212 44.85 -33.06 1.77
CA ASN I 212 45.43 -32.46 0.57
C ASN I 212 44.44 -31.49 -0.06
N CYS I 213 43.40 -32.03 -0.67
CA CYS I 213 42.41 -31.21 -1.36
C CYS I 213 41.55 -30.49 -0.35
N GLY I 214 41.56 -29.16 -0.39
CA GLY I 214 40.76 -28.35 0.50
C GLY I 214 39.29 -28.40 0.13
N PRO I 215 38.42 -28.27 1.14
CA PRO I 215 36.98 -28.33 0.86
C PRO I 215 36.46 -27.06 0.17
N ASP I 216 35.16 -27.09 -0.20
CA ASP I 216 34.42 -26.17 -1.09
C ASP I 216 35.27 -25.61 -2.23
N PRO I 217 35.86 -26.46 -3.08
CA PRO I 217 36.89 -25.96 -4.01
C PRO I 217 36.31 -25.43 -5.30
N TYR I 218 34.99 -25.23 -5.34
CA TYR I 218 34.25 -25.06 -6.57
C TYR I 218 33.65 -23.66 -6.64
N ILE I 219 33.40 -23.21 -7.87
CA ILE I 219 32.96 -21.85 -8.14
C ILE I 219 31.92 -21.88 -9.25
N ILE I 220 31.21 -20.76 -9.40
CA ILE I 220 30.16 -20.61 -10.40
C ILE I 220 30.68 -19.65 -11.46
N ILE I 221 31.09 -20.19 -12.60
CA ILE I 221 31.52 -19.31 -13.68
C ILE I 221 30.30 -18.74 -14.36
N HIS I 222 30.48 -17.73 -15.20
CA HIS I 222 29.39 -17.24 -16.04
C HIS I 222 29.93 -17.17 -17.47
N GLU I 223 29.96 -18.31 -18.12
CA GLU I 223 30.26 -18.35 -19.55
C GLU I 223 29.41 -19.32 -20.33
N SER I 224 28.88 -20.37 -19.71
CA SER I 224 28.03 -21.35 -20.38
C SER I 224 26.92 -21.69 -19.39
N SER I 225 25.82 -20.96 -19.47
CA SER I 225 24.75 -21.11 -18.50
C SER I 225 23.43 -20.75 -19.15
N LYS I 226 22.36 -21.12 -18.47
CA LYS I 226 21.01 -20.73 -18.86
C LYS I 226 20.29 -20.27 -17.61
N PHE I 227 19.18 -19.56 -17.80
CA PHE I 227 18.54 -18.96 -16.65
C PHE I 227 17.04 -18.94 -16.80
N ILE I 228 16.36 -19.10 -15.67
CA ILE I 228 14.91 -19.02 -15.57
C ILE I 228 14.59 -17.87 -14.62
N ASP I 229 13.43 -17.26 -14.78
CA ASP I 229 12.98 -16.13 -13.97
C ASP I 229 11.81 -16.53 -13.09
N GLN I 230 11.79 -16.00 -11.87
CA GLN I 230 10.70 -16.18 -10.93
C GLN I 230 9.96 -14.86 -10.76
N GLN I 231 8.88 -14.86 -9.97
CA GLN I 231 8.03 -13.67 -9.93
C GLN I 231 7.85 -13.08 -8.55
N PHE I 232 7.50 -13.90 -7.56
CA PHE I 232 7.08 -13.47 -6.22
C PHE I 232 5.88 -12.52 -6.28
N LEU I 233 4.97 -12.77 -7.22
CA LEU I 233 3.70 -12.06 -7.20
C LEU I 233 2.83 -12.61 -6.08
N LYS I 234 1.98 -11.75 -5.52
CA LYS I 234 1.25 -12.06 -4.30
C LYS I 234 -0.24 -12.17 -4.59
N LEU I 235 -0.86 -13.27 -4.16
CA LEU I 235 -2.25 -13.55 -4.41
C LEU I 235 -3.10 -13.09 -3.23
N GLN I 236 -4.20 -12.39 -3.52
CA GLN I 236 -5.18 -11.99 -2.54
C GLN I 236 -6.48 -12.76 -2.75
N GLU I 237 -7.18 -13.02 -1.66
CA GLU I 237 -8.45 -13.74 -1.70
C GLU I 237 -9.53 -12.90 -2.36
N ILE I 238 -10.35 -13.53 -3.19
CA ILE I 238 -11.53 -12.89 -3.77
C ILE I 238 -12.51 -12.56 -2.65
N PRO I 239 -12.83 -11.28 -2.41
CA PRO I 239 -13.34 -10.83 -1.12
C PRO I 239 -14.84 -11.02 -0.91
N GLU I 240 -15.32 -12.23 -1.16
CA GLU I 240 -16.74 -12.50 -0.98
C GLU I 240 -17.05 -13.83 -0.33
N LEU I 241 -16.07 -14.66 -0.03
CA LEU I 241 -16.34 -16.03 0.37
C LEU I 241 -15.54 -16.46 1.59
N VAL I 242 -15.48 -15.61 2.60
CA VAL I 242 -14.99 -16.05 3.92
C VAL I 242 -15.83 -15.36 5.01
N PRO I 243 -17.16 -15.31 4.88
CA PRO I 243 -17.92 -14.29 5.63
C PRO I 243 -18.32 -14.66 7.05
N VAL I 244 -17.63 -14.13 8.08
CA VAL I 244 -18.28 -13.91 9.36
C VAL I 244 -18.06 -12.46 9.76
N GLY I 245 -16.81 -12.12 10.06
CA GLY I 245 -16.44 -10.75 10.37
C GLY I 245 -15.00 -10.39 10.05
N GLU I 246 -14.28 -11.28 9.39
CA GLU I 246 -12.82 -11.23 9.40
C GLU I 246 -12.25 -10.58 8.16
N MET I 247 -11.05 -10.04 8.32
CA MET I 247 -10.20 -9.56 7.24
C MET I 247 -9.63 -10.75 6.47
N PRO I 248 -9.26 -10.57 5.20
CA PRO I 248 -8.71 -11.68 4.44
C PRO I 248 -7.19 -11.77 4.59
N ARG I 249 -6.64 -12.86 4.09
CA ARG I 249 -5.21 -13.18 4.19
C ARG I 249 -4.59 -13.27 2.79
N ASN I 250 -3.34 -13.72 2.75
CA ASN I 250 -2.59 -13.68 1.50
C ASN I 250 -1.50 -14.74 1.51
N LEU I 251 -1.10 -15.16 0.32
CA LEU I 251 -0.07 -16.16 0.11
C LEU I 251 1.01 -15.60 -0.82
N THR I 252 1.90 -16.49 -1.26
CA THR I 252 3.00 -16.11 -2.13
C THR I 252 3.16 -17.18 -3.19
N MET I 253 3.59 -16.77 -4.40
CA MET I 253 3.71 -17.71 -5.50
C MET I 253 4.75 -17.25 -6.50
N THR I 254 5.48 -18.21 -7.07
CA THR I 254 6.47 -18.00 -8.12
C THR I 254 6.09 -18.82 -9.34
N CYS I 255 6.78 -18.61 -10.46
CA CYS I 255 6.45 -19.32 -11.69
C CYS I 255 7.64 -19.32 -12.64
N ASP I 256 7.40 -19.77 -13.88
CA ASP I 256 8.40 -19.92 -14.94
C ASP I 256 8.18 -18.86 -16.02
N ARG I 257 9.19 -18.72 -16.88
CA ARG I 257 9.22 -17.65 -17.88
C ARG I 257 8.15 -17.81 -18.94
N TYR I 258 7.90 -19.03 -19.39
CA TYR I 258 6.98 -19.15 -20.50
C TYR I 258 5.53 -19.19 -20.09
N LEU I 259 5.24 -18.79 -18.85
CA LEU I 259 3.88 -18.52 -18.43
C LEU I 259 3.81 -17.33 -17.48
N THR I 260 4.81 -16.45 -17.51
CA THR I 260 4.78 -15.23 -16.71
C THR I 260 4.41 -14.02 -17.55
N ASN I 261 4.22 -12.90 -16.86
CA ASN I 261 3.75 -11.63 -17.42
C ASN I 261 2.46 -11.81 -18.19
N LYS I 262 1.56 -12.62 -17.63
CA LYS I 262 0.26 -12.86 -18.23
C LYS I 262 -0.86 -12.28 -17.39
N VAL I 263 -0.54 -11.42 -16.42
CA VAL I 263 -1.55 -10.90 -15.52
C VAL I 263 -1.25 -9.44 -15.19
N ILE I 264 -2.30 -8.63 -15.13
CA ILE I 264 -2.25 -7.28 -14.62
C ILE I 264 -3.09 -7.28 -13.35
N PRO I 265 -2.79 -6.44 -12.35
CA PRO I 265 -3.54 -6.50 -11.10
C PRO I 265 -4.94 -5.91 -11.25
N GLY I 266 -5.93 -6.65 -10.78
CA GLY I 266 -7.31 -6.20 -10.80
C GLY I 266 -8.26 -7.19 -11.43
N THR I 267 -7.86 -8.45 -11.53
CA THR I 267 -8.62 -9.45 -12.24
C THR I 267 -8.92 -10.66 -11.37
N ARG I 268 -10.01 -11.35 -11.70
CA ARG I 268 -10.28 -12.66 -11.16
C ARG I 268 -9.46 -13.68 -11.92
N VAL I 269 -8.82 -14.59 -11.21
CA VAL I 269 -8.07 -15.66 -11.84
C VAL I 269 -8.36 -16.96 -11.12
N THR I 270 -8.28 -18.06 -11.87
CA THR I 270 -8.24 -19.40 -11.32
C THR I 270 -6.85 -19.96 -11.58
N ILE I 271 -6.40 -20.84 -10.69
CA ILE I 271 -5.00 -21.20 -10.67
C ILE I 271 -4.83 -22.59 -10.08
N VAL I 272 -3.96 -23.38 -10.69
CA VAL I 272 -3.72 -24.76 -10.28
C VAL I 272 -2.25 -24.94 -9.93
N GLY I 273 -1.98 -25.70 -8.88
CA GLY I 273 -0.60 -25.89 -8.51
C GLY I 273 -0.33 -26.74 -7.27
N ILE I 274 0.85 -26.53 -6.68
CA ILE I 274 1.37 -27.37 -5.62
C ILE I 274 1.35 -26.52 -4.35
N TYR I 275 1.49 -27.18 -3.21
CA TYR I 275 1.43 -26.53 -1.91
C TYR I 275 2.67 -26.84 -1.10
N SER I 276 3.84 -26.81 -1.75
CA SER I 276 5.08 -27.21 -1.10
C SER I 276 5.55 -26.12 -0.13
N ILE I 277 6.63 -26.41 0.60
CA ILE I 277 7.02 -25.63 1.77
C ILE I 277 8.51 -25.30 1.67
N TYR I 278 8.84 -24.02 1.77
CA TYR I 278 10.22 -23.58 1.90
C TYR I 278 10.49 -23.17 3.34
N ASN I 279 11.75 -22.84 3.62
CA ASN I 279 12.17 -22.41 4.96
C ASN I 279 13.23 -21.33 4.79
N SER I 280 12.89 -20.11 5.18
CA SER I 280 13.83 -18.99 5.13
C SER I 280 14.19 -18.55 6.54
N LYS I 281 15.48 -18.39 6.79
CA LYS I 281 15.98 -17.83 8.05
C LYS I 281 16.31 -16.35 7.91
N ASN I 282 15.29 -15.57 7.53
CA ASN I 282 15.33 -14.11 7.41
C ASN I 282 16.43 -13.61 6.48
N SER I 296 11.34 -16.93 16.14
CA SER I 296 9.89 -17.12 16.26
C SER I 296 9.56 -18.47 16.88
N GLY I 297 10.24 -18.79 17.97
CA GLY I 297 9.80 -19.91 18.80
C GLY I 297 10.18 -21.25 18.22
N VAL I 298 9.16 -22.07 17.96
CA VAL I 298 9.31 -23.46 17.54
C VAL I 298 9.85 -23.45 16.11
N ALA I 299 10.54 -24.52 15.70
CA ALA I 299 11.11 -24.62 14.35
C ALA I 299 9.97 -24.73 13.35
N ILE I 300 9.57 -23.59 12.81
CA ILE I 300 8.40 -23.46 11.95
C ILE I 300 8.87 -23.20 10.53
N ARG I 301 7.94 -23.13 9.60
CA ARG I 301 8.25 -22.93 8.18
C ARG I 301 7.20 -21.97 7.63
N THR I 302 7.08 -21.89 6.31
CA THR I 302 6.10 -20.99 5.73
C THR I 302 5.46 -21.62 4.51
N PRO I 303 4.24 -21.22 4.16
CA PRO I 303 3.58 -21.78 2.99
C PRO I 303 3.75 -20.94 1.74
N TYR I 304 3.71 -21.58 0.58
CA TYR I 304 3.69 -20.90 -0.71
C TYR I 304 3.16 -21.86 -1.74
N ILE I 305 2.83 -21.33 -2.91
CA ILE I 305 2.26 -22.11 -4.00
C ILE I 305 3.19 -22.03 -5.19
N LYS I 306 3.74 -23.18 -5.59
CA LYS I 306 4.30 -23.28 -6.93
C LYS I 306 3.16 -23.48 -7.89
N ILE I 307 3.09 -22.66 -8.92
CA ILE I 307 1.93 -22.64 -9.79
C ILE I 307 2.28 -23.32 -11.11
N LEU I 308 1.25 -23.81 -11.78
CA LEU I 308 1.48 -24.50 -13.05
C LEU I 308 0.75 -23.82 -14.21
N GLY I 309 -0.56 -23.63 -14.12
CA GLY I 309 -1.27 -23.07 -15.25
C GLY I 309 -2.32 -22.04 -14.91
N ILE I 310 -2.17 -20.82 -15.41
CA ILE I 310 -3.17 -19.77 -15.17
C ILE I 310 -4.13 -19.84 -16.35
N GLN I 311 -5.04 -20.79 -16.28
CA GLN I 311 -6.10 -20.89 -17.29
C GLN I 311 -7.32 -20.10 -16.84
N SER I 312 -7.09 -18.81 -16.69
CA SER I 312 -8.05 -17.91 -16.08
C SER I 312 -9.09 -17.47 -17.10
N ASP I 313 -9.83 -16.42 -16.76
CA ASP I 313 -10.71 -15.77 -17.70
C ASP I 313 -9.90 -14.75 -18.51
N VAL I 314 -10.58 -13.89 -19.25
CA VAL I 314 -9.94 -13.02 -20.23
C VAL I 314 -9.11 -11.94 -19.56
N GLU I 315 -8.30 -11.23 -20.37
CA GLU I 315 -7.31 -10.28 -19.84
C GLU I 315 -7.96 -9.14 -19.09
N THR I 316 -9.13 -8.67 -19.57
CA THR I 316 -9.98 -7.66 -18.93
C THR I 316 -9.27 -6.36 -18.58
N VAL I 323 -1.24 -7.31 -27.49
CA VAL I 323 -2.01 -7.81 -26.37
C VAL I 323 -3.48 -7.93 -26.73
N THR I 324 -3.78 -7.96 -28.04
CA THR I 324 -5.14 -8.15 -28.53
C THR I 324 -5.23 -9.38 -29.42
N MET I 325 -4.59 -10.48 -29.03
CA MET I 325 -4.62 -11.70 -29.82
C MET I 325 -5.75 -12.61 -29.36
N PHE I 326 -6.59 -13.02 -30.30
CA PHE I 326 -7.69 -13.94 -30.05
C PHE I 326 -8.11 -14.55 -31.38
N THR I 327 -9.10 -15.44 -31.32
CA THR I 327 -9.53 -16.17 -32.50
C THR I 327 -10.39 -15.29 -33.40
N GLU I 328 -10.89 -15.88 -34.48
CA GLU I 328 -11.65 -15.15 -35.49
C GLU I 328 -13.15 -15.24 -35.28
N GLU I 329 -13.64 -16.32 -34.68
CA GLU I 329 -15.09 -16.46 -34.51
C GLU I 329 -15.64 -15.55 -33.43
N GLU I 330 -14.77 -14.99 -32.57
CA GLU I 330 -15.22 -14.02 -31.58
C GLU I 330 -15.70 -12.73 -32.23
N GLU I 331 -15.10 -12.34 -33.35
CA GLU I 331 -15.55 -11.16 -34.07
C GLU I 331 -16.51 -11.50 -35.21
N GLU I 332 -16.71 -12.78 -35.50
CA GLU I 332 -17.61 -13.17 -36.59
C GLU I 332 -19.05 -12.81 -36.26
N GLU I 333 -19.52 -13.20 -35.07
CA GLU I 333 -20.83 -12.77 -34.62
C GLU I 333 -20.87 -11.28 -34.37
N PHE I 334 -19.75 -10.70 -33.92
CA PHE I 334 -19.68 -9.26 -33.69
C PHE I 334 -19.82 -8.50 -35.00
N LEU I 335 -19.20 -9.01 -36.07
CA LEU I 335 -19.43 -8.43 -37.39
C LEU I 335 -20.82 -8.76 -37.89
N GLN I 336 -21.38 -9.90 -37.48
CA GLN I 336 -22.74 -10.23 -37.86
C GLN I 336 -23.76 -9.44 -37.05
N LEU I 337 -23.36 -8.94 -35.88
CA LEU I 337 -24.24 -8.06 -35.12
C LEU I 337 -24.12 -6.61 -35.55
N SER I 338 -22.90 -6.15 -35.84
CA SER I 338 -22.69 -4.77 -36.22
C SER I 338 -23.25 -4.44 -37.60
N ARG I 339 -23.51 -5.45 -38.42
CA ARG I 339 -24.20 -5.21 -39.67
C ARG I 339 -25.67 -4.87 -39.44
N ASN I 340 -26.26 -5.37 -38.37
CA ASN I 340 -27.60 -4.94 -37.97
C ASN I 340 -27.50 -3.55 -37.39
N PRO I 341 -28.17 -2.55 -37.97
CA PRO I 341 -28.11 -1.18 -37.43
C PRO I 341 -29.15 -0.92 -36.34
N LYS I 342 -29.16 -1.77 -35.32
CA LYS I 342 -30.08 -1.59 -34.21
C LYS I 342 -29.35 -1.61 -32.87
N LEU I 343 -28.05 -1.30 -32.86
CA LEU I 343 -27.25 -1.46 -31.65
C LEU I 343 -27.55 -0.40 -30.62
N TYR I 344 -27.72 0.84 -31.04
CA TYR I 344 -27.80 1.97 -30.11
C TYR I 344 -29.08 1.93 -29.29
N GLU I 345 -30.19 1.53 -29.90
CA GLU I 345 -31.44 1.49 -29.16
C GLU I 345 -31.58 0.23 -28.32
N ILE I 346 -30.86 -0.84 -28.67
CA ILE I 346 -31.03 -2.09 -27.95
C ILE I 346 -30.11 -2.20 -26.74
N LEU I 347 -29.01 -1.44 -26.71
CA LEU I 347 -28.12 -1.51 -25.56
C LEU I 347 -28.70 -0.81 -24.35
N THR I 348 -29.52 0.23 -24.57
CA THR I 348 -30.14 0.96 -23.48
C THR I 348 -31.09 0.08 -22.68
N ASN I 349 -31.70 -0.91 -23.32
CA ASN I 349 -32.39 -1.94 -22.57
C ASN I 349 -31.42 -2.97 -22.05
N SER I 350 -30.48 -3.41 -22.87
CA SER I 350 -29.73 -4.61 -22.56
C SER I 350 -28.58 -4.38 -21.59
N ILE I 351 -28.18 -3.14 -21.33
CA ILE I 351 -27.14 -2.91 -20.32
C ILE I 351 -27.67 -3.27 -18.95
N ALA I 352 -28.66 -2.51 -18.47
CA ALA I 352 -29.06 -2.58 -17.07
C ALA I 352 -30.44 -3.20 -16.97
N PRO I 353 -30.53 -4.52 -16.75
CA PRO I 353 -31.83 -5.20 -16.83
C PRO I 353 -32.72 -4.99 -15.60
N SER I 354 -32.28 -4.23 -14.62
CA SER I 354 -33.06 -4.01 -13.42
C SER I 354 -33.18 -2.53 -13.09
N ILE I 355 -33.22 -1.69 -14.12
CA ILE I 355 -33.29 -0.25 -13.96
C ILE I 355 -34.50 0.24 -14.74
N PHE I 356 -35.42 0.93 -14.05
CA PHE I 356 -36.62 1.41 -14.71
C PHE I 356 -36.28 2.61 -15.61
N GLY I 357 -36.04 2.34 -16.89
CA GLY I 357 -35.84 3.38 -17.86
C GLY I 357 -34.58 4.18 -17.68
N ASN I 358 -34.76 5.46 -17.31
CA ASN I 358 -33.70 6.47 -17.18
C ASN I 358 -32.90 6.55 -18.49
N GLU I 359 -33.61 6.96 -19.54
CA GLU I 359 -33.09 6.81 -20.89
C GLU I 359 -31.95 7.77 -21.17
N ASP I 360 -32.05 9.00 -20.67
CA ASP I 360 -31.04 10.01 -20.97
C ASP I 360 -29.71 9.70 -20.30
N ILE I 361 -29.76 9.13 -19.11
CA ILE I 361 -28.51 8.80 -18.41
C ILE I 361 -27.90 7.55 -18.99
N LYS I 362 -28.73 6.58 -19.39
CA LYS I 362 -28.27 5.29 -19.86
C LYS I 362 -27.49 5.41 -21.16
N LYS I 363 -27.82 6.42 -21.99
CA LYS I 363 -27.04 6.65 -23.19
C LYS I 363 -25.65 7.17 -22.88
N ALA I 364 -25.49 7.84 -21.74
CA ALA I 364 -24.19 8.43 -21.43
C ALA I 364 -23.20 7.41 -20.90
N ILE I 365 -23.65 6.28 -20.40
CA ILE I 365 -22.72 5.34 -19.80
C ILE I 365 -22.01 4.52 -20.87
N VAL I 366 -22.70 4.22 -21.98
CA VAL I 366 -22.07 3.39 -23.00
C VAL I 366 -21.04 4.19 -23.78
N CYS I 367 -21.19 5.51 -23.86
CA CYS I 367 -20.16 6.27 -24.54
C CYS I 367 -18.99 6.59 -23.62
N LEU I 368 -19.19 6.52 -22.31
CA LEU I 368 -18.07 6.72 -21.41
C LEU I 368 -17.13 5.53 -21.43
N LEU I 369 -17.69 4.33 -21.51
CA LEU I 369 -16.86 3.13 -21.43
C LEU I 369 -16.03 2.95 -22.69
N MET I 370 -16.51 3.41 -23.84
CA MET I 370 -15.76 3.24 -25.07
C MET I 370 -14.67 4.29 -25.21
N GLY I 371 -15.04 5.55 -25.28
CA GLY I 371 -14.07 6.63 -25.35
C GLY I 371 -13.89 7.14 -26.77
N GLY I 372 -12.93 8.05 -26.90
CA GLY I 372 -12.61 8.65 -28.18
C GLY I 372 -11.32 8.14 -28.77
N SER I 373 -10.30 8.98 -28.79
CA SER I 373 -9.00 8.62 -29.36
C SER I 373 -7.92 9.38 -28.61
N LYS I 374 -6.73 9.44 -29.22
CA LYS I 374 -5.61 10.16 -28.62
C LYS I 374 -4.74 10.68 -29.75
N LYS I 375 -4.66 12.00 -29.89
CA LYS I 375 -3.93 12.62 -30.98
C LYS I 375 -2.62 13.19 -30.46
N ILE I 376 -1.53 12.83 -31.13
CA ILE I 376 -0.18 13.22 -30.73
C ILE I 376 0.38 14.08 -31.85
N LEU I 377 -0.51 14.91 -32.45
CA LEU I 377 -0.41 15.78 -33.62
C LEU I 377 0.94 16.48 -33.74
N PRO I 378 1.49 16.69 -34.97
CA PRO I 378 2.95 16.92 -35.12
C PRO I 378 3.49 18.22 -34.56
N ASP I 379 3.36 18.36 -33.25
CA ASP I 379 4.07 19.30 -32.40
C ASP I 379 4.03 18.71 -30.99
N GLY I 380 4.37 19.52 -29.99
CA GLY I 380 4.56 18.98 -28.66
C GLY I 380 3.28 18.63 -27.95
N MET I 381 2.23 19.45 -28.12
CA MET I 381 1.03 19.33 -27.32
C MET I 381 0.16 18.15 -27.78
N ARG I 382 -0.96 17.98 -27.11
CA ARG I 382 -1.89 16.90 -27.41
C ARG I 382 -3.27 17.30 -26.94
N LEU I 383 -4.27 16.54 -27.40
CA LEU I 383 -5.66 16.76 -27.03
C LEU I 383 -6.13 15.63 -26.14
N ARG I 384 -6.76 15.97 -25.03
CA ARG I 384 -7.22 14.96 -24.08
C ARG I 384 -8.47 14.32 -24.63
N GLY I 385 -8.29 13.21 -25.34
CA GLY I 385 -9.40 12.52 -25.95
C GLY I 385 -10.15 11.54 -25.05
N ASP I 386 -10.94 12.04 -24.11
CA ASP I 386 -11.89 11.22 -23.35
C ASP I 386 -12.94 12.12 -22.73
N ILE I 387 -13.96 11.50 -22.13
CA ILE I 387 -15.05 12.20 -21.48
C ILE I 387 -15.12 11.77 -20.02
N ASN I 388 -15.75 12.62 -19.21
CA ASN I 388 -15.89 12.37 -17.78
C ASN I 388 -17.23 12.91 -17.30
N VAL I 389 -18.18 12.02 -17.06
CA VAL I 389 -19.53 12.39 -16.70
C VAL I 389 -19.55 12.73 -15.21
N LEU I 390 -20.64 13.36 -14.77
CA LEU I 390 -20.84 13.63 -13.35
C LEU I 390 -22.33 13.65 -13.06
N LEU I 391 -22.73 12.95 -12.01
CA LEU I 391 -24.11 12.94 -11.55
C LEU I 391 -24.24 13.70 -10.24
N LEU I 392 -25.47 14.13 -9.98
CA LEU I 392 -25.89 14.64 -8.67
C LEU I 392 -27.40 14.64 -8.65
N GLY I 393 -27.96 14.41 -7.48
CA GLY I 393 -29.41 14.37 -7.36
C GLY I 393 -29.85 13.88 -6.00
N ASP I 394 -31.17 13.78 -5.86
CA ASP I 394 -31.80 13.35 -4.63
C ASP I 394 -31.47 11.89 -4.34
N PRO I 395 -31.51 11.49 -3.06
CA PRO I 395 -31.38 10.06 -2.76
C PRO I 395 -32.61 9.29 -3.21
N GLY I 396 -32.45 7.97 -3.26
CA GLY I 396 -33.53 7.13 -3.73
C GLY I 396 -33.79 7.22 -5.21
N THR I 397 -32.83 7.68 -6.00
CA THR I 397 -33.05 7.84 -7.44
C THR I 397 -31.83 7.30 -8.20
N ALA I 398 -31.33 6.15 -7.76
CA ALA I 398 -30.41 5.26 -8.49
C ALA I 398 -29.06 5.88 -8.81
N LYS I 399 -28.64 6.93 -8.10
CA LYS I 399 -27.35 7.53 -8.40
C LYS I 399 -26.20 6.67 -7.90
N SER I 400 -26.45 5.72 -7.00
CA SER I 400 -25.39 4.96 -6.35
C SER I 400 -25.35 3.51 -6.79
N GLN I 401 -26.50 2.83 -6.77
CA GLN I 401 -26.56 1.42 -7.12
C GLN I 401 -26.28 1.15 -8.59
N LEU I 402 -26.34 2.18 -9.43
CA LEU I 402 -25.90 2.06 -10.81
C LEU I 402 -24.39 1.92 -10.92
N LEU I 403 -23.64 2.34 -9.91
CA LEU I 403 -22.20 2.42 -10.06
C LEU I 403 -21.51 1.09 -9.83
N LYS I 404 -22.10 0.20 -9.02
CA LYS I 404 -21.57 -1.16 -8.94
C LYS I 404 -21.76 -1.89 -10.26
N PHE I 405 -22.74 -1.47 -11.04
CA PHE I 405 -23.05 -2.13 -12.29
C PHE I 405 -22.00 -1.85 -13.36
N VAL I 406 -21.37 -0.68 -13.31
CA VAL I 406 -20.35 -0.39 -14.31
C VAL I 406 -19.01 -1.01 -13.94
N GLU I 407 -18.89 -1.51 -12.71
CA GLU I 407 -17.61 -2.06 -12.27
C GLU I 407 -17.34 -3.41 -12.91
N LYS I 408 -18.34 -4.29 -12.98
CA LYS I 408 -18.11 -5.60 -13.55
C LYS I 408 -17.98 -5.55 -15.07
N VAL I 409 -18.69 -4.62 -15.71
CA VAL I 409 -18.68 -4.57 -17.17
C VAL I 409 -17.40 -3.94 -17.73
N SER I 410 -16.64 -3.26 -16.90
CA SER I 410 -15.44 -2.63 -17.42
C SER I 410 -14.33 -3.65 -17.54
N PRO I 411 -13.38 -3.44 -18.46
CA PRO I 411 -12.17 -4.27 -18.47
C PRO I 411 -11.37 -4.10 -17.19
N ILE I 412 -11.00 -2.87 -16.88
CA ILE I 412 -10.34 -2.54 -15.62
C ILE I 412 -11.22 -1.56 -14.89
N ALA I 413 -11.57 -1.88 -13.64
CA ALA I 413 -12.40 -0.99 -12.85
C ALA I 413 -11.94 -1.03 -11.41
N VAL I 414 -11.92 0.14 -10.79
CA VAL I 414 -11.53 0.28 -9.39
C VAL I 414 -12.67 0.96 -8.67
N TYR I 415 -12.91 0.52 -7.43
CA TYR I 415 -14.06 1.00 -6.66
C TYR I 415 -13.50 1.54 -5.35
N THR I 416 -13.10 2.81 -5.36
CA THR I 416 -12.67 3.48 -4.14
C THR I 416 -13.71 4.46 -3.66
N SER I 417 -14.99 4.14 -3.86
CA SER I 417 -16.06 5.12 -3.72
C SER I 417 -16.37 5.32 -2.24
N GLY I 418 -15.52 6.12 -1.60
CA GLY I 418 -15.84 6.61 -0.28
C GLY I 418 -14.77 7.54 0.24
N LYS I 419 -15.18 8.72 0.72
CA LYS I 419 -14.41 9.62 1.56
C LYS I 419 -13.20 10.26 0.88
N GLY I 420 -12.85 9.81 -0.33
CA GLY I 420 -11.61 10.23 -0.97
C GLY I 420 -10.40 9.42 -0.56
N SER I 421 -10.42 8.91 0.69
CA SER I 421 -9.41 8.01 1.26
C SER I 421 -8.02 8.65 1.26
N SER I 422 -7.90 9.76 2.00
CA SER I 422 -6.63 10.43 2.29
C SER I 422 -5.91 10.84 1.01
N ALA I 423 -6.50 11.84 0.33
CA ALA I 423 -6.30 12.22 -1.07
C ALA I 423 -4.86 12.23 -1.58
N ALA I 424 -3.88 12.46 -0.71
CA ALA I 424 -2.49 12.27 -1.11
C ALA I 424 -2.19 10.79 -1.37
N GLY I 425 -2.86 9.89 -0.68
CA GLY I 425 -2.69 8.47 -0.95
C GLY I 425 -3.47 7.96 -2.13
N LEU I 426 -4.21 8.82 -2.81
CA LEU I 426 -4.93 8.41 -4.01
C LEU I 426 -3.98 8.30 -5.20
N THR I 427 -2.98 9.18 -5.26
CA THR I 427 -2.13 9.23 -6.44
C THR I 427 -0.91 8.31 -6.33
N ALA I 428 -0.09 8.48 -5.30
CA ALA I 428 1.14 7.72 -5.14
C ALA I 428 1.58 7.82 -3.70
N SER I 429 2.38 6.84 -3.27
CA SER I 429 2.89 6.82 -1.91
C SER I 429 4.31 6.26 -1.92
N VAL I 430 5.11 6.77 -1.00
CA VAL I 430 6.44 6.25 -0.74
C VAL I 430 6.49 5.75 0.69
N GLN I 431 7.53 4.97 0.99
CA GLN I 431 7.77 4.54 2.36
C GLN I 431 9.22 4.11 2.49
N ARG I 432 9.69 4.06 3.73
CA ARG I 432 10.93 3.38 4.02
C ARG I 432 10.77 1.90 3.71
N ASP I 433 11.72 1.36 2.96
CA ASP I 433 11.61 -0.03 2.56
C ASP I 433 12.62 -0.86 3.34
N PRO I 434 12.23 -2.07 3.77
CA PRO I 434 13.03 -2.76 4.81
C PRO I 434 14.38 -3.25 4.32
N MET I 435 14.49 -3.67 3.07
CA MET I 435 15.79 -3.94 2.49
C MET I 435 16.44 -2.61 2.08
N THR I 436 17.72 -2.46 2.45
CA THR I 436 18.60 -1.34 2.13
C THR I 436 18.16 0.03 2.67
N ARG I 437 17.05 0.08 3.43
CA ARG I 437 16.54 1.28 4.11
C ARG I 437 16.34 2.44 3.13
N GLU I 438 15.61 2.18 2.06
CA GLU I 438 15.52 3.09 0.92
C GLU I 438 14.05 3.45 0.68
N PHE I 439 13.80 4.39 -0.23
CA PHE I 439 12.47 4.74 -0.70
C PHE I 439 12.32 4.36 -2.16
N TYR I 440 11.11 3.97 -2.54
CA TYR I 440 10.69 4.01 -3.94
C TYR I 440 9.17 4.15 -3.96
N LEU I 441 8.58 3.94 -5.12
CA LEU I 441 7.16 4.20 -5.34
C LEU I 441 6.41 2.88 -5.42
N GLU I 442 5.35 2.75 -4.65
CA GLU I 442 4.65 1.48 -4.55
C GLU I 442 3.18 1.56 -4.92
N GLY I 443 2.41 2.46 -4.30
CA GLY I 443 0.96 2.43 -4.38
C GLY I 443 0.36 3.56 -5.20
N GLY I 444 -0.96 3.53 -5.25
CA GLY I 444 -1.74 4.54 -5.93
C GLY I 444 -3.05 3.97 -6.46
N ALA I 445 -4.07 4.83 -6.49
CA ALA I 445 -5.35 4.45 -7.05
C ALA I 445 -5.50 4.85 -8.51
N MET I 446 -4.49 5.49 -9.09
CA MET I 446 -4.53 5.92 -10.48
C MET I 446 -3.49 5.24 -11.34
N VAL I 447 -2.52 4.56 -10.74
CA VAL I 447 -1.50 3.88 -11.53
C VAL I 447 -2.04 2.59 -12.14
N LEU I 448 -3.07 2.01 -11.55
CA LEU I 448 -3.61 0.73 -11.98
C LEU I 448 -4.84 0.86 -12.84
N ALA I 449 -5.36 2.07 -13.02
CA ALA I 449 -6.66 2.28 -13.65
C ALA I 449 -6.53 2.92 -15.03
N ASP I 450 -5.51 2.53 -15.78
CA ASP I 450 -5.31 3.10 -17.10
C ASP I 450 -6.14 2.36 -18.15
N GLY I 451 -6.79 3.14 -19.00
CA GLY I 451 -7.73 2.62 -19.99
C GLY I 451 -9.14 2.48 -19.47
N GLY I 452 -9.29 2.01 -18.23
CA GLY I 452 -10.59 1.78 -17.65
C GLY I 452 -11.21 3.02 -17.05
N VAL I 453 -11.85 2.85 -15.89
CA VAL I 453 -12.63 3.92 -15.30
C VAL I 453 -12.66 3.73 -13.79
N VAL I 454 -12.49 4.82 -13.06
CA VAL I 454 -12.61 4.80 -11.62
C VAL I 454 -14.02 5.23 -11.26
N CYS I 455 -14.40 5.00 -10.01
CA CYS I 455 -15.71 5.43 -9.54
C CYS I 455 -15.60 5.83 -8.08
N ILE I 456 -16.07 7.03 -7.78
CA ILE I 456 -16.01 7.61 -6.44
C ILE I 456 -17.34 8.31 -6.18
N ASP I 457 -17.52 8.77 -4.94
CA ASP I 457 -18.74 9.49 -4.61
C ASP I 457 -18.43 10.54 -3.56
N GLU I 458 -19.50 11.20 -3.11
CA GLU I 458 -19.51 12.13 -1.97
C GLU I 458 -18.53 13.29 -2.20
N PHE I 459 -18.89 14.13 -3.17
CA PHE I 459 -18.08 15.29 -3.47
C PHE I 459 -18.54 16.53 -2.72
N ASP I 460 -19.05 16.37 -1.51
CA ASP I 460 -19.34 17.48 -0.62
C ASP I 460 -18.47 17.47 0.63
N LYS I 461 -18.48 16.39 1.39
CA LYS I 461 -17.80 16.33 2.67
C LYS I 461 -16.41 15.71 2.58
N MET I 462 -15.76 15.83 1.44
CA MET I 462 -14.31 15.74 1.35
C MET I 462 -13.83 17.18 1.23
N ARG I 463 -13.66 17.84 2.36
CA ARG I 463 -13.34 19.26 2.36
C ARG I 463 -11.85 19.55 2.38
N ASP I 464 -11.00 18.56 2.65
CA ASP I 464 -9.60 18.85 2.92
C ASP I 464 -8.80 19.00 1.62
N GLU I 465 -8.62 17.92 0.88
CA GLU I 465 -7.65 17.95 -0.21
C GLU I 465 -8.08 17.17 -1.44
N ASP I 466 -9.37 16.90 -1.63
CA ASP I 466 -9.81 16.22 -2.86
C ASP I 466 -9.64 17.12 -4.07
N ARG I 467 -9.78 18.43 -3.88
CA ARG I 467 -9.73 19.35 -5.02
C ARG I 467 -8.31 19.50 -5.52
N VAL I 468 -7.33 19.49 -4.60
CA VAL I 468 -5.94 19.69 -5.01
C VAL I 468 -5.32 18.42 -5.57
N ALA I 469 -6.00 17.29 -5.47
CA ALA I 469 -5.43 16.03 -5.90
C ALA I 469 -5.97 15.56 -7.24
N ILE I 470 -7.00 16.21 -7.79
CA ILE I 470 -7.57 15.82 -9.07
C ILE I 470 -7.34 16.85 -10.15
N HIS I 471 -6.82 18.04 -9.82
CA HIS I 471 -6.62 19.06 -10.83
C HIS I 471 -5.49 18.69 -11.78
N GLU I 472 -4.34 18.29 -11.23
CA GLU I 472 -3.27 17.79 -12.09
C GLU I 472 -3.59 16.40 -12.61
N ALA I 473 -4.40 15.64 -11.88
CA ALA I 473 -4.75 14.29 -12.31
C ALA I 473 -5.66 14.32 -13.53
N MET I 474 -6.42 15.38 -13.70
CA MET I 474 -7.28 15.55 -14.86
C MET I 474 -6.68 16.58 -15.82
N GLU I 475 -7.22 16.55 -17.06
CA GLU I 475 -7.04 17.51 -18.15
C GLU I 475 -5.67 17.46 -18.81
N GLN I 476 -4.72 16.75 -18.22
CA GLN I 476 -3.46 16.41 -18.86
C GLN I 476 -3.01 14.99 -18.58
N GLN I 477 -3.44 14.39 -17.46
CA GLN I 477 -3.15 13.01 -17.06
C GLN I 477 -1.65 12.74 -16.99
N THR I 478 -0.90 13.72 -16.53
CA THR I 478 0.55 13.64 -16.48
C THR I 478 1.00 14.10 -15.10
N ILE I 479 0.94 13.18 -14.14
CA ILE I 479 1.38 13.51 -12.79
C ILE I 479 2.90 13.34 -12.69
N SER I 480 3.48 13.97 -11.68
CA SER I 480 4.86 13.71 -11.32
C SER I 480 5.01 13.92 -9.83
N ILE I 481 5.61 12.94 -9.16
CA ILE I 481 5.75 12.98 -7.71
C ILE I 481 7.03 13.73 -7.38
N ALA I 482 6.91 14.77 -6.55
CA ALA I 482 8.05 15.59 -6.17
C ALA I 482 8.65 15.18 -4.84
N LYS I 483 8.47 13.93 -4.43
CA LYS I 483 8.88 13.51 -3.10
C LYS I 483 10.38 13.20 -3.08
N ALA I 484 10.83 12.52 -2.02
CA ALA I 484 12.24 12.46 -1.67
C ALA I 484 13.11 11.73 -2.69
N GLY I 485 12.52 10.91 -3.55
CA GLY I 485 13.31 10.16 -4.50
C GLY I 485 13.17 10.66 -5.92
N ILE I 486 12.35 9.96 -6.70
CA ILE I 486 12.24 10.24 -8.11
C ILE I 486 11.34 11.44 -8.35
N THR I 487 11.46 12.03 -9.54
CA THR I 487 10.54 13.05 -10.06
C THR I 487 10.28 12.68 -11.52
N THR I 488 9.38 11.74 -11.75
CA THR I 488 9.14 11.18 -13.08
C THR I 488 7.71 11.41 -13.51
N VAL I 489 7.53 11.69 -14.79
CA VAL I 489 6.20 11.92 -15.36
C VAL I 489 5.73 10.56 -15.88
N LEU I 490 5.07 9.81 -15.02
CA LEU I 490 4.50 8.54 -15.43
C LEU I 490 3.20 8.76 -16.17
N ASN I 491 2.94 7.92 -17.17
CA ASN I 491 1.79 8.11 -18.03
C ASN I 491 0.49 7.73 -17.31
N SER I 492 -0.60 8.33 -17.77
CA SER I 492 -1.93 8.02 -17.28
C SER I 492 -2.90 8.26 -18.43
N ARG I 493 -3.91 7.40 -18.53
CA ARG I 493 -5.00 7.56 -19.50
C ARG I 493 -6.34 7.28 -18.84
N THR I 494 -6.56 7.91 -17.69
CA THR I 494 -7.68 7.54 -16.84
C THR I 494 -8.97 8.25 -17.28
N SER I 495 -10.07 7.83 -16.65
CA SER I 495 -11.40 8.38 -16.92
C SER I 495 -12.19 8.33 -15.62
N VAL I 496 -12.63 9.48 -15.14
CA VAL I 496 -13.21 9.58 -13.81
C VAL I 496 -14.72 9.56 -13.91
N LEU I 497 -15.38 9.34 -12.76
CA LEU I 497 -16.81 9.24 -12.66
C LEU I 497 -17.18 9.45 -11.21
N ALA I 498 -18.24 10.21 -10.95
CA ALA I 498 -18.60 10.51 -9.58
C ALA I 498 -20.08 10.80 -9.46
N ALA I 499 -20.57 10.72 -8.24
CA ALA I 499 -21.97 11.00 -7.93
C ALA I 499 -22.05 11.57 -6.53
N ALA I 500 -22.59 12.76 -6.40
CA ALA I 500 -22.55 13.47 -5.14
C ALA I 500 -23.96 13.89 -4.72
N ASN I 501 -24.01 14.72 -3.68
CA ASN I 501 -25.25 15.24 -3.16
C ASN I 501 -25.21 16.75 -3.13
N PRO I 502 -26.31 17.41 -3.45
CA PRO I 502 -26.40 18.86 -3.21
C PRO I 502 -26.73 19.14 -1.77
N ILE I 503 -27.02 20.40 -1.45
CA ILE I 503 -27.27 20.78 -0.06
C ILE I 503 -28.68 20.30 0.30
N TYR I 504 -28.74 19.06 0.79
CA TYR I 504 -29.91 18.22 1.04
C TYR I 504 -31.01 18.29 -0.03
N GLY I 505 -30.61 18.40 -1.28
CA GLY I 505 -31.48 18.05 -2.39
C GLY I 505 -32.62 18.97 -2.77
N ARG I 506 -33.65 19.03 -1.92
CA ARG I 506 -34.93 19.61 -2.32
C ARG I 506 -34.91 21.13 -2.28
N TYR I 507 -34.51 21.70 -1.14
CA TYR I 507 -34.52 23.16 -0.94
C TYR I 507 -33.53 23.87 -1.84
N ASP I 508 -32.48 23.18 -2.30
CA ASP I 508 -31.58 23.72 -3.31
C ASP I 508 -32.31 24.00 -4.61
N ASP I 509 -33.28 23.16 -4.97
CA ASP I 509 -34.09 23.36 -6.16
C ASP I 509 -35.40 24.08 -5.86
N LEU I 510 -35.43 24.87 -4.77
CA LEU I 510 -36.56 25.74 -4.46
C LEU I 510 -36.09 27.08 -3.92
N LYS I 511 -34.88 27.49 -4.30
CA LYS I 511 -34.26 28.70 -3.79
C LYS I 511 -33.56 29.33 -4.99
N SER I 512 -32.63 30.25 -4.76
CA SER I 512 -31.74 30.69 -5.82
C SER I 512 -30.93 29.50 -6.31
N PRO I 513 -30.90 29.24 -7.63
CA PRO I 513 -30.43 27.95 -8.15
C PRO I 513 -28.93 27.73 -8.12
N GLY I 514 -28.16 28.54 -7.40
CA GLY I 514 -26.77 28.22 -7.15
C GLY I 514 -26.62 27.22 -6.03
N ASP I 515 -25.68 27.50 -5.12
CA ASP I 515 -25.34 26.75 -3.90
C ASP I 515 -25.32 25.23 -4.04
N ASN I 516 -24.78 24.73 -5.15
CA ASN I 516 -24.65 23.29 -5.35
C ASN I 516 -23.29 22.78 -4.87
N ILE I 517 -22.21 23.26 -5.46
CA ILE I 517 -20.90 23.21 -4.83
C ILE I 517 -20.67 24.59 -4.22
N ASP I 518 -20.36 24.62 -2.93
CA ASP I 518 -20.57 25.81 -2.09
C ASP I 518 -19.73 27.00 -2.54
N PHE I 519 -18.50 26.78 -2.99
CA PHE I 519 -17.67 27.89 -3.43
C PHE I 519 -17.27 27.81 -4.89
N GLN I 520 -16.66 26.72 -5.31
CA GLN I 520 -15.86 26.70 -6.53
C GLN I 520 -16.66 26.24 -7.74
N THR I 521 -16.49 26.96 -8.84
CA THR I 521 -16.91 26.49 -10.14
C THR I 521 -15.79 25.82 -10.91
N THR I 522 -14.56 25.92 -10.40
CA THR I 522 -13.40 25.44 -11.15
C THR I 522 -13.34 23.92 -11.24
N ILE I 523 -14.00 23.20 -10.34
CA ILE I 523 -14.08 21.75 -10.52
C ILE I 523 -15.13 21.41 -11.57
N LEU I 524 -16.16 22.24 -11.68
CA LEU I 524 -17.24 21.94 -12.62
C LEU I 524 -16.81 22.17 -14.05
N SER I 525 -15.87 23.08 -14.27
CA SER I 525 -15.39 23.33 -15.61
C SER I 525 -14.43 22.26 -16.11
N ARG I 526 -13.95 21.39 -15.23
CA ARG I 526 -13.12 20.28 -15.67
C ARG I 526 -13.96 19.09 -16.12
N PHE I 527 -15.07 18.83 -15.43
CA PHE I 527 -16.05 17.92 -15.98
C PHE I 527 -16.78 18.60 -17.13
N ASP I 528 -17.42 17.79 -17.96
CA ASP I 528 -18.17 18.34 -19.07
C ASP I 528 -19.65 17.97 -19.02
N MET I 529 -19.97 16.71 -18.82
CA MET I 529 -21.33 16.22 -18.95
C MET I 529 -21.93 16.10 -17.55
N ILE I 530 -23.04 16.78 -17.33
CA ILE I 530 -23.66 16.85 -16.00
C ILE I 530 -25.15 16.57 -16.16
N PHE I 531 -25.64 15.56 -15.47
CA PHE I 531 -27.07 15.31 -15.34
C PHE I 531 -27.60 15.92 -14.05
N ILE I 532 -28.88 16.25 -14.05
CA ILE I 532 -29.58 16.68 -12.86
C ILE I 532 -30.92 15.95 -12.84
N VAL I 533 -31.06 14.98 -11.95
CA VAL I 533 -32.34 14.31 -11.79
C VAL I 533 -33.16 15.10 -10.77
N LYS I 534 -34.46 14.78 -10.72
CA LYS I 534 -35.37 15.46 -9.82
C LYS I 534 -36.42 14.47 -9.33
N ASP I 535 -37.36 14.97 -8.53
CA ASP I 535 -38.40 14.16 -7.89
C ASP I 535 -39.77 14.73 -8.25
N ASP I 536 -40.36 14.20 -9.32
CA ASP I 536 -41.69 14.61 -9.74
C ASP I 536 -42.72 13.87 -8.90
N HIS I 537 -44.00 14.03 -9.25
CA HIS I 537 -45.06 13.25 -8.63
C HIS I 537 -46.02 12.75 -9.70
N ASN I 538 -45.47 12.14 -10.75
CA ASN I 538 -46.27 11.52 -11.79
C ASN I 538 -47.01 10.33 -11.22
N GLU I 539 -48.33 10.47 -11.08
CA GLU I 539 -49.17 9.49 -10.39
C GLU I 539 -49.56 8.33 -11.28
N GLU I 540 -48.91 8.14 -12.41
CA GLU I 540 -49.26 7.10 -13.37
C GLU I 540 -48.14 6.10 -13.57
N ARG I 541 -46.94 6.57 -13.91
CA ARG I 541 -45.83 5.68 -14.16
C ARG I 541 -45.24 5.09 -12.89
N ASP I 542 -45.46 5.74 -11.75
CA ASP I 542 -44.89 5.27 -10.48
C ASP I 542 -45.48 3.95 -10.06
N ILE I 543 -46.75 3.69 -10.40
CA ILE I 543 -47.36 2.42 -10.04
C ILE I 543 -46.77 1.30 -10.88
N SER I 544 -46.32 1.61 -12.09
CA SER I 544 -45.56 0.62 -12.86
C SER I 544 -44.19 0.37 -12.23
N ILE I 545 -43.60 1.40 -11.63
CA ILE I 545 -42.34 1.20 -10.90
C ILE I 545 -42.59 0.34 -9.67
N ALA I 546 -43.67 0.61 -8.94
CA ALA I 546 -44.08 -0.26 -7.85
C ALA I 546 -44.51 -1.63 -8.36
N ASN I 547 -44.94 -1.72 -9.61
CA ASN I 547 -45.12 -3.04 -10.23
C ASN I 547 -43.78 -3.64 -10.62
N HIS I 548 -42.76 -2.81 -10.85
CA HIS I 548 -41.50 -3.33 -11.37
C HIS I 548 -40.65 -3.97 -10.29
N VAL I 549 -40.63 -3.39 -9.10
CA VAL I 549 -39.72 -3.85 -8.06
C VAL I 549 -40.18 -5.17 -7.47
N ILE I 550 -41.50 -5.39 -7.38
CA ILE I 550 -41.97 -6.66 -6.86
C ILE I 550 -41.76 -7.80 -7.85
N ASN I 551 -41.52 -7.49 -9.12
CA ASN I 551 -41.17 -8.53 -10.08
C ASN I 551 -39.78 -9.08 -9.81
N ILE I 552 -38.80 -8.19 -9.64
CA ILE I 552 -37.42 -8.63 -9.46
C ILE I 552 -37.19 -9.19 -8.06
N HIS I 553 -37.78 -8.56 -7.04
CA HIS I 553 -37.34 -8.78 -5.66
C HIS I 553 -37.67 -10.17 -5.17
N THR I 554 -38.85 -10.68 -5.47
CA THR I 554 -39.14 -12.07 -5.18
C THR I 554 -40.06 -12.59 -6.28
N GLY I 555 -40.09 -13.92 -6.41
CA GLY I 555 -40.63 -14.59 -7.55
C GLY I 555 -39.59 -14.91 -8.60
N ASN I 556 -38.54 -14.07 -8.68
CA ASN I 556 -37.38 -14.10 -9.60
C ASN I 556 -37.74 -14.49 -11.02
N ALA I 557 -38.85 -13.96 -11.53
CA ALA I 557 -39.32 -14.29 -12.87
C ALA I 557 -38.51 -13.59 -13.95
N ASN I 558 -37.75 -12.56 -13.60
CA ASN I 558 -36.87 -11.92 -14.56
C ASN I 558 -35.65 -12.76 -14.88
N ALA I 559 -35.32 -13.75 -14.03
CA ALA I 559 -34.37 -14.77 -14.44
C ALA I 559 -34.95 -15.64 -15.55
N MET I 560 -36.27 -15.80 -15.59
CA MET I 560 -36.95 -16.52 -16.65
C MET I 560 -37.56 -15.61 -17.71
N GLN I 561 -37.73 -14.32 -17.42
CA GLN I 561 -38.19 -13.40 -18.46
C GLN I 561 -37.04 -12.94 -19.34
N ASN I 562 -35.89 -12.64 -18.75
CA ASN I 562 -34.70 -12.26 -19.49
C ASN I 562 -33.85 -13.46 -19.89
N GLN I 563 -34.46 -14.63 -19.98
CA GLN I 563 -33.94 -15.74 -20.77
C GLN I 563 -34.91 -16.15 -21.87
N GLN I 564 -36.11 -15.58 -21.88
CA GLN I 564 -37.10 -15.81 -22.93
C GLN I 564 -37.37 -14.56 -23.76
N GLU I 565 -36.70 -13.44 -23.46
CA GLU I 565 -36.63 -12.32 -24.38
C GLU I 565 -35.20 -11.98 -24.79
N GLU I 566 -34.20 -12.54 -24.12
CA GLU I 566 -32.81 -12.20 -24.38
C GLU I 566 -32.19 -13.11 -25.43
N ASN I 567 -32.59 -14.39 -25.46
CA ASN I 567 -31.92 -15.43 -26.24
C ASN I 567 -31.99 -15.21 -27.75
N GLY I 568 -32.82 -14.28 -28.22
CA GLY I 568 -32.78 -13.88 -29.62
C GLY I 568 -32.61 -12.39 -29.81
N SER I 569 -32.90 -11.60 -28.79
CA SER I 569 -32.91 -10.15 -28.93
C SER I 569 -31.83 -9.46 -28.12
N GLU I 570 -31.77 -9.68 -26.81
CA GLU I 570 -30.91 -8.89 -25.94
C GLU I 570 -29.54 -9.54 -25.78
N ILE I 571 -28.64 -8.79 -25.16
CA ILE I 571 -27.26 -9.21 -24.94
C ILE I 571 -27.05 -9.42 -23.46
N SER I 572 -26.47 -10.56 -23.09
CA SER I 572 -26.19 -10.89 -21.71
C SER I 572 -25.08 -10.00 -21.15
N ILE I 573 -24.84 -10.14 -19.84
CA ILE I 573 -23.98 -9.18 -19.15
C ILE I 573 -22.51 -9.47 -19.43
N GLU I 574 -22.16 -10.72 -19.74
CA GLU I 574 -20.75 -11.05 -19.89
C GLU I 574 -20.29 -10.95 -21.33
N LYS I 575 -21.20 -10.88 -22.29
CA LYS I 575 -20.79 -10.77 -23.69
C LYS I 575 -20.21 -9.40 -24.00
N MET I 576 -20.65 -8.37 -23.29
CA MET I 576 -20.17 -7.02 -23.55
C MET I 576 -18.72 -6.86 -23.10
N LYS I 577 -18.35 -7.53 -22.01
CA LYS I 577 -16.96 -7.54 -21.58
C LYS I 577 -16.07 -8.20 -22.63
N ARG I 578 -16.58 -9.22 -23.31
CA ARG I 578 -15.89 -9.72 -24.49
C ARG I 578 -15.89 -8.70 -25.61
N TYR I 579 -16.95 -7.89 -25.69
CA TYR I 579 -17.18 -7.11 -26.90
C TYR I 579 -16.44 -5.80 -26.94
N ILE I 580 -16.37 -5.09 -25.81
CA ILE I 580 -15.90 -3.70 -25.84
C ILE I 580 -14.40 -3.64 -26.06
N THR I 581 -13.65 -4.60 -25.50
CA THR I 581 -12.21 -4.64 -25.66
C THR I 581 -11.78 -4.89 -27.10
N TYR I 582 -12.63 -5.50 -27.92
CA TYR I 582 -12.26 -5.72 -29.30
C TYR I 582 -12.56 -4.48 -30.15
N CYS I 583 -13.75 -3.90 -30.00
CA CYS I 583 -14.15 -2.82 -30.89
C CYS I 583 -13.47 -1.51 -30.54
N ARG I 584 -12.85 -1.40 -29.38
CA ARG I 584 -12.05 -0.21 -29.11
C ARG I 584 -10.67 -0.34 -29.75
N LEU I 585 -10.03 -1.48 -29.59
CA LEU I 585 -8.62 -1.66 -29.94
C LEU I 585 -8.40 -1.95 -31.40
N LYS I 586 -9.39 -1.76 -32.28
CA LYS I 586 -9.17 -2.01 -33.69
C LYS I 586 -9.35 -0.78 -34.56
N CYS I 587 -10.48 -0.09 -34.46
CA CYS I 587 -10.82 0.97 -35.39
C CYS I 587 -10.43 2.32 -34.82
N ALA I 588 -9.66 3.08 -35.60
CA ALA I 588 -9.25 4.44 -35.25
C ALA I 588 -10.09 5.43 -36.05
N PRO I 589 -11.13 6.01 -35.48
CA PRO I 589 -12.09 6.79 -36.27
C PRO I 589 -11.76 8.27 -36.31
N ARG I 590 -12.52 8.98 -37.14
CA ARG I 590 -12.39 10.42 -37.34
C ARG I 590 -13.74 10.95 -37.80
N LEU I 591 -14.14 12.11 -37.27
CA LEU I 591 -15.42 12.70 -37.64
C LEU I 591 -15.39 13.20 -39.08
N SER I 592 -16.58 13.46 -39.62
CA SER I 592 -16.70 13.89 -41.00
C SER I 592 -16.18 15.32 -41.16
N PRO I 593 -15.41 15.59 -42.23
CA PRO I 593 -14.83 16.93 -42.39
C PRO I 593 -15.83 17.98 -42.86
N GLN I 594 -16.89 17.59 -43.59
CA GLN I 594 -17.89 18.58 -43.97
C GLN I 594 -18.94 18.77 -42.89
N ALA I 595 -18.88 17.98 -41.82
CA ALA I 595 -19.79 18.16 -40.69
C ALA I 595 -19.38 19.31 -39.79
N ALA I 596 -18.23 19.94 -40.04
CA ALA I 596 -17.75 21.00 -39.17
C ALA I 596 -18.59 22.27 -39.28
N GLU I 597 -19.35 22.42 -40.37
CA GLU I 597 -20.26 23.55 -40.47
C GLU I 597 -21.43 23.43 -39.50
N LYS I 598 -21.74 22.22 -39.04
CA LYS I 598 -22.93 22.02 -38.21
C LYS I 598 -22.71 22.54 -36.79
N LEU I 599 -21.61 22.12 -36.17
CA LEU I 599 -21.39 22.47 -34.76
C LEU I 599 -21.01 23.93 -34.60
N SER I 600 -20.31 24.49 -35.59
CA SER I 600 -19.95 25.90 -35.55
C SER I 600 -21.20 26.77 -35.64
N SER I 601 -22.13 26.39 -36.51
CA SER I 601 -23.41 27.07 -36.57
C SER I 601 -24.25 26.80 -35.34
N ASN I 602 -24.00 25.69 -34.64
CA ASN I 602 -24.76 25.39 -33.44
C ASN I 602 -24.31 26.24 -32.27
N PHE I 603 -23.01 26.46 -32.13
CA PHE I 603 -22.45 26.99 -30.89
C PHE I 603 -22.77 28.47 -30.69
N VAL I 604 -22.82 29.24 -31.78
CA VAL I 604 -22.87 30.70 -31.69
C VAL I 604 -24.14 31.22 -31.05
N THR I 605 -25.24 30.46 -31.09
CA THR I 605 -26.44 30.85 -30.39
C THR I 605 -26.47 30.35 -28.95
N ILE I 606 -25.63 29.36 -28.61
CA ILE I 606 -25.62 28.85 -27.25
C ILE I 606 -24.96 29.85 -26.31
N ARG I 607 -23.91 30.52 -26.77
CA ARG I 607 -23.35 31.63 -26.01
C ARG I 607 -24.30 32.81 -25.97
N LYS I 608 -25.11 32.98 -27.02
CA LYS I 608 -26.15 34.01 -26.97
C LYS I 608 -27.27 33.59 -26.04
N GLN I 609 -27.59 32.29 -26.01
CA GLN I 609 -28.52 31.77 -25.01
C GLN I 609 -27.92 31.84 -23.62
N LEU I 610 -26.60 31.85 -23.50
CA LEU I 610 -25.96 32.09 -22.21
C LEU I 610 -26.17 33.53 -21.77
N LEU I 611 -25.70 34.48 -22.58
CA LEU I 611 -25.64 35.88 -22.16
C LEU I 611 -27.00 36.57 -22.10
N ILE I 612 -28.07 35.91 -22.57
CA ILE I 612 -29.41 36.42 -22.34
C ILE I 612 -29.84 36.25 -20.88
N ASN I 613 -29.12 35.44 -20.12
CA ASN I 613 -29.46 35.19 -18.73
C ASN I 613 -28.67 36.06 -17.75
N GLU I 614 -27.46 36.48 -18.11
CA GLU I 614 -26.62 37.24 -17.18
C GLU I 614 -27.07 38.68 -17.02
N LEU I 615 -27.96 39.18 -17.89
CA LEU I 615 -28.55 40.50 -17.70
C LEU I 615 -29.57 40.53 -16.57
N GLU I 616 -29.98 39.37 -16.06
CA GLU I 616 -30.97 39.26 -14.99
C GLU I 616 -30.35 39.24 -13.61
N SER I 617 -29.14 39.81 -13.46
CA SER I 617 -28.33 39.76 -12.23
C SER I 617 -28.07 38.33 -11.79
N THR I 618 -27.87 37.44 -12.76
CA THR I 618 -27.65 36.02 -12.50
C THR I 618 -26.21 35.67 -12.84
N GLU I 619 -25.54 35.00 -11.90
CA GLU I 619 -24.17 34.54 -12.10
C GLU I 619 -24.04 33.11 -11.58
N ARG I 620 -22.84 32.53 -11.66
CA ARG I 620 -22.66 31.16 -11.20
C ARG I 620 -21.44 31.06 -10.29
N PRO I 624 -22.41 26.75 -15.41
CA PRO I 624 -21.17 27.34 -15.92
C PRO I 624 -20.76 26.74 -17.25
N ILE I 625 -20.71 27.56 -18.29
CA ILE I 625 -20.39 27.12 -19.65
C ILE I 625 -19.14 27.85 -20.11
N THR I 626 -18.15 27.09 -20.56
CA THR I 626 -16.94 27.66 -21.15
C THR I 626 -16.66 26.83 -22.39
N ILE I 627 -15.50 26.98 -23.03
CA ILE I 627 -15.26 26.33 -24.32
C ILE I 627 -14.83 24.88 -24.18
N ARG I 628 -14.54 24.40 -22.97
CA ARG I 628 -14.05 23.04 -22.84
C ARG I 628 -15.13 22.02 -23.09
N GLN I 629 -16.39 22.36 -22.81
CA GLN I 629 -17.48 21.48 -23.17
C GLN I 629 -17.69 21.41 -24.67
N LEU I 630 -17.30 22.45 -25.41
CA LEU I 630 -17.47 22.45 -26.86
C LEU I 630 -16.51 21.49 -27.55
N GLU I 631 -15.31 21.35 -27.03
CA GLU I 631 -14.41 20.31 -27.50
C GLU I 631 -14.67 18.98 -26.80
N ALA I 632 -15.73 18.88 -26.00
CA ALA I 632 -16.18 17.60 -25.49
C ALA I 632 -17.29 17.01 -26.34
N ILE I 633 -18.09 17.86 -27.00
CA ILE I 633 -19.12 17.36 -27.90
C ILE I 633 -18.49 16.69 -29.11
N ILE I 634 -17.33 17.20 -29.56
CA ILE I 634 -16.64 16.55 -30.66
C ILE I 634 -16.03 15.22 -30.24
N ARG I 635 -15.85 14.99 -28.95
CA ARG I 635 -15.51 13.65 -28.49
C ARG I 635 -16.75 12.81 -28.34
N ILE I 636 -17.89 13.44 -28.07
CA ILE I 636 -19.15 12.71 -27.93
C ILE I 636 -19.58 12.14 -29.28
N THR I 637 -19.44 12.92 -30.35
CA THR I 637 -19.75 12.39 -31.66
C THR I 637 -18.72 11.39 -32.14
N GLU I 638 -17.52 11.40 -31.57
CA GLU I 638 -16.55 10.36 -31.87
C GLU I 638 -16.86 9.06 -31.15
N SER I 639 -17.70 9.11 -30.12
CA SER I 639 -17.94 7.94 -29.29
C SER I 639 -18.78 6.90 -30.02
N LEU I 640 -19.91 7.32 -30.58
CA LEU I 640 -20.77 6.37 -31.28
C LEU I 640 -20.15 5.89 -32.59
N ALA I 641 -19.15 6.61 -33.11
CA ALA I 641 -18.40 6.12 -34.26
C ALA I 641 -17.54 4.92 -33.87
N LYS I 642 -17.12 4.85 -32.62
CA LYS I 642 -16.45 3.65 -32.15
C LYS I 642 -17.43 2.51 -31.99
N LEU I 643 -18.71 2.82 -31.75
CA LEU I 643 -19.73 1.78 -31.61
C LEU I 643 -20.07 1.18 -32.96
N GLU I 644 -20.38 2.02 -33.94
CA GLU I 644 -20.71 1.54 -35.28
C GLU I 644 -19.48 1.06 -36.05
N LEU I 645 -18.27 1.35 -35.56
CA LEU I 645 -16.97 1.06 -36.20
C LEU I 645 -16.93 1.51 -37.66
N SER I 646 -17.46 2.70 -37.91
CA SER I 646 -17.27 3.36 -39.19
C SER I 646 -16.10 4.34 -39.09
N PRO I 647 -15.16 4.32 -40.04
CA PRO I 647 -14.01 5.21 -39.97
C PRO I 647 -14.33 6.67 -40.28
N ILE I 648 -15.50 6.94 -40.84
CA ILE I 648 -15.98 8.29 -41.11
C ILE I 648 -17.30 8.47 -40.35
N ALA I 649 -17.63 9.72 -40.05
CA ALA I 649 -18.89 10.04 -39.39
C ALA I 649 -19.90 10.57 -40.42
N GLN I 650 -21.14 10.75 -39.97
CA GLN I 650 -22.22 11.24 -40.81
C GLN I 650 -23.03 12.25 -40.02
N GLU I 651 -24.18 12.63 -40.57
CA GLU I 651 -25.02 13.69 -40.00
C GLU I 651 -26.23 13.15 -39.24
N ARG I 652 -26.76 11.98 -39.65
CA ARG I 652 -27.63 11.22 -38.76
C ARG I 652 -26.89 10.79 -37.50
N HIS I 653 -25.59 10.59 -37.62
CA HIS I 653 -24.74 10.34 -36.47
C HIS I 653 -24.74 11.53 -35.50
N VAL I 654 -24.40 12.72 -36.01
CA VAL I 654 -24.05 13.82 -35.13
C VAL I 654 -25.27 14.53 -34.54
N ASP I 655 -26.43 14.46 -35.18
CA ASP I 655 -27.59 15.16 -34.65
C ASP I 655 -28.18 14.44 -33.46
N GLU I 656 -27.96 13.14 -33.33
CA GLU I 656 -28.42 12.44 -32.14
C GLU I 656 -27.50 12.72 -30.95
N ALA I 657 -26.25 13.09 -31.23
CA ALA I 657 -25.31 13.39 -30.16
C ALA I 657 -25.66 14.71 -29.46
N ILE I 658 -25.92 15.75 -30.25
CA ILE I 658 -26.37 17.01 -29.67
C ILE I 658 -27.76 16.85 -29.05
N ARG I 659 -28.55 15.89 -29.55
CA ARG I 659 -29.82 15.57 -28.92
C ARG I 659 -29.64 15.03 -27.51
N LEU I 660 -28.50 14.42 -27.21
CA LEU I 660 -28.22 14.05 -25.83
C LEU I 660 -27.71 15.26 -25.04
N PHE I 661 -26.92 16.12 -25.66
CA PHE I 661 -26.35 17.23 -24.91
C PHE I 661 -27.32 18.39 -24.74
N GLN I 662 -28.23 18.61 -25.71
CA GLN I 662 -29.18 19.70 -25.58
C GLN I 662 -30.22 19.45 -24.50
N ALA I 663 -30.38 18.20 -24.06
CA ALA I 663 -31.13 17.89 -22.85
C ALA I 663 -30.31 18.12 -21.58
N SER I 664 -29.09 18.63 -21.71
CA SER I 664 -28.30 19.07 -20.57
C SER I 664 -27.61 20.41 -20.88
N THR I 665 -28.25 21.24 -21.71
CA THR I 665 -27.84 22.62 -21.91
C THR I 665 -28.73 23.58 -21.12
N MET I 666 -30.04 23.34 -21.16
CA MET I 666 -31.02 24.14 -20.44
C MET I 666 -31.03 23.86 -18.94
N ASP I 667 -30.27 22.87 -18.49
CA ASP I 667 -30.15 22.58 -17.05
C ASP I 667 -29.51 23.74 -16.30
N ALA I 668 -28.64 24.50 -16.99
CA ALA I 668 -28.05 25.69 -16.40
C ALA I 668 -29.08 26.80 -16.20
N ALA I 669 -30.15 26.81 -16.99
CA ALA I 669 -31.18 27.83 -16.82
C ALA I 669 -32.04 27.56 -15.59
N SER I 670 -32.53 26.33 -15.45
CA SER I 670 -33.35 25.96 -14.31
C SER I 670 -32.48 25.71 -13.08
N VAL J 1 37.35 -20.27 61.46
CA VAL J 1 37.08 -19.70 62.77
C VAL J 1 35.79 -18.89 62.73
N ASP J 2 35.37 -18.53 61.52
CA ASP J 2 34.05 -17.97 61.31
C ASP J 2 32.98 -19.05 61.24
N ASP J 3 33.39 -20.31 61.05
CA ASP J 3 32.45 -21.42 61.09
C ASP J 3 31.83 -21.57 62.46
N VAL J 4 32.66 -21.58 63.50
CA VAL J 4 32.15 -21.64 64.87
C VAL J 4 31.54 -20.30 65.26
N THR J 5 32.05 -19.20 64.70
CA THR J 5 31.42 -17.89 64.92
C THR J 5 30.06 -17.85 64.24
N GLY J 6 29.97 -18.41 63.04
CA GLY J 6 28.67 -18.65 62.43
C GLY J 6 27.85 -19.64 63.21
N GLU J 7 28.50 -20.59 63.88
CA GLU J 7 27.78 -21.49 64.76
C GLU J 7 27.47 -20.83 66.09
N LYS J 8 28.26 -19.84 66.50
CA LYS J 8 27.94 -19.09 67.72
C LYS J 8 26.70 -18.25 67.52
N VAL J 9 26.62 -17.52 66.40
CA VAL J 9 25.45 -16.71 66.11
C VAL J 9 24.27 -17.57 65.69
N ARG J 10 24.52 -18.83 65.35
CA ARG J 10 23.44 -19.77 65.08
C ARG J 10 22.60 -20.03 66.33
N GLU J 11 23.27 -20.40 67.41
CA GLU J 11 22.54 -20.75 68.63
C GLU J 11 22.15 -19.53 69.44
N ALA J 12 22.96 -18.47 69.40
CA ALA J 12 22.64 -17.26 70.17
C ALA J 12 21.38 -16.60 69.65
N PHE J 13 21.18 -16.62 68.34
CA PHE J 13 19.90 -16.22 67.79
C PHE J 13 18.82 -17.23 68.14
N GLU J 14 19.16 -18.52 68.14
CA GLU J 14 18.20 -19.55 68.50
C GLU J 14 17.80 -19.45 69.96
N GLN J 15 18.78 -19.19 70.83
CA GLN J 15 18.47 -18.95 72.24
C GLN J 15 17.68 -17.69 72.44
N PHE J 16 17.86 -16.68 71.57
CA PHE J 16 17.01 -15.51 71.61
C PHE J 16 15.57 -15.85 71.25
N LEU J 17 15.39 -16.81 70.33
CA LEU J 17 14.05 -17.28 70.01
C LEU J 17 13.45 -18.12 71.13
N GLU J 18 14.28 -18.67 72.01
CA GLU J 18 13.75 -19.38 73.16
C GLU J 18 13.19 -18.40 74.19
N ASP J 19 13.81 -17.24 74.34
CA ASP J 19 13.28 -16.23 75.24
C ASP J 19 12.38 -15.26 74.47
N PHE J 20 11.89 -14.27 75.20
CA PHE J 20 11.14 -13.17 74.61
C PHE J 20 11.90 -11.86 74.83
N SER J 21 11.27 -10.77 74.46
CA SER J 21 11.73 -9.43 74.81
C SER J 21 10.56 -8.66 75.40
N VAL J 22 9.76 -9.36 76.20
CA VAL J 22 8.51 -8.85 76.74
C VAL J 22 8.80 -8.19 78.07
N GLN J 23 8.36 -6.94 78.22
CA GLN J 23 8.65 -6.15 79.42
C GLN J 23 7.49 -6.09 80.41
N SER J 24 6.25 -6.38 79.99
CA SER J 24 5.09 -6.28 80.85
C SER J 24 4.32 -7.59 80.86
N THR J 25 3.86 -7.99 82.05
CA THR J 25 3.22 -9.28 82.26
C THR J 25 1.73 -9.07 82.55
N ASP J 26 0.88 -9.55 81.62
CA ASP J 26 -0.58 -9.57 81.73
C ASP J 26 -1.18 -8.17 81.90
N THR J 27 -0.51 -7.16 81.36
CA THR J 27 -1.07 -5.84 81.13
C THR J 27 -1.10 -5.55 79.64
N GLY J 28 -1.50 -6.55 78.87
CA GLY J 28 -1.10 -6.66 77.49
C GLY J 28 0.26 -7.32 77.41
N GLU J 29 0.75 -7.48 76.17
CA GLU J 29 2.09 -7.98 75.86
C GLU J 29 2.32 -9.37 76.44
N VAL J 30 1.60 -10.34 75.86
CA VAL J 30 1.77 -11.74 76.24
C VAL J 30 3.19 -12.20 75.92
N GLU J 31 3.77 -12.97 76.84
CA GLU J 31 5.16 -13.40 76.74
C GLU J 31 5.35 -14.40 75.60
N LYS J 32 6.61 -14.60 75.23
CA LYS J 32 7.07 -15.55 74.20
C LYS J 32 6.41 -15.26 72.84
N VAL J 33 6.72 -14.08 72.32
CA VAL J 33 6.11 -13.64 71.07
C VAL J 33 6.66 -14.39 69.87
N TYR J 34 7.86 -14.96 69.96
CA TYR J 34 8.40 -15.68 68.81
C TYR J 34 7.85 -17.08 68.72
N ARG J 35 7.44 -17.64 69.85
CA ARG J 35 6.76 -18.93 69.84
C ARG J 35 5.38 -18.79 69.19
N ALA J 36 4.69 -17.68 69.48
CA ALA J 36 3.42 -17.40 68.81
C ALA J 36 3.61 -17.03 67.35
N GLN J 37 4.80 -16.55 66.98
CA GLN J 37 5.11 -16.32 65.57
C GLN J 37 5.16 -17.64 64.81
N ILE J 38 5.64 -18.69 65.46
CA ILE J 38 5.56 -20.02 64.85
C ILE J 38 4.11 -20.51 64.86
N GLU J 39 3.33 -20.12 65.88
CA GLU J 39 1.99 -20.67 66.03
C GLU J 39 1.01 -20.11 65.01
N PHE J 40 1.12 -18.81 64.72
CA PHE J 40 0.32 -18.23 63.66
C PHE J 40 0.74 -18.75 62.30
N MET J 41 2.02 -19.08 62.15
CA MET J 41 2.52 -19.53 60.86
C MET J 41 2.03 -20.93 60.53
N LYS J 42 1.87 -21.79 61.54
CA LYS J 42 1.44 -23.16 61.30
C LYS J 42 -0.06 -23.31 61.11
N ILE J 43 -0.79 -22.20 60.95
CA ILE J 43 -2.21 -22.22 60.66
C ILE J 43 -2.50 -21.66 59.26
N TYR J 44 -1.93 -20.49 58.95
CA TYR J 44 -2.22 -19.82 57.70
C TYR J 44 -1.18 -20.10 56.63
N ASP J 45 0.00 -20.62 57.02
CA ASP J 45 1.01 -21.17 56.12
C ASP J 45 1.52 -20.13 55.12
N LEU J 46 2.19 -19.11 55.65
CA LEU J 46 2.66 -18.01 54.83
C LEU J 46 4.16 -18.05 54.56
N ASN J 47 4.91 -18.82 55.34
CA ASN J 47 6.36 -19.04 55.19
C ASN J 47 7.14 -17.73 55.26
N THR J 48 7.02 -17.05 56.40
CA THR J 48 7.77 -15.83 56.69
C THR J 48 8.26 -15.87 58.14
N ILE J 49 9.14 -14.92 58.46
CA ILE J 49 9.42 -14.49 59.82
C ILE J 49 9.36 -12.97 59.84
N TYR J 50 9.49 -12.38 61.02
CA TYR J 50 9.51 -10.92 61.13
C TYR J 50 10.30 -10.56 62.39
N ILE J 51 11.55 -10.14 62.20
CA ILE J 51 12.43 -9.80 63.31
C ILE J 51 12.81 -8.33 63.22
N ASP J 52 12.98 -7.71 64.38
CA ASP J 52 13.33 -6.30 64.45
C ASP J 52 14.79 -6.15 64.87
N TYR J 53 15.34 -4.98 64.59
CA TYR J 53 16.71 -4.68 64.93
C TYR J 53 16.87 -4.33 66.40
N GLN J 54 15.78 -3.99 67.09
CA GLN J 54 15.85 -3.60 68.49
C GLN J 54 16.20 -4.78 69.39
N HIS J 55 15.34 -5.80 69.38
CA HIS J 55 15.40 -6.84 70.40
C HIS J 55 16.55 -7.80 70.19
N LEU J 56 17.21 -7.77 69.04
CA LEU J 56 18.44 -8.52 68.88
C LEU J 56 19.66 -7.68 69.21
N SER J 57 19.54 -6.35 69.14
CA SER J 57 20.62 -5.51 69.63
C SER J 57 20.68 -5.53 71.16
N MET J 58 19.52 -5.61 71.82
CA MET J 58 19.43 -5.53 73.27
C MET J 58 19.40 -6.89 73.93
N ARG J 59 20.07 -7.88 73.35
CA ARG J 59 20.35 -9.13 74.05
C ARG J 59 21.84 -9.32 74.28
N GLU J 60 22.64 -9.28 73.24
CA GLU J 60 24.09 -9.33 73.38
C GLU J 60 24.72 -7.95 73.53
N ASN J 61 23.90 -6.92 73.71
CA ASN J 61 24.32 -5.53 73.94
C ASN J 61 25.19 -5.00 72.80
N GLY J 62 24.89 -5.41 71.57
CA GLY J 62 25.66 -4.97 70.43
C GLY J 62 26.91 -5.77 70.15
N ALA J 63 27.20 -6.80 70.95
CA ALA J 63 28.37 -7.63 70.66
C ALA J 63 28.12 -8.58 69.49
N LEU J 64 26.86 -8.83 69.16
CA LEU J 64 26.48 -9.73 68.07
C LEU J 64 25.76 -9.00 66.93
N ALA J 65 24.87 -8.06 67.28
CA ALA J 65 24.12 -7.34 66.27
C ALA J 65 25.00 -6.42 65.43
N MET J 66 26.13 -5.97 65.97
CA MET J 66 27.06 -5.19 65.17
C MET J 66 27.86 -6.08 64.23
N ALA J 67 28.00 -7.37 64.54
CA ALA J 67 28.74 -8.26 63.66
C ALA J 67 27.98 -8.57 62.39
N ILE J 68 26.66 -8.77 62.49
CA ILE J 68 25.88 -9.15 61.31
C ILE J 68 25.65 -7.98 60.37
N SER J 69 25.88 -6.76 60.83
CA SER J 69 25.67 -5.59 59.97
C SER J 69 26.74 -5.47 58.90
N GLU J 70 27.87 -6.16 59.03
CA GLU J 70 28.95 -6.07 58.06
C GLU J 70 29.30 -7.41 57.44
N GLN J 71 28.50 -8.45 57.70
CA GLN J 71 28.88 -9.78 57.26
C GLN J 71 27.74 -10.58 56.65
N TYR J 72 26.49 -10.14 56.77
CA TYR J 72 25.37 -11.00 56.42
C TYR J 72 25.10 -11.07 54.92
N TYR J 73 25.98 -10.54 54.09
CA TYR J 73 26.14 -11.05 52.74
C TYR J 73 26.63 -12.49 52.76
N ARG J 74 27.39 -12.87 53.78
CA ARG J 74 27.79 -14.25 54.00
C ARG J 74 26.98 -14.96 55.07
N PHE J 75 26.53 -14.23 56.09
CA PHE J 75 25.84 -14.87 57.21
C PHE J 75 24.39 -15.19 56.90
N LEU J 76 23.86 -14.73 55.77
CA LEU J 76 22.48 -15.01 55.44
C LEU J 76 22.24 -16.49 55.10
N PRO J 77 23.15 -17.21 54.36
CA PRO J 77 23.00 -18.67 54.35
C PRO J 77 23.67 -19.37 55.54
N PHE J 78 23.51 -18.81 56.74
CA PHE J 78 23.91 -19.45 57.99
C PHE J 78 22.77 -19.49 58.99
N LEU J 79 22.11 -18.35 59.22
CA LEU J 79 21.02 -18.30 60.19
C LEU J 79 19.81 -19.08 59.73
N GLN J 80 19.66 -19.28 58.43
CA GLN J 80 18.60 -20.13 57.91
C GLN J 80 18.79 -21.59 58.31
N LYS J 81 20.04 -22.01 58.51
CA LYS J 81 20.30 -23.39 58.89
C LYS J 81 19.88 -23.66 60.33
N GLY J 82 20.04 -22.66 61.21
CA GLY J 82 19.68 -22.86 62.60
C GLY J 82 18.19 -22.87 62.83
N LEU J 83 17.45 -21.98 62.15
CA LEU J 83 16.01 -21.97 62.29
C LEU J 83 15.39 -23.21 61.66
N ARG J 84 16.03 -23.74 60.62
CA ARG J 84 15.65 -25.03 60.07
C ARG J 84 15.87 -26.16 61.07
N ARG J 85 16.78 -25.98 62.02
CA ARG J 85 16.96 -27.00 63.05
C ARG J 85 15.96 -26.84 64.18
N VAL J 86 15.58 -25.61 64.52
CA VAL J 86 14.72 -25.40 65.68
C VAL J 86 13.25 -25.64 65.34
N VAL J 87 12.90 -25.68 64.05
CA VAL J 87 11.50 -25.77 63.68
C VAL J 87 10.96 -27.18 63.90
N ARG J 88 11.79 -28.21 63.66
CA ARG J 88 11.33 -29.59 63.86
C ARG J 88 11.13 -29.89 65.33
N LYS J 89 11.97 -29.32 66.19
CA LYS J 89 11.86 -29.52 67.62
C LYS J 89 10.73 -28.71 68.25
N TYR J 90 10.14 -27.76 67.50
CA TYR J 90 9.10 -26.89 68.02
C TYR J 90 7.83 -26.88 67.19
N ALA J 91 7.77 -27.58 66.07
CA ALA J 91 6.64 -27.50 65.15
C ALA J 91 6.68 -28.74 64.27
N PRO J 92 5.55 -29.09 63.63
CA PRO J 92 5.60 -30.19 62.65
C PRO J 92 6.38 -29.82 61.39
N GLU J 107 9.09 -29.14 51.55
CA GLU J 107 7.95 -28.25 51.32
C GLU J 107 8.19 -26.93 52.06
N ARG J 108 9.36 -26.81 52.68
CA ARG J 108 9.63 -25.74 53.63
C ARG J 108 10.74 -24.86 53.09
N VAL J 109 10.38 -23.69 52.59
CA VAL J 109 11.35 -22.67 52.15
C VAL J 109 11.02 -21.38 52.89
N PHE J 110 12.06 -20.68 53.36
CA PHE J 110 11.85 -19.48 54.16
C PHE J 110 12.66 -18.30 53.65
N GLN J 111 12.71 -17.24 54.45
CA GLN J 111 13.47 -16.04 54.16
C GLN J 111 13.70 -15.32 55.47
N ILE J 112 14.65 -14.39 55.46
CA ILE J 112 15.01 -13.63 56.66
C ILE J 112 14.58 -12.19 56.43
N SER J 113 13.64 -11.73 57.24
CA SER J 113 13.04 -10.41 57.06
C SER J 113 13.35 -9.53 58.27
N PHE J 114 14.49 -8.84 58.21
CA PHE J 114 14.72 -7.76 59.14
C PHE J 114 13.85 -6.56 58.76
N PHE J 115 13.62 -5.69 59.73
CA PHE J 115 12.98 -4.41 59.45
C PHE J 115 13.32 -3.45 60.56
N ASN J 116 13.08 -2.16 60.30
CA ASN J 116 13.20 -1.05 61.25
C ASN J 116 14.61 -0.92 61.81
N LEU J 117 15.53 -0.60 60.94
CA LEU J 117 16.79 -0.06 61.44
C LEU J 117 16.54 1.38 61.88
N PRO J 118 17.34 1.89 62.84
CA PRO J 118 17.22 3.31 63.23
C PRO J 118 17.35 4.35 62.12
N THR J 119 18.46 4.38 61.40
CA THR J 119 18.71 5.50 60.50
C THR J 119 18.07 5.27 59.14
N VAL J 120 18.00 6.35 58.36
CA VAL J 120 17.45 6.34 57.01
C VAL J 120 18.34 7.24 56.14
N HIS J 121 18.85 6.69 55.04
CA HIS J 121 19.77 7.40 54.16
C HIS J 121 19.06 7.82 52.88
N ARG J 122 19.76 8.59 52.07
CA ARG J 122 19.36 8.88 50.70
C ARG J 122 20.20 8.06 49.75
N ILE J 123 19.85 8.12 48.46
CA ILE J 123 20.53 7.30 47.46
C ILE J 123 21.92 7.81 47.11
N ARG J 124 22.31 8.98 47.59
CA ARG J 124 23.56 9.61 47.19
C ARG J 124 24.73 9.26 48.11
N ASP J 125 24.59 8.24 48.94
CA ASP J 125 25.55 7.96 50.00
C ASP J 125 25.96 6.49 50.01
N ILE J 126 26.35 5.96 48.86
CA ILE J 126 26.64 4.52 48.73
C ILE J 126 27.99 4.38 48.01
N ARG J 127 29.08 4.25 48.78
CA ARG J 127 30.40 4.14 48.18
C ARG J 127 31.11 2.82 48.48
N SER J 128 31.47 2.56 49.73
CA SER J 128 32.38 1.46 50.02
C SER J 128 31.93 0.59 51.16
N GLU J 129 31.33 1.18 52.20
CA GLU J 129 30.78 0.42 53.31
C GLU J 129 29.55 -0.36 52.90
N LYS J 130 28.94 0.02 51.78
CA LYS J 130 27.72 -0.62 51.31
C LYS J 130 28.04 -1.72 50.30
N ILE J 131 28.81 -2.70 50.76
CA ILE J 131 28.91 -4.01 50.11
C ILE J 131 28.79 -5.01 51.25
N GLY J 132 27.62 -5.60 51.40
CA GLY J 132 27.37 -6.54 52.47
C GLY J 132 26.76 -5.95 53.71
N SER J 133 26.22 -4.75 53.66
CA SER J 133 25.66 -4.11 54.83
C SER J 133 24.14 -4.12 54.77
N LEU J 134 23.52 -3.46 55.75
CA LEU J 134 22.07 -3.36 55.86
C LEU J 134 21.73 -1.89 56.03
N LEU J 135 21.02 -1.31 55.08
CA LEU J 135 20.84 0.14 55.05
C LEU J 135 19.47 0.50 54.52
N SER J 136 18.61 1.02 55.41
CA SER J 136 17.28 1.44 55.01
C SER J 136 17.35 2.66 54.10
N ILE J 137 16.61 2.60 52.99
CA ILE J 137 16.70 3.60 51.94
C ILE J 137 15.29 4.05 51.57
N SER J 138 15.10 5.37 51.51
CA SER J 138 13.81 5.95 51.16
C SER J 138 13.71 6.14 49.65
N GLY J 139 12.69 6.87 49.21
CA GLY J 139 12.51 7.22 47.82
C GLY J 139 11.14 6.84 47.32
N THR J 140 10.93 7.13 46.03
CA THR J 140 9.71 6.78 45.33
C THR J 140 10.03 5.86 44.17
N VAL J 141 8.99 5.23 43.60
CA VAL J 141 9.14 4.09 42.72
C VAL J 141 8.34 4.33 41.44
N THR J 142 8.94 3.98 40.30
CA THR J 142 8.37 4.27 38.99
C THR J 142 8.71 3.11 38.05
N ARG J 143 7.78 2.81 37.14
CA ARG J 143 7.99 1.95 35.96
C ARG J 143 8.36 0.51 36.37
N THR J 144 7.37 -0.15 36.95
CA THR J 144 7.51 -1.54 37.40
C THR J 144 7.59 -2.51 36.22
N SER J 145 7.63 -3.80 36.53
CA SER J 145 7.67 -4.83 35.51
C SER J 145 6.86 -6.03 35.97
N GLU J 146 7.00 -7.14 35.27
CA GLU J 146 6.10 -8.27 35.42
C GLU J 146 6.63 -9.26 36.45
N VAL J 147 6.02 -10.43 36.52
CA VAL J 147 6.30 -11.42 37.56
C VAL J 147 6.78 -12.69 36.87
N ARG J 148 8.07 -12.96 36.95
CA ARG J 148 8.69 -14.12 36.33
C ARG J 148 9.27 -15.04 37.39
N PRO J 149 9.57 -16.30 37.06
CA PRO J 149 10.18 -17.19 38.04
C PRO J 149 11.69 -17.23 38.02
N GLU J 150 12.25 -17.55 39.19
CA GLU J 150 13.69 -17.72 39.39
C GLU J 150 13.98 -19.15 39.80
N LEU J 151 15.27 -19.49 39.87
CA LEU J 151 15.68 -20.89 39.83
C LEU J 151 16.32 -21.40 41.12
N TYR J 152 17.45 -20.83 41.55
CA TYR J 152 18.18 -21.00 42.82
C TYR J 152 18.63 -22.42 43.17
N LYS J 153 18.20 -23.44 42.42
CA LYS J 153 18.41 -24.84 42.75
C LYS J 153 18.03 -25.67 41.55
N ALA J 154 18.91 -26.58 41.14
CA ALA J 154 18.70 -27.31 39.92
C ALA J 154 18.52 -28.79 40.25
N SER J 155 17.85 -29.49 39.34
CA SER J 155 17.88 -30.94 39.27
C SER J 155 18.52 -31.39 37.98
N PHE J 156 19.15 -30.45 37.28
CA PHE J 156 19.70 -30.73 35.96
C PHE J 156 21.02 -31.48 36.08
N THR J 157 21.19 -32.47 35.21
CA THR J 157 22.45 -33.18 35.08
C THR J 157 22.50 -33.80 33.68
N CYS J 158 23.70 -34.22 33.29
CA CYS J 158 23.92 -34.76 31.97
C CYS J 158 23.30 -36.15 31.84
N ASP J 159 22.89 -36.48 30.61
CA ASP J 159 22.28 -37.76 30.29
C ASP J 159 23.30 -38.80 29.85
N MET J 160 24.53 -38.71 30.34
CA MET J 160 25.57 -39.67 29.97
C MET J 160 25.24 -41.06 30.49
N CYS J 161 25.12 -41.20 31.80
CA CYS J 161 24.64 -42.44 32.41
C CYS J 161 23.39 -42.23 33.23
N ARG J 162 23.38 -41.24 34.13
CA ARG J 162 22.24 -40.98 35.00
C ARG J 162 22.23 -39.50 35.34
N ALA J 163 21.08 -38.86 35.11
CA ALA J 163 20.95 -37.41 35.26
C ALA J 163 20.31 -37.02 36.58
N ILE J 164 20.60 -37.75 37.66
CA ILE J 164 19.96 -37.50 38.95
C ILE J 164 20.88 -36.72 39.89
N VAL J 165 21.90 -36.06 39.37
CA VAL J 165 22.80 -35.27 40.20
C VAL J 165 22.13 -33.95 40.52
N ASP J 166 21.94 -33.67 41.81
CA ASP J 166 21.23 -32.49 42.27
C ASP J 166 22.21 -31.51 42.92
N ASN J 167 22.83 -30.68 42.09
CA ASN J 167 23.58 -29.54 42.59
C ASN J 167 22.61 -28.44 43.03
N VAL J 168 23.13 -27.43 43.72
CA VAL J 168 22.32 -26.36 44.26
C VAL J 168 23.00 -25.03 43.98
N GLU J 169 22.31 -23.95 44.35
CA GLU J 169 22.83 -22.58 44.42
C GLU J 169 23.33 -22.10 43.05
N GLN J 170 22.39 -21.97 42.13
CA GLN J 170 22.70 -21.40 40.83
C GLN J 170 23.04 -19.92 41.00
N SER J 171 24.24 -19.54 40.59
CA SER J 171 24.78 -18.20 40.81
C SER J 171 24.21 -17.20 39.80
N PHE J 172 24.86 -16.04 39.69
CA PHE J 172 24.37 -14.98 38.81
C PHE J 172 24.47 -15.34 37.34
N LYS J 173 25.24 -16.35 36.97
CA LYS J 173 25.28 -16.81 35.59
C LYS J 173 25.34 -18.32 35.46
N TYR J 174 25.29 -19.06 36.57
CA TYR J 174 25.51 -20.51 36.56
C TYR J 174 24.26 -21.22 36.05
N THR J 175 24.10 -21.20 34.73
CA THR J 175 23.05 -21.96 34.07
C THR J 175 23.51 -23.36 33.68
N GLU J 176 24.54 -23.89 34.34
CA GLU J 176 25.12 -25.18 33.96
C GLU J 176 25.72 -25.84 35.18
N PRO J 177 24.92 -26.62 35.93
CA PRO J 177 25.49 -27.42 37.01
C PRO J 177 26.27 -28.59 36.45
N THR J 178 27.60 -28.54 36.57
CA THR J 178 28.45 -29.51 35.91
C THR J 178 29.57 -29.96 36.83
N PHE J 179 29.22 -30.30 38.07
CA PHE J 179 30.22 -30.67 39.07
C PHE J 179 29.80 -31.95 39.78
N CYS J 180 30.78 -32.86 39.96
CA CYS J 180 30.71 -34.08 40.75
C CYS J 180 29.56 -35.00 40.39
N PRO J 181 29.62 -35.69 39.25
CA PRO J 181 28.64 -36.74 38.97
C PRO J 181 28.82 -37.94 39.88
N ASN J 182 27.79 -38.78 39.93
CA ASN J 182 27.79 -39.95 40.81
C ASN J 182 28.80 -40.99 40.33
N PRO J 183 28.56 -41.61 39.18
CA PRO J 183 29.57 -42.50 38.61
C PRO J 183 30.59 -41.73 37.80
N SER J 184 31.47 -42.44 37.09
CA SER J 184 32.44 -41.80 36.20
C SER J 184 31.86 -41.64 34.79
N CYS J 185 30.69 -41.00 34.74
CA CYS J 185 30.04 -40.70 33.47
C CYS J 185 30.66 -39.44 32.88
N GLU J 186 30.16 -38.99 31.74
CA GLU J 186 30.70 -37.82 31.05
C GLU J 186 30.26 -36.56 31.80
N ASN J 187 31.13 -36.10 32.70
CA ASN J 187 30.87 -34.88 33.44
C ASN J 187 30.98 -33.67 32.52
N ARG J 188 30.12 -32.68 32.77
CA ARG J 188 30.01 -31.42 32.02
C ARG J 188 29.66 -31.64 30.54
N ALA J 189 29.05 -32.78 30.21
CA ALA J 189 28.72 -33.06 28.82
C ALA J 189 27.39 -32.44 28.44
N PHE J 190 26.44 -32.42 29.36
CA PHE J 190 25.10 -31.95 29.06
C PHE J 190 24.41 -31.57 30.37
N TRP J 191 23.13 -31.22 30.25
CA TRP J 191 22.24 -30.97 31.37
C TRP J 191 20.82 -31.04 30.84
N THR J 192 19.88 -31.13 31.77
CA THR J 192 18.46 -31.16 31.41
C THR J 192 17.69 -30.56 32.58
N LEU J 193 17.29 -29.31 32.43
CA LEU J 193 16.66 -28.56 33.52
C LEU J 193 15.27 -29.13 33.78
N ASN J 194 15.17 -29.96 34.81
CA ASN J 194 13.91 -30.59 35.15
C ASN J 194 12.94 -29.56 35.74
N VAL J 195 11.74 -29.54 35.16
CA VAL J 195 10.68 -28.66 35.64
C VAL J 195 9.88 -29.31 36.77
N THR J 196 10.31 -30.48 37.23
CA THR J 196 9.54 -31.23 38.21
C THR J 196 9.99 -30.94 39.63
N ARG J 197 11.25 -31.23 39.95
CA ARG J 197 11.72 -31.17 41.33
C ARG J 197 12.37 -29.85 41.68
N SER J 198 12.87 -29.10 40.71
CA SER J 198 13.58 -27.86 40.98
C SER J 198 12.56 -26.79 41.33
N ARG J 199 12.40 -26.51 42.62
CA ARG J 199 11.42 -25.53 43.05
C ARG J 199 11.87 -24.13 42.70
N PHE J 200 10.90 -23.24 42.56
CA PHE J 200 11.10 -21.91 42.01
C PHE J 200 10.73 -20.86 43.04
N LEU J 201 10.98 -19.60 42.69
CA LEU J 201 10.40 -18.48 43.43
C LEU J 201 10.21 -17.32 42.47
N ASP J 202 9.39 -16.36 42.90
CA ASP J 202 8.83 -15.35 42.01
C ASP J 202 9.30 -13.96 42.39
N TRP J 203 9.59 -13.13 41.39
CA TRP J 203 10.30 -11.89 41.63
C TRP J 203 9.91 -10.87 40.56
N GLN J 204 10.43 -9.65 40.73
CA GLN J 204 10.23 -8.57 39.78
C GLN J 204 11.34 -7.55 39.96
N LYS J 205 11.52 -6.70 38.96
CA LYS J 205 12.62 -5.75 38.91
C LYS J 205 12.06 -4.37 38.62
N VAL J 206 12.11 -3.48 39.62
CA VAL J 206 11.55 -2.15 39.45
C VAL J 206 12.64 -1.11 39.69
N ARG J 207 12.38 0.10 39.21
CA ARG J 207 13.26 1.24 39.37
C ARG J 207 12.73 2.16 40.46
N ILE J 208 13.63 2.88 41.11
CA ILE J 208 13.21 3.81 42.15
C ILE J 208 13.61 5.22 41.74
N GLN J 209 13.32 6.20 42.59
CA GLN J 209 13.64 7.58 42.30
C GLN J 209 13.69 8.36 43.61
N GLU J 210 14.40 9.48 43.57
CA GLU J 210 14.63 10.27 44.77
C GLU J 210 13.45 11.18 45.07
N ASN J 211 13.20 11.40 46.36
CA ASN J 211 12.08 12.20 46.82
C ASN J 211 12.22 13.67 46.42
N ALA J 212 11.09 14.37 46.43
CA ALA J 212 11.01 15.73 45.91
C ALA J 212 11.66 16.75 46.85
N ASN J 213 11.62 16.53 48.17
CA ASN J 213 12.09 17.53 49.12
C ASN J 213 13.56 17.36 49.47
N GLU J 214 14.37 16.86 48.53
CA GLU J 214 15.80 16.76 48.74
C GLU J 214 16.61 17.23 47.54
N ILE J 215 15.99 17.44 46.39
CA ILE J 215 16.73 17.86 45.19
C ILE J 215 17.18 19.31 45.35
N PRO J 216 18.45 19.61 45.06
CA PRO J 216 18.90 21.01 45.11
C PRO J 216 18.30 21.84 43.99
N THR J 217 18.41 21.34 42.77
CA THR J 217 17.81 21.96 41.61
C THR J 217 17.38 20.86 40.64
N GLY J 218 16.94 21.25 39.46
CA GLY J 218 16.62 20.30 38.42
C GLY J 218 17.88 19.76 37.77
N SER J 219 18.58 18.88 38.47
CA SER J 219 19.95 18.50 38.12
C SER J 219 20.06 17.03 37.77
N MET J 220 19.14 16.54 36.91
CA MET J 220 18.93 15.16 36.45
C MET J 220 19.01 14.17 37.61
N PRO J 221 17.95 14.07 38.43
CA PRO J 221 18.00 13.27 39.66
C PRO J 221 18.19 11.79 39.36
N ARG J 222 19.35 11.28 39.76
CA ARG J 222 19.77 9.94 39.39
C ARG J 222 18.99 8.89 40.20
N THR J 223 19.23 7.63 39.89
CA THR J 223 18.45 6.54 40.46
C THR J 223 19.23 5.25 40.36
N LEU J 224 18.58 4.17 40.78
CA LEU J 224 19.13 2.82 40.71
C LEU J 224 17.95 1.85 40.69
N ASP J 225 18.26 0.56 40.83
CA ASP J 225 17.28 -0.49 40.63
C ASP J 225 17.34 -1.53 41.74
N VAL J 226 16.18 -2.12 42.04
CA VAL J 226 16.05 -3.05 43.15
C VAL J 226 15.52 -4.36 42.63
N ILE J 227 15.48 -5.37 43.51
CA ILE J 227 14.95 -6.69 43.21
C ILE J 227 14.17 -7.17 44.43
N LEU J 228 12.92 -7.57 44.23
CA LEU J 228 12.07 -8.06 45.30
C LEU J 228 11.93 -9.56 45.16
N ARG J 229 12.20 -10.31 46.23
CA ARG J 229 12.40 -11.74 46.10
C ARG J 229 11.28 -12.60 46.66
N GLY J 230 10.83 -12.35 47.89
CA GLY J 230 9.97 -13.32 48.53
C GLY J 230 8.50 -13.15 48.19
N ASP J 231 7.68 -12.99 49.23
CA ASP J 231 6.27 -12.62 49.06
C ASP J 231 6.12 -11.14 48.78
N SER J 232 7.21 -10.38 48.91
CA SER J 232 7.25 -8.93 48.75
C SER J 232 6.85 -8.44 47.36
N VAL J 233 6.70 -9.35 46.39
CA VAL J 233 6.14 -8.99 45.09
C VAL J 233 4.74 -8.42 45.28
N GLU J 234 4.44 -7.36 44.51
CA GLU J 234 3.13 -6.74 44.32
C GLU J 234 2.69 -5.93 45.54
N ARG J 235 3.43 -6.01 46.65
CA ARG J 235 3.20 -5.09 47.74
C ARG J 235 3.67 -3.68 47.38
N ALA J 236 4.68 -3.57 46.52
CA ALA J 236 5.21 -2.29 46.10
C ALA J 236 4.31 -1.71 45.01
N LYS J 237 3.27 -1.02 45.45
CA LYS J 237 2.46 -0.24 44.54
C LYS J 237 3.30 0.89 43.97
N PRO J 238 3.38 1.05 42.65
CA PRO J 238 4.27 2.07 42.08
C PRO J 238 3.73 3.47 42.29
N GLY J 239 4.64 4.39 42.57
CA GLY J 239 4.29 5.80 42.67
C GLY J 239 4.00 6.31 44.07
N ASP J 240 4.76 5.83 45.06
CA ASP J 240 4.54 6.22 46.44
C ASP J 240 5.87 6.28 47.19
N ARG J 241 5.87 7.02 48.29
CA ARG J 241 7.03 7.09 49.16
C ARG J 241 7.19 5.77 49.89
N CYS J 242 8.43 5.26 49.96
CA CYS J 242 8.63 3.87 50.33
C CYS J 242 10.02 3.68 50.94
N LYS J 243 10.15 2.61 51.72
CA LYS J 243 11.39 2.25 52.41
C LYS J 243 11.76 0.81 52.06
N PHE J 244 12.98 0.41 52.40
CA PHE J 244 13.47 -0.88 51.95
C PHE J 244 14.38 -1.50 53.00
N THR J 245 14.88 -2.71 52.69
CA THR J 245 15.65 -3.48 53.65
C THR J 245 17.11 -3.05 53.70
N GLY J 246 17.86 -3.28 52.63
CA GLY J 246 19.19 -2.72 52.59
C GLY J 246 20.41 -3.56 52.30
N VAL J 247 20.25 -4.76 51.75
CA VAL J 247 21.43 -5.54 51.37
C VAL J 247 21.92 -5.05 50.01
N GLU J 248 23.23 -4.94 49.86
CA GLU J 248 23.82 -4.48 48.61
C GLU J 248 24.41 -5.65 47.84
N ILE J 249 24.66 -5.41 46.55
CA ILE J 249 25.11 -6.46 45.65
C ILE J 249 25.71 -5.80 44.41
N VAL J 250 26.52 -6.55 43.68
CA VAL J 250 27.02 -6.15 42.37
C VAL J 250 26.83 -7.32 41.42
N VAL J 251 26.34 -7.06 40.22
CA VAL J 251 26.00 -8.13 39.28
C VAL J 251 26.57 -7.90 37.88
N PRO J 252 27.50 -8.73 37.43
CA PRO J 252 27.89 -8.72 36.02
C PRO J 252 27.21 -9.83 35.22
N ASP J 253 27.03 -9.63 33.89
CA ASP J 253 26.56 -10.71 33.02
C ASP J 253 26.99 -10.40 31.59
N VAL J 254 28.07 -11.03 31.13
CA VAL J 254 28.56 -10.74 29.78
C VAL J 254 28.83 -12.00 28.95
N THR J 255 29.08 -13.17 29.53
CA THR J 255 29.46 -14.35 28.76
C THR J 255 28.56 -15.51 29.14
N GLN J 256 27.89 -16.10 28.15
CA GLN J 256 26.98 -17.22 28.37
C GLN J 256 26.95 -18.08 27.11
N LEU J 257 25.97 -18.99 27.06
CA LEU J 257 25.86 -19.97 25.99
C LEU J 257 25.15 -19.44 24.75
N GLY J 258 24.34 -18.39 24.89
CA GLY J 258 23.40 -18.04 23.84
C GLY J 258 23.86 -16.93 22.93
N LEU J 259 23.32 -15.73 23.16
CA LEU J 259 23.65 -14.58 22.34
C LEU J 259 25.12 -14.20 22.51
N PRO J 260 25.76 -13.67 21.46
CA PRO J 260 27.18 -13.28 21.58
C PRO J 260 27.35 -12.07 22.47
N GLY J 261 28.15 -12.23 23.52
CA GLY J 261 28.41 -11.15 24.45
C GLY J 261 29.37 -10.12 23.88
N LYS J 275 30.24 6.35 22.93
CA LYS J 275 29.98 7.21 24.08
C LYS J 275 31.29 7.64 24.72
N THR J 276 31.63 7.05 25.86
CA THR J 276 32.85 7.37 26.60
C THR J 276 33.49 6.04 26.99
N THR J 277 34.46 6.11 27.91
CA THR J 277 35.23 4.96 28.37
C THR J 277 34.63 4.33 29.63
N GLU J 278 33.31 4.29 29.71
CA GLU J 278 32.63 3.58 30.79
C GLU J 278 33.01 2.11 30.80
N GLY J 279 33.15 1.56 32.00
CA GLY J 279 33.80 0.27 32.13
C GLY J 279 35.29 0.33 31.92
N LEU J 280 35.94 1.43 32.35
CA LEU J 280 37.39 1.49 32.26
C LEU J 280 38.06 0.63 33.34
N ASN J 281 37.36 0.39 34.44
CA ASN J 281 37.87 -0.53 35.47
C ASN J 281 37.84 -1.97 35.00
N SER J 282 37.04 -2.27 33.98
CA SER J 282 36.88 -3.62 33.47
C SER J 282 38.16 -4.19 32.87
N GLY J 283 39.06 -3.36 32.34
CA GLY J 283 40.29 -3.87 31.77
C GLY J 283 41.22 -4.48 32.80
N VAL J 284 41.12 -4.01 34.04
CA VAL J 284 41.77 -4.68 35.16
C VAL J 284 41.15 -6.05 35.40
N THR J 285 39.84 -6.15 35.23
CA THR J 285 39.10 -7.38 35.55
C THR J 285 39.31 -8.49 34.54
N GLY J 286 40.18 -8.38 33.54
CA GLY J 286 40.36 -9.43 32.57
C GLY J 286 41.14 -10.61 33.12
N LEU J 287 41.39 -11.55 32.20
CA LEU J 287 42.17 -12.78 32.41
C LEU J 287 41.68 -13.61 33.61
N ARG J 288 40.46 -14.11 33.48
CA ARG J 288 40.02 -15.19 34.35
C ARG J 288 40.45 -16.53 33.74
N SER J 289 40.05 -17.63 34.38
CA SER J 289 40.52 -18.94 33.93
C SER J 289 39.84 -19.38 32.64
N LEU J 290 38.63 -18.92 32.37
CA LEU J 290 38.01 -19.12 31.07
C LEU J 290 38.41 -17.95 30.17
N GLY J 291 37.68 -17.77 29.07
CA GLY J 291 38.17 -16.97 27.96
C GLY J 291 38.34 -15.50 28.30
N VAL J 292 39.38 -14.91 27.72
CA VAL J 292 39.75 -13.53 28.01
C VAL J 292 38.72 -12.60 27.38
N ARG J 293 38.16 -11.73 28.21
CA ARG J 293 37.06 -10.86 27.84
C ARG J 293 37.26 -9.55 28.58
N ASP J 294 36.19 -8.77 28.68
CA ASP J 294 36.24 -7.50 29.40
C ASP J 294 35.02 -7.51 30.32
N LEU J 295 35.15 -8.13 31.49
CA LEU J 295 33.99 -8.25 32.37
C LEU J 295 33.84 -7.00 33.22
N THR J 296 32.64 -6.45 33.26
CA THR J 296 32.40 -5.23 34.01
C THR J 296 31.88 -5.57 35.40
N TYR J 297 31.43 -4.55 36.12
CA TYR J 297 30.74 -4.70 37.39
C TYR J 297 29.92 -3.45 37.62
N LYS J 298 28.59 -3.60 37.62
CA LYS J 298 27.70 -2.47 37.80
C LYS J 298 26.96 -2.61 39.12
N ILE J 299 26.77 -1.49 39.81
CA ILE J 299 26.18 -1.50 41.14
C ILE J 299 24.67 -1.71 41.01
N SER J 300 24.12 -2.53 41.89
CA SER J 300 22.69 -2.76 41.95
C SER J 300 22.31 -2.91 43.41
N PHE J 301 21.10 -3.40 43.66
CA PHE J 301 20.59 -3.44 45.02
C PHE J 301 19.55 -4.54 45.12
N LEU J 302 19.53 -5.21 46.27
CA LEU J 302 18.57 -6.26 46.58
C LEU J 302 17.79 -5.85 47.81
N ALA J 303 16.52 -6.21 47.86
CA ALA J 303 15.70 -5.97 49.03
C ALA J 303 15.25 -7.30 49.61
N CYS J 304 14.59 -7.24 50.76
CA CYS J 304 13.97 -8.42 51.34
C CYS J 304 12.57 -8.10 51.85
N HIS J 305 12.34 -6.86 52.24
CA HIS J 305 11.11 -6.48 52.90
C HIS J 305 10.76 -5.04 52.55
N VAL J 306 9.49 -4.80 52.28
CA VAL J 306 9.03 -3.48 51.87
C VAL J 306 8.14 -2.91 52.96
N ILE J 307 8.05 -1.59 53.00
CA ILE J 307 7.02 -0.89 53.76
C ILE J 307 6.73 0.39 53.00
N SER J 308 5.53 0.93 53.22
CA SER J 308 5.08 2.11 52.47
C SER J 308 4.33 3.04 53.43
N ILE J 309 5.08 3.96 54.04
CA ILE J 309 4.45 4.99 54.86
C ILE J 309 3.94 6.07 53.93
N GLY J 310 2.64 6.32 53.95
CA GLY J 310 2.02 7.26 53.06
C GLY J 310 1.63 6.63 51.75
N SER J 337 -12.50 -6.70 70.76
CA SER J 337 -12.16 -5.46 71.44
C SER J 337 -13.38 -4.82 72.07
N ASP J 338 -13.20 -3.61 72.59
CA ASP J 338 -14.31 -2.80 73.04
C ASP J 338 -14.74 -1.77 72.00
N GLU J 339 -13.86 -1.48 71.04
CA GLU J 339 -14.23 -0.57 69.95
C GLU J 339 -15.19 -1.25 68.99
N ILE J 340 -15.06 -2.57 68.82
CA ILE J 340 -16.09 -3.31 68.10
C ILE J 340 -17.35 -3.40 68.97
N ASN J 341 -17.19 -3.37 70.28
CA ASN J 341 -18.35 -3.27 71.17
C ASN J 341 -18.87 -1.85 71.26
N GLU J 342 -18.05 -0.86 70.91
CA GLU J 342 -18.48 0.53 70.95
C GLU J 342 -19.56 0.80 69.92
N LEU J 343 -19.50 0.12 68.77
CA LEU J 343 -20.55 0.24 67.76
C LEU J 343 -21.88 -0.30 68.29
N LYS J 344 -21.84 -1.42 69.01
CA LYS J 344 -23.06 -2.00 69.57
C LYS J 344 -23.67 -1.11 70.64
N GLU J 345 -22.85 -0.36 71.36
CA GLU J 345 -23.39 0.66 72.24
C GLU J 345 -23.93 1.85 71.45
N MET J 346 -23.19 2.28 70.42
CA MET J 346 -23.59 3.45 69.67
C MET J 346 -24.75 3.17 68.72
N VAL J 347 -24.98 1.91 68.35
CA VAL J 347 -26.16 1.60 67.54
C VAL J 347 -27.43 1.62 68.39
N LYS J 348 -27.31 1.56 69.71
CA LYS J 348 -28.45 1.59 70.61
C LYS J 348 -28.73 3.00 71.13
N ASP J 349 -28.40 4.02 70.35
CA ASP J 349 -28.76 5.39 70.68
C ASP J 349 -30.06 5.73 69.95
N GLU J 350 -30.51 6.99 70.07
CA GLU J 350 -31.82 7.34 69.57
C GLU J 350 -31.77 8.40 68.48
N HIS J 351 -31.07 9.50 68.75
CA HIS J 351 -31.08 10.67 67.88
C HIS J 351 -29.81 10.78 67.05
N ILE J 352 -29.24 9.65 66.64
CA ILE J 352 -28.01 9.66 65.86
C ILE J 352 -28.22 10.22 64.47
N TYR J 353 -29.45 10.20 63.96
CA TYR J 353 -29.74 10.94 62.73
C TYR J 353 -29.58 12.43 62.96
N ASP J 354 -29.96 12.91 64.14
CA ASP J 354 -29.74 14.31 64.48
C ASP J 354 -28.40 14.55 65.15
N LYS J 355 -27.78 13.51 65.72
CA LYS J 355 -26.46 13.69 66.30
C LYS J 355 -25.41 13.82 65.22
N LEU J 356 -25.57 13.08 64.12
CA LEU J 356 -24.55 13.09 63.06
C LEU J 356 -24.56 14.39 62.28
N VAL J 357 -25.75 14.98 62.08
CA VAL J 357 -25.86 16.14 61.22
C VAL J 357 -25.25 17.37 61.89
N ARG J 358 -25.21 17.40 63.22
CA ARG J 358 -24.52 18.48 63.90
C ARG J 358 -23.02 18.29 63.93
N SER J 359 -22.53 17.10 63.60
CA SER J 359 -21.12 16.79 63.77
C SER J 359 -20.47 16.46 62.45
N ILE J 360 -20.71 17.27 61.43
CA ILE J 360 -20.14 17.02 60.12
C ILE J 360 -18.88 17.84 59.92
N ALA J 361 -19.01 19.16 59.95
CA ALA J 361 -17.86 19.97 59.64
C ALA J 361 -17.81 21.18 60.56
N PRO J 362 -16.67 21.39 61.23
CA PRO J 362 -16.52 22.61 62.04
C PRO J 362 -16.34 23.87 61.21
N ALA J 363 -15.98 23.74 59.94
CA ALA J 363 -15.75 24.90 59.09
C ALA J 363 -17.03 25.49 58.51
N VAL J 364 -18.20 25.03 58.93
CA VAL J 364 -19.46 25.51 58.42
C VAL J 364 -20.41 25.76 59.60
N PHE J 365 -21.32 26.70 59.42
CA PHE J 365 -22.38 26.96 60.39
C PHE J 365 -23.73 26.93 59.70
N GLY J 366 -24.70 26.30 60.35
CA GLY J 366 -26.06 26.32 59.82
C GLY J 366 -26.19 25.45 58.59
N HIS J 367 -27.05 25.89 57.67
CA HIS J 367 -27.32 25.22 56.39
C HIS J 367 -27.74 23.77 56.59
N GLU J 368 -28.60 23.54 57.59
CA GLU J 368 -28.97 22.20 58.03
C GLU J 368 -29.72 21.38 56.98
N ALA J 369 -30.20 22.01 55.92
CA ALA J 369 -30.76 21.26 54.80
C ALA J 369 -29.66 20.51 54.05
N VAL J 370 -28.61 21.23 53.62
CA VAL J 370 -27.60 20.63 52.78
C VAL J 370 -26.69 19.70 53.58
N LYS J 371 -26.62 19.89 54.90
CA LYS J 371 -25.87 18.96 55.72
C LYS J 371 -26.51 17.58 55.75
N LYS J 372 -27.83 17.52 55.61
CA LYS J 372 -28.51 16.23 55.58
C LYS J 372 -28.18 15.49 54.29
N GLY J 373 -28.08 16.20 53.17
CA GLY J 373 -27.89 15.57 51.89
C GLY J 373 -26.52 14.99 51.67
N ILE J 374 -25.49 15.70 52.14
CA ILE J 374 -24.11 15.27 51.91
C ILE J 374 -23.81 14.01 52.72
N LEU J 375 -24.49 13.83 53.86
CA LEU J 375 -24.31 12.62 54.65
C LEU J 375 -24.88 11.41 53.93
N LEU J 376 -25.99 11.59 53.24
CA LEU J 376 -26.53 10.48 52.45
C LEU J 376 -25.64 10.20 51.25
N GLN J 377 -25.00 11.22 50.70
CA GLN J 377 -24.01 11.00 49.66
C GLN J 377 -22.76 10.35 50.22
N MET J 378 -22.45 10.62 51.49
CA MET J 378 -21.26 10.04 52.12
C MET J 378 -21.41 8.54 52.26
N LEU J 379 -22.60 8.07 52.60
CA LEU J 379 -22.86 6.64 52.58
C LEU J 379 -23.23 6.20 51.17
N GLY J 380 -23.46 4.91 51.01
CA GLY J 380 -23.94 4.39 49.74
C GLY J 380 -25.34 3.83 49.86
N GLY J 381 -26.04 3.71 48.73
CA GLY J 381 -27.38 3.16 48.75
C GLY J 381 -27.42 1.68 48.49
N VAL J 382 -28.23 1.26 47.51
CA VAL J 382 -28.25 -0.13 47.07
C VAL J 382 -27.92 -0.16 45.58
N HIS J 383 -27.49 -1.33 45.12
CA HIS J 383 -27.13 -1.53 43.72
C HIS J 383 -27.70 -2.78 43.11
N LYS J 384 -28.06 -3.78 43.92
CA LYS J 384 -28.67 -5.00 43.43
C LYS J 384 -30.04 -4.67 42.83
N SER J 385 -30.34 -5.31 41.69
CA SER J 385 -31.49 -4.91 40.91
C SER J 385 -32.05 -6.14 40.21
N THR J 386 -32.84 -5.91 39.16
CA THR J 386 -33.53 -6.98 38.44
C THR J 386 -32.56 -7.92 37.74
N VAL J 387 -33.09 -9.05 37.31
CA VAL J 387 -32.29 -10.13 36.75
C VAL J 387 -32.41 -10.12 35.23
N GLU J 388 -31.30 -10.48 34.57
CA GLU J 388 -31.18 -10.64 33.12
C GLU J 388 -31.53 -9.35 32.38
N GLY J 389 -30.69 -8.35 32.58
CA GLY J 389 -30.91 -7.09 31.89
C GLY J 389 -30.35 -5.88 32.59
N ILE J 390 -31.23 -4.91 32.86
CA ILE J 390 -30.84 -3.60 33.33
C ILE J 390 -30.24 -3.69 34.72
N LYS J 391 -29.10 -3.05 34.92
CA LYS J 391 -28.61 -2.72 36.25
C LYS J 391 -29.02 -1.29 36.54
N LEU J 392 -29.77 -1.10 37.63
CA LEU J 392 -30.41 0.18 37.91
C LEU J 392 -29.40 1.14 38.54
N ARG J 393 -29.91 2.23 39.10
CA ARG J 393 -29.04 3.21 39.75
C ARG J 393 -28.43 2.64 41.01
N GLY J 394 -27.28 3.19 41.38
CA GLY J 394 -26.57 2.70 42.54
C GLY J 394 -26.36 3.75 43.60
N ASP J 395 -26.74 5.00 43.31
CA ASP J 395 -26.37 6.12 44.16
C ASP J 395 -27.28 7.30 43.87
N ILE J 396 -27.00 8.41 44.53
CA ILE J 396 -27.64 9.70 44.30
C ILE J 396 -26.54 10.63 43.78
N ASN J 397 -26.94 11.73 43.15
CA ASN J 397 -25.98 12.74 42.73
C ASN J 397 -26.59 14.11 42.95
N ILE J 398 -25.99 14.90 43.85
CA ILE J 398 -26.54 16.17 44.31
C ILE J 398 -25.54 17.28 43.99
N CYS J 399 -26.05 18.45 43.61
CA CYS J 399 -25.27 19.65 43.39
C CYS J 399 -25.83 20.79 44.21
N VAL J 400 -25.02 21.82 44.40
CA VAL J 400 -25.45 23.08 44.99
C VAL J 400 -24.78 24.20 44.20
N VAL J 401 -25.58 25.08 43.64
CA VAL J 401 -25.03 26.28 43.01
C VAL J 401 -25.13 27.40 44.03
N GLY J 402 -24.25 28.40 43.89
CA GLY J 402 -24.26 29.53 44.79
C GLY J 402 -23.23 30.55 44.35
N ASP J 403 -23.20 31.66 45.07
CA ASP J 403 -22.22 32.70 44.80
C ASP J 403 -20.83 32.21 45.18
N PRO J 404 -19.82 32.42 44.34
CA PRO J 404 -18.46 31.96 44.68
C PRO J 404 -17.86 32.76 45.81
N SER J 405 -16.75 32.21 46.35
CA SER J 405 -16.07 32.71 47.54
C SER J 405 -17.04 32.81 48.73
N THR J 406 -17.79 31.74 48.94
CA THR J 406 -18.73 31.63 50.04
C THR J 406 -18.51 30.26 50.66
N SER J 407 -19.47 29.82 51.49
CA SER J 407 -19.34 28.56 52.20
C SER J 407 -19.56 27.33 51.32
N LYS J 408 -19.76 27.50 50.01
CA LYS J 408 -19.83 26.35 49.11
C LYS J 408 -18.50 25.61 49.03
N SER J 409 -17.38 26.33 49.11
CA SER J 409 -16.08 25.72 48.88
C SER J 409 -15.57 24.95 50.09
N GLN J 410 -16.30 24.95 51.20
CA GLN J 410 -15.77 24.35 52.42
C GLN J 410 -16.05 22.85 52.45
N PHE J 411 -17.22 22.44 51.93
CA PHE J 411 -17.55 21.02 51.83
C PHE J 411 -16.59 20.31 50.89
N LEU J 412 -16.22 20.99 49.81
CA LEU J 412 -15.31 20.44 48.84
C LEU J 412 -13.93 20.21 49.45
N LYS J 413 -13.52 21.11 50.33
CA LYS J 413 -12.33 20.87 51.12
C LYS J 413 -12.55 19.75 52.12
N TYR J 414 -13.78 19.57 52.58
CA TYR J 414 -14.01 18.63 53.67
C TYR J 414 -14.00 17.19 53.20
N VAL J 415 -14.57 16.92 52.03
CA VAL J 415 -14.89 15.54 51.67
C VAL J 415 -13.66 14.78 51.20
N VAL J 416 -12.72 15.45 50.52
CA VAL J 416 -11.65 14.76 49.82
C VAL J 416 -10.61 14.15 50.75
N GLY J 417 -10.64 14.52 52.02
CA GLY J 417 -9.85 13.81 53.01
C GLY J 417 -10.74 12.90 53.83
N PHE J 418 -12.02 13.24 53.88
CA PHE J 418 -12.94 12.47 54.71
C PHE J 418 -13.39 11.19 54.02
N ALA J 419 -13.34 11.15 52.74
CA ALA J 419 -13.90 10.03 52.01
C ALA J 419 -12.81 9.05 51.60
N PRO J 420 -13.15 7.77 51.43
CA PRO J 420 -12.17 6.81 50.91
C PRO J 420 -11.89 7.06 49.42
N ARG J 421 -10.59 7.20 49.09
CA ARG J 421 -9.98 7.31 47.76
C ARG J 421 -10.68 8.27 46.79
N SER J 422 -11.33 9.30 47.32
CA SER J 422 -12.13 10.21 46.50
C SER J 422 -11.25 11.33 45.98
N VAL J 423 -11.20 11.49 44.67
CA VAL J 423 -10.33 12.47 44.05
C VAL J 423 -11.12 13.76 43.83
N TYR J 424 -10.38 14.86 43.68
CA TYR J 424 -10.96 16.16 43.35
C TYR J 424 -10.32 16.68 42.09
N THR J 425 -11.14 17.22 41.19
CA THR J 425 -10.65 17.76 39.94
C THR J 425 -11.53 18.96 39.58
N SER J 426 -10.88 20.05 39.19
CA SER J 426 -11.60 21.25 38.78
C SER J 426 -12.42 21.01 37.53
N GLY J 427 -11.92 20.20 36.61
CA GLY J 427 -12.63 19.96 35.37
C GLY J 427 -12.56 21.12 34.41
N LYS J 428 -11.43 21.81 34.36
CA LYS J 428 -11.23 22.90 33.41
C LYS J 428 -10.40 22.48 32.21
N ALA J 429 -9.50 21.51 32.37
CA ALA J 429 -8.70 20.99 31.27
C ALA J 429 -9.58 20.07 30.44
N SER J 430 -10.39 20.69 29.58
CA SER J 430 -11.31 19.98 28.72
C SER J 430 -10.76 19.81 27.31
N SER J 431 -9.44 19.74 27.17
CA SER J 431 -8.78 19.63 25.87
C SER J 431 -8.08 18.30 25.68
N ALA J 432 -7.14 17.96 26.56
CA ALA J 432 -6.35 16.74 26.34
C ALA J 432 -7.09 15.52 26.84
N ALA J 433 -7.30 15.42 28.14
CA ALA J 433 -7.84 14.21 28.76
C ALA J 433 -8.36 14.59 30.15
N GLY J 434 -8.62 13.58 30.97
CA GLY J 434 -9.06 13.81 32.33
C GLY J 434 -10.54 13.58 32.48
N LEU J 435 -11.29 14.68 32.53
CA LEU J 435 -12.75 14.59 32.55
C LEU J 435 -13.25 13.94 31.29
N THR J 436 -12.90 14.51 30.14
CA THR J 436 -13.05 13.82 28.86
C THR J 436 -12.06 12.67 28.81
N ALA J 437 -12.53 11.50 28.38
CA ALA J 437 -11.67 10.34 28.23
C ALA J 437 -11.14 10.25 26.80
N ALA J 438 -9.82 10.16 26.65
CA ALA J 438 -9.20 10.19 25.32
C ALA J 438 -7.83 9.52 25.36
N VAL J 439 -7.61 8.61 24.41
CA VAL J 439 -6.41 7.76 24.43
C VAL J 439 -5.19 8.56 24.03
N VAL J 440 -4.01 7.95 24.21
CA VAL J 440 -2.74 8.62 23.96
C VAL J 440 -2.22 8.18 22.60
N ARG J 441 -1.31 8.98 22.04
CA ARG J 441 -0.69 8.70 20.75
C ARG J 441 0.28 7.51 20.89
N ASP J 442 0.65 6.95 19.73
CA ASP J 442 1.56 5.83 19.62
C ASP J 442 2.91 6.16 20.25
N GLU J 443 3.23 5.47 21.34
CA GLU J 443 4.43 5.75 22.10
C GLU J 443 5.03 4.44 22.60
N GLU J 444 6.27 4.17 22.16
CA GLU J 444 7.11 3.07 22.66
C GLU J 444 6.51 1.69 22.42
N GLY J 445 5.70 1.54 21.38
CA GLY J 445 5.20 0.22 21.03
C GLY J 445 3.70 0.08 20.91
N GLY J 446 2.97 1.18 20.74
CA GLY J 446 1.55 1.06 20.48
C GLY J 446 0.70 2.28 20.76
N ASP J 447 -0.23 2.58 19.85
CA ASP J 447 -1.30 3.51 20.11
C ASP J 447 -2.47 2.74 20.71
N TYR J 448 -3.57 3.46 20.98
CA TYR J 448 -4.79 2.94 21.58
C TYR J 448 -4.49 2.24 22.91
N THR J 449 -4.04 3.03 23.87
CA THR J 449 -3.88 2.58 25.24
C THR J 449 -4.80 3.41 26.11
N ILE J 450 -5.27 2.80 27.20
CA ILE J 450 -6.21 3.51 28.06
C ILE J 450 -5.47 4.58 28.86
N GLU J 451 -6.22 5.53 29.36
CA GLU J 451 -5.67 6.69 30.05
C GLU J 451 -6.41 6.89 31.36
N ALA J 452 -5.85 7.77 32.19
CA ALA J 452 -6.43 8.09 33.48
C ALA J 452 -7.48 9.17 33.32
N GLY J 453 -7.90 9.75 34.42
CA GLY J 453 -8.93 10.77 34.42
C GLY J 453 -9.87 10.53 35.59
N ALA J 454 -10.50 11.61 36.05
CA ALA J 454 -11.21 11.55 37.32
C ALA J 454 -12.60 10.95 37.21
N LEU J 455 -12.73 9.85 36.53
CA LEU J 455 -13.92 9.02 36.59
C LEU J 455 -13.57 7.55 36.81
N MET J 456 -12.48 7.08 36.20
CA MET J 456 -12.17 5.66 36.25
C MET J 456 -11.65 5.25 37.62
N LEU J 457 -10.87 6.12 38.27
CA LEU J 457 -10.35 5.86 39.59
C LEU J 457 -11.30 6.30 40.69
N ALA J 458 -12.54 6.63 40.34
CA ALA J 458 -13.58 6.88 41.33
C ALA J 458 -14.54 5.69 41.44
N ASP J 459 -14.02 4.52 41.08
CA ASP J 459 -14.74 3.26 41.24
C ASP J 459 -14.99 3.04 42.72
N ASN J 460 -16.27 3.00 43.10
CA ASN J 460 -16.79 3.24 44.46
C ASN J 460 -16.05 4.38 45.17
N GLY J 461 -15.82 5.46 44.43
CA GLY J 461 -15.21 6.66 44.95
C GLY J 461 -16.07 7.86 44.63
N ILE J 462 -16.03 8.89 45.47
CA ILE J 462 -16.95 10.02 45.32
C ILE J 462 -16.20 11.19 44.72
N CYS J 463 -16.19 11.30 43.40
CA CYS J 463 -15.48 12.39 42.75
C CYS J 463 -16.29 13.68 42.86
N CYS J 464 -15.59 14.80 42.81
CA CYS J 464 -16.21 16.11 42.92
C CYS J 464 -15.60 17.04 41.88
N ILE J 465 -16.44 17.55 40.98
CA ILE J 465 -16.04 18.48 39.94
C ILE J 465 -16.88 19.73 40.08
N ASP J 466 -16.29 20.88 39.74
CA ASP J 466 -16.98 22.16 39.81
C ASP J 466 -16.88 22.88 38.47
N GLU J 467 -17.46 24.08 38.41
CA GLU J 467 -17.34 25.03 37.29
C GLU J 467 -17.86 24.44 35.98
N PHE J 468 -19.18 24.19 35.97
CA PHE J 468 -19.82 23.62 34.80
C PHE J 468 -19.88 24.55 33.60
N ASP J 469 -19.78 25.86 33.81
CA ASP J 469 -20.05 26.80 32.73
C ASP J 469 -18.94 26.87 31.70
N LYS J 470 -17.70 26.64 32.11
CA LYS J 470 -16.54 26.94 31.28
C LYS J 470 -16.05 25.76 30.46
N MET J 471 -16.75 24.63 30.50
CA MET J 471 -16.38 23.51 29.65
C MET J 471 -16.93 23.73 28.25
N ASP J 472 -16.67 22.79 27.36
CA ASP J 472 -17.08 22.96 25.97
C ASP J 472 -18.49 22.38 25.77
N ILE J 473 -18.95 22.37 24.52
CA ILE J 473 -20.29 21.92 24.21
C ILE J 473 -20.34 20.43 23.90
N SER J 474 -19.20 19.74 23.95
CA SER J 474 -19.17 18.31 23.61
C SER J 474 -19.19 17.40 24.83
N ASP J 475 -18.52 17.79 25.92
CA ASP J 475 -18.47 16.90 27.08
C ASP J 475 -19.79 16.86 27.84
N GLN J 476 -20.67 17.82 27.59
CA GLN J 476 -21.97 17.89 28.26
C GLN J 476 -22.91 16.78 27.86
N VAL J 477 -22.60 16.01 26.82
CA VAL J 477 -23.27 14.74 26.59
C VAL J 477 -22.40 13.59 27.08
N ALA J 478 -21.08 13.81 27.22
CA ALA J 478 -20.18 12.72 27.60
C ALA J 478 -20.38 12.31 29.05
N ILE J 479 -20.38 13.27 29.97
CA ILE J 479 -20.67 12.93 31.35
C ILE J 479 -22.16 12.66 31.53
N HIS J 480 -23.00 13.21 30.65
CA HIS J 480 -24.41 12.87 30.64
C HIS J 480 -24.62 11.41 30.29
N GLU J 481 -23.76 10.87 29.42
CA GLU J 481 -23.71 9.42 29.22
C GLU J 481 -23.22 8.73 30.48
N ALA J 482 -22.23 9.32 31.17
CA ALA J 482 -21.66 8.71 32.35
C ALA J 482 -22.60 8.75 33.55
N MET J 483 -23.62 9.59 33.51
CA MET J 483 -24.53 9.75 34.65
C MET J 483 -25.65 8.72 34.65
N GLU J 484 -26.26 8.47 33.48
CA GLU J 484 -27.51 7.70 33.42
C GLU J 484 -27.31 6.25 33.83
N GLN J 485 -26.30 5.60 33.28
CA GLN J 485 -25.89 4.29 33.77
C GLN J 485 -24.43 4.38 34.21
N GLN J 486 -23.87 3.24 34.59
CA GLN J 486 -22.58 3.27 35.28
C GLN J 486 -21.40 2.92 34.39
N THR J 487 -21.59 2.79 33.09
CA THR J 487 -20.47 2.52 32.20
C THR J 487 -20.32 3.68 31.22
N ILE J 488 -19.11 3.77 30.66
CA ILE J 488 -18.84 4.62 29.51
C ILE J 488 -18.24 3.74 28.42
N SER J 489 -18.28 4.23 27.20
CA SER J 489 -17.80 3.48 26.06
C SER J 489 -16.88 4.35 25.24
N ILE J 490 -15.91 3.71 24.59
CA ILE J 490 -14.98 4.43 23.74
C ILE J 490 -14.59 3.54 22.56
N ALA J 491 -14.42 4.17 21.40
CA ALA J 491 -13.99 3.47 20.20
C ALA J 491 -13.02 4.31 19.38
N LYS J 492 -12.31 5.25 19.99
CA LYS J 492 -11.47 6.20 19.28
C LYS J 492 -10.25 5.50 18.73
N ALA J 493 -10.28 5.18 17.44
CA ALA J 493 -9.18 4.63 16.64
C ALA J 493 -8.70 3.26 17.13
N GLY J 494 -9.47 2.59 17.99
CA GLY J 494 -9.15 1.27 18.45
C GLY J 494 -10.44 0.49 18.61
N ILE J 495 -10.39 -0.66 19.28
CA ILE J 495 -11.57 -1.50 19.42
C ILE J 495 -12.46 -0.88 20.49
N HIS J 496 -13.70 -1.34 20.59
CA HIS J 496 -14.58 -0.88 21.65
C HIS J 496 -14.06 -1.35 23.00
N ALA J 497 -14.23 -0.49 24.00
CA ALA J 497 -13.81 -0.81 25.36
C ALA J 497 -15.04 -0.87 26.26
N THR J 498 -15.06 -1.87 27.13
CA THR J 498 -16.16 -2.09 28.07
C THR J 498 -15.60 -1.80 29.45
N LEU J 499 -15.63 -0.54 29.84
CA LEU J 499 -15.21 -0.12 31.17
C LEU J 499 -16.40 0.47 31.92
N ASN J 500 -16.44 0.21 33.22
CA ASN J 500 -17.60 0.53 34.06
C ASN J 500 -17.12 1.32 35.27
N ALA J 501 -17.09 2.64 35.13
CA ALA J 501 -16.70 3.51 36.22
C ALA J 501 -17.89 3.63 37.17
N ARG J 502 -17.87 2.85 38.23
CA ARG J 502 -18.93 2.91 39.23
C ARG J 502 -18.74 4.15 40.09
N THR J 503 -19.46 5.22 39.75
CA THR J 503 -19.18 6.54 40.29
C THR J 503 -20.41 7.15 40.95
N SER J 504 -20.17 8.27 41.64
CA SER J 504 -21.22 9.10 42.23
C SER J 504 -20.65 10.51 42.31
N ILE J 505 -21.17 11.42 41.50
CA ILE J 505 -20.51 12.72 41.34
C ILE J 505 -21.02 13.74 42.33
N LEU J 506 -20.28 14.84 42.46
CA LEU J 506 -20.67 15.94 43.32
C LEU J 506 -20.32 17.23 42.59
N ALA J 507 -21.24 18.18 42.53
CA ALA J 507 -21.07 19.31 41.66
C ALA J 507 -21.35 20.62 42.37
N ALA J 508 -20.77 21.69 41.82
CA ALA J 508 -21.04 23.06 42.27
C ALA J 508 -20.73 23.98 41.10
N ALA J 509 -21.77 24.40 40.39
CA ALA J 509 -21.60 25.28 39.24
C ALA J 509 -21.70 26.73 39.68
N ASN J 510 -21.79 27.64 38.71
CA ASN J 510 -21.90 29.06 38.99
C ASN J 510 -23.18 29.63 38.39
N PRO J 511 -23.79 30.62 39.04
CA PRO J 511 -25.00 31.24 38.47
C PRO J 511 -24.65 32.12 37.27
N VAL J 512 -25.72 32.61 36.62
CA VAL J 512 -25.55 33.37 35.39
C VAL J 512 -25.04 34.78 35.61
N GLY J 513 -25.08 35.29 36.83
CA GLY J 513 -24.61 36.64 37.10
C GLY J 513 -23.89 36.77 38.41
N GLY J 514 -23.72 35.65 39.12
CA GLY J 514 -23.14 35.66 40.44
C GLY J 514 -24.11 35.94 41.56
N ARG J 515 -25.23 36.61 41.28
CA ARG J 515 -26.30 36.85 42.24
C ARG J 515 -27.56 36.16 41.75
N TYR J 516 -28.19 35.40 42.64
CA TYR J 516 -29.37 34.63 42.29
C TYR J 516 -30.61 35.52 42.43
N ASN J 517 -31.38 35.62 41.35
CA ASN J 517 -32.67 36.30 41.42
C ASN J 517 -33.66 35.48 42.23
N ARG J 518 -34.71 36.14 42.69
CA ARG J 518 -35.63 35.52 43.63
C ARG J 518 -36.99 35.21 43.02
N LYS J 519 -37.56 36.13 42.26
CA LYS J 519 -38.92 35.97 41.76
C LYS J 519 -39.02 34.98 40.61
N LEU J 520 -37.93 34.70 39.93
CA LEU J 520 -37.93 33.80 38.78
C LEU J 520 -37.61 32.39 39.28
N SER J 521 -37.55 31.43 38.36
CA SER J 521 -37.05 30.10 38.66
C SER J 521 -35.58 30.01 38.29
N LEU J 522 -34.98 28.87 38.60
CA LEU J 522 -33.60 28.61 38.20
C LEU J 522 -33.51 28.01 36.81
N ARG J 523 -34.64 27.87 36.11
CA ARG J 523 -34.64 27.43 34.71
C ARG J 523 -33.84 28.38 33.84
N GLY J 524 -33.85 29.67 34.15
CA GLY J 524 -32.93 30.59 33.53
C GLY J 524 -31.55 30.48 34.16
N ASN J 525 -31.48 30.36 35.48
CA ASN J 525 -30.23 30.44 36.19
C ASN J 525 -29.52 29.09 36.34
N LEU J 526 -29.91 28.08 35.57
CA LEU J 526 -29.16 26.83 35.60
C LEU J 526 -27.93 26.85 34.69
N ASN J 527 -27.92 27.74 33.69
CA ASN J 527 -26.78 28.04 32.83
C ASN J 527 -26.29 26.84 32.03
N MET J 528 -27.15 25.86 31.79
CA MET J 528 -26.79 24.66 31.04
C MET J 528 -27.97 24.30 30.16
N THR J 529 -28.00 23.08 29.66
CA THR J 529 -29.15 22.63 28.89
C THR J 529 -30.18 21.98 29.81
N ALA J 530 -31.29 21.59 29.22
CA ALA J 530 -32.41 21.00 29.95
C ALA J 530 -32.21 19.56 30.45
N PRO J 531 -31.94 18.55 29.60
CA PRO J 531 -32.16 17.17 30.06
C PRO J 531 -31.10 16.65 31.01
N ILE J 532 -29.97 17.34 31.18
CA ILE J 532 -29.03 16.90 32.20
C ILE J 532 -29.54 17.26 33.59
N MET J 533 -30.33 18.33 33.68
CA MET J 533 -30.93 18.70 34.96
C MET J 533 -32.00 17.70 35.38
N SER J 534 -32.81 17.27 34.42
CA SER J 534 -33.78 16.21 34.72
C SER J 534 -33.09 14.88 34.95
N ARG J 535 -31.92 14.66 34.33
CA ARG J 535 -31.12 13.49 34.63
C ARG J 535 -30.52 13.57 36.03
N PHE J 536 -30.36 14.78 36.54
CA PHE J 536 -29.82 15.01 37.86
C PHE J 536 -30.92 14.88 38.92
N ASP J 537 -30.50 14.86 40.18
CA ASP J 537 -31.41 14.95 41.31
C ASP J 537 -31.63 16.44 41.63
N LEU J 538 -32.22 16.74 42.77
CA LEU J 538 -32.47 18.12 43.16
C LEU J 538 -31.35 18.63 44.06
N PHE J 539 -31.41 19.93 44.33
CA PHE J 539 -30.22 20.69 44.66
C PHE J 539 -30.19 21.25 46.07
N PHE J 540 -31.24 21.97 46.48
CA PHE J 540 -31.23 22.87 47.64
C PHE J 540 -30.10 23.89 47.51
N VAL J 541 -30.32 24.80 46.56
CA VAL J 541 -29.43 25.93 46.33
C VAL J 541 -29.24 26.76 47.60
N ILE J 542 -27.99 27.11 47.89
CA ILE J 542 -27.65 27.95 49.02
C ILE J 542 -28.00 29.39 48.71
N LEU J 543 -28.81 30.01 49.55
CA LEU J 543 -29.20 31.40 49.44
C LEU J 543 -28.14 32.31 50.08
N ASP J 544 -28.39 33.62 50.01
CA ASP J 544 -27.48 34.59 50.59
C ASP J 544 -28.28 35.79 51.09
N ASP J 545 -27.72 36.45 52.11
CA ASP J 545 -28.32 37.64 52.71
C ASP J 545 -27.24 38.37 53.49
N CYS J 546 -27.48 39.65 53.74
CA CYS J 546 -26.59 40.49 54.54
C CYS J 546 -27.39 41.05 55.71
N ASN J 547 -27.37 40.33 56.82
CA ASN J 547 -28.04 40.75 58.04
C ASN J 547 -27.01 41.21 59.07
N GLU J 548 -27.50 41.99 60.03
CA GLU J 548 -26.63 42.55 61.07
C GLU J 548 -26.17 41.50 62.07
N LYS J 549 -26.86 40.37 62.17
CA LYS J 549 -26.61 39.40 63.21
C LYS J 549 -25.78 38.22 62.73
N ILE J 550 -25.99 37.78 61.50
CA ILE J 550 -25.36 36.54 61.04
C ILE J 550 -23.89 36.74 60.76
N ASP J 551 -23.51 37.93 60.31
CA ASP J 551 -22.10 38.24 60.09
C ASP J 551 -21.32 38.31 61.39
N THR J 552 -21.97 38.77 62.47
CA THR J 552 -21.30 38.89 63.75
C THR J 552 -21.02 37.53 64.36
N GLU J 553 -22.01 36.63 64.32
CA GLU J 553 -21.80 35.31 64.88
C GLU J 553 -20.88 34.46 64.02
N LEU J 554 -20.89 34.67 62.70
CA LEU J 554 -19.94 33.98 61.83
C LEU J 554 -18.54 34.52 62.04
N ALA J 555 -18.42 35.78 62.44
CA ALA J 555 -17.11 36.33 62.78
C ALA J 555 -16.55 35.67 64.02
N SER J 556 -17.39 35.46 65.04
CA SER J 556 -16.94 34.72 66.21
C SER J 556 -16.74 33.25 65.88
N HIS J 557 -17.47 32.74 64.89
CA HIS J 557 -17.31 31.34 64.48
C HIS J 557 -15.99 31.10 63.78
N ILE J 558 -15.41 32.14 63.17
CA ILE J 558 -14.21 31.94 62.37
C ILE J 558 -12.94 32.26 63.14
N VAL J 559 -13.01 33.07 64.20
CA VAL J 559 -11.78 33.51 64.84
C VAL J 559 -11.21 32.44 65.77
N ASP J 560 -12.08 31.75 66.51
CA ASP J 560 -11.63 30.63 67.33
C ASP J 560 -11.15 29.48 66.47
N LEU J 561 -11.73 29.31 65.29
CA LEU J 561 -11.16 28.40 64.30
C LEU J 561 -9.81 28.90 63.83
N HIS J 562 -9.72 30.20 63.52
CA HIS J 562 -8.46 30.74 63.02
C HIS J 562 -7.50 31.05 64.16
N MET J 563 -7.90 30.83 65.40
CA MET J 563 -6.94 30.66 66.47
C MET J 563 -6.03 29.47 66.16
N LYS J 564 -4.78 29.58 66.61
CA LYS J 564 -3.87 28.45 66.55
C LYS J 564 -4.38 27.29 67.41
N ARG J 565 -4.89 27.61 68.60
CA ARG J 565 -5.49 26.59 69.46
C ARG J 565 -6.61 27.24 70.27
N ASP J 566 -7.83 27.17 69.75
CA ASP J 566 -9.04 27.34 70.53
C ASP J 566 -9.93 26.15 70.18
N GLU J 567 -9.66 25.00 70.81
CA GLU J 567 -10.46 23.80 70.58
C GLU J 567 -11.48 23.63 71.70
N ALA J 568 -12.38 24.60 71.79
CA ALA J 568 -13.50 24.54 72.71
C ALA J 568 -14.77 24.02 72.04
N ILE J 569 -14.82 24.05 70.71
CA ILE J 569 -15.94 23.46 69.98
C ILE J 569 -15.86 21.94 70.08
N GLU J 570 -16.99 21.32 70.37
CA GLU J 570 -17.04 19.87 70.57
C GLU J 570 -17.98 19.22 69.56
N PRO J 571 -17.45 18.59 68.52
CA PRO J 571 -18.24 17.62 67.79
C PRO J 571 -18.52 16.41 68.65
N PRO J 572 -19.77 15.99 68.79
CA PRO J 572 -20.09 14.85 69.66
C PRO J 572 -19.62 13.49 69.13
N PHE J 573 -18.98 13.44 67.97
CA PHE J 573 -18.22 12.29 67.54
C PHE J 573 -16.83 12.75 67.14
N SER J 574 -15.93 11.78 66.97
CA SER J 574 -14.63 12.07 66.38
C SER J 574 -14.69 11.72 64.90
N ALA J 575 -13.56 11.92 64.21
CA ALA J 575 -13.52 11.63 62.78
C ALA J 575 -13.52 10.13 62.52
N GLU J 576 -12.60 9.39 63.14
CA GLU J 576 -12.41 8.00 62.77
C GLU J 576 -13.50 7.09 63.32
N GLN J 577 -14.08 7.42 64.48
CA GLN J 577 -15.17 6.57 64.98
C GLN J 577 -16.45 6.80 64.19
N LEU J 578 -16.57 7.95 63.54
CA LEU J 578 -17.61 8.12 62.54
C LEU J 578 -17.26 7.36 61.27
N ARG J 579 -15.97 7.28 60.95
CA ARG J 579 -15.52 6.65 59.72
C ARG J 579 -15.74 5.15 59.76
N ARG J 580 -15.43 4.51 60.89
CA ARG J 580 -15.72 3.09 61.01
C ARG J 580 -17.20 2.81 61.24
N TYR J 581 -17.97 3.82 61.67
CA TYR J 581 -19.38 3.61 61.93
C TYR J 581 -20.15 3.36 60.63
N ILE J 582 -19.87 4.14 59.60
CA ILE J 582 -20.54 3.93 58.33
C ILE J 582 -20.04 2.66 57.65
N LYS J 583 -18.83 2.21 58.00
CA LYS J 583 -18.35 0.92 57.51
C LYS J 583 -19.13 -0.23 58.14
N TYR J 584 -19.75 -0.01 59.28
CA TYR J 584 -20.75 -0.94 59.76
C TYR J 584 -22.10 -0.73 59.08
N ALA J 585 -22.38 0.50 58.65
CA ALA J 585 -23.69 0.80 58.08
C ALA J 585 -23.85 0.24 56.68
N ARG J 586 -22.75 0.05 55.96
CA ARG J 586 -22.84 -0.41 54.58
C ARG J 586 -23.13 -1.90 54.46
N THR J 587 -23.19 -2.64 55.56
CA THR J 587 -23.28 -4.09 55.50
C THR J 587 -24.71 -4.56 55.79
N PHE J 588 -25.69 -3.85 55.26
CA PHE J 588 -27.08 -4.29 55.28
C PHE J 588 -27.67 -4.19 53.89
N LYS J 589 -28.94 -4.53 53.78
CA LYS J 589 -29.68 -4.42 52.53
C LYS J 589 -31.16 -4.30 52.86
N PRO J 590 -31.63 -3.13 53.29
CA PRO J 590 -33.02 -3.02 53.72
C PRO J 590 -33.97 -3.03 52.53
N ILE J 591 -35.07 -3.74 52.69
CA ILE J 591 -36.07 -3.93 51.63
C ILE J 591 -37.40 -3.40 52.14
N LEU J 592 -38.07 -2.59 51.30
CA LEU J 592 -39.44 -2.20 51.59
C LEU J 592 -40.32 -3.45 51.54
N THR J 593 -41.11 -3.64 52.59
CA THR J 593 -41.90 -4.86 52.71
C THR J 593 -43.35 -4.53 53.02
N LYS J 594 -43.58 -3.37 53.61
CA LYS J 594 -44.94 -2.97 53.95
C LYS J 594 -45.69 -2.55 52.69
N GLU J 595 -47.00 -2.33 52.87
CA GLU J 595 -47.87 -1.95 51.78
C GLU J 595 -48.02 -0.44 51.65
N ALA J 596 -47.01 0.31 52.06
CA ALA J 596 -46.99 1.76 51.84
C ALA J 596 -46.57 2.13 50.43
N ARG J 597 -46.31 1.14 49.56
CA ARG J 597 -46.15 1.43 48.14
C ARG J 597 -47.46 1.91 47.55
N SER J 598 -48.59 1.45 48.07
CA SER J 598 -49.88 2.02 47.73
C SER J 598 -50.03 3.42 48.27
N TYR J 599 -49.43 3.69 49.43
CA TYR J 599 -49.33 5.07 49.91
C TYR J 599 -48.36 5.86 49.06
N LEU J 600 -47.33 5.20 48.53
CA LEU J 600 -46.30 5.89 47.76
C LEU J 600 -46.82 6.39 46.43
N VAL J 601 -47.60 5.57 45.72
CA VAL J 601 -47.96 5.88 44.34
C VAL J 601 -48.91 7.06 44.23
N GLU J 602 -49.73 7.31 45.24
CA GLU J 602 -50.63 8.45 45.16
C GLU J 602 -49.90 9.78 45.34
N LYS J 603 -48.75 9.76 46.02
CA LYS J 603 -48.03 11.01 46.25
C LYS J 603 -47.40 11.52 44.97
N TYR J 604 -46.73 10.63 44.23
CA TYR J 604 -46.18 11.01 42.94
C TYR J 604 -47.27 11.35 41.94
N LYS J 605 -48.38 10.59 41.98
CA LYS J 605 -49.50 10.88 41.09
C LYS J 605 -50.11 12.22 41.40
N GLU J 606 -50.04 12.66 42.67
CA GLU J 606 -50.37 14.04 42.96
C GLU J 606 -49.24 14.97 42.54
N LEU J 607 -48.00 14.50 42.61
CA LEU J 607 -46.85 15.38 42.39
C LEU J 607 -46.71 15.76 40.92
N ARG J 608 -46.94 14.81 40.02
CA ARG J 608 -46.74 15.07 38.59
C ARG J 608 -47.76 16.06 38.04
N LYS J 609 -48.94 16.17 38.66
CA LYS J 609 -49.94 17.14 38.24
C LYS J 609 -49.66 18.56 38.71
N ASP J 610 -48.57 18.77 39.45
CA ASP J 610 -48.22 20.09 39.95
C ASP J 610 -47.18 20.79 39.09
N ASP J 611 -46.07 20.12 38.79
CA ASP J 611 -44.99 20.72 38.02
C ASP J 611 -45.34 20.88 36.55
N ALA J 612 -46.34 20.14 36.07
CA ALA J 612 -46.88 20.34 34.73
C ALA J 612 -48.02 21.34 34.85
N GLN J 613 -47.71 22.61 34.61
CA GLN J 613 -48.70 23.69 34.71
C GLN J 613 -49.42 23.94 33.39
N GLY J 614 -49.52 22.93 32.54
CA GLY J 614 -50.20 23.07 31.27
C GLY J 614 -49.71 22.02 30.30
N PHE J 615 -50.49 21.83 29.24
CA PHE J 615 -50.07 20.92 28.18
C PHE J 615 -48.90 21.49 27.40
N SER J 616 -48.79 22.82 27.32
CA SER J 616 -47.68 23.51 26.69
C SER J 616 -46.71 24.07 27.74
N ARG J 617 -46.71 23.51 28.94
CA ARG J 617 -45.74 23.88 29.95
C ARG J 617 -44.43 23.14 29.67
N SER J 618 -43.34 23.65 30.26
CA SER J 618 -41.98 23.26 29.94
C SER J 618 -41.72 21.78 30.21
N SER J 619 -40.64 21.28 29.60
CA SER J 619 -40.30 19.86 29.61
C SER J 619 -39.50 19.46 30.85
N TYR J 620 -39.60 20.22 31.94
CA TYR J 620 -39.11 19.79 33.24
C TYR J 620 -40.22 19.06 33.99
N ARG J 621 -40.72 18.02 33.33
CA ARG J 621 -41.79 17.20 33.85
C ARG J 621 -41.14 16.01 34.56
N ILE J 622 -41.29 15.98 35.87
CA ILE J 622 -40.58 15.01 36.71
C ILE J 622 -41.19 13.64 36.50
N THR J 623 -40.56 12.84 35.66
CA THR J 623 -41.15 11.62 35.14
C THR J 623 -40.77 10.43 36.00
N VAL J 624 -40.98 9.22 35.46
CA VAL J 624 -40.73 7.97 36.18
C VAL J 624 -39.25 7.70 36.43
N ARG J 625 -38.36 8.51 35.85
CA ARG J 625 -36.94 8.40 36.17
C ARG J 625 -36.67 8.70 37.63
N GLN J 626 -37.39 9.66 38.20
CA GLN J 626 -37.13 10.10 39.57
C GLN J 626 -37.73 9.17 40.61
N LEU J 627 -38.64 8.28 40.23
CA LEU J 627 -39.24 7.35 41.18
C LEU J 627 -38.21 6.40 41.77
N GLU J 628 -37.17 6.08 41.00
CA GLU J 628 -36.07 5.29 41.52
C GLU J 628 -35.32 6.02 42.61
N SER J 629 -35.05 7.31 42.40
CA SER J 629 -34.45 8.10 43.46
C SER J 629 -35.42 8.31 44.62
N MET J 630 -36.73 8.32 44.33
CA MET J 630 -37.76 8.47 45.36
C MET J 630 -37.81 7.29 46.32
N ILE J 631 -37.23 6.15 45.96
CA ILE J 631 -37.11 5.05 46.89
C ILE J 631 -35.66 4.76 47.27
N ARG J 632 -34.69 5.07 46.42
CA ARG J 632 -33.32 4.73 46.75
C ARG J 632 -32.68 5.75 47.68
N LEU J 633 -33.25 6.95 47.81
CA LEU J 633 -32.90 7.73 48.98
C LEU J 633 -33.68 7.26 50.19
N SER J 634 -34.88 6.74 49.96
CA SER J 634 -35.79 6.41 51.04
C SER J 634 -35.30 5.20 51.82
N GLU J 635 -34.56 4.31 51.16
CA GLU J 635 -33.94 3.21 51.89
C GLU J 635 -32.66 3.65 52.58
N ALA J 636 -31.96 4.63 52.02
CA ALA J 636 -30.66 5.00 52.54
C ALA J 636 -30.76 5.77 53.84
N ILE J 637 -31.84 6.54 54.02
CA ILE J 637 -32.05 7.22 55.28
C ILE J 637 -32.42 6.22 56.36
N ALA J 638 -33.13 5.16 56.00
CA ALA J 638 -33.36 4.08 56.94
C ALA J 638 -32.12 3.21 57.10
N ARG J 639 -31.23 3.23 56.11
CA ARG J 639 -29.94 2.56 56.25
C ARG J 639 -29.02 3.33 57.20
N ALA J 640 -29.30 4.60 57.46
CA ALA J 640 -28.55 5.35 58.44
C ALA J 640 -28.95 4.97 59.86
N ASN J 641 -30.25 4.76 60.10
CA ASN J 641 -30.75 4.45 61.43
C ASN J 641 -30.79 2.95 61.70
N CYS J 642 -30.19 2.15 60.82
CA CYS J 642 -29.98 0.70 61.00
C CYS J 642 -31.30 -0.05 61.15
N VAL J 643 -32.24 0.24 60.26
CA VAL J 643 -33.53 -0.45 60.21
C VAL J 643 -33.62 -1.17 58.88
N ASP J 644 -33.99 -2.44 58.92
CA ASP J 644 -33.87 -3.32 57.76
C ASP J 644 -35.14 -3.37 56.90
N GLU J 645 -36.13 -2.53 57.16
CA GLU J 645 -37.34 -2.46 56.36
C GLU J 645 -37.84 -1.02 56.33
N ILE J 646 -38.79 -0.75 55.43
CA ILE J 646 -39.24 0.61 55.18
C ILE J 646 -40.66 0.76 55.71
N THR J 647 -40.87 1.76 56.54
CA THR J 647 -42.12 2.22 57.12
C THR J 647 -42.65 3.39 56.32
N PRO J 648 -43.96 3.65 56.35
CA PRO J 648 -44.46 4.92 55.79
C PRO J 648 -44.07 6.14 56.60
N SER J 649 -43.61 5.96 57.84
CA SER J 649 -43.17 7.10 58.63
C SER J 649 -41.81 7.61 58.17
N PHE J 650 -40.96 6.73 57.61
CA PHE J 650 -39.61 7.13 57.23
C PHE J 650 -39.60 7.93 55.94
N ILE J 651 -40.61 7.79 55.10
CA ILE J 651 -40.61 8.42 53.79
C ILE J 651 -41.29 9.77 53.85
N ALA J 652 -41.62 10.23 55.06
CA ALA J 652 -42.13 11.58 55.23
C ALA J 652 -41.08 12.62 54.89
N GLU J 653 -39.85 12.40 55.36
CA GLU J 653 -38.74 13.28 54.97
C GLU J 653 -38.27 13.03 53.55
N ALA J 654 -38.69 11.93 52.94
CA ALA J 654 -38.31 11.65 51.56
C ALA J 654 -39.16 12.41 50.56
N TYR J 655 -40.44 12.61 50.86
CA TYR J 655 -41.34 13.23 49.89
C TYR J 655 -41.06 14.71 49.76
N ASP J 656 -40.97 15.41 50.88
CA ASP J 656 -40.82 16.85 50.86
C ASP J 656 -39.42 17.28 50.43
N LEU J 657 -38.42 16.40 50.54
CA LEU J 657 -37.05 16.77 50.21
C LEU J 657 -36.89 17.11 48.73
N LEU J 658 -37.59 16.40 47.86
CA LEU J 658 -37.73 16.93 46.52
C LEU J 658 -38.72 18.08 46.49
N ARG J 659 -39.80 17.97 47.27
CA ARG J 659 -40.94 18.85 47.10
C ARG J 659 -40.69 20.26 47.63
N GLN J 660 -40.00 20.37 48.77
CA GLN J 660 -39.55 21.69 49.21
C GLN J 660 -38.50 22.29 48.27
N SER J 661 -37.76 21.45 47.55
CA SER J 661 -36.80 21.91 46.57
C SER J 661 -37.36 21.95 45.15
N ILE J 662 -38.50 21.31 44.88
CA ILE J 662 -39.16 21.51 43.59
C ILE J 662 -40.08 22.74 43.63
N ILE J 663 -40.51 23.17 44.82
CA ILE J 663 -41.16 24.47 44.92
C ILE J 663 -40.12 25.58 44.90
N ARG J 664 -38.87 25.24 45.19
CA ARG J 664 -37.76 26.13 44.85
C ARG J 664 -37.62 26.25 43.34
N VAL J 665 -37.85 25.17 42.60
CA VAL J 665 -37.97 25.27 41.15
C VAL J 665 -39.28 25.96 40.78
N ASP J 666 -40.40 25.39 41.21
CA ASP J 666 -41.71 25.93 40.86
C ASP J 666 -42.01 27.11 41.77
N VAL J 667 -41.47 28.26 41.36
CA VAL J 667 -41.54 29.58 42.02
C VAL J 667 -41.43 29.57 43.55
N MET K 1 58.95 -16.67 -5.11
CA MET K 1 57.77 -17.27 -5.72
C MET K 1 57.80 -17.17 -7.23
N SER K 2 56.99 -18.01 -7.88
CA SER K 2 56.77 -17.95 -9.32
C SER K 2 55.60 -17.01 -9.60
N ALA K 3 55.06 -17.05 -10.82
CA ALA K 3 53.91 -16.27 -11.28
C ALA K 3 54.16 -14.76 -11.16
N ALA K 4 55.09 -14.30 -12.02
CA ALA K 4 55.35 -12.90 -12.33
C ALA K 4 55.92 -12.11 -11.16
N LEU K 5 56.42 -12.78 -10.13
CA LEU K 5 57.17 -12.08 -9.09
C LEU K 5 58.45 -11.42 -9.57
N PRO K 6 59.22 -11.95 -10.54
CA PRO K 6 60.26 -11.12 -11.17
C PRO K 6 59.65 -9.93 -11.91
N SER K 7 60.03 -8.75 -11.45
CA SER K 7 59.45 -7.50 -11.96
C SER K 7 60.08 -7.14 -13.30
N ILE K 8 59.72 -5.97 -13.81
CA ILE K 8 60.25 -5.47 -15.07
C ILE K 8 61.67 -4.97 -14.87
N GLN K 9 62.39 -4.75 -15.97
CA GLN K 9 63.72 -4.16 -15.93
C GLN K 9 63.57 -2.65 -15.82
N LEU K 10 63.32 -2.20 -14.61
CA LEU K 10 63.12 -0.77 -14.37
C LEU K 10 64.45 -0.04 -14.44
N PRO K 11 64.59 0.99 -15.27
CA PRO K 11 65.84 1.74 -15.33
C PRO K 11 66.02 2.74 -14.20
N VAL K 12 65.02 2.92 -13.35
CA VAL K 12 65.06 3.89 -12.27
C VAL K 12 65.17 3.12 -10.96
N ASP K 13 66.33 3.18 -10.34
CA ASP K 13 66.55 2.61 -9.02
C ASP K 13 66.52 3.73 -7.99
N TYR K 14 66.90 3.42 -6.76
CA TYR K 14 67.11 4.44 -5.75
C TYR K 14 68.56 4.61 -5.34
N ASN K 15 69.41 3.62 -5.61
CA ASN K 15 70.83 3.74 -5.31
C ASN K 15 71.50 4.80 -6.17
N ASN K 16 71.01 4.98 -7.41
CA ASN K 16 71.47 6.09 -8.23
C ASN K 16 70.99 7.43 -7.71
N LEU K 17 69.91 7.43 -6.93
CA LEU K 17 69.47 8.64 -6.25
C LEU K 17 70.07 8.75 -4.86
N PHE K 18 70.45 7.61 -4.26
CA PHE K 18 70.92 7.61 -2.88
C PHE K 18 72.24 8.35 -2.74
N ASN K 19 73.20 8.08 -3.63
CA ASN K 19 74.44 8.85 -3.65
C ASN K 19 74.21 10.29 -4.06
N GLU K 20 73.15 10.56 -4.83
CA GLU K 20 72.72 11.92 -5.10
C GLU K 20 71.86 12.50 -3.97
N ILE K 21 71.77 11.79 -2.84
CA ILE K 21 71.42 12.42 -1.58
C ILE K 21 72.65 12.57 -0.69
N THR K 22 73.66 11.71 -0.85
CA THR K 22 74.90 11.85 -0.06
C THR K 22 75.67 13.11 -0.43
N ASP K 23 75.45 13.65 -1.63
CA ASP K 23 76.09 14.90 -2.02
C ASP K 23 75.45 16.11 -1.35
N PHE K 24 74.39 15.94 -0.55
CA PHE K 24 73.71 17.04 0.10
C PHE K 24 74.34 17.40 1.43
N LEU K 25 75.65 17.18 1.55
CA LEU K 25 76.50 17.80 2.55
C LEU K 25 76.86 19.22 2.09
N VAL K 26 77.87 19.82 2.70
CA VAL K 26 78.17 21.23 2.42
C VAL K 26 78.76 21.36 1.02
N THR K 27 77.88 21.71 0.07
CA THR K 27 78.27 22.16 -1.25
C THR K 27 77.45 23.32 -1.77
N PHE K 28 76.23 23.53 -1.27
CA PHE K 28 75.37 24.61 -1.75
C PHE K 28 75.52 25.79 -0.80
N LYS K 29 76.45 26.68 -1.13
CA LYS K 29 76.79 27.80 -0.27
C LYS K 29 75.97 29.05 -0.56
N GLN K 30 75.22 29.08 -1.65
CA GLN K 30 74.42 30.25 -1.99
C GLN K 30 73.25 30.41 -1.02
N ASP K 31 72.48 29.36 -0.83
CA ASP K 31 71.35 29.38 0.09
C ASP K 31 71.20 28.02 0.76
N LYS K 59 76.63 30.67 7.99
CA LYS K 59 76.21 31.32 6.76
C LYS K 59 76.81 30.61 5.55
N GLY K 60 77.11 29.31 5.72
CA GLY K 60 77.60 28.50 4.64
C GLY K 60 76.50 27.62 4.07
N PRO K 61 76.45 26.37 4.49
CA PRO K 61 75.32 25.50 4.14
C PRO K 61 74.10 25.86 4.98
N LYS K 62 73.14 26.53 4.36
CA LYS K 62 72.06 27.15 5.13
C LYS K 62 71.04 26.15 5.62
N TYR K 63 70.84 25.04 4.89
CA TYR K 63 70.03 23.96 5.42
C TYR K 63 70.72 23.26 6.58
N MET K 64 72.07 23.22 6.55
CA MET K 64 72.81 22.78 7.73
C MET K 64 72.81 23.84 8.82
N ALA K 65 72.63 25.12 8.46
CA ALA K 65 72.50 26.15 9.48
C ALA K 65 71.18 26.04 10.21
N MET K 66 70.10 25.72 9.48
CA MET K 66 68.83 25.41 10.11
C MET K 66 68.88 24.11 10.91
N LEU K 67 69.80 23.20 10.55
CA LEU K 67 70.00 21.98 11.31
C LEU K 67 70.58 22.24 12.68
N GLN K 68 71.26 23.38 12.87
CA GLN K 68 71.78 23.73 14.18
C GLN K 68 70.71 24.31 15.09
N LYS K 69 69.69 24.95 14.50
CA LYS K 69 68.64 25.57 15.28
C LYS K 69 67.53 24.60 15.68
N VAL K 70 67.72 23.31 15.47
CA VAL K 70 66.78 22.30 15.91
C VAL K 70 67.37 21.44 17.03
N ALA K 71 68.68 21.16 16.96
CA ALA K 71 69.34 20.32 17.96
C ALA K 71 69.38 20.98 19.32
N ASN K 72 69.35 22.31 19.38
CA ASN K 72 69.24 23.02 20.65
C ASN K 72 67.80 23.23 21.08
N ARG K 73 66.85 22.59 20.38
CA ARG K 73 65.46 22.37 20.81
C ARG K 73 64.70 23.70 21.02
N GLU K 74 64.49 24.41 19.91
CA GLU K 74 63.56 25.53 19.90
C GLU K 74 62.53 25.47 18.77
N LEU K 75 62.71 24.63 17.76
CA LEU K 75 61.72 24.48 16.70
C LEU K 75 61.92 23.11 16.07
N ASN K 76 60.82 22.44 15.73
CA ASN K 76 60.89 21.07 15.23
C ASN K 76 60.34 20.96 13.81
N SER K 77 60.71 21.88 12.93
CA SER K 77 60.23 21.88 11.56
C SER K 77 61.35 22.35 10.64
N VAL K 78 61.90 21.43 9.85
CA VAL K 78 62.80 21.81 8.79
C VAL K 78 62.02 21.86 7.49
N ILE K 79 62.54 22.59 6.51
CA ILE K 79 61.88 22.80 5.22
C ILE K 79 62.89 22.49 4.12
N ILE K 80 62.67 21.41 3.39
CA ILE K 80 63.52 21.04 2.27
C ILE K 80 62.72 21.37 1.02
N ASP K 81 62.90 22.59 0.51
CA ASP K 81 62.07 23.07 -0.58
C ASP K 81 62.66 22.63 -1.91
N LEU K 82 62.12 23.17 -3.00
CA LEU K 82 62.58 22.81 -4.33
C LEU K 82 63.57 23.80 -4.93
N ASP K 83 63.56 25.05 -4.45
CA ASP K 83 64.50 26.04 -4.97
C ASP K 83 65.93 25.72 -4.56
N ASP K 84 66.10 25.03 -3.44
CA ASP K 84 67.39 24.49 -3.01
C ASP K 84 67.69 23.15 -3.69
N ILE K 85 66.89 22.75 -4.68
CA ILE K 85 67.15 21.57 -5.48
C ILE K 85 67.39 21.94 -6.94
N LEU K 86 66.60 22.87 -7.47
CA LEU K 86 66.78 23.27 -8.87
C LEU K 86 68.02 24.14 -9.04
N GLN K 87 68.30 25.03 -8.09
CA GLN K 87 69.53 25.80 -8.13
C GLN K 87 70.73 24.90 -7.82
N TYR K 88 70.50 23.86 -7.01
CA TYR K 88 71.48 22.79 -6.86
C TYR K 88 71.69 22.05 -8.17
N GLN K 89 70.67 22.00 -9.02
CA GLN K 89 70.82 21.47 -10.37
C GLN K 89 71.20 22.53 -11.39
N ASN K 90 70.87 23.79 -11.14
CA ASN K 90 71.30 24.88 -12.04
C ASN K 90 72.82 25.01 -12.04
N GLU K 91 73.43 24.93 -10.86
CA GLU K 91 74.87 24.91 -10.73
C GLU K 91 75.45 23.51 -10.86
N LYS K 92 74.62 22.53 -11.23
CA LYS K 92 75.09 21.24 -11.70
C LYS K 92 74.81 21.05 -13.18
N PHE K 93 74.36 22.12 -13.85
CA PHE K 93 74.22 22.08 -15.30
C PHE K 93 75.58 22.10 -15.99
N LEU K 94 76.54 22.83 -15.44
CA LEU K 94 77.82 23.01 -16.12
C LEU K 94 78.70 21.78 -16.02
N GLN K 95 78.51 20.96 -14.99
CA GLN K 95 79.29 19.73 -14.84
C GLN K 95 78.67 18.66 -15.72
N GLY K 96 79.37 18.29 -16.79
CA GLY K 96 78.85 17.34 -17.75
C GLY K 96 78.88 15.90 -17.29
N THR K 97 78.05 15.57 -16.30
CA THR K 97 77.93 14.22 -15.80
C THR K 97 76.46 13.85 -15.70
N GLN K 98 76.20 12.56 -15.56
CA GLN K 98 74.84 12.03 -15.53
C GLN K 98 74.20 12.35 -14.19
N ALA K 99 73.29 13.32 -14.17
CA ALA K 99 72.53 13.69 -12.97
C ALA K 99 71.06 13.54 -13.30
N ASP K 100 70.41 12.53 -12.71
CA ASP K 100 69.01 12.26 -12.96
C ASP K 100 68.13 13.36 -12.39
N ASP K 101 66.90 13.42 -12.88
CA ASP K 101 65.97 14.46 -12.47
C ASP K 101 65.45 14.19 -11.06
N LEU K 102 65.35 15.26 -10.27
CA LEU K 102 64.95 15.16 -8.89
C LEU K 102 63.49 15.52 -8.66
N VAL K 103 62.99 16.57 -9.32
CA VAL K 103 61.60 16.95 -9.14
C VAL K 103 60.64 15.98 -9.82
N SER K 104 61.14 15.13 -10.71
CA SER K 104 60.32 14.03 -11.23
C SER K 104 59.96 13.06 -10.12
N ALA K 105 60.98 12.41 -9.54
CA ALA K 105 60.75 11.27 -8.66
C ALA K 105 60.11 11.67 -7.34
N ILE K 106 60.28 12.93 -6.91
CA ILE K 106 59.60 13.40 -5.71
C ILE K 106 58.16 13.81 -5.98
N GLN K 107 57.68 13.70 -7.22
CA GLN K 107 56.25 13.71 -7.48
C GLN K 107 55.83 12.58 -8.42
N GLN K 108 56.78 11.80 -8.94
CA GLN K 108 56.42 10.49 -9.50
C GLN K 108 55.98 9.55 -8.38
N ASN K 109 56.72 9.54 -7.27
CA ASN K 109 56.32 8.83 -6.07
C ASN K 109 56.91 9.59 -4.89
N ALA K 110 56.08 10.40 -4.24
CA ALA K 110 56.58 11.36 -3.26
C ALA K 110 56.95 10.72 -1.93
N ASN K 111 56.30 9.63 -1.55
CA ASN K 111 56.45 9.13 -0.19
C ASN K 111 57.74 8.39 0.07
N HIS K 112 58.56 8.16 -0.96
CA HIS K 112 59.89 7.61 -0.76
C HIS K 112 60.94 8.70 -0.65
N PHE K 113 60.57 9.86 -0.12
CA PHE K 113 61.49 10.97 0.03
C PHE K 113 61.30 11.61 1.40
N THR K 114 61.11 10.79 2.42
CA THR K 114 61.23 11.23 3.80
C THR K 114 62.15 10.26 4.54
N GLU K 115 62.16 9.01 4.11
CA GLU K 115 62.86 7.96 4.83
C GLU K 115 64.33 7.84 4.44
N LEU K 116 64.68 8.14 3.19
CA LEU K 116 66.10 8.10 2.84
C LEU K 116 66.81 9.38 3.23
N PHE K 117 66.07 10.47 3.43
CA PHE K 117 66.66 11.67 3.99
C PHE K 117 67.08 11.44 5.44
N CYS K 118 66.25 10.70 6.18
CA CYS K 118 66.52 10.45 7.59
C CYS K 118 67.75 9.56 7.77
N ARG K 119 67.94 8.60 6.88
CA ARG K 119 69.17 7.83 6.89
C ARG K 119 70.31 8.54 6.17
N ALA K 120 70.08 9.77 5.71
CA ALA K 120 71.15 10.63 5.21
C ALA K 120 71.42 11.82 6.10
N ILE K 121 70.48 12.20 6.98
CA ILE K 121 70.70 13.32 7.87
C ILE K 121 71.69 12.94 8.97
N ASP K 122 71.55 11.72 9.52
CA ASP K 122 72.28 11.31 10.71
C ASP K 122 73.77 11.19 10.47
N ASN K 123 74.19 10.91 9.24
CA ASN K 123 75.60 10.87 8.92
C ASN K 123 76.23 12.27 8.93
N ASN K 124 75.41 13.31 8.81
CA ASN K 124 75.87 14.69 8.85
C ASN K 124 75.07 15.48 9.88
N MET K 125 74.90 14.90 11.06
CA MET K 125 74.13 15.51 12.14
C MET K 125 75.03 15.79 13.33
N PRO K 126 75.38 17.05 13.59
CA PRO K 126 76.21 17.37 14.77
C PRO K 126 75.36 17.38 16.04
N LEU K 127 75.55 16.35 16.87
CA LEU K 127 74.67 16.18 18.04
C LEU K 127 74.91 17.21 19.14
N PRO K 128 76.11 17.25 19.85
CA PRO K 128 76.18 17.98 21.12
C PRO K 128 76.48 19.46 20.97
N THR K 129 75.79 20.12 20.05
CA THR K 129 76.02 21.54 19.81
C THR K 129 75.32 22.45 20.81
N LYS K 130 74.53 21.89 21.72
CA LYS K 130 73.83 22.66 22.74
C LYS K 130 74.39 22.30 24.11
N GLU K 131 73.92 23.02 25.13
CA GLU K 131 74.39 22.87 26.50
C GLU K 131 73.17 22.84 27.43
N ILE K 132 72.75 21.63 27.83
CA ILE K 132 71.59 21.42 28.70
C ILE K 132 72.03 20.48 29.82
N ASP K 133 72.03 20.97 31.06
CA ASP K 133 72.53 20.16 32.18
C ASP K 133 71.44 19.25 32.75
N TYR K 134 70.46 19.83 33.44
CA TYR K 134 69.36 19.06 34.01
C TYR K 134 68.00 19.55 33.54
N LYS K 135 67.70 20.82 33.74
CA LYS K 135 66.43 21.42 33.32
C LYS K 135 66.61 22.03 31.94
N ASP K 136 65.66 22.90 31.55
CA ASP K 136 65.62 23.65 30.28
C ASP K 136 65.49 22.73 29.07
N ASP K 137 64.96 21.52 29.26
CA ASP K 137 64.62 20.61 28.19
C ASP K 137 63.62 19.59 28.73
N VAL K 138 62.55 19.37 27.95
CA VAL K 138 61.57 18.35 28.32
C VAL K 138 62.17 16.98 28.07
N LEU K 139 61.98 16.06 29.04
CA LEU K 139 62.31 14.64 28.91
C LEU K 139 63.82 14.43 28.74
N ASP K 140 64.60 15.32 29.36
CA ASP K 140 66.03 15.42 29.07
C ASP K 140 66.83 14.28 29.70
N VAL K 141 66.73 14.11 31.01
CA VAL K 141 67.57 13.14 31.71
C VAL K 141 67.12 11.73 31.42
N ILE K 142 65.83 11.53 31.14
CA ILE K 142 65.31 10.18 31.00
C ILE K 142 65.65 9.59 29.62
N LEU K 143 65.69 10.42 28.57
CA LEU K 143 66.11 9.92 27.26
C LEU K 143 67.56 9.47 27.25
N ASN K 144 68.42 10.19 27.97
CA ASN K 144 69.79 9.71 28.17
C ASN K 144 69.80 8.48 29.08
N GLN K 145 68.91 8.46 30.08
CA GLN K 145 68.79 7.30 30.96
C GLN K 145 68.26 6.10 30.19
N ARG K 146 67.31 6.32 29.27
CA ARG K 146 66.83 5.24 28.43
C ARG K 146 67.85 4.89 27.35
N ARG K 147 68.75 5.81 27.03
CA ARG K 147 69.85 5.48 26.15
C ARG K 147 70.95 4.72 26.88
N LEU K 148 71.35 5.22 28.06
CA LEU K 148 72.48 4.64 28.79
C LEU K 148 72.16 3.26 29.35
N ARG K 149 70.90 3.02 29.71
CA ARG K 149 70.52 1.69 30.18
C ARG K 149 70.49 0.67 29.05
N ASN K 150 70.38 1.13 27.80
CA ASN K 150 70.63 0.26 26.66
C ASN K 150 72.04 0.40 26.11
N GLU K 151 72.74 1.50 26.42
CA GLU K 151 74.14 1.62 26.03
C GLU K 151 75.02 0.74 26.89
N ARG K 152 74.74 0.67 28.20
CA ARG K 152 75.48 -0.23 29.08
C ARG K 152 75.16 -1.68 28.78
N MET K 153 73.92 -1.98 28.41
CA MET K 153 73.52 -3.33 28.06
C MET K 153 73.91 -3.72 26.63
N LEU K 154 74.63 -2.85 25.92
CA LEU K 154 75.34 -3.26 24.71
C LEU K 154 76.63 -4.00 25.03
N SER K 155 77.10 -3.95 26.27
CA SER K 155 78.33 -4.64 26.68
C SER K 155 78.18 -5.27 28.06
N ASP K 156 76.97 -5.68 28.43
CA ASP K 156 76.68 -6.26 29.74
C ASP K 156 76.53 -7.78 29.67
N ARG K 157 77.32 -8.46 28.86
CA ARG K 157 77.34 -9.92 28.82
C ARG K 157 78.49 -10.52 29.62
N THR K 158 79.37 -9.70 30.18
CA THR K 158 80.48 -10.19 30.97
C THR K 158 80.90 -9.19 32.05
N THR K 189 70.54 -7.90 23.35
CA THR K 189 71.11 -6.81 22.56
C THR K 189 70.24 -6.50 21.35
N GLU K 190 69.67 -5.30 21.33
CA GLU K 190 68.87 -4.83 20.21
C GLU K 190 69.19 -3.36 19.98
N LEU K 191 69.59 -3.03 18.75
CA LEU K 191 69.90 -1.66 18.39
C LEU K 191 68.62 -0.82 18.34
N PHE K 192 68.81 0.49 18.41
CA PHE K 192 67.68 1.40 18.35
C PHE K 192 67.06 1.39 16.95
N PRO K 193 65.76 1.22 16.82
CA PRO K 193 65.08 1.53 15.56
C PRO K 193 65.24 3.01 15.25
N PRO K 194 65.35 3.38 13.96
CA PRO K 194 65.72 4.76 13.62
C PRO K 194 64.66 5.78 13.97
N ASN K 195 63.41 5.37 14.17
CA ASN K 195 62.35 6.29 14.54
C ASN K 195 62.41 6.70 16.00
N LEU K 196 63.26 6.07 16.82
CA LEU K 196 63.29 6.36 18.24
C LEU K 196 63.89 7.73 18.53
N THR K 197 65.16 7.92 18.18
CA THR K 197 65.87 9.14 18.51
C THR K 197 65.84 10.08 17.30
N ARG K 198 64.69 10.71 17.09
CA ARG K 198 64.56 11.71 16.04
C ARG K 198 64.31 13.09 16.59
N ARG K 199 63.21 13.28 17.33
CA ARG K 199 62.73 14.57 17.84
C ARG K 199 62.66 15.66 16.75
N TYR K 200 62.33 15.26 15.53
CA TYR K 200 62.28 16.16 14.39
C TYR K 200 61.45 15.51 13.30
N PHE K 201 61.06 16.32 12.32
CA PHE K 201 60.28 15.85 11.19
C PHE K 201 60.84 16.47 9.91
N LEU K 202 60.19 16.18 8.79
CA LEU K 202 60.54 16.79 7.51
C LEU K 202 59.29 17.42 6.91
N TYR K 203 59.51 18.37 6.02
CA TYR K 203 58.43 19.05 5.32
C TYR K 203 58.86 19.28 3.87
N PHE K 204 57.94 19.82 3.07
CA PHE K 204 58.17 20.04 1.65
C PHE K 204 57.49 21.34 1.24
N LYS K 205 57.89 21.85 0.07
CA LYS K 205 57.31 23.09 -0.42
C LYS K 205 57.43 23.18 -1.95
N PRO K 206 56.33 23.18 -2.67
CA PRO K 206 56.39 23.29 -4.14
C PRO K 206 56.51 24.72 -4.63
N LEU K 207 56.40 24.93 -5.95
CA LEU K 207 56.61 26.24 -6.55
C LEU K 207 55.62 26.47 -7.68
N SER K 208 55.13 27.71 -7.80
CA SER K 208 54.33 28.13 -8.95
C SER K 208 54.72 29.55 -9.38
N GLN K 209 56.01 29.85 -9.33
CA GLN K 209 56.52 31.18 -9.63
C GLN K 209 57.05 31.22 -11.06
N ASN K 210 57.72 32.32 -11.42
CA ASN K 210 58.34 32.47 -12.73
C ASN K 210 59.55 31.58 -12.92
N CYS K 211 60.04 30.94 -11.87
CA CYS K 211 61.02 29.87 -12.02
C CYS K 211 60.44 28.72 -12.83
N ALA K 212 59.15 28.44 -12.65
CA ALA K 212 58.47 27.48 -13.52
C ALA K 212 58.32 28.03 -14.94
N ARG K 213 58.26 29.35 -15.09
CA ARG K 213 58.24 29.98 -16.40
C ARG K 213 59.63 30.29 -16.93
N ARG K 214 60.68 29.86 -16.22
CA ARG K 214 62.02 29.92 -16.77
C ARG K 214 62.22 28.79 -17.78
N TYR K 215 62.01 27.56 -17.34
CA TYR K 215 62.16 26.36 -18.16
C TYR K 215 61.41 25.23 -17.47
N ARG K 216 61.62 24.02 -17.94
CA ARG K 216 61.07 22.85 -17.27
C ARG K 216 62.12 22.16 -16.42
N ILE K 220 53.47 23.37 -12.67
CA ILE K 220 53.32 22.01 -13.15
C ILE K 220 52.94 21.11 -11.98
N SER K 221 53.90 20.92 -11.07
CA SER K 221 53.66 20.14 -9.86
C SER K 221 52.76 20.88 -8.86
N SER K 222 52.56 22.18 -9.04
CA SER K 222 51.80 22.99 -8.09
C SER K 222 50.78 23.84 -8.83
N LYS K 223 50.01 23.20 -9.71
CA LYS K 223 48.86 23.90 -10.28
C LYS K 223 47.65 23.72 -9.37
N PRO K 224 46.91 24.80 -9.08
CA PRO K 224 45.81 24.68 -8.11
C PRO K 224 44.59 24.00 -8.72
N LEU K 225 44.62 22.67 -8.72
CA LEU K 225 43.51 21.89 -9.22
C LEU K 225 42.36 21.89 -8.22
N SER K 226 41.22 21.38 -8.67
CA SER K 226 40.07 21.18 -7.81
C SER K 226 39.78 19.68 -7.68
N VAL K 227 38.98 19.33 -6.68
CA VAL K 227 38.77 17.94 -6.32
C VAL K 227 37.89 17.19 -7.31
N ARG K 228 37.31 17.88 -8.29
CA ARG K 228 36.43 17.21 -9.23
C ARG K 228 37.19 16.36 -10.24
N GLN K 229 38.49 16.59 -10.41
CA GLN K 229 39.24 15.96 -11.48
C GLN K 229 40.49 15.24 -10.96
N ILE K 230 40.53 14.88 -9.68
CA ILE K 230 41.71 14.29 -9.09
C ILE K 230 41.59 12.78 -8.96
N LYS K 231 40.79 12.16 -9.82
CA LYS K 231 40.41 10.76 -9.65
C LYS K 231 41.46 9.78 -10.13
N GLY K 232 42.34 10.17 -11.05
CA GLY K 232 43.05 9.20 -11.84
C GLY K 232 44.40 8.77 -11.31
N ASP K 233 45.45 9.10 -12.03
CA ASP K 233 46.85 8.76 -11.80
C ASP K 233 47.49 9.55 -10.68
N PHE K 234 46.70 10.29 -9.92
CA PHE K 234 47.18 11.16 -8.86
C PHE K 234 47.25 10.44 -7.52
N LEU K 235 47.46 9.13 -7.53
CA LEU K 235 47.70 8.38 -6.30
C LEU K 235 49.20 8.19 -6.12
N GLY K 236 49.67 8.44 -4.91
CA GLY K 236 51.09 8.40 -4.65
C GLY K 236 51.84 9.56 -5.25
N GLN K 237 51.22 10.73 -5.33
CA GLN K 237 51.87 11.90 -5.93
C GLN K 237 51.74 13.11 -5.03
N LEU K 238 52.11 14.28 -5.54
CA LEU K 238 52.16 15.53 -4.80
C LEU K 238 51.32 16.56 -5.54
N ILE K 239 50.18 16.92 -4.97
CA ILE K 239 49.24 17.81 -5.62
C ILE K 239 48.72 18.80 -4.57
N THR K 240 48.74 20.09 -4.89
CA THR K 240 48.07 21.07 -4.05
C THR K 240 46.65 21.29 -4.54
N VAL K 241 45.73 21.38 -3.58
CA VAL K 241 44.31 21.62 -3.86
C VAL K 241 43.82 22.72 -2.94
N ARG K 242 43.07 23.66 -3.48
CA ARG K 242 42.41 24.65 -2.65
C ARG K 242 41.04 24.13 -2.21
N GLY K 243 40.39 24.90 -1.34
CA GLY K 243 39.07 24.50 -0.88
C GLY K 243 38.65 25.29 0.34
N ILE K 244 37.68 24.74 1.05
CA ILE K 244 37.12 25.34 2.26
C ILE K 244 37.16 24.29 3.36
N ILE K 245 37.81 24.60 4.46
CA ILE K 245 38.02 23.63 5.53
C ILE K 245 36.79 23.57 6.41
N THR K 246 36.26 22.36 6.61
CA THR K 246 35.12 22.14 7.49
C THR K 246 35.37 20.87 8.30
N ARG K 247 34.63 20.74 9.41
CA ARG K 247 34.65 19.58 10.32
C ARG K 247 36.05 19.35 10.91
N VAL K 248 36.47 20.32 11.69
CA VAL K 248 37.75 20.23 12.39
C VAL K 248 37.59 19.38 13.64
N SER K 249 38.38 18.33 13.74
CA SER K 249 38.41 17.50 14.94
C SER K 249 39.37 18.11 15.96
N ASP K 250 39.72 17.35 16.98
CA ASP K 250 40.63 17.82 18.02
C ASP K 250 42.00 17.20 17.85
N VAL K 251 42.90 17.47 18.79
CA VAL K 251 44.26 16.96 18.76
C VAL K 251 44.33 15.75 19.67
N LYS K 252 44.75 14.62 19.11
CA LYS K 252 44.83 13.37 19.86
C LYS K 252 46.22 12.78 19.71
N PRO K 253 46.74 12.15 20.76
CA PRO K 253 48.09 11.56 20.67
C PRO K 253 48.08 10.28 19.85
N ALA K 254 48.87 10.28 18.80
CA ALA K 254 49.12 9.07 18.04
C ALA K 254 50.38 8.39 18.56
N VAL K 255 50.55 7.14 18.17
CA VAL K 255 51.65 6.31 18.66
C VAL K 255 52.62 6.05 17.52
N GLU K 256 53.92 6.10 17.85
CA GLU K 256 54.95 5.86 16.85
C GLU K 256 55.96 4.81 17.32
N VAL K 257 56.18 4.72 18.63
CA VAL K 257 57.05 3.70 19.19
C VAL K 257 56.32 3.07 20.38
N ILE K 258 56.91 2.00 20.92
CA ILE K 258 56.27 1.24 21.97
C ILE K 258 57.34 0.79 22.96
N ALA K 259 56.90 0.48 24.19
CA ALA K 259 57.80 -0.08 25.21
C ALA K 259 56.95 -0.84 26.22
N TYR K 260 56.91 -2.16 26.09
CA TYR K 260 56.28 -3.01 27.09
C TYR K 260 57.31 -3.36 28.15
N THR K 261 56.86 -3.42 29.40
CA THR K 261 57.72 -3.76 30.53
C THR K 261 57.31 -5.11 31.08
N CYS K 262 58.30 -5.96 31.32
CA CYS K 262 58.08 -7.28 31.88
C CYS K 262 58.20 -7.31 33.40
N ASP K 263 58.77 -6.24 33.98
CA ASP K 263 59.15 -6.08 35.39
C ASP K 263 60.09 -7.17 35.92
N GLN K 264 60.75 -7.92 35.04
CA GLN K 264 61.79 -8.86 35.46
C GLN K 264 63.13 -8.52 34.83
N CYS K 265 63.20 -8.41 33.51
CA CYS K 265 64.47 -8.13 32.84
C CYS K 265 64.62 -6.67 32.44
N GLY K 266 63.53 -5.93 32.29
CA GLY K 266 63.61 -4.53 31.95
C GLY K 266 63.94 -4.23 30.51
N TYR K 267 63.96 -5.23 29.63
CA TYR K 267 64.21 -4.99 28.21
C TYR K 267 62.91 -4.54 27.58
N GLU K 268 62.75 -3.24 27.44
CA GLU K 268 61.55 -2.66 26.85
C GLU K 268 61.52 -2.96 25.37
N VAL K 269 60.57 -3.77 24.94
CA VAL K 269 60.53 -4.21 23.55
C VAL K 269 59.98 -3.10 22.68
N PHE K 270 60.55 -2.97 21.49
CA PHE K 270 60.20 -1.92 20.55
C PHE K 270 59.52 -2.53 19.34
N GLN K 271 58.64 -1.74 18.73
CA GLN K 271 58.03 -2.14 17.47
C GLN K 271 57.57 -0.90 16.72
N GLU K 272 57.40 -1.06 15.42
CA GLU K 272 56.85 -0.01 14.58
C GLU K 272 55.33 -0.03 14.66
N VAL K 273 54.73 1.09 14.30
CA VAL K 273 53.28 1.24 14.32
C VAL K 273 52.74 1.18 12.90
N ASN K 274 51.79 0.29 12.69
CA ASN K 274 51.05 0.15 11.44
C ASN K 274 49.82 1.06 11.51
N SER K 275 48.80 0.76 10.70
CA SER K 275 47.54 1.47 10.70
C SER K 275 46.78 1.36 12.02
N ARG K 276 45.58 1.93 12.07
CA ARG K 276 44.86 2.34 13.28
C ARG K 276 44.47 1.23 14.25
N THR K 277 44.85 -0.01 13.96
CA THR K 277 44.58 -1.14 14.86
C THR K 277 45.82 -2.03 14.87
N PHE K 278 46.22 -2.46 16.07
CA PHE K 278 47.40 -3.30 16.20
C PHE K 278 47.20 -4.23 17.40
N THR K 279 48.21 -5.06 17.66
CA THR K 279 48.10 -6.15 18.61
C THR K 279 49.40 -6.28 19.40
N PRO K 280 49.35 -6.45 20.72
CA PRO K 280 50.56 -6.69 21.49
C PRO K 280 51.11 -8.09 21.26
N LEU K 281 52.32 -8.31 21.78
CA LEU K 281 53.05 -9.55 21.63
C LEU K 281 52.97 -10.38 22.92
N SER K 282 53.73 -11.47 22.96
CA SER K 282 53.77 -12.36 24.11
C SER K 282 54.81 -11.85 25.12
N GLU K 283 55.14 -12.69 26.11
CA GLU K 283 56.13 -12.34 27.11
C GLU K 283 57.36 -13.23 27.09
N CYS K 284 57.30 -14.41 26.47
CA CYS K 284 58.48 -15.27 26.32
C CYS K 284 59.10 -15.08 24.94
N THR K 285 59.61 -13.87 24.72
CA THR K 285 60.21 -13.50 23.45
C THR K 285 61.54 -12.77 23.59
N SER K 286 61.86 -12.23 24.76
CA SER K 286 63.02 -11.38 24.95
C SER K 286 64.28 -12.23 25.07
N GLU K 287 65.38 -11.59 25.50
CA GLU K 287 66.68 -12.25 25.54
C GLU K 287 67.16 -12.57 26.95
N GLU K 288 66.61 -11.92 27.97
CA GLU K 288 66.96 -12.22 29.35
C GLU K 288 65.78 -12.78 30.14
N CYS K 289 64.66 -12.06 30.15
CA CYS K 289 63.48 -12.43 30.92
C CYS K 289 62.63 -13.50 30.24
N SER K 290 62.99 -13.91 29.03
CA SER K 290 62.43 -15.11 28.42
C SER K 290 63.39 -16.28 28.73
N GLN K 291 63.21 -17.40 28.03
CA GLN K 291 64.10 -18.57 27.91
C GLN K 291 64.40 -19.27 29.24
N ASN K 292 63.74 -18.91 30.33
CA ASN K 292 63.90 -19.57 31.61
C ASN K 292 62.57 -20.18 32.03
N GLN K 293 62.54 -20.75 33.24
CA GLN K 293 61.28 -21.32 33.74
C GLN K 293 60.31 -20.24 34.19
N THR K 294 60.81 -19.04 34.47
CA THR K 294 59.98 -17.92 34.87
C THR K 294 60.14 -16.81 33.84
N LYS K 295 59.02 -16.19 33.46
CA LYS K 295 59.00 -15.19 32.42
C LYS K 295 58.42 -13.89 32.95
N GLY K 296 59.03 -12.77 32.56
CA GLY K 296 58.51 -11.48 32.96
C GLY K 296 57.25 -11.16 32.19
N GLN K 297 56.13 -11.03 32.90
CA GLN K 297 54.85 -10.79 32.26
C GLN K 297 54.77 -9.37 31.74
N LEU K 298 54.47 -9.21 30.45
CA LEU K 298 54.57 -7.91 29.81
C LEU K 298 53.38 -7.02 30.17
N PHE K 299 53.66 -5.74 30.31
CA PHE K 299 52.63 -4.70 30.36
C PHE K 299 53.27 -3.40 29.92
N MET K 300 52.44 -2.44 29.56
CA MET K 300 52.91 -1.26 28.87
C MET K 300 53.40 -0.19 29.84
N SER K 301 53.94 0.89 29.28
CA SER K 301 54.29 2.09 30.03
C SER K 301 54.22 3.27 29.08
N THR K 302 53.62 4.36 29.56
CA THR K 302 53.32 5.50 28.69
C THR K 302 54.58 6.28 28.35
N ARG K 303 55.29 6.76 29.38
CA ARG K 303 56.35 7.74 29.24
C ARG K 303 57.61 7.19 28.59
N ALA K 304 57.69 5.87 28.36
CA ALA K 304 58.83 5.28 27.67
C ALA K 304 58.61 5.18 26.17
N SER K 305 57.77 6.05 25.61
CA SER K 305 57.46 6.04 24.19
C SER K 305 56.94 7.41 23.81
N LYS K 306 57.47 7.98 22.74
CA LYS K 306 57.02 9.30 22.31
C LYS K 306 55.68 9.21 21.61
N PHE K 307 54.95 10.32 21.60
CA PHE K 307 53.64 10.38 20.99
C PHE K 307 53.51 11.67 20.20
N SER K 308 52.89 11.57 19.02
CA SER K 308 52.83 12.65 18.06
C SER K 308 51.45 13.29 18.06
N ALA K 309 51.25 14.22 17.14
CA ALA K 309 50.01 14.98 17.02
C ALA K 309 49.16 14.45 15.88
N PHE K 310 47.87 14.77 15.93
CA PHE K 310 46.89 14.25 14.98
C PHE K 310 45.60 15.06 14.97
N GLN K 311 45.11 15.38 13.78
CA GLN K 311 43.90 16.19 13.66
C GLN K 311 43.33 15.97 12.27
N GLU K 312 42.00 15.85 12.17
CA GLU K 312 41.35 15.50 10.93
C GLU K 312 40.44 16.62 10.44
N CYS K 313 40.40 16.80 9.13
CA CYS K 313 39.61 17.87 8.54
C CYS K 313 39.09 17.43 7.18
N LYS K 314 38.00 18.06 6.75
CA LYS K 314 37.34 17.75 5.50
C LYS K 314 37.26 19.00 4.63
N ILE K 315 37.41 18.82 3.33
CA ILE K 315 37.45 19.92 2.39
C ILE K 315 36.17 19.91 1.54
N GLN K 316 35.85 21.07 0.99
CA GLN K 316 34.73 21.23 0.05
C GLN K 316 35.24 22.10 -1.10
N GLU K 317 34.34 22.63 -1.91
CA GLU K 317 34.78 23.38 -3.07
C GLU K 317 34.33 24.84 -3.01
N LEU K 318 34.88 25.63 -3.93
CA LEU K 318 34.82 27.08 -3.91
C LEU K 318 33.50 27.64 -4.42
N SER K 319 32.57 26.79 -4.84
CA SER K 319 31.25 27.16 -5.38
C SER K 319 31.32 28.00 -6.64
N GLN K 320 32.47 28.06 -7.30
CA GLN K 320 32.56 28.69 -8.62
C GLN K 320 33.36 27.88 -9.63
N GLN K 321 34.27 27.02 -9.20
CA GLN K 321 34.92 26.08 -10.10
C GLN K 321 34.09 24.82 -10.29
N VAL K 322 33.03 24.65 -9.51
CA VAL K 322 32.09 23.54 -9.69
C VAL K 322 31.37 23.69 -11.02
N PRO K 323 31.17 22.62 -11.79
CA PRO K 323 30.38 22.73 -13.02
C PRO K 323 28.90 22.98 -12.77
N VAL K 324 28.13 23.03 -13.87
CA VAL K 324 26.70 23.32 -13.80
C VAL K 324 25.93 22.17 -13.15
N GLY K 325 26.51 20.98 -13.10
CA GLY K 325 25.77 19.82 -12.67
C GLY K 325 25.90 19.54 -11.19
N HIS K 326 26.70 18.52 -10.87
CA HIS K 326 26.62 17.81 -9.62
C HIS K 326 27.05 18.66 -8.43
N ILE K 327 26.78 18.13 -7.24
CA ILE K 327 27.09 18.77 -5.98
C ILE K 327 28.61 18.65 -5.75
N PRO K 328 29.22 19.45 -4.88
CA PRO K 328 30.64 19.29 -4.62
C PRO K 328 30.96 17.99 -3.89
N ARG K 329 32.24 17.62 -3.93
CA ARG K 329 32.72 16.35 -3.40
C ARG K 329 33.72 16.61 -2.30
N SER K 330 33.60 15.84 -1.21
CA SER K 330 34.46 16.03 -0.04
C SER K 330 35.76 15.24 -0.19
N LEU K 331 36.62 15.37 0.81
CA LEU K 331 37.92 14.69 0.83
C LEU K 331 38.41 14.68 2.26
N ASN K 332 39.34 13.77 2.54
CA ASN K 332 39.93 13.62 3.87
C ASN K 332 41.38 14.08 3.87
N ILE K 333 41.79 14.71 4.97
CA ILE K 333 43.14 15.22 5.11
C ILE K 333 43.63 14.87 6.51
N HIS K 334 44.93 14.75 6.65
CA HIS K 334 45.57 14.47 7.93
C HIS K 334 46.67 15.49 8.15
N VAL K 335 47.23 15.51 9.36
CA VAL K 335 48.36 16.37 9.67
C VAL K 335 49.40 15.59 10.45
N ASN K 336 50.65 15.97 10.25
CA ASN K 336 51.77 15.39 10.97
C ASN K 336 52.76 16.50 11.29
N GLY K 337 53.80 16.15 12.05
CA GLY K 337 54.83 17.11 12.40
C GLY K 337 54.36 18.18 13.36
N THR K 338 54.40 19.43 12.93
CA THR K 338 53.97 20.53 13.79
C THR K 338 53.19 21.59 13.02
N LEU K 339 52.49 21.19 11.95
CA LEU K 339 51.56 22.09 11.30
C LEU K 339 50.22 22.16 12.02
N VAL K 340 50.07 21.45 13.13
CA VAL K 340 48.79 21.31 13.79
C VAL K 340 48.38 22.64 14.44
N ARG K 341 47.07 22.73 14.74
CA ARG K 341 46.44 23.90 15.37
C ARG K 341 46.65 25.18 14.57
N SER K 342 46.68 25.06 13.24
CA SER K 342 46.90 26.21 12.37
C SER K 342 45.82 26.36 11.32
N LEU K 343 44.71 25.63 11.44
CA LEU K 343 43.58 25.74 10.54
C LEU K 343 42.36 26.18 11.32
N SER K 344 41.32 26.61 10.60
CA SER K 344 40.10 27.05 11.25
C SER K 344 38.92 26.73 10.34
N PRO K 345 37.73 26.50 10.89
CA PRO K 345 36.54 26.36 10.06
C PRO K 345 36.19 27.69 9.40
N GLY K 346 36.23 27.72 8.07
CA GLY K 346 36.01 28.92 7.30
C GLY K 346 37.24 29.47 6.64
N ASP K 347 38.38 28.78 6.74
CA ASP K 347 39.62 29.24 6.14
C ASP K 347 39.59 29.03 4.64
N ILE K 348 39.69 30.11 3.87
CA ILE K 348 39.74 30.00 2.40
C ILE K 348 41.21 29.81 2.05
N VAL K 349 41.65 28.55 2.11
CA VAL K 349 43.05 28.22 2.10
C VAL K 349 43.32 27.17 1.04
N ASP K 350 44.57 26.72 1.00
CA ASP K 350 45.00 25.63 0.15
C ASP K 350 46.09 24.86 0.88
N VAL K 351 46.11 23.56 0.68
CA VAL K 351 47.13 22.72 1.28
C VAL K 351 47.94 22.10 0.16
N THR K 352 49.22 21.85 0.43
CA THR K 352 50.11 21.15 -0.47
C THR K 352 50.56 19.88 0.23
N GLY K 353 50.35 18.73 -0.39
CA GLY K 353 50.71 17.52 0.31
C GLY K 353 50.75 16.31 -0.59
N ILE K 354 51.15 15.19 0.01
CA ILE K 354 51.40 13.96 -0.73
C ILE K 354 50.22 13.01 -0.56
N PHE K 355 50.14 12.02 -1.45
CA PHE K 355 48.94 11.23 -1.64
C PHE K 355 49.19 9.79 -1.19
N LEU K 356 48.19 9.20 -0.55
CA LEU K 356 48.28 7.81 -0.12
C LEU K 356 46.91 7.20 0.13
N PRO K 357 46.60 6.06 -0.48
CA PRO K 357 45.41 5.30 -0.09
C PRO K 357 45.70 4.32 1.04
N ALA K 358 44.68 4.07 1.84
CA ALA K 358 44.82 3.21 3.00
C ALA K 358 43.79 2.09 2.96
N PRO K 359 44.13 0.89 3.41
CA PRO K 359 43.16 -0.20 3.42
C PRO K 359 42.12 -0.01 4.52
N TYR K 360 41.10 -0.87 4.48
CA TYR K 360 39.97 -0.76 5.39
C TYR K 360 40.04 -1.72 6.56
N THR K 361 40.69 -2.88 6.37
CA THR K 361 40.88 -4.02 7.29
C THR K 361 39.64 -4.40 8.12
N GLY K 362 38.46 -4.29 7.54
CA GLY K 362 37.25 -4.74 8.20
C GLY K 362 36.22 -5.26 7.22
N PHE K 363 35.62 -6.41 7.55
CA PHE K 363 34.57 -7.08 6.77
C PHE K 363 35.02 -7.32 5.32
N LYS K 364 36.15 -8.00 5.18
CA LYS K 364 36.90 -7.93 3.92
C LYS K 364 36.28 -8.80 2.82
N ALA K 365 35.46 -9.78 3.19
CA ALA K 365 34.95 -10.69 2.18
C ALA K 365 33.66 -10.19 1.56
N LEU K 366 32.65 -9.88 2.38
CA LEU K 366 31.30 -9.60 1.91
C LEU K 366 31.19 -8.13 1.52
N LYS K 367 32.25 -7.36 1.75
CA LYS K 367 32.35 -5.99 1.27
C LYS K 367 33.81 -5.64 1.13
N ALA K 368 34.10 -4.52 0.45
CA ALA K 368 35.45 -3.97 0.29
C ALA K 368 36.40 -4.97 -0.35
N GLY K 369 36.08 -5.35 -1.58
CA GLY K 369 36.92 -6.29 -2.31
C GLY K 369 38.26 -5.69 -2.69
N LEU K 370 38.24 -4.62 -3.48
CA LEU K 370 39.49 -3.94 -3.81
C LEU K 370 39.39 -2.43 -3.65
N LEU K 371 38.41 -1.93 -2.90
CA LEU K 371 38.18 -0.49 -2.82
C LEU K 371 39.24 0.20 -1.98
N THR K 372 39.26 1.52 -2.07
CA THR K 372 40.42 2.30 -1.64
C THR K 372 40.12 3.25 -0.50
N GLU K 373 39.06 4.06 -0.62
CA GLU K 373 38.65 5.16 0.29
C GLU K 373 39.85 5.96 0.81
N THR K 374 40.53 6.60 -0.14
CA THR K 374 41.83 7.19 0.12
C THR K 374 41.71 8.49 0.89
N TYR K 375 42.88 9.03 1.24
CA TYR K 375 43.02 10.38 1.76
C TYR K 375 44.26 11.00 1.17
N LEU K 376 44.55 12.22 1.60
CA LEU K 376 45.79 12.89 1.26
C LEU K 376 46.50 13.28 2.55
N GLU K 377 47.83 13.30 2.49
CA GLU K 377 48.66 13.64 3.63
C GLU K 377 49.32 14.98 3.41
N ALA K 378 49.20 15.87 4.39
CA ALA K 378 49.60 17.26 4.23
C ALA K 378 51.10 17.45 4.40
N GLN K 379 51.62 18.47 3.73
CA GLN K 379 53.02 18.88 3.89
C GLN K 379 53.18 20.34 4.24
N PHE K 380 52.39 21.23 3.63
CA PHE K 380 52.54 22.65 3.87
C PHE K 380 51.19 23.34 3.67
N VAL K 381 50.95 24.37 4.49
CA VAL K 381 49.75 25.19 4.40
C VAL K 381 50.18 26.62 4.10
N ARG K 382 49.52 27.25 3.13
CA ARG K 382 49.77 28.63 2.77
C ARG K 382 48.46 29.41 2.95
N GLN K 383 48.22 29.87 4.18
CA GLN K 383 46.95 30.51 4.51
C GLN K 383 46.87 31.89 3.88
N HIS K 384 45.64 32.33 3.60
CA HIS K 384 45.41 33.56 2.87
C HIS K 384 44.16 34.25 3.41
N LYS K 385 44.10 35.56 3.16
CA LYS K 385 42.94 36.43 3.42
C LYS K 385 42.56 36.43 4.90
N LYS K 386 43.47 36.99 5.70
CA LYS K 386 43.28 37.16 7.14
C LYS K 386 42.05 37.99 7.49
N LEU K 393 45.90 50.83 18.34
CA LEU K 393 46.11 51.81 19.40
C LEU K 393 47.57 52.28 19.39
N THR K 394 47.87 53.23 18.49
CA THR K 394 49.21 53.78 18.24
C THR K 394 50.26 52.70 17.98
N SER K 395 49.83 51.60 17.35
CA SER K 395 50.70 50.45 17.10
C SER K 395 51.15 50.49 15.64
N ASP K 396 52.03 51.45 15.34
CA ASP K 396 52.68 51.73 14.05
C ASP K 396 51.76 51.74 12.82
N VAL K 397 50.48 52.02 13.03
CA VAL K 397 49.55 52.30 11.93
C VAL K 397 48.98 53.68 12.28
N GLU K 398 49.62 54.34 13.24
CA GLU K 398 49.13 55.61 13.79
C GLU K 398 49.17 56.74 12.77
N GLU K 399 50.01 56.60 11.74
CA GLU K 399 50.06 57.58 10.64
C GLU K 399 48.74 57.65 9.87
N ARG K 400 47.96 56.57 9.86
CA ARG K 400 46.62 56.59 9.32
C ARG K 400 45.55 56.79 10.38
N VAL K 401 45.89 56.61 11.65
CA VAL K 401 44.94 56.90 12.72
C VAL K 401 44.99 58.38 13.09
N MET K 402 46.14 59.04 12.89
CA MET K 402 46.23 60.48 13.11
C MET K 402 45.42 61.27 12.08
N GLU K 403 45.14 60.68 10.91
CA GLU K 403 44.41 61.37 9.85
C GLU K 403 42.99 61.74 10.28
N LEU K 404 42.38 60.92 11.14
CA LEU K 404 41.09 61.30 11.71
C LEU K 404 41.25 62.39 12.75
N ILE K 405 42.39 62.42 13.45
CA ILE K 405 42.58 63.41 14.51
C ILE K 405 43.00 64.76 13.92
N THR K 406 43.78 64.74 12.84
CA THR K 406 44.13 66.00 12.18
C THR K 406 42.96 66.59 11.43
N SER K 407 42.36 65.82 10.52
CA SER K 407 41.29 66.36 9.68
C SER K 407 39.99 66.55 10.47
N GLY K 408 39.78 65.74 11.51
CA GLY K 408 38.54 65.85 12.26
C GLY K 408 37.39 65.28 11.45
N ASP K 409 36.36 66.11 11.28
CA ASP K 409 35.19 65.85 10.43
C ASP K 409 34.46 64.58 10.86
N VAL K 410 34.02 64.60 12.12
CA VAL K 410 33.37 63.43 12.71
C VAL K 410 31.96 63.27 12.17
N TYR K 411 31.18 64.35 12.18
CA TYR K 411 29.74 64.27 12.00
C TYR K 411 29.34 63.97 10.55
N ASN K 412 30.18 64.24 9.59
CA ASN K 412 29.72 64.05 8.23
C ASN K 412 30.63 63.16 7.38
N ARG K 413 31.96 63.29 7.53
CA ARG K 413 32.87 62.49 6.72
C ARG K 413 32.82 61.03 7.14
N LEU K 414 32.71 60.78 8.44
CA LEU K 414 32.52 59.41 8.91
C LEU K 414 31.13 58.90 8.56
N ALA K 415 30.15 59.81 8.47
CA ALA K 415 28.81 59.40 8.03
C ALA K 415 28.81 59.01 6.57
N LYS K 416 29.49 59.78 5.73
CA LYS K 416 29.64 59.42 4.33
C LYS K 416 30.64 58.29 4.12
N SER K 417 31.45 57.97 5.14
CA SER K 417 32.40 56.86 5.02
C SER K 417 31.66 55.53 5.00
N ILE K 418 30.91 55.24 6.05
CA ILE K 418 30.25 53.96 6.17
C ILE K 418 28.98 53.96 5.32
N ALA K 419 28.82 52.91 4.51
CA ALA K 419 27.74 52.68 3.56
C ALA K 419 27.46 53.87 2.64
N PRO K 420 28.36 54.23 1.73
CA PRO K 420 28.10 55.36 0.82
C PRO K 420 27.27 55.01 -0.40
N GLU K 421 26.59 53.87 -0.41
CA GLU K 421 25.90 53.35 -1.59
C GLU K 421 24.40 53.60 -1.55
N ILE K 422 23.93 54.49 -0.68
CA ILE K 422 22.49 54.63 -0.48
C ILE K 422 22.03 56.00 -1.00
N TYR K 423 20.71 56.21 -0.98
CA TYR K 423 20.10 57.45 -1.43
C TYR K 423 19.67 58.25 -0.21
N GLY K 424 20.34 59.38 0.02
CA GLY K 424 19.99 60.28 1.12
C GLY K 424 20.32 59.68 2.47
N ASN K 425 19.52 60.06 3.46
CA ASN K 425 19.44 59.40 4.77
C ASN K 425 20.75 59.45 5.55
N LEU K 426 21.41 60.62 5.53
CA LEU K 426 22.63 60.78 6.31
C LEU K 426 22.34 60.83 7.81
N ASP K 427 21.11 61.19 8.18
CA ASP K 427 20.74 61.25 9.59
C ASP K 427 20.66 59.86 10.20
N VAL K 428 20.17 58.88 9.44
CA VAL K 428 19.94 57.56 10.01
C VAL K 428 21.21 56.71 10.03
N LYS K 429 22.21 57.04 9.20
CA LYS K 429 23.50 56.34 9.27
C LYS K 429 24.35 56.85 10.42
N LYS K 430 23.98 57.97 11.03
CA LYS K 430 24.61 58.43 12.25
C LYS K 430 24.07 57.71 13.47
N ALA K 431 22.80 57.26 13.41
CA ALA K 431 22.19 56.61 14.55
C ALA K 431 22.74 55.20 14.79
N LEU K 432 23.50 54.67 13.84
CA LEU K 432 24.03 53.32 14.03
C LEU K 432 25.47 53.33 14.53
N LEU K 433 26.25 54.36 14.17
CA LEU K 433 27.69 54.30 14.42
C LEU K 433 28.03 54.49 15.89
N LEU K 434 27.18 55.19 16.64
CA LEU K 434 27.41 55.26 18.08
C LEU K 434 27.07 53.95 18.76
N LEU K 435 26.20 53.14 18.14
CA LEU K 435 25.99 51.78 18.62
C LEU K 435 27.12 50.86 18.20
N LEU K 436 27.90 51.24 17.19
CA LEU K 436 29.07 50.46 16.82
C LEU K 436 30.22 50.68 17.80
N VAL K 437 30.20 51.78 18.56
CA VAL K 437 31.15 52.00 19.63
C VAL K 437 30.44 51.73 20.95
N GLY K 438 29.11 51.60 20.89
CA GLY K 438 28.35 51.25 22.07
C GLY K 438 28.23 52.37 23.08
N GLY K 439 28.99 52.27 24.16
CA GLY K 439 28.92 53.21 25.27
C GLY K 439 28.53 52.53 26.56
N VAL K 440 29.52 52.35 27.44
CA VAL K 440 29.31 51.64 28.70
C VAL K 440 28.49 52.52 29.64
N ASP K 441 27.47 51.92 30.25
CA ASP K 441 26.59 52.62 31.16
C ASP K 441 27.32 53.09 32.41
N LYS K 442 27.79 52.15 33.24
CA LYS K 442 28.47 52.46 34.49
C LYS K 442 29.12 51.21 35.07
N ARG K 443 30.37 51.33 35.52
CA ARG K 443 30.96 50.32 36.38
C ARG K 443 30.29 50.47 37.74
N VAL K 444 29.30 49.63 38.01
CA VAL K 444 28.37 49.92 39.10
C VAL K 444 28.92 49.49 40.46
N GLY K 445 29.73 48.43 40.51
CA GLY K 445 30.32 48.00 41.76
C GLY K 445 29.35 47.26 42.67
N ASP K 446 28.34 47.97 43.17
CA ASP K 446 27.33 47.39 44.04
C ASP K 446 26.33 46.57 43.22
N GLY K 447 25.34 46.00 43.91
CA GLY K 447 24.35 45.18 43.26
C GLY K 447 23.28 45.95 42.51
N MET K 448 23.70 46.73 41.51
CA MET K 448 22.79 47.47 40.63
C MET K 448 23.22 47.18 39.19
N LYS K 449 22.78 46.06 38.65
CA LYS K 449 23.15 45.69 37.29
C LYS K 449 22.24 46.45 36.34
N ILE K 450 22.71 47.62 35.93
CA ILE K 450 21.92 48.51 35.08
C ILE K 450 22.14 48.14 33.62
N ARG K 451 21.21 48.57 32.79
CA ARG K 451 21.21 48.25 31.37
C ARG K 451 22.13 49.19 30.61
N GLY K 452 22.84 48.64 29.63
CA GLY K 452 23.50 49.42 28.60
C GLY K 452 23.13 48.85 27.24
N ASP K 453 23.78 49.34 26.17
CA ASP K 453 23.71 48.79 24.82
C ASP K 453 22.27 48.78 24.28
N ILE K 454 21.77 50.00 24.03
CA ILE K 454 20.43 50.19 23.46
C ILE K 454 20.30 49.53 22.09
N ASN K 455 19.05 49.28 21.70
CA ASN K 455 18.72 48.54 20.49
C ASN K 455 17.77 49.35 19.64
N VAL K 456 18.18 49.65 18.42
CA VAL K 456 17.40 50.47 17.50
C VAL K 456 16.76 49.54 16.47
N CYS K 457 15.48 49.76 16.19
CA CYS K 457 14.76 48.95 15.24
C CYS K 457 14.27 49.81 14.08
N LEU K 458 14.09 49.17 12.92
CA LEU K 458 13.63 49.84 11.72
C LEU K 458 12.38 49.18 11.20
N MET K 459 11.66 49.89 10.34
CA MET K 459 10.49 49.35 9.67
C MET K 459 10.28 50.14 8.38
N GLY K 460 9.41 49.60 7.52
CA GLY K 460 9.18 50.19 6.22
C GLY K 460 9.36 49.19 5.10
N ASP K 461 8.68 49.40 3.97
CA ASP K 461 8.67 48.44 2.86
C ASP K 461 9.13 49.10 1.56
N PRO K 462 10.43 49.15 1.33
CA PRO K 462 10.94 49.59 0.03
C PRO K 462 11.05 48.41 -0.92
N GLY K 463 11.45 48.73 -2.15
CA GLY K 463 11.70 47.70 -3.14
C GLY K 463 13.19 47.55 -3.37
N VAL K 464 13.98 48.03 -2.42
CA VAL K 464 15.43 48.03 -2.56
C VAL K 464 16.07 46.79 -1.97
N ALA K 465 15.31 45.94 -1.28
CA ALA K 465 15.79 44.79 -0.52
C ALA K 465 16.89 45.23 0.46
N LYS K 466 16.45 46.00 1.46
CA LYS K 466 17.29 46.85 2.31
C LYS K 466 18.35 46.11 3.13
N SER K 467 18.48 44.78 3.01
CA SER K 467 19.51 44.03 3.73
C SER K 467 20.90 44.52 3.37
N GLN K 468 21.11 44.90 2.11
CA GLN K 468 22.34 45.58 1.71
C GLN K 468 22.51 46.93 2.39
N LEU K 469 21.44 47.55 2.89
CA LEU K 469 21.58 48.84 3.55
C LEU K 469 21.89 48.65 5.03
N LEU K 470 21.47 47.53 5.62
CA LEU K 470 21.90 47.22 6.97
C LEU K 470 23.11 46.30 7.00
N LYS K 471 22.97 45.11 6.42
CA LYS K 471 23.86 44.01 6.77
C LYS K 471 25.22 44.11 6.10
N ALA K 472 25.39 45.01 5.12
CA ALA K 472 26.71 45.28 4.59
C ALA K 472 27.61 45.90 5.66
N ILE K 473 27.03 46.70 6.55
CA ILE K 473 27.74 47.18 7.72
C ILE K 473 28.06 46.03 8.66
N CYS K 474 27.11 45.10 8.80
CA CYS K 474 27.27 43.97 9.71
C CYS K 474 28.32 42.99 9.22
N LYS K 475 28.64 43.00 7.93
CA LYS K 475 29.66 42.13 7.38
C LYS K 475 31.06 42.77 7.39
N ILE K 476 31.20 43.96 7.97
CA ILE K 476 32.53 44.57 8.13
C ILE K 476 32.71 45.02 9.56
N SER K 477 31.64 45.06 10.34
CA SER K 477 31.72 45.48 11.73
C SER K 477 32.33 44.36 12.57
N PRO K 478 33.07 44.71 13.63
CA PRO K 478 33.70 43.67 14.47
C PRO K 478 32.67 42.96 15.33
N ARG K 479 32.78 41.61 15.33
CA ARG K 479 31.91 40.70 16.10
C ARG K 479 30.44 40.88 15.74
N GLY K 480 30.15 41.22 14.49
CA GLY K 480 28.78 41.36 14.05
C GLY K 480 28.33 40.18 13.23
N VAL K 481 27.56 39.28 13.83
CA VAL K 481 27.14 38.08 13.14
C VAL K 481 25.75 38.30 12.56
N TYR K 482 25.48 37.63 11.45
CA TYR K 482 24.22 37.77 10.72
C TYR K 482 23.38 36.51 10.86
N THR K 483 22.07 36.70 10.88
CA THR K 483 21.13 35.59 10.90
C THR K 483 19.97 35.90 9.98
N THR K 484 19.06 34.95 9.88
CA THR K 484 17.88 35.07 9.02
C THR K 484 16.71 34.46 9.75
N GLY K 485 15.62 34.22 9.03
CA GLY K 485 14.45 33.59 9.60
C GLY K 485 14.61 32.09 9.75
N LYS K 486 14.92 31.42 8.66
CA LYS K 486 15.12 29.98 8.67
C LYS K 486 16.40 29.61 9.42
N GLY K 487 16.45 28.36 9.88
CA GLY K 487 17.64 27.87 10.55
C GLY K 487 17.62 28.11 12.04
N SER K 488 18.34 29.13 12.49
CA SER K 488 18.42 29.46 13.91
C SER K 488 17.12 30.10 14.36
N SER K 489 16.26 29.32 15.00
CA SER K 489 15.02 29.82 15.58
C SER K 489 15.32 30.46 16.94
N GLY K 490 14.28 30.71 17.73
CA GLY K 490 14.51 31.26 19.06
C GLY K 490 15.12 30.25 20.01
N VAL K 491 14.70 29.00 19.92
CA VAL K 491 15.40 27.93 20.63
C VAL K 491 16.76 27.67 19.98
N GLY K 492 16.84 27.85 18.67
CA GLY K 492 18.11 27.80 17.95
C GLY K 492 18.91 29.07 18.01
N LEU K 493 18.44 30.08 18.75
CA LEU K 493 19.22 31.28 18.98
C LEU K 493 20.22 31.07 20.11
N THR K 494 19.75 30.53 21.22
CA THR K 494 20.60 30.16 22.35
C THR K 494 21.28 28.82 22.05
N ALA K 495 21.88 28.23 23.06
CA ALA K 495 22.56 26.96 22.86
C ALA K 495 21.60 25.80 23.12
N ALA K 496 21.99 24.63 22.63
CA ALA K 496 21.17 23.44 22.74
C ALA K 496 22.08 22.22 22.70
N VAL K 497 21.48 21.06 22.96
CA VAL K 497 22.18 19.78 22.85
C VAL K 497 21.58 19.00 21.69
N MET K 498 22.45 18.57 20.76
CA MET K 498 21.98 17.92 19.54
C MET K 498 22.73 16.62 19.26
N LYS K 499 22.41 16.00 18.14
CA LYS K 499 23.18 14.87 17.64
C LYS K 499 24.54 15.33 17.14
N ASP K 500 25.50 14.42 17.19
CA ASP K 500 26.86 14.68 16.77
C ASP K 500 27.35 13.47 15.99
N PRO K 501 28.58 13.48 15.42
CA PRO K 501 29.15 12.22 14.91
C PRO K 501 29.48 11.21 15.99
N VAL K 502 30.16 10.13 15.58
CA VAL K 502 30.51 8.98 16.43
C VAL K 502 31.37 9.39 17.64
N THR K 503 32.02 10.55 17.57
CA THR K 503 32.79 11.12 18.67
C THR K 503 31.81 11.72 19.70
N ASP K 504 32.31 12.52 20.65
CA ASP K 504 31.60 12.89 21.87
C ASP K 504 30.32 13.69 21.59
N GLU K 505 29.19 13.03 21.76
CA GLU K 505 27.89 13.60 21.44
C GLU K 505 27.38 14.47 22.59
N MET K 506 26.20 15.07 22.36
CA MET K 506 25.54 15.98 23.29
C MET K 506 26.42 17.18 23.65
N ILE K 507 27.06 17.75 22.64
CA ILE K 507 27.85 18.97 22.79
C ILE K 507 26.88 20.14 22.76
N LEU K 508 27.32 21.33 23.17
CA LEU K 508 26.43 22.48 23.35
C LEU K 508 26.48 23.37 22.12
N GLU K 509 25.88 22.90 21.02
CA GLU K 509 25.77 23.71 19.82
C GLU K 509 24.80 24.86 20.04
N GLY K 510 25.05 25.97 19.34
CA GLY K 510 24.23 27.15 19.51
C GLY K 510 23.96 27.95 18.25
N GLY K 511 23.42 29.15 18.42
CA GLY K 511 23.09 30.02 17.31
C GLY K 511 23.95 31.26 17.23
N ALA K 512 23.45 32.38 17.76
CA ALA K 512 24.19 33.63 17.71
C ALA K 512 24.49 34.18 19.09
N LEU K 513 23.48 34.33 19.95
CA LEU K 513 23.61 35.09 21.19
C LEU K 513 24.47 34.40 22.24
N VAL K 514 24.72 33.10 22.10
CA VAL K 514 25.69 32.45 22.97
C VAL K 514 27.11 32.61 22.46
N LEU K 515 27.29 33.12 21.24
CA LEU K 515 28.62 33.41 20.71
C LEU K 515 28.83 34.85 20.27
N ALA K 516 27.77 35.60 20.01
CA ALA K 516 27.90 37.03 19.71
C ALA K 516 27.69 37.88 20.95
N ASP K 517 28.40 37.59 22.04
CA ASP K 517 28.30 38.42 23.23
C ASP K 517 29.17 39.66 23.05
N ASN K 518 28.61 40.82 23.42
CA ASN K 518 29.23 42.14 23.29
C ASN K 518 29.64 42.42 21.84
N GLY K 519 28.65 42.43 20.97
CA GLY K 519 28.86 42.66 19.55
C GLY K 519 27.62 43.19 18.89
N ILE K 520 27.34 42.71 17.69
CA ILE K 520 26.20 43.16 16.90
C ILE K 520 25.42 41.95 16.45
N CYS K 521 24.12 41.92 16.78
CA CYS K 521 23.22 40.86 16.34
C CYS K 521 22.25 41.48 15.34
N CYS K 522 22.57 41.35 14.06
CA CYS K 522 21.76 41.93 12.99
C CYS K 522 20.81 40.86 12.46
N ILE K 523 19.51 41.11 12.59
CA ILE K 523 18.47 40.13 12.29
C ILE K 523 17.62 40.65 11.13
N ASP K 524 17.01 39.71 10.41
CA ASP K 524 15.97 40.02 9.45
C ASP K 524 14.79 39.09 9.69
N GLU K 525 13.69 39.38 8.98
CA GLU K 525 12.50 38.52 8.87
C GLU K 525 11.89 38.24 10.24
N PHE K 526 11.35 39.32 10.85
CA PHE K 526 10.90 39.24 12.22
C PHE K 526 9.62 38.43 12.38
N ASP K 527 8.89 38.17 11.30
CA ASP K 527 7.70 37.34 11.35
C ASP K 527 7.98 35.89 10.97
N LYS K 528 9.19 35.40 11.23
CA LYS K 528 9.59 34.03 10.90
C LYS K 528 9.99 33.28 12.16
N MET K 529 9.36 32.12 12.37
CA MET K 529 9.63 31.20 13.49
C MET K 529 9.43 31.89 14.84
N ASP K 530 8.31 32.61 14.96
CA ASP K 530 8.05 33.51 16.07
C ASP K 530 7.58 32.83 17.34
N GLU K 531 7.25 31.53 17.28
CA GLU K 531 6.81 30.83 18.47
C GLU K 531 7.95 30.61 19.45
N SER K 532 9.19 30.58 18.96
CA SER K 532 10.37 30.54 19.82
C SER K 532 11.16 31.84 19.80
N ASP K 533 11.08 32.60 18.71
CA ASP K 533 11.86 33.84 18.58
C ASP K 533 11.36 34.91 19.53
N ARG K 534 10.04 35.17 19.53
CA ARG K 534 9.47 36.35 20.16
C ARG K 534 9.70 36.42 21.66
N THR K 535 9.83 35.28 22.32
CA THR K 535 10.20 35.30 23.74
C THR K 535 11.67 35.59 23.93
N ALA K 536 12.54 34.97 23.14
CA ALA K 536 13.97 34.99 23.41
C ALA K 536 14.61 36.33 23.09
N ILE K 537 14.06 37.07 22.12
CA ILE K 537 14.58 38.40 21.80
C ILE K 537 14.31 39.36 22.95
N HIS K 538 13.23 39.15 23.69
CA HIS K 538 13.03 39.90 24.92
C HIS K 538 14.09 39.56 25.95
N GLU K 539 14.60 38.32 25.95
CA GLU K 539 15.48 37.85 27.01
C GLU K 539 16.91 38.34 26.90
N VAL K 540 17.22 39.23 25.97
CA VAL K 540 18.51 39.92 26.02
C VAL K 540 18.23 41.35 26.49
N MET K 541 17.06 41.87 26.13
CA MET K 541 16.62 43.15 26.70
C MET K 541 16.21 42.97 28.16
N GLU K 542 15.55 41.86 28.47
CA GLU K 542 15.53 41.39 29.85
C GLU K 542 16.94 40.98 30.23
N GLN K 543 17.42 41.49 31.35
CA GLN K 543 18.85 41.50 31.63
C GLN K 543 19.33 40.14 32.11
N GLN K 544 20.29 39.57 31.36
CA GLN K 544 21.14 38.46 31.78
C GLN K 544 20.34 37.20 32.10
N THR K 545 19.68 36.67 31.08
CA THR K 545 19.00 35.39 31.23
C THR K 545 19.15 34.51 30.00
N ILE K 546 20.22 34.70 29.22
CA ILE K 546 20.53 33.77 28.14
C ILE K 546 20.97 32.45 28.78
N SER K 547 20.16 31.42 28.62
CA SER K 547 20.37 30.18 29.35
C SER K 547 19.88 29.02 28.50
N ILE K 548 20.15 27.82 28.98
CA ILE K 548 19.65 26.59 28.36
C ILE K 548 18.88 25.88 29.45
N SER K 549 17.59 26.15 29.56
CA SER K 549 16.76 25.52 30.59
C SER K 549 16.08 24.25 30.07
N LYS K 550 16.88 23.38 29.47
CA LYS K 550 16.38 22.12 28.94
C LYS K 550 16.42 21.06 30.04
N ALA K 551 16.20 19.80 29.67
CA ALA K 551 16.30 18.72 30.64
C ALA K 551 17.75 18.39 30.97
N GLY K 552 18.70 18.85 30.16
CA GLY K 552 20.10 18.56 30.41
C GLY K 552 20.67 19.28 31.61
N ILE K 553 20.58 20.61 31.63
CA ILE K 553 21.21 21.43 32.64
C ILE K 553 20.39 22.70 32.83
N ASN K 554 20.71 23.48 33.86
CA ASN K 554 20.04 24.75 34.15
C ASN K 554 21.06 25.85 34.42
N THR K 555 22.04 25.99 33.52
CA THR K 555 23.09 26.99 33.64
C THR K 555 22.73 28.21 32.77
N THR K 556 23.21 29.37 33.18
CA THR K 556 22.86 30.64 32.54
C THR K 556 24.11 31.44 32.22
N LEU K 557 24.27 31.84 30.96
CA LEU K 557 25.38 32.67 30.53
C LEU K 557 24.91 34.11 30.35
N ASN K 558 25.79 34.95 29.81
CA ASN K 558 25.63 36.40 29.83
C ASN K 558 24.81 36.91 28.65
N ALA K 559 24.62 38.23 28.61
CA ALA K 559 23.83 38.88 27.56
C ALA K 559 24.29 40.33 27.47
N ARG K 560 25.03 40.69 26.42
CA ARG K 560 25.58 42.04 26.33
C ARG K 560 25.59 42.59 24.91
N THR K 561 24.63 42.21 24.06
CA THR K 561 24.70 42.49 22.64
C THR K 561 23.56 43.40 22.20
N SER K 562 23.89 44.39 21.36
CA SER K 562 22.89 45.26 20.77
C SER K 562 22.15 44.56 19.63
N ILE K 563 20.94 45.05 19.36
CA ILE K 563 20.04 44.47 18.38
C ILE K 563 19.73 45.53 17.33
N LEU K 564 19.77 45.16 16.06
CA LEU K 564 19.28 45.97 14.96
C LEU K 564 18.24 45.16 14.20
N ALA K 565 17.00 45.64 14.20
CA ALA K 565 15.87 44.90 13.66
C ALA K 565 15.20 45.69 12.54
N ALA K 566 14.78 44.97 11.50
CA ALA K 566 14.06 45.57 10.36
C ALA K 566 12.81 44.71 10.14
N ALA K 567 11.74 45.02 10.86
CA ALA K 567 10.49 44.29 10.74
C ALA K 567 9.80 44.70 9.45
N ASN K 568 9.65 43.75 8.53
CA ASN K 568 8.97 44.03 7.27
C ASN K 568 7.48 44.23 7.52
N PRO K 569 6.86 45.16 6.82
CA PRO K 569 5.44 45.41 7.02
C PRO K 569 4.53 44.33 6.47
N LEU K 570 3.22 44.54 6.64
CA LEU K 570 2.20 43.57 6.24
C LEU K 570 1.86 43.81 4.78
N TYR K 571 0.72 43.29 4.31
CA TYR K 571 0.33 43.35 2.90
C TYR K 571 0.24 44.78 2.40
N GLY K 572 0.73 44.98 1.18
CA GLY K 572 0.75 46.28 0.54
C GLY K 572 1.68 47.25 1.23
N ARG K 573 1.53 48.52 0.85
CA ARG K 573 2.15 49.59 1.61
C ARG K 573 1.51 49.69 2.97
N TYR K 574 2.30 50.10 3.96
CA TYR K 574 1.72 50.46 5.23
C TYR K 574 0.88 51.72 5.02
N ASN K 575 -0.41 51.59 5.25
CA ASN K 575 -1.32 52.71 5.06
C ASN K 575 -1.08 53.74 6.16
N PRO K 576 -0.58 54.94 5.84
CA PRO K 576 -0.29 55.91 6.90
C PRO K 576 -1.53 56.54 7.48
N ARG K 577 -2.63 56.55 6.73
CA ARG K 577 -3.91 56.96 7.28
C ARG K 577 -4.43 55.92 8.28
N LEU K 578 -4.06 54.66 8.09
CA LEU K 578 -4.38 53.63 9.07
C LEU K 578 -3.49 53.74 10.30
N SER K 579 -3.86 53.03 11.34
CA SER K 579 -3.15 53.06 12.61
C SER K 579 -1.87 52.24 12.52
N PRO K 580 -0.84 52.61 13.29
CA PRO K 580 0.33 51.73 13.42
C PRO K 580 0.04 50.53 14.30
N LEU K 581 1.06 49.69 14.50
CA LEU K 581 0.94 48.37 15.16
C LEU K 581 -0.11 47.51 14.47
N ASP K 582 -0.17 47.62 13.14
CA ASP K 582 -0.97 46.72 12.31
C ASP K 582 -0.12 45.66 11.64
N ASN K 583 1.20 45.83 11.68
CA ASN K 583 2.16 44.93 11.04
C ASN K 583 3.26 44.56 12.01
N ILE K 584 3.51 45.40 13.01
CA ILE K 584 4.40 45.02 14.10
C ILE K 584 3.67 44.00 14.97
N ASN K 585 4.42 43.04 15.51
CA ASN K 585 3.83 41.96 16.30
C ASN K 585 3.68 42.31 17.78
N LEU K 586 4.78 42.64 18.47
CA LEU K 586 4.75 42.76 19.93
C LEU K 586 4.76 44.21 20.37
N PRO K 587 3.70 44.71 21.00
CA PRO K 587 3.72 46.08 21.53
C PRO K 587 4.59 46.23 22.77
N ALA K 588 4.78 45.16 23.54
CA ALA K 588 5.51 45.27 24.80
C ALA K 588 6.99 45.54 24.58
N ALA K 589 7.54 45.07 23.47
CA ALA K 589 8.93 45.40 23.14
C ALA K 589 9.07 46.86 22.72
N LEU K 590 8.03 47.42 22.13
CA LEU K 590 8.16 48.76 21.54
C LEU K 590 7.99 49.85 22.58
N LEU K 591 7.22 49.59 23.63
CA LEU K 591 6.78 50.66 24.52
C LEU K 591 7.93 51.17 25.41
N SER K 592 8.66 50.26 26.04
CA SER K 592 9.81 50.64 26.84
C SER K 592 11.05 49.80 26.57
N ARG K 593 10.91 48.64 25.96
CA ARG K 593 12.05 47.78 25.73
C ARG K 593 12.84 48.19 24.49
N PHE K 594 12.33 49.12 23.69
CA PHE K 594 13.07 49.80 22.65
C PHE K 594 13.15 51.29 22.99
N ASP K 595 13.94 52.04 22.23
CA ASP K 595 14.12 53.46 22.50
C ASP K 595 13.68 54.36 21.36
N ILE K 596 14.12 54.09 20.13
CA ILE K 596 13.83 54.96 18.99
C ILE K 596 13.48 54.12 17.78
N LEU K 597 12.76 54.73 16.85
CA LEU K 597 12.33 54.08 15.63
C LEU K 597 12.72 54.92 14.42
N PHE K 598 12.72 54.28 13.26
CA PHE K 598 12.85 54.96 11.98
C PHE K 598 11.83 54.36 11.02
N LEU K 599 11.85 54.84 9.79
CA LEU K 599 10.84 54.43 8.83
C LEU K 599 11.37 54.69 7.42
N MET K 600 10.79 53.98 6.45
CA MET K 600 11.24 53.99 5.06
C MET K 600 10.07 54.18 4.11
N LEU K 601 9.26 55.21 4.35
CA LEU K 601 8.11 55.49 3.51
C LEU K 601 8.53 55.90 2.10
N ASP K 602 7.61 55.71 1.15
CA ASP K 602 7.83 56.10 -0.24
C ASP K 602 6.74 57.07 -0.68
N ILE K 603 7.15 58.19 -1.27
CA ILE K 603 6.26 59.16 -1.86
C ILE K 603 6.71 59.37 -3.30
N PRO K 604 5.81 59.36 -4.28
CA PRO K 604 6.22 59.65 -5.66
C PRO K 604 6.64 61.09 -5.82
N SER K 605 7.91 61.29 -6.18
CA SER K 605 8.50 62.61 -6.32
C SER K 605 9.09 62.75 -7.71
N ARG K 606 8.86 63.91 -8.34
CA ARG K 606 9.33 64.10 -9.70
C ARG K 606 10.83 64.34 -9.75
N ASP K 607 11.36 65.12 -8.81
CA ASP K 607 12.76 65.51 -8.88
C ASP K 607 13.68 64.45 -8.31
N ASP K 608 13.31 63.85 -7.17
CA ASP K 608 14.25 62.97 -6.48
C ASP K 608 14.37 61.61 -7.17
N ASP K 609 13.28 61.10 -7.74
CA ASP K 609 13.28 59.73 -8.22
C ASP K 609 14.03 59.58 -9.54
N GLU K 610 14.06 60.62 -10.37
CA GLU K 610 14.88 60.55 -11.57
C GLU K 610 16.37 60.59 -11.24
N LYS K 611 16.74 61.29 -10.18
CA LYS K 611 18.09 61.15 -9.63
C LYS K 611 18.29 59.75 -9.08
N LEU K 612 17.26 59.23 -8.39
CA LEU K 612 17.28 57.84 -7.95
C LEU K 612 17.29 56.89 -9.13
N ALA K 613 16.64 57.28 -10.24
CA ALA K 613 16.79 56.50 -11.47
C ALA K 613 18.21 56.59 -12.00
N GLU K 614 18.81 57.78 -11.96
CA GLU K 614 20.21 57.92 -12.31
C GLU K 614 21.11 57.27 -11.28
N HIS K 615 20.63 57.10 -10.04
CA HIS K 615 21.42 56.42 -9.02
C HIS K 615 21.59 54.94 -9.35
N VAL K 616 20.61 54.33 -10.03
CA VAL K 616 20.68 52.91 -10.32
C VAL K 616 21.02 52.62 -11.78
N THR K 617 20.70 53.51 -12.71
CA THR K 617 21.03 53.24 -14.11
C THR K 617 22.51 53.43 -14.39
N TYR K 618 23.18 54.27 -13.61
CA TYR K 618 24.58 54.58 -13.85
C TYR K 618 25.50 53.42 -13.51
N VAL K 619 25.07 52.51 -12.63
CA VAL K 619 25.96 51.45 -12.17
C VAL K 619 26.15 50.35 -13.20
N HIS K 620 25.38 50.34 -14.27
CA HIS K 620 25.52 49.31 -15.29
C HIS K 620 26.41 49.73 -16.45
N MET K 621 26.73 51.01 -16.58
CA MET K 621 27.66 51.42 -17.63
C MET K 621 29.08 50.99 -17.28
N HIS K 622 29.57 51.39 -16.13
CA HIS K 622 30.84 50.93 -15.61
C HIS K 622 30.61 49.67 -14.78
N ASN K 623 31.62 49.28 -14.00
CA ASN K 623 31.50 48.18 -13.06
C ASN K 623 31.89 48.65 -11.68
N LYS K 624 31.40 49.82 -11.29
CA LYS K 624 31.76 50.47 -10.04
C LYS K 624 30.68 51.50 -9.74
N GLN K 625 30.86 52.23 -8.64
CA GLN K 625 29.95 53.32 -8.27
C GLN K 625 30.73 54.59 -7.96
N PRO K 626 31.40 55.19 -8.95
CA PRO K 626 32.10 56.45 -8.67
C PRO K 626 31.11 57.61 -8.65
N ASP K 627 30.75 58.07 -7.46
CA ASP K 627 29.72 59.08 -7.28
C ASP K 627 30.04 59.89 -6.03
N LEU K 628 29.13 60.83 -5.72
CA LEU K 628 28.96 61.50 -4.42
C LEU K 628 30.22 62.18 -3.86
N ASP K 629 31.18 62.48 -4.75
CA ASP K 629 32.39 63.34 -4.58
C ASP K 629 33.09 63.20 -3.22
N PHE K 630 33.10 62.00 -2.65
CA PHE K 630 33.64 61.75 -1.33
C PHE K 630 34.88 60.87 -1.45
N THR K 631 35.93 61.23 -0.73
CA THR K 631 37.14 60.44 -0.70
C THR K 631 36.90 59.21 0.17
N PRO K 632 36.84 58.00 -0.39
CA PRO K 632 36.46 56.83 0.41
C PRO K 632 37.56 56.40 1.36
N VAL K 633 37.15 55.99 2.56
CA VAL K 633 38.07 55.67 3.64
C VAL K 633 37.99 54.17 3.90
N GLU K 634 39.13 53.57 4.23
CA GLU K 634 39.16 52.15 4.57
C GLU K 634 38.46 51.92 5.90
N PRO K 635 37.73 50.80 6.05
CA PRO K 635 36.96 50.58 7.28
C PRO K 635 37.81 50.25 8.49
N SER K 636 39.10 49.95 8.32
CA SER K 636 39.96 49.69 9.46
C SER K 636 40.27 50.95 10.24
N LYS K 637 40.12 52.12 9.63
CA LYS K 637 40.48 53.37 10.27
C LYS K 637 39.54 53.69 11.43
N MET K 638 38.24 53.78 11.15
CA MET K 638 37.28 54.02 12.21
C MET K 638 37.10 52.81 13.11
N ARG K 639 37.45 51.62 12.62
CA ARG K 639 37.52 50.44 13.49
C ARG K 639 38.53 50.64 14.60
N GLU K 640 39.67 51.24 14.28
CA GLU K 640 40.61 51.63 15.31
C GLU K 640 40.05 52.79 16.13
N TYR K 641 39.37 53.74 15.48
CA TYR K 641 38.85 54.90 16.19
C TYR K 641 37.72 54.52 17.14
N ILE K 642 36.94 53.49 16.81
CA ILE K 642 35.99 52.93 17.76
C ILE K 642 36.74 52.32 18.93
N ALA K 643 37.79 51.55 18.66
CA ALA K 643 38.63 51.02 19.72
C ALA K 643 39.39 52.14 20.42
N TYR K 644 39.76 53.20 19.70
CA TYR K 644 40.40 54.35 20.35
C TYR K 644 39.40 55.09 21.22
N ALA K 645 38.14 55.17 20.79
CA ALA K 645 37.10 55.74 21.65
C ALA K 645 36.81 54.83 22.83
N LYS K 646 36.99 53.52 22.65
CA LYS K 646 36.76 52.55 23.72
C LYS K 646 37.77 52.67 24.85
N THR K 647 38.89 53.34 24.63
CA THR K 647 39.87 53.61 25.66
C THR K 647 39.69 54.99 26.29
N LYS K 648 38.50 55.57 26.19
CA LYS K 648 38.27 56.90 26.75
C LYS K 648 37.30 56.87 27.93
N ARG K 649 36.06 56.43 27.70
CA ARG K 649 34.93 56.37 28.65
C ARG K 649 34.77 57.65 29.45
N PRO K 650 34.26 58.74 28.86
CA PRO K 650 34.17 60.01 29.59
C PRO K 650 33.12 59.96 30.69
N VAL K 651 33.36 60.75 31.73
CA VAL K 651 32.49 60.84 32.90
C VAL K 651 31.70 62.13 32.78
N MET K 652 30.39 62.05 33.04
CA MET K 652 29.51 63.19 32.89
C MET K 652 29.78 64.26 33.94
N SER K 653 29.53 65.51 33.57
CA SER K 653 29.64 66.64 34.47
C SER K 653 28.31 66.86 35.19
N GLU K 654 28.18 67.98 35.89
CA GLU K 654 26.95 68.32 36.56
C GLU K 654 26.09 69.32 35.79
N ALA K 655 26.65 69.97 34.78
CA ALA K 655 25.87 70.93 34.01
C ALA K 655 24.83 70.27 33.13
N VAL K 656 25.00 69.00 32.80
CA VAL K 656 24.10 68.34 31.85
C VAL K 656 22.75 68.05 32.50
N ASN K 657 22.75 67.50 33.71
CA ASN K 657 21.50 67.10 34.33
C ASN K 657 20.76 68.26 34.97
N ASP K 658 21.34 69.46 34.97
CA ASP K 658 20.58 70.64 35.37
C ASP K 658 19.63 71.09 34.27
N TYR K 659 19.92 70.73 33.03
CA TYR K 659 19.13 71.16 31.88
C TYR K 659 18.25 70.08 31.31
N VAL K 660 18.72 68.83 31.30
CA VAL K 660 17.92 67.75 30.72
C VAL K 660 16.79 67.31 31.62
N VAL K 661 16.77 67.76 32.89
CA VAL K 661 15.68 67.43 33.80
C VAL K 661 14.37 68.05 33.31
N GLN K 662 14.42 69.30 32.85
CA GLN K 662 13.24 69.92 32.29
C GLN K 662 13.09 69.65 30.81
N ALA K 663 14.14 69.17 30.14
CA ALA K 663 13.96 68.68 28.77
C ALA K 663 13.06 67.45 28.75
N TYR K 664 13.14 66.62 29.79
CA TYR K 664 12.14 65.59 30.00
C TYR K 664 10.78 66.19 30.32
N ILE K 665 10.75 67.30 31.04
CA ILE K 665 9.49 67.99 31.28
C ILE K 665 8.98 68.63 30.00
N ARG K 666 9.89 69.12 29.16
CA ARG K 666 9.50 69.55 27.82
C ARG K 666 9.05 68.38 26.96
N LEU K 667 9.54 67.19 27.27
CA LEU K 667 9.05 65.96 26.66
C LEU K 667 7.78 65.44 27.36
N ARG K 668 7.35 66.05 28.45
CA ARG K 668 6.27 65.49 29.26
C ARG K 668 4.89 65.95 28.80
N GLN K 669 4.65 67.27 28.74
CA GLN K 669 3.28 67.72 28.49
C GLN K 669 2.84 67.58 27.04
N ASP K 670 3.79 67.54 26.10
CA ASP K 670 3.40 67.47 24.68
C ASP K 670 2.88 66.08 24.32
N SER K 671 3.46 65.04 24.91
CA SER K 671 2.87 63.70 24.77
C SER K 671 1.59 63.58 25.57
N LYS K 672 1.48 64.31 26.68
CA LYS K 672 0.26 64.36 27.47
C LYS K 672 -0.73 65.38 26.93
N ARG K 673 -0.40 66.07 25.85
CA ARG K 673 -1.35 66.93 25.16
C ARG K 673 -2.20 66.15 24.17
N GLU K 674 -1.59 65.18 23.49
CA GLU K 674 -2.28 64.48 22.42
C GLU K 674 -3.30 63.48 22.97
N MET K 675 -2.80 62.45 23.68
CA MET K 675 -3.59 61.36 24.26
C MET K 675 -4.49 60.67 23.24
N ASP K 676 -4.03 60.58 21.99
CA ASP K 676 -4.87 60.12 20.89
C ASP K 676 -4.38 58.78 20.38
N SER K 677 -5.30 58.06 19.73
CA SER K 677 -5.02 56.80 19.08
C SER K 677 -4.81 56.95 17.57
N LYS K 678 -4.51 58.18 17.12
CA LYS K 678 -4.41 58.43 15.69
C LYS K 678 -3.04 58.06 15.14
N PHE K 679 -1.98 58.71 15.62
CA PHE K 679 -0.64 58.50 15.09
C PHE K 679 0.35 57.95 16.10
N SER K 680 0.57 58.65 17.21
CA SER K 680 1.85 58.55 17.89
C SER K 680 1.81 57.56 19.06
N PHE K 681 3.00 57.31 19.61
CA PHE K 681 3.25 56.43 20.74
C PHE K 681 3.89 57.23 21.86
N GLY K 682 4.23 56.53 22.94
CA GLY K 682 4.93 57.16 24.05
C GLY K 682 4.00 57.92 24.98
N GLN K 683 4.17 57.74 26.29
CA GLN K 683 3.32 58.39 27.26
C GLN K 683 4.13 58.89 28.44
N ALA K 684 5.28 59.51 28.15
CA ALA K 684 6.11 60.27 29.09
C ALA K 684 6.61 59.40 30.27
N THR K 685 7.42 58.39 29.93
CA THR K 685 8.06 57.58 30.96
C THR K 685 9.54 57.89 31.05
N PRO K 686 10.15 57.73 32.23
CA PRO K 686 11.61 57.84 32.33
C PRO K 686 12.36 56.73 31.61
N ARG K 687 11.67 55.63 31.27
CA ARG K 687 12.29 54.61 30.44
C ARG K 687 12.60 55.14 29.04
N THR K 688 11.82 56.10 28.55
CA THR K 688 12.22 56.83 27.36
C THR K 688 13.34 57.82 27.66
N LEU K 689 13.41 58.33 28.89
CA LEU K 689 14.39 59.36 29.21
C LEU K 689 15.79 58.78 29.29
N LEU K 690 15.95 57.62 29.93
CA LEU K 690 17.27 57.05 30.17
C LEU K 690 17.99 56.62 28.89
N GLY K 691 17.26 56.46 27.78
CA GLY K 691 17.91 56.23 26.51
C GLY K 691 18.72 57.42 26.04
N ILE K 692 18.14 58.63 26.15
CA ILE K 692 18.85 59.83 25.73
C ILE K 692 19.96 60.19 26.70
N ILE K 693 19.93 59.66 27.92
CA ILE K 693 21.09 59.79 28.78
C ILE K 693 22.17 58.80 28.35
N ARG K 694 21.77 57.65 27.81
CA ARG K 694 22.75 56.64 27.42
C ARG K 694 23.47 57.05 26.14
N LEU K 695 22.71 57.49 25.13
CA LEU K 695 23.33 57.81 23.85
C LEU K 695 24.07 59.12 23.87
N SER K 696 23.86 59.94 24.90
CA SER K 696 24.60 61.20 25.02
C SER K 696 26.07 60.95 25.32
N GLN K 697 26.36 60.10 26.30
CA GLN K 697 27.75 59.74 26.55
C GLN K 697 28.31 58.86 25.45
N ALA K 698 27.44 58.18 24.71
CA ALA K 698 27.89 57.41 23.55
C ALA K 698 28.39 58.35 22.45
N LEU K 699 27.65 59.41 22.16
CA LEU K 699 28.14 60.37 21.18
C LEU K 699 29.27 61.22 21.76
N ALA K 700 29.34 61.35 23.08
CA ALA K 700 30.50 61.96 23.71
C ALA K 700 31.72 61.05 23.62
N LYS K 701 31.52 59.74 23.50
CA LYS K 701 32.64 58.82 23.40
C LYS K 701 33.33 58.89 22.05
N LEU K 702 32.54 58.95 20.96
CA LEU K 702 33.12 59.08 19.63
C LEU K 702 33.66 60.49 19.39
N ARG K 703 33.17 61.47 20.14
CA ARG K 703 33.57 62.85 19.96
C ARG K 703 34.24 63.33 21.25
N LEU K 704 35.20 62.54 21.74
CA LEU K 704 35.87 62.90 22.99
C LEU K 704 36.71 64.16 22.86
N ALA K 705 36.20 65.24 23.43
CA ALA K 705 37.02 66.34 23.92
C ALA K 705 36.76 66.57 25.40
N ASP K 706 36.08 65.61 26.05
CA ASP K 706 35.58 65.71 27.42
C ASP K 706 34.76 66.99 27.61
N MET K 707 33.81 67.19 26.71
CA MET K 707 32.98 68.38 26.68
C MET K 707 31.53 68.06 27.01
N VAL K 708 31.33 67.26 28.06
CA VAL K 708 29.98 66.83 28.43
C VAL K 708 29.25 68.02 29.05
N ASP K 709 28.46 68.68 28.21
CA ASP K 709 27.85 69.96 28.51
C ASP K 709 26.53 70.04 27.74
N ILE K 710 26.00 71.25 27.59
CA ILE K 710 24.72 71.39 26.91
C ILE K 710 24.88 71.23 25.40
N ASP K 711 26.04 71.62 24.84
CA ASP K 711 26.24 71.51 23.40
C ASP K 711 26.38 70.07 22.95
N ASP K 712 26.86 69.20 23.83
CA ASP K 712 26.92 67.78 23.51
C ASP K 712 25.54 67.15 23.53
N VAL K 713 24.69 67.55 24.50
CA VAL K 713 23.38 66.92 24.63
C VAL K 713 22.37 67.48 23.66
N GLU K 714 22.65 68.62 23.03
CA GLU K 714 21.76 69.09 21.98
C GLU K 714 21.93 68.30 20.69
N GLU K 715 23.05 67.61 20.52
CA GLU K 715 23.17 66.64 19.44
C GLU K 715 22.29 65.42 19.69
N ALA K 716 22.02 65.12 20.96
CA ALA K 716 21.18 63.97 21.29
C ALA K 716 19.73 64.24 20.95
N LEU K 717 19.21 65.39 21.36
CA LEU K 717 17.85 65.75 21.01
C LEU K 717 17.70 66.10 19.53
N ARG K 718 18.82 66.42 18.87
CA ARG K 718 18.85 66.53 17.42
C ARG K 718 18.47 65.21 16.75
N LEU K 719 18.88 64.09 17.33
CA LEU K 719 18.59 62.79 16.73
C LEU K 719 17.28 62.18 17.19
N VAL K 720 16.69 62.67 18.27
CA VAL K 720 15.43 62.09 18.73
C VAL K 720 14.22 62.83 18.15
N ARG K 721 14.41 64.06 17.69
CA ARG K 721 13.29 64.76 17.08
C ARG K 721 12.98 64.24 15.68
N VAL K 722 14.00 63.71 14.99
CA VAL K 722 13.77 63.02 13.72
C VAL K 722 13.39 61.58 13.91
N SER K 723 13.56 61.04 15.12
CA SER K 723 13.08 59.69 15.43
C SER K 723 11.56 59.66 15.40
N LYS K 724 10.93 60.48 16.24
CA LYS K 724 9.49 60.65 16.15
C LYS K 724 9.14 61.48 14.92
N GLU K 725 7.86 61.42 14.55
CA GLU K 725 7.27 62.10 13.39
C GLU K 725 7.96 61.71 12.08
N SER K 726 8.43 60.47 12.00
CA SER K 726 8.83 59.91 10.71
C SER K 726 7.62 59.42 9.91
N LEU K 727 6.44 59.43 10.52
CA LEU K 727 5.20 59.04 9.89
C LEU K 727 4.37 60.22 9.43
N TYR K 728 4.83 61.45 9.65
CA TYR K 728 4.05 62.63 9.36
C TYR K 728 4.23 63.13 7.93
N GLN K 729 4.58 62.24 7.01
CA GLN K 729 4.64 62.58 5.60
C GLN K 729 3.88 61.53 4.81
PG ATP N . -31.28 8.70 26.83
O1G ATP N . -32.32 9.77 26.67
O2G ATP N . -31.46 7.51 25.94
O3G ATP N . -29.86 9.22 26.92
PB ATP N . -33.02 7.68 28.76
O1B ATP N . -33.57 6.69 27.77
O2B ATP N . -33.80 8.91 29.13
O3B ATP N . -31.55 8.13 28.30
PA ATP N . -33.82 6.13 30.87
O1A ATP N . -34.18 4.92 30.04
O2A ATP N . -34.86 7.16 31.21
O3A ATP N . -32.65 6.90 30.10
O5' ATP N . -33.11 5.63 32.21
C5' ATP N . -33.63 6.05 33.45
C4' ATP N . -34.32 4.89 34.17
O4' ATP N . -35.74 5.03 34.09
C3' ATP N . -33.98 3.55 33.57
O3' ATP N . -33.03 2.87 34.40
C2' ATP N . -35.29 2.78 33.54
O2' ATP N . -35.23 1.66 34.42
C1' ATP N . -36.34 3.75 34.06
N9 ATP N . -37.50 3.72 33.15
C8 ATP N . -37.84 4.72 32.31
N7 ATP N . -38.96 4.38 31.61
C5 ATP N . -39.34 3.17 32.03
C6 ATP N . -40.43 2.22 31.69
N6 ATP N . -41.36 2.55 30.76
N1 ATP N . -40.47 1.05 32.34
C2 ATP N . -39.55 0.73 33.26
N3 ATP N . -38.53 1.53 33.61
C4 ATP N . -38.37 2.73 33.03
PG ATP O . -7.13 25.45 -15.79
O1G ATP O . -5.64 25.61 -15.65
O2G ATP O . -7.63 24.07 -15.47
O3G ATP O . -7.92 26.56 -15.17
PB ATP O . -6.35 24.98 -18.37
O1B ATP O . -5.87 23.68 -17.77
O2B ATP O . -5.35 26.04 -18.72
O3B ATP O . -7.42 25.60 -17.36
PA ATP O . -6.42 23.56 -20.65
O1A ATP O . -6.70 22.19 -20.08
O2A ATP O . -4.99 24.02 -20.80
O3A ATP O . -7.16 24.63 -19.70
O5' ATP O . -7.16 23.61 -22.07
C5' ATP O . -7.02 22.45 -22.89
C4' ATP O . -7.71 22.60 -24.25
O4' ATP O . -8.58 23.74 -24.27
C3' ATP O . -6.69 22.79 -25.35
O3' ATP O . -6.74 21.69 -26.25
C2' ATP O . -7.09 24.06 -26.06
O2' ATP O . -7.23 23.82 -27.47
C1' ATP O . -8.44 24.46 -25.49
N9 ATP O . -8.45 25.90 -25.17
C8 ATP O . -8.68 26.40 -23.94
N7 ATP O . -8.64 27.75 -23.94
C5 ATP O . -8.36 28.13 -25.21
C6 ATP O . -8.18 29.42 -25.89
N6 ATP O . -8.28 30.59 -25.22
N1 ATP O . -7.92 29.40 -27.21
C2 ATP O . -7.81 28.24 -27.89
N3 ATP O . -7.97 27.03 -27.32
C4 ATP O . -8.24 26.91 -26.00
PG ATP P . -29.58 7.01 -4.63
O1G ATP P . -28.55 6.24 -5.43
O2G ATP P . -29.14 7.55 -3.30
O3G ATP P . -30.40 7.99 -5.43
PB ATP P . -30.17 4.96 -2.98
O1B ATP P . -30.74 5.61 -1.75
O2B ATP P . -28.69 4.70 -3.05
O3B ATP P . -30.58 5.86 -4.22
PA ATP P . -30.61 2.18 -2.85
O1A ATP P . -31.23 1.97 -1.49
O2A ATP P . -29.15 1.88 -3.09
O3A ATP P . -30.99 3.65 -3.37
O5' ATP P . -31.45 1.33 -3.93
C5' ATP P . -32.15 0.18 -3.49
C4' ATP P . -33.09 -0.27 -4.59
O4' ATP P . -33.63 0.84 -5.31
C3' ATP P . -32.36 -1.12 -5.61
O3' ATP P . -32.66 -2.50 -5.39
C2' ATP P . -32.91 -0.69 -6.94
O2' ATP P . -33.51 -1.78 -7.62
C1' ATP P . -33.98 0.33 -6.61
N9 ATP P . -34.07 1.38 -7.65
C8 ATP P . -33.81 2.69 -7.51
N7 ATP P . -34.02 3.35 -8.69
C5 ATP P . -34.42 2.44 -9.59
C6 ATP P . -34.82 2.44 -11.02
N6 ATP P . -34.81 3.59 -11.75
N1 ATP P . -35.18 1.28 -11.57
C2 ATP P . -35.18 0.13 -10.89
N3 ATP P . -34.84 0.05 -9.59
C4 ATP P . -34.46 1.15 -8.90
#